data_7Z8I
#
_entry.id   7Z8I
#
_cell.length_a   1.00
_cell.length_b   1.00
_cell.length_c   1.00
_cell.angle_alpha   90.00
_cell.angle_beta   90.00
_cell.angle_gamma   90.00
#
_symmetry.space_group_name_H-M   'P 1'
#
loop_
_entity.id
_entity.type
_entity.pdbx_description
1 polymer 'ARP1 actin related protein 1 homolog A'
2 polymer 'Capping protein (Actin filament) muscle Z-line, alpha 1'
3 polymer 'F-actin capping protein beta subunit'
4 polymer 'BICD family-like cargo adapter 1'
5 polymer 'Cytoplasmic dynein 1 heavy chain 1'
6 polymer 'Cytoplasmic dynein 1 intermediate chain 2'
7 polymer 'Cytoplasmic dynein 1 light intermediate chain 2'
8 non-polymer "ADENOSINE-5'-DIPHOSPHATE"
9 non-polymer 'MAGNESIUM ION'
#
loop_
_entity_poly.entity_id
_entity_poly.type
_entity_poly.pdbx_seq_one_letter_code
_entity_poly.pdbx_strand_id
1 'polypeptide(L)'
;MESYDVIANQPVVIDNGSGVIKAGFAGDQIPKYCFPNYVGRPKHVRVMAGALEGDIFIGPKAEEHRGLLSIRYPMEHGIV
KDWNDMERIWQYVYSKDQLQTFSEEHPVLLTEAPLNPRKNRERAAEVFFETFNVPALFISMQAVLSLYATGRTTGVVLDS
GDGVTHAVPIYEGFAMPHSIMRIDIAGRDVSRFLRLYLRKEGYDFHSSSEFEIVKAIKERACYLSINPQKDETLETEKAQ
YYLPDGSTIEIGPSRFRAPELLFRPDLIGEESEGIHEVLVFAIQKSDMDLRRTLFSNIVLSGGSTLFKGFGDRLLSEVKK
LAPKDVKIRISAPQERLYSTWIGGSILASLDTFKKMWVSKKEYEEDGARSIHRKTF
;
A,B,C,D,E,F
2 'polypeptide(L)'
;MADFEDRVSDEEKVRIAAKFITHAPPGEFNEVFNDVRLLLNNDNLLREGAAHAFAQYNMDQFTPVKIEGYEDQVLITEHG
DLGNSRFLDPRNKISFKFDHLRKEASDPQPEEVDGSLKSWRESCDSALRAYVKDHYSNGFCTVYAKNIDGQQTIIACIES
HQFQPKNFWNGRWRSEWKFTITPPTAQVVGVLKIQVHYYEDGNVQLVSHKDVQDSVTVSNEAQTAKEFIKIIEHAENEYQ
TAISENYQTMSDTTFKALRRQLPVTRTKIDWNKILSYKIGKEMQNA
;
K
3 'polypeptide(L)'
;MSDQQLDCALDLMRRLPPQQIEKNLSDLIDLVPSLCEDLLSSVDQPLKIARDKVVGKDYLLCDYNRDGDSYRSPWSNKYD
PPLEDGAMPSARLRKLEVEANNAFDQYRDLYFEGGVSSVYLWDLDHGFAGVILIKKAGDGSKKIKGCWDSIHVVEVQEKS
SGRTAHYKLTSTVMLWLQTNKSGSGTMNLGGSLTRQMEKDETVSDCSPHIANIGRLVEDMENKIRSTLNEIYFGKTKDIV
NGLRSVQTFADKSKQEALKNDLVEALKRKQQC
;
L
4 'polypeptide(L)'
;MSAFCLGLAGRASAPAEPDSACCMELPAGAGDAVRSPATAAALVSFPGGPGELELALEEELALLAAGERSSEPGEHPQAE
PESPVEGHGPPLPPPPTQDPELLSVIRQKEKDLVLAARLGKALLERNQDMSRQYEQMHKELTDKLEHLEQEKHELRRRFE
NREGEWEGRVSELETDVKQLQDELERQQLHLREADREKTRAVQELSEQNQRLLDQLSRASEVERQLSMQVHALKEDFREK
NSSTNQHIIRLESLQAEIKMLSDRKRELEHRLSATLEENDLLQGTVEELQDRVLILERQGHDKDLQLHQSQLELQEVRLS
YRQLQGKVEELTEERSLQSSAATSTSLLSEIEQSMEAEELEQEREQLRLQLWEAYCQVRYLCSHLRGNDSADSAVSTDSS
MDESSETSSAKDVPAGSLRTALNDLKRLIQSIVDGVEPTVTLLSVEMTALKEERDRLRVTSEDKEPKEQLQKAIRDRDEA
IAKKNAVELELAKCKMDMMSLNSQLLDAIQQKLNLSQQLEAWQDDMHRVIDRQLMDTHLKEQSRPAAAAFPRGHGVGRGQ
EPSTADGKRLFSFFRKI
;
X,x
5 'polypeptide(L)'
;MSEPGGGGGEDGSAGLEVSAVQNVADVSVLQKHLRKLVPLLLEDGGEAPAALEAALEEKSALEQMRKFLSDPQVHTVLVE
RSTLKEDVGDEGEEEKEFISYNINIDIHYGVKSNSLAFIKRTPVIDADKPVSSQLRVLTLSEDSPYETLHSFISNAVAPF
FKSYIRESGKADRDGDKMAPSVEKKIAELEMGLLHLQQNIEIPEISLPIHPMITNVAKQCYERGEKPKVTDFGDKVEDPT
FLNQLQSGVNRWIREIQKVTKLDRDPASGTALQEISFWLNLERALYRIQEKRESPEVLLTLDILKHGKRFHATVSFDTDT
GLKQALETVNDYNPLMKDFPLNDLLSATELDKIRQALVAIFTHLRKIRNTKYPIQRALRLVEAISRDLSSQLLKVLGTRK
LMHVAYEEFEKVMVACFEVFQTWDDEYEKLQVLLRDIVKRKREENLKMVWRINPAHRKLQARLDQMRKFRRQHEQLRAVI
VRVLRPQVTAVAQQNQGEVPEPQDMKVAEVLFDAADANAIEEVNLAYENVKEVDGLDVSKEGTEAWEAAMKRYDERIDRV
ETRITARLRDQLGTAKNANEMFRIFSRFNALFVRPHIRGAIREYQTQLIQRVKDDIESLHDKFKVQYPQSQACKMSHVRD
LPPVSGSIIWAKQIDRQLTAYMKRVEDVLGKGWENHVEGQKLKQDGDSFRMKLNTQEIFDDWARKVQQRNLGVSGRIFTI
ESTRVRGRTGNVLKLKVNFLPEIITLSKEVRNLKWLGFRVPLAIVNKAHQANQLYPFAISLIESVRTYERTCEKVEERNT
ISLLVAGLKKEVQALIAEGIALVWESYKLDPYVQRLAETVFNFQEKVDDLLIIEEKIDLEVRSLETCMYDHKTFSEILNR
VQKAVDDLNLHSYSNLPIWVNKLDMEIERILGVRLQAGLRAWTQVLLGQAEDKAEVDMDTDAPQVSHKPGGEPKIKNVVH
ELRITNQVIYLNPPIEECRYKLYQEMFAWKMVVLSLPRIQSQRYQVGVHYELTEEEKFYRNALTRMPDGPVALEESYSAV
MGIVSEVEQYVKVWLQYQCLWDMQAENIYNRLGEDLNKWQALLVQIRKARGTFDNAETKKEFGPVVIDYGKVQSKVNLKY
DSWHKEVLSKFGQMLGSNMTEFHSQISKSRQELEQHSVDTASTSDAVTFITYVQSLKRKIKQFEKQVELYRNGQRLLEKQ
RFQFPPSWLYIDNIEGEWGAFNDIMRRKDSAIQQQVANLQMKIVQEDRAVESRTTDLLTDWEKTKPVTGNLRPEEALQAL
TIYEGKFGRLKDDREKCAKAKEALELTDTGLLSGSEERVQVALEELQDLKGVWSELSKVWEQIDQMKEQPWVSVQPRKLR
QNLDALLNQLKSFPARLRQYASYEFVQRLLKGYMKINMLVIELKSEALKDRHWKQLMKRLHVNWVVSELTLGQIWDVDLQ
KNEAIVKDVLLVAQGEMALEEFLKQIREVWNTYELDLVNYQNKCRLIRGWDDLFNKVKEHINSVSAMKLSPYYKVFEEDA
LSWEDKLNRIMALFDVWIDVQRRWVYLEGIFTGSADIKHLLPVETQRFQSISTEFLALMKKVSKSPLVMDVLNIQGVQRS
LERLADLLGKIQKALGEYLERERSSFPRFYFVGDEDLLEIIGNSKNVAKLQKHFKKMFAGVSSIILNEDNSVVLGISSRE
GEEVMFKTPVSITEHPKINEWLTLVEKEMRVTLAKLLAESVTEVEIFGKATSIDPNTYITWIDKYQAQLVVLSAQIAWSE
NVETALSSMGGGGDAAPLHSVLSNVEVTLNVLADSVLMEQPPLRRRKLEHLITELVHQRDVTRSLIKSKIDNAKSFEWLS
QMRFYFDPKQTDVLQQLSIQMANAKFNYGFEYLGVQDKLVQTPLTDRCYLTMTQALEARLGGSPFGPAGTGKTESVKALG
HQLGRFVLVFNCDETFDFQAMGRIFVGLCQVGAWGCFDEFNRLEERMLSAVSQQVQCIQEALREHSNPNYDKTSAPITCE
LLNKQVKVSPDMAIFITMNPGYAGRSNLPDNLKKLFRSLAMTKPDRQLIAQVMLYSQGFRTAEVLANKIVPFFKLCDEQL
SSQSHYDFGLRALKSVLVSAGNVKRERIQKIKREKEERGEAVDEGEIAENLPEQEILIQSVCETMVPKLVAEDIPLLFSL
LSDVFPGVQYHRGEMTALREELKKVCQEMYLTYGDGEEVGGMWVEKVLQLYQITQINHGLMMVGPSGSGKSMAWRVLLKA
LERLEGVEGVAHIIDPKAISKDHLYGTLDPNTREWTDGLFTHVLRKIIDSVRGELQKRQWIVFDGDVDPEWVENLNSVLD
DNKLLTLPNGERLSLPPNVRIMFEVQDLKYATLATVSRCGMVWFSEDVLSTDMIFNNFLARLRSIPLDEGEDEAQRRRKG
KEDEGEEAASPMLQIQRDAATIMQPYFTSNGLVTKALEHAFQLEHIMDLTRLRCLGSLFSMLHQACRNVAQYNANHPDFP
MQIEQLERYIQRYLVYAILWSLSGDSRLKMRAELGEYIRRITTVPLPTAPNIPIIDYEVSISGEWSPWQAKVPQIEVETH
KVAAPDVVVPTLDTVRHEALLYTWLAEHKPLVLCGPPGSGKTMTLFSALRALPDMEVVGLNFSSATTPELLLKTFDHYCE
YRRTPNGVVLAPVQLGKWLVLFCDEINLPDMDKYGTQRVISFIRQMVEHGGFYRTSDQTWVKLERIQFVGACNPPTDPGR
KPLSHRFLRHVPVVYVDYPGPASLTQIYGTFNRAMLRLIPSLRTYAEPLTAAMVEFYTMSQERFTQDTQPHYIYSPREMT
RWVRGIFEALRPLETLPVEGLIRIWAHEALRLFQDRLVEDEERRWTDENIDTVALKHFPNIDREKAMSRPILYSNWLSKD
YIPVDQEELRDYVKARLKVFYEEELDVPLVLFNEVLDHVLRIDRIFRQPQGHLLLIGVSGAGKTTLSRFVAWMNGLSVYQ
IKVHRKYTGEDFDEDLRTVLRRSGCKNEKIAFIMDESNVLDSGFLERMNTLLANGEVPGLFEGDEYATLMTQCKEGAQKE
GLMLDSHEELYKWFTSQVIRNLHVVFTMNPSSEGLKDRAATSPALFNRCVLNWFGDWSTEALYQVGKEFTSKMDLEKPNY
IVPDYMPVVYDKLPQPPSHREAIVNSCVFVHQTLHQANARLAKRGGRTMAITPRHYLDFINHYANLFHEKRSELEEQQMH
LNVGLRKIKETVDQVEELRRDLRIKSQELEVKNAAANDKLKKMVKDQQEAEKKKVMSQEIQEQLHKQQEVIADKQMSVKE
DLDKVEPAVIEAQNAVKSIKKQHLVEVRSMANPPAAVKLALESICLLLGESTTDWKQIRSIIMRENFIPTIVNFSAEEIS
DAIREKMKKNYMSNPSYNYEIVNRASLACGPMVKWAIAQLNYADMLKRVEPLRNELQKLEDDAKDNQQKANEVEQMIRDL
EASIARYKEEYAVLISEAQAIKADLAAVEAKVNRSTALLKSLSAERERWEKTSETFKNQMSTIAGDCLLSAAFIAYAGYF
DQQMRQNLFTTWSHHLQQANIQFRTDIARTEYLSNADERLRWQASSLPADDLCTENAIMLKRFNRYPLIIDPSGQATEFI
MNEYKDRKITRTSFLDDAFRKNLESALRFGNPLLVQDVESYDPVLNPVLNREVRRTGGRVLITLGDQDIDLSPSFVIFLS
TRDPTVEFPPDLCSRVTFVNFTVTRSSLQSQCLNEVLKAERPDVDEKRSDLLKLQGEFQLRLRQLEKSLLQALNEVKGRI
LDDDTIITTLENLKREAAEVTRKVEETDIVMQEVETVSQQYLPLSTACSSIYFTMESLKQIHFLYQYSLQFFLDIYHNVL
YENPNLKGVTDHTQRLSIITKDLFQVAFNRVARGMLHQDHITFAMLLARIKLKGTVGEPTYDAEFQHFLRGNEIVLSAGS
TPRIQGLTVEQAEAVVRLSCLPAFKDLIAKVQADEQFGIWLDSSSPEQTVPYLWSEETPATPIGQAIHRLLLIQAFRPDR
LLAMAHMFVSTNLGESFMSIMEQPLDLTHIVGTEVKPNTPVLMCSVPGYDASGHVEDLAAEQNTQITSIAIGSAEGFNQA
DKAINTAVKSGRWVMLKNVHLAPGWLMQLEKKLHSLQPHACFRLFLTMEINPKVPVNLLRAGRIFVFEPPPGVKANMLRT
FSSIPVSRICKSPNERARLYFLLAWFHAIIQERLRYAPLGWSKKYEFGESDLRSACDTVDTWLDDTAKGRQNISPDKIPW
SALKTLMAQSIYGGRVDNEFDQRLLNTFLERLFTTRSFDSEFKLACKVDGHKDIQMPDGIRREEFVQWVELLPDTQTPSW
LGLPNNAERVLLTTQGVDMISKMLKMQMLEDEDDLAYAETEKKTRTDSTSDGRPAWMRTLHTTASNWLHLIPQTLSHLKR
TVENIKDPLFRFFEREVKMGAKLLQDVRQDLADVVQVCEGKKKQTNYLRTLINELVKGILPRSWSHYTVPAGMTVIQWVS
DFSERIKQLQNISLAAASGGAKELKNIHVCLGGLFVPEAYITATRQYVAQANSWSLEELCLEVNVTTSQGATLDACSFGV
TGLKLQGATCNNNKLSLSNAISTALPLTQLRWVKQTNTEKKASVVTLPVYLNFTRADLIFTVDFEIATKEDPRSFYERGV
AVLCTE
;
f,m,n
6 'polypeptide(L)'
;MSDKSELKAELERKKQRLAQIREEKKRKEEERKKKETDQKKEAVAPVQEESDLEKKRREAEALLQSMGLTPESPIVFSEY
WVPPPMSPSSKSVSTPSEAGSQDSGDGAVGSRTLHWDTDPSVLQLHSDSDLGRGPIKLGMAKITQVDFPPREIVTYTKET
QTPVMAQPKEDEEEDDDVVAPKPPIEPEEEKTLKKDEENDSKAPPHELTEEEKQQILHSEEFLSFFDHSTRIVERALSEQ
INIFFDYSGRDLEDKEGEIQAGAKLSLNRQFFDERWSKHRVVSCLDWSSQYPELLVASYNNNEDAPHEPDGVALVWNMKY
KKTTPEYVFHCQSAVMSATFAKFHPNLVVGGTYSGQIVLWDNRSNKRTPVQRTPLSAAAHTHPVYCVNVVGTQNAHNLIS
ISTDGKICSWSLDMLSHPQDSMELVHKQSKAVAVTSMSFPVGDVNNFVVGSEEGSVYTACRHGSKAGISEMFEGHQGPIT
GIHCHAAVGAVDFSHLFVTSSFDWTVKLWTTKNNKPLYSFEDNADYVYDVMWSPTHPALFACVDGMGRLDLWNLNNDTEV
PTASISVEGNPALNRVRWTHSGREIAVGDSEGQIVIYDVGEQIAVPRNDEWARFGRTLAEINANRADAEEEAATRIPA
;
h,o
7 'polypeptide(L)'
;MAPVGVEKKLLLGPNGPAVAAAGDLTSEEEEGQSLWSSILSEVSTRARSKLPSGKNILVFGEDGSGKTTLMTKLQGAEHG
KKGRGLEYLYLSVHDEDRDDHTRCNVWILDGDLYHKGLLKFAVSAESLPETLVIFVADMSRPWTVMESLQKWASVLREHI
DKMKIPPEKMRELERKFVKDFQDYMEPEEGCQGSPQRRGPLTSGSDEENVALPLGDNVLTHNLGIPVLVVCTKCDAVSVL
EKEHDYRDEHLDFIQSHLRRFCLQYGAALIYTSVKEEKNLDLLYKYIVHKTYGFHFTTPALVVEKDAVFIPAGWDNEKKI
AILHENFTTVKPEDAYEDFIVKPPVRKLVHDKELAAEDEQVFLMKQQSLLAKQPATPTRASESPARGPSGSPRTQGRGGP
ASVPSSSPGTSVKKPDPNIKNNAASEGVLASFFNSLLSKKTGSPGSPGAGGVQSTAKKSGQKTVLSNVQEELDRMTRKPD
SMVTNSSTENEA
;
j,r
#
loop_
_chem_comp.id
_chem_comp.type
_chem_comp.name
_chem_comp.formula
ADP non-polymer ADENOSINE-5'-DIPHOSPHATE 'C10 H15 N5 O10 P2'
MG non-polymer 'MAGNESIUM ION' 'Mg 2'
#
# COMPACT_ATOMS: atom_id res chain seq x y z
N ILE A 7 38.39 7.72 63.88
CA ILE A 7 37.17 7.06 64.35
C ILE A 7 37.15 5.62 63.85
N ALA A 8 36.68 4.72 64.70
CA ALA A 8 36.60 3.30 64.36
C ALA A 8 35.34 2.95 63.57
N ASN A 9 34.45 3.91 63.32
CA ASN A 9 33.24 3.61 62.59
C ASN A 9 33.50 3.52 61.09
N GLN A 10 32.59 2.85 60.40
CA GLN A 10 32.81 2.51 59.00
C GLN A 10 32.68 3.77 58.15
N PRO A 11 33.57 3.98 57.16
CA PRO A 11 33.44 5.17 56.32
C PRO A 11 32.48 4.94 55.16
N VAL A 12 31.93 6.05 54.66
CA VAL A 12 30.93 6.03 53.60
C VAL A 12 31.53 6.67 52.36
N VAL A 13 31.39 5.99 51.23
CA VAL A 13 31.85 6.46 49.93
C VAL A 13 30.66 7.06 49.20
N ILE A 14 30.83 8.29 48.70
CA ILE A 14 29.81 9.00 47.93
C ILE A 14 30.43 9.40 46.61
N ASP A 15 29.91 8.85 45.52
CA ASP A 15 30.28 9.24 44.17
C ASP A 15 29.15 10.08 43.60
N ASN A 16 29.33 11.40 43.66
CA ASN A 16 28.28 12.33 43.22
C ASN A 16 28.53 12.64 41.75
N GLY A 17 27.99 11.79 40.89
CA GLY A 17 28.03 12.05 39.47
C GLY A 17 26.97 13.04 39.04
N SER A 18 27.10 13.52 37.81
CA SER A 18 26.14 14.49 37.29
C SER A 18 24.77 13.87 37.12
N GLY A 19 24.71 12.62 36.68
CA GLY A 19 23.43 11.96 36.42
C GLY A 19 22.93 11.13 37.57
N VAL A 20 23.79 10.26 38.10
CA VAL A 20 23.43 9.32 39.16
C VAL A 20 24.42 9.49 40.30
N ILE A 21 23.93 9.45 41.53
CA ILE A 21 24.75 9.60 42.72
C ILE A 21 24.77 8.28 43.46
N LYS A 22 25.95 7.68 43.54
CA LYS A 22 26.16 6.41 44.23
C LYS A 22 26.58 6.69 45.66
N ALA A 23 26.06 5.91 46.61
CA ALA A 23 26.38 6.09 48.01
C ALA A 23 26.41 4.73 48.68
N GLY A 24 27.32 4.57 49.64
CA GLY A 24 27.33 3.33 50.40
C GLY A 24 28.44 3.22 51.41
N PHE A 25 28.23 2.42 52.45
CA PHE A 25 29.29 2.18 53.42
C PHE A 25 30.44 1.42 52.77
N ALA A 26 31.67 1.83 53.07
CA ALA A 26 32.84 1.26 52.44
C ALA A 26 32.98 -0.21 52.81
N GLY A 27 33.63 -0.96 51.93
CA GLY A 27 33.83 -2.39 52.11
C GLY A 27 32.77 -3.26 51.46
N ASP A 28 31.63 -2.68 51.10
CA ASP A 28 30.63 -3.43 50.33
C ASP A 28 31.12 -3.60 48.90
N GLN A 29 30.76 -4.74 48.30
CA GLN A 29 31.13 -5.00 46.92
C GLN A 29 30.27 -4.24 45.93
N ILE A 30 29.21 -3.57 46.37
CA ILE A 30 28.29 -2.87 45.48
C ILE A 30 27.65 -1.72 46.24
N PRO A 31 27.37 -0.58 45.54
CA PRO A 31 26.58 0.47 46.19
C PRO A 31 25.09 0.16 46.12
N LYS A 32 24.43 0.07 47.28
CA LYS A 32 23.03 -0.29 47.35
C LYS A 32 22.08 0.89 47.35
N TYR A 33 22.60 2.12 47.29
CA TYR A 33 21.83 3.34 47.50
C TYR A 33 22.10 4.35 46.39
N CYS A 34 22.04 3.88 45.15
CA CYS A 34 22.21 4.73 43.98
C CYS A 34 20.84 5.25 43.54
N PHE A 35 20.75 6.56 43.34
CA PHE A 35 19.53 7.21 42.89
C PHE A 35 19.88 8.34 41.94
N PRO A 36 18.94 8.79 41.11
CA PRO A 36 19.25 9.88 40.17
C PRO A 36 19.60 11.17 40.91
N ASN A 37 20.47 11.96 40.28
CA ASN A 37 20.98 13.19 40.85
C ASN A 37 20.20 14.39 40.30
N TYR A 38 18.95 14.52 40.77
CA TYR A 38 18.17 15.70 40.48
C TYR A 38 17.21 15.96 41.64
N VAL A 39 16.70 17.18 41.68
CA VAL A 39 15.69 17.60 42.66
C VAL A 39 14.39 17.87 41.91
N GLY A 40 13.32 17.20 42.33
CA GLY A 40 12.01 17.41 41.74
C GLY A 40 11.14 18.23 42.67
N ARG A 41 10.46 19.22 42.10
CA ARG A 41 9.54 20.07 42.84
C ARG A 41 8.16 20.04 42.19
N PRO A 42 7.07 19.94 42.96
CA PRO A 42 5.75 19.85 42.31
C PRO A 42 5.39 21.13 41.61
N LYS A 43 4.86 21.01 40.38
CA LYS A 43 4.48 22.16 39.58
C LYS A 43 2.98 22.39 39.50
N HIS A 44 2.17 21.39 39.86
CA HIS A 44 0.73 21.54 39.92
C HIS A 44 0.32 22.06 41.31
N VAL A 45 -0.89 22.59 41.39
CA VAL A 45 -1.40 23.20 42.60
C VAL A 45 -2.10 22.15 43.45
N ARG A 46 -1.77 22.13 44.74
CA ARG A 46 -2.38 21.18 45.67
C ARG A 46 -3.68 21.76 46.20
N VAL A 47 -4.75 20.97 46.11
CA VAL A 47 -6.08 21.42 46.47
C VAL A 47 -6.67 20.65 47.65
N MET A 48 -6.32 19.39 47.85
CA MET A 48 -6.89 18.58 48.91
C MET A 48 -6.10 18.73 50.20
N ALA A 49 -6.70 18.25 51.29
CA ALA A 49 -6.03 18.11 52.57
C ALA A 49 -5.59 16.65 52.68
N GLY A 50 -4.29 16.41 52.49
CA GLY A 50 -3.75 15.07 52.41
C GLY A 50 -2.98 14.81 51.13
N ALA A 51 -2.52 15.88 50.48
CA ALA A 51 -1.68 15.74 49.30
C ALA A 51 -0.28 15.33 49.75
N LEU A 52 0.64 15.20 48.80
CA LEU A 52 2.01 14.82 49.13
C LEU A 52 2.66 15.95 49.92
N GLU A 53 3.03 15.65 51.17
CA GLU A 53 3.70 16.65 51.99
C GLU A 53 5.11 16.90 51.48
N GLY A 54 5.57 18.14 51.65
CA GLY A 54 6.91 18.52 51.21
C GLY A 54 6.93 18.99 49.77
N ASP A 55 7.81 19.97 49.52
CA ASP A 55 7.98 20.56 48.20
C ASP A 55 9.32 20.19 47.56
N ILE A 56 10.04 19.23 48.12
CA ILE A 56 11.31 18.74 47.57
C ILE A 56 11.19 17.23 47.48
N PHE A 57 11.47 16.69 46.29
CA PHE A 57 11.33 15.27 46.02
C PHE A 57 12.62 14.77 45.39
N ILE A 58 13.37 13.96 46.14
CA ILE A 58 14.64 13.39 45.71
C ILE A 58 14.55 11.88 45.91
N GLY A 59 15.18 11.14 45.00
CA GLY A 59 15.29 9.71 45.16
C GLY A 59 14.19 8.96 44.45
N PRO A 60 13.89 7.72 44.88
CA PRO A 60 12.83 6.95 44.20
C PRO A 60 11.45 7.57 44.29
N LYS A 61 11.18 8.40 45.29
CA LYS A 61 9.91 9.10 45.33
C LYS A 61 9.75 10.04 44.15
N ALA A 62 10.82 10.74 43.76
CA ALA A 62 10.76 11.60 42.59
C ALA A 62 10.48 10.80 41.32
N GLU A 63 10.94 9.55 41.26
CA GLU A 63 10.65 8.71 40.11
C GLU A 63 9.22 8.18 40.15
N GLU A 64 8.69 7.91 41.35
CA GLU A 64 7.31 7.45 41.45
C GLU A 64 6.32 8.51 41.00
N HIS A 65 6.54 9.76 41.43
CA HIS A 65 5.68 10.90 41.12
C HIS A 65 6.32 11.79 40.07
N ARG A 66 6.97 11.19 39.07
CA ARG A 66 7.77 11.97 38.12
C ARG A 66 6.93 12.97 37.34
N GLY A 67 5.79 12.54 36.80
CA GLY A 67 4.96 13.45 36.03
C GLY A 67 4.40 14.60 36.84
N LEU A 68 4.29 14.43 38.15
CA LEU A 68 3.79 15.49 39.02
C LEU A 68 4.82 16.59 39.26
N LEU A 69 6.09 16.35 38.94
CA LEU A 69 7.18 17.22 39.34
C LEU A 69 7.87 17.84 38.15
N SER A 70 8.45 19.01 38.37
CA SER A 70 9.43 19.61 37.49
C SER A 70 10.81 19.28 38.02
N ILE A 71 11.69 18.80 37.14
CA ILE A 71 13.00 18.29 37.51
C ILE A 71 14.02 19.41 37.33
N ARG A 72 15.00 19.46 38.24
CA ARG A 72 16.12 20.39 38.12
C ARG A 72 17.39 19.65 38.49
N TYR A 73 18.40 19.76 37.62
CA TYR A 73 19.67 19.07 37.80
C TYR A 73 20.67 20.01 38.48
N PRO A 74 21.20 19.71 39.68
CA PRO A 74 22.14 20.66 40.31
C PRO A 74 23.52 20.68 39.69
N MET A 75 23.95 19.57 39.08
CA MET A 75 25.26 19.49 38.44
C MET A 75 25.11 19.48 36.93
N GLU A 76 25.98 20.24 36.27
CA GLU A 76 26.03 20.31 34.81
C GLU A 76 27.49 20.25 34.39
N HIS A 77 27.83 19.26 33.56
CA HIS A 77 29.20 19.07 33.09
C HIS A 77 30.16 18.87 34.27
N GLY A 78 29.69 18.19 35.30
CA GLY A 78 30.51 17.95 36.47
C GLY A 78 30.73 19.15 37.36
N ILE A 79 30.03 20.26 37.10
CA ILE A 79 30.19 21.49 37.86
C ILE A 79 28.87 21.79 38.55
N VAL A 80 28.92 21.95 39.87
CA VAL A 80 27.71 22.20 40.67
C VAL A 80 27.23 23.61 40.38
N LYS A 81 26.10 23.72 39.68
CA LYS A 81 25.51 25.02 39.37
C LYS A 81 24.63 25.52 40.51
N ASP A 82 23.74 24.67 41.02
CA ASP A 82 22.88 24.98 42.14
C ASP A 82 23.42 24.26 43.37
N TRP A 83 23.88 25.03 44.36
CA TRP A 83 24.49 24.44 45.55
C TRP A 83 23.48 24.08 46.62
N ASN A 84 22.35 24.81 46.69
CA ASN A 84 21.30 24.44 47.63
C ASN A 84 20.75 23.07 47.30
N ASP A 85 20.50 22.79 46.03
CA ASP A 85 19.99 21.48 45.63
C ASP A 85 21.02 20.39 45.91
N MET A 86 22.30 20.69 45.71
CA MET A 86 23.35 19.72 46.05
C MET A 86 23.36 19.43 47.54
N GLU A 87 23.21 20.47 48.37
CA GLU A 87 23.12 20.25 49.81
C GLU A 87 21.92 19.37 50.14
N ARG A 88 20.77 19.65 49.52
CA ARG A 88 19.57 18.86 49.78
C ARG A 88 19.79 17.40 49.41
N ILE A 89 20.43 17.14 48.27
CA ILE A 89 20.69 15.76 47.87
C ILE A 89 21.66 15.09 48.84
N TRP A 90 22.69 15.80 49.29
CA TRP A 90 23.66 15.17 50.16
C TRP A 90 23.08 14.89 51.55
N GLN A 91 22.18 15.73 52.05
CA GLN A 91 21.41 15.32 53.23
C GLN A 91 20.44 14.19 52.95
N TYR A 92 19.88 14.12 51.73
CA TYR A 92 19.02 12.98 51.41
C TYR A 92 19.81 11.68 51.41
N VAL A 93 21.11 11.74 51.10
CA VAL A 93 21.93 10.53 51.14
C VAL A 93 21.95 9.95 52.55
N TYR A 94 21.92 10.81 53.57
CA TYR A 94 21.90 10.38 54.96
C TYR A 94 20.49 10.16 55.50
N SER A 95 19.45 10.43 54.71
CA SER A 95 18.09 10.36 55.21
C SER A 95 17.71 8.91 55.52
N LYS A 96 16.61 8.74 56.24
CA LYS A 96 16.18 7.41 56.66
C LYS A 96 15.80 6.51 55.48
N ASP A 97 15.45 7.09 54.34
CA ASP A 97 15.10 6.28 53.17
C ASP A 97 16.29 5.46 52.71
N GLN A 98 17.47 6.08 52.66
CA GLN A 98 18.69 5.44 52.15
C GLN A 98 19.85 5.79 53.07
N LEU A 99 20.58 4.77 53.52
CA LEU A 99 21.71 4.92 54.43
C LEU A 99 21.28 5.67 55.70
N GLN A 100 20.41 5.00 56.46
CA GLN A 100 19.92 5.60 57.70
C GLN A 100 21.09 5.67 58.67
N THR A 101 21.69 6.85 58.79
CA THR A 101 22.84 7.07 59.64
C THR A 101 22.98 8.57 59.87
N PHE A 102 24.04 8.93 60.59
CA PHE A 102 24.35 10.32 60.91
C PHE A 102 25.66 10.72 60.24
N SER A 103 25.71 11.97 59.77
CA SER A 103 26.91 12.48 59.13
C SER A 103 28.07 12.58 60.11
N GLU A 104 27.80 12.70 61.41
CA GLU A 104 28.86 12.84 62.39
C GLU A 104 29.58 11.51 62.65
N GLU A 105 28.94 10.38 62.36
CA GLU A 105 29.46 9.09 62.77
C GLU A 105 30.44 8.48 61.77
N HIS A 106 30.37 8.87 60.48
CA HIS A 106 31.09 8.20 59.41
C HIS A 106 32.00 9.19 58.68
N PRO A 107 33.27 8.85 58.42
CA PRO A 107 34.05 9.63 57.46
C PRO A 107 33.54 9.45 56.05
N VAL A 108 33.76 10.48 55.23
CA VAL A 108 33.23 10.55 53.88
C VAL A 108 34.38 10.53 52.87
N LEU A 109 34.26 9.64 51.89
CA LEU A 109 35.13 9.61 50.71
C LEU A 109 34.30 10.13 49.55
N LEU A 110 34.45 11.41 49.24
CA LEU A 110 33.77 12.02 48.12
C LEU A 110 34.59 11.81 46.86
N THR A 111 33.90 11.49 45.76
CA THR A 111 34.53 11.33 44.46
C THR A 111 34.09 12.47 43.55
N GLU A 112 35.04 13.07 42.84
CA GLU A 112 34.83 14.29 42.08
C GLU A 112 35.48 14.15 40.72
N ALA A 113 34.96 14.89 39.74
CA ALA A 113 35.51 14.83 38.41
C ALA A 113 36.89 15.50 38.37
N PRO A 114 37.77 15.11 37.45
CA PRO A 114 39.09 15.74 37.41
C PRO A 114 39.06 17.09 36.72
N LEU A 115 40.10 17.88 36.99
CA LEU A 115 40.31 19.18 36.36
C LEU A 115 39.15 20.15 36.64
N ASN A 116 38.49 19.99 37.79
CA ASN A 116 37.38 20.88 38.12
C ASN A 116 37.91 22.21 38.65
N PRO A 117 37.06 23.24 38.70
CA PRO A 117 37.50 24.52 39.26
C PRO A 117 37.86 24.40 40.73
N ARG A 118 38.71 25.34 41.17
CA ARG A 118 39.15 25.37 42.56
C ARG A 118 37.98 25.62 43.50
N LYS A 119 37.11 26.56 43.15
CA LYS A 119 36.02 26.95 44.03
C LYS A 119 35.05 25.80 44.26
N ASN A 120 34.93 24.89 43.31
CA ASN A 120 34.04 23.75 43.50
C ASN A 120 34.52 22.86 44.64
N ARG A 121 35.81 22.50 44.64
CA ARG A 121 36.34 21.71 45.75
C ARG A 121 36.26 22.49 47.06
N GLU A 122 36.55 23.80 47.01
CA GLU A 122 36.49 24.61 48.21
C GLU A 122 35.10 24.61 48.82
N ARG A 123 34.07 24.84 48.00
CA ARG A 123 32.70 24.88 48.51
C ARG A 123 32.21 23.50 48.91
N ALA A 124 32.64 22.44 48.22
CA ALA A 124 32.27 21.10 48.65
C ALA A 124 32.83 20.79 50.03
N ALA A 125 34.10 21.14 50.26
CA ALA A 125 34.67 20.95 51.59
C ALA A 125 33.95 21.78 52.64
N GLU A 126 33.64 23.04 52.31
CA GLU A 126 32.94 23.90 53.26
C GLU A 126 31.58 23.31 53.62
N VAL A 127 30.84 22.85 52.61
CA VAL A 127 29.51 22.27 52.86
C VAL A 127 29.63 21.02 53.71
N PHE A 128 30.60 20.16 53.40
CA PHE A 128 30.70 18.90 54.14
C PHE A 128 31.23 19.10 55.55
N PHE A 129 31.93 20.20 55.82
CA PHE A 129 32.50 20.43 57.15
C PHE A 129 31.62 21.32 58.04
N GLU A 130 30.84 22.25 57.48
CA GLU A 130 30.02 23.15 58.27
C GLU A 130 28.56 22.71 58.35
N THR A 131 27.87 22.58 57.22
CA THR A 131 26.48 22.13 57.26
C THR A 131 26.38 20.71 57.80
N PHE A 132 27.26 19.83 57.34
CA PHE A 132 27.47 18.52 57.94
C PHE A 132 28.65 18.59 58.89
N ASN A 133 28.46 18.08 60.10
CA ASN A 133 29.55 17.99 61.07
C ASN A 133 30.31 16.68 60.89
N VAL A 134 30.86 16.51 59.69
CA VAL A 134 31.49 15.26 59.28
C VAL A 134 32.82 15.12 60.01
N PRO A 135 33.22 13.92 60.47
CA PRO A 135 34.51 13.84 61.15
C PRO A 135 35.70 13.97 60.22
N ALA A 136 35.60 13.40 59.02
CA ALA A 136 36.75 13.33 58.11
C ALA A 136 36.28 13.22 56.68
N LEU A 137 36.84 14.08 55.81
CA LEU A 137 36.50 14.14 54.40
C LEU A 137 37.75 13.90 53.57
N PHE A 138 37.62 13.12 52.50
CA PHE A 138 38.67 13.00 51.50
C PHE A 138 38.05 13.05 50.11
N ILE A 139 38.56 13.95 49.27
CA ILE A 139 38.10 14.12 47.90
C ILE A 139 39.06 13.39 46.97
N SER A 140 38.51 12.63 46.02
CA SER A 140 39.31 11.88 45.06
C SER A 140 38.83 12.11 43.64
N MET A 141 39.37 11.36 42.70
CA MET A 141 39.01 11.41 41.29
C MET A 141 38.11 10.21 40.97
N GLN A 142 37.51 10.25 39.77
CA GLN A 142 36.62 9.18 39.33
C GLN A 142 37.31 8.12 38.50
N ALA A 143 38.38 8.47 37.78
CA ALA A 143 39.04 7.55 36.86
C ALA A 143 40.07 6.67 37.57
N VAL A 144 40.87 7.26 38.45
CA VAL A 144 41.88 6.48 39.17
C VAL A 144 41.21 5.42 40.03
N LEU A 145 40.07 5.74 40.65
CA LEU A 145 39.30 4.73 41.35
C LEU A 145 38.80 3.65 40.41
N SER A 146 38.32 4.04 39.22
CA SER A 146 37.84 3.04 38.28
C SER A 146 38.94 2.10 37.83
N LEU A 147 40.19 2.56 37.81
CA LEU A 147 41.31 1.66 37.55
C LEU A 147 41.66 0.83 38.76
N TYR A 148 41.49 1.37 39.97
CA TYR A 148 41.66 0.56 41.17
C TYR A 148 40.69 -0.61 41.21
N ALA A 149 39.47 -0.39 40.69
CA ALA A 149 38.45 -1.43 40.76
C ALA A 149 38.83 -2.66 39.97
N THR A 150 39.41 -2.48 38.78
CA THR A 150 39.72 -3.59 37.89
C THR A 150 41.07 -4.24 38.19
N GLY A 151 41.61 -4.05 39.38
CA GLY A 151 42.84 -4.73 39.77
C GLY A 151 44.04 -4.37 38.94
N ARG A 152 44.25 -3.08 38.68
CA ARG A 152 45.41 -2.61 37.94
C ARG A 152 45.94 -1.34 38.58
N THR A 153 47.18 -0.99 38.22
CA THR A 153 47.80 0.26 38.61
C THR A 153 48.37 1.04 37.44
N THR A 154 48.37 0.47 36.23
CA THR A 154 48.85 1.16 35.03
C THR A 154 47.85 0.94 33.91
N GLY A 155 47.48 2.02 33.25
CA GLY A 155 46.48 1.97 32.19
C GLY A 155 45.76 3.29 32.10
N VAL A 156 44.93 3.41 31.05
CA VAL A 156 44.19 4.64 30.76
C VAL A 156 42.71 4.33 30.89
N VAL A 157 42.01 5.16 31.68
CA VAL A 157 40.59 5.01 31.94
C VAL A 157 39.84 6.05 31.14
N LEU A 158 38.92 5.59 30.29
CA LEU A 158 38.02 6.45 29.53
C LEU A 158 36.67 6.47 30.25
N ASP A 159 36.57 7.38 31.24
CA ASP A 159 35.34 7.51 32.05
C ASP A 159 34.37 8.44 31.34
N SER A 160 33.24 7.92 30.89
CA SER A 160 32.22 8.70 30.17
C SER A 160 30.91 8.61 30.94
N GLY A 161 30.62 9.63 31.72
CA GLY A 161 29.46 9.68 32.60
C GLY A 161 28.29 10.41 31.97
N ASP A 162 27.55 11.16 32.80
CA ASP A 162 26.36 11.89 32.28
C ASP A 162 26.74 13.34 31.96
N GLY A 163 27.65 13.95 32.73
CA GLY A 163 27.98 15.34 32.50
C GLY A 163 29.26 15.54 31.72
N VAL A 164 30.28 14.76 32.04
CA VAL A 164 31.62 14.96 31.51
C VAL A 164 32.23 13.60 31.18
N THR A 165 33.07 13.58 30.15
CA THR A 165 33.82 12.39 29.76
C THR A 165 35.29 12.73 29.64
N HIS A 166 36.13 11.95 30.31
CA HIS A 166 37.56 12.23 30.39
C HIS A 166 38.37 10.96 30.21
N ALA A 167 39.51 11.10 29.54
CA ALA A 167 40.52 10.06 29.44
C ALA A 167 41.65 10.41 30.39
N VAL A 168 41.94 9.50 31.32
CA VAL A 168 42.91 9.71 32.38
C VAL A 168 43.95 8.60 32.30
N PRO A 169 45.22 8.86 31.95
CA PRO A 169 46.25 7.83 32.07
C PRO A 169 46.87 7.79 33.46
N ILE A 170 46.81 6.64 34.11
CA ILE A 170 47.39 6.42 35.43
C ILE A 170 48.55 5.45 35.26
N TYR A 171 49.66 5.75 35.93
CA TYR A 171 50.84 4.89 35.93
C TYR A 171 51.24 4.61 37.37
N GLU A 172 51.15 3.34 37.77
CA GLU A 172 51.53 2.90 39.10
C GLU A 172 50.73 3.64 40.17
N GLY A 173 49.42 3.75 39.94
CA GLY A 173 48.50 4.33 40.89
C GLY A 173 48.32 5.82 40.77
N PHE A 174 49.41 6.58 40.64
CA PHE A 174 49.34 8.03 40.61
C PHE A 174 48.90 8.50 39.22
N ALA A 175 47.73 9.13 39.16
CA ALA A 175 47.24 9.67 37.90
C ALA A 175 48.15 10.80 37.44
N MET A 176 48.49 10.78 36.16
CA MET A 176 49.36 11.82 35.60
C MET A 176 48.54 13.10 35.45
N PRO A 177 48.71 14.13 36.30
CA PRO A 177 47.84 15.31 36.17
C PRO A 177 48.01 16.06 34.86
N HIS A 178 49.16 15.94 34.21
CA HIS A 178 49.41 16.69 32.99
C HIS A 178 48.80 16.05 31.75
N SER A 179 48.55 14.74 31.77
CA SER A 179 48.05 14.01 30.62
C SER A 179 46.53 13.84 30.65
N ILE A 180 45.84 14.52 31.56
CA ILE A 180 44.39 14.39 31.66
C ILE A 180 43.74 15.04 30.45
N MET A 181 42.78 14.36 29.84
CA MET A 181 41.95 14.92 28.77
C MET A 181 40.51 14.89 29.22
N ARG A 182 39.78 15.98 28.94
CA ARG A 182 38.41 16.13 29.40
C ARG A 182 37.59 16.86 28.35
N ILE A 183 36.38 16.37 28.10
CA ILE A 183 35.40 17.05 27.26
C ILE A 183 34.05 16.99 27.95
N ASP A 184 33.24 18.01 27.71
CA ASP A 184 31.99 18.21 28.42
C ASP A 184 30.79 17.51 27.76
N ILE A 185 30.94 16.98 26.56
CA ILE A 185 29.84 16.26 25.93
C ILE A 185 29.80 14.84 26.50
N ALA A 186 28.64 14.45 27.00
CA ALA A 186 28.49 13.20 27.73
C ALA A 186 27.08 12.68 27.49
N GLY A 187 26.63 11.74 28.33
CA GLY A 187 25.33 11.15 28.17
C GLY A 187 24.18 12.13 28.20
N ARG A 188 24.28 13.19 28.99
CA ARG A 188 23.23 14.20 29.02
C ARG A 188 23.11 14.90 27.67
N ASP A 189 24.24 15.24 27.06
CA ASP A 189 24.20 15.85 25.73
C ASP A 189 23.64 14.89 24.70
N VAL A 190 23.93 13.59 24.84
CA VAL A 190 23.35 12.61 23.93
C VAL A 190 21.84 12.56 24.11
N SER A 191 21.36 12.67 25.35
CA SER A 191 19.92 12.66 25.58
C SER A 191 19.27 13.90 25.00
N ARG A 192 19.93 15.05 25.11
CA ARG A 192 19.39 16.27 24.48
C ARG A 192 19.35 16.14 22.96
N PHE A 193 20.42 15.57 22.37
CA PHE A 193 20.46 15.36 20.94
C PHE A 193 19.37 14.39 20.51
N LEU A 194 19.12 13.36 21.32
CA LEU A 194 18.05 12.42 21.03
C LEU A 194 16.69 13.11 21.14
N ARG A 195 16.55 14.04 22.10
CA ARG A 195 15.31 14.81 22.17
C ARG A 195 15.08 15.63 20.91
N LEU A 196 16.13 16.28 20.41
CA LEU A 196 15.99 17.05 19.18
C LEU A 196 15.64 16.14 18.00
N TYR A 197 16.32 15.01 17.88
CA TYR A 197 15.98 14.09 16.79
C TYR A 197 14.58 13.51 16.91
N LEU A 198 14.15 13.16 18.12
CA LEU A 198 12.79 12.70 18.30
C LEU A 198 11.79 13.79 17.93
N ARG A 199 12.13 15.06 18.22
CA ARG A 199 11.34 16.17 17.70
C ARG A 199 11.28 16.13 16.19
N LYS A 200 12.38 15.76 15.54
CA LYS A 200 12.42 15.65 14.09
C LYS A 200 11.71 14.42 13.54
N GLU A 201 11.21 13.53 14.40
CA GLU A 201 10.34 12.43 13.99
C GLU A 201 8.86 12.70 14.28
N GLY A 202 8.54 13.82 14.94
CA GLY A 202 7.17 14.15 15.26
C GLY A 202 6.77 13.77 16.67
N TYR A 203 7.73 13.85 17.59
CA TYR A 203 7.50 13.53 19.00
C TYR A 203 8.13 14.65 19.83
N ASP A 204 7.29 15.47 20.46
CA ASP A 204 7.74 16.57 21.28
C ASP A 204 7.81 16.14 22.74
N PHE A 205 8.94 16.40 23.37
CA PHE A 205 9.21 16.05 24.78
C PHE A 205 9.81 17.24 25.51
N HIS A 206 9.21 18.41 25.31
CA HIS A 206 9.74 19.64 25.90
C HIS A 206 9.65 19.65 27.42
N SER A 207 8.77 18.85 28.01
CA SER A 207 8.60 18.88 29.46
C SER A 207 9.85 18.36 30.15
N SER A 208 10.06 18.84 31.39
CA SER A 208 11.22 18.40 32.15
C SER A 208 11.09 16.94 32.59
N SER A 209 9.87 16.49 32.89
CA SER A 209 9.66 15.09 33.24
C SER A 209 9.73 14.18 32.02
N GLU A 210 9.42 14.69 30.83
CA GLU A 210 9.57 13.91 29.61
C GLU A 210 11.03 13.82 29.16
N PHE A 211 11.90 14.69 29.67
CA PHE A 211 13.33 14.51 29.42
C PHE A 211 13.83 13.20 30.02
N GLU A 212 13.25 12.78 31.14
CA GLU A 212 13.62 11.48 31.71
C GLU A 212 13.13 10.33 30.83
N ILE A 213 11.97 10.50 30.18
CA ILE A 213 11.53 9.47 29.24
C ILE A 213 12.46 9.43 28.03
N VAL A 214 12.93 10.59 27.59
CA VAL A 214 13.90 10.60 26.49
C VAL A 214 15.20 9.93 26.92
N LYS A 215 15.61 10.15 28.17
CA LYS A 215 16.79 9.48 28.70
C LYS A 215 16.61 7.98 28.74
N ALA A 216 15.42 7.52 29.13
CA ALA A 216 15.14 6.08 29.13
C ALA A 216 15.16 5.51 27.72
N ILE A 217 14.63 6.26 26.75
CA ILE A 217 14.68 5.81 25.35
C ILE A 217 16.13 5.70 24.90
N LYS A 218 16.96 6.66 25.31
CA LYS A 218 18.38 6.59 25.01
C LYS A 218 19.00 5.33 25.59
N GLU A 219 18.69 5.04 26.86
CA GLU A 219 19.30 3.89 27.52
C GLU A 219 18.87 2.58 26.87
N ARG A 220 17.59 2.44 26.55
CA ARG A 220 17.06 1.13 26.16
C ARG A 220 17.16 0.87 24.66
N ALA A 221 17.00 1.88 23.82
CA ALA A 221 17.03 1.71 22.35
C ALA A 221 17.97 2.74 21.73
N CYS A 222 19.27 2.42 21.70
CA CYS A 222 20.26 3.18 20.96
C CYS A 222 21.46 2.29 20.71
N TYR A 223 22.21 2.63 19.66
CA TYR A 223 23.41 1.88 19.32
C TYR A 223 24.30 2.77 18.48
N LEU A 224 25.57 2.37 18.37
CA LEU A 224 26.56 3.06 17.57
C LEU A 224 26.92 2.19 16.38
N SER A 225 26.70 2.72 15.18
CA SER A 225 27.01 1.97 13.96
C SER A 225 28.52 1.88 13.76
N ILE A 226 28.96 0.79 13.15
CA ILE A 226 30.39 0.57 12.95
C ILE A 226 30.95 1.61 11.99
N ASN A 227 30.27 1.80 10.84
CA ASN A 227 30.62 2.80 9.85
C ASN A 227 29.59 3.92 9.88
N PRO A 228 29.98 5.20 10.03
CA PRO A 228 28.94 6.24 10.18
C PRO A 228 28.15 6.48 8.90
N GLN A 229 28.86 6.71 7.80
CA GLN A 229 28.18 7.04 6.54
C GLN A 229 27.40 5.85 6.00
N LYS A 230 27.87 4.63 6.25
CA LYS A 230 27.18 3.45 5.72
C LYS A 230 25.76 3.36 6.27
N ASP A 231 25.61 3.44 7.59
CA ASP A 231 24.29 3.40 8.19
C ASP A 231 23.54 4.71 8.01
N GLU A 232 24.26 5.82 7.86
CA GLU A 232 23.60 7.10 7.60
C GLU A 232 22.86 7.06 6.27
N THR A 233 23.49 6.52 5.23
CA THR A 233 22.84 6.43 3.92
C THR A 233 21.76 5.37 3.89
N LEU A 234 21.98 4.24 4.56
CA LEU A 234 21.00 3.16 4.56
C LEU A 234 19.78 3.52 5.40
N GLU A 235 18.60 3.25 4.87
CA GLU A 235 17.36 3.46 5.61
C GLU A 235 17.19 2.34 6.63
N THR A 236 17.16 2.71 7.90
CA THR A 236 17.10 1.75 8.99
C THR A 236 15.66 1.37 9.29
N GLU A 237 15.48 0.14 9.76
CA GLU A 237 14.15 -0.34 10.14
C GLU A 237 13.65 0.44 11.36
N LYS A 238 12.36 0.76 11.34
CA LYS A 238 11.76 1.55 12.42
C LYS A 238 11.43 0.62 13.58
N ALA A 239 12.14 0.78 14.69
CA ALA A 239 11.93 0.00 15.90
C ALA A 239 11.04 0.81 16.85
N GLN A 240 10.00 0.17 17.37
CA GLN A 240 8.99 0.84 18.17
C GLN A 240 9.27 0.66 19.66
N TYR A 241 9.18 1.78 20.39
CA TYR A 241 9.41 1.83 21.81
C TYR A 241 8.11 2.22 22.51
N TYR A 242 7.90 1.65 23.70
CA TYR A 242 6.67 1.84 24.45
C TYR A 242 6.88 2.92 25.52
N LEU A 243 6.08 3.98 25.43
CA LEU A 243 6.17 5.07 26.40
C LEU A 243 5.45 4.68 27.70
N PRO A 244 5.68 5.41 28.79
CA PRO A 244 5.04 5.04 30.07
C PRO A 244 3.52 5.02 30.02
N ASP A 245 2.90 5.95 29.30
CA ASP A 245 1.44 5.99 29.25
C ASP A 245 0.86 4.76 28.55
N GLY A 246 1.65 4.11 27.70
CA GLY A 246 1.21 2.95 26.93
C GLY A 246 1.25 3.15 25.43
N SER A 247 1.38 4.38 24.95
CA SER A 247 1.52 4.61 23.52
C SER A 247 2.89 4.15 23.05
N THR A 248 3.06 4.17 21.73
CA THR A 248 4.28 3.71 21.08
C THR A 248 4.83 4.79 20.17
N ILE A 249 6.16 4.79 20.01
CA ILE A 249 6.85 5.73 19.14
C ILE A 249 7.83 4.97 18.26
N GLU A 250 7.85 5.29 16.98
CA GLU A 250 8.81 4.73 16.03
C GLU A 250 10.06 5.61 16.04
N ILE A 251 11.20 5.04 16.41
CA ILE A 251 12.40 5.81 16.65
C ILE A 251 13.10 6.06 15.32
N GLY A 252 13.53 4.99 14.66
CA GLY A 252 14.10 5.09 13.34
C GLY A 252 15.56 5.54 13.35
N PRO A 253 15.97 6.39 12.40
CA PRO A 253 17.41 6.71 12.30
C PRO A 253 17.98 7.37 13.54
N SER A 254 17.13 8.04 14.33
CA SER A 254 17.57 8.66 15.56
C SER A 254 18.16 7.66 16.55
N ARG A 255 17.92 6.36 16.35
CA ARG A 255 18.59 5.36 17.17
C ARG A 255 20.10 5.48 17.09
N PHE A 256 20.65 5.66 15.88
CA PHE A 256 22.10 5.66 15.69
C PHE A 256 22.67 7.06 15.50
N ARG A 257 21.85 8.03 15.06
CA ARG A 257 22.36 9.39 14.91
C ARG A 257 22.62 10.04 16.26
N ALA A 258 21.86 9.65 17.29
CA ALA A 258 22.00 10.29 18.59
C ALA A 258 23.33 10.02 19.27
N PRO A 259 23.76 8.78 19.50
CA PRO A 259 25.04 8.57 20.18
C PRO A 259 26.25 8.95 19.35
N GLU A 260 26.09 9.18 18.04
CA GLU A 260 27.20 9.61 17.19
C GLU A 260 27.77 10.95 17.63
N LEU A 261 27.04 11.71 18.44
CA LEU A 261 27.57 12.93 19.04
C LEU A 261 28.88 12.66 19.78
N LEU A 262 29.01 11.48 20.40
CA LEU A 262 30.20 11.20 21.19
C LEU A 262 31.46 11.20 20.35
N PHE A 263 31.37 10.67 19.12
CA PHE A 263 32.50 10.61 18.20
C PHE A 263 32.55 11.77 17.22
N ARG A 264 31.58 12.68 17.25
CA ARG A 264 31.57 13.86 16.39
C ARG A 264 30.88 14.99 17.17
N PRO A 265 31.62 15.74 17.99
CA PRO A 265 30.98 16.83 18.74
C PRO A 265 30.40 17.92 17.87
N ASP A 266 30.82 18.02 16.62
CA ASP A 266 30.32 19.06 15.72
C ASP A 266 28.87 18.83 15.30
N LEU A 267 28.27 17.69 15.62
CA LEU A 267 26.85 17.48 15.32
C LEU A 267 25.94 18.35 16.17
N ILE A 268 26.46 19.01 17.21
CA ILE A 268 25.72 20.00 17.98
C ILE A 268 26.49 21.31 18.08
N GLY A 269 27.49 21.52 17.24
CA GLY A 269 28.24 22.77 17.26
C GLY A 269 29.06 23.00 18.51
N GLU A 270 29.74 21.95 18.99
CA GLU A 270 30.66 22.07 20.12
C GLU A 270 32.09 22.02 19.59
N GLU A 271 32.88 23.04 19.93
CA GLU A 271 34.28 23.12 19.52
C GLU A 271 35.12 22.30 20.50
N SER A 272 35.06 20.98 20.32
CA SER A 272 35.80 20.06 21.17
C SER A 272 36.15 18.82 20.35
N GLU A 273 37.01 17.99 20.92
CA GLU A 273 37.45 16.78 20.26
C GLU A 273 36.50 15.62 20.57
N GLY A 274 36.52 14.62 19.71
CA GLY A 274 35.71 13.43 19.94
C GLY A 274 36.25 12.61 21.09
N ILE A 275 35.49 11.57 21.45
CA ILE A 275 35.92 10.71 22.55
C ILE A 275 37.11 9.87 22.14
N HIS A 276 37.13 9.35 20.90
CA HIS A 276 38.29 8.61 20.43
C HIS A 276 39.52 9.51 20.34
N GLU A 277 39.33 10.74 19.86
CA GLU A 277 40.44 11.69 19.84
C GLU A 277 40.90 12.03 21.24
N VAL A 278 39.97 12.14 22.19
CA VAL A 278 40.34 12.41 23.58
C VAL A 278 41.20 11.27 24.13
N LEU A 279 40.80 10.02 23.89
CA LEU A 279 41.57 8.89 24.39
C LEU A 279 42.96 8.84 23.77
N VAL A 280 43.02 9.00 22.44
CA VAL A 280 44.31 8.89 21.76
C VAL A 280 45.23 10.04 22.15
N PHE A 281 44.67 11.24 22.36
CA PHE A 281 45.49 12.36 22.81
C PHE A 281 45.95 12.17 24.25
N ALA A 282 45.12 11.59 25.10
CA ALA A 282 45.55 11.29 26.46
C ALA A 282 46.70 10.30 26.45
N ILE A 283 46.62 9.29 25.60
CA ILE A 283 47.71 8.32 25.52
C ILE A 283 48.97 8.98 24.98
N GLN A 284 48.84 9.76 23.90
CA GLN A 284 50.01 10.35 23.26
C GLN A 284 50.58 11.54 24.01
N LYS A 285 49.90 12.04 25.03
CA LYS A 285 50.45 13.14 25.82
C LYS A 285 51.52 12.67 26.81
N SER A 286 51.70 11.37 26.98
CA SER A 286 52.70 10.81 27.88
C SER A 286 53.94 10.38 27.09
N ASP A 287 55.02 10.17 27.83
CA ASP A 287 56.27 9.70 27.23
C ASP A 287 56.07 8.34 26.58
N MET A 288 56.83 8.10 25.50
CA MET A 288 56.52 6.98 24.61
C MET A 288 56.72 5.62 25.26
N ASP A 289 57.62 5.51 26.24
CA ASP A 289 57.87 4.22 26.86
C ASP A 289 56.63 3.64 27.52
N LEU A 290 55.73 4.48 28.02
CA LEU A 290 54.48 4.03 28.62
C LEU A 290 53.33 3.96 27.62
N ARG A 291 53.50 4.52 26.42
CA ARG A 291 52.39 4.56 25.47
C ARG A 291 51.98 3.16 25.03
N ARG A 292 52.96 2.29 24.76
CA ARG A 292 52.62 0.94 24.31
C ARG A 292 51.90 0.16 25.40
N THR A 293 52.20 0.43 26.67
CA THR A 293 51.47 -0.21 27.76
C THR A 293 50.09 0.40 27.94
N LEU A 294 49.97 1.72 27.77
CA LEU A 294 48.67 2.38 27.92
C LEU A 294 47.70 1.94 26.83
N PHE A 295 48.17 1.79 25.60
CA PHE A 295 47.29 1.33 24.53
C PHE A 295 46.70 -0.03 24.82
N SER A 296 47.45 -0.90 25.49
CA SER A 296 46.94 -2.23 25.82
C SER A 296 45.93 -2.16 26.95
N ASN A 297 46.20 -1.36 27.97
CA ASN A 297 45.38 -1.29 29.19
C ASN A 297 44.43 -0.11 29.08
N ILE A 298 43.36 -0.29 28.32
CA ILE A 298 42.29 0.70 28.19
C ILE A 298 41.07 0.15 28.91
N VAL A 299 40.57 0.90 29.88
CA VAL A 299 39.43 0.50 30.71
C VAL A 299 38.31 1.50 30.48
N LEU A 300 37.17 1.01 29.99
CA LEU A 300 35.99 1.84 29.87
C LEU A 300 35.36 2.02 31.25
N SER A 301 34.68 3.16 31.42
CA SER A 301 34.01 3.44 32.68
C SER A 301 32.88 4.42 32.42
N GLY A 302 31.96 4.50 33.37
CA GLY A 302 30.82 5.38 33.28
C GLY A 302 29.70 4.79 32.45
N GLY A 303 28.51 5.37 32.64
CA GLY A 303 27.32 4.81 32.01
C GLY A 303 27.32 4.92 30.50
N SER A 304 27.77 6.05 29.96
CA SER A 304 27.68 6.31 28.53
C SER A 304 28.51 5.34 27.69
N THR A 305 29.45 4.61 28.30
CA THR A 305 30.20 3.58 27.59
C THR A 305 29.39 2.31 27.35
N LEU A 306 28.16 2.23 27.87
CA LEU A 306 27.34 1.04 27.76
C LEU A 306 26.52 0.98 26.47
N PHE A 307 26.71 1.94 25.56
CA PHE A 307 25.96 1.94 24.30
C PHE A 307 26.23 0.66 23.53
N LYS A 308 25.18 0.14 22.90
CA LYS A 308 25.31 -1.07 22.10
C LYS A 308 26.22 -0.78 20.91
N GLY A 309 27.38 -1.43 20.87
CA GLY A 309 28.35 -1.19 19.82
C GLY A 309 29.35 -0.10 20.11
N PHE A 310 29.41 0.41 21.34
CA PHE A 310 30.39 1.43 21.67
C PHE A 310 31.81 0.89 21.56
N GLY A 311 32.05 -0.33 22.06
CA GLY A 311 33.40 -0.87 22.07
C GLY A 311 33.96 -1.05 20.68
N ASP A 312 33.15 -1.59 19.76
CA ASP A 312 33.63 -1.83 18.41
C ASP A 312 33.97 -0.52 17.70
N ARG A 313 33.10 0.49 17.80
CA ARG A 313 33.38 1.75 17.14
C ARG A 313 34.59 2.45 17.76
N LEU A 314 34.70 2.41 19.08
CA LEU A 314 35.86 3.01 19.73
C LEU A 314 37.15 2.31 19.31
N LEU A 315 37.10 0.98 19.21
CA LEU A 315 38.26 0.24 18.75
C LEU A 315 38.63 0.64 17.32
N SER A 316 37.64 0.74 16.44
CA SER A 316 37.91 1.12 15.06
C SER A 316 38.52 2.52 14.98
N GLU A 317 37.97 3.47 15.74
CA GLU A 317 38.48 4.84 15.67
C GLU A 317 39.88 4.95 16.27
N VAL A 318 40.13 4.29 17.40
CA VAL A 318 41.45 4.34 18.00
C VAL A 318 42.48 3.68 17.09
N LYS A 319 42.11 2.58 16.44
CA LYS A 319 43.01 1.98 15.47
C LYS A 319 43.26 2.91 14.28
N LYS A 320 42.23 3.64 13.85
CA LYS A 320 42.42 4.59 12.77
C LYS A 320 43.37 5.71 13.16
N LEU A 321 43.34 6.12 14.43
CA LEU A 321 44.20 7.22 14.88
C LEU A 321 45.55 6.77 15.40
N ALA A 322 45.61 5.62 16.09
CA ALA A 322 46.82 5.24 16.78
C ALA A 322 47.91 4.83 15.80
N PRO A 323 49.17 4.81 16.23
CA PRO A 323 50.23 4.31 15.35
C PRO A 323 50.00 2.85 14.98
N LYS A 324 50.35 2.51 13.75
CA LYS A 324 50.22 1.14 13.30
C LYS A 324 51.23 0.25 14.03
N ASP A 325 50.95 -1.05 14.02
CA ASP A 325 51.79 -2.03 14.70
C ASP A 325 51.92 -1.72 16.19
N VAL A 326 50.79 -1.38 16.81
CA VAL A 326 50.69 -1.18 18.26
C VAL A 326 49.46 -1.94 18.75
N LYS A 327 49.65 -2.80 19.73
CA LYS A 327 48.54 -3.60 20.25
C LYS A 327 47.58 -2.70 21.02
N ILE A 328 46.29 -2.82 20.70
CA ILE A 328 45.23 -2.06 21.35
C ILE A 328 44.20 -3.05 21.84
N ARG A 329 43.85 -2.97 23.12
CA ARG A 329 42.87 -3.86 23.74
C ARG A 329 41.97 -3.03 24.64
N ILE A 330 40.67 -3.05 24.35
CA ILE A 330 39.66 -2.33 25.12
C ILE A 330 39.04 -3.32 26.10
N SER A 331 39.09 -3.00 27.38
CA SER A 331 38.49 -3.81 28.43
C SER A 331 37.22 -3.12 28.90
N ALA A 332 36.12 -3.88 28.94
CA ALA A 332 34.79 -3.35 29.26
C ALA A 332 34.21 -4.12 30.43
N PRO A 333 34.52 -3.76 31.68
CA PRO A 333 33.96 -4.49 32.82
C PRO A 333 32.45 -4.39 32.87
N GLN A 334 31.83 -5.46 33.38
CA GLN A 334 30.38 -5.50 33.48
C GLN A 334 29.86 -4.47 34.48
N GLU A 335 30.63 -4.18 35.53
CA GLU A 335 30.23 -3.21 36.55
C GLU A 335 30.71 -1.81 36.21
N ARG A 336 30.42 -1.37 34.99
CA ARG A 336 30.93 -0.08 34.53
C ARG A 336 30.28 1.08 35.29
N LEU A 337 28.99 0.98 35.60
CA LEU A 337 28.32 2.05 36.33
C LEU A 337 28.93 2.24 37.71
N TYR A 338 29.15 1.14 38.43
CA TYR A 338 29.57 1.20 39.82
C TYR A 338 31.08 0.99 39.99
N SER A 339 31.85 0.99 38.91
CA SER A 339 33.29 0.78 39.02
C SER A 339 33.96 1.87 39.83
N THR A 340 33.55 3.13 39.64
CA THR A 340 34.15 4.21 40.41
C THR A 340 33.86 4.06 41.90
N TRP A 341 32.63 3.68 42.25
CA TRP A 341 32.33 3.44 43.65
C TRP A 341 33.08 2.23 44.18
N ILE A 342 33.25 1.20 43.36
CA ILE A 342 34.00 0.02 43.80
C ILE A 342 35.44 0.41 44.11
N GLY A 343 36.05 1.23 43.25
CA GLY A 343 37.37 1.74 43.53
C GLY A 343 37.43 2.58 44.79
N GLY A 344 36.40 3.42 45.00
CA GLY A 344 36.36 4.20 46.23
C GLY A 344 36.27 3.33 47.46
N SER A 345 35.47 2.26 47.39
CA SER A 345 35.38 1.31 48.50
C SER A 345 36.71 0.62 48.75
N ILE A 346 37.39 0.22 47.67
CA ILE A 346 38.70 -0.43 47.83
C ILE A 346 39.69 0.54 48.48
N LEU A 347 39.71 1.79 48.03
CA LEU A 347 40.64 2.77 48.61
C LEU A 347 40.30 3.04 50.07
N ALA A 348 39.02 3.13 50.40
CA ALA A 348 38.62 3.39 51.79
C ALA A 348 38.90 2.20 52.70
N SER A 349 38.84 0.98 52.16
CA SER A 349 39.14 -0.21 52.96
C SER A 349 40.57 -0.22 53.47
N LEU A 350 41.50 0.40 52.74
CA LEU A 350 42.89 0.40 53.15
C LEU A 350 43.09 1.27 54.39
N ASP A 351 43.87 0.75 55.34
CA ASP A 351 44.20 1.50 56.55
C ASP A 351 44.96 2.78 56.25
N THR A 352 45.65 2.84 55.10
CA THR A 352 46.31 4.08 54.69
C THR A 352 45.31 5.20 54.46
N PHE A 353 44.05 4.88 54.16
CA PHE A 353 43.02 5.90 54.07
C PHE A 353 42.86 6.64 55.40
N LYS A 354 43.17 5.98 56.52
CA LYS A 354 43.13 6.65 57.81
C LYS A 354 44.08 7.85 57.86
N LYS A 355 45.16 7.80 57.09
CA LYS A 355 46.14 8.88 57.03
C LYS A 355 45.89 9.86 55.87
N MET A 356 44.83 9.66 55.09
CA MET A 356 44.58 10.44 53.89
C MET A 356 43.47 11.47 54.03
N TRP A 357 42.68 11.41 55.10
CA TRP A 357 41.58 12.34 55.32
C TRP A 357 42.04 13.58 56.07
N VAL A 358 41.14 14.55 56.16
CA VAL A 358 41.43 15.87 56.72
C VAL A 358 40.56 16.06 57.97
N SER A 359 41.20 16.40 59.08
CA SER A 359 40.49 16.58 60.34
C SER A 359 39.65 17.86 60.30
N LYS A 360 38.62 17.89 61.16
CA LYS A 360 37.87 19.12 61.35
C LYS A 360 38.77 20.21 61.91
N LYS A 361 39.63 19.87 62.87
CA LYS A 361 40.60 20.83 63.37
C LYS A 361 41.55 21.27 62.26
N GLU A 362 41.97 20.33 61.41
CA GLU A 362 42.85 20.68 60.30
C GLU A 362 42.18 21.64 59.33
N TYR A 363 40.91 21.40 59.01
CA TYR A 363 40.20 22.32 58.12
C TYR A 363 39.97 23.67 58.77
N GLU A 364 39.64 23.70 60.07
CA GLU A 364 39.45 24.96 60.76
C GLU A 364 40.74 25.77 60.80
N GLU A 365 41.87 25.10 61.02
CA GLU A 365 43.15 25.79 61.12
C GLU A 365 43.61 26.32 59.76
N ASP A 366 43.78 25.41 58.80
CA ASP A 366 44.37 25.78 57.51
C ASP A 366 43.30 26.25 56.52
N GLY A 367 42.26 25.44 56.33
CA GLY A 367 41.21 25.74 55.37
C GLY A 367 41.35 24.94 54.09
N ALA A 368 41.12 25.60 52.94
CA ALA A 368 41.25 24.93 51.66
C ALA A 368 42.68 24.51 51.37
N ARG A 369 43.67 25.15 52.01
CA ARG A 369 45.05 24.74 51.81
C ARG A 369 45.27 23.30 52.22
N SER A 370 44.70 22.89 53.36
CA SER A 370 44.87 21.52 53.83
C SER A 370 44.23 20.52 52.88
N ILE A 371 42.96 20.74 52.50
CA ILE A 371 42.28 19.79 51.65
C ILE A 371 42.90 19.73 50.27
N HIS A 372 43.54 20.80 49.80
CA HIS A 372 44.15 20.78 48.48
C HIS A 372 45.58 20.25 48.48
N ARG A 373 46.31 20.39 49.58
CA ARG A 373 47.60 19.72 49.69
C ARG A 373 47.46 18.24 50.01
N LYS A 374 46.36 17.84 50.62
CA LYS A 374 46.11 16.42 50.86
C LYS A 374 45.73 15.70 49.57
N THR A 375 45.04 16.37 48.66
CA THR A 375 44.65 15.79 47.39
C THR A 375 45.83 15.80 46.42
N PHE A 376 45.64 15.11 45.30
CA PHE A 376 46.67 15.01 44.27
C PHE A 376 46.54 16.15 43.26
N ILE B 7 13.70 23.86 -17.91
CA ILE B 7 12.97 25.04 -18.34
C ILE B 7 11.50 24.91 -17.97
N ALA B 8 10.94 25.97 -17.40
CA ALA B 8 9.55 25.96 -16.96
C ALA B 8 9.11 27.41 -16.81
N ASN B 9 7.84 27.61 -16.46
CA ASN B 9 7.28 28.94 -16.31
C ASN B 9 7.86 29.60 -15.06
N GLN B 10 7.41 30.80 -14.75
CA GLN B 10 7.90 31.50 -13.56
C GLN B 10 7.54 30.70 -12.31
N PRO B 11 8.45 30.53 -11.36
CA PRO B 11 8.12 29.71 -10.19
C PRO B 11 7.02 30.32 -9.34
N VAL B 12 6.27 29.44 -8.68
CA VAL B 12 5.13 29.81 -7.85
C VAL B 12 5.57 29.69 -6.39
N VAL B 13 5.49 30.79 -5.65
CA VAL B 13 5.83 30.79 -4.23
C VAL B 13 4.54 30.54 -3.46
N ILE B 14 4.61 29.59 -2.53
CA ILE B 14 3.49 29.19 -1.68
C ILE B 14 4.02 29.14 -0.26
N ASP B 15 3.80 30.20 0.51
CA ASP B 15 4.05 30.18 1.94
C ASP B 15 2.81 29.62 2.62
N ASN B 16 2.86 28.34 2.97
CA ASN B 16 1.74 27.65 3.59
C ASN B 16 1.95 27.69 5.10
N GLY B 17 1.34 28.69 5.74
CA GLY B 17 1.34 28.76 7.18
C GLY B 17 0.27 27.88 7.78
N SER B 18 0.27 27.80 9.11
CA SER B 18 -0.79 27.08 9.80
C SER B 18 -2.10 27.85 9.76
N GLY B 19 -2.02 29.18 9.75
CA GLY B 19 -3.21 30.01 9.80
C GLY B 19 -3.73 30.42 8.44
N VAL B 20 -2.89 31.04 7.62
CA VAL B 20 -3.27 31.54 6.31
C VAL B 20 -2.19 31.17 5.31
N ILE B 21 -2.61 30.69 4.14
CA ILE B 21 -1.70 30.40 3.04
C ILE B 21 -1.58 31.66 2.19
N LYS B 22 -0.37 31.94 1.73
CA LYS B 22 -0.07 33.10 0.90
C LYS B 22 0.66 32.62 -0.34
N ALA B 23 0.05 32.80 -1.50
CA ALA B 23 0.54 32.27 -2.75
C ALA B 23 0.61 33.35 -3.80
N GLY B 24 1.54 33.16 -4.73
CA GLY B 24 1.69 34.08 -5.85
C GLY B 24 2.81 33.60 -6.76
N PHE B 25 3.09 34.41 -7.76
CA PHE B 25 4.18 34.16 -8.69
C PHE B 25 5.40 34.95 -8.29
N ALA B 26 6.57 34.34 -8.48
CA ALA B 26 7.82 34.98 -8.10
C ALA B 26 8.01 36.28 -8.87
N GLY B 27 8.45 37.32 -8.14
CA GLY B 27 8.62 38.64 -8.69
C GLY B 27 7.56 39.64 -8.30
N ASP B 28 6.41 39.18 -7.81
CA ASP B 28 5.39 40.10 -7.33
C ASP B 28 5.85 40.80 -6.07
N GLN B 29 5.42 42.04 -5.91
CA GLN B 29 5.82 42.81 -4.72
C GLN B 29 5.20 42.24 -3.46
N ILE B 30 3.97 41.73 -3.56
CA ILE B 30 3.25 41.17 -2.42
C ILE B 30 2.54 39.90 -2.87
N PRO B 31 2.19 39.01 -1.94
CA PRO B 31 1.38 37.85 -2.33
C PRO B 31 -0.02 38.29 -2.71
N LYS B 32 -0.38 38.09 -3.98
CA LYS B 32 -1.69 38.49 -4.44
C LYS B 32 -2.80 37.52 -4.03
N TYR B 33 -2.45 36.28 -3.66
CA TYR B 33 -3.46 35.26 -3.38
C TYR B 33 -3.27 34.72 -1.97
N CYS B 34 -3.87 35.41 -1.00
CA CYS B 34 -3.81 35.02 0.40
C CYS B 34 -5.20 34.58 0.84
N PHE B 35 -5.28 33.46 1.53
CA PHE B 35 -6.57 33.01 2.05
C PHE B 35 -6.34 32.13 3.27
N PRO B 36 -7.33 32.03 4.17
CA PRO B 36 -7.11 31.25 5.38
C PRO B 36 -6.88 29.78 5.09
N ASN B 37 -6.10 29.14 5.96
CA ASN B 37 -5.71 27.74 5.78
C ASN B 37 -6.64 26.84 6.59
N TYR B 38 -7.88 26.75 6.12
CA TYR B 38 -8.81 25.79 6.68
C TYR B 38 -9.81 25.37 5.60
N VAL B 39 -10.45 24.23 5.85
CA VAL B 39 -11.47 23.67 4.97
C VAL B 39 -12.80 23.72 5.70
N GLY B 40 -13.81 24.30 5.06
CA GLY B 40 -15.15 24.39 5.62
C GLY B 40 -16.06 23.41 4.93
N ARG B 41 -16.79 22.64 5.74
CA ARG B 41 -17.77 21.67 5.24
C ARG B 41 -19.15 22.00 5.81
N PRO B 42 -20.22 22.03 5.01
CA PRO B 42 -21.52 22.39 5.57
C PRO B 42 -22.00 21.34 6.56
N LYS B 43 -22.54 21.81 7.68
CA LYS B 43 -22.99 20.94 8.76
C LYS B 43 -24.52 20.84 8.86
N HIS B 44 -25.26 21.57 8.03
CA HIS B 44 -26.71 21.58 8.05
C HIS B 44 -27.25 20.76 6.89
N VAL B 45 -28.58 20.62 6.88
CA VAL B 45 -29.26 19.71 5.94
C VAL B 45 -29.66 20.49 4.70
N ARG B 46 -29.10 20.09 3.55
CA ARG B 46 -29.52 20.66 2.28
C ARG B 46 -30.89 20.11 1.92
N VAL B 47 -31.87 21.00 1.70
CA VAL B 47 -33.26 20.61 1.52
C VAL B 47 -33.79 20.96 0.13
N MET B 48 -33.39 22.11 -0.42
CA MET B 48 -33.93 22.60 -1.68
C MET B 48 -32.89 22.62 -2.78
N ALA B 49 -33.37 22.48 -4.01
CA ALA B 49 -32.54 22.68 -5.19
C ALA B 49 -32.18 24.14 -5.32
N GLY B 50 -30.93 24.40 -5.73
CA GLY B 50 -30.39 25.74 -5.77
C GLY B 50 -29.58 26.12 -4.57
N ALA B 51 -29.32 25.19 -3.65
CA ALA B 51 -28.47 25.46 -2.50
C ALA B 51 -27.01 25.59 -2.95
N LEU B 52 -26.13 25.86 -2.00
CA LEU B 52 -24.71 25.98 -2.32
C LEU B 52 -24.18 24.64 -2.81
N GLU B 53 -23.34 24.69 -3.84
CA GLU B 53 -22.80 23.50 -4.47
C GLU B 53 -21.45 23.15 -3.86
N GLY B 54 -21.24 21.86 -3.63
CA GLY B 54 -19.96 21.38 -3.13
C GLY B 54 -19.95 21.22 -1.62
N ASP B 55 -19.35 20.14 -1.15
CA ASP B 55 -19.20 19.90 0.28
C ASP B 55 -17.92 20.48 0.86
N ILE B 56 -17.05 21.06 0.03
CA ILE B 56 -15.77 21.62 0.46
C ILE B 56 -15.76 23.09 0.10
N PHE B 57 -15.59 23.95 1.10
CA PHE B 57 -15.55 25.39 0.94
C PHE B 57 -14.20 25.90 1.44
N ILE B 58 -13.40 26.44 0.52
CA ILE B 58 -12.06 26.94 0.83
C ILE B 58 -11.95 28.34 0.25
N GLY B 59 -11.30 29.23 1.00
CA GLY B 59 -11.05 30.57 0.54
C GLY B 59 -12.18 31.52 0.91
N PRO B 60 -12.38 32.60 0.14
CA PRO B 60 -13.44 33.55 0.50
C PRO B 60 -14.84 32.96 0.48
N LYS B 61 -15.06 31.88 -0.27
CA LYS B 61 -16.36 31.21 -0.20
C LYS B 61 -16.62 30.64 1.18
N ALA B 62 -15.57 30.21 1.88
CA ALA B 62 -15.72 29.74 3.25
C ALA B 62 -15.97 30.88 4.22
N GLU B 63 -15.42 32.06 3.97
CA GLU B 63 -15.64 33.21 4.83
C GLU B 63 -17.01 33.83 4.63
N GLU B 64 -17.51 33.84 3.39
CA GLU B 64 -18.83 34.43 3.13
C GLU B 64 -19.93 33.64 3.83
N HIS B 65 -19.84 32.32 3.84
CA HIS B 65 -20.84 31.43 4.43
C HIS B 65 -20.31 30.81 5.72
N ARG B 66 -19.58 31.59 6.51
CA ARG B 66 -18.85 31.03 7.65
C ARG B 66 -19.78 30.42 8.69
N GLY B 67 -20.96 30.97 8.87
CA GLY B 67 -21.89 30.42 9.84
C GLY B 67 -22.49 29.09 9.43
N LEU B 68 -22.36 28.72 8.15
CA LEU B 68 -22.95 27.50 7.63
C LEU B 68 -22.03 26.29 7.76
N LEU B 69 -20.75 26.49 8.06
CA LEU B 69 -19.72 25.47 7.88
C LEU B 69 -19.05 25.10 9.20
N SER B 70 -18.72 23.82 9.31
CA SER B 70 -17.74 23.36 10.28
C SER B 70 -16.35 23.56 9.71
N ILE B 71 -15.47 24.19 10.48
CA ILE B 71 -14.14 24.57 10.04
C ILE B 71 -13.15 23.53 10.56
N ARG B 72 -12.29 23.04 9.67
CA ARG B 72 -11.23 22.11 10.03
C ARG B 72 -9.90 22.67 9.58
N TYR B 73 -8.92 22.68 10.48
CA TYR B 73 -7.58 23.15 10.18
C TYR B 73 -6.70 21.97 9.85
N PRO B 74 -6.09 21.87 8.64
CA PRO B 74 -5.25 20.70 8.36
C PRO B 74 -3.94 20.73 9.11
N MET B 75 -3.35 21.92 9.23
CA MET B 75 -2.08 22.09 9.92
C MET B 75 -2.30 22.38 11.39
N GLU B 76 -1.38 21.90 12.22
CA GLU B 76 -1.37 22.16 13.65
C GLU B 76 0.08 22.24 14.08
N HIS B 77 0.50 23.41 14.56
CA HIS B 77 1.88 23.65 14.97
C HIS B 77 2.84 23.43 13.81
N GLY B 78 2.44 23.89 12.62
CA GLY B 78 3.28 23.79 11.44
C GLY B 78 3.38 22.41 10.84
N ILE B 79 2.57 21.47 11.29
CA ILE B 79 2.62 20.07 10.86
C ILE B 79 1.27 19.71 10.27
N VAL B 80 1.27 19.13 9.08
CA VAL B 80 0.02 18.77 8.43
C VAL B 80 -0.54 17.53 9.11
N LYS B 81 -1.73 17.66 9.69
CA LYS B 81 -2.42 16.56 10.35
C LYS B 81 -3.41 15.84 9.44
N ASP B 82 -3.99 16.56 8.48
CA ASP B 82 -4.92 16.01 7.50
C ASP B 82 -4.36 16.30 6.12
N TRP B 83 -3.91 15.26 5.42
CA TRP B 83 -3.27 15.45 4.13
C TRP B 83 -4.26 15.51 2.98
N ASN B 84 -5.44 14.93 3.12
CA ASN B 84 -6.48 15.12 2.11
C ASN B 84 -6.90 16.59 2.05
N ASP B 85 -7.11 17.21 3.22
CA ASP B 85 -7.45 18.62 3.25
C ASP B 85 -6.32 19.49 2.71
N MET B 86 -5.07 19.11 2.98
CA MET B 86 -3.95 19.86 2.43
C MET B 86 -3.91 19.75 0.92
N GLU B 87 -4.19 18.56 0.38
CA GLU B 87 -4.28 18.41 -1.07
C GLU B 87 -5.40 19.27 -1.64
N ARG B 88 -6.55 19.29 -0.97
CA ARG B 88 -7.66 20.14 -1.42
C ARG B 88 -7.25 21.60 -1.45
N ILE B 89 -6.57 22.06 -0.39
CA ILE B 89 -6.21 23.47 -0.31
C ILE B 89 -5.18 23.83 -1.38
N TRP B 90 -4.15 23.00 -1.57
CA TRP B 90 -3.18 23.28 -2.61
C TRP B 90 -3.79 23.17 -4.00
N GLN B 91 -4.81 22.33 -4.19
CA GLN B 91 -5.56 22.36 -5.43
C GLN B 91 -6.26 23.69 -5.62
N TYR B 92 -6.88 24.19 -4.55
CA TYR B 92 -7.53 25.48 -4.61
C TYR B 92 -6.55 26.61 -4.90
N VAL B 93 -5.29 26.47 -4.49
CA VAL B 93 -4.29 27.49 -4.79
C VAL B 93 -4.10 27.61 -6.30
N TYR B 94 -4.26 26.51 -7.03
CA TYR B 94 -4.10 26.47 -8.48
C TYR B 94 -5.40 26.65 -9.24
N SER B 95 -6.54 26.80 -8.55
CA SER B 95 -7.83 26.80 -9.20
C SER B 95 -8.02 28.07 -10.03
N LYS B 96 -9.19 28.21 -10.65
CA LYS B 96 -9.50 29.39 -11.43
C LYS B 96 -9.67 30.64 -10.56
N ASP B 97 -9.84 30.48 -9.25
CA ASP B 97 -9.96 31.61 -8.34
C ASP B 97 -8.60 32.15 -7.90
N GLN B 98 -7.59 31.28 -7.83
CA GLN B 98 -6.25 31.65 -7.40
C GLN B 98 -5.23 31.09 -8.38
N LEU B 99 -4.43 31.99 -8.97
CA LEU B 99 -3.29 31.68 -9.85
C LEU B 99 -3.66 31.20 -11.25
N GLN B 100 -4.93 30.85 -11.48
CA GLN B 100 -5.51 30.59 -12.80
C GLN B 100 -4.63 29.76 -13.75
N THR B 101 -3.82 28.85 -13.21
CA THR B 101 -2.81 28.14 -13.99
C THR B 101 -2.79 26.66 -13.63
N PHE B 102 -2.22 25.88 -14.54
CA PHE B 102 -2.00 24.46 -14.32
C PHE B 102 -0.72 24.24 -13.52
N SER B 103 -0.75 23.24 -12.64
CA SER B 103 0.37 22.99 -11.75
C SER B 103 1.54 22.28 -12.44
N GLU B 104 1.35 21.77 -13.65
CA GLU B 104 2.40 21.01 -14.35
C GLU B 104 3.41 21.90 -15.05
N GLU B 105 3.37 23.22 -14.85
CA GLU B 105 4.15 24.16 -15.62
C GLU B 105 5.05 25.07 -14.79
N HIS B 106 4.79 25.23 -13.49
CA HIS B 106 5.47 26.20 -12.65
C HIS B 106 6.25 25.49 -11.56
N PRO B 107 7.55 25.75 -11.39
CA PRO B 107 8.24 25.26 -10.19
C PRO B 107 7.66 25.90 -8.93
N VAL B 108 7.74 25.16 -7.84
CA VAL B 108 7.13 25.55 -6.57
C VAL B 108 8.23 25.81 -5.55
N LEU B 109 8.06 26.85 -4.76
CA LEU B 109 8.92 27.16 -3.60
C LEU B 109 8.04 27.08 -2.36
N LEU B 110 7.88 25.88 -1.83
CA LEU B 110 7.15 25.70 -0.58
C LEU B 110 8.01 26.11 0.60
N THR B 111 7.36 26.54 1.67
CA THR B 111 8.02 26.92 2.91
C THR B 111 7.61 25.97 4.02
N GLU B 112 8.53 25.70 4.94
CA GLU B 112 8.29 24.80 6.06
C GLU B 112 8.95 25.36 7.29
N ALA B 113 8.28 25.23 8.44
CA ALA B 113 8.83 25.77 9.67
C ALA B 113 10.02 24.95 10.13
N PRO B 114 10.97 25.53 10.86
CA PRO B 114 12.16 24.79 11.25
C PRO B 114 11.84 23.67 12.24
N LEU B 115 12.71 22.66 12.23
CA LEU B 115 12.60 21.51 13.14
C LEU B 115 11.27 20.78 12.98
N ASN B 116 10.74 20.76 11.76
CA ASN B 116 9.53 19.98 11.49
C ASN B 116 9.87 18.50 11.38
N PRO B 117 8.88 17.62 11.46
CA PRO B 117 9.12 16.21 11.18
C PRO B 117 9.63 16.01 9.76
N ARG B 118 10.53 15.05 9.61
CA ARG B 118 11.03 14.71 8.28
C ARG B 118 9.91 14.18 7.38
N LYS B 119 9.01 13.37 7.95
CA LYS B 119 7.93 12.80 7.17
C LYS B 119 7.02 13.88 6.59
N ASN B 120 6.89 15.01 7.28
CA ASN B 120 6.07 16.10 6.76
C ASN B 120 6.64 16.61 5.44
N ARG B 121 7.94 16.89 5.42
CA ARG B 121 8.57 17.36 4.18
C ARG B 121 8.53 16.28 3.10
N GLU B 122 8.75 15.02 3.48
CA GLU B 122 8.71 13.95 2.49
C GLU B 122 7.33 13.83 1.85
N ARG B 123 6.28 13.83 2.65
CA ARG B 123 4.93 13.72 2.12
C ARG B 123 4.55 14.94 1.32
N ALA B 124 4.98 16.14 1.74
CA ALA B 124 4.71 17.34 0.95
C ALA B 124 5.35 17.24 -0.42
N ALA B 125 6.61 16.81 -0.49
CA ALA B 125 7.27 16.65 -1.79
C ALA B 125 6.60 15.57 -2.62
N GLU B 126 6.18 14.47 -2.00
CA GLU B 126 5.48 13.42 -2.73
C GLU B 126 4.19 13.95 -3.34
N VAL B 127 3.43 14.73 -2.57
CA VAL B 127 2.19 15.30 -3.09
C VAL B 127 2.49 16.25 -4.23
N PHE B 128 3.53 17.08 -4.10
CA PHE B 128 3.78 18.10 -5.10
C PHE B 128 4.36 17.52 -6.38
N PHE B 129 5.04 16.38 -6.30
CA PHE B 129 5.63 15.76 -7.50
C PHE B 129 4.71 14.73 -8.14
N GLU B 130 3.85 14.07 -7.37
CA GLU B 130 2.94 13.07 -7.93
C GLU B 130 1.59 13.67 -8.30
N THR B 131 0.89 14.27 -7.34
CA THR B 131 -0.45 14.79 -7.61
C THR B 131 -0.39 16.00 -8.54
N PHE B 132 0.47 16.96 -8.23
CA PHE B 132 0.51 18.21 -8.97
C PHE B 132 1.51 18.19 -10.12
N ASN B 133 2.43 17.24 -10.15
CA ASN B 133 3.34 17.01 -11.27
C ASN B 133 4.14 18.28 -11.59
N VAL B 134 4.61 18.94 -10.55
CA VAL B 134 5.35 20.19 -10.70
C VAL B 134 6.67 19.90 -11.41
N PRO B 135 7.19 20.79 -12.26
CA PRO B 135 8.52 20.54 -12.84
C PRO B 135 9.63 20.48 -11.82
N ALA B 136 9.53 21.25 -10.74
CA ALA B 136 10.59 21.34 -9.74
C ALA B 136 9.98 21.76 -8.42
N LEU B 137 10.75 21.59 -7.34
CA LEU B 137 10.29 21.94 -6.01
C LEU B 137 11.48 22.35 -5.17
N PHE B 138 11.22 23.18 -4.16
CA PHE B 138 12.25 23.61 -3.23
C PHE B 138 11.59 23.93 -1.89
N ILE B 139 11.74 23.04 -0.93
CA ILE B 139 11.21 23.29 0.41
C ILE B 139 12.20 24.17 1.17
N SER B 140 11.82 25.41 1.41
CA SER B 140 12.65 26.39 2.08
C SER B 140 12.26 26.47 3.56
N MET B 141 12.89 27.41 4.25
CA MET B 141 12.60 27.69 5.65
C MET B 141 12.18 29.14 5.76
N GLN B 142 11.21 29.41 6.64
CA GLN B 142 10.53 30.70 6.65
C GLN B 142 11.44 31.83 7.13
N ALA B 143 12.23 31.58 8.17
CA ALA B 143 12.97 32.65 8.81
C ALA B 143 14.04 33.25 7.91
N VAL B 144 14.80 32.40 7.22
CA VAL B 144 15.85 32.90 6.33
C VAL B 144 15.23 33.69 5.20
N LEU B 145 14.06 33.29 4.72
CA LEU B 145 13.36 34.06 3.71
C LEU B 145 12.93 35.41 4.25
N SER B 146 12.43 35.46 5.48
CA SER B 146 12.05 36.74 6.06
C SER B 146 13.23 37.69 6.15
N LEU B 147 14.38 37.16 6.55
CA LEU B 147 15.58 38.01 6.59
C LEU B 147 16.00 38.47 5.20
N TYR B 148 15.90 37.59 4.20
CA TYR B 148 16.17 38.03 2.83
C TYR B 148 15.22 39.14 2.40
N ALA B 149 13.95 39.04 2.78
CA ALA B 149 12.98 40.08 2.46
C ALA B 149 13.36 41.41 3.11
N THR B 150 13.85 41.36 4.35
CA THR B 150 14.31 42.59 5.01
C THR B 150 15.48 43.20 4.27
N GLY B 151 16.27 42.38 3.57
CA GLY B 151 17.43 42.82 2.83
C GLY B 151 18.75 42.58 3.54
N ARG B 152 18.71 42.35 4.85
CA ARG B 152 19.91 42.02 5.60
C ARG B 152 20.37 40.60 5.30
N THR B 153 21.63 40.33 5.62
CA THR B 153 22.23 39.01 5.47
C THR B 153 22.52 38.32 6.80
N THR B 154 22.71 39.08 7.87
CA THR B 154 22.98 38.55 9.20
C THR B 154 21.97 39.12 10.18
N GLY B 155 21.48 38.28 11.08
CA GLY B 155 20.54 38.75 12.09
C GLY B 155 19.87 37.57 12.77
N VAL B 156 18.80 37.90 13.50
CA VAL B 156 17.95 36.90 14.13
C VAL B 156 16.52 37.19 13.71
N VAL B 157 15.83 36.18 13.19
CA VAL B 157 14.43 36.30 12.80
C VAL B 157 13.60 35.58 13.85
N LEU B 158 12.75 36.34 14.54
CA LEU B 158 11.81 35.82 15.53
C LEU B 158 10.45 35.76 14.87
N ASP B 159 10.20 34.68 14.13
CA ASP B 159 8.95 34.53 13.40
C ASP B 159 7.92 33.89 14.31
N SER B 160 6.83 34.62 14.57
CA SER B 160 5.73 34.09 15.42
C SER B 160 4.45 34.01 14.60
N GLY B 161 4.13 32.82 14.09
CA GLY B 161 2.94 32.66 13.22
C GLY B 161 1.72 32.15 13.97
N ASP B 162 0.73 31.65 13.23
CA ASP B 162 -0.48 31.04 13.85
C ASP B 162 -0.14 29.74 14.58
N GLY B 163 0.71 28.90 14.00
CA GLY B 163 0.94 27.58 14.61
C GLY B 163 2.24 27.43 15.39
N VAL B 164 3.34 28.02 14.91
CA VAL B 164 4.65 27.78 15.57
C VAL B 164 5.45 29.09 15.63
N THR B 165 6.11 29.36 16.77
CA THR B 165 6.99 30.51 16.83
C THR B 165 8.41 30.01 17.02
N HIS B 166 9.37 30.73 16.43
CA HIS B 166 10.74 30.26 16.43
C HIS B 166 11.69 31.43 16.18
N ALA B 167 12.80 31.42 16.91
CA ALA B 167 13.91 32.34 16.69
C ALA B 167 15.01 31.58 15.96
N VAL B 168 15.38 32.08 14.79
CA VAL B 168 16.41 31.49 13.94
C VAL B 168 17.48 32.55 13.72
N PRO B 169 18.72 32.34 14.19
CA PRO B 169 19.81 33.24 13.77
C PRO B 169 20.42 32.81 12.44
N ILE B 170 20.67 33.81 11.60
CA ILE B 170 21.26 33.62 10.28
C ILE B 170 22.54 34.44 10.23
N TYR B 171 23.61 33.82 9.72
CA TYR B 171 24.90 34.47 9.53
C TYR B 171 25.24 34.45 8.04
N GLU B 172 25.26 35.63 7.43
CA GLU B 172 25.60 35.79 6.01
C GLU B 172 24.73 34.90 5.13
N GLY B 173 23.44 34.83 5.47
CA GLY B 173 22.46 34.09 4.69
C GLY B 173 22.29 32.65 5.08
N PHE B 174 23.18 32.08 5.90
CA PHE B 174 23.11 30.70 6.33
C PHE B 174 22.51 30.62 7.71
N ALA B 175 21.42 29.88 7.85
CA ALA B 175 20.77 29.71 9.15
C ALA B 175 21.57 28.74 9.99
N MET B 176 22.03 29.20 11.14
CA MET B 176 22.79 28.33 12.03
C MET B 176 21.84 27.27 12.59
N PRO B 177 22.05 25.98 12.33
CA PRO B 177 21.02 25.00 12.72
C PRO B 177 21.06 24.58 14.17
N HIS B 178 22.19 24.78 14.85
CA HIS B 178 22.33 24.39 16.25
C HIS B 178 21.94 25.50 17.21
N SER B 179 21.47 26.64 16.71
CA SER B 179 20.97 27.73 17.53
C SER B 179 19.49 28.02 17.30
N ILE B 180 18.81 27.24 16.45
CA ILE B 180 17.40 27.46 16.21
C ILE B 180 16.62 27.10 17.47
N MET B 181 15.78 28.02 17.92
CA MET B 181 14.87 27.79 19.04
C MET B 181 13.46 27.82 18.52
N ARG B 182 12.63 26.88 18.95
CA ARG B 182 11.25 26.78 18.49
C ARG B 182 10.36 26.37 19.65
N ILE B 183 9.17 26.97 19.72
CA ILE B 183 8.09 26.50 20.56
C ILE B 183 6.80 26.53 19.77
N ASP B 184 5.87 25.67 20.17
CA ASP B 184 4.61 25.49 19.45
C ASP B 184 3.50 26.41 19.93
N ILE B 185 3.80 27.37 20.81
CA ILE B 185 2.81 28.33 21.28
C ILE B 185 2.82 29.51 20.34
N ALA B 186 1.69 29.77 19.69
CA ALA B 186 1.61 30.76 18.63
C ALA B 186 0.21 31.37 18.65
N GLY B 187 -0.17 32.04 17.56
CA GLY B 187 -1.42 32.76 17.52
C GLY B 187 -2.65 31.92 17.77
N ARG B 188 -2.67 30.68 17.27
CA ARG B 188 -3.82 29.82 17.51
C ARG B 188 -3.93 29.46 18.98
N ASP B 189 -2.80 29.22 19.64
CA ASP B 189 -2.82 28.98 21.07
C ASP B 189 -3.30 30.20 21.83
N VAL B 190 -2.91 31.40 21.38
CA VAL B 190 -3.37 32.62 22.04
C VAL B 190 -4.88 32.77 21.87
N SER B 191 -5.41 32.41 20.69
CA SER B 191 -6.85 32.53 20.48
C SER B 191 -7.61 31.46 21.28
N ARG B 192 -7.04 30.27 21.44
CA ARG B 192 -7.67 29.28 22.30
C ARG B 192 -7.68 29.75 23.75
N PHE B 193 -6.58 30.35 24.21
CA PHE B 193 -6.53 30.91 25.54
C PHE B 193 -7.54 32.03 25.70
N LEU B 194 -7.70 32.85 24.66
CA LEU B 194 -8.70 33.92 24.69
C LEU B 194 -10.11 33.34 24.76
N ARG B 195 -10.37 32.24 24.05
CA ARG B 195 -11.66 31.58 24.16
C ARG B 195 -11.91 31.09 25.58
N LEU B 196 -10.88 30.52 26.21
CA LEU B 196 -11.00 30.08 27.59
C LEU B 196 -11.29 31.24 28.53
N TYR B 197 -10.61 32.36 28.34
CA TYR B 197 -10.86 33.50 29.21
C TYR B 197 -12.23 34.12 28.98
N LEU B 198 -12.68 34.20 27.73
CA LEU B 198 -14.02 34.68 27.46
C LEU B 198 -15.06 33.77 28.08
N ARG B 199 -14.80 32.45 28.08
CA ARG B 199 -15.67 31.54 28.83
C ARG B 199 -15.65 31.87 30.31
N LYS B 200 -14.49 32.19 30.87
CA LYS B 200 -14.40 32.61 32.26
C LYS B 200 -15.02 33.97 32.52
N GLU B 201 -15.35 34.73 31.47
CA GLU B 201 -16.07 36.00 31.60
C GLU B 201 -17.54 35.88 31.23
N GLY B 202 -18.06 34.66 31.05
CA GLY B 202 -19.46 34.43 30.78
C GLY B 202 -19.81 34.28 29.32
N TYR B 203 -18.96 34.76 28.41
CA TYR B 203 -19.22 34.71 26.98
C TYR B 203 -18.62 33.42 26.43
N ASP B 204 -19.48 32.48 26.06
CA ASP B 204 -19.09 31.11 25.73
C ASP B 204 -19.23 30.88 24.23
N PHE B 205 -18.18 30.38 23.61
CA PHE B 205 -18.17 29.99 22.20
C PHE B 205 -17.73 28.53 22.10
N HIS B 206 -18.51 27.72 21.40
CA HIS B 206 -18.18 26.31 21.14
C HIS B 206 -17.82 26.04 19.69
N SER B 207 -18.61 26.57 18.76
CA SER B 207 -18.54 26.13 17.38
C SER B 207 -17.20 26.49 16.74
N SER B 208 -16.79 25.65 15.79
CA SER B 208 -15.59 25.93 15.02
C SER B 208 -15.72 27.20 14.19
N SER B 209 -16.95 27.58 13.82
CA SER B 209 -17.15 28.86 13.14
C SER B 209 -17.02 30.04 14.09
N GLU B 210 -17.39 29.86 15.36
CA GLU B 210 -17.24 30.89 16.37
C GLU B 210 -15.81 31.02 16.88
N PHE B 211 -14.97 30.00 16.66
CA PHE B 211 -13.55 30.17 16.92
C PHE B 211 -12.97 31.24 16.02
N GLU B 212 -13.52 31.41 14.81
CA GLU B 212 -13.10 32.51 13.96
C GLU B 212 -13.54 33.85 14.51
N ILE B 213 -14.69 33.91 15.18
CA ILE B 213 -15.09 35.14 15.87
C ILE B 213 -14.13 35.43 17.01
N VAL B 214 -13.69 34.40 17.73
CA VAL B 214 -12.69 34.59 18.78
C VAL B 214 -11.38 35.09 18.19
N LYS B 215 -10.99 34.53 17.04
CA LYS B 215 -9.79 34.98 16.35
C LYS B 215 -9.91 36.45 15.94
N ALA B 216 -11.08 36.85 15.45
CA ALA B 216 -11.31 38.24 15.12
C ALA B 216 -11.25 39.13 16.35
N ILE B 217 -11.77 38.67 17.49
CA ILE B 217 -11.67 39.44 18.71
C ILE B 217 -10.22 39.63 19.12
N LYS B 218 -9.41 38.57 18.97
CA LYS B 218 -7.98 38.69 19.23
C LYS B 218 -7.35 39.71 18.31
N GLU B 219 -7.62 39.64 17.02
CA GLU B 219 -7.01 40.56 16.08
C GLU B 219 -7.46 42.00 16.28
N ARG B 220 -8.66 42.21 16.82
CA ARG B 220 -9.23 43.55 16.92
C ARG B 220 -8.91 44.20 18.26
N ALA B 221 -9.30 43.57 19.36
CA ALA B 221 -9.18 44.14 20.70
C ALA B 221 -8.35 43.20 21.57
N CYS B 222 -7.04 43.34 21.47
CA CYS B 222 -6.09 42.69 22.37
C CYS B 222 -4.77 43.43 22.24
N TYR B 223 -4.07 43.56 23.36
CA TYR B 223 -2.82 44.29 23.40
C TYR B 223 -1.92 43.66 24.45
N LEU B 224 -0.64 44.00 24.37
CA LEU B 224 0.36 43.56 25.34
C LEU B 224 0.70 44.73 26.25
N SER B 225 0.43 44.58 27.53
CA SER B 225 0.79 45.60 28.51
C SER B 225 2.30 45.55 28.77
N ILE B 226 2.89 46.74 28.92
CA ILE B 226 4.33 46.81 29.17
C ILE B 226 4.66 46.18 30.52
N ASN B 227 3.83 46.39 31.52
CA ASN B 227 4.03 45.84 32.87
C ASN B 227 2.84 44.94 33.19
N PRO B 228 2.95 43.61 33.09
CA PRO B 228 1.76 42.78 33.33
C PRO B 228 1.23 42.88 34.76
N GLN B 229 2.12 42.95 35.75
CA GLN B 229 1.65 42.99 37.13
C GLN B 229 0.99 44.31 37.48
N LYS B 230 1.46 45.41 36.87
CA LYS B 230 0.83 46.70 37.13
C LYS B 230 -0.58 46.75 36.55
N ASP B 231 -0.74 46.33 35.29
CA ASP B 231 -2.06 46.32 34.68
C ASP B 231 -2.97 45.29 35.33
N GLU B 232 -2.38 44.22 35.88
CA GLU B 232 -3.18 43.18 36.52
C GLU B 232 -3.94 43.72 37.73
N THR B 233 -3.25 44.49 38.59
CA THR B 233 -3.86 44.94 39.83
C THR B 233 -4.84 46.09 39.66
N LEU B 234 -4.74 46.85 38.57
CA LEU B 234 -5.58 48.02 38.38
C LEU B 234 -6.98 47.61 37.91
N GLU B 235 -7.92 48.54 38.06
CA GLU B 235 -9.28 48.32 37.59
C GLU B 235 -9.31 48.39 36.06
N THR B 236 -10.02 47.44 35.45
CA THR B 236 -10.05 47.34 34.01
C THR B 236 -11.01 48.35 33.41
N GLU B 237 -10.86 48.58 32.10
CA GLU B 237 -11.70 49.51 31.36
C GLU B 237 -12.92 48.85 30.73
N LYS B 238 -12.85 47.56 30.43
CA LYS B 238 -13.96 46.81 29.85
C LYS B 238 -14.42 47.42 28.53
N ALA B 239 -13.51 47.40 27.55
CA ALA B 239 -13.87 47.81 26.20
C ALA B 239 -14.90 46.84 25.63
N GLN B 240 -15.88 47.38 24.90
CA GLN B 240 -16.96 46.60 24.35
C GLN B 240 -16.70 46.29 22.88
N TYR B 241 -16.96 45.04 22.52
CA TYR B 241 -16.76 44.53 21.16
C TYR B 241 -18.11 44.11 20.59
N TYR B 242 -18.35 44.48 19.33
CA TYR B 242 -19.60 44.19 18.64
C TYR B 242 -19.47 42.91 17.85
N LEU B 243 -20.28 41.91 18.20
CA LEU B 243 -20.22 40.63 17.53
C LEU B 243 -20.88 40.71 16.16
N PRO B 244 -20.64 39.72 15.28
CA PRO B 244 -21.23 39.78 13.93
C PRO B 244 -22.75 39.84 13.93
N ASP B 245 -23.43 39.20 14.89
CA ASP B 245 -24.88 39.21 14.91
C ASP B 245 -25.46 40.53 15.41
N GLY B 246 -24.62 41.43 15.94
CA GLY B 246 -25.05 42.71 16.48
C GLY B 246 -25.01 42.79 17.98
N SER B 247 -24.83 41.68 18.69
CA SER B 247 -24.69 41.72 20.14
C SER B 247 -23.32 42.29 20.52
N THR B 248 -23.22 42.70 21.78
CA THR B 248 -21.99 43.29 22.33
C THR B 248 -21.50 42.46 23.50
N ILE B 249 -20.19 42.49 23.72
CA ILE B 249 -19.56 41.80 24.84
C ILE B 249 -18.51 42.71 25.47
N GLU B 250 -18.45 42.70 26.79
CA GLU B 250 -17.47 43.48 27.54
C GLU B 250 -16.29 42.59 27.89
N ILE B 251 -15.10 42.96 27.40
CA ILE B 251 -13.95 42.08 27.48
C ILE B 251 -13.25 42.25 28.83
N GLY B 252 -12.73 43.44 29.10
CA GLY B 252 -12.06 43.70 30.34
C GLY B 252 -10.72 42.96 30.47
N PRO B 253 -10.50 42.24 31.57
CA PRO B 253 -9.14 41.75 31.85
C PRO B 253 -8.61 40.76 30.83
N SER B 254 -9.48 40.05 30.12
CA SER B 254 -9.05 39.13 29.08
C SER B 254 -8.41 39.83 27.89
N ARG B 255 -8.54 41.15 27.78
CA ARG B 255 -7.99 41.85 26.63
C ARG B 255 -6.47 41.77 26.57
N PHE B 256 -5.79 41.81 27.73
CA PHE B 256 -4.34 41.81 27.78
C PHE B 256 -3.73 40.53 28.32
N ARG B 257 -4.49 39.74 29.08
CA ARG B 257 -3.97 38.46 29.57
C ARG B 257 -3.95 37.37 28.50
N ALA B 258 -4.65 37.57 27.39
CA ALA B 258 -4.66 36.57 26.32
C ALA B 258 -3.35 36.59 25.54
N PRO B 259 -2.87 37.74 25.06
CA PRO B 259 -1.54 37.74 24.41
C PRO B 259 -0.38 37.58 25.37
N GLU B 260 -0.64 37.60 26.68
CA GLU B 260 0.39 37.27 27.66
C GLU B 260 0.90 35.85 27.50
N LEU B 261 0.12 34.96 26.87
CA LEU B 261 0.53 33.58 26.73
C LEU B 261 1.81 33.45 25.91
N LEU B 262 2.08 34.38 25.02
CA LEU B 262 3.30 34.31 24.23
C LEU B 262 4.53 34.42 25.10
N PHE B 263 4.49 35.30 26.11
CA PHE B 263 5.63 35.52 26.99
C PHE B 263 5.61 34.66 28.24
N ARG B 264 4.56 33.88 28.47
CA ARG B 264 4.43 33.05 29.66
C ARG B 264 3.60 31.83 29.31
N PRO B 265 4.20 30.81 28.68
CA PRO B 265 3.44 29.59 28.37
C PRO B 265 2.91 28.86 29.58
N ASP B 266 3.47 29.10 30.77
CA ASP B 266 3.02 28.40 31.97
C ASP B 266 1.58 28.74 32.33
N LEU B 267 1.00 29.78 31.73
CA LEU B 267 -0.41 30.07 31.93
C LEU B 267 -1.31 28.95 31.40
N ILE B 268 -0.81 28.09 30.53
CA ILE B 268 -1.54 26.88 30.10
C ILE B 268 -0.79 25.61 30.50
N GLY B 269 0.05 25.68 31.52
CA GLY B 269 0.67 24.48 32.04
C GLY B 269 1.80 23.92 31.23
N GLU B 270 2.26 24.61 30.19
CA GLU B 270 3.38 24.16 29.38
C GLU B 270 4.69 24.63 30.01
N GLU B 271 5.62 23.70 30.19
CA GLU B 271 6.94 24.00 30.75
C GLU B 271 7.92 24.26 29.61
N SER B 272 7.57 25.26 28.80
CA SER B 272 8.36 25.66 27.64
C SER B 272 8.72 27.13 27.75
N GLU B 273 9.74 27.51 27.00
CA GLU B 273 10.28 28.87 27.07
C GLU B 273 9.28 29.86 26.49
N GLY B 274 9.38 31.11 26.96
CA GLY B 274 8.61 32.19 26.38
C GLY B 274 9.23 32.68 25.09
N ILE B 275 8.49 33.56 24.41
CA ILE B 275 8.96 34.07 23.13
C ILE B 275 10.24 34.91 23.32
N HIS B 276 10.28 35.75 24.36
CA HIS B 276 11.50 36.47 24.68
C HIS B 276 12.62 35.51 25.06
N GLU B 277 12.29 34.46 25.81
CA GLU B 277 13.30 33.45 26.15
C GLU B 277 13.74 32.70 24.91
N VAL B 278 12.82 32.43 23.98
CA VAL B 278 13.19 31.80 22.72
C VAL B 278 14.23 32.64 22.00
N LEU B 279 13.97 33.94 21.87
CA LEU B 279 14.89 34.82 21.15
C LEU B 279 16.24 34.88 21.86
N VAL B 280 16.24 35.09 23.18
CA VAL B 280 17.49 35.28 23.89
C VAL B 280 18.30 34.00 23.93
N PHE B 281 17.63 32.85 24.04
CA PHE B 281 18.36 31.57 24.05
C PHE B 281 18.89 31.24 22.67
N ALA B 282 18.17 31.63 21.60
CA ALA B 282 18.73 31.47 20.27
C ALA B 282 19.96 32.34 20.09
N ILE B 283 19.96 33.56 20.62
CA ILE B 283 21.12 34.43 20.50
C ILE B 283 22.28 33.88 21.32
N GLN B 284 22.02 33.45 22.55
CA GLN B 284 23.07 33.01 23.45
C GLN B 284 23.57 31.61 23.16
N LYS B 285 22.82 30.81 22.39
CA LYS B 285 23.32 29.52 21.94
C LYS B 285 24.28 29.63 20.77
N SER B 286 24.38 30.80 20.14
CA SER B 286 25.23 30.98 18.97
C SER B 286 26.66 31.26 19.41
N ASP B 287 27.52 31.59 18.46
CA ASP B 287 28.90 31.90 18.76
C ASP B 287 29.00 33.16 19.62
N MET B 288 30.03 33.19 20.47
CA MET B 288 30.24 34.36 21.31
C MET B 288 30.60 35.59 20.46
N ASP B 289 31.20 35.37 19.29
CA ASP B 289 31.56 36.50 18.43
C ASP B 289 30.32 37.14 17.80
N LEU B 290 29.30 36.35 17.49
CA LEU B 290 28.13 36.83 16.78
C LEU B 290 27.08 37.45 17.69
N ARG B 291 27.19 37.28 19.01
CA ARG B 291 26.10 37.69 19.89
C ARG B 291 25.82 39.18 19.83
N ARG B 292 26.86 40.00 19.70
CA ARG B 292 26.64 41.44 19.64
C ARG B 292 25.88 41.84 18.37
N THR B 293 26.30 41.31 17.22
CA THR B 293 25.62 41.65 15.97
C THR B 293 24.27 40.97 15.84
N LEU B 294 24.06 39.84 16.52
CA LEU B 294 22.73 39.23 16.54
C LEU B 294 21.79 40.04 17.42
N PHE B 295 22.27 40.56 18.55
CA PHE B 295 21.45 41.43 19.37
C PHE B 295 21.14 42.72 18.63
N SER B 296 22.11 43.24 17.88
CA SER B 296 21.88 44.47 17.13
C SER B 296 21.01 44.26 15.91
N ASN B 297 20.71 43.02 15.51
CA ASN B 297 19.91 42.72 14.32
C ASN B 297 18.87 41.67 14.69
N ILE B 298 17.71 42.13 15.14
CA ILE B 298 16.56 41.26 15.42
C ILE B 298 15.42 41.71 14.51
N VAL B 299 14.82 40.75 13.80
CA VAL B 299 13.79 41.02 12.81
C VAL B 299 12.54 40.25 13.22
N LEU B 300 11.45 40.96 13.44
CA LEU B 300 10.17 40.33 13.76
C LEU B 300 9.48 39.91 12.48
N SER B 301 8.64 38.88 12.59
CA SER B 301 7.93 38.35 11.45
C SER B 301 6.71 37.59 11.94
N GLY B 302 5.81 37.28 11.01
CA GLY B 302 4.61 36.54 11.32
C GLY B 302 3.50 37.43 11.86
N GLY B 303 2.31 36.83 11.94
CA GLY B 303 1.13 37.58 12.33
C GLY B 303 1.04 37.90 13.80
N SER B 304 1.51 36.99 14.67
CA SER B 304 1.40 37.19 16.11
C SER B 304 2.28 38.30 16.64
N THR B 305 3.19 38.84 15.85
CA THR B 305 4.02 39.97 16.25
C THR B 305 3.33 41.30 16.05
N LEU B 306 2.05 41.31 15.65
CA LEU B 306 1.32 42.54 15.37
C LEU B 306 0.48 43.01 16.54
N PHE B 307 0.59 42.37 17.71
CA PHE B 307 -0.14 42.83 18.88
C PHE B 307 0.32 44.23 19.25
N LYS B 308 -0.63 45.04 19.72
CA LYS B 308 -0.30 46.39 20.14
C LYS B 308 0.68 46.34 21.31
N GLY B 309 1.78 47.07 21.18
CA GLY B 309 2.80 47.06 22.22
C GLY B 309 3.67 45.83 22.23
N PHE B 310 3.64 45.01 21.17
CA PHE B 310 4.49 43.83 21.13
C PHE B 310 5.96 44.21 21.12
N GLY B 311 6.34 45.18 20.31
CA GLY B 311 7.75 45.54 20.18
C GLY B 311 8.33 46.05 21.48
N ASP B 312 7.62 46.97 22.15
CA ASP B 312 8.12 47.50 23.41
C ASP B 312 8.23 46.43 24.48
N ARG B 313 7.24 45.54 24.55
CA ARG B 313 7.27 44.47 25.54
C ARG B 313 8.43 43.51 25.28
N LEU B 314 8.62 43.11 24.03
CA LEU B 314 9.73 42.21 23.72
C LEU B 314 11.07 42.88 23.96
N LEU B 315 11.18 44.16 23.63
CA LEU B 315 12.42 44.88 23.90
C LEU B 315 12.71 44.93 25.39
N SER B 316 11.68 45.19 26.21
CA SER B 316 11.88 45.21 27.65
C SER B 316 12.32 43.84 28.17
N GLU B 317 11.67 42.77 27.69
CA GLU B 317 12.04 41.43 28.14
C GLU B 317 13.46 41.07 27.73
N VAL B 318 13.82 41.37 26.48
CA VAL B 318 15.17 41.05 26.00
C VAL B 318 16.21 41.85 26.77
N LYS B 319 15.93 43.12 27.04
CA LYS B 319 16.85 43.93 27.84
C LYS B 319 16.98 43.35 29.25
N LYS B 320 15.89 42.84 29.81
CA LYS B 320 15.98 42.18 31.11
C LYS B 320 16.87 40.95 31.05
N LEU B 321 16.79 40.17 29.97
CA LEU B 321 17.58 38.96 29.84
C LEU B 321 18.94 39.17 29.18
N ALA B 322 19.10 40.21 28.36
CA ALA B 322 20.34 40.38 27.62
C ALA B 322 21.43 40.94 28.53
N PRO B 323 22.70 40.82 28.13
CA PRO B 323 23.76 41.47 28.90
C PRO B 323 23.68 42.98 28.77
N LYS B 324 24.26 43.67 29.75
CA LYS B 324 24.39 45.11 29.66
C LYS B 324 25.40 45.46 28.57
N ASP B 325 25.54 46.77 28.33
CA ASP B 325 26.39 47.36 27.29
C ASP B 325 26.31 46.62 25.95
N VAL B 326 25.11 46.15 25.59
CA VAL B 326 24.84 45.54 24.30
C VAL B 326 23.62 46.24 23.70
N LYS B 327 23.81 46.88 22.56
CA LYS B 327 22.72 47.57 21.89
C LYS B 327 21.73 46.55 21.34
N ILE B 328 20.45 46.77 21.61
CA ILE B 328 19.36 45.90 21.15
C ILE B 328 18.52 46.70 20.18
N ARG B 329 18.28 46.15 18.99
CA ARG B 329 17.49 46.81 17.95
C ARG B 329 16.54 45.78 17.35
N ILE B 330 15.29 45.80 17.81
CA ILE B 330 14.25 44.94 17.27
C ILE B 330 13.60 45.66 16.10
N SER B 331 13.70 45.07 14.91
CA SER B 331 13.13 45.63 13.70
C SER B 331 11.76 45.02 13.46
N ALA B 332 10.77 45.88 13.19
CA ALA B 332 9.38 45.47 13.03
C ALA B 332 8.88 46.06 11.71
N PRO B 333 9.25 45.48 10.58
CA PRO B 333 8.81 46.04 9.29
C PRO B 333 7.32 45.97 9.11
N GLN B 334 6.81 46.86 8.26
CA GLN B 334 5.36 46.93 8.03
C GLN B 334 4.82 45.66 7.40
N GLU B 335 5.56 45.07 6.47
CA GLU B 335 5.14 43.83 5.80
C GLU B 335 5.50 42.59 6.60
N ARG B 336 5.14 42.56 7.89
CA ARG B 336 5.46 41.40 8.71
C ARG B 336 4.70 40.16 8.26
N LEU B 337 3.44 40.33 7.88
CA LEU B 337 2.64 39.18 7.46
C LEU B 337 3.21 38.52 6.22
N TYR B 338 3.66 39.32 5.25
CA TYR B 338 4.13 38.83 3.96
C TYR B 338 5.66 38.91 3.82
N SER B 339 6.39 39.05 4.92
CA SER B 339 7.84 39.13 4.83
C SER B 339 8.43 37.84 4.29
N THR B 340 7.97 36.70 4.81
CA THR B 340 8.52 35.43 4.37
C THR B 340 8.13 35.13 2.92
N TRP B 341 6.92 35.51 2.50
CA TRP B 341 6.56 35.33 1.10
C TRP B 341 7.39 36.23 0.21
N ILE B 342 7.61 37.47 0.64
CA ILE B 342 8.43 38.38 -0.16
C ILE B 342 9.85 37.83 -0.28
N GLY B 343 10.33 37.19 0.77
CA GLY B 343 11.63 36.54 0.69
C GLY B 343 11.65 35.38 -0.28
N GLY B 344 10.60 34.57 -0.26
CA GLY B 344 10.51 33.50 -1.24
C GLY B 344 10.46 34.03 -2.67
N SER B 345 9.76 35.14 -2.87
CA SER B 345 9.72 35.75 -4.20
C SER B 345 11.08 36.28 -4.61
N ILE B 346 11.81 36.89 -3.67
CA ILE B 346 13.14 37.39 -3.98
C ILE B 346 14.08 36.23 -4.32
N LEU B 347 14.02 35.14 -3.55
CA LEU B 347 14.88 34.00 -3.82
C LEU B 347 14.55 33.36 -5.16
N ALA B 348 13.26 33.19 -5.45
CA ALA B 348 12.86 32.52 -6.68
C ALA B 348 13.11 33.35 -7.92
N SER B 349 13.27 34.67 -7.78
CA SER B 349 13.60 35.51 -8.92
C SER B 349 15.04 35.31 -9.39
N LEU B 350 15.94 34.93 -8.50
CA LEU B 350 17.35 34.80 -8.85
C LEU B 350 17.56 33.64 -9.82
N ASP B 351 18.62 33.76 -10.63
CA ASP B 351 18.99 32.66 -11.51
C ASP B 351 19.59 31.51 -10.72
N THR B 352 20.16 31.78 -9.55
CA THR B 352 20.71 30.72 -8.71
C THR B 352 19.63 29.75 -8.23
N PHE B 353 18.38 30.18 -8.18
CA PHE B 353 17.30 29.28 -7.79
C PHE B 353 17.16 28.10 -8.73
N LYS B 354 17.60 28.23 -9.97
CA LYS B 354 17.61 27.09 -10.89
C LYS B 354 18.49 25.97 -10.35
N LYS B 355 19.58 26.32 -9.68
CA LYS B 355 20.50 25.34 -9.11
C LYS B 355 20.05 24.81 -7.77
N MET B 356 18.95 25.33 -7.22
CA MET B 356 18.50 24.97 -5.88
C MET B 356 17.39 23.95 -5.86
N TRP B 357 16.48 23.98 -6.82
CA TRP B 357 15.32 23.11 -6.74
C TRP B 357 15.69 21.65 -7.00
N VAL B 358 14.86 20.75 -6.48
CA VAL B 358 14.92 19.34 -6.84
C VAL B 358 14.09 19.15 -8.11
N SER B 359 14.76 18.80 -9.20
CA SER B 359 14.06 18.60 -10.45
C SER B 359 13.12 17.39 -10.35
N LYS B 360 12.18 17.31 -11.28
CA LYS B 360 11.25 16.19 -11.28
C LYS B 360 11.97 14.86 -11.51
N LYS B 361 12.92 14.85 -12.45
CA LYS B 361 13.67 13.63 -12.71
C LYS B 361 14.51 13.22 -11.51
N GLU B 362 15.07 14.20 -10.79
CA GLU B 362 15.85 13.89 -9.61
C GLU B 362 14.99 13.21 -8.54
N TYR B 363 13.77 13.72 -8.34
CA TYR B 363 12.86 13.05 -7.40
C TYR B 363 12.46 11.68 -7.92
N GLU B 364 12.25 11.55 -9.23
CA GLU B 364 11.86 10.26 -9.79
C GLU B 364 12.94 9.20 -9.58
N GLU B 365 14.21 9.57 -9.71
CA GLU B 365 15.30 8.61 -9.58
C GLU B 365 15.77 8.41 -8.15
N ASP B 366 15.66 9.44 -7.29
CA ASP B 366 16.11 9.35 -5.91
C ASP B 366 14.97 9.25 -4.91
N GLY B 367 14.02 10.18 -4.97
CA GLY B 367 12.91 10.20 -4.03
C GLY B 367 13.15 11.18 -2.89
N ALA B 368 12.86 10.75 -1.66
CA ALA B 368 13.00 11.63 -0.50
C ALA B 368 14.44 12.06 -0.28
N ARG B 369 15.41 11.28 -0.72
CA ARG B 369 16.80 11.67 -0.50
C ARG B 369 17.15 12.94 -1.29
N SER B 370 16.55 13.14 -2.46
CA SER B 370 16.86 14.34 -3.24
C SER B 370 16.51 15.60 -2.47
N ILE B 371 15.29 15.66 -1.92
CA ILE B 371 14.93 16.81 -1.08
C ILE B 371 15.75 16.84 0.20
N HIS B 372 16.13 15.68 0.73
CA HIS B 372 16.89 15.69 1.98
C HIS B 372 18.28 16.31 1.81
N ARG B 373 19.00 16.00 0.73
CA ARG B 373 20.27 16.68 0.50
C ARG B 373 20.09 18.11 0.01
N LYS B 374 19.13 18.36 -0.89
CA LYS B 374 19.03 19.70 -1.47
C LYS B 374 18.54 20.76 -0.50
N THR B 375 17.62 20.41 0.40
CA THR B 375 17.15 21.40 1.37
C THR B 375 18.24 21.84 2.32
N PHE B 376 19.01 20.90 2.86
CA PHE B 376 20.13 21.20 3.75
C PHE B 376 21.43 21.25 2.95
N GLU C 2 -11.56 34.80 71.29
CA GLU C 2 -10.74 34.26 70.20
C GLU C 2 -10.97 32.76 70.03
N SER C 3 -11.29 32.07 71.13
CA SER C 3 -11.50 30.63 71.14
C SER C 3 -12.96 30.26 70.92
N TYR C 4 -13.86 30.77 71.77
CA TYR C 4 -15.28 30.47 71.66
C TYR C 4 -15.99 31.49 70.77
N ASP C 5 -15.45 31.65 69.57
CA ASP C 5 -16.02 32.57 68.59
C ASP C 5 -17.19 31.90 67.86
N VAL C 6 -17.93 32.70 67.09
CA VAL C 6 -18.92 32.16 66.18
C VAL C 6 -18.31 31.35 65.05
N ILE C 7 -16.99 31.48 64.84
CA ILE C 7 -16.30 30.68 63.84
C ILE C 7 -16.40 29.19 64.17
N ALA C 8 -16.38 28.83 65.45
CA ALA C 8 -16.27 27.45 65.87
C ALA C 8 -17.56 26.65 65.69
N ASN C 9 -18.65 27.28 65.26
CA ASN C 9 -19.92 26.59 65.12
C ASN C 9 -19.82 25.48 64.08
N GLN C 10 -20.78 24.57 64.13
CA GLN C 10 -20.84 23.49 63.15
C GLN C 10 -21.15 24.08 61.79
N PRO C 11 -20.29 23.94 60.77
CA PRO C 11 -20.56 24.61 59.50
C PRO C 11 -21.67 23.92 58.72
N VAL C 12 -22.32 24.71 57.87
CA VAL C 12 -23.42 24.23 57.04
C VAL C 12 -22.88 23.98 55.64
N VAL C 13 -23.13 22.78 55.12
CA VAL C 13 -22.62 22.35 53.82
C VAL C 13 -23.77 22.39 52.83
N ILE C 14 -23.62 23.20 51.78
CA ILE C 14 -24.60 23.36 50.72
C ILE C 14 -23.93 22.94 49.43
N ASP C 15 -24.52 21.97 48.74
CA ASP C 15 -24.12 21.56 47.40
C ASP C 15 -25.26 21.95 46.48
N ASN C 16 -25.15 23.13 45.87
CA ASN C 16 -26.19 23.64 44.99
C ASN C 16 -25.92 23.17 43.58
N GLY C 17 -26.73 22.21 43.12
CA GLY C 17 -26.66 21.69 41.76
C GLY C 17 -27.74 22.32 40.91
N SER C 18 -27.53 22.29 39.59
CA SER C 18 -28.52 22.85 38.68
C SER C 18 -29.86 22.14 38.76
N GLY C 19 -29.88 20.87 39.14
CA GLY C 19 -31.11 20.11 39.22
C GLY C 19 -31.62 19.93 40.63
N VAL C 20 -30.71 19.61 41.56
CA VAL C 20 -31.05 19.33 42.95
C VAL C 20 -30.04 20.05 43.83
N ILE C 21 -30.52 20.63 44.92
CA ILE C 21 -29.68 21.28 45.92
C ILE C 21 -29.75 20.45 47.19
N LYS C 22 -28.57 20.11 47.72
CA LYS C 22 -28.43 19.23 48.88
C LYS C 22 -27.75 20.01 50.00
N ALA C 23 -28.51 20.31 51.05
CA ALA C 23 -28.03 21.07 52.19
C ALA C 23 -28.07 20.21 53.43
N GLY C 24 -27.13 20.48 54.33
CA GLY C 24 -27.13 19.82 55.63
C GLY C 24 -26.04 20.42 56.49
N PHE C 25 -25.77 19.74 57.59
CA PHE C 25 -24.75 20.16 58.54
C PHE C 25 -23.53 19.24 58.43
N ALA C 26 -22.36 19.83 58.56
CA ALA C 26 -21.12 19.06 58.49
C ALA C 26 -21.06 18.05 59.63
N GLY C 27 -20.53 16.87 59.33
CA GLY C 27 -20.48 15.77 60.25
C GLY C 27 -21.58 14.74 60.07
N ASP C 28 -22.64 15.08 59.33
CA ASP C 28 -23.70 14.13 59.06
C ASP C 28 -23.30 13.19 57.94
N GLN C 29 -23.81 11.97 58.01
CA GLN C 29 -23.44 10.95 57.03
C GLN C 29 -24.08 11.17 55.67
N ILE C 30 -25.24 11.84 55.63
CA ILE C 30 -25.95 12.10 54.37
C ILE C 30 -26.52 13.51 54.39
N PRO C 31 -26.77 14.14 53.24
CA PRO C 31 -27.46 15.43 53.25
C PRO C 31 -28.90 15.27 53.68
N LYS C 32 -29.24 15.75 54.87
CA LYS C 32 -30.59 15.54 55.39
C LYS C 32 -31.63 16.36 54.65
N TYR C 33 -31.23 17.41 53.91
CA TYR C 33 -32.18 18.36 53.33
C TYR C 33 -31.89 18.55 51.85
N CYS C 34 -32.46 17.67 51.02
CA CYS C 34 -32.29 17.72 49.57
C CYS C 34 -33.61 18.08 48.93
N PHE C 35 -33.57 18.95 47.93
CA PHE C 35 -34.79 19.30 47.23
C PHE C 35 -34.42 19.85 45.85
N PRO C 36 -35.36 19.82 44.90
CA PRO C 36 -35.04 20.34 43.57
C PRO C 36 -34.69 21.82 43.59
N ASN C 37 -33.76 22.20 42.73
CA ASN C 37 -33.28 23.58 42.63
C ASN C 37 -34.10 24.36 41.62
N TYR C 38 -35.37 24.59 41.94
CA TYR C 38 -36.23 25.46 41.16
C TYR C 38 -37.18 26.20 42.08
N VAL C 39 -37.77 27.27 41.55
CA VAL C 39 -38.75 28.09 42.24
C VAL C 39 -40.07 27.98 41.49
N GLY C 40 -41.13 27.61 42.20
CA GLY C 40 -42.46 27.54 41.64
C GLY C 40 -43.26 28.76 42.03
N ARG C 41 -44.02 29.29 41.06
CA ARG C 41 -44.91 30.42 41.28
C ARG C 41 -46.34 30.04 40.89
N PRO C 42 -47.38 30.46 41.68
CA PRO C 42 -48.74 30.06 41.32
C PRO C 42 -49.17 30.56 39.95
N LYS C 43 -49.47 29.60 39.06
CA LYS C 43 -49.88 29.93 37.70
C LYS C 43 -51.34 30.38 37.64
N HIS C 44 -52.18 29.85 38.51
CA HIS C 44 -53.62 30.06 38.45
C HIS C 44 -54.02 31.26 39.31
N VAL C 45 -55.32 31.43 39.50
CA VAL C 45 -55.89 32.59 40.21
C VAL C 45 -56.31 32.14 41.60
N ARG C 46 -55.80 32.81 42.63
CA ARG C 46 -56.19 32.53 44.00
C ARG C 46 -57.56 33.13 44.26
N VAL C 47 -58.51 32.29 44.65
CA VAL C 47 -59.90 32.71 44.84
C VAL C 47 -60.41 32.46 46.25
N MET C 48 -59.80 31.55 47.00
CA MET C 48 -60.30 31.14 48.31
C MET C 48 -59.37 31.63 49.40
N ALA C 49 -59.95 32.25 50.42
CA ALA C 49 -59.22 32.45 51.67
C ALA C 49 -58.97 31.10 52.31
N GLY C 50 -57.77 30.91 52.83
CA GLY C 50 -57.34 29.60 53.27
C GLY C 50 -56.66 28.76 52.20
N ALA C 51 -56.20 29.39 51.12
CA ALA C 51 -55.48 28.70 50.07
C ALA C 51 -54.04 28.49 50.53
N LEU C 52 -53.17 28.03 49.62
CA LEU C 52 -51.76 27.91 49.95
C LEU C 52 -51.15 29.31 50.06
N GLU C 53 -50.74 29.67 51.27
CA GLU C 53 -50.21 31.00 51.51
C GLU C 53 -48.92 31.22 50.75
N GLY C 54 -48.72 32.46 50.31
CA GLY C 54 -47.51 32.84 49.61
C GLY C 54 -47.64 32.69 48.09
N ASP C 55 -46.66 33.26 47.40
CA ASP C 55 -46.59 33.21 45.94
C ASP C 55 -45.25 32.68 45.45
N ILE C 56 -44.41 32.18 46.34
CA ILE C 56 -43.15 31.51 45.99
C ILE C 56 -43.14 30.16 46.67
N PHE C 57 -42.97 29.10 45.89
CA PHE C 57 -43.02 27.73 46.38
C PHE C 57 -41.68 27.06 46.08
N ILE C 58 -40.99 26.63 47.12
CA ILE C 58 -39.69 25.96 47.02
C ILE C 58 -39.72 24.73 47.91
N GLY C 59 -39.09 23.66 47.45
CA GLY C 59 -38.91 22.49 48.26
C GLY C 59 -39.99 21.45 48.03
N PRO C 60 -40.33 20.64 49.05
CA PRO C 60 -41.39 19.63 48.84
C PRO C 60 -42.74 20.22 48.53
N LYS C 61 -43.02 21.45 49.00
CA LYS C 61 -44.29 22.09 48.67
C LYS C 61 -44.42 22.29 47.17
N ALA C 62 -43.35 22.73 46.52
CA ALA C 62 -43.38 22.87 45.07
C ALA C 62 -43.54 21.54 44.36
N GLU C 63 -43.11 20.44 44.98
CA GLU C 63 -43.17 19.14 44.34
C GLU C 63 -44.57 18.53 44.45
N GLU C 64 -45.16 18.56 45.64
CA GLU C 64 -46.47 17.96 45.81
C GLU C 64 -47.57 18.76 45.12
N HIS C 65 -47.42 20.07 45.05
CA HIS C 65 -48.34 20.96 44.35
C HIS C 65 -47.77 21.40 43.01
N ARG C 66 -47.08 20.47 42.34
CA ARG C 66 -46.34 20.81 41.13
C ARG C 66 -47.27 21.29 40.01
N GLY C 67 -48.42 20.65 39.84
CA GLY C 67 -49.33 21.05 38.79
C GLY C 67 -49.90 22.44 38.95
N LEU C 68 -49.83 23.00 40.15
CA LEU C 68 -50.40 24.30 40.45
C LEU C 68 -49.45 25.46 40.15
N LEU C 69 -48.27 25.19 39.60
CA LEU C 69 -47.18 26.15 39.57
C LEU C 69 -46.52 26.21 38.20
N SER C 70 -45.94 27.37 37.91
CA SER C 70 -44.97 27.52 36.84
C SER C 70 -43.58 27.47 37.46
N ILE C 71 -42.70 26.64 36.87
CA ILE C 71 -41.39 26.34 37.43
C ILE C 71 -40.36 27.20 36.74
N ARG C 72 -39.40 27.72 37.52
CA ARG C 72 -38.29 28.51 36.99
C ARG C 72 -37.00 28.02 37.64
N TYR C 73 -36.02 27.65 36.83
CA TYR C 73 -34.74 27.16 37.33
C TYR C 73 -33.76 28.33 37.47
N PRO C 74 -33.32 28.70 38.67
CA PRO C 74 -32.44 29.88 38.77
C PRO C 74 -31.10 29.72 38.09
N MET C 75 -30.52 28.51 38.06
CA MET C 75 -29.20 28.28 37.50
C MET C 75 -29.28 27.27 36.37
N GLU C 76 -28.63 27.59 35.26
CA GLU C 76 -28.59 26.74 34.08
C GLU C 76 -27.13 26.49 33.70
N HIS C 77 -26.79 25.23 33.48
CA HIS C 77 -25.42 24.83 33.16
C HIS C 77 -24.45 25.27 34.25
N GLY C 78 -24.89 25.17 35.50
CA GLY C 78 -24.05 25.48 36.64
C GLY C 78 -23.83 26.97 36.87
N ILE C 79 -24.53 27.84 36.16
CA ILE C 79 -24.35 29.28 36.25
C ILE C 79 -25.68 29.89 36.67
N VAL C 80 -25.64 30.71 37.72
CA VAL C 80 -26.87 31.31 38.24
C VAL C 80 -27.35 32.39 37.28
N LYS C 81 -28.57 32.25 36.79
CA LYS C 81 -29.18 33.19 35.86
C LYS C 81 -30.15 34.15 36.54
N ASP C 82 -30.96 33.64 37.47
CA ASP C 82 -31.90 34.45 38.26
C ASP C 82 -31.35 34.50 39.68
N TRP C 83 -30.70 35.61 40.03
CA TRP C 83 -30.05 35.71 41.33
C TRP C 83 -31.04 35.92 42.45
N ASN C 84 -32.18 36.56 42.17
CA ASN C 84 -33.21 36.69 43.20
C ASN C 84 -33.76 35.32 43.59
N ASP C 85 -34.00 34.45 42.61
CA ASP C 85 -34.50 33.12 42.91
C ASP C 85 -33.46 32.28 43.64
N MET C 86 -32.18 32.42 43.26
CA MET C 86 -31.13 31.70 43.96
C MET C 86 -31.03 32.17 45.41
N GLU C 87 -31.12 33.48 45.63
CA GLU C 87 -31.15 34.01 46.99
C GLU C 87 -32.34 33.46 47.76
N ARG C 88 -33.51 33.39 47.11
CA ARG C 88 -34.69 32.85 47.76
C ARG C 88 -34.50 31.40 48.16
N ILE C 89 -33.88 30.60 47.28
CA ILE C 89 -33.62 29.20 47.61
C ILE C 89 -32.66 29.10 48.78
N TRP C 90 -31.62 29.93 48.79
CA TRP C 90 -30.67 29.87 49.91
C TRP C 90 -31.32 30.32 51.21
N GLN C 91 -32.24 31.29 51.18
CA GLN C 91 -33.01 31.60 52.37
C GLN C 91 -33.86 30.43 52.79
N TYR C 92 -34.49 29.74 51.83
CA TYR C 92 -35.30 28.57 52.17
C TYR C 92 -34.46 27.47 52.81
N VAL C 93 -33.18 27.37 52.44
CA VAL C 93 -32.33 26.35 53.03
C VAL C 93 -32.16 26.59 54.52
N TYR C 94 -32.19 27.86 54.95
CA TYR C 94 -32.08 28.22 56.35
C TYR C 94 -33.43 28.31 57.07
N SER C 95 -34.53 28.13 56.35
CA SER C 95 -35.85 28.40 56.89
C SER C 95 -36.22 27.36 57.95
N LYS C 96 -37.41 27.49 58.52
CA LYS C 96 -37.88 26.53 59.51
C LYS C 96 -38.09 25.13 58.92
N ASP C 97 -38.25 25.02 57.61
CA ASP C 97 -38.38 23.71 56.97
C ASP C 97 -37.05 23.02 56.77
N GLN C 98 -35.95 23.77 56.72
CA GLN C 98 -34.62 23.21 56.50
C GLN C 98 -33.62 23.84 57.46
N LEU C 99 -33.05 23.01 58.35
CA LEU C 99 -31.94 23.37 59.24
C LEU C 99 -32.33 24.26 60.42
N GLN C 100 -33.51 24.87 60.40
CA GLN C 100 -34.08 25.61 61.54
C GLN C 100 -33.08 26.57 62.21
N THR C 101 -32.13 27.10 61.45
CA THR C 101 -30.96 27.78 62.00
C THR C 101 -30.87 29.20 61.46
N PHE C 102 -29.88 29.93 61.96
CA PHE C 102 -29.58 31.29 61.54
C PHE C 102 -28.31 31.29 60.70
N SER C 103 -28.35 32.01 59.58
CA SER C 103 -27.19 32.04 58.69
C SER C 103 -25.99 32.73 59.30
N GLU C 104 -26.19 33.54 60.34
CA GLU C 104 -25.09 34.30 60.94
C GLU C 104 -24.25 33.49 61.92
N GLU C 105 -24.64 32.25 62.21
CA GLU C 105 -23.98 31.46 63.25
C GLU C 105 -22.98 30.44 62.70
N HIS C 106 -23.24 29.86 61.52
CA HIS C 106 -22.46 28.74 61.00
C HIS C 106 -21.61 29.17 59.81
N PRO C 107 -20.36 28.70 59.69
CA PRO C 107 -19.64 28.88 58.42
C PRO C 107 -20.26 28.02 57.32
N VAL C 108 -20.06 28.47 56.08
CA VAL C 108 -20.71 27.87 54.91
C VAL C 108 -19.65 27.24 54.03
N LEU C 109 -19.95 26.04 53.53
CA LEU C 109 -19.22 25.43 52.42
C LEU C 109 -20.15 25.37 51.22
N LEU C 110 -19.75 26.01 50.13
CA LEU C 110 -20.50 26.03 48.89
C LEU C 110 -19.71 25.31 47.80
N THR C 111 -20.42 24.59 46.94
CA THR C 111 -19.82 23.88 45.82
C THR C 111 -20.16 24.60 44.53
N GLU C 112 -19.24 24.53 43.58
CA GLU C 112 -19.39 25.22 42.31
C GLU C 112 -18.73 24.41 41.22
N ALA C 113 -19.33 24.39 40.05
CA ALA C 113 -18.76 23.65 38.94
C ALA C 113 -17.47 24.33 38.49
N PRO C 114 -16.52 23.57 37.94
CA PRO C 114 -15.25 24.18 37.53
C PRO C 114 -15.42 25.02 36.28
N LEU C 115 -14.48 25.96 36.10
CA LEU C 115 -14.45 26.84 34.94
C LEU C 115 -15.73 27.67 34.82
N ASN C 116 -16.38 27.97 35.94
CA ASN C 116 -17.51 28.87 35.92
C ASN C 116 -17.03 30.30 35.71
N PRO C 117 -17.92 31.22 35.32
CA PRO C 117 -17.52 32.63 35.26
C PRO C 117 -17.11 33.14 36.63
N ARG C 118 -16.14 34.06 36.62
CA ARG C 118 -15.68 34.64 37.87
C ARG C 118 -16.78 35.45 38.56
N LYS C 119 -17.61 36.13 37.76
CA LYS C 119 -18.68 36.93 38.33
C LYS C 119 -19.68 36.06 39.10
N ASN C 120 -19.85 34.80 38.69
CA ASN C 120 -20.72 33.90 39.43
C ASN C 120 -20.22 33.71 40.85
N ARG C 121 -18.92 33.41 41.00
CA ARG C 121 -18.34 33.23 42.33
C ARG C 121 -18.38 34.52 43.12
N GLU C 122 -18.10 35.65 42.45
CA GLU C 122 -18.12 36.94 43.14
C GLU C 122 -19.51 37.24 43.69
N ARG C 123 -20.55 37.01 42.88
CA ARG C 123 -21.91 37.30 43.33
C ARG C 123 -22.37 36.31 44.38
N ALA C 124 -21.93 35.05 44.29
CA ALA C 124 -22.26 34.09 45.35
C ALA C 124 -21.66 34.53 46.67
N ALA C 125 -20.40 34.97 46.66
CA ALA C 125 -19.78 35.47 47.89
C ALA C 125 -20.48 36.72 48.39
N GLU C 126 -20.86 37.63 47.48
CA GLU C 126 -21.58 38.83 47.88
C GLU C 126 -22.89 38.49 48.55
N VAL C 127 -23.65 37.55 47.99
CA VAL C 127 -24.92 37.15 48.57
C VAL C 127 -24.70 36.50 49.93
N PHE C 128 -23.71 35.62 50.02
CA PHE C 128 -23.51 34.87 51.26
C PHE C 128 -22.78 35.66 52.34
N PHE C 129 -22.29 36.87 52.04
CA PHE C 129 -21.72 37.74 53.06
C PHE C 129 -22.56 38.96 53.37
N GLU C 130 -23.40 39.43 52.44
CA GLU C 130 -24.22 40.62 52.63
C GLU C 130 -25.65 40.28 53.05
N THR C 131 -26.38 39.54 52.23
CA THR C 131 -27.72 39.14 52.60
C THR C 131 -27.69 38.17 53.78
N PHE C 132 -26.87 37.13 53.67
CA PHE C 132 -26.55 36.24 54.78
C PHE C 132 -25.24 36.73 55.39
N ASN C 133 -25.26 37.03 56.69
CA ASN C 133 -24.10 37.58 57.36
C ASN C 133 -23.31 36.44 58.00
N VAL C 134 -22.84 35.53 57.14
CA VAL C 134 -22.17 34.31 57.59
C VAL C 134 -20.79 34.67 58.12
N PRO C 135 -20.21 33.91 59.05
CA PRO C 135 -18.86 34.25 59.53
C PRO C 135 -17.78 33.98 58.50
N ALA C 136 -17.91 32.91 57.73
CA ALA C 136 -16.87 32.55 56.77
C ALA C 136 -17.46 31.66 55.70
N LEU C 137 -16.89 31.75 54.49
CA LEU C 137 -17.38 31.02 53.33
C LEU C 137 -16.20 30.42 52.58
N PHE C 138 -16.31 29.13 52.26
CA PHE C 138 -15.40 28.46 51.36
C PHE C 138 -16.18 27.94 50.17
N ILE C 139 -15.72 28.29 48.96
CA ILE C 139 -16.34 27.85 47.72
C ILE C 139 -15.44 26.78 47.13
N SER C 140 -15.92 25.54 47.14
CA SER C 140 -15.11 24.38 46.78
C SER C 140 -15.46 23.90 45.38
N MET C 141 -14.53 23.14 44.80
CA MET C 141 -14.82 22.38 43.59
C MET C 141 -15.59 21.12 43.98
N GLN C 142 -16.25 20.51 43.01
CA GLN C 142 -17.05 19.31 43.29
C GLN C 142 -16.21 18.04 43.22
N ALA C 143 -15.23 17.98 42.33
CA ALA C 143 -14.42 16.78 42.18
C ALA C 143 -13.58 16.50 43.42
N VAL C 144 -13.03 17.56 44.03
CA VAL C 144 -12.24 17.37 45.24
C VAL C 144 -13.09 16.76 46.33
N LEU C 145 -14.34 17.22 46.46
CA LEU C 145 -15.25 16.63 47.43
C LEU C 145 -15.59 15.20 47.07
N SER C 146 -15.77 14.88 45.79
CA SER C 146 -16.05 13.49 45.43
C SER C 146 -14.91 12.58 45.86
N LEU C 147 -13.67 13.04 45.67
CA LEU C 147 -12.52 12.25 46.11
C LEU C 147 -12.43 12.19 47.63
N TYR C 148 -12.79 13.28 48.33
CA TYR C 148 -12.85 13.23 49.78
C TYR C 148 -13.83 12.16 50.26
N ALA C 149 -15.02 12.14 49.66
CA ALA C 149 -16.06 11.20 50.07
C ALA C 149 -15.64 9.77 49.80
N THR C 150 -15.07 9.52 48.62
CA THR C 150 -14.68 8.15 48.28
C THR C 150 -13.51 7.67 49.14
N GLY C 151 -12.82 8.56 49.84
CA GLY C 151 -11.67 8.19 50.64
C GLY C 151 -10.36 8.18 49.89
N ARG C 152 -10.40 8.33 48.58
CA ARG C 152 -9.19 8.34 47.77
C ARG C 152 -8.51 9.71 47.85
N THR C 153 -7.39 9.82 47.15
CA THR C 153 -6.71 11.09 46.93
C THR C 153 -6.31 11.30 45.47
N THR C 154 -6.31 10.26 44.65
CA THR C 154 -6.04 10.33 43.22
C THR C 154 -7.27 9.85 42.47
N GLY C 155 -7.55 10.47 41.32
CA GLY C 155 -8.62 10.01 40.47
C GLY C 155 -9.02 11.09 39.49
N VAL C 156 -9.67 10.64 38.42
CA VAL C 156 -10.29 11.53 37.44
C VAL C 156 -11.78 11.50 37.72
N VAL C 157 -12.28 12.54 38.40
CA VAL C 157 -13.69 12.60 38.74
C VAL C 157 -14.46 13.05 37.50
N LEU C 158 -15.35 12.18 37.02
CA LEU C 158 -16.23 12.48 35.90
C LEU C 158 -17.62 12.77 36.45
N ASP C 159 -17.89 14.03 36.74
CA ASP C 159 -19.14 14.45 37.36
C ASP C 159 -20.09 14.90 36.27
N SER C 160 -21.21 14.20 36.13
CA SER C 160 -22.26 14.52 35.17
C SER C 160 -23.52 14.83 35.97
N GLY C 161 -23.73 16.11 36.26
CA GLY C 161 -24.85 16.53 37.07
C GLY C 161 -26.11 16.74 36.27
N ASP C 162 -26.75 17.90 36.46
CA ASP C 162 -27.99 18.23 35.72
C ASP C 162 -27.69 19.23 34.60
N GLY C 163 -26.75 20.14 34.82
CA GLY C 163 -26.51 21.18 33.80
C GLY C 163 -25.09 21.16 33.28
N VAL C 164 -24.17 20.51 34.00
CA VAL C 164 -22.76 20.53 33.63
C VAL C 164 -22.20 19.12 33.73
N THR C 165 -21.44 18.71 32.71
CA THR C 165 -20.65 17.49 32.73
C THR C 165 -19.19 17.93 32.67
N HIS C 166 -18.35 17.35 33.52
CA HIS C 166 -16.96 17.75 33.53
C HIS C 166 -16.08 16.64 34.10
N ALA C 167 -14.88 16.55 33.54
CA ALA C 167 -13.83 15.65 34.03
C ALA C 167 -12.72 16.49 34.65
N VAL C 168 -12.40 16.18 35.91
CA VAL C 168 -11.37 16.86 36.66
C VAL C 168 -10.32 15.80 37.05
N PRO C 169 -9.08 15.86 36.52
CA PRO C 169 -8.04 14.94 37.02
C PRO C 169 -7.30 15.48 38.23
N ILE C 170 -7.15 14.64 39.25
CA ILE C 170 -6.41 14.98 40.46
C ILE C 170 -5.46 13.83 40.73
N TYR C 171 -4.22 14.15 41.08
CA TYR C 171 -3.19 13.15 41.33
C TYR C 171 -2.50 13.47 42.65
N GLU C 172 -2.63 12.57 43.63
CA GLU C 172 -1.97 12.72 44.92
C GLU C 172 -2.32 14.04 45.59
N GLY C 173 -3.58 14.47 45.42
CA GLY C 173 -4.04 15.72 45.95
C GLY C 173 -3.69 16.94 45.13
N PHE C 174 -2.98 16.77 44.02
CA PHE C 174 -2.60 17.87 43.14
C PHE C 174 -3.53 17.90 41.95
N ALA C 175 -4.21 19.02 41.76
CA ALA C 175 -5.17 19.19 40.68
C ALA C 175 -4.51 19.92 39.52
N MET C 176 -4.70 19.40 38.31
CA MET C 176 -4.18 20.02 37.10
C MET C 176 -5.25 20.91 36.51
N PRO C 177 -5.22 22.23 36.73
CA PRO C 177 -6.31 23.07 36.20
C PRO C 177 -6.42 23.07 34.69
N HIS C 178 -5.34 22.83 33.97
CA HIS C 178 -5.33 22.91 32.52
C HIS C 178 -5.71 21.61 31.84
N SER C 179 -5.95 20.54 32.62
CA SER C 179 -6.52 19.30 32.12
C SER C 179 -8.00 19.16 32.43
N ILE C 180 -8.59 20.09 33.19
CA ILE C 180 -10.01 20.04 33.48
C ILE C 180 -10.77 20.30 32.18
N MET C 181 -11.72 19.41 31.86
CA MET C 181 -12.61 19.59 30.73
C MET C 181 -14.05 19.69 31.18
N ARG C 182 -14.83 20.46 30.44
CA ARG C 182 -16.23 20.73 30.77
C ARG C 182 -17.04 20.84 29.48
N ILE C 183 -18.23 20.25 29.49
CA ILE C 183 -19.25 20.49 28.49
C ILE C 183 -20.56 20.76 29.21
N ASP C 184 -21.43 21.51 28.56
CA ASP C 184 -22.70 21.93 29.15
C ASP C 184 -23.83 20.94 28.91
N ILE C 185 -23.56 19.80 28.27
CA ILE C 185 -24.57 18.77 28.06
C ILE C 185 -24.62 17.90 29.31
N ALA C 186 -25.79 17.83 29.92
CA ALA C 186 -25.99 17.10 31.16
C ALA C 186 -27.43 16.61 31.19
N GLY C 187 -27.92 16.24 32.38
CA GLY C 187 -29.25 15.67 32.49
C GLY C 187 -30.35 16.58 31.99
N ARG C 188 -30.21 17.89 32.19
CA ARG C 188 -31.23 18.82 31.68
C ARG C 188 -31.31 18.75 30.16
N ASP C 189 -30.17 18.71 29.49
CA ASP C 189 -30.17 18.62 28.03
C ASP C 189 -30.78 17.30 27.56
N VAL C 190 -30.49 16.21 28.27
CA VAL C 190 -31.06 14.92 27.89
C VAL C 190 -32.57 14.93 28.10
N SER C 191 -33.04 15.60 29.16
CA SER C 191 -34.49 15.68 29.36
C SER C 191 -35.15 16.53 28.29
N ARG C 192 -34.51 17.63 27.89
CA ARG C 192 -35.05 18.44 26.79
C ARG C 192 -35.09 17.65 25.49
N PHE C 193 -34.04 16.88 25.22
CA PHE C 193 -34.01 16.06 24.02
C PHE C 193 -35.05 14.95 24.07
N LEU C 194 -35.28 14.39 25.25
CA LEU C 194 -36.37 13.42 25.43
C LEU C 194 -37.72 14.07 25.18
N ARG C 195 -37.91 15.31 25.62
CA ARG C 195 -39.15 16.02 25.34
C ARG C 195 -39.33 16.21 23.85
N LEU C 196 -38.25 16.55 23.14
CA LEU C 196 -38.32 16.69 21.69
C LEU C 196 -38.72 15.38 21.03
N TYR C 197 -38.11 14.27 21.46
CA TYR C 197 -38.46 12.97 20.90
C TYR C 197 -39.89 12.59 21.21
N LEU C 198 -40.36 12.84 22.43
CA LEU C 198 -41.75 12.53 22.76
C LEU C 198 -42.71 13.39 21.97
N ARG C 199 -42.31 14.61 21.61
CA ARG C 199 -43.08 15.38 20.63
C ARG C 199 -43.10 14.66 19.29
N LYS C 200 -41.95 14.11 18.88
CA LYS C 200 -41.89 13.36 17.62
C LYS C 200 -42.64 12.03 17.68
N GLU C 201 -43.06 11.59 18.86
CA GLU C 201 -43.83 10.37 19.02
C GLU C 201 -45.31 10.61 19.32
N GLY C 202 -45.74 11.87 19.41
CA GLY C 202 -47.14 12.20 19.59
C GLY C 202 -47.54 12.65 20.98
N TYR C 203 -46.58 12.99 21.85
CA TYR C 203 -46.87 13.49 23.18
C TYR C 203 -46.23 14.86 23.33
N ASP C 204 -47.05 15.87 23.63
CA ASP C 204 -46.60 17.23 23.83
C ASP C 204 -46.57 17.54 25.32
N PHE C 205 -45.42 17.99 25.81
CA PHE C 205 -45.23 18.33 27.21
C PHE C 205 -44.70 19.75 27.33
N HIS C 206 -45.31 20.68 26.61
CA HIS C 206 -44.85 22.05 26.58
C HIS C 206 -44.96 22.76 27.92
N SER C 207 -45.83 22.30 28.81
CA SER C 207 -45.97 22.95 30.11
C SER C 207 -44.69 22.79 30.92
N SER C 208 -44.37 23.84 31.70
CA SER C 208 -43.14 23.81 32.48
C SER C 208 -43.19 22.77 33.58
N SER C 209 -44.36 22.59 34.21
CA SER C 209 -44.50 21.53 35.21
C SER C 209 -44.59 20.15 34.59
N GLU C 210 -44.81 20.06 33.27
CA GLU C 210 -44.72 18.79 32.57
C GLU C 210 -43.29 18.45 32.15
N PHE C 211 -42.36 19.39 32.27
CA PHE C 211 -40.96 19.05 32.07
C PHE C 211 -40.45 18.12 33.16
N GLU C 212 -41.03 18.21 34.37
CA GLU C 212 -40.64 17.29 35.43
C GLU C 212 -41.17 15.89 35.16
N ILE C 213 -42.29 15.77 34.46
CA ILE C 213 -42.75 14.45 34.03
C ILE C 213 -41.78 13.86 33.02
N VAL C 214 -41.25 14.69 32.11
CA VAL C 214 -40.22 14.23 31.19
C VAL C 214 -38.97 13.83 31.97
N LYS C 215 -38.65 14.56 33.02
CA LYS C 215 -37.53 14.19 33.88
C LYS C 215 -37.75 12.81 34.50
N ALA C 216 -38.96 12.55 35.00
CA ALA C 216 -39.26 11.26 35.59
C ALA C 216 -39.17 10.14 34.55
N ILE C 217 -39.66 10.40 33.34
CA ILE C 217 -39.57 9.39 32.28
C ILE C 217 -38.10 9.11 31.96
N LYS C 218 -37.28 10.16 31.90
CA LYS C 218 -35.85 9.98 31.68
C LYS C 218 -35.23 9.16 32.79
N GLU C 219 -35.63 9.40 34.04
CA GLU C 219 -35.04 8.67 35.15
C GLU C 219 -35.42 7.20 35.11
N ARG C 220 -36.68 6.88 34.78
CA ARG C 220 -37.14 5.49 34.85
C ARG C 220 -36.98 4.76 33.52
N ALA C 221 -37.64 5.23 32.47
CA ALA C 221 -37.72 4.50 31.20
C ALA C 221 -36.71 5.02 30.19
N CYS C 222 -35.42 4.86 30.50
CA CYS C 222 -34.36 5.20 29.57
C CYS C 222 -33.12 4.39 29.90
N TYR C 223 -32.33 4.13 28.86
CA TYR C 223 -31.11 3.34 29.00
C TYR C 223 -30.17 3.69 27.86
N LEU C 224 -28.96 3.14 27.92
CA LEU C 224 -27.93 3.38 26.92
C LEU C 224 -27.56 2.07 26.24
N SER C 225 -27.43 2.10 24.92
CA SER C 225 -27.12 0.91 24.14
C SER C 225 -25.63 0.87 23.82
N ILE C 226 -25.05 -0.33 23.94
CA ILE C 226 -23.64 -0.51 23.61
C ILE C 226 -23.40 -0.22 22.13
N ASN C 227 -24.30 -0.73 21.28
CA ASN C 227 -24.22 -0.55 19.83
C ASN C 227 -25.34 0.36 19.33
N PRO C 228 -25.10 1.65 19.09
CA PRO C 228 -26.24 2.52 18.76
C PRO C 228 -26.78 2.30 17.36
N GLN C 229 -25.95 1.86 16.41
CA GLN C 229 -26.40 1.74 15.03
C GLN C 229 -27.36 0.57 14.85
N LYS C 230 -27.06 -0.57 15.50
CA LYS C 230 -27.91 -1.74 15.36
C LYS C 230 -29.28 -1.51 15.98
N ASP C 231 -29.36 -0.70 17.03
CA ASP C 231 -30.65 -0.28 17.57
C ASP C 231 -31.31 0.77 16.69
N GLU C 232 -30.52 1.64 16.05
CA GLU C 232 -31.10 2.64 15.15
C GLU C 232 -31.80 1.97 13.97
N THR C 233 -31.17 0.98 13.36
CA THR C 233 -31.77 0.32 12.20
C THR C 233 -32.92 -0.60 12.60
N LEU C 234 -32.94 -1.10 13.83
CA LEU C 234 -33.98 -1.99 14.31
C LEU C 234 -35.11 -1.18 14.94
N GLU C 235 -36.24 -1.86 15.14
CA GLU C 235 -37.39 -1.29 15.84
C GLU C 235 -37.72 -2.20 17.03
N THR C 236 -37.61 -1.66 18.23
CA THR C 236 -37.76 -2.44 19.45
C THR C 236 -39.22 -2.44 19.92
N GLU C 237 -39.46 -3.20 20.98
CA GLU C 237 -40.78 -3.28 21.58
C GLU C 237 -41.01 -2.05 22.46
N LYS C 238 -42.15 -1.38 22.25
CA LYS C 238 -42.41 -0.10 22.90
C LYS C 238 -42.81 -0.34 24.35
N ALA C 239 -41.94 0.09 25.28
CA ALA C 239 -42.28 0.00 26.69
C ALA C 239 -43.39 0.97 27.03
N GLN C 240 -44.14 0.65 28.08
CA GLN C 240 -45.28 1.43 28.53
C GLN C 240 -44.92 2.18 29.80
N TYR C 241 -45.14 3.50 29.78
CA TYR C 241 -44.95 4.37 30.93
C TYR C 241 -46.31 4.87 31.40
N TYR C 242 -46.50 4.92 32.71
CA TYR C 242 -47.74 5.39 33.33
C TYR C 242 -47.55 6.82 33.80
N LEU C 243 -48.33 7.73 33.24
CA LEU C 243 -48.23 9.15 33.57
C LEU C 243 -48.87 9.40 34.93
N PRO C 244 -48.62 10.57 35.54
CA PRO C 244 -49.22 10.86 36.85
C PRO C 244 -50.74 10.84 36.86
N ASP C 245 -51.39 11.20 35.76
CA ASP C 245 -52.84 11.26 35.70
C ASP C 245 -53.49 9.90 35.46
N GLY C 246 -52.69 8.84 35.27
CA GLY C 246 -53.20 7.50 35.06
C GLY C 246 -53.16 7.03 33.62
N SER C 247 -53.03 7.94 32.66
CA SER C 247 -52.90 7.55 31.28
C SER C 247 -51.52 6.96 31.02
N THR C 248 -51.38 6.28 29.89
CA THR C 248 -50.16 5.58 29.52
C THR C 248 -49.63 6.09 28.19
N ILE C 249 -48.32 5.95 28.00
CA ILE C 249 -47.67 6.30 26.75
C ILE C 249 -46.70 5.19 26.37
N GLU C 250 -46.44 5.07 25.07
CA GLU C 250 -45.52 4.08 24.52
C GLU C 250 -44.28 4.83 24.04
N ILE C 251 -43.15 4.62 24.71
CA ILE C 251 -41.94 5.41 24.46
C ILE C 251 -41.26 4.88 23.21
N GLY C 252 -40.81 3.63 23.24
CA GLY C 252 -40.21 3.02 22.08
C GLY C 252 -38.83 3.57 21.76
N PRO C 253 -38.55 3.95 20.50
CA PRO C 253 -37.16 4.27 20.13
C PRO C 253 -36.59 5.47 20.86
N SER C 254 -37.42 6.32 21.44
CA SER C 254 -36.94 7.44 22.22
C SER C 254 -36.27 7.03 23.52
N ARG C 255 -36.42 5.76 23.94
CA ARG C 255 -35.85 5.33 25.21
C ARG C 255 -34.34 5.41 25.20
N PHE C 256 -33.70 4.96 24.12
CA PHE C 256 -32.24 4.90 24.04
C PHE C 256 -31.63 6.04 23.23
N ARG C 257 -32.41 6.68 22.36
CA ARG C 257 -31.88 7.77 21.55
C ARG C 257 -31.77 9.08 22.33
N ALA C 258 -32.45 9.20 23.47
CA ALA C 258 -32.35 10.39 24.30
C ALA C 258 -31.04 10.43 25.06
N PRO C 259 -30.71 9.43 25.89
CA PRO C 259 -29.43 9.48 26.62
C PRO C 259 -28.21 9.32 25.73
N GLU C 260 -28.38 8.94 24.46
CA GLU C 260 -27.27 8.94 23.51
C GLU C 260 -26.70 10.34 23.32
N LEU C 261 -27.45 11.38 23.66
CA LEU C 261 -26.95 12.75 23.57
C LEU C 261 -25.70 12.97 24.40
N LEU C 262 -25.55 12.23 25.51
CA LEU C 262 -24.38 12.43 26.36
C LEU C 262 -23.10 12.10 25.62
N PHE C 263 -23.09 11.02 24.85
CA PHE C 263 -21.92 10.61 24.09
C PHE C 263 -21.89 11.19 22.68
N ARG C 264 -22.93 11.91 22.28
CA ARG C 264 -23.00 12.50 20.94
C ARG C 264 -23.78 13.81 21.02
N PRO C 265 -23.12 14.91 21.41
CA PRO C 265 -23.81 16.21 21.42
C PRO C 265 -24.32 16.65 20.06
N ASP C 266 -23.74 16.14 18.97
CA ASP C 266 -24.13 16.56 17.63
C ASP C 266 -25.58 16.19 17.29
N LEU C 267 -26.21 15.34 18.09
CA LEU C 267 -27.64 15.08 17.89
C LEU C 267 -28.47 16.34 18.04
N ILE C 268 -28.00 17.34 18.80
CA ILE C 268 -28.68 18.62 18.94
C ILE C 268 -27.92 19.74 18.22
N GLY C 269 -27.00 19.40 17.33
CA GLY C 269 -26.30 20.40 16.56
C GLY C 269 -25.19 21.14 17.29
N GLU C 270 -24.91 20.78 18.55
CA GLU C 270 -23.83 21.38 19.31
C GLU C 270 -22.57 20.55 19.06
N GLU C 271 -21.56 21.17 18.46
CA GLU C 271 -20.32 20.46 18.11
C GLU C 271 -19.35 20.61 19.27
N SER C 272 -19.60 19.82 20.32
CA SER C 272 -18.74 19.74 21.49
C SER C 272 -18.43 18.27 21.74
N GLU C 273 -17.49 18.03 22.65
CA GLU C 273 -17.04 16.68 22.92
C GLU C 273 -18.12 15.88 23.63
N GLY C 274 -18.09 14.57 23.42
CA GLY C 274 -18.92 13.68 24.22
C GLY C 274 -18.35 13.51 25.61
N ILE C 275 -19.08 12.78 26.44
CA ILE C 275 -18.63 12.58 27.81
C ILE C 275 -17.39 11.67 27.83
N HIS C 276 -17.36 10.65 26.98
CA HIS C 276 -16.18 9.80 26.88
C HIS C 276 -14.98 10.60 26.37
N GLU C 277 -15.19 11.47 25.39
CA GLU C 277 -14.11 12.32 24.92
C GLU C 277 -13.68 13.30 25.99
N VAL C 278 -14.62 13.81 26.80
CA VAL C 278 -14.27 14.67 27.91
C VAL C 278 -13.32 13.96 28.87
N LEU C 279 -13.68 12.74 29.27
CA LEU C 279 -12.85 12.00 30.21
C LEU C 279 -11.49 11.67 29.62
N VAL C 280 -11.46 11.16 28.39
CA VAL C 280 -10.21 10.71 27.80
C VAL C 280 -9.30 11.90 27.51
N PHE C 281 -9.87 13.04 27.11
CA PHE C 281 -9.07 14.22 26.87
C PHE C 281 -8.57 14.83 28.17
N ALA C 282 -9.36 14.75 29.24
CA ALA C 282 -8.86 15.18 30.54
C ALA C 282 -7.68 14.34 30.98
N ILE C 283 -7.73 13.03 30.74
CA ILE C 283 -6.59 12.19 31.08
C ILE C 283 -5.40 12.53 30.18
N GLN C 284 -5.63 12.60 28.87
CA GLN C 284 -4.54 12.72 27.90
C GLN C 284 -3.97 14.14 27.82
N LYS C 285 -4.58 15.11 28.48
CA LYS C 285 -4.00 16.45 28.59
C LYS C 285 -3.07 16.59 29.79
N SER C 286 -3.01 15.59 30.66
CA SER C 286 -2.13 15.62 31.82
C SER C 286 -0.72 15.20 31.44
N ASP C 287 0.19 15.27 32.40
CA ASP C 287 1.54 14.76 32.18
C ASP C 287 1.49 13.27 31.93
N MET C 288 2.38 12.80 31.06
CA MET C 288 2.31 11.43 30.56
C MET C 288 2.49 10.41 31.68
N ASP C 289 3.44 10.63 32.59
CA ASP C 289 3.72 9.64 33.62
C ASP C 289 2.55 9.45 34.57
N LEU C 290 1.62 10.41 34.64
CA LEU C 290 0.42 10.25 35.45
C LEU C 290 -0.66 9.44 34.74
N ARG C 291 -0.66 9.46 33.40
CA ARG C 291 -1.84 9.05 32.64
C ARG C 291 -2.30 7.65 32.98
N ARG C 292 -1.35 6.71 33.06
CA ARG C 292 -1.69 5.32 33.38
C ARG C 292 -2.45 5.24 34.69
N THR C 293 -1.93 5.89 35.74
CA THR C 293 -2.65 5.87 37.01
C THR C 293 -4.01 6.53 36.87
N LEU C 294 -4.09 7.63 36.11
CA LEU C 294 -5.37 8.27 35.89
C LEU C 294 -6.34 7.36 35.13
N PHE C 295 -5.82 6.46 34.30
CA PHE C 295 -6.70 5.50 33.65
C PHE C 295 -7.17 4.43 34.60
N SER C 296 -6.40 4.13 35.65
CA SER C 296 -6.78 3.12 36.63
C SER C 296 -7.60 3.68 37.78
N ASN C 297 -7.77 5.01 37.86
CA ASN C 297 -8.55 5.65 38.93
C ASN C 297 -9.51 6.62 38.25
N ILE C 298 -10.69 6.12 37.87
CA ILE C 298 -11.77 6.93 37.32
C ILE C 298 -12.94 6.81 38.27
N VAL C 299 -13.48 7.96 38.70
CA VAL C 299 -14.59 8.03 39.64
C VAL C 299 -15.74 8.73 38.96
N LEU C 300 -16.92 8.12 39.01
CA LEU C 300 -18.14 8.69 38.46
C LEU C 300 -18.90 9.40 39.56
N SER C 301 -19.65 10.43 39.16
CA SER C 301 -20.48 11.18 40.08
C SER C 301 -21.62 11.82 39.31
N GLY C 302 -22.61 12.31 40.04
CA GLY C 302 -23.75 12.95 39.45
C GLY C 302 -24.81 11.96 39.00
N GLY C 303 -26.04 12.46 38.87
CA GLY C 303 -27.15 11.60 38.54
C GLY C 303 -27.16 11.14 37.10
N SER C 304 -26.59 11.93 36.19
CA SER C 304 -26.62 11.57 34.78
C SER C 304 -25.77 10.35 34.45
N THR C 305 -24.94 9.88 35.38
CA THR C 305 -24.18 8.65 35.21
C THR C 305 -24.97 7.41 35.57
N LEU C 306 -26.19 7.55 36.10
CA LEU C 306 -26.97 6.43 36.59
C LEU C 306 -27.85 5.80 35.51
N PHE C 307 -27.72 6.22 34.26
CA PHE C 307 -28.46 5.59 33.18
C PHE C 307 -28.11 4.11 33.09
N LYS C 308 -29.14 3.28 32.89
CA LYS C 308 -28.94 1.85 32.74
C LYS C 308 -28.04 1.59 31.54
N GLY C 309 -26.84 1.08 31.80
CA GLY C 309 -25.86 0.87 30.76
C GLY C 309 -24.89 2.00 30.55
N PHE C 310 -24.84 2.97 31.47
CA PHE C 310 -23.89 4.08 31.31
C PHE C 310 -22.46 3.60 31.56
N GLY C 311 -22.26 2.81 32.61
CA GLY C 311 -20.91 2.35 32.91
C GLY C 311 -20.32 1.50 31.80
N ASP C 312 -21.11 0.57 31.26
CA ASP C 312 -20.62 -0.30 30.20
C ASP C 312 -20.24 0.48 28.95
N ARG C 313 -21.10 1.42 28.53
CA ARG C 313 -20.80 2.18 27.32
C ARG C 313 -19.65 3.15 27.53
N LEU C 314 -19.57 3.76 28.71
CA LEU C 314 -18.42 4.62 29.00
C LEU C 314 -17.13 3.83 28.98
N LEU C 315 -17.13 2.64 29.57
CA LEU C 315 -15.94 1.79 29.54
C LEU C 315 -15.59 1.41 28.11
N SER C 316 -16.60 1.07 27.30
CA SER C 316 -16.34 0.71 25.91
C SER C 316 -15.71 1.86 25.14
N GLU C 317 -16.25 3.07 25.31
CA GLU C 317 -15.73 4.22 24.56
C GLU C 317 -14.32 4.58 25.02
N VAL C 318 -14.09 4.58 26.34
CA VAL C 318 -12.76 4.90 26.87
C VAL C 318 -11.76 3.86 26.39
N LYS C 319 -12.13 2.58 26.42
CA LYS C 319 -11.25 1.53 25.92
C LYS C 319 -10.97 1.69 24.43
N LYS C 320 -11.96 2.15 23.67
CA LYS C 320 -11.74 2.42 22.25
C LYS C 320 -10.74 3.55 22.06
N LEU C 321 -10.81 4.59 22.89
CA LEU C 321 -9.93 5.75 22.73
C LEU C 321 -8.59 5.58 23.44
N ALA C 322 -8.52 4.81 24.50
CA ALA C 322 -7.29 4.71 25.28
C ALA C 322 -6.23 3.94 24.50
N PRO C 323 -4.94 4.12 24.84
CA PRO C 323 -3.91 3.28 24.23
C PRO C 323 -4.05 1.83 24.66
N LYS C 324 -3.60 0.94 23.79
CA LYS C 324 -3.80 -0.49 23.98
C LYS C 324 -3.08 -0.97 25.24
N ASP C 325 -3.71 -1.93 25.93
CA ASP C 325 -3.15 -2.57 27.11
C ASP C 325 -2.87 -1.56 28.21
N VAL C 326 -3.91 -0.84 28.61
CA VAL C 326 -3.89 0.02 29.79
C VAL C 326 -5.07 -0.36 30.66
N LYS C 327 -4.81 -0.59 31.95
CA LYS C 327 -5.86 -1.04 32.86
C LYS C 327 -6.82 0.10 33.14
N ILE C 328 -8.04 -0.02 32.61
CA ILE C 328 -9.10 0.95 32.86
C ILE C 328 -9.99 0.39 33.96
N ARG C 329 -10.14 1.15 35.05
CA ARG C 329 -10.89 0.73 36.23
C ARG C 329 -11.81 1.87 36.63
N ILE C 330 -13.07 1.78 36.26
CA ILE C 330 -14.05 2.81 36.55
C ILE C 330 -14.72 2.48 37.88
N SER C 331 -14.62 3.39 38.83
CA SER C 331 -15.25 3.26 40.13
C SER C 331 -16.43 4.21 40.23
N ALA C 332 -17.28 3.97 41.23
CA ALA C 332 -18.44 4.81 41.45
C ALA C 332 -18.92 4.59 42.88
N PRO C 333 -19.22 5.63 43.65
CA PRO C 333 -19.77 5.40 44.98
C PRO C 333 -21.19 4.87 44.91
N GLN C 334 -21.62 4.23 46.00
CA GLN C 334 -22.97 3.67 46.05
C GLN C 334 -24.02 4.77 45.94
N GLU C 335 -23.81 5.89 46.62
CA GLU C 335 -24.70 7.05 46.58
C GLU C 335 -24.05 8.09 45.68
N ARG C 336 -24.30 7.97 44.37
CA ARG C 336 -23.70 8.89 43.41
C ARG C 336 -24.28 10.30 43.53
N LEU C 337 -25.57 10.41 43.85
CA LEU C 337 -26.18 11.73 44.02
C LEU C 337 -25.54 12.49 45.18
N TYR C 338 -25.28 11.80 46.29
CA TYR C 338 -24.93 12.43 47.54
C TYR C 338 -23.43 12.46 47.81
N SER C 339 -22.61 11.98 46.87
CA SER C 339 -21.18 11.85 47.12
C SER C 339 -20.51 13.20 47.33
N THR C 340 -20.84 14.18 46.50
CA THR C 340 -20.21 15.49 46.61
C THR C 340 -20.52 16.14 47.95
N TRP C 341 -21.77 16.03 48.42
CA TRP C 341 -22.10 16.61 49.71
C TRP C 341 -21.40 15.85 50.84
N ILE C 342 -21.31 14.52 50.73
CA ILE C 342 -20.63 13.76 51.77
C ILE C 342 -19.18 14.21 51.88
N GLY C 343 -18.55 14.45 50.73
CA GLY C 343 -17.21 14.99 50.74
C GLY C 343 -17.12 16.38 51.33
N GLY C 344 -18.10 17.24 51.03
CA GLY C 344 -18.13 18.55 51.64
C GLY C 344 -18.25 18.48 53.15
N SER C 345 -19.07 17.56 53.64
CA SER C 345 -19.20 17.38 55.08
C SER C 345 -17.90 16.88 55.68
N ILE C 346 -17.23 15.93 55.03
CA ILE C 346 -15.96 15.43 55.53
C ILE C 346 -14.93 16.55 55.57
N LEU C 347 -14.85 17.35 54.51
CA LEU C 347 -13.88 18.44 54.47
C LEU C 347 -14.17 19.48 55.54
N ALA C 348 -15.44 19.85 55.70
CA ALA C 348 -15.78 20.83 56.72
C ALA C 348 -15.63 20.27 58.14
N SER C 349 -15.59 18.95 58.28
CA SER C 349 -15.34 18.36 59.59
C SER C 349 -13.87 18.49 60.01
N LEU C 350 -12.95 18.63 59.08
CA LEU C 350 -11.53 18.69 59.40
C LEU C 350 -11.18 20.01 60.08
N ASP C 351 -10.12 19.98 60.89
CA ASP C 351 -9.64 21.20 61.52
C ASP C 351 -8.90 22.08 60.53
N THR C 352 -8.37 21.50 59.44
CA THR C 352 -7.71 22.29 58.42
C THR C 352 -8.68 23.25 57.75
N PHE C 353 -9.98 22.94 57.77
CA PHE C 353 -10.97 23.80 57.12
C PHE C 353 -10.99 25.20 57.73
N LYS C 354 -10.54 25.35 58.99
CA LYS C 354 -10.43 26.68 59.58
C LYS C 354 -9.50 27.57 58.79
N LYS C 355 -8.44 27.00 58.22
CA LYS C 355 -7.43 27.76 57.47
C LYS C 355 -7.77 27.91 56.00
N MET C 356 -8.92 27.37 55.55
CA MET C 356 -9.30 27.38 54.14
C MET C 356 -10.35 28.42 53.80
N TRP C 357 -11.36 28.61 54.65
CA TRP C 357 -12.43 29.53 54.29
C TRP C 357 -11.95 30.97 54.34
N VAL C 358 -12.72 31.84 53.70
CA VAL C 358 -12.49 33.28 53.70
C VAL C 358 -13.31 33.87 54.84
N SER C 359 -12.64 34.43 55.84
CA SER C 359 -13.34 35.05 56.95
C SER C 359 -14.13 36.26 56.46
N LYS C 360 -15.13 36.66 57.26
CA LYS C 360 -15.94 37.81 56.87
C LYS C 360 -15.12 39.08 56.81
N LYS C 361 -14.28 39.32 57.82
CA LYS C 361 -13.45 40.51 57.80
C LYS C 361 -12.48 40.49 56.64
N GLU C 362 -11.93 39.32 56.31
CA GLU C 362 -11.05 39.21 55.14
C GLU C 362 -11.80 39.59 53.86
N TYR C 363 -13.07 39.20 53.77
CA TYR C 363 -13.88 39.63 52.63
C TYR C 363 -14.06 41.14 52.64
N GLU C 364 -14.29 41.73 53.81
CA GLU C 364 -14.51 43.18 53.86
C GLU C 364 -13.25 43.94 53.45
N GLU C 365 -12.08 43.51 53.90
CA GLU C 365 -10.86 44.24 53.57
C GLU C 365 -10.52 44.11 52.08
N ASP C 366 -10.54 42.89 51.55
CA ASP C 366 -10.11 42.63 50.18
C ASP C 366 -11.28 42.71 49.19
N GLY C 367 -12.39 42.05 49.49
CA GLY C 367 -13.53 42.03 48.60
C GLY C 367 -13.54 40.80 47.71
N ALA C 368 -13.75 41.01 46.41
CA ALA C 368 -13.75 39.91 45.47
C ALA C 368 -12.38 39.25 45.33
N ARG C 369 -11.29 40.00 45.59
CA ARG C 369 -9.96 39.44 45.41
C ARG C 369 -9.70 38.27 46.35
N SER C 370 -10.13 38.39 47.60
CA SER C 370 -9.91 37.31 48.56
C SER C 370 -10.69 36.06 48.22
N ILE C 371 -11.76 36.17 47.44
CA ILE C 371 -12.51 35.00 47.00
C ILE C 371 -11.81 34.31 45.85
N HIS C 372 -11.23 35.06 44.91
CA HIS C 372 -10.55 34.44 43.78
C HIS C 372 -9.35 33.62 44.23
N ARG C 373 -8.57 34.15 45.16
CA ARG C 373 -7.62 33.33 45.90
C ARG C 373 -8.37 32.59 47.00
N LYS C 374 -7.70 31.61 47.60
CA LYS C 374 -8.33 30.72 48.59
C LYS C 374 -9.53 29.97 48.00
N THR C 375 -9.53 29.78 46.69
CA THR C 375 -10.58 29.03 46.00
C THR C 375 -9.90 28.22 44.90
N PHE C 376 -10.30 26.95 44.78
CA PHE C 376 -9.59 25.99 43.95
C PHE C 376 -8.12 25.90 44.38
N ILE D 7 -47.58 5.68 -13.93
CA ILE D 7 -47.81 6.52 -15.11
C ILE D 7 -47.34 7.93 -14.79
N ALA D 8 -46.39 8.42 -15.58
CA ALA D 8 -45.72 9.70 -15.30
C ALA D 8 -46.50 10.87 -15.91
N ASN D 9 -47.74 11.04 -15.44
CA ASN D 9 -48.50 12.23 -15.75
C ASN D 9 -48.03 13.37 -14.84
N GLN D 10 -48.72 14.50 -14.92
CA GLN D 10 -48.38 15.64 -14.07
C GLN D 10 -48.60 15.26 -12.61
N PRO D 11 -47.65 15.49 -11.71
CA PRO D 11 -47.88 15.15 -10.30
C PRO D 11 -48.92 16.07 -9.66
N VAL D 12 -49.63 15.53 -8.68
CA VAL D 12 -50.70 16.23 -7.99
C VAL D 12 -50.16 16.78 -6.68
N VAL D 13 -50.19 18.10 -6.54
CA VAL D 13 -49.71 18.77 -5.33
C VAL D 13 -50.90 19.03 -4.43
N ILE D 14 -50.81 18.56 -3.19
CA ILE D 14 -51.86 18.68 -2.19
C ILE D 14 -51.24 19.31 -0.96
N ASP D 15 -51.36 20.63 -0.83
CA ASP D 15 -51.06 21.29 0.44
C ASP D 15 -52.15 20.92 1.43
N ASN D 16 -51.77 20.12 2.42
CA ASN D 16 -52.71 19.47 3.32
C ASN D 16 -52.83 20.29 4.59
N GLY D 17 -53.45 21.46 4.46
CA GLY D 17 -53.61 22.32 5.60
C GLY D 17 -54.57 21.76 6.63
N SER D 18 -54.46 22.28 7.85
CA SER D 18 -55.33 21.84 8.92
C SER D 18 -56.73 22.44 8.81
N GLY D 19 -56.85 23.61 8.19
CA GLY D 19 -58.13 24.28 8.02
C GLY D 19 -58.63 24.25 6.60
N VAL D 20 -57.71 24.38 5.64
CA VAL D 20 -58.04 24.44 4.22
C VAL D 20 -57.08 23.54 3.47
N ILE D 21 -57.61 22.72 2.56
CA ILE D 21 -56.81 21.89 1.68
C ILE D 21 -56.74 22.57 0.32
N LYS D 22 -55.53 22.69 -0.21
CA LYS D 22 -55.29 23.29 -1.51
C LYS D 22 -54.70 22.23 -2.42
N ALA D 23 -55.44 21.83 -3.46
CA ALA D 23 -55.04 20.76 -4.34
C ALA D 23 -55.03 21.26 -5.78
N GLY D 24 -54.06 20.76 -6.55
CA GLY D 24 -53.98 21.08 -7.95
C GLY D 24 -52.94 20.21 -8.62
N PHE D 25 -52.73 20.48 -9.91
CA PHE D 25 -51.67 19.82 -10.66
C PHE D 25 -50.41 20.66 -10.65
N ALA D 26 -49.26 19.99 -10.67
CA ALA D 26 -47.99 20.69 -10.70
C ALA D 26 -47.84 21.46 -12.00
N GLY D 27 -47.26 22.64 -11.90
CA GLY D 27 -47.11 23.54 -13.02
C GLY D 27 -48.16 24.62 -13.10
N ASP D 28 -49.30 24.43 -12.44
CA ASP D 28 -50.31 25.49 -12.39
C ASP D 28 -49.81 26.64 -11.54
N GLN D 29 -50.15 27.86 -11.97
CA GLN D 29 -49.65 29.05 -11.27
C GLN D 29 -50.27 29.17 -9.88
N ILE D 30 -51.48 28.67 -9.69
CA ILE D 30 -52.21 28.82 -8.43
C ILE D 30 -52.94 27.52 -8.11
N PRO D 31 -53.27 27.24 -6.84
CA PRO D 31 -54.06 26.04 -6.54
C PRO D 31 -55.46 26.18 -7.11
N LYS D 32 -55.79 25.32 -8.08
CA LYS D 32 -57.06 25.46 -8.76
C LYS D 32 -58.23 24.98 -7.90
N TYR D 33 -57.99 24.02 -7.01
CA TYR D 33 -59.05 23.42 -6.20
C TYR D 33 -58.72 23.57 -4.71
N CYS D 34 -59.24 24.63 -4.10
CA CYS D 34 -59.08 24.87 -2.67
C CYS D 34 -60.44 24.70 -2.00
N PHE D 35 -60.45 24.11 -0.80
CA PHE D 35 -61.70 24.01 -0.07
C PHE D 35 -61.43 23.74 1.39
N PRO D 36 -62.38 24.03 2.28
CA PRO D 36 -62.14 23.79 3.72
C PRO D 36 -61.91 22.33 4.02
N ASN D 37 -61.10 22.09 5.05
CA ASN D 37 -60.71 20.74 5.45
C ASN D 37 -61.60 20.29 6.61
N TYR D 38 -62.86 20.00 6.29
CA TYR D 38 -63.74 19.38 7.26
C TYR D 38 -64.75 18.51 6.52
N VAL D 39 -65.37 17.61 7.27
CA VAL D 39 -66.45 16.75 6.79
C VAL D 39 -67.73 17.15 7.49
N GLY D 40 -68.74 17.45 6.68
CA GLY D 40 -70.06 17.78 7.19
C GLY D 40 -71.00 16.60 7.02
N ARG D 41 -71.84 16.34 8.02
CA ARG D 41 -72.82 15.27 7.97
C ARG D 41 -74.21 15.81 8.27
N PRO D 42 -75.27 15.29 7.64
CA PRO D 42 -76.60 15.88 7.85
C PRO D 42 -77.05 15.71 9.30
N LYS D 43 -77.30 16.84 9.97
CA LYS D 43 -77.65 16.82 11.38
C LYS D 43 -79.08 16.37 11.60
N HIS D 44 -80.00 16.78 10.73
CA HIS D 44 -81.42 16.52 10.91
C HIS D 44 -81.81 15.23 10.20
N VAL D 45 -83.12 14.98 10.10
CA VAL D 45 -83.65 13.73 9.55
C VAL D 45 -84.13 13.97 8.12
N ARG D 46 -83.72 13.07 7.22
CA ARG D 46 -84.18 13.13 5.84
C ARG D 46 -85.61 12.61 5.77
N VAL D 47 -86.48 13.41 5.16
CA VAL D 47 -87.92 13.16 5.21
C VAL D 47 -88.58 13.12 3.85
N MET D 48 -88.01 13.78 2.83
CA MET D 48 -88.63 13.92 1.52
C MET D 48 -87.85 13.13 0.48
N ALA D 49 -88.57 12.54 -0.47
CA ALA D 49 -87.92 12.00 -1.66
C ALA D 49 -87.40 13.15 -2.51
N GLY D 50 -86.19 12.99 -3.04
CA GLY D 50 -85.53 14.05 -3.76
C GLY D 50 -84.75 15.01 -2.91
N ALA D 51 -84.38 14.63 -1.68
CA ALA D 51 -83.56 15.46 -0.82
C ALA D 51 -82.11 15.41 -1.32
N LEU D 52 -81.20 16.01 -0.57
CA LEU D 52 -79.79 15.96 -0.93
C LEU D 52 -79.29 14.52 -0.90
N GLU D 53 -78.54 14.14 -1.92
CA GLU D 53 -77.97 12.81 -2.00
C GLU D 53 -76.66 12.75 -1.23
N GLY D 54 -76.41 11.59 -0.63
CA GLY D 54 -75.19 11.38 0.12
C GLY D 54 -75.28 11.91 1.53
N ASP D 55 -74.59 11.20 2.43
CA ASP D 55 -74.53 11.56 3.85
C ASP D 55 -73.20 12.18 4.24
N ILE D 56 -72.30 12.45 3.30
CA ILE D 56 -71.01 13.07 3.55
C ILE D 56 -70.88 14.26 2.59
N PHE D 57 -70.77 15.45 3.15
CA PHE D 57 -70.69 16.69 2.37
C PHE D 57 -69.32 17.31 2.60
N ILE D 58 -68.52 17.36 1.54
CA ILE D 58 -67.18 17.94 1.57
C ILE D 58 -67.08 18.91 0.41
N GLY D 59 -66.38 20.02 0.63
CA GLY D 59 -66.14 20.99 -0.42
C GLY D 59 -67.19 22.08 -0.42
N PRO D 60 -67.36 22.78 -1.55
CA PRO D 60 -68.37 23.85 -1.58
C PRO D 60 -69.80 23.36 -1.36
N LYS D 61 -70.08 22.09 -1.60
CA LYS D 61 -71.41 21.57 -1.27
C LYS D 61 -71.67 21.62 0.23
N ALA D 62 -70.62 21.46 1.05
CA ALA D 62 -70.78 21.58 2.49
C ALA D 62 -71.01 23.03 2.91
N GLU D 63 -70.39 23.98 2.21
CA GLU D 63 -70.56 25.38 2.56
C GLU D 63 -71.89 25.92 2.09
N GLU D 64 -72.42 25.41 0.98
CA GLU D 64 -73.73 25.86 0.51
C GLU D 64 -74.83 25.48 1.49
N HIS D 65 -74.72 24.30 2.10
CA HIS D 65 -75.72 23.80 3.04
C HIS D 65 -75.13 23.71 4.44
N ARG D 66 -74.40 24.74 4.85
CA ARG D 66 -73.66 24.68 6.10
C ARG D 66 -74.58 24.52 7.31
N GLY D 67 -75.72 25.21 7.32
CA GLY D 67 -76.62 25.12 8.45
C GLY D 67 -77.26 23.76 8.61
N LEU D 68 -77.31 22.97 7.54
CA LEU D 68 -77.89 21.64 7.61
C LEU D 68 -76.95 20.60 8.22
N LEU D 69 -75.67 20.93 8.38
CA LEU D 69 -74.64 19.95 8.65
C LEU D 69 -73.99 20.16 10.01
N SER D 70 -73.59 19.05 10.62
CA SER D 70 -72.66 19.06 11.74
C SER D 70 -71.26 18.84 11.19
N ILE D 71 -70.33 19.68 11.62
CA ILE D 71 -69.00 19.78 11.02
C ILE D 71 -68.01 19.09 11.94
N ARG D 72 -67.10 18.30 11.35
CA ARG D 72 -65.99 17.70 12.09
C ARG D 72 -64.72 17.92 11.30
N TYR D 73 -63.69 18.42 11.99
CA TYR D 73 -62.38 18.66 11.34
C TYR D 73 -61.53 17.38 11.50
N PRO D 74 -61.02 16.73 10.43
CA PRO D 74 -60.28 15.46 10.60
C PRO D 74 -58.97 15.62 11.35
N MET D 75 -58.30 16.76 11.23
CA MET D 75 -56.97 16.97 11.79
C MET D 75 -56.94 18.21 12.66
N GLU D 76 -56.23 18.11 13.78
CA GLU D 76 -56.05 19.20 14.72
C GLU D 76 -54.56 19.40 14.94
N HIS D 77 -54.11 20.66 14.85
CA HIS D 77 -52.70 21.00 15.04
C HIS D 77 -51.79 20.28 14.07
N GLY D 78 -52.27 20.04 12.84
CA GLY D 78 -51.50 19.36 11.84
C GLY D 78 -51.44 17.86 11.97
N ILE D 79 -52.10 17.29 12.98
CA ILE D 79 -52.10 15.85 13.25
C ILE D 79 -53.49 15.33 12.93
N VAL D 80 -53.57 14.26 12.15
CA VAL D 80 -54.86 13.70 11.76
C VAL D 80 -55.42 12.90 12.93
N LYS D 81 -56.60 13.28 13.40
CA LYS D 81 -57.26 12.60 14.49
C LYS D 81 -58.20 11.52 14.01
N ASP D 82 -59.00 11.82 12.98
CA ASP D 82 -59.87 10.85 12.33
C ASP D 82 -59.29 10.58 10.94
N TRP D 83 -58.96 9.32 10.68
CA TRP D 83 -58.34 8.94 9.41
C TRP D 83 -59.35 8.50 8.37
N ASN D 84 -60.53 8.04 8.78
CA ASN D 84 -61.58 7.75 7.81
C ASN D 84 -62.05 9.03 7.14
N ASP D 85 -62.22 10.11 7.91
CA ASP D 85 -62.57 11.39 7.33
C ASP D 85 -61.49 11.91 6.40
N MET D 86 -60.23 11.71 6.76
CA MET D 86 -59.14 12.16 5.90
C MET D 86 -59.11 11.36 4.60
N GLU D 87 -59.36 10.05 4.68
CA GLU D 87 -59.47 9.25 3.47
C GLU D 87 -60.61 9.75 2.60
N ARG D 88 -61.75 10.09 3.22
CA ARG D 88 -62.88 10.61 2.45
C ARG D 88 -62.52 11.93 1.76
N ILE D 89 -61.81 12.80 2.46
CA ILE D 89 -61.47 14.10 1.88
C ILE D 89 -60.47 13.93 0.75
N TRP D 90 -59.47 13.07 0.93
CA TRP D 90 -58.51 12.86 -0.15
C TRP D 90 -59.14 12.15 -1.33
N GLN D 91 -60.17 11.32 -1.09
CA GLN D 91 -60.96 10.81 -2.20
C GLN D 91 -61.71 11.93 -2.90
N TYR D 92 -62.31 12.85 -2.14
CA TYR D 92 -63.02 13.97 -2.74
C TYR D 92 -62.09 14.84 -3.56
N VAL D 93 -60.81 14.89 -3.19
CA VAL D 93 -59.84 15.66 -3.96
C VAL D 93 -59.73 15.08 -5.37
N TYR D 94 -59.96 13.78 -5.54
CA TYR D 94 -59.90 13.10 -6.83
C TYR D 94 -61.28 12.94 -7.48
N SER D 95 -62.34 13.44 -6.86
CA SER D 95 -63.68 13.16 -7.36
C SER D 95 -63.91 13.88 -8.70
N LYS D 96 -65.12 13.69 -9.24
CA LYS D 96 -65.46 14.32 -10.51
C LYS D 96 -65.50 15.84 -10.39
N ASP D 97 -65.78 16.35 -9.19
CA ASP D 97 -65.79 17.80 -9.00
C ASP D 97 -64.38 18.35 -8.93
N GLN D 98 -63.49 17.68 -8.21
CA GLN D 98 -62.14 18.16 -7.92
C GLN D 98 -61.14 17.28 -8.66
N LEU D 99 -60.45 17.85 -9.62
CA LEU D 99 -59.31 17.27 -10.35
C LEU D 99 -59.67 16.15 -11.33
N GLN D 100 -60.90 15.63 -11.27
CA GLN D 100 -61.49 14.74 -12.28
C GLN D 100 -60.52 13.69 -12.82
N THR D 101 -59.74 13.08 -11.92
CA THR D 101 -58.62 12.23 -12.29
C THR D 101 -58.61 10.96 -11.45
N PHE D 102 -57.64 10.09 -11.76
CA PHE D 102 -57.46 8.81 -11.09
C PHE D 102 -56.17 8.86 -10.28
N SER D 103 -56.22 8.35 -9.04
CA SER D 103 -55.05 8.39 -8.18
C SER D 103 -53.92 7.52 -8.73
N GLU D 104 -54.26 6.48 -9.49
CA GLU D 104 -53.24 5.53 -9.94
C GLU D 104 -52.25 6.14 -10.90
N GLU D 105 -52.62 7.22 -11.59
CA GLU D 105 -51.87 7.70 -12.74
C GLU D 105 -51.01 8.93 -12.47
N HIS D 106 -50.99 9.43 -11.22
CA HIS D 106 -50.33 10.69 -10.90
C HIS D 106 -49.50 10.57 -9.63
N PRO D 107 -48.22 10.97 -9.62
CA PRO D 107 -47.52 11.08 -8.35
C PRO D 107 -48.08 12.21 -7.50
N VAL D 108 -47.92 12.09 -6.19
CA VAL D 108 -48.51 13.01 -5.22
C VAL D 108 -47.39 13.68 -4.44
N LEU D 109 -47.48 15.00 -4.30
CA LEU D 109 -46.66 15.77 -3.38
C LEU D 109 -47.55 16.21 -2.22
N LEU D 110 -47.36 15.59 -1.06
CA LEU D 110 -48.08 15.95 0.16
C LEU D 110 -47.21 16.87 1.01
N THR D 111 -47.84 17.57 1.95
CA THR D 111 -47.17 18.46 2.88
C THR D 111 -47.65 18.19 4.29
N GLU D 112 -46.76 18.44 5.26
CA GLU D 112 -47.13 18.36 6.67
C GLU D 112 -46.30 19.36 7.45
N ALA D 113 -46.76 19.66 8.66
CA ALA D 113 -46.07 20.62 9.50
C ALA D 113 -44.75 20.02 9.99
N PRO D 114 -43.77 20.86 10.33
CA PRO D 114 -42.52 20.32 10.86
C PRO D 114 -42.69 19.83 12.29
N LEU D 115 -41.77 18.95 12.69
CA LEU D 115 -41.78 18.35 14.04
C LEU D 115 -43.08 17.62 14.33
N ASN D 116 -43.70 17.03 13.30
CA ASN D 116 -44.93 16.29 13.48
C ASN D 116 -44.62 14.88 13.96
N PRO D 117 -45.60 14.18 14.53
CA PRO D 117 -45.37 12.78 14.90
C PRO D 117 -45.04 11.92 13.69
N ARG D 118 -44.24 10.88 13.93
CA ARG D 118 -43.86 9.98 12.84
C ARG D 118 -45.01 9.09 12.41
N LYS D 119 -45.89 8.73 13.35
CA LYS D 119 -47.05 7.90 13.00
C LYS D 119 -47.94 8.60 11.99
N ASN D 120 -48.02 9.92 12.05
CA ASN D 120 -48.82 10.66 11.08
C ASN D 120 -48.28 10.47 9.67
N ARG D 121 -46.96 10.64 9.50
CA ARG D 121 -46.35 10.45 8.20
C ARG D 121 -46.48 9.00 7.74
N GLU D 122 -46.28 8.05 8.65
CA GLU D 122 -46.40 6.64 8.30
C GLU D 122 -47.79 6.31 7.78
N ARG D 123 -48.82 6.76 8.51
CA ARG D 123 -50.18 6.46 8.11
C ARG D 123 -50.58 7.21 6.85
N ALA D 124 -50.06 8.42 6.65
CA ALA D 124 -50.33 9.13 5.41
C ALA D 124 -49.75 8.37 4.21
N ALA D 125 -48.51 7.88 4.35
CA ALA D 125 -47.93 7.10 3.26
C ALA D 125 -48.69 5.80 3.04
N GLU D 126 -49.12 5.15 4.12
CA GLU D 126 -49.91 3.94 4.00
C GLU D 126 -51.22 4.20 3.27
N VAL D 127 -51.89 5.31 3.60
CA VAL D 127 -53.16 5.62 2.95
C VAL D 127 -52.94 5.96 1.48
N PHE D 128 -51.86 6.66 1.16
CA PHE D 128 -51.63 7.07 -0.21
C PHE D 128 -51.02 5.97 -1.08
N PHE D 129 -50.51 4.89 -0.50
CA PHE D 129 -49.98 3.77 -1.26
C PHE D 129 -50.89 2.54 -1.27
N GLU D 130 -51.75 2.37 -0.27
CA GLU D 130 -52.63 1.22 -0.17
C GLU D 130 -54.06 1.55 -0.58
N THR D 131 -54.69 2.52 0.08
CA THR D 131 -56.04 2.91 -0.32
C THR D 131 -56.04 3.53 -1.71
N PHE D 132 -55.12 4.45 -1.96
CA PHE D 132 -54.82 4.93 -3.31
C PHE D 132 -53.55 4.26 -3.78
N ASN D 133 -53.57 3.75 -5.02
CA ASN D 133 -52.40 3.09 -5.58
C ASN D 133 -51.54 4.09 -6.35
N VAL D 134 -51.07 5.09 -5.62
CA VAL D 134 -50.29 6.17 -6.24
C VAL D 134 -48.97 5.62 -6.75
N PRO D 135 -48.44 6.06 -7.90
CA PRO D 135 -47.11 5.58 -8.29
C PRO D 135 -46.01 6.06 -7.36
N ALA D 136 -46.07 7.31 -6.92
CA ALA D 136 -44.97 7.93 -6.20
C ALA D 136 -45.52 8.97 -5.25
N LEU D 137 -44.92 9.04 -4.05
CA LEU D 137 -45.31 9.98 -3.02
C LEU D 137 -44.07 10.71 -2.51
N PHE D 138 -44.25 11.99 -2.16
CA PHE D 138 -43.21 12.78 -1.51
C PHE D 138 -43.86 13.70 -0.51
N ILE D 139 -43.54 13.50 0.76
CA ILE D 139 -44.05 14.33 1.85
C ILE D 139 -43.00 15.37 2.17
N SER D 140 -43.35 16.65 2.00
CA SER D 140 -42.41 17.75 2.07
C SER D 140 -42.77 18.70 3.20
N MET D 141 -41.75 19.30 3.81
CA MET D 141 -42.00 20.35 4.78
C MET D 141 -42.36 21.64 4.05
N GLN D 142 -43.01 22.55 4.77
CA GLN D 142 -43.70 23.68 4.15
C GLN D 142 -42.84 24.92 4.01
N ALA D 143 -41.81 25.08 4.84
CA ALA D 143 -40.95 26.26 4.74
C ALA D 143 -40.23 26.31 3.40
N VAL D 144 -39.79 25.15 2.92
CA VAL D 144 -39.12 25.10 1.63
C VAL D 144 -40.06 25.53 0.52
N LEU D 145 -41.33 25.15 0.63
CA LEU D 145 -42.30 25.56 -0.37
C LEU D 145 -42.58 27.05 -0.29
N SER D 146 -42.65 27.62 0.91
CA SER D 146 -42.80 29.06 1.02
C SER D 146 -41.62 29.77 0.35
N LEU D 147 -40.41 29.25 0.55
CA LEU D 147 -39.23 29.89 -0.04
C LEU D 147 -39.20 29.73 -1.55
N TYR D 148 -39.63 28.58 -2.07
CA TYR D 148 -39.76 28.41 -3.52
C TYR D 148 -40.78 29.40 -4.08
N ALA D 149 -41.92 29.55 -3.42
CA ALA D 149 -42.97 30.41 -3.95
C ALA D 149 -42.55 31.87 -3.94
N THR D 150 -41.86 32.31 -2.90
CA THR D 150 -41.41 33.70 -2.83
C THR D 150 -40.12 33.93 -3.61
N GLY D 151 -39.44 32.88 -4.07
CA GLY D 151 -38.32 33.04 -4.98
C GLY D 151 -36.98 33.26 -4.33
N ARG D 152 -36.79 32.83 -3.08
CA ARG D 152 -35.51 32.94 -2.38
C ARG D 152 -34.89 31.56 -2.19
N THR D 153 -33.65 31.58 -1.72
CA THR D 153 -32.99 30.42 -1.15
C THR D 153 -32.64 30.61 0.33
N THR D 154 -32.61 31.85 0.80
CA THR D 154 -32.31 32.19 2.18
C THR D 154 -33.52 32.87 2.81
N GLY D 155 -33.79 32.54 4.06
CA GLY D 155 -34.86 33.19 4.79
C GLY D 155 -35.33 32.38 5.98
N VAL D 156 -36.05 33.01 6.90
CA VAL D 156 -36.70 32.34 8.01
C VAL D 156 -38.20 32.43 7.78
N VAL D 157 -38.81 31.27 7.56
CA VAL D 157 -40.22 31.19 7.19
C VAL D 157 -41.02 31.06 8.48
N LEU D 158 -41.85 32.06 8.74
CA LEU D 158 -42.77 32.06 9.87
C LEU D 158 -44.16 31.73 9.31
N ASP D 159 -44.52 30.45 9.35
CA ASP D 159 -45.79 29.98 8.82
C ASP D 159 -46.78 29.85 9.96
N SER D 160 -47.86 30.59 9.89
CA SER D 160 -48.96 30.52 10.87
C SER D 160 -50.23 30.15 10.12
N GLY D 161 -50.66 28.90 10.28
CA GLY D 161 -51.87 28.44 9.56
C GLY D 161 -53.05 28.29 10.48
N ASP D 162 -54.02 27.46 10.10
CA ASP D 162 -55.21 27.19 10.95
C ASP D 162 -54.84 26.42 12.21
N GLY D 163 -53.94 25.44 12.11
CA GLY D 163 -53.68 24.58 13.28
C GLY D 163 -52.29 24.68 13.87
N VAL D 164 -51.30 25.17 13.12
CA VAL D 164 -49.90 25.13 13.67
C VAL D 164 -49.10 26.36 13.29
N THR D 165 -48.38 26.95 14.24
CA THR D 165 -47.49 28.06 13.95
C THR D 165 -46.07 27.56 14.12
N HIS D 166 -45.18 27.95 13.20
CA HIS D 166 -43.81 27.47 13.29
C HIS D 166 -42.87 28.36 12.48
N ALA D 167 -41.67 28.54 13.04
CA ALA D 167 -40.59 29.27 12.39
C ALA D 167 -39.50 28.28 11.99
N VAL D 168 -39.08 28.35 10.73
CA VAL D 168 -38.07 27.46 10.16
C VAL D 168 -36.99 28.33 9.53
N PRO D 169 -35.76 28.37 10.05
CA PRO D 169 -34.70 29.10 9.36
C PRO D 169 -33.96 28.26 8.34
N ILE D 170 -33.71 28.85 7.17
CA ILE D 170 -33.00 28.21 6.08
C ILE D 170 -31.99 29.21 5.54
N TYR D 171 -30.76 28.77 5.35
CA TYR D 171 -29.69 29.62 4.81
C TYR D 171 -29.09 28.95 3.59
N GLU D 172 -29.18 29.62 2.43
CA GLU D 172 -28.61 29.14 1.17
C GLU D 172 -29.13 27.75 0.84
N GLY D 173 -30.39 27.49 1.16
CA GLY D 173 -30.99 26.21 0.91
C GLY D 173 -30.67 25.12 1.91
N PHE D 174 -29.95 25.44 2.98
CA PHE D 174 -29.64 24.50 4.05
C PHE D 174 -30.58 24.76 5.21
N ALA D 175 -31.41 23.77 5.54
CA ALA D 175 -32.29 23.89 6.68
C ALA D 175 -31.54 23.62 7.97
N MET D 176 -31.86 24.39 9.01
CA MET D 176 -31.32 24.19 10.35
C MET D 176 -32.36 23.41 11.16
N PRO D 177 -32.31 22.07 11.20
CA PRO D 177 -33.41 21.32 11.83
C PRO D 177 -33.53 21.52 13.32
N HIS D 178 -32.49 22.01 13.99
CA HIS D 178 -32.51 22.19 15.43
C HIS D 178 -32.93 23.60 15.86
N SER D 179 -33.10 24.52 14.90
CA SER D 179 -33.65 25.83 15.18
C SER D 179 -35.14 25.91 14.87
N ILE D 180 -35.75 24.83 14.40
CA ILE D 180 -37.16 24.86 14.05
C ILE D 180 -37.99 25.01 15.31
N MET D 181 -38.74 26.10 15.40
CA MET D 181 -39.63 26.36 16.52
C MET D 181 -41.06 26.08 16.08
N ARG D 182 -41.85 25.46 16.96
CA ARG D 182 -43.24 25.15 16.67
C ARG D 182 -44.08 25.36 17.91
N ILE D 183 -45.25 25.96 17.75
CA ILE D 183 -46.28 26.01 18.77
C ILE D 183 -47.61 25.66 18.10
N ASP D 184 -48.52 25.11 18.90
CA ASP D 184 -49.83 24.66 18.42
C ASP D 184 -50.90 25.72 18.60
N ILE D 185 -50.52 27.00 18.53
CA ILE D 185 -51.45 28.12 18.57
C ILE D 185 -51.52 28.72 17.17
N ALA D 186 -52.70 28.69 16.58
CA ALA D 186 -52.88 29.09 15.20
C ALA D 186 -54.29 29.66 15.04
N GLY D 187 -54.76 29.75 13.80
CA GLY D 187 -56.03 30.40 13.53
C GLY D 187 -57.22 29.76 14.21
N ARG D 188 -57.20 28.44 14.37
CA ARG D 188 -58.32 27.78 15.03
C ARG D 188 -58.36 28.13 16.51
N ASP D 189 -57.19 28.23 17.15
CA ASP D 189 -57.18 28.66 18.55
C ASP D 189 -57.65 30.10 18.69
N VAL D 190 -57.25 30.96 17.75
CA VAL D 190 -57.71 32.35 17.79
C VAL D 190 -59.23 32.40 17.60
N SER D 191 -59.77 31.54 16.74
CA SER D 191 -61.22 31.56 16.52
C SER D 191 -61.96 31.01 17.72
N ARG D 192 -61.42 30.00 18.40
CA ARG D 192 -62.02 29.53 19.63
C ARG D 192 -62.01 30.61 20.70
N PHE D 193 -60.89 31.32 20.81
CA PHE D 193 -60.80 32.41 21.78
C PHE D 193 -61.78 33.53 21.44
N LEU D 194 -61.95 33.82 20.14
CA LEU D 194 -62.93 34.82 19.73
C LEU D 194 -64.34 34.36 20.06
N ARG D 195 -64.62 33.06 19.92
CA ARG D 195 -65.92 32.53 20.32
C ARG D 195 -66.14 32.74 21.81
N LEU D 196 -65.11 32.48 22.61
CA LEU D 196 -65.21 32.69 24.05
C LEU D 196 -65.50 34.15 24.37
N TYR D 197 -64.77 35.06 23.72
CA TYR D 197 -65.01 36.47 23.94
C TYR D 197 -66.42 36.88 23.51
N LEU D 198 -66.88 36.39 22.36
CA LEU D 198 -68.24 36.70 21.93
C LEU D 198 -69.28 36.19 22.89
N ARG D 199 -69.06 35.01 23.48
CA ARG D 199 -69.93 34.56 24.55
C ARG D 199 -69.89 35.52 25.73
N LYS D 200 -68.71 36.07 26.03
CA LYS D 200 -68.60 37.06 27.09
C LYS D 200 -69.23 38.40 26.70
N GLU D 201 -69.48 38.66 25.42
CA GLU D 201 -70.28 39.83 25.04
C GLU D 201 -71.76 39.58 25.29
N GLY D 202 -72.23 38.37 25.02
CA GLY D 202 -73.64 38.03 25.11
C GLY D 202 -74.15 37.21 23.94
N TYR D 203 -73.25 36.81 23.03
CA TYR D 203 -73.61 36.07 21.82
C TYR D 203 -73.04 34.67 21.96
N ASP D 204 -73.92 33.68 22.12
CA ASP D 204 -73.52 32.29 22.28
C ASP D 204 -73.55 31.60 20.92
N PHE D 205 -72.38 31.18 20.44
CA PHE D 205 -72.22 30.46 19.18
C PHE D 205 -71.69 29.07 19.52
N HIS D 206 -72.60 28.15 19.86
CA HIS D 206 -72.19 26.83 20.34
C HIS D 206 -72.32 25.73 19.29
N SER D 207 -73.03 25.98 18.19
CA SER D 207 -73.10 25.01 17.11
C SER D 207 -71.82 25.07 16.27
N SER D 208 -71.59 24.00 15.50
CA SER D 208 -70.39 23.93 14.67
C SER D 208 -70.49 24.82 13.44
N SER D 209 -71.65 24.88 12.79
CA SER D 209 -71.84 25.87 11.75
C SER D 209 -71.74 27.28 12.31
N GLU D 210 -72.21 27.48 13.55
CA GLU D 210 -71.99 28.76 14.20
C GLU D 210 -70.52 29.01 14.49
N PHE D 211 -69.74 27.94 14.71
CA PHE D 211 -68.30 28.12 14.82
C PHE D 211 -67.69 28.55 13.48
N GLU D 212 -68.23 28.04 12.37
CA GLU D 212 -67.79 28.54 11.07
C GLU D 212 -68.16 30.01 10.90
N ILE D 213 -69.31 30.42 11.42
CA ILE D 213 -69.67 31.83 11.40
C ILE D 213 -68.68 32.65 12.23
N VAL D 214 -68.23 32.10 13.36
CA VAL D 214 -67.22 32.79 14.16
C VAL D 214 -65.91 32.90 13.38
N LYS D 215 -65.56 31.86 12.63
CA LYS D 215 -64.36 31.93 11.79
C LYS D 215 -64.50 33.03 10.75
N ALA D 216 -65.68 33.15 10.15
CA ALA D 216 -65.92 34.24 9.19
C ALA D 216 -65.83 35.60 9.86
N ILE D 217 -66.32 35.71 11.10
CA ILE D 217 -66.19 36.96 11.84
C ILE D 217 -64.73 37.30 12.05
N LYS D 218 -63.92 36.31 12.43
CA LYS D 218 -62.50 36.54 12.63
C LYS D 218 -61.83 36.99 11.33
N GLU D 219 -62.17 36.34 10.23
CA GLU D 219 -61.56 36.72 8.96
C GLU D 219 -61.96 38.13 8.56
N ARG D 220 -63.21 38.51 8.81
CA ARG D 220 -63.73 39.79 8.32
C ARG D 220 -63.40 40.94 9.25
N ALA D 221 -63.82 40.85 10.51
CA ALA D 221 -63.73 41.95 11.48
C ALA D 221 -62.89 41.53 12.66
N CYS D 222 -61.57 41.66 12.51
CA CYS D 222 -60.61 41.48 13.59
C CYS D 222 -59.29 42.06 13.12
N TYR D 223 -58.51 42.59 14.05
CA TYR D 223 -57.26 43.24 13.73
C TYR D 223 -56.32 43.17 14.92
N LEU D 224 -55.04 43.39 14.65
CA LEU D 224 -54.01 43.45 15.68
C LEU D 224 -53.58 44.90 15.86
N SER D 225 -53.74 45.41 17.07
CA SER D 225 -53.27 46.75 17.37
C SER D 225 -51.74 46.77 17.38
N ILE D 226 -51.19 47.93 17.05
CA ILE D 226 -49.73 48.05 16.98
C ILE D 226 -49.11 47.81 18.35
N ASN D 227 -49.78 48.26 19.41
CA ASN D 227 -49.39 47.99 20.78
C ASN D 227 -50.65 47.70 21.58
N PRO D 228 -50.60 46.78 22.55
CA PRO D 228 -51.84 46.32 23.18
C PRO D 228 -52.34 47.21 24.30
N GLN D 229 -51.42 47.86 25.01
CA GLN D 229 -51.80 48.51 26.27
C GLN D 229 -52.65 49.76 26.02
N LYS D 230 -52.24 50.63 25.09
CA LYS D 230 -52.98 51.86 24.87
C LYS D 230 -54.37 51.58 24.29
N ASP D 231 -54.44 50.64 23.34
CA ASP D 231 -55.74 50.29 22.78
C ASP D 231 -56.63 49.59 23.81
N GLU D 232 -56.04 48.78 24.68
CA GLU D 232 -56.81 48.16 25.75
C GLU D 232 -57.37 49.21 26.71
N THR D 233 -56.56 50.21 27.07
CA THR D 233 -56.98 51.23 28.01
C THR D 233 -57.90 52.28 27.38
N LEU D 234 -57.91 52.40 26.05
CA LEU D 234 -58.73 53.43 25.41
C LEU D 234 -60.22 53.12 25.50
N GLU D 235 -60.60 51.85 25.37
CA GLU D 235 -62.01 51.44 25.39
C GLU D 235 -62.78 52.11 24.24
N THR D 236 -62.34 51.76 23.02
CA THR D 236 -62.93 52.33 21.82
C THR D 236 -64.38 51.86 21.65
N GLU D 237 -65.07 52.49 20.70
CA GLU D 237 -66.46 52.15 20.44
C GLU D 237 -66.57 50.80 19.76
N LYS D 238 -67.79 50.27 19.76
CA LYS D 238 -68.09 48.96 19.21
C LYS D 238 -68.45 49.07 17.73
N ALA D 239 -68.23 47.97 17.00
CA ALA D 239 -68.51 47.88 15.58
C ALA D 239 -69.58 46.83 15.32
N GLN D 240 -70.36 47.05 14.26
CA GLN D 240 -71.50 46.19 13.92
C GLN D 240 -71.09 45.17 12.88
N TYR D 241 -71.36 43.90 13.16
CA TYR D 241 -71.17 42.81 12.22
C TYR D 241 -72.52 42.16 11.93
N TYR D 242 -72.78 41.90 10.66
CA TYR D 242 -74.05 41.35 10.21
C TYR D 242 -73.95 39.83 10.12
N LEU D 243 -74.79 39.14 10.89
CA LEU D 243 -74.79 37.69 10.89
C LEU D 243 -75.44 37.18 9.59
N PRO D 244 -75.26 35.89 9.28
CA PRO D 244 -75.88 35.36 8.05
C PRO D 244 -77.39 35.48 8.00
N ASP D 245 -78.08 35.41 9.14
CA ASP D 245 -79.54 35.46 9.15
C ASP D 245 -80.09 36.87 9.11
N GLY D 246 -79.23 37.90 9.07
CA GLY D 246 -79.65 39.27 8.95
C GLY D 246 -79.50 40.10 10.21
N SER D 247 -79.41 39.45 11.37
CA SER D 247 -79.26 40.18 12.62
C SER D 247 -77.83 40.71 12.76
N THR D 248 -77.67 41.71 13.62
CA THR D 248 -76.40 42.38 13.85
C THR D 248 -75.90 42.10 15.26
N ILE D 249 -74.58 42.18 15.43
CA ILE D 249 -73.94 42.02 16.72
C ILE D 249 -72.89 43.11 16.89
N GLU D 250 -72.68 43.49 18.15
CA GLU D 250 -71.68 44.49 18.54
C GLU D 250 -70.46 43.74 19.06
N ILE D 251 -69.32 43.92 18.39
CA ILE D 251 -68.13 43.13 18.71
C ILE D 251 -67.38 43.79 19.86
N GLY D 252 -66.91 45.01 19.65
CA GLY D 252 -66.21 45.73 20.70
C GLY D 252 -64.83 45.17 20.96
N PRO D 253 -64.43 44.99 22.24
CA PRO D 253 -63.04 44.61 22.51
C PRO D 253 -62.65 43.26 21.95
N SER D 254 -63.61 42.40 21.61
CA SER D 254 -63.29 41.13 20.97
C SER D 254 -62.64 41.30 19.60
N ARG D 255 -62.74 42.49 18.99
CA ARG D 255 -62.13 42.70 17.69
C ARG D 255 -60.62 42.52 17.75
N PHE D 256 -59.98 43.06 18.79
CA PHE D 256 -58.52 43.06 18.90
C PHE D 256 -57.98 42.18 20.02
N ARG D 257 -58.75 41.92 21.08
CA ARG D 257 -58.29 41.03 22.13
C ARG D 257 -58.20 39.58 21.68
N ALA D 258 -58.90 39.20 20.61
CA ALA D 258 -58.91 37.82 20.15
C ALA D 258 -57.61 37.47 19.42
N PRO D 259 -57.20 38.20 18.37
CA PRO D 259 -55.95 37.83 17.69
C PRO D 259 -54.69 38.10 18.49
N GLU D 260 -54.79 38.74 19.65
CA GLU D 260 -53.65 38.85 20.55
C GLU D 260 -53.21 37.50 21.10
N LEU D 261 -54.03 36.46 20.97
CA LEU D 261 -53.63 35.13 21.41
C LEU D 261 -52.38 34.65 20.69
N LEU D 262 -52.16 35.11 19.46
CA LEU D 262 -50.96 34.73 18.73
C LEU D 262 -49.71 35.22 19.45
N PHE D 263 -49.75 36.44 19.98
CA PHE D 263 -48.58 37.08 20.57
C PHE D 263 -48.46 36.88 22.07
N ARG D 264 -49.42 36.23 22.71
CA ARG D 264 -49.29 35.82 24.11
C ARG D 264 -50.25 34.67 24.36
N PRO D 265 -49.81 33.41 24.20
CA PRO D 265 -50.73 32.28 24.43
C PRO D 265 -51.18 32.12 25.88
N ASP D 266 -50.65 32.90 26.82
CA ASP D 266 -51.10 32.77 28.21
C ASP D 266 -52.53 33.26 28.41
N LEU D 267 -53.14 33.90 27.42
CA LEU D 267 -54.53 34.31 27.54
C LEU D 267 -55.48 33.14 27.66
N ILE D 268 -55.07 31.93 27.25
CA ILE D 268 -55.82 30.71 27.45
C ILE D 268 -55.11 29.74 28.38
N GLY D 269 -54.13 30.21 29.14
CA GLY D 269 -53.43 29.36 30.08
C GLY D 269 -52.31 28.53 29.49
N GLU D 270 -52.04 28.64 28.20
CA GLU D 270 -50.96 27.87 27.60
C GLU D 270 -49.61 28.51 27.96
N GLU D 271 -48.71 27.70 28.53
CA GLU D 271 -47.37 28.16 28.90
C GLU D 271 -46.45 28.02 27.70
N SER D 272 -46.78 28.76 26.65
CA SER D 272 -46.12 28.67 25.35
C SER D 272 -45.51 30.03 25.00
N GLU D 273 -44.92 30.09 23.81
CA GLU D 273 -44.28 31.31 23.32
C GLU D 273 -45.19 32.02 22.34
N GLY D 274 -45.00 33.34 22.24
CA GLY D 274 -45.70 34.09 21.22
C GLY D 274 -45.14 33.78 19.85
N ILE D 275 -45.88 34.25 18.83
CA ILE D 275 -45.41 34.06 17.46
C ILE D 275 -44.11 34.82 17.23
N HIS D 276 -44.00 36.03 17.79
CA HIS D 276 -42.76 36.78 17.69
C HIS D 276 -41.63 36.08 18.43
N GLU D 277 -41.91 35.48 19.59
CA GLU D 277 -40.89 34.72 20.29
C GLU D 277 -40.51 33.46 19.53
N VAL D 278 -41.48 32.83 18.86
CA VAL D 278 -41.16 31.68 18.01
C VAL D 278 -40.16 32.09 16.94
N LEU D 279 -40.45 33.20 16.24
CA LEU D 279 -39.55 33.67 15.19
C LEU D 279 -38.18 34.02 15.74
N VAL D 280 -38.13 34.79 16.82
CA VAL D 280 -36.85 35.25 17.34
C VAL D 280 -36.03 34.10 17.89
N PHE D 281 -36.69 33.13 18.53
CA PHE D 281 -35.97 31.97 19.03
C PHE D 281 -35.42 31.13 17.89
N ALA D 282 -36.20 31.00 16.81
CA ALA D 282 -35.69 30.29 15.64
C ALA D 282 -34.47 31.00 15.06
N ILE D 283 -34.48 32.33 15.04
CA ILE D 283 -33.34 33.06 14.49
C ILE D 283 -32.13 32.94 15.42
N GLN D 284 -32.34 33.11 16.73
CA GLN D 284 -31.24 33.15 17.67
C GLN D 284 -30.68 31.78 18.01
N LYS D 285 -31.43 30.71 17.76
CA LYS D 285 -30.88 29.37 17.89
C LYS D 285 -29.94 29.02 16.74
N SER D 286 -29.95 29.79 15.66
CA SER D 286 -29.07 29.54 14.52
C SER D 286 -27.65 29.96 14.88
N ASP D 287 -26.74 29.78 13.93
CA ASP D 287 -25.36 30.17 14.15
C ASP D 287 -25.26 31.70 14.24
N MET D 288 -24.18 32.15 14.89
CA MET D 288 -24.05 33.57 15.19
C MET D 288 -23.95 34.40 13.93
N ASP D 289 -23.28 33.88 12.90
CA ASP D 289 -23.07 34.65 11.69
C ASP D 289 -24.31 34.72 10.80
N LEU D 290 -25.19 33.73 10.87
CA LEU D 290 -26.39 33.72 10.05
C LEU D 290 -27.52 34.57 10.62
N ARG D 291 -27.38 35.07 11.86
CA ARG D 291 -28.49 35.77 12.49
C ARG D 291 -28.81 37.08 11.78
N ARG D 292 -27.78 37.86 11.42
CA ARG D 292 -28.03 39.13 10.76
C ARG D 292 -28.68 38.93 9.40
N THR D 293 -28.26 37.91 8.65
CA THR D 293 -28.90 37.62 7.38
C THR D 293 -30.32 37.13 7.56
N LEU D 294 -30.57 36.34 8.61
CA LEU D 294 -31.91 35.80 8.82
C LEU D 294 -32.89 36.88 9.26
N PHE D 295 -32.43 37.86 10.04
CA PHE D 295 -33.32 38.95 10.43
C PHE D 295 -33.74 39.78 9.23
N SER D 296 -32.85 39.93 8.25
CA SER D 296 -33.16 40.70 7.04
C SER D 296 -34.05 39.95 6.07
N ASN D 297 -34.22 38.63 6.23
CA ASN D 297 -35.02 37.80 5.33
C ASN D 297 -36.00 36.99 6.18
N ILE D 298 -37.13 37.61 6.51
CA ILE D 298 -38.24 36.94 7.20
C ILE D 298 -39.39 36.86 6.20
N VAL D 299 -39.93 35.65 6.03
CA VAL D 299 -41.00 35.39 5.08
C VAL D 299 -42.22 34.92 5.84
N LEU D 300 -43.33 35.62 5.69
CA LEU D 300 -44.58 35.24 6.30
C LEU D 300 -45.35 34.28 5.40
N SER D 301 -46.08 33.37 6.02
CA SER D 301 -46.89 32.41 5.27
C SER D 301 -48.05 31.98 6.15
N GLY D 302 -49.04 31.36 5.52
CA GLY D 302 -50.21 30.89 6.21
C GLY D 302 -51.26 31.98 6.39
N GLY D 303 -52.49 31.55 6.60
CA GLY D 303 -53.59 32.49 6.66
C GLY D 303 -53.62 33.34 7.91
N SER D 304 -53.09 32.83 9.02
CA SER D 304 -53.15 33.59 10.27
C SER D 304 -52.22 34.79 10.27
N THR D 305 -51.32 34.90 9.29
CA THR D 305 -50.49 36.09 9.14
C THR D 305 -51.16 37.18 8.32
N LEU D 306 -52.44 37.02 7.98
CA LEU D 306 -53.18 37.99 7.18
C LEU D 306 -54.01 38.94 8.03
N PHE D 307 -53.90 38.86 9.36
CA PHE D 307 -54.63 39.77 10.22
C PHE D 307 -54.24 41.21 9.95
N LYS D 308 -55.22 42.10 9.97
CA LYS D 308 -54.96 43.52 9.75
C LYS D 308 -54.01 44.03 10.83
N GLY D 309 -52.89 44.60 10.40
CA GLY D 309 -51.89 45.06 11.33
C GLY D 309 -51.01 43.98 11.91
N PHE D 310 -50.99 42.78 11.30
CA PHE D 310 -50.11 41.72 11.79
C PHE D 310 -48.65 42.06 11.56
N GLY D 311 -48.30 42.50 10.34
CA GLY D 311 -46.91 42.76 10.03
C GLY D 311 -46.31 43.86 10.88
N ASP D 312 -47.09 44.93 11.11
CA ASP D 312 -46.57 46.04 11.91
C ASP D 312 -46.31 45.60 13.35
N ARG D 313 -47.24 44.87 13.95
CA ARG D 313 -47.04 44.41 15.32
C ARG D 313 -45.87 43.42 15.40
N LEU D 314 -45.75 42.53 14.41
CA LEU D 314 -44.63 41.59 14.43
C LEU D 314 -43.32 42.33 14.28
N LEU D 315 -43.27 43.34 13.42
CA LEU D 315 -42.04 44.12 13.29
C LEU D 315 -41.69 44.82 14.58
N SER D 316 -42.68 45.40 15.26
CA SER D 316 -42.40 46.06 16.53
C SER D 316 -41.90 45.08 17.57
N GLU D 317 -42.51 43.90 17.64
CA GLU D 317 -42.09 42.92 18.64
C GLU D 317 -40.69 42.39 18.35
N VAL D 318 -40.40 42.09 17.08
CA VAL D 318 -39.09 41.58 16.72
C VAL D 318 -38.03 42.65 16.94
N LYS D 319 -38.37 43.91 16.69
CA LYS D 319 -37.46 45.01 17.02
C LYS D 319 -37.20 45.08 18.51
N LYS D 320 -38.24 44.89 19.32
CA LYS D 320 -38.04 44.88 20.77
C LYS D 320 -37.14 43.73 21.20
N LEU D 321 -37.22 42.59 20.53
CA LEU D 321 -36.44 41.41 20.90
C LEU D 321 -35.09 41.31 20.21
N ALA D 322 -34.94 41.89 19.02
CA ALA D 322 -33.69 41.78 18.29
C ALA D 322 -32.65 42.74 18.85
N PRO D 323 -31.37 42.56 18.49
CA PRO D 323 -30.34 43.51 18.93
C PRO D 323 -30.58 44.91 18.35
N LYS D 324 -29.79 45.85 18.84
CA LYS D 324 -29.92 47.23 18.41
C LYS D 324 -29.35 47.41 17.01
N ASP D 325 -30.04 48.23 16.20
CA ASP D 325 -29.58 48.63 14.88
C ASP D 325 -29.34 47.41 13.98
N VAL D 326 -30.25 46.44 14.04
CA VAL D 326 -30.23 45.27 13.17
C VAL D 326 -31.37 45.42 12.17
N LYS D 327 -31.05 45.31 10.89
CA LYS D 327 -32.04 45.48 9.83
C LYS D 327 -33.01 44.31 9.85
N ILE D 328 -34.21 44.54 10.36
CA ILE D 328 -35.30 43.58 10.29
C ILE D 328 -36.16 43.96 9.09
N ARG D 329 -36.41 43.00 8.21
CA ARG D 329 -37.27 43.23 7.05
C ARG D 329 -38.13 42.00 6.82
N ILE D 330 -39.43 42.15 7.10
CA ILE D 330 -40.39 41.06 6.99
C ILE D 330 -41.03 41.12 5.62
N SER D 331 -40.86 40.07 4.84
CA SER D 331 -41.45 39.96 3.52
C SER D 331 -42.80 39.26 3.65
N ALA D 332 -43.85 39.93 3.20
CA ALA D 332 -45.23 39.46 3.35
C ALA D 332 -45.90 39.45 1.99
N PRO D 333 -45.71 38.42 1.17
CA PRO D 333 -46.29 38.42 -0.18
C PRO D 333 -47.81 38.38 -0.12
N GLN D 334 -48.42 38.79 -1.24
CA GLN D 334 -49.88 38.83 -1.31
C GLN D 334 -50.48 37.44 -1.16
N GLU D 335 -49.86 36.43 -1.78
CA GLU D 335 -50.36 35.06 -1.76
C GLU D 335 -49.81 34.29 -0.58
N ARG D 336 -49.95 34.85 0.63
CA ARG D 336 -49.53 34.14 1.83
C ARG D 336 -50.33 32.87 2.03
N LEU D 337 -51.60 32.88 1.65
CA LEU D 337 -52.43 31.69 1.81
C LEU D 337 -51.90 30.53 0.97
N TYR D 338 -51.50 30.81 -0.27
CA TYR D 338 -51.14 29.79 -1.24
C TYR D 338 -49.64 29.74 -1.52
N SER D 339 -48.81 30.30 -0.65
CA SER D 339 -47.36 30.22 -0.85
C SER D 339 -46.89 28.77 -0.76
N THR D 340 -47.41 28.02 0.20
CA THR D 340 -47.00 26.63 0.35
C THR D 340 -47.36 25.81 -0.87
N TRP D 341 -48.58 25.97 -1.40
CA TRP D 341 -48.96 25.21 -2.57
C TRP D 341 -48.16 25.65 -3.79
N ILE D 342 -47.93 26.95 -3.94
CA ILE D 342 -47.19 27.43 -5.11
C ILE D 342 -45.77 26.86 -5.07
N GLY D 343 -45.18 26.78 -3.89
CA GLY D 343 -43.88 26.13 -3.78
C GLY D 343 -43.94 24.66 -4.10
N GLY D 344 -44.97 23.96 -3.62
CA GLY D 344 -45.12 22.56 -3.97
C GLY D 344 -45.27 22.34 -5.46
N SER D 345 -45.95 23.27 -6.13
CA SER D 345 -46.09 23.18 -7.58
C SER D 345 -44.78 23.44 -8.29
N ILE D 346 -44.01 24.43 -7.81
CA ILE D 346 -42.69 24.68 -8.40
C ILE D 346 -41.80 23.46 -8.21
N LEU D 347 -41.81 22.89 -7.02
CA LEU D 347 -40.94 21.74 -6.73
C LEU D 347 -41.35 20.52 -7.55
N ALA D 348 -42.64 20.23 -7.62
CA ALA D 348 -43.10 19.03 -8.31
C ALA D 348 -42.92 19.10 -9.81
N SER D 349 -42.77 20.30 -10.37
CA SER D 349 -42.55 20.44 -11.80
C SER D 349 -41.10 20.21 -12.22
N LEU D 350 -40.18 20.10 -11.26
CA LEU D 350 -38.77 19.94 -11.59
C LEU D 350 -38.47 18.51 -11.98
N ASP D 351 -37.49 18.35 -12.88
CA ASP D 351 -36.96 17.04 -13.19
C ASP D 351 -36.22 16.43 -12.01
N THR D 352 -35.70 17.25 -11.09
CA THR D 352 -35.09 16.75 -9.88
C THR D 352 -36.10 16.06 -8.98
N PHE D 353 -37.38 16.45 -9.06
CA PHE D 353 -38.41 15.83 -8.23
C PHE D 353 -38.54 14.33 -8.47
N LYS D 354 -38.13 13.85 -9.64
CA LYS D 354 -38.15 12.42 -9.90
C LYS D 354 -37.20 11.66 -8.98
N LYS D 355 -36.14 12.31 -8.52
CA LYS D 355 -35.16 11.68 -7.65
C LYS D 355 -35.56 11.72 -6.18
N MET D 356 -36.58 12.49 -5.81
CA MET D 356 -36.93 12.73 -4.41
C MET D 356 -38.00 11.79 -3.89
N TRP D 357 -38.98 11.44 -4.71
CA TRP D 357 -40.15 10.74 -4.20
C TRP D 357 -39.80 9.32 -3.79
N VAL D 358 -40.76 8.65 -3.17
CA VAL D 358 -40.69 7.24 -2.82
C VAL D 358 -41.55 6.48 -3.81
N SER D 359 -40.93 5.67 -4.66
CA SER D 359 -41.68 4.89 -5.62
C SER D 359 -42.48 3.81 -4.91
N LYS D 360 -43.52 3.32 -5.60
CA LYS D 360 -44.41 2.34 -4.99
C LYS D 360 -43.66 1.06 -4.63
N LYS D 361 -42.87 0.52 -5.55
CA LYS D 361 -42.08 -0.68 -5.26
C LYS D 361 -41.08 -0.42 -4.15
N GLU D 362 -40.52 0.80 -4.09
CA GLU D 362 -39.64 1.15 -2.98
C GLU D 362 -40.39 1.13 -1.66
N TYR D 363 -41.65 1.55 -1.66
CA TYR D 363 -42.46 1.43 -0.46
C TYR D 363 -42.70 -0.03 -0.08
N GLU D 364 -42.98 -0.89 -1.06
CA GLU D 364 -43.20 -2.30 -0.74
C GLU D 364 -41.94 -2.94 -0.19
N GLU D 365 -40.77 -2.56 -0.70
CA GLU D 365 -39.53 -3.15 -0.21
C GLU D 365 -39.30 -2.83 1.26
N ASP D 366 -39.39 -1.54 1.63
CA ASP D 366 -39.05 -1.07 2.98
C ASP D 366 -40.29 -0.74 3.80
N GLY D 367 -41.19 0.06 3.25
CA GLY D 367 -42.36 0.52 3.98
C GLY D 367 -42.13 1.89 4.60
N ALA D 368 -42.40 2.00 5.90
CA ALA D 368 -42.24 3.27 6.59
C ALA D 368 -40.80 3.76 6.58
N ARG D 369 -39.83 2.86 6.45
CA ARG D 369 -38.44 3.28 6.44
C ARG D 369 -38.13 4.14 5.22
N SER D 370 -38.69 3.78 4.06
CA SER D 370 -38.40 4.52 2.84
C SER D 370 -38.82 5.98 2.96
N ILE D 371 -40.05 6.22 3.39
CA ILE D 371 -40.51 7.60 3.56
C ILE D 371 -39.79 8.29 4.70
N HIS D 372 -39.45 7.59 5.78
CA HIS D 372 -38.71 8.23 6.85
C HIS D 372 -37.33 8.71 6.39
N ARG D 373 -36.62 7.90 5.62
CA ARG D 373 -35.34 8.35 5.08
C ARG D 373 -35.51 9.48 4.08
N LYS D 374 -36.42 9.32 3.11
CA LYS D 374 -36.48 10.26 2.00
C LYS D 374 -37.26 11.53 2.30
N THR D 375 -37.91 11.62 3.46
CA THR D 375 -38.60 12.86 3.81
C THR D 375 -37.59 13.95 4.20
N PHE D 376 -36.50 13.55 4.82
CA PHE D 376 -35.42 14.48 5.18
C PHE D 376 -34.09 14.02 4.59
N ILE E 7 -69.47 49.30 55.64
CA ILE E 7 -70.24 49.50 56.85
C ILE E 7 -70.17 48.22 57.69
N ALA E 8 -70.40 48.35 58.99
CA ALA E 8 -70.20 47.26 59.94
C ALA E 8 -71.46 46.43 60.20
N ASN E 9 -72.56 46.68 59.51
CA ASN E 9 -73.77 45.90 59.75
C ASN E 9 -73.69 44.56 59.03
N GLN E 10 -74.56 43.66 59.44
CA GLN E 10 -74.51 42.27 58.98
C GLN E 10 -74.81 42.20 57.48
N PRO E 11 -73.94 41.63 56.64
CA PRO E 11 -74.22 41.63 55.20
C PRO E 11 -75.34 40.66 54.85
N VAL E 12 -76.00 40.94 53.73
CA VAL E 12 -77.11 40.14 53.22
C VAL E 12 -76.60 39.32 52.06
N VAL E 13 -76.82 38.00 52.12
CA VAL E 13 -76.38 37.07 51.11
C VAL E 13 -77.58 36.72 50.24
N ILE E 14 -77.45 36.98 48.94
CA ILE E 14 -78.48 36.69 47.94
C ILE E 14 -77.86 35.76 46.92
N ASP E 15 -78.32 34.52 46.89
CA ASP E 15 -77.98 33.58 45.81
C ASP E 15 -79.16 33.59 44.83
N ASN E 16 -79.04 34.44 43.82
CA ASN E 16 -80.10 34.59 42.83
C ASN E 16 -79.92 33.52 41.75
N GLY E 17 -80.60 32.40 41.92
CA GLY E 17 -80.59 31.36 40.92
C GLY E 17 -81.46 31.73 39.74
N SER E 18 -81.37 30.90 38.69
CA SER E 18 -82.22 31.11 37.53
C SER E 18 -83.65 30.65 37.78
N GLY E 19 -83.84 29.65 38.65
CA GLY E 19 -85.15 29.13 38.97
C GLY E 19 -85.62 29.47 40.36
N VAL E 20 -84.70 29.47 41.32
CA VAL E 20 -85.01 29.72 42.72
C VAL E 20 -83.99 30.71 43.28
N ILE E 21 -84.48 31.72 43.99
CA ILE E 21 -83.64 32.73 44.62
C ILE E 21 -83.65 32.50 46.12
N LYS E 22 -82.46 32.34 46.69
CA LYS E 22 -82.27 32.15 48.12
C LYS E 22 -81.69 33.42 48.72
N ALA E 23 -82.09 33.75 49.94
CA ALA E 23 -81.66 35.00 50.54
C ALA E 23 -81.70 34.88 52.06
N GLY E 24 -80.76 35.56 52.69
CA GLY E 24 -80.70 35.58 54.14
C GLY E 24 -79.55 36.45 54.60
N PHE E 25 -79.24 36.34 55.89
CA PHE E 25 -78.14 37.08 56.49
C PHE E 25 -76.94 36.16 56.73
N ALA E 26 -75.76 36.72 56.57
CA ALA E 26 -74.52 35.99 56.84
C ALA E 26 -74.47 35.56 58.30
N GLY E 27 -73.98 34.34 58.52
CA GLY E 27 -73.91 33.74 59.83
C GLY E 27 -75.05 32.79 60.14
N ASP E 28 -76.15 32.86 59.39
CA ASP E 28 -77.22 31.88 59.52
C ASP E 28 -76.81 30.58 58.83
N GLN E 29 -77.15 29.45 59.45
CA GLN E 29 -76.72 28.17 58.92
C GLN E 29 -77.52 27.75 57.68
N ILE E 30 -78.71 28.30 57.49
CA ILE E 30 -79.56 27.99 56.35
C ILE E 30 -80.17 29.27 55.80
N PRO E 31 -80.57 29.32 54.52
CA PRO E 31 -81.26 30.52 54.01
C PRO E 31 -82.68 30.58 54.56
N LYS E 32 -83.01 31.70 55.20
CA LYS E 32 -84.34 31.85 55.78
C LYS E 32 -85.39 32.16 54.73
N TYR E 33 -85.02 32.85 53.65
CA TYR E 33 -86.00 33.36 52.67
C TYR E 33 -85.61 32.88 51.28
N CYS E 34 -86.14 31.72 50.89
CA CYS E 34 -85.92 31.12 49.58
C CYS E 34 -87.25 30.97 48.88
N PHE E 35 -87.33 31.46 47.65
CA PHE E 35 -88.60 31.47 46.92
C PHE E 35 -88.31 31.40 45.43
N PRO E 36 -89.30 31.02 44.61
CA PRO E 36 -89.06 30.94 43.17
C PRO E 36 -88.73 32.28 42.56
N ASN E 37 -87.91 32.24 41.50
CA ASN E 37 -87.42 33.44 40.82
C ASN E 37 -88.26 33.70 39.57
N TYR E 38 -89.53 34.06 39.80
CA TYR E 38 -90.40 34.50 38.72
C TYR E 38 -91.33 35.58 39.22
N VAL E 39 -91.94 36.29 38.28
CA VAL E 39 -92.94 37.31 38.55
C VAL E 39 -94.25 36.85 37.92
N GLY E 40 -95.29 36.76 38.74
CA GLY E 40 -96.63 36.46 38.27
C GLY E 40 -97.41 37.75 38.06
N ARG E 41 -98.28 37.74 37.05
CA ARG E 41 -99.17 38.87 36.80
C ARG E 41 -100.58 38.35 36.57
N PRO E 42 -101.62 39.08 37.01
CA PRO E 42 -102.98 38.52 36.92
C PRO E 42 -103.46 38.51 35.47
N LYS E 43 -103.78 37.31 34.97
CA LYS E 43 -104.22 37.16 33.59
C LYS E 43 -105.71 37.30 33.41
N HIS E 44 -106.50 37.10 34.45
CA HIS E 44 -107.95 37.23 34.37
C HIS E 44 -108.35 38.68 34.62
N VAL E 45 -109.65 38.93 34.75
CA VAL E 45 -110.20 40.26 34.99
C VAL E 45 -110.71 40.32 36.43
N ARG E 46 -110.40 41.43 37.10
CA ARG E 46 -110.85 41.66 38.46
C ARG E 46 -112.15 42.45 38.41
N VAL E 47 -113.22 41.85 38.93
CA VAL E 47 -114.53 42.47 38.96
C VAL E 47 -115.02 42.74 40.37
N MET E 48 -114.76 41.83 41.32
CA MET E 48 -115.20 42.01 42.69
C MET E 48 -114.25 42.94 43.42
N ALA E 49 -114.80 43.98 44.04
CA ALA E 49 -113.99 44.90 44.82
C ALA E 49 -113.47 44.18 46.06
N GLY E 50 -112.23 44.53 46.45
CA GLY E 50 -111.60 43.86 47.57
C GLY E 50 -110.94 42.54 47.23
N ALA E 51 -110.64 42.30 45.95
CA ALA E 51 -109.91 41.11 45.54
C ALA E 51 -108.42 41.32 45.81
N LEU E 52 -107.58 40.44 45.28
CA LEU E 52 -106.14 40.60 45.44
C LEU E 52 -105.69 41.88 44.75
N GLU E 53 -104.69 42.52 45.35
CA GLU E 53 -104.22 43.84 44.91
C GLU E 53 -102.83 43.75 44.32
N GLY E 54 -102.57 44.60 43.35
CA GLY E 54 -101.27 44.72 42.72
C GLY E 54 -101.19 43.95 41.42
N ASP E 55 -100.44 44.51 40.48
CA ASP E 55 -100.18 43.85 39.20
C ASP E 55 -99.05 42.82 39.29
N ILE E 56 -98.28 42.83 40.38
CA ILE E 56 -97.07 42.02 40.51
C ILE E 56 -97.26 41.09 41.71
N PHE E 57 -96.96 39.81 41.50
CA PHE E 57 -97.06 38.78 42.53
C PHE E 57 -95.77 37.97 42.55
N ILE E 58 -95.05 38.03 43.67
CA ILE E 58 -93.79 37.33 43.85
C ILE E 58 -93.86 36.62 45.20
N GLY E 59 -93.13 35.51 45.31
CA GLY E 59 -92.97 34.84 46.58
C GLY E 59 -94.06 33.82 46.84
N PRO E 60 -94.26 33.44 48.10
CA PRO E 60 -95.31 32.44 48.40
C PRO E 60 -96.71 32.89 48.03
N LYS E 61 -96.96 34.20 47.94
CA LYS E 61 -98.25 34.67 47.46
C LYS E 61 -98.48 34.23 46.01
N ALA E 62 -97.43 34.27 45.18
CA ALA E 62 -97.56 33.78 43.81
C ALA E 62 -97.86 32.28 43.78
N GLU E 63 -97.19 31.51 44.63
CA GLU E 63 -97.43 30.08 44.67
C GLU E 63 -98.83 29.73 45.16
N GLU E 64 -99.34 30.47 46.16
CA GLU E 64 -100.68 30.20 46.66
C GLU E 64 -101.74 30.48 45.60
N HIS E 65 -101.60 31.59 44.87
CA HIS E 65 -102.54 31.99 43.83
C HIS E 65 -102.01 31.68 42.45
N ARG E 66 -101.32 30.55 42.29
CA ARG E 66 -100.62 30.25 41.04
C ARG E 66 -101.57 30.13 39.86
N GLY E 67 -102.75 29.54 40.07
CA GLY E 67 -103.69 29.35 38.98
C GLY E 67 -104.22 30.64 38.38
N LEU E 68 -104.14 31.75 39.13
CA LEU E 68 -104.66 33.03 38.66
C LEU E 68 -103.63 33.82 37.87
N LEU E 69 -102.33 33.57 38.08
CA LEU E 69 -101.27 34.39 37.51
C LEU E 69 -100.65 33.72 36.30
N SER E 70 -100.25 34.55 35.35
CA SER E 70 -99.35 34.16 34.27
C SER E 70 -97.93 34.44 34.72
N ILE E 71 -97.06 33.43 34.60
CA ILE E 71 -95.72 33.46 35.16
C ILE E 71 -94.75 33.95 34.09
N ARG E 72 -93.80 34.79 34.50
CA ARG E 72 -92.74 35.27 33.63
C ARG E 72 -91.43 35.17 34.39
N TYR E 73 -90.45 34.48 33.79
CA TYR E 73 -89.15 34.30 34.42
C TYR E 73 -88.20 35.41 33.95
N PRO E 74 -87.65 36.23 34.84
CA PRO E 74 -86.74 37.28 34.37
C PRO E 74 -85.34 36.80 34.04
N MET E 75 -84.93 35.65 34.55
CA MET E 75 -83.57 35.14 34.39
C MET E 75 -83.64 33.82 33.64
N GLU E 76 -82.86 33.71 32.56
CA GLU E 76 -82.77 32.49 31.78
C GLU E 76 -81.31 32.20 31.50
N HIS E 77 -80.90 30.96 31.75
CA HIS E 77 -79.52 30.52 31.52
C HIS E 77 -78.53 31.38 32.29
N GLY E 78 -78.90 31.76 33.51
CA GLY E 78 -78.01 32.58 34.32
C GLY E 78 -77.84 34.01 33.87
N ILE E 79 -78.69 34.48 32.96
CA ILE E 79 -78.61 35.81 32.40
C ILE E 79 -79.96 36.49 32.58
N VAL E 80 -79.95 37.76 32.96
CA VAL E 80 -81.18 38.51 33.18
C VAL E 80 -81.71 38.98 31.84
N LYS E 81 -82.90 38.50 31.47
CA LYS E 81 -83.54 38.92 30.23
C LYS E 81 -84.44 40.13 30.45
N ASP E 82 -85.23 40.12 31.52
CA ASP E 82 -86.11 41.23 31.89
C ASP E 82 -85.53 41.87 33.15
N TRP E 83 -84.94 43.05 32.99
CA TRP E 83 -84.27 43.70 34.12
C TRP E 83 -85.25 44.34 35.09
N ASN E 84 -86.39 44.83 34.59
CA ASN E 84 -87.38 45.43 35.48
C ASN E 84 -87.94 44.39 36.45
N ASP E 85 -88.22 43.18 35.95
CA ASP E 85 -88.72 42.13 36.84
C ASP E 85 -87.65 41.66 37.82
N MET E 86 -86.38 41.65 37.40
CA MET E 86 -85.31 41.31 38.33
C MET E 86 -85.19 42.36 39.43
N GLU E 87 -85.30 43.64 39.06
CA GLU E 87 -85.31 44.70 40.06
C GLU E 87 -86.49 44.55 41.02
N ARG E 88 -87.65 44.18 40.47
CA ARG E 88 -88.82 43.97 41.33
C ARG E 88 -88.59 42.81 42.29
N ILE E 89 -87.97 41.73 41.82
CA ILE E 89 -87.71 40.59 42.70
C ILE E 89 -86.73 40.98 43.80
N TRP E 90 -85.67 41.72 43.45
CA TRP E 90 -84.71 42.12 44.47
C TRP E 90 -85.34 43.11 45.45
N GLN E 91 -86.26 43.95 44.99
CA GLN E 91 -87.02 44.77 45.93
C GLN E 91 -87.86 43.91 46.85
N TYR E 92 -88.49 42.86 46.31
CA TYR E 92 -89.26 41.94 47.14
C TYR E 92 -88.39 41.20 48.15
N VAL E 93 -87.10 41.00 47.84
CA VAL E 93 -86.22 40.38 48.81
C VAL E 93 -86.13 41.24 50.06
N TYR E 94 -86.09 42.56 49.90
CA TYR E 94 -86.04 43.49 51.02
C TYR E 94 -87.43 43.88 51.54
N SER E 95 -88.50 43.37 50.94
CA SER E 95 -89.84 43.80 51.31
C SER E 95 -90.17 43.33 52.73
N LYS E 96 -91.29 43.84 53.25
CA LYS E 96 -91.66 43.58 54.64
C LYS E 96 -92.05 42.13 54.89
N ASP E 97 -92.39 41.37 53.84
CA ASP E 97 -92.79 39.98 54.04
C ASP E 97 -91.60 39.11 54.43
N GLN E 98 -90.47 39.29 53.74
CA GLN E 98 -89.27 38.50 53.96
C GLN E 98 -88.07 39.43 54.03
N LEU E 99 -87.27 39.28 55.08
CA LEU E 99 -86.06 40.08 55.27
C LEU E 99 -86.42 41.58 55.29
N GLN E 100 -87.20 41.93 56.30
CA GLN E 100 -87.80 43.26 56.40
C GLN E 100 -86.77 44.27 56.94
N THR E 101 -85.81 44.60 56.08
CA THR E 101 -84.76 45.57 56.39
C THR E 101 -84.62 46.56 55.25
N PHE E 102 -83.62 47.42 55.37
CA PHE E 102 -83.34 48.47 54.40
C PHE E 102 -82.11 48.11 53.57
N SER E 103 -82.22 48.30 52.26
CA SER E 103 -81.10 47.98 51.38
C SER E 103 -79.88 48.86 51.62
N GLU E 104 -80.06 50.03 52.23
CA GLU E 104 -78.97 50.97 52.43
C GLU E 104 -78.13 50.66 53.67
N GLU E 105 -78.48 49.64 54.44
CA GLU E 105 -77.82 49.33 55.70
C GLU E 105 -76.82 48.19 55.60
N HIS E 106 -77.12 47.15 54.80
CA HIS E 106 -76.36 45.91 54.79
C HIS E 106 -75.55 45.78 53.50
N PRO E 107 -74.27 45.38 53.57
CA PRO E 107 -73.58 44.99 52.33
C PRO E 107 -74.20 43.74 51.74
N VAL E 108 -74.09 43.63 50.41
CA VAL E 108 -74.73 42.56 49.64
C VAL E 108 -73.65 41.63 49.12
N LEU E 109 -73.89 40.33 49.26
CA LEU E 109 -73.11 39.30 48.58
C LEU E 109 -74.00 38.69 47.51
N LEU E 110 -73.59 38.82 46.25
CA LEU E 110 -74.35 38.36 45.10
C LEU E 110 -73.59 37.27 44.39
N THR E 111 -74.32 36.25 43.92
CA THR E 111 -73.76 35.15 43.17
C THR E 111 -74.19 35.26 41.71
N GLU E 112 -73.41 34.62 40.83
CA GLU E 112 -73.75 34.58 39.42
C GLU E 112 -73.05 33.39 38.78
N ALA E 113 -73.53 32.99 37.62
CA ALA E 113 -72.93 31.86 36.93
C ALA E 113 -71.58 32.27 36.32
N PRO E 114 -70.65 31.33 36.16
CA PRO E 114 -69.39 31.67 35.51
C PRO E 114 -69.58 31.95 34.04
N LEU E 115 -68.69 32.79 33.51
CA LEU E 115 -68.67 33.12 32.08
C LEU E 115 -69.96 33.78 31.62
N ASN E 116 -70.64 34.51 32.51
CA ASN E 116 -71.77 35.31 32.09
C ASN E 116 -71.26 36.52 31.30
N PRO E 117 -72.14 37.18 30.54
CA PRO E 117 -71.73 38.41 29.88
C PRO E 117 -71.35 39.49 30.89
N ARG E 118 -70.43 40.36 30.49
CA ARG E 118 -70.02 41.43 31.39
C ARG E 118 -71.16 42.39 31.66
N LYS E 119 -72.02 42.62 30.67
CA LYS E 119 -73.12 43.58 30.83
C LYS E 119 -74.07 43.13 31.92
N ASN E 120 -74.20 41.82 32.14
CA ASN E 120 -75.02 41.32 33.25
C ASN E 120 -74.48 41.82 34.58
N ARG E 121 -73.18 41.65 34.82
CA ARG E 121 -72.57 42.14 36.05
C ARG E 121 -72.67 43.65 36.15
N GLU E 122 -72.45 44.35 35.04
CA GLU E 122 -72.49 45.81 35.07
C GLU E 122 -73.87 46.32 35.44
N ARG E 123 -74.92 45.73 34.85
CA ARG E 123 -76.28 46.17 35.17
C ARG E 123 -76.70 45.73 36.57
N ALA E 124 -76.22 44.58 37.05
CA ALA E 124 -76.49 44.21 38.44
C ALA E 124 -75.86 45.20 39.40
N ALA E 125 -74.63 45.63 39.13
CA ALA E 125 -73.99 46.65 39.96
C ALA E 125 -74.75 47.97 39.87
N GLU E 126 -75.20 48.34 38.67
CA GLU E 126 -75.97 49.57 38.53
C GLU E 126 -77.25 49.51 39.34
N VAL E 127 -77.95 48.37 39.32
CA VAL E 127 -79.18 48.24 40.07
C VAL E 127 -78.90 48.32 41.57
N PHE E 128 -77.85 47.64 42.03
CA PHE E 128 -77.57 47.56 43.45
C PHE E 128 -76.87 48.79 44.01
N PHE E 129 -76.37 49.70 43.17
CA PHE E 129 -75.74 50.93 43.63
C PHE E 129 -76.52 52.19 43.32
N GLU E 130 -77.42 52.18 42.33
CA GLU E 130 -78.23 53.33 41.98
C GLU E 130 -79.64 53.22 42.53
N THR E 131 -80.36 52.15 42.19
CA THR E 131 -81.72 51.98 42.72
C THR E 131 -81.68 51.67 44.20
N PHE E 132 -81.05 50.56 44.57
CA PHE E 132 -80.67 50.31 45.95
C PHE E 132 -79.37 51.05 46.22
N ASN E 133 -79.32 51.80 47.33
CA ASN E 133 -78.09 52.49 47.73
C ASN E 133 -77.30 51.62 48.70
N VAL E 134 -76.94 50.45 48.21
CA VAL E 134 -76.26 49.44 49.06
C VAL E 134 -74.89 49.98 49.46
N PRO E 135 -74.45 49.83 50.72
CA PRO E 135 -73.12 50.31 51.08
C PRO E 135 -71.99 49.62 50.32
N ALA E 136 -72.13 48.33 50.02
CA ALA E 136 -71.05 47.60 49.36
C ALA E 136 -71.61 46.33 48.72
N LEU E 137 -71.09 45.98 47.54
CA LEU E 137 -71.53 44.83 46.78
C LEU E 137 -70.30 44.00 46.40
N PHE E 138 -70.46 42.67 46.46
CA PHE E 138 -69.45 41.74 45.98
C PHE E 138 -70.13 40.67 45.15
N ILE E 139 -69.71 40.53 43.90
CA ILE E 139 -70.23 39.54 42.97
C ILE E 139 -69.23 38.40 42.90
N SER E 140 -69.68 37.19 43.22
CA SER E 140 -68.82 36.02 43.30
C SER E 140 -69.38 34.89 42.45
N MET E 141 -68.51 33.96 42.10
CA MET E 141 -68.96 32.73 41.43
C MET E 141 -69.55 31.79 42.47
N GLN E 142 -70.11 30.69 41.98
CA GLN E 142 -70.88 29.76 42.80
C GLN E 142 -70.08 28.53 43.23
N ALA E 143 -69.04 28.16 42.49
CA ALA E 143 -68.26 26.98 42.85
C ALA E 143 -67.45 27.22 44.12
N VAL E 144 -66.89 28.43 44.26
CA VAL E 144 -66.13 28.75 45.47
C VAL E 144 -67.04 28.65 46.69
N LEU E 145 -68.29 29.10 46.55
CA LEU E 145 -69.23 28.95 47.65
C LEU E 145 -69.59 27.49 47.89
N SER E 146 -69.78 26.71 46.82
CA SER E 146 -70.09 25.30 47.02
C SER E 146 -68.96 24.57 47.73
N LEU E 147 -67.72 25.01 47.56
CA LEU E 147 -66.60 24.44 48.30
C LEU E 147 -66.48 24.98 49.71
N TYR E 148 -66.76 26.27 49.91
CA TYR E 148 -66.81 26.84 51.25
C TYR E 148 -67.82 26.10 52.12
N ALA E 149 -68.99 25.79 51.57
CA ALA E 149 -70.04 25.15 52.35
C ALA E 149 -69.60 23.78 52.86
N THR E 150 -68.92 23.00 52.02
CA THR E 150 -68.42 21.70 52.43
C THR E 150 -67.14 21.79 53.27
N GLY E 151 -66.56 22.97 53.42
CA GLY E 151 -65.33 23.12 54.17
C GLY E 151 -64.08 22.70 53.42
N ARG E 152 -64.19 22.34 52.15
CA ARG E 152 -63.06 21.89 51.37
C ARG E 152 -62.34 23.08 50.75
N THR E 153 -61.17 22.79 50.17
CA THR E 153 -60.45 23.73 49.32
C THR E 153 -60.04 23.15 47.99
N THR E 154 -60.11 21.83 47.82
CA THR E 154 -59.83 21.16 46.56
C THR E 154 -61.09 20.45 46.09
N GLY E 155 -61.40 20.58 44.81
CA GLY E 155 -62.53 19.90 44.23
C GLY E 155 -62.94 20.50 42.90
N VAL E 156 -63.60 19.72 42.06
CA VAL E 156 -64.21 20.22 40.83
C VAL E 156 -65.71 20.27 41.06
N VAL E 157 -66.24 21.47 41.18
CA VAL E 157 -67.65 21.67 41.51
C VAL E 157 -68.46 21.52 40.24
N LEU E 158 -69.36 20.55 40.23
CA LEU E 158 -70.32 20.35 39.15
C LEU E 158 -71.65 20.94 39.58
N ASP E 159 -71.81 22.23 39.35
CA ASP E 159 -73.00 22.96 39.78
C ASP E 159 -74.00 22.93 38.63
N SER E 160 -75.13 22.27 38.84
CA SER E 160 -76.16 22.08 37.82
C SER E 160 -77.45 22.73 38.31
N GLY E 161 -77.59 24.02 38.04
CA GLY E 161 -78.72 24.77 38.52
C GLY E 161 -79.98 24.59 37.70
N ASP E 162 -80.72 25.67 37.49
CA ASP E 162 -81.96 25.66 36.74
C ASP E 162 -81.81 26.13 35.30
N GLY E 163 -80.79 26.93 35.01
CA GLY E 163 -80.56 27.46 33.68
C GLY E 163 -79.19 27.13 33.12
N VAL E 164 -78.22 26.87 33.99
CA VAL E 164 -76.84 26.67 33.58
C VAL E 164 -76.26 25.53 34.41
N THR E 165 -75.47 24.68 33.77
CA THR E 165 -74.70 23.65 34.45
C THR E 165 -73.25 23.77 34.04
N HIS E 166 -72.36 23.86 35.04
CA HIS E 166 -70.96 24.13 34.78
C HIS E 166 -70.08 23.36 35.74
N ALA E 167 -68.92 22.96 35.24
CA ALA E 167 -67.85 22.35 36.02
C ALA E 167 -66.74 23.37 36.20
N VAL E 168 -66.40 23.64 37.45
CA VAL E 168 -65.35 24.59 37.83
C VAL E 168 -64.30 23.85 38.64
N PRO E 169 -63.05 23.67 38.16
CA PRO E 169 -62.04 23.01 38.99
C PRO E 169 -61.27 23.99 39.86
N ILE E 170 -61.16 23.70 41.16
CA ILE E 170 -60.38 24.49 42.10
C ILE E 170 -59.43 23.55 42.81
N TYR E 171 -58.16 23.92 42.91
CA TYR E 171 -57.14 23.11 43.55
C TYR E 171 -56.41 23.94 44.58
N GLU E 172 -56.54 23.56 45.86
CA GLU E 172 -55.89 24.25 46.97
C GLU E 172 -56.23 25.73 46.98
N GLY E 173 -57.51 26.04 46.77
CA GLY E 173 -57.95 27.42 46.78
C GLY E 173 -57.61 28.23 45.56
N PHE E 174 -57.11 27.59 44.50
CA PHE E 174 -56.79 28.25 43.24
C PHE E 174 -57.76 27.77 42.17
N ALA E 175 -58.47 28.70 41.56
CA ALA E 175 -59.38 28.38 40.46
C ALA E 175 -58.62 28.41 39.14
N MET E 176 -58.98 27.48 38.26
CA MET E 176 -58.38 27.38 36.93
C MET E 176 -59.35 28.00 35.92
N PRO E 177 -59.27 29.30 35.64
CA PRO E 177 -60.32 29.93 34.81
C PRO E 177 -60.38 29.41 33.38
N HIS E 178 -59.30 28.83 32.87
CA HIS E 178 -59.27 28.29 31.51
C HIS E 178 -59.71 26.85 31.43
N SER E 179 -60.02 26.21 32.57
CA SER E 179 -60.59 24.87 32.61
C SER E 179 -62.08 24.89 32.94
N ILE E 180 -62.71 26.07 32.99
CA ILE E 180 -64.12 26.18 33.30
C ILE E 180 -64.91 25.64 32.11
N MET E 181 -65.87 24.75 32.38
CA MET E 181 -66.78 24.25 31.36
C MET E 181 -68.20 24.64 31.75
N ARG E 182 -69.02 24.98 30.76
CA ARG E 182 -70.35 25.52 31.02
C ARG E 182 -71.25 25.17 29.85
N ILE E 183 -72.48 24.78 30.16
CA ILE E 183 -73.51 24.55 29.16
C ILE E 183 -74.83 25.08 29.69
N ASP E 184 -75.72 25.44 28.76
CA ASP E 184 -77.01 26.04 29.08
C ASP E 184 -78.14 25.03 29.02
N ILE E 185 -77.87 23.77 29.37
CA ILE E 185 -78.88 22.72 29.46
C ILE E 185 -78.95 22.31 30.91
N ALA E 186 -80.06 22.64 31.56
CA ALA E 186 -80.17 22.57 33.02
C ALA E 186 -81.61 22.19 33.35
N GLY E 187 -82.01 22.41 34.61
CA GLY E 187 -83.32 21.97 35.06
C GLY E 187 -84.49 22.51 34.28
N ARG E 188 -84.40 23.77 33.84
CA ARG E 188 -85.50 24.33 33.06
C ARG E 188 -85.61 23.64 31.69
N ASP E 189 -84.47 23.33 31.08
CA ASP E 189 -84.51 22.60 29.82
C ASP E 189 -85.11 21.22 30.01
N VAL E 190 -84.79 20.56 31.12
CA VAL E 190 -85.37 19.25 31.41
C VAL E 190 -86.87 19.39 31.63
N SER E 191 -87.31 20.48 32.26
CA SER E 191 -88.74 20.71 32.43
C SER E 191 -89.43 20.90 31.09
N ARG E 192 -88.82 21.67 30.19
CA ARG E 192 -89.41 21.86 28.86
C ARG E 192 -89.46 20.55 28.09
N PHE E 193 -88.40 19.74 28.19
CA PHE E 193 -88.38 18.45 27.52
C PHE E 193 -89.41 17.50 28.10
N LEU E 194 -89.61 17.54 29.42
CA LEU E 194 -90.65 16.73 30.04
C LEU E 194 -92.03 17.19 29.60
N ARG E 195 -92.23 18.50 29.45
CA ARG E 195 -93.49 19.00 28.91
C ARG E 195 -93.71 18.49 27.49
N LEU E 196 -92.65 18.49 26.68
CA LEU E 196 -92.75 17.98 25.31
C LEU E 196 -93.13 16.50 25.32
N TYR E 197 -92.49 15.72 26.18
CA TYR E 197 -92.82 14.30 26.26
C TYR E 197 -94.23 14.06 26.77
N LEU E 198 -94.68 14.85 27.74
CA LEU E 198 -96.06 14.73 28.21
C LEU E 198 -97.05 15.09 27.11
N ARG E 199 -96.71 16.07 26.27
CA ARG E 199 -97.50 16.33 25.08
C ARG E 199 -97.52 15.10 24.17
N LYS E 200 -96.36 14.46 24.01
CA LYS E 200 -96.31 13.23 23.21
C LYS E 200 -97.04 12.07 23.86
N GLU E 201 -97.44 12.18 25.12
CA GLU E 201 -98.20 11.15 25.81
C GLU E 201 -99.66 11.53 26.05
N GLY E 202 -100.12 12.66 25.53
CA GLY E 202 -101.52 13.02 25.57
C GLY E 202 -101.92 14.00 26.64
N TYR E 203 -100.97 14.62 27.34
CA TYR E 203 -101.23 15.64 28.34
C TYR E 203 -100.61 16.95 27.87
N ASP E 204 -101.43 17.99 27.76
CA ASP E 204 -100.99 19.31 27.32
C ASP E 204 -100.90 20.24 28.53
N PHE E 205 -99.73 20.84 28.72
CA PHE E 205 -99.47 21.80 29.79
C PHE E 205 -98.88 23.08 29.22
N HIS E 206 -99.50 23.58 28.15
CA HIS E 206 -99.02 24.78 27.48
C HIS E 206 -99.07 26.03 28.35
N SER E 207 -99.92 26.05 29.38
CA SER E 207 -100.05 27.23 30.22
C SER E 207 -98.75 27.49 30.98
N SER E 208 -98.44 28.78 31.16
CA SER E 208 -97.27 29.14 31.94
C SER E 208 -97.44 28.77 33.41
N SER E 209 -98.67 28.78 33.91
CA SER E 209 -98.95 28.32 35.26
C SER E 209 -98.88 26.80 35.38
N GLU E 210 -99.04 26.08 34.27
CA GLU E 210 -98.88 24.63 34.25
C GLU E 210 -97.44 24.20 34.01
N PHE E 211 -96.57 25.11 33.56
CA PHE E 211 -95.15 24.79 33.52
C PHE E 211 -94.61 24.53 34.92
N GLU E 212 -95.16 25.19 35.93
CA GLU E 212 -94.79 24.88 37.30
C GLU E 212 -95.27 23.50 37.71
N ILE E 213 -96.42 23.06 37.20
CA ILE E 213 -96.88 21.69 37.47
C ILE E 213 -95.96 20.68 36.80
N VAL E 214 -95.50 20.99 35.58
CA VAL E 214 -94.53 20.13 34.91
C VAL E 214 -93.24 20.07 35.71
N LYS E 215 -92.81 21.22 36.25
CA LYS E 215 -91.62 21.25 37.10
C LYS E 215 -91.80 20.40 38.34
N ALA E 216 -92.99 20.47 38.96
CA ALA E 216 -93.27 19.63 40.12
C ALA E 216 -93.25 18.15 39.76
N ILE E 217 -93.78 17.78 38.59
CA ILE E 217 -93.73 16.40 38.16
C ILE E 217 -92.28 15.97 37.96
N LYS E 218 -91.46 16.85 37.40
CA LYS E 218 -90.03 16.56 37.24
C LYS E 218 -89.38 16.34 38.60
N GLU E 219 -89.67 17.19 39.57
CA GLU E 219 -89.05 17.07 40.87
C GLU E 219 -89.50 15.79 41.59
N ARG E 220 -90.77 15.43 41.46
CA ARG E 220 -91.33 14.34 42.24
C ARG E 220 -91.08 12.97 41.60
N ALA E 221 -91.53 12.78 40.36
CA ALA E 221 -91.48 11.48 39.68
C ALA E 221 -90.62 11.60 38.43
N CYS E 222 -89.31 11.49 38.63
CA CYS E 222 -88.36 11.34 37.53
C CYS E 222 -87.06 10.79 38.12
N TYR E 223 -86.36 10.02 37.31
CA TYR E 223 -85.14 9.36 37.77
C TYR E 223 -84.27 9.06 36.56
N LEU E 224 -83.00 8.75 36.85
CA LEU E 224 -82.00 8.46 35.83
C LEU E 224 -81.68 6.97 35.87
N SER E 225 -81.93 6.28 34.76
CA SER E 225 -81.60 4.87 34.67
C SER E 225 -80.08 4.70 34.61
N ILE E 226 -79.61 3.59 35.19
CA ILE E 226 -78.17 3.33 35.18
C ILE E 226 -77.69 3.10 33.75
N ASN E 227 -78.44 2.34 32.96
CA ASN E 227 -78.16 2.12 31.55
C ASN E 227 -79.34 2.64 30.75
N PRO E 228 -79.18 3.65 29.88
CA PRO E 228 -80.37 4.20 29.21
C PRO E 228 -81.00 3.24 28.20
N GLN E 229 -80.19 2.65 27.33
CA GLN E 229 -80.75 1.77 26.29
C GLN E 229 -81.35 0.51 26.88
N LYS E 230 -80.81 0.03 28.01
CA LYS E 230 -81.35 -1.18 28.64
C LYS E 230 -82.80 -0.99 29.04
N ASP E 231 -83.13 0.15 29.65
CA ASP E 231 -84.51 0.45 29.98
C ASP E 231 -85.31 0.90 28.77
N GLU E 232 -84.66 1.50 27.77
CA GLU E 232 -85.36 1.95 26.58
C GLU E 232 -85.92 0.76 25.79
N THR E 233 -85.13 -0.31 25.66
CA THR E 233 -85.57 -1.45 24.88
C THR E 233 -86.74 -2.18 25.54
N LEU E 234 -86.67 -2.36 26.86
CA LEU E 234 -87.70 -3.11 27.56
C LEU E 234 -89.02 -2.36 27.56
N GLU E 235 -90.11 -3.13 27.54
CA GLU E 235 -91.44 -2.54 27.63
C GLU E 235 -91.61 -1.85 28.99
N THR E 236 -92.16 -0.65 28.97
CA THR E 236 -92.21 0.19 30.16
C THR E 236 -93.45 -0.10 31.00
N GLU E 237 -93.30 0.04 32.31
CA GLU E 237 -94.38 -0.04 33.26
C GLU E 237 -94.75 1.37 33.70
N LYS E 238 -96.05 1.67 33.70
CA LYS E 238 -96.50 3.03 33.96
C LYS E 238 -96.44 3.35 35.45
N ALA E 239 -96.48 4.65 35.74
CA ALA E 239 -96.52 5.16 37.11
C ALA E 239 -97.51 6.31 37.18
N GLN E 240 -98.28 6.36 38.26
CA GLN E 240 -99.37 7.31 38.40
C GLN E 240 -98.93 8.51 39.23
N TYR E 241 -99.32 9.70 38.77
CA TYR E 241 -99.06 10.96 39.48
C TYR E 241 -100.36 11.74 39.60
N TYR E 242 -100.59 12.31 40.78
CA TYR E 242 -101.80 13.07 41.06
C TYR E 242 -101.55 14.54 40.78
N LEU E 243 -102.33 15.10 39.85
CA LEU E 243 -102.21 16.52 39.55
C LEU E 243 -102.82 17.33 40.68
N PRO E 244 -102.52 18.64 40.75
CA PRO E 244 -103.11 19.46 41.83
C PRO E 244 -104.62 19.46 41.86
N ASP E 245 -105.27 19.47 40.69
CA ASP E 245 -106.73 19.48 40.66
C ASP E 245 -107.32 18.17 41.18
N GLY E 246 -106.58 17.06 41.07
CA GLY E 246 -107.03 15.77 41.56
C GLY E 246 -106.94 14.67 40.51
N SER E 247 -107.06 15.04 39.24
CA SER E 247 -107.03 14.07 38.16
C SER E 247 -105.63 13.49 38.01
N THR E 248 -105.57 12.16 37.90
CA THR E 248 -104.29 11.46 37.79
C THR E 248 -103.81 11.42 36.36
N ILE E 249 -102.51 11.15 36.19
CA ILE E 249 -101.90 10.95 34.89
C ILE E 249 -100.89 9.81 35.00
N GLU E 250 -100.58 9.21 33.86
CA GLU E 250 -99.61 8.12 33.76
C GLU E 250 -98.34 8.64 33.10
N ILE E 251 -97.23 8.53 33.82
CA ILE E 251 -96.00 9.22 33.42
C ILE E 251 -95.27 8.46 32.33
N GLY E 252 -95.08 7.16 32.51
CA GLY E 252 -94.62 6.32 31.43
C GLY E 252 -93.12 6.49 31.14
N PRO E 253 -92.71 6.29 29.88
CA PRO E 253 -91.28 6.43 29.55
C PRO E 253 -90.71 7.80 29.88
N SER E 254 -91.52 8.85 29.81
CA SER E 254 -91.07 10.19 30.14
C SER E 254 -90.60 10.32 31.59
N ARG E 255 -90.93 9.34 32.44
CA ARG E 255 -90.39 9.34 33.80
C ARG E 255 -88.86 9.32 33.76
N PHE E 256 -88.26 8.52 32.87
CA PHE E 256 -86.81 8.37 32.83
C PHE E 256 -86.17 8.92 31.56
N ARG E 257 -86.96 9.29 30.55
CA ARG E 257 -86.41 9.86 29.32
C ARG E 257 -86.24 11.37 29.39
N ALA E 258 -86.88 12.04 30.33
CA ALA E 258 -86.75 13.49 30.48
C ALA E 258 -85.43 13.87 31.13
N PRO E 259 -85.06 13.34 32.30
CA PRO E 259 -83.76 13.72 32.89
C PRO E 259 -82.56 13.24 32.10
N GLU E 260 -82.72 12.34 31.13
CA GLU E 260 -81.61 11.94 30.28
C GLU E 260 -81.09 13.07 29.41
N LEU E 261 -81.84 14.17 29.28
CA LEU E 261 -81.36 15.32 28.52
C LEU E 261 -80.08 15.89 29.09
N LEU E 262 -79.86 15.73 30.41
CA LEU E 262 -78.65 16.27 31.01
C LEU E 262 -77.40 15.61 30.44
N PHE E 263 -77.45 14.29 30.21
CA PHE E 263 -76.32 13.54 29.69
C PHE E 263 -76.28 13.48 28.18
N ARG E 264 -77.42 13.68 27.50
CA ARG E 264 -77.52 13.66 26.05
C ARG E 264 -78.24 14.93 25.61
N PRO E 265 -77.54 16.06 25.49
CA PRO E 265 -78.20 17.29 25.01
C PRO E 265 -78.68 17.21 23.57
N ASP E 266 -78.24 16.23 22.79
CA ASP E 266 -78.65 16.12 21.40
C ASP E 266 -80.09 15.66 21.24
N LEU E 267 -80.77 15.26 22.32
CA LEU E 267 -82.17 14.89 22.22
C LEU E 267 -83.01 16.08 21.77
N ILE E 268 -82.69 17.29 22.25
CA ILE E 268 -83.38 18.50 21.82
C ILE E 268 -82.63 19.24 20.72
N GLY E 269 -81.68 18.60 20.05
CA GLY E 269 -80.98 19.20 18.94
C GLY E 269 -79.78 20.05 19.31
N GLU E 270 -79.38 20.09 20.57
CA GLU E 270 -78.22 20.87 20.99
C GLU E 270 -76.93 20.12 20.70
N GLU E 271 -76.01 20.80 20.04
CA GLU E 271 -74.69 20.24 19.72
C GLU E 271 -73.66 20.57 20.78
N SER E 272 -73.99 20.24 22.04
CA SER E 272 -73.17 20.58 23.19
C SER E 272 -72.88 19.33 24.01
N GLU E 273 -71.97 19.46 24.97
CA GLU E 273 -71.52 18.35 25.77
C GLU E 273 -72.54 17.99 26.85
N GLY E 274 -72.52 16.74 27.28
CA GLY E 274 -73.32 16.32 28.40
C GLY E 274 -72.73 16.75 29.72
N ILE E 275 -73.49 16.51 30.79
CA ILE E 275 -73.03 16.90 32.12
C ILE E 275 -71.78 16.12 32.51
N HIS E 276 -71.76 14.81 32.23
CA HIS E 276 -70.57 14.02 32.47
C HIS E 276 -69.40 14.48 31.60
N GLU E 277 -69.68 14.82 30.34
CA GLU E 277 -68.62 15.34 29.49
C GLU E 277 -68.16 16.71 29.96
N VAL E 278 -69.07 17.51 30.51
CA VAL E 278 -68.68 18.80 31.09
C VAL E 278 -67.68 18.57 32.22
N LEU E 279 -68.00 17.66 33.14
CA LEU E 279 -67.10 17.39 34.25
C LEU E 279 -65.76 16.86 33.77
N VAL E 280 -65.78 15.87 32.88
CA VAL E 280 -64.53 15.24 32.45
C VAL E 280 -63.69 16.22 31.64
N PHE E 281 -64.32 17.06 30.83
CA PHE E 281 -63.55 18.01 30.03
C PHE E 281 -62.97 19.10 30.91
N ALA E 282 -63.69 19.51 31.95
CA ALA E 282 -63.13 20.44 32.91
C ALA E 282 -61.91 19.84 33.60
N ILE E 283 -61.99 18.57 34.00
CA ILE E 283 -60.83 17.94 34.63
C ILE E 283 -59.67 17.82 33.66
N GLN E 284 -59.94 17.37 32.43
CA GLN E 284 -58.88 17.10 31.47
C GLN E 284 -58.23 18.36 30.92
N LYS E 285 -58.96 19.47 30.86
CA LYS E 285 -58.32 20.73 30.49
C LYS E 285 -57.40 21.25 31.57
N SER E 286 -57.48 20.73 32.80
CA SER E 286 -56.58 21.11 33.86
C SER E 286 -55.21 20.47 33.63
N ASP E 287 -54.24 20.89 34.44
CA ASP E 287 -52.88 20.40 34.28
C ASP E 287 -52.80 18.93 34.69
N MET E 288 -51.75 18.27 34.18
CA MET E 288 -51.67 16.81 34.28
C MET E 288 -51.60 16.36 35.74
N ASP E 289 -50.82 17.05 36.56
CA ASP E 289 -50.56 16.56 37.91
C ASP E 289 -51.74 16.75 38.84
N LEU E 290 -52.65 17.68 38.55
CA LEU E 290 -53.81 17.91 39.38
C LEU E 290 -54.92 16.89 39.16
N ARG E 291 -54.95 16.22 38.00
CA ARG E 291 -56.15 15.53 37.56
C ARG E 291 -56.62 14.47 38.54
N ARG E 292 -55.70 13.64 39.05
CA ARG E 292 -56.08 12.63 40.03
C ARG E 292 -56.75 13.27 41.24
N THR E 293 -56.15 14.34 41.79
CA THR E 293 -56.76 15.00 42.93
C THR E 293 -58.11 15.59 42.57
N LEU E 294 -58.30 15.97 41.30
CA LEU E 294 -59.61 16.45 40.88
C LEU E 294 -60.59 15.30 40.69
N PHE E 295 -60.09 14.13 40.26
CA PHE E 295 -61.00 13.01 40.07
C PHE E 295 -61.49 12.46 41.40
N SER E 296 -60.65 12.50 42.43
CA SER E 296 -61.03 12.05 43.76
C SER E 296 -61.76 13.12 44.56
N ASN E 297 -61.94 14.32 44.02
CA ASN E 297 -62.67 15.41 44.68
C ASN E 297 -63.63 16.03 43.66
N ILE E 298 -64.83 15.46 43.57
CA ILE E 298 -65.91 16.02 42.77
C ILE E 298 -67.05 16.37 43.71
N VAL E 299 -67.51 17.62 43.65
CA VAL E 299 -68.55 18.14 44.54
C VAL E 299 -69.76 18.47 43.68
N LEU E 300 -70.92 17.94 44.06
CA LEU E 300 -72.16 18.19 43.35
C LEU E 300 -72.92 19.32 44.03
N SER E 301 -73.44 20.23 43.23
CA SER E 301 -74.23 21.36 43.72
C SER E 301 -75.42 21.55 42.79
N GLY E 302 -76.19 22.58 43.07
CA GLY E 302 -77.32 22.92 42.23
C GLY E 302 -78.49 21.98 42.43
N GLY E 303 -79.68 22.48 42.09
CA GLY E 303 -80.89 21.71 42.30
C GLY E 303 -81.06 20.53 41.37
N SER E 304 -80.51 20.62 40.16
CA SER E 304 -80.71 19.59 39.15
C SER E 304 -79.96 18.30 39.46
N THR E 305 -79.07 18.30 40.45
CA THR E 305 -78.34 17.10 40.84
C THR E 305 -79.08 16.26 41.88
N LEU E 306 -80.29 16.65 42.28
CA LEU E 306 -81.11 15.88 43.20
C LEU E 306 -81.87 14.75 42.51
N PHE E 307 -81.70 14.57 41.20
CA PHE E 307 -82.40 13.51 40.50
C PHE E 307 -82.04 12.15 41.08
N LYS E 308 -83.05 11.30 41.21
CA LYS E 308 -82.83 9.96 41.77
C LYS E 308 -81.89 9.18 40.86
N GLY E 309 -80.87 8.59 41.45
CA GLY E 309 -79.87 7.87 40.68
C GLY E 309 -78.95 8.76 39.88
N PHE E 310 -78.87 10.06 40.20
CA PHE E 310 -77.96 10.94 39.49
C PHE E 310 -76.51 10.58 39.79
N GLY E 311 -76.20 10.32 41.06
CA GLY E 311 -74.83 10.00 41.42
C GLY E 311 -74.32 8.74 40.75
N ASP E 312 -75.16 7.71 40.70
CA ASP E 312 -74.73 6.45 40.07
C ASP E 312 -74.48 6.64 38.58
N ARG E 313 -75.39 7.34 37.89
CA ARG E 313 -75.22 7.55 36.46
C ARG E 313 -73.99 8.40 36.16
N LEU E 314 -73.80 9.48 36.93
CA LEU E 314 -72.63 10.33 36.71
C LEU E 314 -71.35 9.57 37.01
N LEU E 315 -71.33 8.77 38.07
CA LEU E 315 -70.15 7.98 38.39
C LEU E 315 -69.85 6.98 37.29
N SER E 316 -70.88 6.32 36.76
CA SER E 316 -70.66 5.36 35.68
C SER E 316 -70.10 6.06 34.44
N GLU E 317 -70.65 7.21 34.08
CA GLU E 317 -70.17 7.91 32.89
C GLU E 317 -68.73 8.39 33.08
N VAL E 318 -68.43 8.94 34.26
CA VAL E 318 -67.08 9.45 34.51
C VAL E 318 -66.08 8.30 34.54
N LYS E 319 -66.45 7.18 35.14
CA LYS E 319 -65.60 5.99 35.13
C LYS E 319 -65.37 5.49 33.71
N LYS E 320 -66.39 5.56 32.86
CA LYS E 320 -66.20 5.21 31.46
C LYS E 320 -65.22 6.16 30.77
N LEU E 321 -65.26 7.45 31.13
CA LEU E 321 -64.47 8.46 30.45
C LEU E 321 -63.10 8.70 31.09
N ALA E 322 -62.95 8.43 32.39
CA ALA E 322 -61.69 8.70 33.07
C ALA E 322 -60.64 7.65 32.70
N PRO E 323 -59.37 7.90 33.02
CA PRO E 323 -58.35 6.87 32.79
C PRO E 323 -58.61 5.65 33.67
N LYS E 324 -58.12 4.51 33.20
CA LYS E 324 -58.36 3.24 33.89
C LYS E 324 -57.69 3.22 35.24
N ASP E 325 -58.42 2.70 36.24
CA ASP E 325 -57.92 2.52 37.61
C ASP E 325 -57.45 3.84 38.20
N VAL E 326 -58.39 4.78 38.30
CA VAL E 326 -58.21 6.01 39.06
C VAL E 326 -59.43 6.16 39.96
N LYS E 327 -59.20 6.47 41.23
CA LYS E 327 -60.29 6.58 42.18
C LYS E 327 -61.13 7.80 41.83
N ILE E 328 -62.41 7.57 41.59
CA ILE E 328 -63.39 8.62 41.37
C ILE E 328 -64.33 8.58 42.57
N ARG E 329 -64.44 9.70 43.28
CA ARG E 329 -65.32 9.80 44.43
C ARG E 329 -66.06 11.12 44.36
N ILE E 330 -67.37 11.05 44.15
CA ILE E 330 -68.21 12.22 43.93
C ILE E 330 -68.83 12.60 45.27
N SER E 331 -68.32 13.66 45.88
CA SER E 331 -68.89 14.16 47.12
C SER E 331 -70.26 14.75 46.82
N ALA E 332 -71.30 14.16 47.42
CA ALA E 332 -72.69 14.51 47.16
C ALA E 332 -73.35 14.87 48.50
N PRO E 333 -73.22 16.10 48.96
CA PRO E 333 -73.84 16.47 50.24
C PRO E 333 -75.36 16.39 50.16
N GLN E 334 -75.98 16.32 51.33
CA GLN E 334 -77.44 16.28 51.37
C GLN E 334 -78.06 17.65 51.11
N GLU E 335 -77.38 18.72 51.51
CA GLU E 335 -77.87 20.08 51.32
C GLU E 335 -77.31 20.70 50.03
N ARG E 336 -77.55 19.99 48.92
CA ARG E 336 -77.05 20.48 47.63
C ARG E 336 -77.68 21.82 47.26
N LEU E 337 -78.99 21.97 47.44
CA LEU E 337 -79.71 23.12 46.92
C LEU E 337 -79.20 24.42 47.54
N TYR E 338 -78.91 24.40 48.84
CA TYR E 338 -78.51 25.59 49.58
C TYR E 338 -77.01 25.68 49.81
N SER E 339 -76.22 24.80 49.18
CA SER E 339 -74.77 24.84 49.40
C SER E 339 -74.16 26.13 48.90
N THR E 340 -74.66 26.67 47.78
CA THR E 340 -74.17 27.95 47.29
C THR E 340 -74.43 29.06 48.29
N TRP E 341 -75.65 29.11 48.85
CA TRP E 341 -75.95 30.15 49.82
C TRP E 341 -75.20 29.92 51.12
N ILE E 342 -75.04 28.67 51.53
CA ILE E 342 -74.30 28.38 52.76
C ILE E 342 -72.86 28.85 52.62
N GLY E 343 -72.26 28.59 51.45
CA GLY E 343 -70.93 29.11 51.19
C GLY E 343 -70.88 30.62 51.15
N GLY E 344 -71.91 31.26 50.60
CA GLY E 344 -71.97 32.71 50.64
C GLY E 344 -72.01 33.24 52.05
N SER E 345 -72.78 32.59 52.92
CA SER E 345 -72.83 32.99 54.32
C SER E 345 -71.48 32.78 55.00
N ILE E 346 -70.82 31.66 54.72
CA ILE E 346 -69.50 31.40 55.28
C ILE E 346 -68.51 32.47 54.82
N LEU E 347 -68.52 32.79 53.53
CA LEU E 347 -67.59 33.79 53.01
C LEU E 347 -67.86 35.17 53.58
N ALA E 348 -69.14 35.56 53.68
CA ALA E 348 -69.48 36.87 54.21
C ALA E 348 -69.26 36.98 55.70
N SER E 349 -69.27 35.86 56.42
CA SER E 349 -69.02 35.89 57.86
C SER E 349 -67.55 36.14 58.18
N LEU E 350 -66.64 35.87 57.26
CA LEU E 350 -65.21 36.05 57.52
C LEU E 350 -64.86 37.52 57.62
N ASP E 351 -63.86 37.81 58.45
CA ASP E 351 -63.38 39.20 58.60
C ASP E 351 -62.83 39.73 57.29
N THR E 352 -62.11 38.88 56.53
CA THR E 352 -61.46 39.33 55.30
C THR E 352 -62.45 39.77 54.22
N PHE E 353 -63.72 39.39 54.33
CA PHE E 353 -64.72 39.81 53.35
C PHE E 353 -64.83 41.32 53.25
N LYS E 354 -64.49 42.06 54.31
CA LYS E 354 -64.49 43.51 54.26
C LYS E 354 -63.54 44.05 53.21
N LYS E 355 -62.44 43.35 52.94
CA LYS E 355 -61.45 43.78 51.96
C LYS E 355 -61.78 43.33 50.54
N MET E 356 -62.79 42.49 50.37
CA MET E 356 -63.07 41.88 49.07
C MET E 356 -64.08 42.65 48.23
N TRP E 357 -65.04 43.33 48.87
CA TRP E 357 -66.15 43.90 48.12
C TRP E 357 -65.70 45.16 47.37
N VAL E 358 -66.64 45.71 46.60
CA VAL E 358 -66.51 47.03 45.99
C VAL E 358 -67.44 47.96 46.77
N SER E 359 -66.87 49.03 47.33
CA SER E 359 -67.66 49.96 48.11
C SER E 359 -68.42 50.92 47.19
N LYS E 360 -69.34 51.67 47.79
CA LYS E 360 -70.07 52.69 47.03
C LYS E 360 -69.12 53.71 46.43
N LYS E 361 -68.20 54.21 47.26
CA LYS E 361 -67.30 55.27 46.82
C LYS E 361 -66.41 54.80 45.68
N GLU E 362 -65.94 53.56 45.75
CA GLU E 362 -65.15 53.01 44.65
C GLU E 362 -65.95 52.99 43.36
N TYR E 363 -67.23 52.61 43.44
CA TYR E 363 -68.05 52.59 42.24
C TYR E 363 -68.20 53.98 41.65
N GLU E 364 -68.63 54.97 42.45
CA GLU E 364 -68.83 56.29 41.86
C GLU E 364 -67.51 56.91 41.40
N GLU E 365 -66.39 56.48 41.98
CA GLU E 365 -65.10 57.01 41.55
C GLU E 365 -64.67 56.40 40.22
N ASP E 366 -64.82 55.08 40.06
CA ASP E 366 -64.13 54.34 39.00
C ASP E 366 -65.03 53.84 37.89
N GLY E 367 -66.34 53.82 38.07
CA GLY E 367 -67.23 53.32 37.04
C GLY E 367 -67.43 51.82 37.12
N ALA E 368 -67.82 51.21 36.00
CA ALA E 368 -68.04 49.77 35.97
C ALA E 368 -66.74 48.96 35.99
N ARG E 369 -65.59 49.61 35.80
CA ARG E 369 -64.33 48.87 35.75
C ARG E 369 -63.98 48.27 37.12
N SER E 370 -64.42 48.91 38.21
CA SER E 370 -64.09 48.40 39.53
C SER E 370 -64.73 47.03 39.79
N ILE E 371 -65.94 46.81 39.31
CA ILE E 371 -66.61 45.53 39.51
C ILE E 371 -65.84 44.42 38.81
N HIS E 372 -65.39 44.67 37.59
CA HIS E 372 -64.59 43.69 36.87
C HIS E 372 -63.23 43.50 37.51
N ARG E 373 -62.65 44.56 38.07
CA ARG E 373 -61.33 44.44 38.69
C ARG E 373 -61.37 43.52 39.91
N LYS E 374 -62.42 43.61 40.71
CA LYS E 374 -62.55 42.85 41.96
C LYS E 374 -63.58 41.73 41.85
N THR E 375 -63.64 41.08 40.70
CA THR E 375 -64.53 39.93 40.48
C THR E 375 -63.78 38.89 39.65
N PHE E 376 -63.81 37.65 40.11
CA PHE E 376 -63.18 36.55 39.40
C PHE E 376 -64.11 35.98 38.34
N ILE F 7 -98.09 -6.92 -2.99
CA ILE F 7 -98.21 -5.99 -4.12
C ILE F 7 -99.66 -5.56 -4.27
N ALA F 8 -99.86 -4.37 -4.84
CA ALA F 8 -101.21 -3.84 -5.03
C ALA F 8 -101.16 -2.81 -6.15
N ASN F 9 -102.34 -2.46 -6.65
CA ASN F 9 -102.44 -1.62 -7.84
C ASN F 9 -102.31 -0.14 -7.49
N GLN F 10 -103.25 0.39 -6.70
CA GLN F 10 -103.39 1.82 -6.47
C GLN F 10 -103.51 2.07 -4.97
N PRO F 11 -102.49 2.62 -4.30
CA PRO F 11 -102.68 2.99 -2.89
C PRO F 11 -103.72 4.08 -2.75
N VAL F 12 -104.46 4.03 -1.64
CA VAL F 12 -105.54 4.97 -1.36
C VAL F 12 -105.01 6.01 -0.39
N VAL F 13 -105.12 7.29 -0.76
CA VAL F 13 -104.62 8.40 0.05
C VAL F 13 -105.79 8.98 0.81
N ILE F 14 -105.67 9.02 2.14
CA ILE F 14 -106.70 9.52 3.04
C ILE F 14 -106.06 10.61 3.90
N ASP F 15 -106.22 11.87 3.49
CA ASP F 15 -105.83 12.99 4.34
C ASP F 15 -107.01 13.25 5.27
N ASN F 16 -106.95 12.63 6.44
CA ASN F 16 -107.98 12.82 7.45
C ASN F 16 -107.58 14.00 8.33
N GLY F 17 -108.51 14.94 8.51
CA GLY F 17 -108.28 16.12 9.30
C GLY F 17 -109.40 16.32 10.30
N SER F 18 -109.20 17.32 11.16
CA SER F 18 -110.20 17.60 12.19
C SER F 18 -111.50 18.07 11.59
N GLY F 19 -111.45 18.87 10.53
CA GLY F 19 -112.65 19.45 9.94
C GLY F 19 -113.24 18.66 8.80
N VAL F 20 -112.44 18.39 7.78
CA VAL F 20 -112.88 17.73 6.56
C VAL F 20 -111.87 16.66 6.17
N ILE F 21 -112.37 15.49 5.80
CA ILE F 21 -111.54 14.35 5.42
C ILE F 21 -111.59 14.21 3.91
N LYS F 22 -110.42 14.12 3.29
CA LYS F 22 -110.28 14.06 1.83
C LYS F 22 -109.64 12.73 1.46
N ALA F 23 -110.38 11.90 0.73
CA ALA F 23 -109.94 10.58 0.33
C ALA F 23 -109.98 10.46 -1.18
N GLY F 24 -109.02 9.70 -1.70
CA GLY F 24 -109.00 9.39 -3.11
C GLY F 24 -107.94 8.37 -3.41
N PHE F 25 -107.70 8.14 -4.70
CA PHE F 25 -106.69 7.20 -5.17
C PHE F 25 -105.43 7.94 -5.57
N ALA F 26 -104.29 7.27 -5.37
CA ALA F 26 -103.01 7.86 -5.68
C ALA F 26 -102.88 8.12 -7.18
N GLY F 27 -102.31 9.26 -7.53
CA GLY F 27 -102.11 9.67 -8.90
C GLY F 27 -103.13 10.66 -9.41
N ASP F 28 -104.24 10.85 -8.71
CA ASP F 28 -105.24 11.82 -9.12
C ASP F 28 -104.84 13.21 -8.65
N GLN F 29 -105.12 14.21 -9.50
CA GLN F 29 -104.74 15.59 -9.19
C GLN F 29 -105.65 16.25 -8.17
N ILE F 30 -106.83 15.70 -7.91
CA ILE F 30 -107.82 16.31 -7.04
C ILE F 30 -108.35 15.24 -6.07
N PRO F 31 -108.57 15.54 -4.77
CA PRO F 31 -109.27 14.56 -3.94
C PRO F 31 -110.71 14.40 -4.36
N LYS F 32 -111.08 13.20 -4.84
CA LYS F 32 -112.41 13.01 -5.38
C LYS F 32 -113.49 12.93 -4.30
N TYR F 33 -113.15 12.45 -3.10
CA TYR F 33 -114.12 12.19 -2.05
C TYR F 33 -113.77 13.01 -0.81
N CYS F 34 -114.25 14.24 -0.76
CA CYS F 34 -114.06 15.14 0.38
C CYS F 34 -115.39 15.30 1.10
N PHE F 35 -115.37 15.09 2.42
CA PHE F 35 -116.61 15.23 3.19
C PHE F 35 -116.28 15.57 4.63
N PRO F 36 -117.18 16.25 5.34
CA PRO F 36 -116.83 16.71 6.69
C PRO F 36 -116.70 15.54 7.65
N ASN F 37 -115.95 15.78 8.73
CA ASN F 37 -115.53 14.72 9.65
C ASN F 37 -116.46 14.70 10.87
N TYR F 38 -117.63 14.09 10.65
CA TYR F 38 -118.51 13.74 11.77
C TYR F 38 -119.53 12.68 11.35
N TYR F 73 -118.04 15.16 15.82
CA TYR F 73 -116.62 15.28 15.52
C TYR F 73 -115.79 14.30 16.34
N PRO F 74 -115.35 13.17 15.77
CA PRO F 74 -114.50 12.27 16.55
C PRO F 74 -113.16 12.86 16.91
N MET F 75 -112.66 13.84 16.15
CA MET F 75 -111.35 14.43 16.35
C MET F 75 -111.51 15.89 16.78
N GLU F 76 -110.84 16.25 17.87
CA GLU F 76 -110.63 17.64 18.26
C GLU F 76 -109.14 17.84 18.45
N HIS F 77 -108.61 18.92 17.88
CA HIS F 77 -107.18 19.22 17.92
C HIS F 77 -106.35 18.10 17.30
N GLY F 78 -106.90 17.47 16.26
CA GLY F 78 -106.18 16.46 15.51
C GLY F 78 -105.95 15.15 16.22
N ILE F 79 -106.71 14.86 17.29
CA ILE F 79 -106.56 13.63 18.04
C ILE F 79 -107.95 13.03 18.27
N VAL F 80 -108.03 11.72 18.11
CA VAL F 80 -109.32 11.03 18.11
C VAL F 80 -109.79 10.81 19.54
N LYS F 81 -111.00 11.27 19.84
CA LYS F 81 -111.64 11.04 21.13
C LYS F 81 -112.55 9.81 21.08
N ASP F 82 -113.45 9.77 20.11
CA ASP F 82 -114.37 8.66 19.91
C ASP F 82 -113.82 7.81 18.78
N TRP F 83 -113.21 6.68 19.13
CA TRP F 83 -112.59 5.83 18.12
C TRP F 83 -113.61 5.02 17.33
N ASN F 84 -114.76 4.71 17.93
CA ASN F 84 -115.80 4.02 17.18
C ASN F 84 -116.34 4.91 16.06
N ASP F 85 -116.58 6.19 16.35
CA ASP F 85 -117.07 7.10 15.32
C ASP F 85 -116.03 7.30 14.22
N MET F 86 -114.76 7.38 14.58
CA MET F 86 -113.73 7.55 13.56
C MET F 86 -113.58 6.29 12.73
N GLU F 87 -113.77 5.12 13.35
CA GLU F 87 -113.80 3.87 12.60
C GLU F 87 -114.96 3.88 11.61
N ARG F 88 -116.13 4.36 12.03
CA ARG F 88 -117.26 4.48 11.12
C ARG F 88 -116.94 5.41 9.97
N ILE F 89 -116.30 6.54 10.24
CA ILE F 89 -116.01 7.51 9.20
C ILE F 89 -114.99 6.95 8.21
N TRP F 90 -113.98 6.22 8.71
CA TRP F 90 -113.05 5.57 7.81
C TRP F 90 -113.75 4.49 6.98
N GLN F 91 -114.67 3.75 7.58
CA GLN F 91 -115.44 2.77 6.83
C GLN F 91 -116.31 3.41 5.77
N TYR F 92 -116.75 4.66 5.98
CA TYR F 92 -117.51 5.37 4.96
C TYR F 92 -116.70 5.57 3.68
N VAL F 93 -115.38 5.68 3.80
CA VAL F 93 -114.51 5.84 2.65
C VAL F 93 -114.36 4.51 1.92
N HIS F 106 -106.27 -1.86 -0.52
CA HIS F 106 -105.18 -1.04 -1.05
C HIS F 106 -104.28 -0.54 0.08
N PRO F 107 -103.00 -0.28 -0.19
CA PRO F 107 -102.19 0.41 0.82
C PRO F 107 -102.73 1.81 1.09
N VAL F 108 -102.66 2.21 2.35
CA VAL F 108 -103.26 3.45 2.83
C VAL F 108 -102.15 4.43 3.19
N LEU F 109 -102.29 5.68 2.74
CA LEU F 109 -101.41 6.78 3.13
C LEU F 109 -102.22 7.71 4.01
N LEU F 110 -102.15 7.48 5.32
CA LEU F 110 -102.83 8.32 6.30
C LEU F 110 -101.92 9.47 6.72
N THR F 111 -102.53 10.60 7.08
CA THR F 111 -101.81 11.80 7.49
C THR F 111 -102.24 12.19 8.90
N GLU F 112 -101.25 12.49 9.75
CA GLU F 112 -101.47 12.91 11.12
C GLU F 112 -100.66 14.16 11.41
N ALA F 113 -101.19 15.00 12.30
CA ALA F 113 -100.53 16.25 12.63
C ALA F 113 -99.22 15.96 13.39
N PRO F 114 -98.25 16.88 13.33
CA PRO F 114 -97.00 16.65 14.05
C PRO F 114 -97.20 16.76 15.56
N LEU F 115 -96.29 16.10 16.28
CA LEU F 115 -96.29 16.12 17.74
C LEU F 115 -97.58 15.55 18.32
N ASN F 116 -98.17 14.59 17.64
CA ASN F 116 -99.38 13.94 18.15
C ASN F 116 -99.01 12.93 19.23
N PRO F 117 -99.97 12.55 20.07
CA PRO F 117 -99.70 11.45 21.01
C PRO F 117 -99.40 10.17 20.27
N ARG F 118 -98.49 9.37 20.83
CA ARG F 118 -98.12 8.12 20.19
C ARG F 118 -99.26 7.12 20.21
N LYS F 119 -100.09 7.13 21.26
CA LYS F 119 -101.19 6.18 21.32
C LYS F 119 -102.21 6.43 20.23
N ASN F 120 -102.38 7.68 19.80
CA ASN F 120 -103.30 7.97 18.70
C ASN F 120 -102.84 7.27 17.42
N ARG F 121 -101.55 7.40 17.11
CA ARG F 121 -101.00 6.73 15.93
C ARG F 121 -101.08 5.21 16.08
N GLU F 122 -100.78 4.69 17.27
CA GLU F 122 -100.84 3.26 17.49
C GLU F 122 -102.26 2.73 17.29
N ARG F 123 -103.26 3.43 17.82
CA ARG F 123 -104.63 3.00 17.66
C ARG F 123 -105.09 3.12 16.22
N ALA F 124 -104.67 4.16 15.50
CA ALA F 124 -105.01 4.27 14.09
C ALA F 124 -104.42 3.11 13.30
N ALA F 125 -103.15 2.77 13.56
CA ALA F 125 -102.52 1.66 12.85
C ALA F 125 -103.20 0.34 13.20
N GLU F 126 -103.54 0.13 14.47
CA GLU F 126 -104.24 -1.09 14.86
C GLU F 126 -105.60 -1.19 14.19
N VAL F 127 -106.35 -0.09 14.14
CA VAL F 127 -107.65 -0.09 13.50
C VAL F 127 -107.52 -0.43 12.03
N PHE F 128 -106.55 0.18 11.34
CA PHE F 128 -106.40 -0.09 9.91
C PHE F 128 -105.94 -1.51 9.65
N PHE F 129 -104.97 -2.01 10.43
CA PHE F 129 -104.38 -3.31 10.12
C PHE F 129 -105.28 -4.47 10.54
N GLU F 130 -106.04 -4.33 11.63
CA GLU F 130 -106.87 -5.42 12.14
C GLU F 130 -108.30 -5.35 11.62
N THR F 131 -108.97 -4.21 11.79
CA THR F 131 -110.37 -4.11 11.40
C THR F 131 -110.54 -4.15 9.88
N PHE F 132 -109.71 -3.41 9.13
CA PHE F 132 -109.84 -3.34 7.68
C PHE F 132 -108.93 -4.30 6.95
N ASN F 133 -107.85 -4.77 7.58
CA ASN F 133 -106.93 -5.74 6.99
C ASN F 133 -106.30 -5.18 5.70
N VAL F 134 -105.62 -4.05 5.85
CA VAL F 134 -105.00 -3.38 4.71
C VAL F 134 -103.69 -4.07 4.38
N PRO F 135 -103.24 -4.09 3.11
CA PRO F 135 -101.92 -4.67 2.82
C PRO F 135 -100.78 -3.92 3.47
N ALA F 136 -100.89 -2.60 3.63
CA ALA F 136 -99.81 -1.80 4.17
C ALA F 136 -100.37 -0.46 4.63
N LEU F 137 -99.52 0.31 5.31
CA LEU F 137 -99.94 1.59 5.89
C LEU F 137 -98.72 2.49 6.00
N PHE F 138 -98.97 3.81 5.96
CA PHE F 138 -97.91 4.79 6.14
C PHE F 138 -98.51 6.06 6.74
N ILE F 139 -98.21 6.31 8.00
CA ILE F 139 -98.58 7.56 8.65
C ILE F 139 -97.57 8.63 8.24
N SER F 140 -98.06 9.76 7.76
CA SER F 140 -97.22 10.83 7.23
C SER F 140 -97.57 12.15 7.90
N MET F 141 -96.62 13.08 7.87
CA MET F 141 -96.83 14.44 8.34
C MET F 141 -97.26 15.31 7.17
N GLN F 142 -98.14 16.27 7.45
CA GLN F 142 -98.75 17.04 6.38
C GLN F 142 -97.79 18.03 5.72
N ALA F 143 -96.68 18.38 6.39
CA ALA F 143 -95.81 19.43 5.88
C ALA F 143 -95.09 18.97 4.61
N VAL F 144 -94.53 17.76 4.64
CA VAL F 144 -93.83 17.27 3.46
C VAL F 144 -94.80 17.09 2.30
N LEU F 145 -96.03 16.71 2.61
CA LEU F 145 -97.05 16.62 1.55
C LEU F 145 -97.34 17.99 0.96
N SER F 146 -97.48 19.01 1.80
CA SER F 146 -97.72 20.35 1.27
C SER F 146 -96.56 20.81 0.40
N LEU F 147 -95.32 20.47 0.78
CA LEU F 147 -94.17 20.83 -0.04
C LEU F 147 -94.15 20.05 -1.36
N TYR F 148 -94.53 18.78 -1.34
CA TYR F 148 -94.66 18.02 -2.58
C TYR F 148 -95.67 18.68 -3.51
N ALA F 149 -96.84 19.02 -2.97
CA ALA F 149 -97.89 19.62 -3.78
C ALA F 149 -97.46 20.97 -4.33
N THR F 150 -96.77 21.78 -3.52
CA THR F 150 -96.27 23.06 -4.02
C THR F 150 -95.08 22.90 -4.96
N GLY F 151 -94.46 21.73 -4.99
CA GLY F 151 -93.34 21.47 -5.86
C GLY F 151 -92.00 21.91 -5.35
N ARG F 152 -91.93 22.44 -4.13
CA ARG F 152 -90.67 22.90 -3.57
C ARG F 152 -89.92 21.73 -2.93
N THR F 153 -88.72 22.03 -2.45
CA THR F 153 -87.94 21.15 -1.60
C THR F 153 -87.49 21.80 -0.30
N THR F 154 -87.58 23.13 -0.20
CA THR F 154 -87.27 23.87 1.01
C THR F 154 -88.43 24.80 1.32
N GLY F 155 -88.88 24.82 2.56
CA GLY F 155 -89.91 25.75 2.96
C GLY F 155 -90.33 25.52 4.39
N VAL F 156 -91.01 26.53 4.94
CA VAL F 156 -91.61 26.46 6.26
C VAL F 156 -93.11 26.35 6.07
N VAL F 157 -93.63 25.13 6.18
CA VAL F 157 -95.05 24.91 5.96
C VAL F 157 -95.82 25.36 7.20
N LEU F 158 -96.70 26.33 7.02
CA LEU F 158 -97.62 26.79 8.04
C LEU F 158 -99.01 26.29 7.71
N ASP F 159 -99.52 25.35 8.52
CA ASP F 159 -100.72 24.59 8.19
C ASP F 159 -101.78 24.92 9.24
N SER F 160 -102.55 25.97 8.99
CA SER F 160 -103.66 26.34 9.88
C SER F 160 -104.90 25.56 9.47
N GLY F 161 -105.00 24.34 9.99
CA GLY F 161 -106.10 23.47 9.63
C GLY F 161 -107.37 23.84 10.37
N ASP F 162 -108.11 22.82 10.80
CA ASP F 162 -109.34 23.00 11.56
C ASP F 162 -109.14 22.69 13.04
N GLY F 163 -108.29 21.72 13.38
CA GLY F 163 -108.02 21.36 14.75
C GLY F 163 -106.75 21.98 15.30
N VAL F 164 -105.67 21.93 14.51
CA VAL F 164 -104.36 22.38 14.96
C VAL F 164 -103.76 23.29 13.90
N THR F 165 -103.00 24.27 14.37
CA THR F 165 -102.14 25.09 13.52
C THR F 165 -100.70 24.75 13.88
N HIS F 166 -99.83 24.65 12.87
CA HIS F 166 -98.47 24.23 13.16
C HIS F 166 -97.53 24.68 12.06
N ALA F 167 -96.31 25.00 12.47
CA ALA F 167 -95.22 25.37 11.57
C ALA F 167 -94.17 24.28 11.58
N VAL F 168 -93.80 23.82 10.40
CA VAL F 168 -92.81 22.77 10.20
C VAL F 168 -91.76 23.31 9.22
N PRO F 169 -90.53 23.57 9.64
CA PRO F 169 -89.48 23.93 8.67
C PRO F 169 -88.77 22.71 8.10
N ILE F 170 -88.64 22.70 6.78
CA ILE F 170 -87.93 21.65 6.06
C ILE F 170 -86.94 22.35 5.14
N TYR F 171 -85.70 21.87 5.11
CA TYR F 171 -84.64 22.46 4.30
C TYR F 171 -84.00 21.36 3.46
N GLU F 172 -84.10 21.50 2.13
CA GLU F 172 -83.51 20.55 1.20
C GLU F 172 -83.99 19.13 1.47
N GLY F 173 -85.27 19.01 1.81
CA GLY F 173 -85.84 17.71 2.09
C GLY F 173 -85.49 17.13 3.44
N PHE F 174 -84.92 17.91 4.34
CA PHE F 174 -84.61 17.49 5.71
C PHE F 174 -85.53 18.24 6.67
N ALA F 175 -86.30 17.50 7.44
CA ALA F 175 -87.17 18.11 8.44
C ALA F 175 -86.40 18.38 9.72
N MET F 176 -86.71 19.51 10.35
CA MET F 176 -86.13 19.87 11.63
C MET F 176 -87.12 19.47 12.72
N PRO F 177 -87.03 18.28 13.33
CA PRO F 177 -88.06 17.86 14.29
C PRO F 177 -88.15 18.75 15.52
N HIS F 178 -87.06 19.39 15.93
CA HIS F 178 -87.04 20.19 17.14
C HIS F 178 -87.45 21.65 16.90
N SER F 179 -87.58 22.08 15.65
CA SER F 179 -88.09 23.40 15.31
C SER F 179 -89.59 23.41 15.03
N ILE F 180 -90.24 22.24 15.01
CA ILE F 180 -91.66 22.18 14.74
C ILE F 180 -92.42 22.79 15.91
N MET F 181 -93.40 23.64 15.61
CA MET F 181 -94.29 24.20 16.62
C MET F 181 -95.73 23.87 16.29
N ARG F 182 -96.53 23.61 17.33
CA ARG F 182 -97.93 23.25 17.20
C ARG F 182 -98.74 23.96 18.27
N ILE F 183 -99.76 24.70 17.86
CA ILE F 183 -100.79 25.22 18.75
C ILE F 183 -102.09 24.52 18.39
N ASP F 184 -102.90 24.26 19.40
CA ASP F 184 -104.19 23.62 19.21
C ASP F 184 -105.30 24.62 18.90
N ILE F 185 -104.95 25.81 18.42
CA ILE F 185 -105.92 26.84 18.04
C ILE F 185 -105.96 26.91 16.52
N ALA F 186 -107.13 26.63 15.96
CA ALA F 186 -107.30 26.56 14.51
C ALA F 186 -108.74 26.99 14.21
N GLY F 187 -109.22 26.64 13.01
CA GLY F 187 -110.52 27.11 12.56
C GLY F 187 -111.67 26.77 13.49
N ARG F 188 -111.62 25.64 14.19
CA ARG F 188 -112.70 25.32 15.11
C ARG F 188 -112.77 26.31 16.25
N ASP F 189 -111.62 26.73 16.78
CA ASP F 189 -111.62 27.73 17.85
C ASP F 189 -112.21 29.04 17.35
N VAL F 190 -111.92 29.43 16.11
CA VAL F 190 -112.50 30.65 15.55
C VAL F 190 -114.01 30.49 15.43
N SER F 191 -114.48 29.32 14.98
CA SER F 191 -115.91 29.12 14.86
C SER F 191 -116.62 29.17 16.21
N ARG F 192 -116.05 28.53 17.23
CA ARG F 192 -116.63 28.63 18.57
C ARG F 192 -116.57 30.04 19.10
N PHE F 193 -115.54 30.81 18.72
CA PHE F 193 -115.42 32.18 19.17
C PHE F 193 -116.38 33.13 18.47
N LEU F 194 -116.97 32.72 17.35
CA LEU F 194 -117.92 33.53 16.61
C LEU F 194 -119.34 33.12 16.98
N LYS F 215 -120.19 28.53 11.46
CA LYS F 215 -119.15 27.89 10.65
C LYS F 215 -119.22 28.39 9.21
N ALA F 216 -120.42 28.35 8.62
CA ALA F 216 -120.58 28.84 7.26
C ALA F 216 -120.49 30.36 7.21
N ILE F 217 -120.91 31.04 8.27
CA ILE F 217 -120.75 32.50 8.34
C ILE F 217 -119.27 32.85 8.33
N LYS F 218 -118.46 32.09 9.06
CA LYS F 218 -117.01 32.28 9.02
C LYS F 218 -116.47 32.03 7.63
N GLU F 219 -116.98 31.00 6.95
CA GLU F 219 -116.54 30.71 5.58
C GLU F 219 -116.86 31.88 4.65
N ARG F 220 -118.02 32.48 4.79
CA ARG F 220 -118.50 33.48 3.84
C ARG F 220 -118.02 34.89 4.17
N ALA F 221 -118.37 35.40 5.36
CA ALA F 221 -118.14 36.80 5.73
C ALA F 221 -117.28 36.88 6.99
N CYS F 222 -115.97 36.81 6.80
CA CYS F 222 -115.00 37.07 7.85
C CYS F 222 -113.68 37.43 7.17
N TYR F 223 -112.89 38.25 7.86
CA TYR F 223 -111.63 38.72 7.29
C TYR F 223 -110.69 39.15 8.40
N LEU F 224 -109.43 39.29 8.05
CA LEU F 224 -108.37 39.71 8.97
C LEU F 224 -107.89 41.10 8.55
N SER F 225 -108.17 42.09 9.38
CA SER F 225 -107.71 43.44 9.10
C SER F 225 -106.21 43.54 9.37
N ILE F 226 -105.54 44.38 8.58
CA ILE F 226 -104.10 44.56 8.74
C ILE F 226 -103.82 45.27 10.06
N ASN F 227 -104.68 46.21 10.44
CA ASN F 227 -104.52 47.00 11.66
C ASN F 227 -105.84 46.93 12.44
N PRO F 228 -106.08 45.85 13.19
CA PRO F 228 -107.36 45.72 13.90
C PRO F 228 -107.59 46.78 14.95
N GLN F 229 -106.55 47.44 15.44
CA GLN F 229 -106.71 48.49 16.44
C GLN F 229 -107.14 49.81 15.79
N ARG F 255 -117.08 39.94 12.88
CA ARG F 255 -116.59 39.80 11.52
C ARG F 255 -115.07 39.72 11.50
N PHE F 256 -114.41 40.78 11.95
CA PHE F 256 -112.96 40.85 12.00
C PHE F 256 -112.38 40.52 13.37
N ARG F 257 -113.20 40.53 14.42
CA ARG F 257 -112.70 40.16 15.75
C ARG F 257 -112.55 38.65 15.89
N ALA F 258 -113.45 37.88 15.27
CA ALA F 258 -113.39 36.42 15.41
C ALA F 258 -112.11 35.83 14.83
N PRO F 259 -111.73 36.08 13.57
CA PRO F 259 -110.48 35.51 13.06
C PRO F 259 -109.23 36.06 13.73
N GLU F 260 -109.31 37.20 14.40
CA GLU F 260 -108.17 37.74 15.14
C GLU F 260 -107.68 36.78 16.22
N LEU F 261 -108.52 35.84 16.66
CA LEU F 261 -108.10 34.81 17.58
C LEU F 261 -106.92 34.00 17.06
N LEU F 262 -106.78 33.85 15.74
CA LEU F 262 -105.64 33.12 15.21
C LEU F 262 -104.32 33.83 15.54
N PHE F 263 -104.30 35.16 15.42
CA PHE F 263 -103.08 35.92 15.66
C PHE F 263 -102.90 36.34 17.10
N ARG F 264 -103.99 36.44 17.86
CA ARG F 264 -103.95 36.86 19.27
C ARG F 264 -104.71 35.81 20.09
N PRO F 265 -104.05 34.73 20.50
CA PRO F 265 -104.75 33.70 21.30
C PRO F 265 -105.24 34.18 22.65
N ASP F 266 -104.81 35.35 23.14
CA ASP F 266 -105.25 35.82 24.44
C ASP F 266 -106.75 36.06 24.52
N LEU F 267 -107.43 36.24 23.39
CA LEU F 267 -108.86 36.53 23.43
C LEU F 267 -109.65 35.37 24.02
N ILE F 268 -109.41 34.15 23.54
CA ILE F 268 -110.07 32.99 24.14
C ILE F 268 -109.53 32.73 25.54
N GLY F 269 -108.26 33.04 25.78
CA GLY F 269 -107.63 32.90 27.08
C GLY F 269 -106.46 31.94 27.12
N GLU F 270 -106.15 31.25 26.02
CA GLU F 270 -105.03 30.32 26.01
C GLU F 270 -103.71 31.09 25.94
N GLU F 271 -102.77 30.71 26.80
CA GLU F 271 -101.46 31.37 26.86
C GLU F 271 -100.51 30.70 25.87
N SER F 272 -100.87 30.83 24.59
CA SER F 272 -100.16 30.20 23.50
C SER F 272 -99.71 31.26 22.49
N GLU F 273 -98.79 30.86 21.63
CA GLU F 273 -98.26 31.77 20.64
C GLU F 273 -99.28 32.04 19.53
N GLY F 274 -99.17 33.21 18.93
CA GLY F 274 -99.93 33.50 17.73
C GLY F 274 -99.37 32.76 16.53
N ILE F 275 -100.14 32.77 15.45
CA ILE F 275 -99.72 32.06 14.25
C ILE F 275 -98.47 32.70 13.66
N HIS F 276 -98.40 34.04 13.66
CA HIS F 276 -97.16 34.71 13.27
C HIS F 276 -96.02 34.35 14.21
N GLU F 277 -96.28 34.31 15.52
CA GLU F 277 -95.27 33.90 16.47
C GLU F 277 -94.84 32.46 16.21
N VAL F 278 -95.80 31.60 15.90
CA VAL F 278 -95.49 30.21 15.57
C VAL F 278 -94.54 30.14 14.39
N LEU F 279 -94.85 30.87 13.33
CA LEU F 279 -94.01 30.81 12.12
C LEU F 279 -92.61 31.35 12.40
N VAL F 280 -92.51 32.52 13.01
CA VAL F 280 -91.19 33.11 13.21
C VAL F 280 -90.39 32.37 14.27
N PHE F 281 -91.04 31.70 15.22
CA PHE F 281 -90.31 30.91 16.21
C PHE F 281 -89.84 29.59 15.60
N ALA F 282 -90.63 28.99 14.72
CA ALA F 282 -90.15 27.82 14.00
C ALA F 282 -88.97 28.18 13.10
N ILE F 283 -89.00 29.38 12.49
CA ILE F 283 -87.85 29.81 11.70
C ILE F 283 -86.64 30.07 12.59
N GLN F 284 -86.86 30.72 13.74
CA GLN F 284 -85.75 31.11 14.59
C GLN F 284 -85.15 29.96 15.37
N LYS F 285 -85.91 28.91 15.65
CA LYS F 285 -85.37 27.74 16.32
C LYS F 285 -84.42 26.94 15.44
N SER F 286 -84.39 27.21 14.13
CA SER F 286 -83.52 26.49 13.22
C SER F 286 -82.11 27.06 13.26
N ASP F 287 -81.22 26.49 12.47
CA ASP F 287 -79.84 26.96 12.44
C ASP F 287 -79.76 28.33 11.78
N MET F 288 -78.70 29.07 12.11
CA MET F 288 -78.56 30.44 11.65
C MET F 288 -78.46 30.53 10.15
N ASP F 289 -77.72 29.63 9.51
CA ASP F 289 -77.50 29.73 8.07
C ASP F 289 -78.78 29.48 7.28
N LEU F 290 -79.70 28.67 7.80
CA LEU F 290 -80.94 28.36 7.09
C LEU F 290 -81.97 29.49 7.16
N ARG F 291 -81.90 30.34 8.19
CA ARG F 291 -83.01 31.22 8.53
C ARG F 291 -83.43 32.10 7.38
N ARG F 292 -82.48 32.78 6.72
CA ARG F 292 -82.81 33.62 5.56
C ARG F 292 -83.58 32.83 4.52
N THR F 293 -83.09 31.65 4.16
CA THR F 293 -83.80 30.82 3.20
C THR F 293 -85.19 30.47 3.71
N LEU F 294 -85.29 30.12 5.00
CA LEU F 294 -86.58 29.77 5.56
C LEU F 294 -87.53 30.97 5.54
N PHE F 295 -86.99 32.19 5.60
CA PHE F 295 -87.86 33.36 5.49
C PHE F 295 -88.33 33.57 4.06
N SER F 296 -87.52 33.18 3.08
CA SER F 296 -87.88 33.39 1.68
C SER F 296 -88.76 32.29 1.12
N ASN F 297 -88.97 31.20 1.85
CA ASN F 297 -89.84 30.09 1.42
C ASN F 297 -90.78 29.75 2.57
N ILE F 298 -91.91 30.44 2.61
CA ILE F 298 -93.00 30.15 3.56
C ILE F 298 -94.19 29.67 2.73
N VAL F 299 -94.64 28.46 3.00
CA VAL F 299 -95.74 27.83 2.28
C VAL F 299 -96.94 27.79 3.21
N LEU F 300 -98.06 28.37 2.75
CA LEU F 300 -99.29 28.34 3.50
C LEU F 300 -100.06 27.07 3.18
N SER F 301 -100.81 26.57 4.16
CA SER F 301 -101.60 25.37 3.99
C SER F 301 -102.74 25.40 4.98
N GLY F 302 -103.74 24.54 4.75
CA GLY F 302 -104.87 24.44 5.63
C GLY F 302 -105.97 25.42 5.26
N GLY F 303 -107.18 25.10 5.72
CA GLY F 303 -108.34 25.91 5.38
C GLY F 303 -108.32 27.29 6.01
N SER F 304 -107.87 27.40 7.25
CA SER F 304 -107.93 28.67 7.96
C SER F 304 -106.95 29.70 7.41
N THR F 305 -106.04 29.32 6.52
CA THR F 305 -105.21 30.28 5.81
C THR F 305 -105.93 30.93 4.64
N LEU F 306 -107.20 30.58 4.39
CA LEU F 306 -107.98 31.15 3.30
C LEU F 306 -108.79 32.37 3.72
N PHE F 307 -108.63 32.85 4.95
CA PHE F 307 -109.32 34.06 5.39
C PHE F 307 -108.94 35.22 4.49
N LYS F 308 -109.90 36.11 4.26
CA LYS F 308 -109.65 37.27 3.40
C LYS F 308 -108.61 38.15 4.07
N GLY F 309 -107.52 38.43 3.34
CA GLY F 309 -106.45 39.24 3.89
C GLY F 309 -105.52 38.53 4.83
N PHE F 310 -105.53 37.19 4.84
CA PHE F 310 -104.60 36.46 5.69
C PHE F 310 -103.16 36.69 5.27
N GLY F 311 -102.90 36.69 3.96
CA GLY F 311 -101.54 36.83 3.48
C GLY F 311 -100.91 38.15 3.88
N ASP F 312 -101.65 39.26 3.68
CA ASP F 312 -101.10 40.57 4.02
C ASP F 312 -100.85 40.70 5.52
N ARG F 313 -101.80 40.22 6.33
CA ARG F 313 -101.62 40.32 7.78
C ARG F 313 -100.43 39.49 8.25
N LEU F 314 -100.31 38.26 7.75
CA LEU F 314 -99.18 37.43 8.14
C LEU F 314 -97.87 38.05 7.68
N LEU F 315 -97.85 38.62 6.47
CA LEU F 315 -96.63 39.27 5.99
C LEU F 315 -96.27 40.44 6.89
N SER F 316 -97.25 41.24 7.29
CA SER F 316 -96.98 42.38 8.17
C SER F 316 -96.42 41.91 9.51
N GLU F 317 -97.04 40.89 10.11
CA GLU F 317 -96.57 40.42 11.42
C GLU F 317 -95.17 39.82 11.32
N VAL F 318 -94.92 39.00 10.31
CA VAL F 318 -93.61 38.38 10.16
C VAL F 318 -92.56 39.44 9.86
N LYS F 319 -92.92 40.47 9.09
CA LYS F 319 -92.00 41.58 8.86
C LYS F 319 -91.68 42.31 10.15
N LYS F 320 -92.68 42.48 11.02
CA LYS F 320 -92.43 43.10 12.32
C LYS F 320 -91.45 42.25 13.14
N LEU F 321 -91.65 40.94 13.15
CA LEU F 321 -90.85 40.06 14.02
C LEU F 321 -89.56 39.56 13.36
N ALA F 322 -89.41 39.69 12.05
CA ALA F 322 -88.22 39.21 11.38
C ALA F 322 -87.09 40.24 11.47
N PRO F 323 -85.85 39.85 11.20
CA PRO F 323 -84.78 40.84 11.12
C PRO F 323 -85.01 41.82 9.97
N LYS F 324 -84.50 43.03 10.14
CA LYS F 324 -84.73 44.08 9.15
C LYS F 324 -84.04 43.76 7.84
N ASP F 325 -84.72 44.13 6.74
CA ASP F 325 -84.20 43.96 5.38
C ASP F 325 -83.89 42.50 5.07
N VAL F 326 -84.76 41.60 5.53
CA VAL F 326 -84.72 40.19 5.19
C VAL F 326 -85.94 39.91 4.31
N LYS F 327 -85.70 39.33 3.14
CA LYS F 327 -86.78 39.07 2.20
C LYS F 327 -87.74 38.05 2.78
N ILE F 328 -89.03 38.39 2.77
CA ILE F 328 -90.10 37.51 3.22
C ILE F 328 -91.01 37.27 2.02
N ARG F 329 -91.23 36.00 1.69
CA ARG F 329 -92.06 35.62 0.55
C ARG F 329 -92.97 34.49 0.98
N ILE F 330 -94.21 34.82 1.30
CA ILE F 330 -95.20 33.85 1.75
C ILE F 330 -95.90 33.31 0.52
N SER F 331 -95.54 32.10 0.11
CA SER F 331 -96.20 31.45 -1.01
C SER F 331 -97.56 30.94 -0.56
N ALA F 332 -98.59 31.27 -1.33
CA ALA F 332 -99.98 30.94 -0.99
C ALA F 332 -100.62 30.29 -2.22
N PRO F 333 -100.36 29.00 -2.46
CA PRO F 333 -101.00 28.34 -3.60
C PRO F 333 -102.51 28.33 -3.48
N GLN F 334 -103.19 28.51 -4.62
CA GLN F 334 -104.64 28.64 -4.62
C GLN F 334 -105.34 27.37 -4.15
N GLU F 335 -104.72 26.20 -4.32
CA GLU F 335 -105.28 24.94 -3.81
C GLU F 335 -104.76 24.65 -2.41
N ARG F 336 -104.88 25.63 -1.52
CA ARG F 336 -104.38 25.47 -0.15
C ARG F 336 -105.12 24.40 0.61
N LEU F 337 -106.45 24.35 0.47
CA LEU F 337 -107.24 23.42 1.27
C LEU F 337 -106.90 21.97 0.95
N TYR F 338 -106.54 21.68 -0.30
CA TYR F 338 -106.28 20.32 -0.76
C TYR F 338 -104.80 20.08 -1.05
N SER F 339 -103.92 20.94 -0.53
CA SER F 339 -102.50 20.77 -0.81
C SER F 339 -101.94 19.51 -0.18
N THR F 340 -102.36 19.20 1.05
CA THR F 340 -101.84 18.02 1.73
C THR F 340 -102.24 16.74 1.00
N TRP F 341 -103.48 16.66 0.52
CA TRP F 341 -103.89 15.47 -0.22
C TRP F 341 -103.14 15.35 -1.53
N ILE F 342 -102.93 16.47 -2.22
CA ILE F 342 -102.20 16.41 -3.49
C ILE F 342 -100.78 15.93 -3.23
N GLY F 343 -100.19 16.36 -2.12
CA GLY F 343 -98.90 15.82 -1.73
C GLY F 343 -98.92 14.33 -1.45
N GLY F 344 -99.96 13.87 -0.76
CA GLY F 344 -100.07 12.43 -0.52
C GLY F 344 -100.21 11.65 -1.81
N SER F 345 -100.97 12.20 -2.76
CA SER F 345 -101.11 11.56 -4.06
C SER F 345 -99.78 11.52 -4.80
N ILE F 346 -99.00 12.61 -4.72
CA ILE F 346 -97.69 12.61 -5.37
C ILE F 346 -96.77 11.59 -4.72
N LEU F 347 -96.79 11.51 -3.39
CA LEU F 347 -95.90 10.60 -2.69
C LEU F 347 -96.28 9.15 -2.96
N ALA F 348 -97.57 8.84 -2.95
CA ALA F 348 -98.01 7.45 -3.09
C ALA F 348 -97.79 6.89 -4.50
N SER F 349 -97.71 7.75 -5.51
CA SER F 349 -97.49 7.28 -6.87
C SER F 349 -96.06 6.82 -7.10
N LEU F 350 -95.11 7.24 -6.28
CA LEU F 350 -93.72 6.84 -6.43
C LEU F 350 -93.53 5.41 -5.93
N ASP F 351 -92.58 4.71 -6.55
CA ASP F 351 -92.23 3.38 -6.03
C ASP F 351 -91.34 3.47 -4.81
N THR F 352 -90.78 4.64 -4.51
CA THR F 352 -90.10 4.81 -3.23
C THR F 352 -91.07 4.66 -2.09
N PHE F 353 -92.36 4.96 -2.31
CA PHE F 353 -93.37 4.72 -1.31
C PHE F 353 -93.48 3.24 -0.95
N LYS F 354 -93.11 2.34 -1.88
CA LYS F 354 -93.07 0.93 -1.56
C LYS F 354 -92.01 0.59 -0.53
N LYS F 355 -90.98 1.43 -0.40
CA LYS F 355 -89.94 1.24 0.60
C LYS F 355 -90.25 1.89 1.94
N MET F 356 -91.38 2.59 2.07
CA MET F 356 -91.70 3.37 3.26
C MET F 356 -92.85 2.80 4.08
N TRP F 357 -93.89 2.24 3.47
CA TRP F 357 -95.01 1.80 4.27
C TRP F 357 -94.64 0.56 5.09
N VAL F 358 -95.46 0.29 6.10
CA VAL F 358 -95.29 -0.85 6.99
C VAL F 358 -96.18 -1.97 6.47
N SER F 359 -95.58 -3.09 6.11
CA SER F 359 -96.34 -4.23 5.61
C SER F 359 -97.17 -4.84 6.74
N LYS F 360 -98.21 -5.58 6.35
CA LYS F 360 -99.10 -6.18 7.33
C LYS F 360 -98.36 -7.18 8.21
N LYS F 361 -97.53 -8.02 7.61
CA LYS F 361 -96.74 -8.97 8.39
C LYS F 361 -95.77 -8.23 9.31
N GLU F 362 -95.23 -7.10 8.87
CA GLU F 362 -94.36 -6.32 9.74
C GLU F 362 -95.11 -5.81 10.97
N TYR F 363 -96.34 -5.32 10.78
CA TYR F 363 -97.12 -4.89 11.94
C TYR F 363 -97.47 -6.04 12.85
N GLU F 364 -97.83 -7.19 12.27
CA GLU F 364 -98.17 -8.35 13.10
C GLU F 364 -96.97 -8.89 13.87
N GLU F 365 -95.76 -8.78 13.30
CA GLU F 365 -94.57 -9.30 13.96
C GLU F 365 -93.99 -8.33 14.98
N ASP F 366 -93.80 -7.06 14.61
CA ASP F 366 -93.16 -6.09 15.47
C ASP F 366 -94.13 -5.31 16.34
N GLY F 367 -95.43 -5.38 16.07
CA GLY F 367 -96.40 -4.63 16.85
C GLY F 367 -96.32 -3.14 16.64
N ALA F 368 -96.54 -2.36 17.70
CA ALA F 368 -96.55 -0.91 17.60
C ALA F 368 -95.18 -0.31 17.30
N ARG F 369 -94.10 -1.07 17.45
CA ARG F 369 -92.77 -0.52 17.19
C ARG F 369 -92.61 -0.15 15.72
N SER F 370 -93.08 -1.00 14.81
CA SER F 370 -92.81 -0.82 13.38
C SER F 370 -93.42 0.48 12.87
N ILE F 371 -94.66 0.78 13.27
CA ILE F 371 -95.27 2.03 12.84
C ILE F 371 -94.55 3.24 13.44
N HIS F 372 -93.86 3.05 14.56
CA HIS F 372 -93.08 4.15 15.13
C HIS F 372 -91.78 4.37 14.37
N ARG F 373 -91.15 3.30 13.86
CA ARG F 373 -89.91 3.52 13.11
C ARG F 373 -90.17 4.25 11.80
N LYS F 374 -91.25 3.89 11.09
CA LYS F 374 -91.49 4.34 9.73
C LYS F 374 -92.51 5.48 9.67
N THR F 375 -92.52 6.35 10.67
CA THR F 375 -93.35 7.56 10.66
C THR F 375 -92.51 8.83 10.74
N PHE F 376 -91.52 8.87 11.61
CA PHE F 376 -90.74 10.08 11.83
C PHE F 376 -89.56 10.14 10.87
N ARG G 7 80.35 32.87 -5.52
CA ARG G 7 81.39 32.54 -4.55
C ARG G 7 81.04 33.11 -3.18
N VAL G 8 81.71 32.63 -2.14
CA VAL G 8 81.51 33.08 -0.78
C VAL G 8 82.87 33.29 -0.13
N SER G 9 83.06 34.45 0.48
CA SER G 9 84.27 34.72 1.23
C SER G 9 84.29 33.90 2.51
N ASP G 10 85.49 33.43 2.88
CA ASP G 10 85.63 32.59 4.06
C ASP G 10 85.23 33.34 5.33
N GLU G 11 85.46 34.65 5.37
CA GLU G 11 85.00 35.44 6.51
C GLU G 11 83.49 35.42 6.61
N GLU G 12 82.81 35.54 5.46
CA GLU G 12 81.35 35.40 5.47
C GLU G 12 80.93 34.00 5.86
N LYS G 13 81.69 32.98 5.45
CA LYS G 13 81.35 31.61 5.80
C LYS G 13 81.37 31.41 7.32
N VAL G 14 82.47 31.80 7.98
CA VAL G 14 82.50 31.66 9.42
C VAL G 14 81.56 32.62 10.13
N ARG G 15 81.22 33.76 9.52
CA ARG G 15 80.20 34.63 10.11
C ARG G 15 78.84 33.94 10.13
N ILE G 16 78.45 33.31 9.02
CA ILE G 16 77.21 32.55 9.02
C ILE G 16 77.29 31.38 9.99
N ALA G 17 78.46 30.74 10.10
CA ALA G 17 78.60 29.65 11.06
C ALA G 17 78.36 30.14 12.48
N ALA G 18 78.93 31.30 12.84
CA ALA G 18 78.68 31.89 14.15
C ALA G 18 77.21 32.25 14.33
N LYS G 19 76.58 32.78 13.28
CA LYS G 19 75.16 33.12 13.34
C LYS G 19 74.32 31.89 13.67
N PHE G 20 74.62 30.76 13.03
CA PHE G 20 73.88 29.53 13.32
C PHE G 20 74.22 29.01 14.71
N ILE G 21 75.48 29.11 15.12
CA ILE G 21 75.89 28.53 16.39
C ILE G 21 75.24 29.26 17.56
N THR G 22 75.28 30.60 17.55
CA THR G 22 74.80 31.37 18.68
C THR G 22 73.29 31.25 18.89
N HIS G 23 72.54 30.84 17.87
CA HIS G 23 71.09 30.68 17.96
C HIS G 23 70.67 29.23 18.15
N ALA G 24 71.60 28.34 18.47
CA ALA G 24 71.24 26.94 18.64
C ALA G 24 70.36 26.78 19.87
N PRO G 25 69.38 25.87 19.85
CA PRO G 25 68.51 25.71 21.02
C PRO G 25 69.28 25.04 22.14
N PRO G 26 68.78 25.13 23.38
CA PRO G 26 69.51 24.51 24.50
C PRO G 26 69.54 22.99 24.37
N GLY G 27 70.65 22.42 24.85
CA GLY G 27 70.80 20.98 24.85
C GLY G 27 70.96 20.33 23.50
N GLU G 28 71.31 21.12 22.47
CA GLU G 28 71.54 20.56 21.14
C GLU G 28 72.73 21.21 20.44
N PHE G 29 73.60 21.89 21.19
CA PHE G 29 74.73 22.57 20.57
C PHE G 29 75.71 21.60 19.96
N ASN G 30 75.84 20.40 20.51
CA ASN G 30 76.85 19.47 20.02
C ASN G 30 76.55 19.02 18.58
N GLU G 31 75.31 18.64 18.27
CA GLU G 31 75.02 18.27 16.89
C GLU G 31 74.90 19.47 15.97
N VAL G 32 74.56 20.66 16.49
CA VAL G 32 74.64 21.87 15.67
C VAL G 32 76.07 22.10 15.23
N PHE G 33 77.02 21.96 16.16
CA PHE G 33 78.43 22.05 15.81
C PHE G 33 78.84 20.97 14.83
N ASN G 34 78.38 19.74 15.05
CA ASN G 34 78.72 18.67 14.11
C ASN G 34 78.23 19.01 12.71
N ASP G 35 77.01 19.54 12.62
CA ASP G 35 76.46 19.91 11.32
C ASP G 35 77.24 21.06 10.69
N VAL G 36 77.63 22.06 11.47
CA VAL G 36 78.29 23.21 10.86
C VAL G 36 79.70 22.85 10.37
N ARG G 37 80.46 22.03 11.11
CA ARG G 37 81.71 21.54 10.52
C ARG G 37 81.46 20.67 9.30
N LEU G 38 80.46 19.79 9.35
CA LEU G 38 80.22 18.93 8.20
C LEU G 38 79.85 19.73 6.96
N LEU G 39 79.18 20.87 7.13
CA LEU G 39 78.91 21.74 5.99
C LEU G 39 80.17 22.48 5.56
N LEU G 40 80.96 22.98 6.52
CA LEU G 40 82.13 23.78 6.17
C LEU G 40 83.27 22.93 5.62
N ASN G 41 83.46 21.73 6.18
CA ASN G 41 84.58 20.86 5.83
C ASN G 41 85.92 21.54 6.09
N ASN G 42 85.97 22.46 7.07
CA ASN G 42 87.20 23.19 7.39
C ASN G 42 87.16 23.50 8.89
N ASP G 43 87.81 22.65 9.68
CA ASP G 43 87.88 22.90 11.12
C ASP G 43 88.86 24.02 11.43
N ASN G 44 90.03 24.03 10.78
CA ASN G 44 91.02 25.07 11.02
C ASN G 44 90.48 26.44 10.63
N LEU G 45 89.82 26.53 9.47
CA LEU G 45 89.20 27.79 9.07
C LEU G 45 88.11 28.22 10.04
N LEU G 46 87.40 27.26 10.63
CA LEU G 46 86.27 27.56 11.49
C LEU G 46 86.72 28.05 12.88
N ARG G 47 87.77 27.44 13.42
CA ARG G 47 88.02 27.49 14.87
C ARG G 47 88.25 28.90 15.39
N GLU G 48 88.86 29.78 14.59
CA GLU G 48 89.22 31.11 15.10
C GLU G 48 87.99 31.90 15.50
N GLY G 49 86.97 31.96 14.63
CA GLY G 49 85.71 32.58 14.99
C GLY G 49 84.80 31.68 15.80
N ALA G 50 84.96 30.36 15.68
CA ALA G 50 84.18 29.44 16.47
C ALA G 50 84.49 29.59 17.95
N ALA G 51 85.70 29.99 18.30
CA ALA G 51 86.02 30.25 19.70
C ALA G 51 85.11 31.34 20.26
N HIS G 52 84.96 32.45 19.54
CA HIS G 52 84.07 33.52 19.97
C HIS G 52 82.62 33.06 19.99
N ALA G 53 82.21 32.30 18.96
CA ALA G 53 80.83 31.84 18.89
C ALA G 53 80.49 30.94 20.08
N PHE G 54 81.36 29.97 20.38
CA PHE G 54 81.12 29.07 21.50
C PHE G 54 81.19 29.81 22.82
N ALA G 55 82.10 30.77 22.92
CA ALA G 55 82.18 31.60 24.12
C ALA G 55 80.84 32.27 24.37
N GLN G 56 80.29 32.95 23.36
CA GLN G 56 79.04 33.68 23.55
C GLN G 56 77.88 32.73 23.82
N TYR G 57 77.83 31.59 23.13
CA TYR G 57 76.73 30.65 23.34
C TYR G 57 76.75 30.12 24.77
N ASN G 58 77.93 29.70 25.25
CA ASN G 58 78.01 29.19 26.62
C ASN G 58 77.87 30.31 27.64
N MET G 59 78.07 31.56 27.21
CA MET G 59 77.96 32.67 28.15
C MET G 59 76.50 33.03 28.39
N ASP G 60 75.72 33.22 27.32
CA ASP G 60 74.35 33.69 27.48
C ASP G 60 73.41 32.55 27.87
N GLN G 61 73.81 31.30 27.66
CA GLN G 61 72.97 30.15 28.00
C GLN G 61 73.11 29.71 29.46
N PHE G 62 74.08 30.24 30.20
CA PHE G 62 74.25 29.94 31.62
C PHE G 62 74.46 28.44 31.83
N THR G 63 75.32 27.85 31.03
CA THR G 63 75.55 26.41 31.11
C THR G 63 76.21 26.07 32.45
N PRO G 64 75.80 24.98 33.13
CA PRO G 64 76.52 24.57 34.33
C PRO G 64 77.63 23.57 34.02
N VAL G 65 78.79 23.79 34.64
CA VAL G 65 79.96 22.94 34.47
C VAL G 65 80.43 22.48 35.85
N LYS G 66 80.70 21.18 35.97
CA LYS G 66 81.06 20.58 37.24
C LYS G 66 82.55 20.68 37.50
N ILE G 67 82.92 21.07 38.71
CA ILE G 67 84.30 21.03 39.18
C ILE G 67 84.46 19.73 39.96
N GLU G 68 85.31 18.83 39.45
CA GLU G 68 85.45 17.51 40.04
C GLU G 68 85.96 17.56 41.47
N GLY G 69 86.88 18.46 41.79
CA GLY G 69 87.46 18.52 43.11
C GLY G 69 86.63 19.25 44.14
N TYR G 70 85.55 19.90 43.71
CA TYR G 70 84.73 20.72 44.59
C TYR G 70 83.25 20.37 44.56
N GLU G 71 82.73 19.89 43.43
CA GLU G 71 81.31 19.62 43.24
C GLU G 71 80.46 20.87 43.41
N ASP G 72 81.02 22.05 43.13
CA ASP G 72 80.24 23.28 43.25
C ASP G 72 79.24 23.42 42.10
N GLN G 73 79.62 23.01 40.90
CA GLN G 73 78.79 23.12 39.70
C GLN G 73 78.36 24.58 39.47
N VAL G 74 79.34 25.41 39.17
CA VAL G 74 79.11 26.84 38.99
C VAL G 74 78.55 27.10 37.60
N LEU G 75 77.88 28.24 37.46
CA LEU G 75 77.31 28.68 36.19
C LEU G 75 78.28 29.59 35.45
N ILE G 76 78.36 29.40 34.14
CA ILE G 76 79.19 30.25 33.28
C ILE G 76 78.38 31.49 32.90
N THR G 77 78.87 32.66 33.29
CA THR G 77 78.16 33.92 33.08
C THR G 77 79.14 35.01 32.66
N GLU G 78 78.61 36.00 31.94
CA GLU G 78 79.42 37.14 31.51
C GLU G 78 79.94 37.93 32.71
N HIS G 79 79.23 37.87 33.83
CA HIS G 79 79.61 38.68 34.98
C HIS G 79 80.84 38.09 35.66
N GLY G 80 80.91 36.77 35.76
CA GLY G 80 82.08 36.10 36.30
C GLY G 80 83.05 35.64 35.24
N ASP G 81 83.65 36.59 34.51
CA ASP G 81 84.60 36.30 33.45
C ASP G 81 85.89 37.07 33.71
N LEU G 82 87.03 36.43 33.46
CA LEU G 82 88.35 37.00 33.71
C LEU G 82 89.08 37.37 32.44
N GLY G 83 89.02 36.55 31.40
CA GLY G 83 89.54 36.87 30.08
C GLY G 83 90.72 36.03 29.62
N ASN G 84 91.26 35.16 30.48
CA ASN G 84 92.37 34.27 30.12
C ASN G 84 91.74 32.89 29.87
N SER G 85 90.58 32.90 29.21
CA SER G 85 89.70 31.73 29.08
C SER G 85 89.40 31.14 30.45
N ARG G 86 89.27 32.01 31.45
CA ARG G 86 89.12 31.62 32.85
C ARG G 86 87.86 32.26 33.43
N PHE G 87 87.26 31.55 34.37
CA PHE G 87 86.08 32.01 35.07
C PHE G 87 86.28 31.83 36.57
N LEU G 88 85.76 32.79 37.33
CA LEU G 88 85.89 32.84 38.77
C LEU G 88 84.62 32.32 39.42
N ASP G 89 84.68 31.12 39.96
CA ASP G 89 83.58 30.58 40.74
C ASP G 89 83.58 31.26 42.11
N PRO G 90 82.52 32.00 42.47
CA PRO G 90 82.50 32.63 43.80
C PRO G 90 82.26 31.66 44.94
N ARG G 91 81.80 30.45 44.67
CA ARG G 91 81.72 29.42 45.71
C ARG G 91 83.11 28.88 45.94
N ASN G 92 83.74 29.31 47.04
CA ASN G 92 85.10 28.98 47.47
C ASN G 92 86.15 29.78 46.70
N LYS G 93 85.76 30.69 45.81
CA LYS G 93 86.70 31.60 45.13
C LYS G 93 87.75 30.82 44.33
N ILE G 94 87.30 30.10 43.32
CA ILE G 94 88.16 29.24 42.51
C ILE G 94 88.17 29.73 41.07
N SER G 95 89.35 30.11 40.58
CA SER G 95 89.52 30.49 39.19
C SER G 95 89.90 29.25 38.38
N PHE G 96 89.16 28.98 37.31
CA PHE G 96 89.35 27.77 36.51
C PHE G 96 89.24 28.08 35.03
N LYS G 97 90.07 27.42 34.23
CA LYS G 97 89.93 27.50 32.79
C LYS G 97 88.73 26.68 32.34
N PHE G 98 88.04 27.16 31.32
CA PHE G 98 86.82 26.53 30.80
C PHE G 98 86.99 26.30 29.31
N ASP G 99 87.09 25.02 28.91
CA ASP G 99 87.12 24.64 27.51
C ASP G 99 85.69 24.62 26.99
N HIS G 100 85.37 25.58 26.12
CA HIS G 100 84.03 25.68 25.56
C HIS G 100 83.73 24.52 24.63
N LEU G 101 84.73 24.02 23.90
CA LEU G 101 84.51 22.91 22.97
C LEU G 101 84.00 21.68 23.71
N ARG G 102 84.68 21.30 24.79
CA ARG G 102 84.26 20.18 25.61
C ARG G 102 83.43 20.59 26.82
N LYS G 103 83.28 21.88 27.07
CA LYS G 103 82.54 22.40 28.23
C LYS G 103 83.09 21.80 29.52
N GLU G 104 84.41 21.92 29.69
CA GLU G 104 85.12 21.25 30.77
C GLU G 104 85.94 22.25 31.59
N ALA G 105 86.00 21.99 32.90
CA ALA G 105 86.72 22.85 33.83
C ALA G 105 88.09 22.24 34.13
N SER G 106 89.12 23.08 34.10
CA SER G 106 90.50 22.65 34.31
C SER G 106 91.23 23.63 35.21
N ASP G 107 92.24 23.10 35.91
CA ASP G 107 93.14 23.87 36.76
C ASP G 107 92.41 24.73 37.77
N PRO G 108 91.83 24.14 38.82
CA PRO G 108 91.21 24.98 39.86
C PRO G 108 92.26 25.76 40.63
N GLN G 109 92.28 27.08 40.41
CA GLN G 109 93.29 27.97 40.94
C GLN G 109 92.63 29.00 41.87
N PRO G 110 93.04 29.11 43.14
CA PRO G 110 92.51 30.22 43.96
C PRO G 110 92.92 31.56 43.38
N GLU G 111 92.01 32.53 43.44
CA GLU G 111 92.25 33.89 42.97
C GLU G 111 91.88 34.86 44.09
N GLU G 112 92.78 35.78 44.39
CA GLU G 112 92.65 36.66 45.55
C GLU G 112 91.75 37.83 45.18
N VAL G 113 90.53 37.81 45.71
CA VAL G 113 89.61 38.94 45.66
C VAL G 113 89.65 39.61 47.03
N ASP G 114 89.44 40.93 47.04
CA ASP G 114 89.50 41.69 48.30
C ASP G 114 88.47 41.19 49.31
N GLY G 115 87.29 40.76 48.83
CA GLY G 115 86.29 40.21 49.71
C GLY G 115 85.52 41.26 50.49
N SER G 116 85.38 42.46 49.95
CA SER G 116 84.60 43.50 50.62
C SER G 116 83.11 43.16 50.63
N LEU G 117 82.62 42.53 49.56
CA LEU G 117 81.21 42.20 49.41
C LEU G 117 80.89 40.76 49.82
N LYS G 118 81.86 40.06 50.43
CA LYS G 118 81.69 38.63 50.67
C LYS G 118 80.54 38.34 51.63
N SER G 119 80.26 39.25 52.57
CA SER G 119 79.15 39.01 53.49
C SER G 119 77.82 38.98 52.75
N TRP G 120 77.53 40.01 51.96
CA TRP G 120 76.29 40.05 51.19
C TRP G 120 76.25 38.91 50.20
N ARG G 121 77.37 38.67 49.52
CA ARG G 121 77.43 37.63 48.49
C ARG G 121 77.13 36.26 49.08
N GLU G 122 77.76 35.93 50.21
CA GLU G 122 77.57 34.62 50.82
C GLU G 122 76.19 34.47 51.45
N SER G 123 75.65 35.52 52.08
CA SER G 123 74.29 35.41 52.61
C SER G 123 73.28 35.19 51.49
N CYS G 124 73.40 35.96 50.41
CA CYS G 124 72.52 35.78 49.26
C CYS G 124 72.70 34.38 48.68
N ASP G 125 73.94 33.90 48.58
CA ASP G 125 74.18 32.58 48.02
C ASP G 125 73.54 31.49 48.88
N SER G 126 73.66 31.59 50.20
CA SER G 126 73.08 30.58 51.07
C SER G 126 71.56 30.56 50.95
N ALA G 127 70.92 31.74 51.09
CA ALA G 127 69.48 31.79 50.99
C ALA G 127 68.98 31.35 49.62
N LEU G 128 69.70 31.72 48.57
CA LEU G 128 69.30 31.39 47.22
C LEU G 128 69.48 29.90 46.92
N ARG G 129 70.55 29.27 47.43
CA ARG G 129 70.69 27.83 47.29
C ARG G 129 69.56 27.12 48.01
N ALA G 130 69.24 27.56 49.22
CA ALA G 130 68.13 26.95 49.98
C ALA G 130 66.87 27.04 49.14
N TYR G 131 66.62 28.22 48.57
CA TYR G 131 65.40 28.44 47.74
C TYR G 131 65.43 27.58 46.47
N VAL G 132 66.56 27.52 45.78
CA VAL G 132 66.59 26.81 44.47
C VAL G 132 66.41 25.31 44.73
N LYS G 133 67.08 24.77 45.75
CA LYS G 133 66.86 23.38 46.08
C LYS G 133 65.41 23.13 46.51
N ASP G 134 64.76 24.11 47.13
CA ASP G 134 63.37 23.94 47.51
C ASP G 134 62.44 23.85 46.31
N HIS G 135 62.69 24.65 45.27
CA HIS G 135 61.74 24.82 44.17
C HIS G 135 62.14 24.12 42.88
N TYR G 136 63.36 24.35 42.40
CA TYR G 136 63.73 23.83 41.10
C TYR G 136 63.96 22.33 41.15
N SER G 137 63.94 21.69 39.98
CA SER G 137 64.20 20.27 39.89
C SER G 137 65.71 19.99 40.01
N ASN G 138 66.48 20.54 39.08
CA ASN G 138 67.94 20.47 39.14
C ASN G 138 68.51 21.73 39.80
N GLY G 139 68.22 22.88 39.22
CA GLY G 139 68.49 24.15 39.87
C GLY G 139 69.94 24.43 40.21
N PHE G 140 70.77 24.65 39.19
CA PHE G 140 72.15 25.04 39.37
C PHE G 140 72.18 26.55 39.50
N CYS G 141 72.93 27.07 40.47
CA CYS G 141 72.88 28.50 40.75
C CYS G 141 74.24 29.04 41.19
N THR G 142 74.36 30.36 41.08
CA THR G 142 75.56 31.07 41.52
C THR G 142 75.14 32.48 41.93
N VAL G 143 75.97 33.12 42.75
CA VAL G 143 75.79 34.51 43.13
C VAL G 143 77.14 35.21 43.03
N TYR G 144 77.15 36.37 42.37
CA TYR G 144 78.36 37.15 42.13
C TYR G 144 78.22 38.52 42.77
N ALA G 145 79.37 39.16 43.01
CA ALA G 145 79.45 40.53 43.49
C ALA G 145 80.31 41.32 42.52
N LYS G 146 79.90 42.56 42.23
CA LYS G 146 80.60 43.39 41.26
C LYS G 146 80.45 44.85 41.62
N ASN G 147 81.26 45.69 40.96
CA ASN G 147 81.25 47.14 41.12
C ASN G 147 80.92 47.74 39.76
N ILE G 148 79.63 47.90 39.49
CA ILE G 148 79.16 48.44 38.22
C ILE G 148 79.09 49.95 38.35
N ASP G 149 79.90 50.66 37.55
CA ASP G 149 79.97 52.12 37.59
C ASP G 149 80.33 52.63 38.97
N GLY G 150 81.13 51.86 39.72
CA GLY G 150 81.50 52.22 41.06
C GLY G 150 80.49 51.85 42.13
N GLN G 151 79.33 51.31 41.75
CA GLN G 151 78.26 50.96 42.69
C GLN G 151 78.28 49.45 42.91
N GLN G 152 78.23 49.05 44.17
CA GLN G 152 78.27 47.63 44.51
C GLN G 152 76.94 46.96 44.16
N THR G 153 77.02 45.79 43.53
CA THR G 153 75.86 45.05 43.09
C THR G 153 76.06 43.56 43.32
N ILE G 154 74.96 42.87 43.63
CA ILE G 154 74.93 41.42 43.77
C ILE G 154 74.06 40.88 42.65
N ILE G 155 74.57 39.87 41.94
CA ILE G 155 73.89 39.25 40.81
C ILE G 155 73.60 37.81 41.16
N ALA G 156 72.33 37.44 41.17
CA ALA G 156 71.89 36.06 41.34
C ALA G 156 71.64 35.44 39.97
N CYS G 157 72.16 34.23 39.76
CA CYS G 157 71.95 33.49 38.51
C CYS G 157 71.41 32.12 38.86
N ILE G 158 70.25 31.78 38.31
CA ILE G 158 69.62 30.48 38.47
C ILE G 158 69.45 29.88 37.09
N GLU G 159 69.67 28.58 36.97
CA GLU G 159 69.55 27.89 35.69
C GLU G 159 69.10 26.46 35.93
N SER G 160 68.15 26.00 35.12
CA SER G 160 67.60 24.66 35.25
C SER G 160 67.36 24.12 33.85
N HIS G 161 68.01 23.00 33.53
CA HIS G 161 67.94 22.41 32.20
C HIS G 161 67.45 20.98 32.29
N GLN G 162 66.68 20.57 31.28
CA GLN G 162 66.20 19.20 31.17
C GLN G 162 66.29 18.81 29.70
N PHE G 163 67.19 17.89 29.38
CA PHE G 163 67.41 17.42 28.02
C PHE G 163 67.03 15.96 27.93
N GLN G 164 66.23 15.60 26.92
CA GLN G 164 65.91 14.22 26.60
C GLN G 164 65.80 14.12 25.08
N PRO G 165 66.93 14.10 24.38
CA PRO G 165 66.88 13.81 22.93
C PRO G 165 66.31 12.44 22.64
N LYS G 166 66.40 11.49 23.57
CA LYS G 166 65.70 10.23 23.40
C LYS G 166 64.20 10.44 23.36
N ASN G 167 63.68 11.38 24.16
CA ASN G 167 62.27 11.75 24.14
C ASN G 167 61.98 12.92 23.21
N PHE G 168 62.98 13.42 22.49
CA PHE G 168 62.81 14.50 21.53
C PHE G 168 62.34 15.79 22.20
N TRP G 169 62.97 16.18 23.31
CA TRP G 169 62.64 17.49 23.86
C TRP G 169 63.73 17.99 24.79
N ASN G 170 64.06 19.27 24.65
CA ASN G 170 65.01 19.97 25.49
C ASN G 170 64.34 21.22 26.06
N GLY G 171 64.79 21.63 27.23
CA GLY G 171 64.23 22.82 27.86
C GLY G 171 65.23 23.45 28.81
N ARG G 172 65.18 24.77 28.89
CA ARG G 172 66.09 25.52 29.74
C ARG G 172 65.40 26.76 30.30
N TRP G 173 65.46 26.89 31.63
CA TRP G 173 65.05 28.07 32.37
C TRP G 173 66.32 28.76 32.84
N ARG G 174 66.37 30.09 32.71
CA ARG G 174 67.49 30.85 33.23
C ARG G 174 66.99 32.20 33.72
N SER G 175 67.24 32.49 35.00
CA SER G 175 66.79 33.71 35.65
C SER G 175 67.99 34.45 36.21
N GLU G 176 68.20 35.67 35.74
CA GLU G 176 69.25 36.55 36.22
C GLU G 176 68.60 37.70 36.99
N TRP G 177 69.23 38.11 38.09
CA TRP G 177 68.67 39.12 38.99
C TRP G 177 69.81 40.01 39.50
N LYS G 178 69.91 41.21 38.95
CA LYS G 178 70.80 42.23 39.50
C LYS G 178 70.12 42.89 40.69
N PHE G 179 70.92 43.30 41.67
CA PHE G 179 70.39 43.92 42.88
C PHE G 179 71.46 44.86 43.41
N THR G 180 71.18 46.16 43.36
CA THR G 180 72.18 47.15 43.76
C THR G 180 72.10 47.43 45.26
N ILE G 181 73.25 47.67 45.85
CA ILE G 181 73.34 48.01 47.28
C ILE G 181 73.16 49.51 47.42
N THR G 182 72.19 49.91 48.23
CA THR G 182 71.93 51.32 48.50
C THR G 182 71.25 51.39 49.87
N PRO G 183 71.75 52.18 50.83
CA PRO G 183 71.14 52.14 52.19
C PRO G 183 69.68 52.56 52.19
N PRO G 184 69.29 53.75 51.63
CA PRO G 184 67.88 54.14 51.73
C PRO G 184 66.91 53.18 51.05
N THR G 185 67.10 52.94 49.75
CA THR G 185 66.26 52.00 49.01
C THR G 185 67.07 51.42 47.87
N ALA G 186 67.09 50.08 47.78
CA ALA G 186 67.82 49.36 46.77
C ALA G 186 66.88 48.89 45.66
N GLN G 187 67.45 48.72 44.47
CA GLN G 187 66.71 48.32 43.28
C GLN G 187 67.08 46.90 42.87
N VAL G 188 66.06 46.15 42.44
CA VAL G 188 66.20 44.77 41.97
C VAL G 188 65.65 44.73 40.55
N VAL G 189 66.45 44.22 39.62
CA VAL G 189 66.08 44.13 38.21
C VAL G 189 66.36 42.71 37.74
N GLY G 190 65.32 42.03 37.25
CA GLY G 190 65.43 40.64 36.87
C GLY G 190 65.01 40.41 35.44
N VAL G 191 65.68 39.45 34.80
CA VAL G 191 65.33 38.97 33.47
C VAL G 191 65.22 37.45 33.53
N LEU G 192 64.08 36.93 33.07
CA LEU G 192 63.78 35.51 33.10
C LEU G 192 63.59 35.05 31.65
N LYS G 193 64.25 33.97 31.27
CA LYS G 193 64.16 33.43 29.92
C LYS G 193 63.88 31.95 29.99
N ILE G 194 62.96 31.48 29.13
CA ILE G 194 62.63 30.08 28.99
C ILE G 194 62.74 29.72 27.52
N GLN G 195 63.38 28.61 27.23
CA GLN G 195 63.54 28.12 25.86
C GLN G 195 63.28 26.63 25.85
N VAL G 196 62.24 26.21 25.14
CA VAL G 196 61.81 24.82 25.07
C VAL G 196 61.70 24.42 23.61
N HIS G 197 62.22 23.24 23.29
CA HIS G 197 62.13 22.66 21.96
C HIS G 197 61.59 21.25 22.09
N TYR G 198 60.69 20.88 21.19
CA TYR G 198 60.10 19.54 21.20
C TYR G 198 59.79 19.15 19.76
N TYR G 199 60.34 18.01 19.31
CA TYR G 199 60.34 17.68 17.89
C TYR G 199 60.03 16.20 17.65
N GLU G 200 59.03 15.66 18.35
CA GLU G 200 58.60 14.26 18.07
C GLU G 200 57.57 14.27 16.94
N ASP G 201 57.94 13.81 15.74
CA ASP G 201 57.03 13.80 14.56
C ASP G 201 56.46 15.21 14.32
N GLY G 202 57.29 16.24 14.48
CA GLY G 202 56.85 17.63 14.30
C GLY G 202 57.92 18.59 14.77
N ASN G 203 57.55 19.77 15.25
CA ASN G 203 58.49 20.78 15.71
C ASN G 203 57.74 21.86 16.46
N VAL G 204 58.23 22.22 17.64
CA VAL G 204 57.67 23.32 18.43
C VAL G 204 58.80 23.96 19.22
N GLN G 205 58.78 25.28 19.29
CA GLN G 205 59.85 26.08 19.87
C GLN G 205 59.20 27.22 20.65
N LEU G 206 59.21 27.10 21.97
CA LEU G 206 58.73 28.16 22.86
C LEU G 206 59.93 28.98 23.29
N VAL G 207 59.83 30.30 23.15
CA VAL G 207 60.84 31.25 23.62
C VAL G 207 60.10 32.34 24.38
N SER G 208 60.28 32.36 25.69
CA SER G 208 59.56 33.29 26.57
C SER G 208 60.57 34.14 27.32
N HIS G 209 60.22 35.41 27.51
CA HIS G 209 61.08 36.38 28.17
C HIS G 209 60.23 37.26 29.07
N LYS G 210 60.78 37.62 30.24
CA LYS G 210 60.09 38.45 31.21
C LYS G 210 61.12 39.37 31.85
N ASP G 211 60.70 40.61 32.12
CA ASP G 211 61.52 41.60 32.80
C ASP G 211 60.75 42.11 34.01
N VAL G 212 61.43 42.16 35.16
CA VAL G 212 60.81 42.52 36.43
C VAL G 212 61.65 43.59 37.10
N GLN G 213 60.98 44.52 37.78
CA GLN G 213 61.64 45.60 38.52
C GLN G 213 60.94 45.74 39.87
N ASP G 214 61.73 45.80 40.94
CA ASP G 214 61.21 45.92 42.30
C ASP G 214 62.21 46.72 43.14
N SER G 215 61.77 47.06 44.36
CA SER G 215 62.57 47.82 45.30
C SER G 215 62.55 47.13 46.66
N VAL G 216 63.64 47.32 47.41
CA VAL G 216 63.78 46.76 48.75
C VAL G 216 64.44 47.81 49.65
N THR G 217 64.50 47.48 50.93
CA THR G 217 65.16 48.30 51.94
C THR G 217 66.29 47.52 52.59
N VAL G 218 67.44 48.17 52.74
CA VAL G 218 68.66 47.56 53.21
C VAL G 218 68.84 47.95 54.68
N SER G 219 68.55 47.02 55.58
CA SER G 219 68.77 47.18 57.02
C SER G 219 69.77 46.17 57.56
N ASN G 220 69.55 44.88 57.31
CA ASN G 220 70.44 43.81 57.73
C ASN G 220 70.68 42.88 56.56
N GLU G 221 71.90 42.36 56.44
CA GLU G 221 72.25 41.53 55.29
C GLU G 221 71.40 40.27 55.23
N ALA G 222 71.23 39.58 56.37
CA ALA G 222 70.40 38.38 56.38
C ALA G 222 68.94 38.72 56.10
N GLN G 223 68.44 39.79 56.72
CA GLN G 223 67.06 40.20 56.48
C GLN G 223 66.86 40.66 55.04
N THR G 224 67.82 41.42 54.51
CA THR G 224 67.71 41.87 53.12
C THR G 224 67.77 40.69 52.15
N ALA G 225 68.62 39.70 52.44
CA ALA G 225 68.68 38.51 51.59
C ALA G 225 67.37 37.72 51.64
N LYS G 226 66.79 37.60 52.84
CA LYS G 226 65.51 36.90 52.95
C LYS G 226 64.42 37.63 52.17
N GLU G 227 64.38 38.96 52.28
CA GLU G 227 63.41 39.74 51.51
C GLU G 227 63.65 39.56 50.00
N PHE G 228 64.91 39.55 49.59
CA PHE G 228 65.23 39.32 48.18
C PHE G 228 64.71 37.98 47.72
N ILE G 229 64.93 36.91 48.49
CA ILE G 229 64.49 35.59 48.09
C ILE G 229 62.97 35.52 48.07
N LYS G 230 62.30 36.23 48.98
CA LYS G 230 60.85 36.29 48.92
C LYS G 230 60.38 36.97 47.63
N ILE G 231 61.08 38.02 47.20
CA ILE G 231 60.72 38.65 45.93
C ILE G 231 60.95 37.69 44.77
N ILE G 232 62.06 36.95 44.79
CA ILE G 232 62.29 35.93 43.77
C ILE G 232 61.14 34.93 43.74
N GLU G 233 60.71 34.48 44.93
CA GLU G 233 59.62 33.53 45.02
C GLU G 233 58.36 34.09 44.37
N HIS G 234 57.96 35.29 44.77
CA HIS G 234 56.72 35.87 44.24
C HIS G 234 56.81 36.07 42.74
N ALA G 235 57.93 36.60 42.25
CA ALA G 235 58.06 36.88 40.82
C ALA G 235 58.02 35.59 40.00
N GLU G 236 58.82 34.59 40.37
CA GLU G 236 58.86 33.38 39.57
C GLU G 236 57.55 32.59 39.67
N ASN G 237 56.92 32.56 40.85
CA ASN G 237 55.64 31.87 40.97
C ASN G 237 54.57 32.53 40.10
N GLU G 238 54.47 33.87 40.16
CA GLU G 238 53.47 34.53 39.34
C GLU G 238 53.77 34.36 37.85
N TYR G 239 55.05 34.37 37.47
CA TYR G 239 55.41 34.19 36.06
C TYR G 239 55.01 32.81 35.56
N GLN G 240 55.34 31.77 36.33
CA GLN G 240 55.03 30.41 35.88
C GLN G 240 53.52 30.17 35.86
N THR G 241 52.80 30.67 36.86
CA THR G 241 51.34 30.53 36.82
C THR G 241 50.74 31.30 35.66
N ALA G 242 51.32 32.46 35.32
CA ALA G 242 50.86 33.19 34.15
C ALA G 242 51.11 32.41 32.86
N ILE G 243 52.25 31.73 32.75
CA ILE G 243 52.49 30.90 31.57
C ILE G 243 51.48 29.78 31.49
N SER G 244 51.19 29.13 32.62
CA SER G 244 50.21 28.05 32.61
C SER G 244 48.83 28.55 32.21
N GLU G 245 48.42 29.71 32.74
CA GLU G 245 47.14 30.29 32.36
C GLU G 245 47.11 30.67 30.89
N ASN G 246 48.21 31.23 30.38
CA ASN G 246 48.27 31.56 28.96
C ASN G 246 48.14 30.32 28.09
N TYR G 247 48.70 29.20 28.52
CA TYR G 247 48.48 27.95 27.80
C TYR G 247 47.03 27.50 27.89
N GLN G 248 46.39 27.71 29.04
CA GLN G 248 45.00 27.29 29.20
C GLN G 248 44.08 28.05 28.24
N THR G 249 44.34 29.34 28.04
CA THR G 249 43.52 30.19 27.17
C THR G 249 44.11 30.29 25.76
N MET G 250 44.76 29.23 25.29
CA MET G 250 45.34 29.26 23.95
C MET G 250 44.28 28.98 22.89
N SER G 251 43.58 27.84 23.01
CA SER G 251 42.59 27.48 22.01
C SER G 251 41.41 28.44 21.98
N ASP G 252 41.08 29.07 23.10
CA ASP G 252 39.89 29.91 23.15
C ASP G 252 40.11 31.24 22.45
N THR G 253 41.15 31.97 22.85
CA THR G 253 41.36 33.35 22.41
C THR G 253 42.63 33.52 21.60
N THR G 254 43.78 33.08 22.11
CA THR G 254 45.05 33.40 21.46
C THR G 254 45.15 32.71 20.10
N PHE G 255 44.87 31.41 20.06
CA PHE G 255 44.95 30.66 18.81
C PHE G 255 43.84 31.03 17.85
N LYS G 256 42.70 31.50 18.37
CA LYS G 256 41.54 31.79 17.54
C LYS G 256 41.76 32.96 16.59
N ALA G 257 42.75 33.81 16.86
CA ALA G 257 43.06 34.92 15.96
C ALA G 257 43.65 34.46 14.64
N LEU G 258 44.11 33.21 14.54
CA LEU G 258 44.71 32.67 13.33
C LEU G 258 43.75 31.73 12.60
N ARG G 259 43.23 30.71 13.28
CA ARG G 259 42.26 29.80 12.70
C ARG G 259 41.32 29.33 13.78
N ARG G 260 40.03 29.34 13.47
CA ARG G 260 39.02 28.91 14.42
C ARG G 260 38.83 27.40 14.38
N GLN G 261 38.48 26.84 15.54
CA GLN G 261 38.26 25.40 15.63
C GLN G 261 37.10 24.97 14.75
N LEU G 262 36.02 25.73 14.75
CA LEU G 262 34.89 25.57 13.85
C LEU G 262 34.52 26.93 13.30
N PRO G 263 33.76 26.98 12.19
CA PRO G 263 33.36 28.29 11.67
C PRO G 263 32.45 29.03 12.65
N VAL G 264 32.12 30.29 12.33
CA VAL G 264 31.25 31.04 13.23
C VAL G 264 29.86 30.42 13.27
N THR G 265 29.46 29.74 12.21
CA THR G 265 28.21 29.01 12.18
C THR G 265 28.22 27.77 13.07
N ARG G 266 29.37 27.38 13.59
CA ARG G 266 29.50 26.21 14.49
C ARG G 266 29.00 24.94 13.82
N THR G 267 29.31 24.80 12.52
CA THR G 267 28.98 23.59 11.80
C THR G 267 29.96 23.43 10.66
N LYS G 268 30.27 22.18 10.33
CA LYS G 268 31.19 21.89 9.25
C LYS G 268 30.66 22.41 7.93
N ILE G 269 31.56 22.80 7.04
CA ILE G 269 31.16 23.37 5.77
C ILE G 269 30.46 22.32 4.94
N ASP G 270 29.31 22.66 4.38
CA ASP G 270 28.61 21.82 3.42
C ASP G 270 29.16 22.17 2.05
N TRP G 271 30.13 21.38 1.58
CA TRP G 271 30.86 21.73 0.38
C TRP G 271 29.95 21.70 -0.84
N ASN G 272 28.99 20.78 -0.86
CA ASN G 272 28.01 20.75 -1.95
C ASN G 272 27.20 22.04 -1.98
N LYS G 273 26.84 22.55 -0.80
CA LYS G 273 26.07 23.78 -0.73
C LYS G 273 26.84 24.95 -1.31
N ILE G 274 28.10 25.13 -0.90
CA ILE G 274 28.86 26.29 -1.35
C ILE G 274 29.20 26.16 -2.83
N LEU G 275 29.47 24.94 -3.29
CA LEU G 275 29.79 24.75 -4.70
C LEU G 275 28.57 25.00 -5.58
N SER G 276 27.44 24.35 -5.27
CA SER G 276 26.29 24.44 -6.15
C SER G 276 25.65 25.82 -6.09
N TYR G 277 25.42 26.34 -4.89
CA TYR G 277 24.78 27.63 -4.69
C TYR G 277 25.86 28.69 -4.51
N LYS G 278 25.53 29.91 -4.93
CA LYS G 278 26.44 31.02 -4.70
C LYS G 278 26.48 31.36 -3.21
N ILE G 279 27.27 32.39 -2.88
CA ILE G 279 27.44 32.79 -1.49
C ILE G 279 26.11 33.19 -0.87
N GLY G 280 25.17 33.68 -1.67
CA GLY G 280 23.88 34.11 -1.18
C GLY G 280 23.83 35.53 -0.67
N LYS G 281 24.94 36.26 -0.73
CA LYS G 281 25.00 37.67 -0.33
C LYS G 281 24.79 38.61 -1.50
N GLU G 282 24.16 38.14 -2.58
CA GLU G 282 23.90 39.00 -3.74
C GLU G 282 23.01 40.18 -3.36
N MET G 283 22.03 39.96 -2.48
CA MET G 283 21.17 41.01 -1.99
C MET G 283 21.82 41.71 -0.79
N GLN G 284 21.54 43.00 -0.66
CA GLN G 284 22.09 43.80 0.42
C GLN G 284 21.22 45.02 0.71
N SER H 2 76.44 14.55 -2.49
CA SER H 2 76.65 14.81 -1.07
C SER H 2 75.35 14.64 -0.30
N ASP H 3 74.79 13.43 -0.36
CA ASP H 3 73.55 13.15 0.35
C ASP H 3 73.70 13.32 1.86
N GLN H 4 74.86 12.94 2.40
CA GLN H 4 75.09 13.12 3.82
C GLN H 4 75.07 14.59 4.20
N GLN H 5 75.66 15.45 3.37
CA GLN H 5 75.60 16.88 3.62
C GLN H 5 74.18 17.42 3.44
N LEU H 6 73.40 16.83 2.52
CA LEU H 6 72.01 17.22 2.40
C LEU H 6 71.24 16.92 3.67
N ASP H 7 71.43 15.72 4.24
CA ASP H 7 70.79 15.39 5.50
C ASP H 7 71.27 16.29 6.63
N CYS H 8 72.56 16.63 6.62
CA CYS H 8 73.09 17.59 7.58
C CYS H 8 72.37 18.93 7.51
N ALA H 9 72.26 19.49 6.30
CA ALA H 9 71.61 20.78 6.13
C ALA H 9 70.14 20.71 6.52
N LEU H 10 69.46 19.63 6.16
CA LEU H 10 68.05 19.48 6.52
C LEU H 10 67.86 19.42 8.02
N ASP H 11 68.70 18.64 8.71
CA ASP H 11 68.60 18.55 10.16
C ASP H 11 68.89 19.90 10.81
N LEU H 12 69.92 20.60 10.33
CA LEU H 12 70.24 21.91 10.90
C LEU H 12 69.08 22.88 10.70
N MET H 13 68.49 22.89 9.51
CA MET H 13 67.37 23.80 9.28
C MET H 13 66.17 23.44 10.13
N ARG H 14 65.92 22.13 10.33
CA ARG H 14 64.86 21.73 11.24
C ARG H 14 65.15 22.17 12.66
N ARG H 15 66.43 22.31 13.02
CA ARG H 15 66.79 22.68 14.39
C ARG H 15 66.75 24.18 14.65
N LEU H 16 66.96 25.02 13.64
CA LEU H 16 67.02 26.45 13.87
C LEU H 16 65.61 26.99 14.16
N PRO H 17 65.50 28.19 14.72
CA PRO H 17 64.17 28.73 15.00
C PRO H 17 63.40 28.95 13.72
N PRO H 18 62.06 28.86 13.76
CA PRO H 18 61.27 28.92 12.53
C PRO H 18 60.98 30.31 12.01
N GLN H 19 60.99 31.33 12.88
CA GLN H 19 60.72 32.70 12.41
C GLN H 19 61.79 33.19 11.45
N GLN H 20 63.05 32.85 11.70
CA GLN H 20 64.17 33.22 10.83
C GLN H 20 64.47 32.14 9.80
N ILE H 21 63.45 31.36 9.41
CA ILE H 21 63.65 30.29 8.44
C ILE H 21 64.12 30.84 7.11
N GLU H 22 63.51 31.94 6.65
CA GLU H 22 63.85 32.47 5.33
C GLU H 22 65.27 33.03 5.31
N LYS H 23 65.60 33.87 6.29
CA LYS H 23 66.92 34.49 6.31
C LYS H 23 68.02 33.45 6.52
N ASN H 24 67.81 32.52 7.44
CA ASN H 24 68.82 31.49 7.68
C ASN H 24 68.93 30.53 6.52
N LEU H 25 67.83 30.23 5.82
CA LEU H 25 67.92 29.41 4.63
C LEU H 25 68.70 30.11 3.54
N SER H 26 68.45 31.42 3.35
CA SER H 26 69.22 32.17 2.37
C SER H 26 70.71 32.19 2.73
N ASP H 27 71.02 32.35 4.02
CA ASP H 27 72.42 32.32 4.44
C ASP H 27 73.05 30.96 4.18
N LEU H 28 72.34 29.88 4.54
CA LEU H 28 72.84 28.53 4.33
C LEU H 28 73.03 28.21 2.85
N ILE H 29 72.25 28.84 1.97
CA ILE H 29 72.45 28.62 0.53
C ILE H 29 73.84 29.08 0.12
N ASP H 30 74.35 30.14 0.75
CA ASP H 30 75.69 30.65 0.44
C ASP H 30 76.80 29.72 0.92
N LEU H 31 76.50 28.71 1.74
CA LEU H 31 77.52 27.81 2.26
C LEU H 31 77.78 26.63 1.31
N VAL H 32 76.72 25.90 0.97
CA VAL H 32 76.80 24.73 0.10
C VAL H 32 75.78 24.91 -1.02
N PRO H 33 76.04 25.77 -2.01
CA PRO H 33 75.02 26.04 -3.04
C PRO H 33 74.67 24.84 -3.91
N SER H 34 75.53 23.82 -3.97
CA SER H 34 75.32 22.70 -4.86
C SER H 34 73.98 22.00 -4.63
N LEU H 35 73.54 21.90 -3.38
CA LEU H 35 72.27 21.27 -3.03
C LEU H 35 71.15 22.28 -2.81
N CYS H 36 71.40 23.57 -3.07
CA CYS H 36 70.49 24.63 -2.63
C CYS H 36 69.07 24.43 -3.16
N GLU H 37 68.95 24.28 -4.48
CA GLU H 37 67.62 24.05 -5.06
C GLU H 37 67.01 22.78 -4.52
N ASP H 38 67.83 21.71 -4.39
CA ASP H 38 67.36 20.49 -3.76
C ASP H 38 66.86 20.77 -2.35
N LEU H 39 67.62 21.56 -1.59
CA LEU H 39 67.17 21.97 -0.26
C LEU H 39 65.85 22.71 -0.36
N LEU H 40 65.73 23.62 -1.32
CA LEU H 40 64.47 24.35 -1.50
C LEU H 40 63.33 23.44 -1.90
N SER H 41 63.61 22.27 -2.47
CA SER H 41 62.56 21.30 -2.77
C SER H 41 62.11 20.56 -1.50
N SER H 42 63.03 20.39 -0.54
CA SER H 42 62.71 19.64 0.67
C SER H 42 62.26 20.58 1.79
N VAL H 43 63.04 21.64 2.04
CA VAL H 43 62.69 22.57 3.10
C VAL H 43 61.41 23.31 2.73
N ASP H 44 60.52 23.44 3.71
CA ASP H 44 59.26 24.15 3.55
C ASP H 44 59.40 25.56 4.12
N GLN H 45 58.99 26.55 3.34
CA GLN H 45 59.22 27.96 3.62
C GLN H 45 57.89 28.70 3.75
N PRO H 46 57.82 29.78 4.53
CA PRO H 46 56.61 30.60 4.53
C PRO H 46 56.35 31.19 3.15
N LEU H 47 55.08 31.35 2.82
CA LEU H 47 54.68 31.75 1.49
C LEU H 47 54.81 33.26 1.32
N LYS H 48 54.76 33.69 0.07
CA LYS H 48 54.86 35.10 -0.31
C LYS H 48 53.56 35.54 -0.97
N ILE H 49 53.21 36.80 -0.77
CA ILE H 49 51.99 37.40 -1.28
C ILE H 49 52.35 38.27 -2.47
N ALA H 50 51.51 38.26 -3.50
CA ALA H 50 51.69 39.06 -4.69
C ALA H 50 50.36 39.67 -5.11
N ARG H 51 50.45 40.81 -5.79
CA ARG H 51 49.27 41.57 -6.21
C ARG H 51 48.98 41.28 -7.67
N ASP H 52 47.86 40.60 -7.92
CA ASP H 52 47.31 40.50 -9.27
C ASP H 52 46.58 41.79 -9.57
N LYS H 53 47.19 42.63 -10.40
CA LYS H 53 46.67 43.97 -10.67
C LYS H 53 45.49 43.98 -11.61
N VAL H 54 45.38 42.97 -12.48
CA VAL H 54 44.27 42.93 -13.44
C VAL H 54 42.94 42.84 -12.71
N VAL H 55 42.85 41.97 -11.71
CA VAL H 55 41.64 41.78 -10.92
C VAL H 55 41.77 42.53 -9.60
N GLY H 56 43.00 42.76 -9.15
CA GLY H 56 43.21 43.42 -7.89
C GLY H 56 43.01 42.47 -6.72
N LYS H 57 43.81 41.40 -6.68
CA LYS H 57 43.67 40.35 -5.68
C LYS H 57 45.04 40.01 -5.12
N ASP H 58 45.03 39.44 -3.91
CA ASP H 58 46.25 38.86 -3.34
C ASP H 58 46.30 37.38 -3.68
N TYR H 59 47.43 36.93 -4.24
CA TYR H 59 47.62 35.52 -4.55
C TYR H 59 48.98 35.08 -4.03
N LEU H 60 49.05 33.79 -3.68
CA LEU H 60 50.22 33.23 -3.01
C LEU H 60 51.18 32.61 -4.02
N LEU H 61 52.46 32.91 -3.85
CA LEU H 61 53.52 32.40 -4.71
C LEU H 61 53.98 31.05 -4.19
N CYS H 62 54.08 30.07 -5.09
CA CYS H 62 54.51 28.72 -4.73
C CYS H 62 55.58 28.24 -5.70
N ASP H 63 55.94 26.96 -5.59
CA ASP H 63 56.83 26.32 -6.54
C ASP H 63 56.08 25.56 -7.64
N TYR H 64 54.77 25.33 -7.46
CA TYR H 64 54.00 24.59 -8.46
C TYR H 64 53.46 25.51 -9.55
N ASN H 65 53.09 26.75 -9.20
CA ASN H 65 52.68 27.72 -10.21
C ASN H 65 53.87 28.43 -10.86
N ARG H 66 55.07 28.30 -10.29
CA ARG H 66 56.24 28.97 -10.84
C ARG H 66 56.58 28.38 -12.21
N ASP H 67 57.06 29.25 -13.12
CA ASP H 67 57.57 28.84 -14.42
C ASP H 67 58.82 29.70 -14.68
N GLY H 68 59.98 29.18 -14.31
CA GLY H 68 61.21 29.93 -14.43
C GLY H 68 61.33 31.00 -13.36
N ASP H 69 61.21 32.26 -13.77
CA ASP H 69 61.25 33.42 -12.88
C ASP H 69 59.93 34.18 -12.95
N SER H 70 58.82 33.44 -12.93
CA SER H 70 57.50 34.03 -13.01
C SER H 70 56.53 33.18 -12.22
N TYR H 71 55.47 33.81 -11.73
CA TYR H 71 54.44 33.15 -10.93
C TYR H 71 53.07 33.41 -11.55
N ARG H 72 52.32 32.34 -11.79
CA ARG H 72 51.02 32.42 -12.42
C ARG H 72 49.94 32.72 -11.38
N SER H 73 49.13 33.74 -11.67
CA SER H 73 48.01 34.02 -10.78
C SER H 73 46.90 32.99 -10.99
N PRO H 74 46.10 32.68 -9.95
CA PRO H 74 44.99 31.74 -10.16
C PRO H 74 43.74 32.40 -10.73
N TRP H 75 43.57 33.70 -10.55
CA TRP H 75 42.38 34.40 -11.03
C TRP H 75 42.54 34.91 -12.45
N SER H 76 43.56 35.71 -12.70
CA SER H 76 43.82 36.20 -14.04
C SER H 76 44.33 35.12 -14.98
N ASN H 77 44.95 34.06 -14.45
CA ASN H 77 45.58 33.02 -15.25
C ASN H 77 46.73 33.58 -16.09
N LYS H 78 47.39 34.63 -15.59
CA LYS H 78 48.49 35.29 -16.27
C LYS H 78 49.67 35.40 -15.32
N TYR H 79 50.88 35.31 -15.87
CA TYR H 79 52.08 35.45 -15.08
C TYR H 79 52.35 36.92 -14.76
N ASP H 80 52.82 37.17 -13.53
CA ASP H 80 53.06 38.54 -13.09
C ASP H 80 54.15 39.16 -13.95
N PRO H 81 55.27 38.50 -14.22
CA PRO H 81 56.09 38.87 -15.37
C PRO H 81 55.46 38.34 -16.66
N PRO H 82 55.15 39.19 -17.66
CA PRO H 82 54.53 38.65 -18.88
C PRO H 82 55.44 37.69 -19.62
N LEU H 83 55.03 36.42 -19.69
CA LEU H 83 55.76 35.39 -20.41
C LEU H 83 55.05 35.12 -21.73
N GLU H 84 55.76 35.31 -22.84
CA GLU H 84 55.21 35.00 -24.15
C GLU H 84 54.87 33.51 -24.29
N ASP H 85 55.60 32.64 -23.60
CA ASP H 85 55.32 31.22 -23.56
C ASP H 85 55.15 30.80 -22.11
N GLY H 86 54.07 30.08 -21.81
CA GLY H 86 53.79 29.64 -20.47
C GLY H 86 52.94 28.39 -20.50
N ALA H 87 52.88 27.73 -19.34
CA ALA H 87 52.13 26.49 -19.17
C ALA H 87 50.83 26.80 -18.44
N MET H 88 49.78 27.09 -19.20
CA MET H 88 48.44 27.09 -18.64
C MET H 88 48.08 25.66 -18.25
N PRO H 89 47.24 25.45 -17.23
CA PRO H 89 46.89 24.07 -16.87
C PRO H 89 46.12 23.33 -17.97
N SER H 90 44.97 23.84 -18.35
CA SER H 90 44.09 23.18 -19.32
C SER H 90 42.89 24.09 -19.56
N ALA H 91 41.92 23.60 -20.31
CA ALA H 91 40.59 24.20 -20.35
C ALA H 91 39.71 23.67 -19.21
N ARG H 92 39.58 22.34 -19.11
CA ARG H 92 38.73 21.76 -18.07
C ARG H 92 39.36 21.97 -16.68
N LEU H 93 40.66 21.68 -16.55
CA LEU H 93 41.29 21.87 -15.26
C LEU H 93 41.31 23.33 -14.84
N ARG H 94 41.22 24.26 -15.78
CA ARG H 94 41.13 25.67 -15.40
C ARG H 94 39.78 25.99 -14.77
N LYS H 95 38.69 25.41 -15.31
CA LYS H 95 37.40 25.59 -14.66
C LYS H 95 37.38 24.90 -13.30
N LEU H 96 38.03 23.74 -13.20
CA LEU H 96 38.16 23.11 -11.88
C LEU H 96 38.95 24.01 -10.93
N GLU H 97 39.99 24.67 -11.45
CA GLU H 97 40.81 25.55 -10.63
C GLU H 97 40.02 26.76 -10.14
N VAL H 98 39.23 27.39 -11.01
CA VAL H 98 38.49 28.57 -10.57
C VAL H 98 37.37 28.16 -9.62
N GLU H 99 36.73 27.02 -9.85
CA GLU H 99 35.75 26.52 -8.90
C GLU H 99 36.39 26.25 -7.54
N ALA H 100 37.57 25.64 -7.53
CA ALA H 100 38.28 25.41 -6.28
C ALA H 100 38.68 26.71 -5.62
N ASN H 101 39.08 27.71 -6.40
CA ASN H 101 39.45 28.99 -5.83
C ASN H 101 38.26 29.64 -5.14
N ASN H 102 37.07 29.60 -5.76
CA ASN H 102 35.89 30.15 -5.11
C ASN H 102 35.54 29.37 -3.85
N ALA H 103 35.56 28.04 -3.94
CA ALA H 103 35.20 27.21 -2.78
C ALA H 103 36.16 27.44 -1.62
N PHE H 104 37.45 27.53 -1.91
CA PHE H 104 38.42 27.70 -0.83
C PHE H 104 38.50 29.15 -0.36
N ASP H 105 38.10 30.12 -1.18
CA ASP H 105 37.87 31.45 -0.64
C ASP H 105 36.75 31.44 0.39
N GLN H 106 35.66 30.72 0.10
CA GLN H 106 34.59 30.61 1.08
C GLN H 106 35.06 29.90 2.33
N TYR H 107 35.81 28.81 2.18
CA TYR H 107 36.32 28.07 3.33
C TYR H 107 37.25 28.93 4.17
N ARG H 108 38.17 29.66 3.52
CA ARG H 108 39.08 30.54 4.24
C ARG H 108 38.31 31.62 4.98
N ASP H 109 37.30 32.21 4.34
CA ASP H 109 36.52 33.23 5.03
C ASP H 109 35.79 32.65 6.24
N LEU H 110 35.28 31.42 6.13
CA LEU H 110 34.54 30.85 7.25
C LEU H 110 35.46 30.46 8.40
N TYR H 111 36.63 29.90 8.11
CA TYR H 111 37.50 29.38 9.16
C TYR H 111 38.52 30.39 9.65
N PHE H 112 39.06 31.23 8.76
CA PHE H 112 40.09 32.19 9.12
C PHE H 112 39.60 33.62 9.27
N GLU H 113 38.56 33.99 8.54
CA GLU H 113 38.09 35.39 8.48
C GLU H 113 39.22 36.32 8.07
N GLY H 114 39.71 36.11 6.86
CA GLY H 114 40.75 36.92 6.26
C GLY H 114 41.85 36.07 5.70
N GLY H 115 43.04 36.64 5.66
CA GLY H 115 44.17 35.97 5.03
C GLY H 115 44.00 35.93 3.52
N VAL H 116 44.80 35.06 2.90
CA VAL H 116 44.79 34.87 1.46
C VAL H 116 44.82 33.37 1.17
N SER H 117 44.29 33.00 0.01
CA SER H 117 44.22 31.61 -0.41
C SER H 117 44.57 31.52 -1.88
N SER H 118 44.96 30.32 -2.31
CA SER H 118 45.30 30.10 -3.71
C SER H 118 45.32 28.61 -4.00
N VAL H 119 44.57 28.20 -5.02
CA VAL H 119 44.51 26.81 -5.45
C VAL H 119 45.10 26.74 -6.85
N TYR H 120 46.13 25.92 -7.03
CA TYR H 120 46.77 25.72 -8.32
C TYR H 120 46.72 24.24 -8.68
N LEU H 121 46.12 23.93 -9.82
CA LEU H 121 45.99 22.56 -10.29
C LEU H 121 46.90 22.33 -11.49
N TRP H 122 47.34 21.07 -11.65
CA TRP H 122 48.06 20.64 -12.83
C TRP H 122 47.67 19.19 -13.09
N ASP H 123 47.90 18.74 -14.33
CA ASP H 123 47.50 17.40 -14.71
C ASP H 123 48.50 16.37 -14.18
N LEU H 124 48.12 15.11 -14.28
CA LEU H 124 48.89 14.02 -13.69
C LEU H 124 48.52 12.75 -14.44
N ASP H 125 49.32 11.70 -14.24
CA ASP H 125 49.17 10.47 -15.01
C ASP H 125 47.82 9.84 -14.76
N HIS H 126 46.92 9.97 -15.75
CA HIS H 126 45.54 9.50 -15.64
C HIS H 126 44.86 10.12 -14.41
N GLY H 127 45.07 11.41 -14.23
CA GLY H 127 44.46 12.10 -13.10
C GLY H 127 44.94 13.53 -13.04
N PHE H 128 44.84 14.13 -11.86
CA PHE H 128 45.31 15.50 -11.69
C PHE H 128 45.72 15.73 -10.25
N ALA H 129 46.72 16.59 -10.07
CA ALA H 129 47.21 17.00 -8.76
C ALA H 129 46.94 18.49 -8.59
N GLY H 130 46.97 18.92 -7.34
CA GLY H 130 46.73 20.31 -7.01
C GLY H 130 47.38 20.66 -5.70
N VAL H 131 47.54 21.95 -5.47
CA VAL H 131 48.09 22.49 -4.23
C VAL H 131 47.18 23.60 -3.76
N ILE H 132 46.79 23.54 -2.50
CA ILE H 132 45.95 24.53 -1.85
C ILE H 132 46.82 25.23 -0.82
N LEU H 133 47.02 26.53 -0.98
CA LEU H 133 47.85 27.33 -0.11
C LEU H 133 46.96 28.32 0.62
N ILE H 134 47.15 28.43 1.94
CA ILE H 134 46.44 29.39 2.77
C ILE H 134 47.46 30.11 3.63
N LYS H 135 47.35 31.43 3.70
CA LYS H 135 48.16 32.25 4.58
C LYS H 135 47.25 33.15 5.40
N LYS H 136 47.63 33.44 6.64
CA LYS H 136 46.80 34.24 7.53
C LYS H 136 47.72 34.88 8.56
N ALA H 137 47.99 36.17 8.39
CA ALA H 137 48.80 36.91 9.35
C ALA H 137 47.92 37.50 10.44
N GLY H 138 48.35 37.34 11.68
CA GLY H 138 47.58 37.84 12.81
C GLY H 138 47.42 39.35 12.74
N ASP H 139 46.20 39.82 12.95
CA ASP H 139 45.94 41.26 12.88
C ASP H 139 46.57 41.97 14.06
N GLY H 140 46.94 43.23 13.82
CA GLY H 140 47.59 44.05 14.82
C GLY H 140 46.67 44.76 15.80
N SER H 141 45.37 44.52 15.71
CA SER H 141 44.45 45.16 16.65
C SER H 141 44.70 44.70 18.08
N LYS H 142 44.94 43.41 18.27
CA LYS H 142 45.13 42.80 19.58
C LYS H 142 46.61 42.49 19.78
N LYS H 143 47.00 42.35 21.05
CA LYS H 143 48.39 42.06 21.39
C LYS H 143 48.90 40.77 20.76
N ILE H 144 48.02 39.83 20.42
CA ILE H 144 48.45 38.59 19.79
C ILE H 144 48.85 38.91 18.35
N LYS H 145 50.07 38.52 17.98
CA LYS H 145 50.58 38.70 16.63
C LYS H 145 51.19 37.38 16.17
N GLY H 146 50.80 36.92 14.99
CA GLY H 146 51.28 35.62 14.55
C GLY H 146 51.03 35.43 13.07
N CYS H 147 51.25 34.19 12.63
CA CYS H 147 51.08 33.83 11.24
C CYS H 147 50.76 32.35 11.13
N TRP H 148 49.94 32.02 10.13
CA TRP H 148 49.55 30.67 9.80
C TRP H 148 49.82 30.47 8.32
N ASP H 149 50.56 29.42 7.97
CA ASP H 149 50.74 29.01 6.59
C ASP H 149 50.37 27.55 6.49
N SER H 150 49.64 27.19 5.44
CA SER H 150 49.28 25.79 5.21
C SER H 150 49.39 25.50 3.73
N ILE H 151 50.09 24.41 3.41
CA ILE H 151 50.23 23.92 2.04
C ILE H 151 49.69 22.50 2.03
N HIS H 152 48.66 22.26 1.23
CA HIS H 152 48.03 20.95 1.11
C HIS H 152 48.15 20.51 -0.35
N VAL H 153 49.02 19.53 -0.60
CA VAL H 153 49.19 18.96 -1.94
C VAL H 153 48.35 17.70 -2.01
N VAL H 154 47.42 17.68 -2.96
CA VAL H 154 46.49 16.58 -3.17
C VAL H 154 46.77 15.98 -4.53
N GLU H 155 46.73 14.65 -4.61
CA GLU H 155 46.85 13.92 -5.87
C GLU H 155 45.58 13.10 -6.03
N VAL H 156 44.90 13.29 -7.17
CA VAL H 156 43.65 12.63 -7.47
C VAL H 156 43.90 11.69 -8.63
N GLN H 157 43.78 10.39 -8.36
CA GLN H 157 43.86 9.34 -9.37
C GLN H 157 42.42 8.97 -9.70
N GLU H 158 41.98 9.37 -10.89
CA GLU H 158 40.61 9.10 -11.31
C GLU H 158 40.51 7.67 -11.85
N LYS H 159 39.65 6.87 -11.24
CA LYS H 159 39.44 5.52 -11.71
C LYS H 159 38.76 5.56 -13.08
N SER H 160 38.96 4.48 -13.84
CA SER H 160 38.47 4.43 -15.22
C SER H 160 36.97 4.56 -15.32
N SER H 161 36.22 4.06 -14.32
CA SER H 161 34.77 4.13 -14.38
C SER H 161 34.25 5.57 -14.41
N GLY H 162 35.02 6.52 -13.86
CA GLY H 162 34.62 7.91 -13.82
C GLY H 162 33.75 8.28 -12.64
N ARG H 163 33.32 7.31 -11.83
CA ARG H 163 32.51 7.56 -10.64
C ARG H 163 33.35 7.55 -9.37
N THR H 164 34.40 6.75 -9.32
CA THR H 164 35.25 6.61 -8.15
C THR H 164 36.61 7.28 -8.42
N ALA H 165 37.24 7.75 -7.35
CA ALA H 165 38.56 8.36 -7.45
C ALA H 165 39.29 8.16 -6.13
N HIS H 166 40.62 8.27 -6.17
CA HIS H 166 41.47 8.11 -5.00
C HIS H 166 42.24 9.40 -4.75
N TYR H 167 42.15 9.90 -3.52
CA TYR H 167 42.77 11.14 -3.11
C TYR H 167 43.90 10.85 -2.12
N LYS H 168 45.06 11.46 -2.37
CA LYS H 168 46.23 11.37 -1.50
C LYS H 168 46.59 12.78 -1.10
N LEU H 169 46.38 13.12 0.17
CA LEU H 169 46.59 14.47 0.68
C LEU H 169 47.81 14.47 1.58
N THR H 170 48.70 15.44 1.37
CA THR H 170 49.84 15.70 2.24
C THR H 170 49.80 17.18 2.62
N SER H 171 49.72 17.46 3.92
CA SER H 171 49.55 18.80 4.43
C SER H 171 50.71 19.18 5.33
N THR H 172 51.17 20.43 5.18
CA THR H 172 52.19 21.00 6.06
C THR H 172 51.64 22.32 6.59
N VAL H 173 51.77 22.53 7.90
CA VAL H 173 51.28 23.72 8.57
C VAL H 173 52.44 24.34 9.33
N MET H 174 52.74 25.60 9.05
CA MET H 174 53.74 26.38 9.77
C MET H 174 53.00 27.44 10.56
N LEU H 175 53.09 27.36 11.88
CA LEU H 175 52.37 28.24 12.79
C LEU H 175 53.37 29.06 13.59
N TRP H 176 52.98 30.28 13.91
CA TRP H 176 53.75 31.16 14.77
C TRP H 176 52.77 32.04 15.53
N LEU H 177 52.97 32.14 16.85
CA LEU H 177 52.15 32.97 17.71
C LEU H 177 53.05 33.74 18.65
N GLN H 178 52.64 34.95 19.01
CA GLN H 178 53.36 35.73 20.00
C GLN H 178 52.36 36.55 20.80
N THR H 179 52.51 36.53 22.12
CA THR H 179 51.65 37.27 23.04
C THR H 179 52.52 37.99 24.06
N ASN H 180 52.13 39.23 24.38
CA ASN H 180 52.82 40.07 25.36
C ASN H 180 51.81 40.50 26.41
N LYS H 181 51.63 39.69 27.45
CA LYS H 181 50.69 39.94 28.52
C LYS H 181 51.43 40.39 29.77
N SER H 182 50.66 40.89 30.75
CA SER H 182 51.25 41.40 31.97
C SER H 182 51.96 40.30 32.76
N GLY H 183 51.31 39.14 32.88
CA GLY H 183 51.89 38.06 33.65
C GLY H 183 52.93 37.27 32.88
N SER H 184 52.58 36.82 31.68
CA SER H 184 53.49 36.03 30.87
C SER H 184 54.60 36.88 30.27
N GLY H 185 54.44 38.20 30.20
CA GLY H 185 55.50 39.07 29.72
C GLY H 185 55.70 38.96 28.23
N THR H 186 56.21 37.81 27.79
CA THR H 186 56.37 37.54 26.37
C THR H 186 56.41 36.04 26.18
N MET H 187 55.54 35.53 25.31
CA MET H 187 55.55 34.14 24.89
C MET H 187 55.58 34.13 23.38
N ASN H 188 56.41 33.24 22.81
CA ASN H 188 56.60 33.15 21.36
C ASN H 188 56.62 31.67 20.98
N LEU H 189 55.48 31.16 20.53
CA LEU H 189 55.30 29.76 20.18
C LEU H 189 55.36 29.60 18.68
N GLY H 190 56.52 29.17 18.17
CA GLY H 190 56.62 28.73 16.80
C GLY H 190 56.31 27.24 16.68
N GLY H 191 56.18 26.78 15.44
CA GLY H 191 56.02 25.36 15.24
C GLY H 191 55.75 25.04 13.78
N SER H 192 55.99 23.78 13.44
CA SER H 192 55.70 23.24 12.13
C SER H 192 55.21 21.81 12.31
N LEU H 193 54.36 21.36 11.39
CA LEU H 193 53.79 20.02 11.52
C LEU H 193 53.31 19.54 10.17
N THR H 194 53.68 18.30 9.83
CA THR H 194 53.34 17.70 8.54
C THR H 194 52.58 16.40 8.79
N ARG H 195 51.53 16.18 8.00
CA ARG H 195 50.70 14.99 8.10
C ARG H 195 50.26 14.57 6.70
N GLN H 196 49.68 13.37 6.61
CA GLN H 196 49.33 12.78 5.33
C GLN H 196 48.17 11.81 5.54
N MET H 197 47.37 11.60 4.50
CA MET H 197 46.34 10.58 4.54
C MET H 197 45.78 10.32 3.15
N GLU H 198 45.29 9.10 2.96
CA GLU H 198 44.71 8.64 1.70
C GLU H 198 43.25 8.27 1.91
N LYS H 199 42.47 8.41 0.85
CA LYS H 199 41.07 8.02 0.88
C LYS H 199 40.62 7.75 -0.55
N ASP H 200 39.44 7.17 -0.68
CA ASP H 200 38.79 6.98 -1.97
C ASP H 200 37.33 7.36 -1.84
N GLU H 201 36.82 8.09 -2.82
CA GLU H 201 35.48 8.65 -2.76
C GLU H 201 34.81 8.53 -4.12
N THR H 202 33.49 8.52 -4.09
CA THR H 202 32.67 8.39 -5.31
C THR H 202 32.45 9.78 -5.90
N VAL H 203 33.07 10.04 -7.04
CA VAL H 203 32.85 11.30 -7.76
C VAL H 203 31.47 11.26 -8.37
N SER H 204 30.74 12.36 -8.23
CA SER H 204 29.38 12.46 -8.77
C SER H 204 29.04 13.95 -8.92
N ASP H 205 27.89 14.21 -9.54
CA ASP H 205 27.41 15.58 -9.63
C ASP H 205 27.12 16.16 -8.24
N CYS H 206 26.54 15.36 -7.35
CA CYS H 206 26.26 15.81 -5.99
C CYS H 206 27.54 15.92 -5.17
N SER H 207 28.54 15.09 -5.45
CA SER H 207 29.80 15.04 -4.72
C SER H 207 30.94 15.13 -5.71
N PRO H 208 31.17 16.32 -6.30
CA PRO H 208 32.24 16.45 -7.29
C PRO H 208 33.63 16.34 -6.68
N HIS H 209 34.67 16.52 -7.49
CA HIS H 209 36.04 16.43 -6.98
C HIS H 209 36.29 17.46 -5.90
N ILE H 210 35.92 18.71 -6.15
CA ILE H 210 36.28 19.81 -5.25
C ILE H 210 35.65 19.61 -3.88
N ALA H 211 34.44 19.04 -3.82
CA ALA H 211 33.83 18.76 -2.53
C ALA H 211 34.68 17.77 -1.73
N ASN H 212 35.16 16.71 -2.38
CA ASN H 212 35.98 15.73 -1.68
C ASN H 212 37.31 16.34 -1.24
N ILE H 213 37.96 17.11 -2.11
CA ILE H 213 39.23 17.73 -1.74
C ILE H 213 39.03 18.69 -0.58
N GLY H 214 37.96 19.48 -0.62
CA GLY H 214 37.70 20.41 0.47
C GLY H 214 37.40 19.70 1.77
N ARG H 215 36.63 18.61 1.70
CA ARG H 215 36.35 17.85 2.92
C ARG H 215 37.62 17.29 3.52
N LEU H 216 38.49 16.72 2.68
CA LEU H 216 39.76 16.19 3.19
C LEU H 216 40.62 17.31 3.75
N VAL H 217 40.67 18.46 3.09
CA VAL H 217 41.50 19.56 3.54
C VAL H 217 41.02 20.10 4.87
N GLU H 218 39.70 20.26 5.04
CA GLU H 218 39.21 20.78 6.31
C GLU H 218 39.38 19.76 7.42
N ASP H 219 39.18 18.47 7.13
CA ASP H 219 39.43 17.46 8.15
C ASP H 219 40.89 17.46 8.59
N MET H 220 41.82 17.55 7.64
CA MET H 220 43.23 17.60 7.98
C MET H 220 43.56 18.87 8.76
N GLU H 221 42.98 20.00 8.35
CA GLU H 221 43.25 21.26 9.04
C GLU H 221 42.76 21.20 10.47
N ASN H 222 41.56 20.66 10.69
CA ASN H 222 41.05 20.53 12.04
C ASN H 222 41.90 19.58 12.87
N LYS H 223 42.33 18.45 12.27
CA LYS H 223 43.17 17.51 13.00
C LYS H 223 44.50 18.14 13.37
N ILE H 224 45.12 18.87 12.44
CA ILE H 224 46.40 19.50 12.72
C ILE H 224 46.24 20.59 13.77
N ARG H 225 45.15 21.36 13.70
CA ARG H 225 44.90 22.37 14.71
C ARG H 225 44.72 21.75 16.08
N SER H 226 43.95 20.67 16.18
CA SER H 226 43.74 20.00 17.45
C SER H 226 45.05 19.45 18.00
N THR H 227 45.84 18.79 17.15
CA THR H 227 47.10 18.21 17.62
C THR H 227 48.06 19.30 18.07
N LEU H 228 48.21 20.37 17.28
CA LEU H 228 49.09 21.46 17.66
C LEU H 228 48.65 22.09 18.97
N ASN H 229 47.35 22.33 19.12
CA ASN H 229 46.85 22.97 20.32
C ASN H 229 47.01 22.09 21.55
N GLU H 230 46.77 20.77 21.40
CA GLU H 230 46.73 19.89 22.56
C GLU H 230 48.08 19.23 22.81
N ILE H 231 48.54 18.37 21.89
CA ILE H 231 49.72 17.56 22.18
C ILE H 231 50.98 18.41 22.15
N TYR H 232 51.21 19.09 21.03
CA TYR H 232 52.48 19.76 20.80
C TYR H 232 52.64 21.05 21.59
N PHE H 233 51.58 21.55 22.22
CA PHE H 233 51.66 22.69 23.14
C PHE H 233 51.55 22.28 24.60
N GLY H 234 50.74 21.27 24.93
CA GLY H 234 50.74 20.76 26.28
C GLY H 234 52.01 20.04 26.64
N LYS H 235 52.72 19.49 25.66
CA LYS H 235 54.04 18.94 25.97
C LYS H 235 54.99 20.06 26.39
N THR H 236 54.94 21.20 25.70
CA THR H 236 55.76 22.34 26.11
C THR H 236 55.34 22.85 27.48
N LYS H 237 54.03 22.84 27.75
CA LYS H 237 53.54 23.21 29.08
C LYS H 237 54.10 22.26 30.14
N ASP H 238 54.09 20.96 29.86
CA ASP H 238 54.63 19.98 30.79
C ASP H 238 56.11 20.18 31.00
N ILE H 239 56.85 20.51 29.94
CA ILE H 239 58.28 20.74 30.06
C ILE H 239 58.54 21.95 30.93
N VAL H 240 57.80 23.03 30.72
CA VAL H 240 57.98 24.23 31.54
C VAL H 240 57.62 23.93 32.99
N ASN H 241 56.62 23.09 33.22
CA ASN H 241 56.26 22.71 34.58
C ASN H 241 57.30 21.80 35.21
N GLY H 242 58.02 21.01 34.41
CA GLY H 242 59.10 20.19 34.92
C GLY H 242 60.39 20.94 35.16
N LEU H 243 60.60 22.06 34.46
CA LEU H 243 61.81 22.84 34.69
C LEU H 243 61.78 23.56 36.04
N ARG H 244 60.59 23.87 36.55
CA ARG H 244 60.46 24.55 37.83
C ARG H 244 59.12 24.17 38.44
N SER H 245 59.09 24.09 39.77
CA SER H 245 57.92 23.64 40.51
C SER H 245 57.33 24.80 41.30
N VAL H 246 56.04 25.05 41.09
CA VAL H 246 55.34 26.07 41.89
C VAL H 246 55.30 25.63 43.35
N GLN H 247 54.97 24.36 43.59
CA GLN H 247 54.93 23.82 44.94
C GLN H 247 56.33 23.48 45.43
N THR H 248 56.53 23.62 46.74
CA THR H 248 57.81 23.28 47.34
C THR H 248 58.05 21.78 47.28
N PHE H 249 59.33 21.40 47.33
CA PHE H 249 59.70 19.99 47.22
C PHE H 249 59.47 19.22 48.51
N ALA H 250 59.42 19.88 49.66
CA ALA H 250 59.09 19.18 50.90
C ALA H 250 57.65 18.67 50.85
N ASP H 251 56.73 19.52 50.43
CA ASP H 251 55.33 19.09 50.30
C ASP H 251 55.18 18.01 49.25
N LYS H 252 55.91 18.14 48.14
CA LYS H 252 55.88 17.10 47.11
C LYS H 252 56.39 15.77 47.65
N SER H 253 57.47 15.82 48.44
CA SER H 253 58.01 14.60 49.04
C SER H 253 57.01 13.96 49.99
N LYS H 254 56.34 14.77 50.81
CA LYS H 254 55.33 14.21 51.71
C LYS H 254 54.19 13.57 50.94
N GLN H 255 53.70 14.25 49.90
CA GLN H 255 52.64 13.70 49.07
C GLN H 255 53.08 12.40 48.40
N GLU H 256 54.34 12.35 47.94
CA GLU H 256 54.83 11.14 47.29
C GLU H 256 54.98 10.01 48.30
N ALA H 257 55.37 10.31 49.54
CA ALA H 257 55.44 9.26 50.55
C ALA H 257 54.05 8.69 50.83
N LEU H 258 53.04 9.56 50.93
CA LEU H 258 51.68 9.07 51.09
C LEU H 258 51.25 8.23 49.89
N LYS H 259 51.66 8.65 48.69
CA LYS H 259 51.33 7.89 47.50
C LYS H 259 52.00 6.52 47.49
N ASN H 260 53.26 6.45 47.96
CA ASN H 260 53.94 5.17 48.06
C ASN H 260 53.22 4.25 49.03
N ASP H 261 52.78 4.81 50.16
CA ASP H 261 51.97 4.02 51.10
C ASP H 261 50.72 3.49 50.41
N LEU H 262 50.04 4.34 49.63
CA LEU H 262 48.82 3.93 48.96
C LEU H 262 49.09 2.81 47.96
N VAL H 263 50.13 2.95 47.13
CA VAL H 263 50.33 1.95 46.08
C VAL H 263 50.79 0.63 46.69
N GLU H 264 51.61 0.67 47.74
CA GLU H 264 52.00 -0.60 48.37
C GLU H 264 50.79 -1.26 49.01
N ALA H 265 49.91 -0.47 49.64
CA ALA H 265 48.69 -1.04 50.21
C ALA H 265 47.82 -1.68 49.13
N LEU H 266 47.70 -1.02 47.98
CA LEU H 266 46.94 -1.58 46.87
C LEU H 266 47.59 -2.87 46.37
N LYS H 267 48.91 -2.88 46.23
CA LYS H 267 49.61 -4.07 45.76
C LYS H 267 49.41 -5.24 46.70
N ARG H 268 49.39 -4.98 48.01
CA ARG H 268 49.18 -6.07 48.97
C ARG H 268 47.80 -6.71 48.77
N LYS H 269 46.77 -5.91 48.56
CA LYS H 269 45.41 -6.41 48.37
C LYS H 269 45.13 -6.47 46.87
N GLN H 270 45.31 -7.66 46.30
CA GLN H 270 45.05 -7.90 44.88
C GLN H 270 44.14 -9.11 44.71
N PRO I 100 83.11 20.96 -24.86
CA PRO I 100 82.58 20.94 -26.23
C PRO I 100 81.23 20.25 -26.33
N GLU I 101 80.87 19.80 -27.54
CA GLU I 101 79.57 19.17 -27.76
C GLU I 101 79.44 17.86 -27.00
N LEU I 102 80.54 17.11 -26.84
CA LEU I 102 80.47 15.86 -26.12
C LEU I 102 80.22 16.07 -24.63
N LEU I 103 80.68 17.21 -24.08
CA LEU I 103 80.32 17.54 -22.71
C LEU I 103 78.83 17.80 -22.58
N SER I 104 78.22 18.48 -23.56
CA SER I 104 76.78 18.65 -23.55
C SER I 104 76.08 17.31 -23.70
N VAL I 105 76.66 16.38 -24.45
CA VAL I 105 76.10 15.03 -24.54
C VAL I 105 76.15 14.35 -23.18
N ILE I 106 77.26 14.48 -22.46
CA ILE I 106 77.37 13.95 -21.10
C ILE I 106 76.26 14.52 -20.22
N ARG I 107 76.09 15.84 -20.28
CA ARG I 107 75.09 16.49 -19.41
C ARG I 107 73.67 16.06 -19.77
N GLN I 108 73.35 16.00 -21.06
CA GLN I 108 72.03 15.57 -21.49
C GLN I 108 71.76 14.12 -21.08
N LYS I 109 72.74 13.24 -21.25
CA LYS I 109 72.57 11.86 -20.85
C LYS I 109 72.41 11.74 -19.34
N GLU I 110 73.10 12.57 -18.56
CA GLU I 110 72.91 12.56 -17.12
C GLU I 110 71.50 13.00 -16.73
N LYS I 111 70.99 14.05 -17.39
CA LYS I 111 69.61 14.45 -17.13
C LYS I 111 68.63 13.34 -17.49
N ASP I 112 68.86 12.67 -18.62
CA ASP I 112 67.98 11.57 -19.00
C ASP I 112 68.04 10.45 -17.98
N LEU I 113 69.24 10.12 -17.48
CA LEU I 113 69.39 9.05 -16.51
C LEU I 113 68.66 9.37 -15.21
N VAL I 114 68.85 10.58 -14.68
CA VAL I 114 68.20 10.91 -13.41
C VAL I 114 66.69 10.99 -13.59
N LEU I 115 66.21 11.54 -14.73
CA LEU I 115 64.77 11.57 -14.97
C LEU I 115 64.20 10.16 -15.07
N ALA I 116 64.90 9.26 -15.76
CA ALA I 116 64.44 7.89 -15.86
C ALA I 116 64.40 7.22 -14.50
N ALA I 117 65.41 7.46 -13.66
CA ALA I 117 65.42 6.88 -12.32
C ALA I 117 64.24 7.39 -11.49
N ARG I 118 63.99 8.71 -11.52
CA ARG I 118 62.88 9.27 -10.76
C ARG I 118 61.55 8.72 -11.24
N LEU I 119 61.34 8.68 -12.55
CA LEU I 119 60.08 8.16 -13.08
C LEU I 119 59.92 6.68 -12.79
N GLY I 120 61.01 5.90 -12.83
CA GLY I 120 60.90 4.49 -12.49
C GLY I 120 60.54 4.27 -11.04
N LYS I 121 61.15 5.04 -10.13
CA LYS I 121 60.78 4.93 -8.72
C LYS I 121 59.32 5.30 -8.52
N ALA I 122 58.87 6.39 -9.14
CA ALA I 122 57.47 6.79 -9.03
C ALA I 122 56.55 5.71 -9.58
N LEU I 123 56.92 5.10 -10.71
CA LEU I 123 56.10 4.04 -11.29
C LEU I 123 56.02 2.83 -10.38
N LEU I 124 57.14 2.43 -9.78
CA LEU I 124 57.14 1.27 -8.88
C LEU I 124 56.24 1.52 -7.67
N GLU I 125 56.39 2.70 -7.04
CA GLU I 125 55.56 3.01 -5.88
C GLU I 125 54.10 3.11 -6.28
N ARG I 126 53.81 3.70 -7.44
CA ARG I 126 52.42 3.82 -7.89
C ARG I 126 51.82 2.45 -8.18
N ASN I 127 52.59 1.54 -8.77
CA ASN I 127 52.10 0.18 -9.02
C ASN I 127 51.79 -0.54 -7.72
N GLN I 128 52.68 -0.43 -6.73
CA GLN I 128 52.39 -1.05 -5.44
C GLN I 128 51.13 -0.46 -4.82
N ASP I 129 51.02 0.87 -4.85
CA ASP I 129 49.87 1.53 -4.24
C ASP I 129 48.57 1.15 -4.95
N MET I 130 48.58 1.09 -6.28
CA MET I 130 47.36 0.75 -7.00
C MET I 130 46.99 -0.72 -6.80
N SER I 131 47.97 -1.60 -6.64
CA SER I 131 47.65 -2.98 -6.31
C SER I 131 46.98 -3.07 -4.94
N ARG I 132 47.51 -2.35 -3.94
CA ARG I 132 46.87 -2.35 -2.62
C ARG I 132 45.47 -1.77 -2.69
N GLN I 133 45.29 -0.69 -3.46
CA GLN I 133 43.97 -0.09 -3.61
C GLN I 133 43.00 -1.08 -4.25
N TYR I 134 43.46 -1.78 -5.29
CA TYR I 134 42.60 -2.73 -5.99
C TYR I 134 42.16 -3.84 -5.06
N GLU I 135 43.10 -4.46 -4.34
CA GLU I 135 42.71 -5.60 -3.50
C GLU I 135 41.84 -5.16 -2.33
N GLN I 136 42.14 -4.01 -1.72
CA GLN I 136 41.29 -3.52 -0.63
C GLN I 136 39.87 -3.22 -1.11
N MET I 137 39.74 -2.51 -2.23
CA MET I 137 38.41 -2.17 -2.72
C MET I 137 37.67 -3.42 -3.16
N HIS I 138 38.40 -4.40 -3.71
CA HIS I 138 37.76 -5.65 -4.12
C HIS I 138 37.22 -6.39 -2.92
N LYS I 139 37.98 -6.43 -1.82
CA LYS I 139 37.48 -7.01 -0.58
C LYS I 139 36.22 -6.31 -0.11
N GLU I 140 36.24 -4.97 -0.11
CA GLU I 140 35.07 -4.22 0.36
C GLU I 140 33.86 -4.49 -0.53
N LEU I 141 34.06 -4.51 -1.85
CA LEU I 141 32.93 -4.67 -2.76
C LEU I 141 32.39 -6.09 -2.72
N THR I 142 33.26 -7.08 -2.50
CA THR I 142 32.78 -8.44 -2.31
C THR I 142 31.95 -8.56 -1.03
N ASP I 143 32.38 -7.88 0.04
CA ASP I 143 31.57 -7.86 1.26
C ASP I 143 30.21 -7.23 0.99
N LYS I 144 30.18 -6.13 0.24
CA LYS I 144 28.92 -5.48 -0.11
C LYS I 144 28.03 -6.42 -0.93
N LEU I 145 28.62 -7.15 -1.87
CA LEU I 145 27.86 -8.09 -2.68
C LEU I 145 27.25 -9.19 -1.83
N GLU I 146 28.03 -9.73 -0.87
CA GLU I 146 27.51 -10.75 0.02
C GLU I 146 26.35 -10.22 0.86
N HIS I 147 26.50 -9.00 1.38
CA HIS I 147 25.44 -8.42 2.19
C HIS I 147 24.17 -8.19 1.38
N LEU I 148 24.32 -7.70 0.15
CA LEU I 148 23.15 -7.49 -0.70
C LEU I 148 22.50 -8.81 -1.11
N GLU I 149 23.30 -9.86 -1.30
CA GLU I 149 22.71 -11.16 -1.57
C GLU I 149 21.88 -11.64 -0.38
N GLN I 150 22.41 -11.45 0.84
CA GLN I 150 21.65 -11.81 2.03
C GLN I 150 20.34 -11.03 2.09
N GLU I 151 20.40 -9.72 1.85
CA GLU I 151 19.19 -8.88 1.90
C GLU I 151 18.18 -9.29 0.85
N LYS I 152 18.64 -9.62 -0.37
CA LYS I 152 17.73 -10.10 -1.40
C LYS I 152 17.05 -11.39 -0.96
N HIS I 153 17.81 -12.30 -0.35
CA HIS I 153 17.19 -13.54 0.14
C HIS I 153 16.14 -13.25 1.20
N GLU I 154 16.44 -12.31 2.11
CA GLU I 154 15.47 -11.96 3.14
C GLU I 154 14.19 -11.41 2.53
N LEU I 155 14.32 -10.49 1.57
CA LEU I 155 13.14 -9.92 0.92
C LEU I 155 12.34 -10.98 0.17
N ARG I 156 13.03 -11.90 -0.51
CA ARG I 156 12.33 -12.97 -1.22
C ARG I 156 11.51 -13.83 -0.26
N ARG I 157 12.16 -14.31 0.81
CA ARG I 157 11.43 -15.17 1.75
C ARG I 157 10.31 -14.39 2.45
N ARG I 158 10.50 -13.10 2.69
CA ARG I 158 9.42 -12.29 3.26
C ARG I 158 8.23 -12.23 2.30
N PHE I 159 8.51 -12.06 1.00
CA PHE I 159 7.43 -12.05 0.02
C PHE I 159 6.67 -13.36 0.01
N GLU I 160 7.38 -14.49 0.04
CA GLU I 160 6.68 -15.78 0.06
C GLU I 160 5.88 -15.97 1.36
N ASN I 161 6.44 -15.55 2.50
CA ASN I 161 5.71 -15.67 3.76
C ASN I 161 4.42 -14.86 3.74
N ARG I 162 4.50 -13.61 3.26
CA ARG I 162 3.31 -12.77 3.21
C ARG I 162 2.29 -13.33 2.22
N GLU I 163 2.77 -13.88 1.09
CA GLU I 163 1.85 -14.50 0.14
C GLU I 163 1.12 -15.68 0.78
N GLY I 164 1.84 -16.52 1.52
CA GLY I 164 1.20 -17.65 2.18
C GLY I 164 0.19 -17.19 3.23
N GLU I 165 0.54 -16.18 4.02
CA GLU I 165 -0.38 -15.69 5.04
C GLU I 165 -1.64 -15.11 4.41
N TRP I 166 -1.49 -14.33 3.35
CA TRP I 166 -2.68 -13.78 2.70
C TRP I 166 -3.51 -14.88 2.04
N GLU I 167 -2.87 -15.90 1.48
CA GLU I 167 -3.62 -17.01 0.92
C GLU I 167 -4.46 -17.70 1.99
N GLY I 168 -3.86 -17.94 3.16
CA GLY I 168 -4.62 -18.53 4.25
C GLY I 168 -5.78 -17.65 4.71
N ARG I 169 -5.52 -16.34 4.81
CA ARG I 169 -6.58 -15.41 5.22
C ARG I 169 -7.74 -15.40 4.23
N VAL I 170 -7.43 -15.37 2.93
CA VAL I 170 -8.49 -15.36 1.94
C VAL I 170 -9.24 -16.69 1.95
N SER I 171 -8.53 -17.80 2.16
CA SER I 171 -9.19 -19.09 2.23
C SER I 171 -10.17 -19.16 3.39
N GLU I 172 -9.74 -18.75 4.58
CA GLU I 172 -10.64 -18.81 5.73
C GLU I 172 -11.80 -17.83 5.59
N LEU I 173 -11.56 -16.65 5.01
CA LEU I 173 -12.67 -15.73 4.76
C LEU I 173 -13.67 -16.33 3.77
N GLU I 174 -13.17 -17.01 2.73
CA GLU I 174 -14.07 -17.65 1.77
C GLU I 174 -14.90 -18.74 2.45
N THR I 175 -14.27 -19.54 3.32
CA THR I 175 -15.04 -20.56 4.03
C THR I 175 -16.06 -19.93 4.99
N ASP I 176 -15.71 -18.79 5.60
CA ASP I 176 -16.67 -18.08 6.43
C ASP I 176 -17.88 -17.64 5.60
N VAL I 177 -17.63 -17.11 4.40
CA VAL I 177 -18.74 -16.76 3.52
C VAL I 177 -19.55 -17.99 3.14
N LYS I 178 -18.87 -19.13 2.93
CA LYS I 178 -19.59 -20.32 2.48
C LYS I 178 -20.56 -20.78 3.57
N GLN I 179 -20.05 -20.91 4.81
CA GLN I 179 -20.92 -21.37 5.89
C GLN I 179 -22.00 -20.34 6.20
N LEU I 180 -21.69 -19.05 6.14
CA LEU I 180 -22.73 -18.05 6.41
C LEU I 180 -23.84 -18.09 5.36
N GLN I 181 -23.48 -18.18 4.07
CA GLN I 181 -24.52 -18.24 3.05
C GLN I 181 -25.30 -19.55 3.09
N ASP I 182 -24.63 -20.66 3.45
CA ASP I 182 -25.35 -21.91 3.61
C ASP I 182 -26.37 -21.81 4.73
N GLU I 183 -25.97 -21.25 5.88
CA GLU I 183 -26.91 -21.09 6.98
C GLU I 183 -28.04 -20.13 6.59
N LEU I 184 -27.73 -19.08 5.83
CA LEU I 184 -28.78 -18.18 5.35
C LEU I 184 -29.77 -18.94 4.47
N GLU I 185 -29.27 -19.81 3.59
CA GLU I 185 -30.18 -20.56 2.72
C GLU I 185 -31.06 -21.50 3.53
N ARG I 186 -30.48 -22.21 4.50
CA ARG I 186 -31.30 -23.10 5.33
C ARG I 186 -32.35 -22.31 6.11
N GLN I 187 -31.97 -21.17 6.68
CA GLN I 187 -32.92 -20.37 7.43
C GLN I 187 -34.01 -19.78 6.54
N GLN I 188 -33.65 -19.38 5.31
CA GLN I 188 -34.65 -18.88 4.38
C GLN I 188 -35.64 -19.98 4.01
N LEU I 189 -35.15 -21.21 3.81
CA LEU I 189 -36.07 -22.33 3.61
C LEU I 189 -36.95 -22.54 4.84
N HIS I 190 -36.39 -22.42 6.04
CA HIS I 190 -37.17 -22.61 7.26
C HIS I 190 -38.21 -21.52 7.44
N LEU I 191 -38.00 -20.34 6.86
CA LEU I 191 -39.01 -19.28 6.94
C LEU I 191 -40.31 -19.72 6.25
N ARG I 192 -40.21 -20.35 5.09
CA ARG I 192 -41.38 -20.79 4.35
C ARG I 192 -42.04 -21.99 5.03
N HIS J 210 -92.96 14.18 -27.48
CA HIS J 210 -94.28 14.60 -27.93
C HIS J 210 -94.11 15.45 -29.20
N PRO J 211 -95.02 15.34 -30.18
CA PRO J 211 -94.83 16.12 -31.42
C PRO J 211 -94.81 17.62 -31.21
N MET J 212 -95.68 18.13 -30.33
CA MET J 212 -95.85 19.58 -30.22
C MET J 212 -94.56 20.26 -29.75
N ILE J 213 -93.90 19.69 -28.75
CA ILE J 213 -92.63 20.27 -28.31
C ILE J 213 -91.60 20.18 -29.43
N THR J 214 -91.69 19.14 -30.28
CA THR J 214 -90.76 19.02 -31.39
C THR J 214 -90.96 20.17 -32.39
N ASN J 215 -92.21 20.48 -32.73
CA ASN J 215 -92.41 21.59 -33.68
C ASN J 215 -92.03 22.92 -33.06
N VAL J 216 -92.35 23.14 -31.78
CA VAL J 216 -92.00 24.41 -31.16
C VAL J 216 -90.49 24.56 -31.08
N ALA J 217 -89.78 23.49 -30.71
CA ALA J 217 -88.32 23.55 -30.65
C ALA J 217 -87.71 23.76 -32.03
N LYS J 218 -88.27 23.10 -33.06
CA LYS J 218 -87.74 23.27 -34.41
C LYS J 218 -87.95 24.69 -34.89
N GLN J 219 -89.11 25.28 -34.62
CA GLN J 219 -89.35 26.67 -34.97
C GLN J 219 -88.41 27.61 -34.23
N CYS J 220 -88.18 27.34 -32.94
CA CYS J 220 -87.27 28.21 -32.17
C CYS J 220 -85.85 28.11 -32.69
N TYR J 221 -85.40 26.91 -33.07
CA TYR J 221 -84.08 26.76 -33.66
C TYR J 221 -83.99 27.42 -35.02
N GLU J 222 -85.06 27.35 -35.82
CA GLU J 222 -85.09 28.09 -37.08
C GLU J 222 -85.04 29.60 -36.86
N ARG J 223 -85.51 30.07 -35.71
CA ARG J 223 -85.40 31.48 -35.33
C ARG J 223 -84.10 31.80 -34.62
N GLY J 224 -83.17 30.85 -34.52
CA GLY J 224 -81.89 31.10 -33.88
C GLY J 224 -81.98 31.37 -32.39
N GLU J 225 -82.86 30.63 -31.69
CA GLU J 225 -83.02 30.79 -30.26
C GLU J 225 -83.43 29.45 -29.66
N LYS J 226 -82.98 29.21 -28.43
CA LYS J 226 -83.40 28.01 -27.72
C LYS J 226 -84.84 28.19 -27.23
N PRO J 227 -85.67 27.15 -27.22
CA PRO J 227 -87.07 27.35 -26.83
C PRO J 227 -87.21 27.58 -25.33
N LYS J 228 -88.29 28.26 -24.97
CA LYS J 228 -88.60 28.59 -23.59
C LYS J 228 -90.08 28.32 -23.33
N VAL J 229 -90.46 28.39 -22.05
CA VAL J 229 -91.84 28.13 -21.67
C VAL J 229 -92.76 29.19 -22.25
N THR J 230 -92.33 30.46 -22.23
CA THR J 230 -93.15 31.55 -22.74
C THR J 230 -93.39 31.46 -24.24
N ASP J 231 -92.58 30.71 -24.98
CA ASP J 231 -92.82 30.54 -26.42
C ASP J 231 -94.11 29.81 -26.72
N PHE J 232 -94.59 28.96 -25.79
CA PHE J 232 -95.83 28.24 -26.02
C PHE J 232 -97.05 29.15 -25.91
N GLY J 233 -96.94 30.24 -25.15
CA GLY J 233 -98.05 31.15 -24.99
C GLY J 233 -99.15 30.60 -24.13
N ASP J 234 -100.34 30.41 -24.72
CA ASP J 234 -101.51 29.90 -23.94
C ASP J 234 -101.44 28.37 -23.81
N LYS J 235 -100.60 27.71 -24.60
CA LYS J 235 -100.56 26.25 -24.56
C LYS J 235 -99.98 25.71 -23.25
N VAL J 236 -99.34 26.55 -22.45
CA VAL J 236 -98.90 26.10 -21.13
C VAL J 236 -100.07 25.80 -20.21
N GLU J 237 -101.16 26.56 -20.30
CA GLU J 237 -102.33 26.37 -19.47
C GLU J 237 -103.36 25.44 -20.10
N ASP J 238 -103.07 24.85 -21.26
CA ASP J 238 -103.99 23.93 -21.90
C ASP J 238 -104.12 22.67 -21.05
N PRO J 239 -105.33 22.25 -20.67
CA PRO J 239 -105.43 20.99 -19.92
C PRO J 239 -105.05 19.77 -20.75
N THR J 240 -105.60 19.64 -21.95
CA THR J 240 -105.39 18.44 -22.76
C THR J 240 -103.92 18.21 -23.07
N PHE J 241 -103.20 19.27 -23.43
CA PHE J 241 -101.77 19.15 -23.67
C PHE J 241 -101.04 18.72 -22.40
N LEU J 242 -101.51 19.19 -21.25
CA LEU J 242 -100.87 18.82 -19.99
C LEU J 242 -101.09 17.34 -19.68
N ASN J 243 -102.29 16.80 -19.92
CA ASN J 243 -102.46 15.37 -19.68
C ASN J 243 -101.68 14.54 -20.70
N GLN J 244 -101.58 15.02 -21.93
CA GLN J 244 -100.76 14.32 -22.92
C GLN J 244 -99.31 14.27 -22.49
N LEU J 245 -98.77 15.39 -22.02
CA LEU J 245 -97.39 15.40 -21.54
C LEU J 245 -97.23 14.55 -20.28
N GLN J 246 -98.25 14.54 -19.42
CA GLN J 246 -98.20 13.69 -18.22
C GLN J 246 -98.11 12.22 -18.62
N SER J 247 -98.93 11.79 -19.58
CA SER J 247 -98.85 10.41 -20.05
C SER J 247 -97.51 10.13 -20.71
N GLY J 248 -96.98 11.09 -21.46
CA GLY J 248 -95.67 10.92 -22.07
C GLY J 248 -94.58 10.72 -21.03
N VAL J 249 -94.60 11.50 -19.96
CA VAL J 249 -93.59 11.34 -18.92
C VAL J 249 -93.81 10.05 -18.14
N ASN J 250 -95.07 9.61 -18.00
CA ASN J 250 -95.32 8.29 -17.41
C ASN J 250 -94.66 7.20 -18.25
N ARG J 251 -94.82 7.29 -19.57
CA ARG J 251 -94.15 6.37 -20.48
C ARG J 251 -92.64 6.45 -20.32
N TRP J 252 -92.11 7.66 -20.19
CA TRP J 252 -90.67 7.85 -20.04
C TRP J 252 -90.16 7.16 -18.79
N ILE J 253 -90.83 7.37 -17.65
CA ILE J 253 -90.33 6.79 -16.41
C ILE J 253 -90.48 5.27 -16.43
N ARG J 254 -91.55 4.74 -17.03
CA ARG J 254 -91.66 3.29 -17.14
C ARG J 254 -90.55 2.72 -18.01
N GLU J 255 -90.26 3.38 -19.14
CA GLU J 255 -89.19 2.90 -20.02
C GLU J 255 -87.85 2.97 -19.31
N ILE J 256 -87.61 4.01 -18.52
CA ILE J 256 -86.33 4.13 -17.82
C ILE J 256 -86.23 3.07 -16.72
N GLN J 257 -87.32 2.85 -15.96
CA GLN J 257 -87.31 1.82 -14.94
C GLN J 257 -87.15 0.42 -15.51
N LYS J 258 -87.56 0.21 -16.78
CA LYS J 258 -87.29 -1.07 -17.42
C LYS J 258 -85.81 -1.36 -17.56
N VAL J 259 -84.95 -0.33 -17.56
CA VAL J 259 -83.52 -0.48 -17.77
C VAL J 259 -82.73 -0.31 -16.48
N THR J 260 -83.10 0.67 -15.65
CA THR J 260 -82.31 0.98 -14.47
C THR J 260 -82.36 -0.14 -13.43
N LYS J 261 -83.51 -0.80 -13.29
CA LYS J 261 -83.67 -1.88 -12.33
C LYS J 261 -83.11 -3.21 -12.82
N LEU J 262 -82.46 -3.23 -13.99
CA LEU J 262 -81.93 -4.48 -14.51
C LEU J 262 -80.79 -4.98 -13.63
N ASP J 263 -80.78 -6.28 -13.38
CA ASP J 263 -79.72 -6.92 -12.62
C ASP J 263 -79.58 -8.36 -13.12
N ARG J 264 -78.33 -8.84 -13.17
CA ARG J 264 -78.01 -10.15 -13.67
C ARG J 264 -77.63 -11.07 -12.52
N ASP J 265 -78.10 -12.31 -12.58
CA ASP J 265 -77.71 -13.30 -11.59
C ASP J 265 -76.22 -13.61 -11.73
N PRO J 266 -75.39 -13.42 -10.70
CA PRO J 266 -73.96 -13.75 -10.89
C PRO J 266 -73.72 -15.25 -11.05
N ALA J 267 -74.45 -16.09 -10.33
CA ALA J 267 -74.23 -17.53 -10.39
C ALA J 267 -74.56 -18.13 -11.74
N SER J 268 -75.46 -17.50 -12.50
CA SER J 268 -75.83 -17.99 -13.83
C SER J 268 -74.93 -17.38 -14.88
N GLY J 269 -74.60 -18.18 -15.90
CA GLY J 269 -73.80 -17.71 -17.01
C GLY J 269 -72.32 -17.69 -16.70
N THR J 270 -71.53 -17.55 -17.76
CA THR J 270 -70.08 -17.52 -17.65
C THR J 270 -69.64 -16.08 -17.35
N ALA J 271 -68.31 -15.86 -17.29
CA ALA J 271 -67.81 -14.52 -17.04
C ALA J 271 -68.12 -13.58 -18.20
N LEU J 272 -68.18 -14.12 -19.43
CA LEU J 272 -68.49 -13.28 -20.59
C LEU J 272 -69.86 -12.63 -20.42
N GLN J 273 -70.82 -13.35 -19.85
CA GLN J 273 -72.13 -12.78 -19.59
C GLN J 273 -72.03 -11.60 -18.65
N GLU J 274 -71.23 -11.73 -17.58
CA GLU J 274 -71.05 -10.63 -16.63
C GLU J 274 -70.44 -9.42 -17.31
N ILE J 275 -69.37 -9.62 -18.06
CA ILE J 275 -68.68 -8.49 -18.70
C ILE J 275 -69.60 -7.80 -19.70
N SER J 276 -70.26 -8.60 -20.55
CA SER J 276 -71.16 -8.03 -21.55
C SER J 276 -72.31 -7.29 -20.90
N PHE J 277 -72.90 -7.86 -19.84
CA PHE J 277 -74.01 -7.21 -19.17
C PHE J 277 -73.60 -5.88 -18.57
N TRP J 278 -72.46 -5.84 -17.88
CA TRP J 278 -72.09 -4.58 -17.23
C TRP J 278 -71.69 -3.51 -18.23
N LEU J 279 -70.95 -3.87 -19.29
CA LEU J 279 -70.64 -2.87 -20.31
C LEU J 279 -71.90 -2.41 -21.04
N ASN J 280 -72.83 -3.34 -21.31
CA ASN J 280 -74.09 -2.99 -21.95
C ASN J 280 -74.89 -2.03 -21.08
N LEU J 281 -74.93 -2.30 -19.76
CA LEU J 281 -75.63 -1.40 -18.86
C LEU J 281 -74.97 -0.03 -18.81
N GLU J 282 -73.63 0.01 -18.83
CA GLU J 282 -72.93 1.29 -18.85
C GLU J 282 -73.34 2.11 -20.07
N ARG J 283 -73.23 1.54 -21.26
CA ARG J 283 -73.58 2.30 -22.46
C ARG J 283 -75.05 2.65 -22.49
N ALA J 284 -75.93 1.73 -22.06
CA ALA J 284 -77.36 2.02 -22.07
C ALA J 284 -77.72 3.17 -21.13
N LEU J 285 -77.15 3.16 -19.92
CA LEU J 285 -77.44 4.23 -18.99
C LEU J 285 -76.84 5.56 -19.44
N TYR J 286 -75.66 5.54 -20.06
CA TYR J 286 -75.11 6.79 -20.58
C TYR J 286 -75.96 7.32 -21.73
N ARG J 287 -76.47 6.43 -22.58
CA ARG J 287 -77.37 6.86 -23.65
C ARG J 287 -78.65 7.46 -23.07
N ILE J 288 -79.20 6.82 -22.03
CA ILE J 288 -80.42 7.31 -21.41
C ILE J 288 -80.18 8.66 -20.76
N GLN J 289 -79.02 8.83 -20.11
CA GLN J 289 -78.69 10.13 -19.52
C GLN J 289 -78.53 11.20 -20.57
N GLU J 290 -77.89 10.86 -21.70
CA GLU J 290 -77.77 11.82 -22.79
C GLU J 290 -79.14 12.24 -23.32
N LYS J 291 -80.05 11.27 -23.46
CA LYS J 291 -81.40 11.61 -23.87
C LYS J 291 -82.13 12.43 -22.82
N ARG J 292 -81.81 12.22 -21.54
CA ARG J 292 -82.53 12.89 -20.46
C ARG J 292 -82.11 14.36 -20.35
N GLU J 293 -80.86 14.68 -20.67
CA GLU J 293 -80.38 16.05 -20.63
C GLU J 293 -80.68 16.82 -21.91
N SER J 294 -81.30 16.19 -22.91
CA SER J 294 -81.58 16.89 -24.15
C SER J 294 -82.64 17.97 -23.91
N PRO J 295 -82.66 19.02 -24.73
CA PRO J 295 -83.59 20.13 -24.46
C PRO J 295 -85.06 19.76 -24.51
N GLU J 296 -85.43 18.70 -25.24
CA GLU J 296 -86.84 18.34 -25.34
C GLU J 296 -87.39 17.86 -23.99
N VAL J 297 -86.65 16.98 -23.32
CA VAL J 297 -87.09 16.47 -22.02
C VAL J 297 -87.13 17.60 -21.00
N LEU J 298 -86.11 18.46 -21.00
CA LEU J 298 -86.09 19.59 -20.07
C LEU J 298 -87.26 20.52 -20.32
N LEU J 299 -87.58 20.77 -21.59
CA LEU J 299 -88.72 21.62 -21.92
C LEU J 299 -90.03 20.98 -21.46
N THR J 300 -90.18 19.67 -21.66
CA THR J 300 -91.40 19.00 -21.20
C THR J 300 -91.54 19.11 -19.69
N LEU J 301 -90.44 18.90 -18.97
CA LEU J 301 -90.49 19.01 -17.52
C LEU J 301 -90.82 20.44 -17.08
N ASP J 302 -90.25 21.43 -17.76
CA ASP J 302 -90.56 22.82 -17.42
C ASP J 302 -92.03 23.13 -17.68
N ILE J 303 -92.58 22.63 -18.79
CA ILE J 303 -94.00 22.85 -19.08
C ILE J 303 -94.86 22.21 -18.00
N LEU J 304 -94.53 20.98 -17.60
CA LEU J 304 -95.31 20.31 -16.57
C LEU J 304 -95.20 21.05 -15.23
N LYS J 305 -94.01 21.57 -14.90
CA LYS J 305 -93.88 22.35 -13.68
C LYS J 305 -94.73 23.62 -13.74
N HIS J 306 -94.74 24.30 -14.89
CA HIS J 306 -95.53 25.52 -15.02
C HIS J 306 -97.01 25.23 -14.87
N GLY J 307 -97.47 24.08 -15.34
CA GLY J 307 -98.84 23.66 -15.16
C GLY J 307 -99.15 23.07 -13.80
N LYS J 308 -98.16 23.02 -12.90
CA LYS J 308 -98.35 22.49 -11.54
C LYS J 308 -98.81 21.04 -11.56
N ARG J 309 -98.39 20.28 -12.58
CA ARG J 309 -98.64 18.84 -12.66
C ARG J 309 -97.39 18.14 -12.13
N PHE J 310 -97.25 18.16 -10.81
CA PHE J 310 -96.00 17.75 -10.17
C PHE J 310 -95.85 16.25 -10.05
N HIS J 311 -96.88 15.46 -10.37
CA HIS J 311 -96.72 14.01 -10.38
C HIS J 311 -95.63 13.58 -11.33
N ALA J 312 -95.73 14.03 -12.60
CA ALA J 312 -94.75 13.66 -13.60
C ALA J 312 -93.36 14.20 -13.27
N THR J 313 -93.29 15.45 -12.79
CA THR J 313 -91.99 16.05 -12.52
C THR J 313 -91.29 15.35 -11.37
N VAL J 314 -92.00 15.16 -10.25
CA VAL J 314 -91.41 14.49 -9.10
C VAL J 314 -91.03 13.07 -9.46
N SER J 315 -91.87 12.37 -10.23
CA SER J 315 -91.55 10.99 -10.58
C SER J 315 -90.31 10.93 -11.46
N PHE J 316 -90.24 11.74 -12.51
CA PHE J 316 -89.08 11.73 -13.38
C PHE J 316 -87.82 12.16 -12.65
N ASP J 317 -87.94 13.01 -11.63
CA ASP J 317 -86.77 13.39 -10.85
C ASP J 317 -86.31 12.29 -9.90
N THR J 318 -87.24 11.51 -9.34
CA THR J 318 -86.93 10.54 -8.31
C THR J 318 -87.34 9.11 -8.65
N ASP J 319 -88.49 8.90 -9.28
CA ASP J 319 -88.99 7.56 -9.54
C ASP J 319 -88.09 6.76 -10.47
N THR J 320 -87.41 7.41 -11.40
CA THR J 320 -86.64 6.68 -12.41
C THR J 320 -85.52 5.86 -11.78
N GLY J 321 -84.85 6.40 -10.78
CA GLY J 321 -83.68 5.73 -10.24
C GLY J 321 -82.47 5.76 -11.15
N LEU J 322 -82.46 6.69 -12.12
CA LEU J 322 -81.33 6.77 -13.03
C LEU J 322 -80.05 7.17 -12.31
N LYS J 323 -80.16 8.09 -11.34
CA LYS J 323 -78.98 8.55 -10.63
C LYS J 323 -78.31 7.41 -9.85
N GLN J 324 -79.10 6.61 -9.14
CA GLN J 324 -78.53 5.52 -8.35
C GLN J 324 -77.88 4.48 -9.24
N ALA J 325 -78.52 4.11 -10.34
CA ALA J 325 -77.95 3.11 -11.24
C ALA J 325 -76.69 3.63 -11.92
N LEU J 326 -76.69 4.92 -12.29
CA LEU J 326 -75.50 5.52 -12.88
C LEU J 326 -74.36 5.52 -11.88
N GLU J 327 -74.64 5.85 -10.62
CA GLU J 327 -73.62 5.79 -9.58
C GLU J 327 -73.10 4.36 -9.42
N THR J 328 -74.01 3.38 -9.47
CA THR J 328 -73.61 1.98 -9.31
C THR J 328 -72.66 1.55 -10.43
N VAL J 329 -73.02 1.82 -11.68
CA VAL J 329 -72.17 1.40 -12.78
C VAL J 329 -70.86 2.19 -12.79
N ASN J 330 -70.90 3.46 -12.41
CA ASN J 330 -69.66 4.24 -12.34
C ASN J 330 -68.72 3.67 -11.28
N ASP J 331 -69.28 3.29 -10.12
CA ASP J 331 -68.44 2.69 -9.07
C ASP J 331 -67.96 1.30 -9.47
N TYR J 332 -68.71 0.60 -10.31
CA TYR J 332 -68.30 -0.72 -10.79
C TYR J 332 -67.29 -0.64 -11.93
N ASN J 333 -67.18 0.51 -12.59
CA ASN J 333 -66.28 0.63 -13.73
C ASN J 333 -64.82 0.30 -13.43
N PRO J 334 -64.21 0.78 -12.33
CA PRO J 334 -62.79 0.48 -12.11
C PRO J 334 -62.45 -1.00 -12.09
N LEU J 335 -63.34 -1.86 -11.61
CA LEU J 335 -63.17 -3.29 -11.69
C LEU J 335 -63.49 -3.86 -13.06
N MET J 336 -63.93 -3.03 -14.00
CA MET J 336 -64.53 -3.47 -15.25
C MET J 336 -63.80 -2.97 -16.49
N LYS J 337 -62.84 -2.04 -16.34
CA LYS J 337 -62.20 -1.45 -17.51
C LYS J 337 -61.35 -2.46 -18.26
N ASP J 338 -60.52 -3.20 -17.52
CA ASP J 338 -59.54 -4.12 -18.10
C ASP J 338 -59.84 -5.55 -17.66
N PHE J 339 -59.92 -6.46 -18.63
CA PHE J 339 -60.23 -7.85 -18.34
C PHE J 339 -59.69 -8.74 -19.46
N PRO J 340 -58.68 -9.60 -19.22
CA PRO J 340 -58.15 -10.44 -20.33
C PRO J 340 -58.89 -11.76 -20.46
N LEU J 341 -60.18 -11.69 -20.75
CA LEU J 341 -61.00 -12.89 -20.89
C LEU J 341 -60.53 -13.73 -22.07
N ASN J 342 -60.25 -13.10 -23.21
CA ASN J 342 -59.88 -13.83 -24.41
C ASN J 342 -58.59 -14.61 -24.24
N ASP J 343 -57.70 -14.18 -23.33
CA ASP J 343 -56.49 -14.95 -23.07
C ASP J 343 -56.85 -16.27 -22.39
N LEU J 344 -57.83 -16.24 -21.47
CA LEU J 344 -58.36 -17.49 -20.93
C LEU J 344 -59.02 -18.31 -22.02
N LEU J 345 -59.81 -17.67 -22.90
CA LEU J 345 -60.45 -18.40 -23.98
C LEU J 345 -59.45 -18.96 -24.98
N SER J 346 -58.38 -18.22 -25.27
CA SER J 346 -57.39 -18.59 -26.27
C SER J 346 -56.15 -19.23 -25.67
N ALA J 347 -56.26 -19.82 -24.47
CA ALA J 347 -55.11 -20.40 -23.80
C ALA J 347 -54.83 -21.81 -24.33
N THR J 348 -53.55 -22.10 -24.57
CA THR J 348 -53.09 -23.45 -24.86
C THR J 348 -51.82 -23.84 -24.12
N GLU J 349 -51.19 -22.93 -23.37
CA GLU J 349 -49.99 -23.20 -22.60
C GLU J 349 -50.28 -22.85 -21.14
N LEU J 350 -49.88 -23.73 -20.22
CA LEU J 350 -50.26 -23.59 -18.83
C LEU J 350 -49.65 -22.35 -18.18
N ASP J 351 -48.40 -22.02 -18.55
CA ASP J 351 -47.78 -20.81 -18.00
C ASP J 351 -48.58 -19.57 -18.40
N LYS J 352 -49.10 -19.55 -19.63
CA LYS J 352 -49.99 -18.47 -20.03
C LYS J 352 -51.26 -18.46 -19.18
N ILE J 353 -51.77 -19.65 -18.80
CA ILE J 353 -52.95 -19.68 -17.95
C ILE J 353 -52.67 -19.05 -16.59
N ARG J 354 -51.54 -19.39 -15.96
CA ARG J 354 -51.26 -18.79 -14.66
C ARG J 354 -50.91 -17.30 -14.77
N GLN J 355 -50.27 -16.88 -15.87
CA GLN J 355 -50.04 -15.46 -16.08
C GLN J 355 -51.36 -14.71 -16.21
N ALA J 356 -52.30 -15.28 -16.97
CA ALA J 356 -53.63 -14.71 -17.06
C ALA J 356 -54.29 -14.66 -15.70
N LEU J 357 -54.09 -15.71 -14.90
CA LEU J 357 -54.73 -15.78 -13.58
C LEU J 357 -54.21 -14.67 -12.67
N VAL J 358 -52.89 -14.47 -12.63
CA VAL J 358 -52.35 -13.42 -11.76
C VAL J 358 -52.73 -12.04 -12.29
N ALA J 359 -52.75 -11.85 -13.62
CA ALA J 359 -53.21 -10.58 -14.17
C ALA J 359 -54.65 -10.31 -13.78
N ILE J 360 -55.51 -11.33 -13.87
CA ILE J 360 -56.91 -11.17 -13.52
C ILE J 360 -57.05 -10.83 -12.05
N PHE J 361 -56.34 -11.54 -11.17
CA PHE J 361 -56.44 -11.27 -9.74
C PHE J 361 -55.92 -9.88 -9.39
N THR J 362 -54.88 -9.41 -10.07
CA THR J 362 -54.48 -8.01 -9.89
C THR J 362 -55.58 -7.06 -10.33
N HIS J 363 -56.28 -7.38 -11.43
CA HIS J 363 -57.40 -6.53 -11.85
C HIS J 363 -58.50 -6.49 -10.79
N LEU J 364 -58.85 -7.64 -10.22
CA LEU J 364 -59.84 -7.64 -9.13
C LEU J 364 -59.30 -7.04 -7.84
N ARG J 365 -57.99 -6.84 -7.72
CA ARG J 365 -57.44 -6.17 -6.56
C ARG J 365 -57.94 -4.74 -6.39
N LYS J 366 -58.47 -4.13 -7.46
CA LYS J 366 -59.02 -2.78 -7.42
C LYS J 366 -60.33 -2.67 -6.65
N ILE J 367 -60.90 -3.79 -6.20
CA ILE J 367 -62.19 -3.78 -5.52
C ILE J 367 -62.16 -2.94 -4.25
N ARG J 368 -61.00 -2.76 -3.61
CA ARG J 368 -60.96 -2.09 -2.33
C ARG J 368 -61.42 -0.63 -2.38
N ASN J 369 -61.25 0.03 -3.53
CA ASN J 369 -61.72 1.40 -3.69
C ASN J 369 -63.16 1.49 -4.18
N THR J 370 -63.68 0.46 -4.84
CA THR J 370 -65.00 0.50 -5.40
C THR J 370 -66.05 0.14 -4.34
N LYS J 371 -67.32 0.36 -4.71
CA LYS J 371 -68.47 -0.07 -3.92
C LYS J 371 -69.00 -1.43 -4.37
N TYR J 372 -68.17 -2.21 -5.06
CA TYR J 372 -68.62 -3.47 -5.61
C TYR J 372 -68.94 -4.46 -4.50
N PRO J 373 -69.90 -5.38 -4.69
CA PRO J 373 -70.13 -6.40 -3.66
C PRO J 373 -69.02 -7.43 -3.64
N ILE J 374 -68.67 -7.87 -2.43
CA ILE J 374 -67.69 -8.95 -2.30
C ILE J 374 -68.27 -10.25 -2.84
N GLN J 375 -69.57 -10.50 -2.64
CA GLN J 375 -70.17 -11.74 -3.09
C GLN J 375 -70.17 -11.84 -4.61
N ARG J 376 -70.49 -10.73 -5.29
CA ARG J 376 -70.45 -10.75 -6.75
C ARG J 376 -69.04 -10.95 -7.27
N ALA J 377 -68.04 -10.41 -6.56
CA ALA J 377 -66.65 -10.66 -6.93
C ALA J 377 -66.32 -12.14 -6.78
N LEU J 378 -66.78 -12.77 -5.70
CA LEU J 378 -66.54 -14.20 -5.51
C LEU J 378 -67.24 -15.02 -6.59
N ARG J 379 -68.45 -14.65 -6.98
CA ARG J 379 -69.14 -15.37 -8.05
C ARG J 379 -68.44 -15.17 -9.39
N LEU J 380 -67.86 -14.00 -9.62
CA LEU J 380 -67.05 -13.80 -10.82
C LEU J 380 -65.81 -14.67 -10.78
N VAL J 381 -65.20 -14.82 -9.60
CA VAL J 381 -64.07 -15.72 -9.45
C VAL J 381 -64.49 -17.15 -9.77
N GLU J 382 -65.69 -17.54 -9.34
CA GLU J 382 -66.19 -18.89 -9.63
C GLU J 382 -66.45 -19.06 -11.12
N ALA J 383 -66.96 -18.01 -11.78
CA ALA J 383 -67.11 -18.08 -13.23
C ALA J 383 -65.77 -18.23 -13.93
N ILE J 384 -64.75 -17.54 -13.42
CA ILE J 384 -63.40 -17.70 -13.96
C ILE J 384 -62.92 -19.13 -13.74
N SER J 385 -63.26 -19.71 -12.59
CA SER J 385 -62.90 -21.11 -12.32
C SER J 385 -63.58 -22.04 -13.33
N ARG J 386 -64.85 -21.79 -13.62
CA ARG J 386 -65.56 -22.59 -14.61
C ARG J 386 -64.93 -22.48 -15.98
N ASP J 387 -64.57 -21.27 -16.40
CA ASP J 387 -63.91 -21.09 -17.69
C ASP J 387 -62.55 -21.78 -17.72
N LEU J 388 -61.80 -21.68 -16.62
CA LEU J 388 -60.50 -22.35 -16.54
C LEU J 388 -60.66 -23.86 -16.63
N SER J 389 -61.65 -24.41 -15.93
CA SER J 389 -61.89 -25.85 -15.99
C SER J 389 -62.29 -26.29 -17.39
N SER J 390 -63.15 -25.51 -18.05
CA SER J 390 -63.57 -25.85 -19.40
C SER J 390 -62.39 -25.84 -20.37
N GLN J 391 -61.54 -24.81 -20.28
CA GLN J 391 -60.40 -24.73 -21.18
C GLN J 391 -59.37 -25.81 -20.86
N LEU J 392 -59.19 -26.15 -19.58
CA LEU J 392 -58.28 -27.23 -19.23
C LEU J 392 -58.77 -28.56 -19.79
N LEU J 393 -60.07 -28.84 -19.66
CA LEU J 393 -60.62 -30.05 -20.24
C LEU J 393 -60.46 -30.06 -21.75
N LYS J 394 -60.67 -28.90 -22.39
CA LYS J 394 -60.50 -28.80 -23.84
C LYS J 394 -59.06 -29.11 -24.24
N VAL J 395 -58.09 -28.52 -23.53
CA VAL J 395 -56.68 -28.74 -23.86
C VAL J 395 -56.30 -30.19 -23.67
N LEU J 396 -56.69 -30.79 -22.54
CA LEU J 396 -56.35 -32.18 -22.28
C LEU J 396 -57.03 -33.14 -23.25
N GLY J 397 -58.27 -32.86 -23.65
CA GLY J 397 -58.91 -33.68 -24.66
C GLY J 397 -58.28 -33.56 -26.02
N THR J 398 -57.84 -32.35 -26.40
CA THR J 398 -57.14 -32.17 -27.66
C THR J 398 -55.81 -32.93 -27.66
N ARG J 399 -55.06 -32.84 -26.56
CA ARG J 399 -53.74 -33.47 -26.50
C ARG J 399 -53.81 -34.98 -26.33
N LYS J 400 -54.89 -35.51 -25.75
CA LYS J 400 -55.08 -36.95 -25.58
C LYS J 400 -53.95 -37.55 -24.73
N LEU J 401 -53.91 -37.09 -23.48
CA LEU J 401 -52.81 -37.41 -22.57
C LEU J 401 -52.70 -38.89 -22.24
N MET J 402 -53.74 -39.69 -22.50
CA MET J 402 -53.68 -41.10 -22.14
C MET J 402 -52.69 -41.87 -23.01
N HIS J 403 -52.57 -41.51 -24.28
CA HIS J 403 -51.83 -42.28 -25.27
C HIS J 403 -50.48 -41.68 -25.63
N VAL J 404 -49.98 -40.70 -24.86
CA VAL J 404 -48.73 -40.03 -25.16
C VAL J 404 -47.65 -40.52 -24.19
N ALA J 405 -46.42 -40.10 -24.42
CA ALA J 405 -45.30 -40.52 -23.59
C ALA J 405 -45.53 -40.14 -22.13
N TYR J 406 -45.14 -41.04 -21.22
CA TYR J 406 -45.43 -40.84 -19.81
C TYR J 406 -44.71 -39.62 -19.26
N GLU J 407 -43.48 -39.37 -19.69
CA GLU J 407 -42.71 -38.24 -19.14
C GLU J 407 -43.35 -36.91 -19.54
N GLU J 408 -43.72 -36.75 -20.81
CA GLU J 408 -44.37 -35.52 -21.24
C GLU J 408 -45.72 -35.35 -20.55
N PHE J 409 -46.45 -36.45 -20.35
CA PHE J 409 -47.67 -36.40 -19.56
C PHE J 409 -47.39 -35.87 -18.16
N GLU J 410 -46.32 -36.36 -17.53
CA GLU J 410 -45.98 -35.92 -16.18
C GLU J 410 -45.63 -34.43 -16.17
N LYS J 411 -44.92 -33.96 -17.20
CA LYS J 411 -44.64 -32.52 -17.29
C LYS J 411 -45.94 -31.73 -17.41
N VAL J 412 -46.89 -32.23 -18.19
CA VAL J 412 -48.18 -31.55 -18.31
C VAL J 412 -48.89 -31.49 -16.96
N MET J 413 -48.86 -32.59 -16.21
CA MET J 413 -49.52 -32.57 -14.90
C MET J 413 -48.79 -31.66 -13.93
N VAL J 414 -47.46 -31.58 -14.02
CA VAL J 414 -46.71 -30.65 -13.18
C VAL J 414 -47.12 -29.22 -13.49
N ALA J 415 -47.26 -28.88 -14.78
CA ALA J 415 -47.71 -27.54 -15.15
C ALA J 415 -49.13 -27.28 -14.65
N CYS J 416 -50.02 -28.27 -14.77
CA CYS J 416 -51.39 -28.10 -14.29
C CYS J 416 -51.43 -27.87 -12.79
N PHE J 417 -50.62 -28.62 -12.03
CA PHE J 417 -50.59 -28.42 -10.58
C PHE J 417 -49.91 -27.11 -10.22
N GLU J 418 -48.98 -26.64 -11.06
CA GLU J 418 -48.46 -25.29 -10.89
C GLU J 418 -49.59 -24.26 -11.02
N VAL J 419 -50.45 -24.44 -12.02
CA VAL J 419 -51.60 -23.54 -12.17
C VAL J 419 -52.49 -23.61 -10.95
N PHE J 420 -52.75 -24.82 -10.44
CA PHE J 420 -53.67 -24.96 -9.31
C PHE J 420 -53.09 -24.36 -8.03
N GLN J 421 -51.81 -24.59 -7.75
CA GLN J 421 -51.21 -23.98 -6.56
C GLN J 421 -51.10 -22.47 -6.71
N THR J 422 -50.89 -21.98 -7.94
CA THR J 422 -50.94 -20.54 -8.17
C THR J 422 -52.32 -19.99 -7.85
N TRP J 423 -53.37 -20.70 -8.28
CA TRP J 423 -54.74 -20.32 -7.94
C TRP J 423 -54.93 -20.23 -6.43
N ASP J 424 -54.51 -21.28 -5.72
CA ASP J 424 -54.71 -21.29 -4.27
C ASP J 424 -53.94 -20.16 -3.59
N ASP J 425 -52.68 -19.96 -3.96
CA ASP J 425 -51.87 -18.94 -3.32
C ASP J 425 -52.42 -17.55 -3.60
N GLU J 426 -52.84 -17.27 -4.84
CA GLU J 426 -53.34 -15.94 -5.16
C GLU J 426 -54.72 -15.70 -4.57
N TYR J 427 -55.55 -16.74 -4.44
CA TYR J 427 -56.81 -16.59 -3.72
C TYR J 427 -56.55 -16.26 -2.26
N GLU J 428 -55.59 -16.93 -1.62
CA GLU J 428 -55.21 -16.59 -0.26
C GLU J 428 -54.71 -15.15 -0.18
N LYS J 429 -53.95 -14.71 -1.19
CA LYS J 429 -53.52 -13.32 -1.24
C LYS J 429 -54.70 -12.37 -1.31
N LEU J 430 -55.71 -12.70 -2.11
CA LEU J 430 -56.92 -11.88 -2.17
C LEU J 430 -57.62 -11.80 -0.82
N GLN J 431 -57.64 -12.90 -0.07
CA GLN J 431 -58.46 -12.99 1.14
C GLN J 431 -58.12 -11.89 2.16
N VAL J 432 -56.86 -11.48 2.26
CA VAL J 432 -56.54 -10.43 3.23
C VAL J 432 -57.16 -9.10 2.82
N LEU J 433 -57.16 -8.77 1.53
CA LEU J 433 -57.82 -7.55 1.10
C LEU J 433 -59.33 -7.64 1.27
N LEU J 434 -59.91 -8.82 1.03
CA LEU J 434 -61.35 -8.96 1.33
C LEU J 434 -61.62 -8.77 2.82
N ARG J 435 -60.73 -9.29 3.68
CA ARG J 435 -60.88 -9.10 5.11
C ARG J 435 -60.85 -7.62 5.48
N ASP J 436 -59.88 -6.89 4.92
CA ASP J 436 -59.80 -5.45 5.17
C ASP J 436 -61.04 -4.73 4.67
N ILE J 437 -61.56 -5.12 3.51
CA ILE J 437 -62.73 -4.47 2.96
C ILE J 437 -63.94 -4.70 3.85
N VAL J 438 -64.13 -5.93 4.34
CA VAL J 438 -65.29 -6.20 5.18
C VAL J 438 -65.18 -5.53 6.55
N LYS J 439 -63.99 -5.50 7.17
CA LYS J 439 -63.89 -4.80 8.45
C LYS J 439 -63.75 -3.29 8.29
N ARG J 440 -63.64 -2.79 7.05
CA ARG J 440 -63.79 -1.35 6.83
C ARG J 440 -65.22 -0.92 7.05
N LYS J 441 -66.18 -1.68 6.52
CA LYS J 441 -67.61 -1.44 6.69
C LYS J 441 -68.15 -2.64 7.45
N ARG J 442 -68.06 -2.58 8.78
CA ARG J 442 -68.42 -3.72 9.61
C ARG J 442 -69.92 -3.98 9.59
N GLU J 443 -70.72 -2.94 9.80
CA GLU J 443 -72.17 -3.08 9.90
C GLU J 443 -72.82 -3.41 8.56
N GLU J 444 -72.15 -3.19 7.44
CA GLU J 444 -72.73 -3.39 6.11
C GLU J 444 -72.40 -4.75 5.51
N ASN J 445 -71.16 -5.23 5.67
CA ASN J 445 -70.73 -6.51 5.11
C ASN J 445 -71.04 -7.61 6.12
N LEU J 446 -72.33 -7.97 6.18
CA LEU J 446 -72.76 -8.98 7.14
C LEU J 446 -72.37 -10.39 6.69
N LYS J 447 -72.30 -10.63 5.38
CA LYS J 447 -72.02 -11.97 4.86
C LYS J 447 -70.53 -12.26 5.07
N MET J 448 -70.21 -12.74 6.27
CA MET J 448 -68.84 -13.09 6.59
C MET J 448 -68.43 -14.39 5.90
N VAL J 449 -69.10 -15.49 6.23
CA VAL J 449 -68.77 -16.80 5.68
C VAL J 449 -68.99 -16.78 4.17
N TRP J 450 -68.03 -17.32 3.44
CA TRP J 450 -68.09 -17.39 1.98
C TRP J 450 -68.23 -18.82 1.48
N ARG J 451 -67.31 -19.72 1.84
CA ARG J 451 -67.37 -21.13 1.46
C ARG J 451 -67.49 -21.30 -0.05
N ILE J 452 -66.44 -20.86 -0.75
CA ILE J 452 -66.40 -21.00 -2.19
C ILE J 452 -66.28 -22.46 -2.57
N ASN J 453 -66.82 -22.81 -3.74
CA ASN J 453 -66.74 -24.17 -4.30
C ASN J 453 -66.33 -24.02 -5.76
N PRO J 454 -65.04 -23.80 -6.04
CA PRO J 454 -64.63 -23.61 -7.43
C PRO J 454 -64.85 -24.87 -8.26
N ALA J 455 -65.15 -24.66 -9.54
CA ALA J 455 -65.39 -25.77 -10.44
C ALA J 455 -64.11 -26.50 -10.84
N HIS J 456 -62.99 -25.79 -10.89
CA HIS J 456 -61.71 -26.40 -11.27
C HIS J 456 -61.17 -27.34 -10.21
N ARG J 457 -61.63 -27.24 -8.97
CA ARG J 457 -61.10 -28.10 -7.91
C ARG J 457 -61.47 -29.56 -8.15
N LYS J 458 -62.65 -29.83 -8.69
CA LYS J 458 -63.03 -31.19 -9.00
C LYS J 458 -62.10 -31.78 -10.06
N LEU J 459 -61.78 -30.99 -11.09
CA LEU J 459 -60.84 -31.45 -12.10
C LEU J 459 -59.44 -31.62 -11.52
N GLN J 460 -59.07 -30.76 -10.56
CA GLN J 460 -57.79 -30.92 -9.89
C GLN J 460 -57.73 -32.27 -9.16
N ALA J 461 -58.80 -32.61 -8.44
CA ALA J 461 -58.84 -33.91 -7.77
C ALA J 461 -58.82 -35.05 -8.78
N ARG J 462 -59.53 -34.89 -9.90
CA ARG J 462 -59.54 -35.92 -10.93
C ARG J 462 -58.14 -36.16 -11.48
N LEU J 463 -57.41 -35.09 -11.77
CA LEU J 463 -56.06 -35.22 -12.31
C LEU J 463 -55.13 -35.79 -11.24
N ASP J 464 -55.35 -35.45 -9.98
CA ASP J 464 -54.56 -36.03 -8.90
C ASP J 464 -54.72 -37.55 -8.85
N GLN J 465 -55.98 -38.01 -8.90
CA GLN J 465 -56.23 -39.45 -8.89
C GLN J 465 -55.64 -40.12 -10.11
N MET J 466 -55.78 -39.50 -11.29
CA MET J 466 -55.24 -40.10 -12.51
C MET J 466 -53.73 -40.22 -12.45
N ARG J 467 -53.06 -39.16 -11.98
CA ARG J 467 -51.61 -39.19 -11.89
C ARG J 467 -51.14 -40.22 -10.88
N LYS J 468 -51.81 -40.31 -9.73
CA LYS J 468 -51.44 -41.31 -8.73
C LYS J 468 -51.62 -42.72 -9.29
N PHE J 469 -52.73 -42.95 -9.99
CA PHE J 469 -52.97 -44.26 -10.60
C PHE J 469 -51.87 -44.61 -11.60
N ARG J 470 -51.53 -43.68 -12.50
CA ARG J 470 -50.51 -43.98 -13.50
C ARG J 470 -49.15 -44.20 -12.84
N ARG J 471 -48.82 -43.40 -11.82
CA ARG J 471 -47.54 -43.57 -11.13
C ARG J 471 -47.44 -44.95 -10.49
N GLN J 472 -48.48 -45.35 -9.74
CA GLN J 472 -48.45 -46.65 -9.10
C GLN J 472 -48.38 -47.77 -10.12
N HIS J 473 -49.16 -47.66 -11.21
CA HIS J 473 -49.14 -48.70 -12.23
C HIS J 473 -47.77 -48.82 -12.87
N GLU J 474 -47.15 -47.69 -13.23
CA GLU J 474 -45.83 -47.74 -13.86
C GLU J 474 -44.78 -48.31 -12.93
N GLN J 475 -44.77 -47.86 -11.67
CA GLN J 475 -43.79 -48.34 -10.71
C GLN J 475 -43.94 -49.85 -10.49
N LEU J 476 -45.17 -50.31 -10.26
CA LEU J 476 -45.37 -51.72 -10.00
C LEU J 476 -45.13 -52.56 -11.24
N ARG J 477 -45.43 -52.04 -12.43
CA ARG J 477 -45.11 -52.75 -13.66
C ARG J 477 -43.62 -52.92 -13.83
N ALA J 478 -42.84 -51.86 -13.57
CA ALA J 478 -41.39 -51.97 -13.67
C ALA J 478 -40.85 -52.98 -12.65
N VAL J 479 -41.37 -52.94 -11.42
CA VAL J 479 -40.90 -53.88 -10.41
C VAL J 479 -41.24 -55.31 -10.80
N ILE J 480 -42.45 -55.53 -11.33
CA ILE J 480 -42.86 -56.87 -11.73
C ILE J 480 -42.01 -57.36 -12.89
N VAL J 481 -41.68 -56.48 -13.84
CA VAL J 481 -40.79 -56.86 -14.93
C VAL J 481 -39.43 -57.25 -14.38
N ARG J 482 -38.94 -56.51 -13.39
CA ARG J 482 -37.67 -56.86 -12.76
C ARG J 482 -37.73 -58.23 -12.10
N VAL J 483 -38.85 -58.52 -11.42
CA VAL J 483 -38.90 -59.69 -10.54
C VAL J 483 -39.21 -60.96 -11.31
N LEU J 484 -40.29 -60.96 -12.09
CA LEU J 484 -40.83 -62.20 -12.64
C LEU J 484 -39.92 -62.87 -13.67
N ARG J 485 -38.89 -62.20 -14.16
CA ARG J 485 -37.95 -62.83 -15.06
C ARG J 485 -37.22 -63.95 -14.32
N PRO J 486 -37.06 -65.14 -14.91
CA PRO J 486 -36.28 -66.18 -14.23
C PRO J 486 -34.79 -65.88 -14.26
N GLN J 487 -34.05 -66.62 -13.43
CA GLN J 487 -32.61 -66.41 -13.28
C GLN J 487 -31.89 -67.03 -14.48
N VAL J 488 -31.99 -66.34 -15.62
CA VAL J 488 -31.32 -66.78 -16.83
C VAL J 488 -29.86 -66.32 -16.80
N PHE J 512 -39.15 -68.66 -18.69
CA PHE J 512 -40.38 -67.91 -18.85
C PHE J 512 -41.59 -68.74 -18.41
N ASP J 513 -41.87 -68.72 -17.10
CA ASP J 513 -43.01 -69.44 -16.57
C ASP J 513 -44.31 -68.89 -17.15
N ALA J 514 -45.27 -69.79 -17.36
CA ALA J 514 -46.57 -69.38 -17.89
C ALA J 514 -47.29 -68.45 -16.94
N ALA J 515 -47.18 -68.68 -15.63
CA ALA J 515 -47.82 -67.81 -14.66
C ALA J 515 -47.25 -66.40 -14.71
N ASP J 516 -45.95 -66.27 -14.98
CA ASP J 516 -45.33 -64.94 -15.05
C ASP J 516 -45.91 -64.16 -16.22
N ALA J 517 -45.97 -64.78 -17.40
CA ALA J 517 -46.58 -64.12 -18.55
C ALA J 517 -48.06 -63.85 -18.31
N ASN J 518 -48.75 -64.73 -17.59
CA ASN J 518 -50.14 -64.49 -17.25
C ASN J 518 -50.28 -63.24 -16.40
N ALA J 519 -49.41 -63.07 -15.41
CA ALA J 519 -49.44 -61.87 -14.58
C ALA J 519 -49.14 -60.63 -15.40
N ILE J 520 -48.15 -60.70 -16.29
CA ILE J 520 -47.77 -59.53 -17.07
C ILE J 520 -48.89 -59.10 -18.01
N GLU J 521 -49.47 -60.07 -18.74
CA GLU J 521 -50.56 -59.73 -19.64
C GLU J 521 -51.82 -59.32 -18.87
N GLU J 522 -52.00 -59.85 -17.65
CA GLU J 522 -53.10 -59.37 -16.82
C GLU J 522 -52.91 -57.92 -16.44
N VAL J 523 -51.68 -57.52 -16.11
CA VAL J 523 -51.41 -56.12 -15.78
C VAL J 523 -51.67 -55.24 -17.00
N ASN J 524 -51.22 -55.68 -18.18
CA ASN J 524 -51.45 -54.90 -19.39
C ASN J 524 -52.94 -54.77 -19.69
N LEU J 525 -53.69 -55.87 -19.56
CA LEU J 525 -55.13 -55.82 -19.75
C LEU J 525 -55.80 -54.94 -18.72
N ALA J 526 -55.28 -54.92 -17.49
CA ALA J 526 -55.85 -54.06 -16.46
C ALA J 526 -55.69 -52.58 -16.84
N TYR J 527 -54.50 -52.22 -17.33
CA TYR J 527 -54.30 -50.85 -17.77
C TYR J 527 -55.23 -50.51 -18.92
N GLU J 528 -55.36 -51.42 -19.90
CA GLU J 528 -56.22 -51.15 -21.04
C GLU J 528 -57.69 -51.03 -20.62
N ASN J 529 -58.13 -51.87 -19.68
CA ASN J 529 -59.50 -51.79 -19.20
C ASN J 529 -59.75 -50.49 -18.44
N VAL J 530 -58.78 -50.04 -17.66
CA VAL J 530 -58.93 -48.75 -16.98
C VAL J 530 -59.00 -47.64 -18.00
N LYS J 531 -58.30 -47.78 -19.13
CA LYS J 531 -58.40 -46.78 -20.18
C LYS J 531 -59.81 -46.71 -20.78
N GLU J 532 -60.60 -47.79 -20.66
CA GLU J 532 -61.94 -47.79 -21.24
C GLU J 532 -62.82 -46.72 -20.62
N VAL J 533 -62.61 -46.41 -19.35
CA VAL J 533 -63.33 -45.33 -18.67
C VAL J 533 -62.54 -44.05 -18.84
N ASP J 534 -63.16 -43.05 -19.45
CA ASP J 534 -62.51 -41.76 -19.63
C ASP J 534 -62.23 -41.11 -18.28
N GLY J 535 -61.01 -40.59 -18.12
CA GLY J 535 -60.61 -39.91 -16.91
C GLY J 535 -60.91 -38.42 -16.89
N LEU J 536 -61.34 -37.83 -18.00
CA LEU J 536 -61.70 -36.43 -18.07
C LEU J 536 -63.17 -36.19 -17.75
N ASP J 537 -63.93 -37.23 -17.39
CA ASP J 537 -65.35 -37.11 -17.09
C ASP J 537 -65.52 -36.86 -15.60
N VAL J 538 -65.91 -35.63 -15.25
CA VAL J 538 -66.09 -35.25 -13.85
C VAL J 538 -67.52 -35.49 -13.36
N SER J 539 -68.48 -35.64 -14.27
CA SER J 539 -69.87 -35.82 -13.90
C SER J 539 -70.07 -37.15 -13.15
N LYS J 540 -71.30 -37.37 -12.69
CA LYS J 540 -71.57 -38.47 -11.77
C LYS J 540 -71.32 -39.83 -12.42
N GLU J 541 -71.79 -40.03 -13.65
CA GLU J 541 -71.56 -41.32 -14.30
C GLU J 541 -70.08 -41.57 -14.51
N GLY J 542 -69.33 -40.53 -14.89
CA GLY J 542 -67.89 -40.67 -14.95
C GLY J 542 -67.27 -41.01 -13.61
N THR J 543 -67.80 -40.43 -12.53
CA THR J 543 -67.28 -40.72 -11.19
C THR J 543 -67.50 -42.20 -10.84
N GLU J 544 -68.72 -42.70 -11.06
CA GLU J 544 -69.00 -44.09 -10.72
C GLU J 544 -68.20 -45.05 -11.60
N ALA J 545 -68.04 -44.72 -12.89
CA ALA J 545 -67.24 -45.56 -13.77
C ALA J 545 -65.79 -45.57 -13.33
N TRP J 546 -65.26 -44.40 -12.95
CA TRP J 546 -63.86 -44.33 -12.50
C TRP J 546 -63.67 -45.12 -11.22
N GLU J 547 -64.65 -45.04 -10.30
CA GLU J 547 -64.54 -45.83 -9.06
C GLU J 547 -64.57 -47.33 -9.36
N ALA J 548 -65.44 -47.75 -10.27
CA ALA J 548 -65.47 -49.16 -10.66
C ALA J 548 -64.15 -49.60 -11.28
N ALA J 549 -63.60 -48.75 -12.16
CA ALA J 549 -62.30 -49.05 -12.78
C ALA J 549 -61.21 -49.14 -11.74
N MET J 550 -61.24 -48.24 -10.75
CA MET J 550 -60.27 -48.29 -9.66
C MET J 550 -60.41 -49.58 -8.87
N LYS J 551 -61.66 -50.03 -8.64
CA LYS J 551 -61.87 -51.28 -7.91
C LYS J 551 -61.27 -52.47 -8.65
N ARG J 552 -61.58 -52.60 -9.94
CA ARG J 552 -61.06 -53.75 -10.68
C ARG J 552 -59.54 -53.66 -10.84
N TYR J 553 -59.00 -52.46 -11.00
CA TYR J 553 -57.55 -52.28 -11.01
C TYR J 553 -56.95 -52.70 -9.68
N ASP J 554 -57.61 -52.35 -8.57
CA ASP J 554 -57.09 -52.69 -7.25
C ASP J 554 -57.06 -54.20 -7.05
N GLU J 555 -58.11 -54.91 -7.45
CA GLU J 555 -58.10 -56.36 -7.21
C GLU J 555 -57.14 -57.08 -8.15
N ARG J 556 -57.07 -56.64 -9.42
CA ARG J 556 -56.08 -57.24 -10.31
C ARG J 556 -54.65 -56.96 -9.87
N ILE J 557 -54.40 -55.80 -9.26
CA ILE J 557 -53.09 -55.54 -8.66
C ILE J 557 -52.91 -56.35 -7.39
N ASP J 558 -53.97 -56.61 -6.63
CA ASP J 558 -53.87 -57.37 -5.39
C ASP J 558 -53.47 -58.81 -5.66
N ARG J 559 -53.91 -59.37 -6.79
CA ARG J 559 -53.45 -60.71 -7.15
C ARG J 559 -51.92 -60.78 -7.23
N VAL J 560 -51.32 -59.97 -8.11
CA VAL J 560 -49.87 -59.94 -8.21
C VAL J 560 -49.23 -59.46 -6.93
N GLU J 561 -49.92 -58.67 -6.12
CA GLU J 561 -49.39 -58.24 -4.84
C GLU J 561 -49.23 -59.44 -3.90
N THR J 562 -50.21 -60.35 -3.90
CA THR J 562 -50.07 -61.59 -3.15
C THR J 562 -48.93 -62.43 -3.71
N ARG J 563 -48.78 -62.45 -5.03
CA ARG J 563 -47.65 -63.17 -5.64
C ARG J 563 -46.31 -62.64 -5.11
N ILE J 564 -46.14 -61.31 -5.14
CA ILE J 564 -44.91 -60.72 -4.65
C ILE J 564 -44.78 -60.82 -3.13
N THR J 565 -45.90 -60.97 -2.41
CA THR J 565 -45.79 -61.25 -0.97
C THR J 565 -45.21 -62.64 -0.74
N ALA J 566 -45.65 -63.62 -1.53
CA ALA J 566 -45.02 -64.94 -1.46
C ALA J 566 -43.55 -64.85 -1.84
N ARG J 567 -43.21 -64.02 -2.84
CA ARG J 567 -41.82 -63.83 -3.21
C ARG J 567 -41.02 -63.21 -2.06
N LEU J 568 -41.61 -62.23 -1.37
CA LEU J 568 -40.98 -61.64 -0.19
C LEU J 568 -40.68 -62.71 0.86
N ARG J 569 -41.67 -63.57 1.12
CA ARG J 569 -41.47 -64.65 2.08
C ARG J 569 -40.31 -65.54 1.67
N ASP J 570 -40.26 -65.92 0.39
CA ASP J 570 -39.20 -66.80 -0.08
C ASP J 570 -37.83 -66.12 0.03
N GLN J 571 -37.72 -64.88 -0.43
CA GLN J 571 -36.41 -64.24 -0.48
C GLN J 571 -35.91 -63.86 0.91
N LEU J 572 -36.81 -63.62 1.86
CA LEU J 572 -36.38 -63.48 3.24
C LEU J 572 -36.05 -64.83 3.89
N GLY J 573 -36.69 -65.91 3.44
CA GLY J 573 -36.28 -67.22 3.91
C GLY J 573 -34.87 -67.58 3.48
N THR J 574 -34.50 -67.24 2.24
CA THR J 574 -33.16 -67.55 1.75
C THR J 574 -32.10 -66.73 2.49
N ALA J 575 -32.31 -65.42 2.58
CA ALA J 575 -31.32 -64.53 3.17
C ALA J 575 -31.47 -64.45 4.69
N LYS J 576 -30.34 -64.29 5.37
CA LYS J 576 -30.32 -64.17 6.83
C LYS J 576 -29.46 -63.01 7.30
N ASN J 577 -28.45 -62.63 6.52
CA ASN J 577 -27.57 -61.54 6.93
C ASN J 577 -28.32 -60.21 6.97
N ALA J 578 -27.88 -59.33 7.87
CA ALA J 578 -28.46 -58.00 7.95
C ALA J 578 -28.31 -57.27 6.62
N ASN J 579 -27.10 -57.26 6.06
CA ASN J 579 -26.86 -56.57 4.80
C ASN J 579 -27.68 -57.20 3.68
N GLU J 580 -27.72 -58.52 3.61
CA GLU J 580 -28.49 -59.19 2.57
C GLU J 580 -29.97 -58.88 2.70
N MET J 581 -30.50 -58.91 3.92
CA MET J 581 -31.92 -58.66 4.13
C MET J 581 -32.30 -57.23 3.77
N PHE J 582 -31.48 -56.24 4.16
CA PHE J 582 -31.72 -54.88 3.73
C PHE J 582 -31.61 -54.75 2.22
N ARG J 583 -30.66 -55.47 1.61
CA ARG J 583 -30.50 -55.40 0.16
C ARG J 583 -31.76 -55.88 -0.55
N ILE J 584 -32.33 -56.99 -0.10
CA ILE J 584 -33.51 -57.52 -0.78
C ILE J 584 -34.76 -56.75 -0.43
N PHE J 585 -34.80 -56.05 0.71
CA PHE J 585 -35.89 -55.08 0.92
C PHE J 585 -35.74 -53.88 0.00
N SER J 586 -34.51 -53.45 -0.26
CA SER J 586 -34.29 -52.39 -1.24
C SER J 586 -34.60 -52.83 -2.67
N ARG J 587 -34.74 -54.14 -2.90
CA ARG J 587 -35.09 -54.61 -4.24
C ARG J 587 -36.46 -54.11 -4.67
N PHE J 588 -37.44 -54.13 -3.75
CA PHE J 588 -38.80 -53.68 -4.04
C PHE J 588 -38.93 -52.26 -3.50
N ASN J 589 -38.50 -51.29 -4.29
CA ASN J 589 -38.61 -49.89 -3.88
C ASN J 589 -40.03 -49.38 -3.93
N ALA J 590 -40.84 -49.86 -4.88
CA ALA J 590 -42.20 -49.35 -5.06
C ALA J 590 -43.22 -50.00 -4.13
N LEU J 591 -42.85 -51.05 -3.39
CA LEU J 591 -43.79 -51.76 -2.55
C LEU J 591 -44.02 -51.08 -1.20
N PHE J 592 -43.29 -50.01 -0.89
CA PHE J 592 -43.49 -49.30 0.37
C PHE J 592 -44.77 -48.46 0.36
N VAL J 593 -45.24 -48.05 -0.81
CA VAL J 593 -46.42 -47.19 -0.88
C VAL J 593 -47.67 -47.94 -0.45
N ARG J 594 -47.79 -49.21 -0.85
CA ARG J 594 -49.02 -49.96 -0.60
C ARG J 594 -49.13 -50.30 0.87
N PRO J 595 -50.31 -50.09 1.52
CA PRO J 595 -50.42 -50.43 2.95
C PRO J 595 -50.80 -51.88 3.20
N HIS J 596 -50.14 -52.81 2.51
CA HIS J 596 -50.37 -54.24 2.67
C HIS J 596 -49.06 -54.98 2.91
N ILE J 597 -47.99 -54.53 2.24
CA ILE J 597 -46.69 -55.13 2.45
C ILE J 597 -46.10 -54.69 3.78
N ARG J 598 -46.58 -53.57 4.34
CA ARG J 598 -46.06 -53.10 5.61
C ARG J 598 -46.36 -54.08 6.74
N GLY J 599 -47.47 -54.82 6.64
CA GLY J 599 -47.72 -55.88 7.59
C GLY J 599 -46.67 -56.98 7.50
N ALA J 600 -46.30 -57.37 6.28
CA ALA J 600 -45.23 -58.35 6.10
C ALA J 600 -43.91 -57.84 6.64
N ILE J 601 -43.61 -56.54 6.45
CA ILE J 601 -42.39 -55.98 7.00
C ILE J 601 -42.44 -56.00 8.52
N ARG J 602 -43.58 -55.64 9.11
CA ARG J 602 -43.74 -55.67 10.56
C ARG J 602 -43.64 -57.08 11.12
N GLU J 603 -43.96 -58.10 10.31
CA GLU J 603 -43.83 -59.48 10.77
C GLU J 603 -42.38 -59.79 11.15
N TYR J 604 -41.44 -59.38 10.29
CA TYR J 604 -40.01 -59.66 10.48
C TYR J 604 -39.25 -58.42 10.93
N GLN J 605 -39.94 -57.39 11.42
CA GLN J 605 -39.24 -56.19 11.87
C GLN J 605 -38.45 -56.44 13.15
N THR J 606 -38.92 -57.33 14.02
CA THR J 606 -38.16 -57.63 15.23
C THR J 606 -36.85 -58.32 14.90
N GLN J 607 -36.87 -59.28 13.97
CA GLN J 607 -35.63 -59.91 13.55
C GLN J 607 -34.73 -58.93 12.79
N LEU J 608 -35.34 -58.01 12.04
CA LEU J 608 -34.56 -56.97 11.35
C LEU J 608 -33.84 -56.08 12.36
N ILE J 609 -34.54 -55.67 13.42
CA ILE J 609 -33.89 -54.85 14.44
C ILE J 609 -32.83 -55.65 15.17
N GLN J 610 -33.05 -56.94 15.40
CA GLN J 610 -32.03 -57.78 16.01
C GLN J 610 -30.78 -57.83 15.13
N ARG J 611 -30.95 -57.99 13.82
CA ARG J 611 -29.80 -58.02 12.92
C ARG J 611 -29.11 -56.66 12.82
N VAL J 612 -29.86 -55.57 12.83
CA VAL J 612 -29.23 -54.26 12.84
C VAL J 612 -28.46 -54.05 14.13
N LYS J 613 -28.99 -54.55 15.25
CA LYS J 613 -28.25 -54.52 16.50
C LYS J 613 -26.98 -55.34 16.42
N ASP J 614 -27.03 -56.48 15.71
CA ASP J 614 -25.82 -57.27 15.51
C ASP J 614 -24.79 -56.51 14.71
N ASP J 615 -25.22 -55.79 13.67
CA ASP J 615 -24.29 -55.00 12.87
C ASP J 615 -23.69 -53.86 13.70
N ILE J 616 -24.51 -53.18 14.49
CA ILE J 616 -24.00 -52.11 15.36
C ILE J 616 -23.08 -52.69 16.42
N GLU J 617 -23.35 -53.91 16.89
CA GLU J 617 -22.47 -54.56 17.85
C GLU J 617 -21.12 -54.87 17.21
N SER J 618 -21.12 -55.32 15.96
CA SER J 618 -19.86 -55.55 15.26
C SER J 618 -19.07 -54.25 15.09
N LEU J 619 -19.76 -53.17 14.74
CA LEU J 619 -19.09 -51.87 14.64
C LEU J 619 -18.54 -51.43 15.98
N HIS J 620 -19.32 -51.61 17.05
CA HIS J 620 -18.86 -51.25 18.39
C HIS J 620 -17.66 -52.09 18.81
N ASP J 621 -17.62 -53.36 18.41
CA ASP J 621 -16.47 -54.22 18.69
C ASP J 621 -15.24 -53.75 17.92
N LYS J 622 -15.43 -53.31 16.68
CA LYS J 622 -14.31 -52.74 15.92
C LYS J 622 -13.78 -51.50 16.60
N PHE J 623 -14.68 -50.64 17.09
CA PHE J 623 -14.24 -49.46 17.82
C PHE J 623 -13.64 -49.81 19.18
N LYS J 624 -14.01 -50.95 19.76
CA LYS J 624 -13.56 -51.30 21.10
C LYS J 624 -12.05 -51.44 21.15
N VAL J 625 -11.47 -52.09 20.14
CA VAL J 625 -10.01 -52.14 20.02
C VAL J 625 -9.49 -50.73 19.77
N GLN J 626 -8.46 -50.35 20.50
CA GLN J 626 -7.90 -49.01 20.35
C GLN J 626 -7.33 -48.82 18.94
N TYR J 627 -7.51 -47.62 18.41
CA TYR J 627 -7.10 -47.35 17.03
C TYR J 627 -5.61 -47.57 16.79
N PRO J 628 -4.68 -47.16 17.67
CA PRO J 628 -3.27 -47.53 17.45
C PRO J 628 -3.04 -49.04 17.38
N GLN J 629 -3.76 -49.82 18.18
CA GLN J 629 -3.60 -51.27 18.14
C GLN J 629 -4.26 -51.89 16.91
N SER J 630 -5.21 -51.21 16.30
CA SER J 630 -5.88 -51.75 15.13
C SER J 630 -4.95 -51.69 13.91
N GLN J 631 -5.31 -52.45 12.88
CA GLN J 631 -4.56 -52.42 11.64
C GLN J 631 -4.71 -51.10 10.89
N ALA J 632 -5.78 -50.35 11.17
CA ALA J 632 -6.03 -49.11 10.45
C ALA J 632 -4.91 -48.10 10.67
N CYS J 633 -4.44 -47.97 11.90
CA CYS J 633 -3.32 -47.05 12.17
C CYS J 633 -2.06 -47.50 11.46
N LYS J 634 -1.79 -48.81 11.44
CA LYS J 634 -0.61 -49.33 10.75
C LYS J 634 -0.65 -48.99 9.26
N MET J 635 -1.77 -49.29 8.60
CA MET J 635 -1.84 -49.04 7.16
C MET J 635 -2.03 -47.56 6.85
N SER J 636 -2.42 -46.74 7.83
CA SER J 636 -2.38 -45.30 7.63
C SER J 636 -0.94 -44.80 7.65
N HIS J 637 -0.15 -45.29 8.61
CA HIS J 637 1.28 -44.92 8.62
C HIS J 637 1.99 -45.45 7.39
N VAL J 638 1.56 -46.58 6.84
CA VAL J 638 2.16 -47.10 5.62
C VAL J 638 1.94 -46.13 4.46
N ARG J 639 0.71 -45.60 4.34
CA ARG J 639 0.35 -44.69 3.26
C ARG J 639 0.55 -43.22 3.63
N ASP J 640 1.45 -42.94 4.57
CA ASP J 640 1.83 -41.57 4.91
C ASP J 640 0.67 -40.76 5.47
N LEU J 641 -0.34 -41.43 6.04
CA LEU J 641 -1.36 -40.74 6.80
C LEU J 641 -0.89 -40.61 8.24
N PRO J 642 -0.74 -39.40 8.80
CA PRO J 642 -0.21 -39.30 10.16
C PRO J 642 -1.18 -39.87 11.16
N PRO J 643 -0.74 -40.14 12.39
CA PRO J 643 -1.58 -40.91 13.32
C PRO J 643 -2.88 -40.23 13.71
N VAL J 644 -2.83 -38.95 14.10
CA VAL J 644 -4.05 -38.28 14.57
C VAL J 644 -5.04 -38.12 13.42
N SER J 645 -4.57 -37.74 12.24
CA SER J 645 -5.46 -37.62 11.08
C SER J 645 -6.05 -38.98 10.71
N GLY J 646 -5.25 -40.04 10.78
CA GLY J 646 -5.78 -41.37 10.53
C GLY J 646 -6.84 -41.77 11.52
N SER J 647 -6.64 -41.44 12.80
CA SER J 647 -7.67 -41.70 13.81
C SER J 647 -8.94 -40.93 13.50
N ILE J 648 -8.81 -39.66 13.11
CA ILE J 648 -9.97 -38.86 12.75
C ILE J 648 -10.71 -39.49 11.57
N ILE J 649 -9.96 -39.94 10.55
CA ILE J 649 -10.59 -40.52 9.37
C ILE J 649 -11.31 -41.82 9.74
N TRP J 650 -10.67 -42.66 10.56
CA TRP J 650 -11.30 -43.91 10.97
C TRP J 650 -12.57 -43.64 11.78
N ALA J 651 -12.52 -42.70 12.71
CA ALA J 651 -13.71 -42.36 13.48
C ALA J 651 -14.82 -41.82 12.59
N LYS J 652 -14.47 -40.96 11.63
CA LYS J 652 -15.48 -40.39 10.74
C LYS J 652 -16.10 -41.46 9.86
N GLN J 653 -15.31 -42.41 9.36
CA GLN J 653 -15.87 -43.46 8.51
C GLN J 653 -16.72 -44.44 9.32
N ILE J 654 -16.33 -44.74 10.57
CA ILE J 654 -17.17 -45.58 11.41
C ILE J 654 -18.49 -44.87 11.70
N ASP J 655 -18.43 -43.56 11.96
CA ASP J 655 -19.65 -42.79 12.16
C ASP J 655 -20.51 -42.79 10.89
N ARG J 656 -19.87 -42.71 9.72
CA ARG J 656 -20.62 -42.73 8.47
C ARG J 656 -21.32 -44.07 8.27
N GLN J 657 -20.64 -45.17 8.60
CA GLN J 657 -21.28 -46.48 8.49
C GLN J 657 -22.43 -46.60 9.48
N LEU J 658 -22.25 -46.09 10.70
CA LEU J 658 -23.34 -46.07 11.67
C LEU J 658 -24.54 -45.28 11.14
N THR J 659 -24.28 -44.12 10.55
CA THR J 659 -25.35 -43.32 9.98
C THR J 659 -26.01 -44.02 8.81
N ALA J 660 -25.23 -44.81 8.05
CA ALA J 660 -25.80 -45.61 6.98
C ALA J 660 -26.75 -46.65 7.53
N TYR J 661 -26.38 -47.29 8.65
CA TYR J 661 -27.29 -48.24 9.28
C TYR J 661 -28.55 -47.56 9.81
N MET J 662 -28.41 -46.36 10.38
CA MET J 662 -29.59 -45.63 10.81
C MET J 662 -30.49 -45.24 9.64
N LYS J 663 -29.89 -44.85 8.51
CA LYS J 663 -30.67 -44.58 7.30
C LYS J 663 -31.36 -45.84 6.82
N ARG J 664 -30.70 -46.98 6.93
CA ARG J 664 -31.33 -48.26 6.57
C ARG J 664 -32.54 -48.53 7.45
N VAL J 665 -32.41 -48.28 8.76
CA VAL J 665 -33.54 -48.43 9.67
C VAL J 665 -34.68 -47.50 9.27
N GLU J 666 -34.34 -46.25 8.93
CA GLU J 666 -35.36 -45.30 8.50
C GLU J 666 -36.07 -45.78 7.25
N ASP J 667 -35.32 -46.30 6.28
CA ASP J 667 -35.92 -46.74 5.02
C ASP J 667 -36.81 -47.96 5.22
N VAL J 668 -36.34 -48.95 5.98
CA VAL J 668 -37.13 -50.17 6.14
C VAL J 668 -38.36 -49.92 7.02
N LEU J 669 -38.22 -49.19 8.13
CA LEU J 669 -39.33 -48.91 9.03
C LEU J 669 -40.05 -47.61 8.72
N GLY J 670 -39.61 -46.85 7.73
CA GLY J 670 -40.22 -45.58 7.45
C GLY J 670 -39.94 -44.56 8.54
N LYS J 671 -40.56 -43.40 8.39
CA LYS J 671 -40.39 -42.32 9.36
C LYS J 671 -41.02 -42.72 10.70
N GLY J 672 -40.43 -42.23 11.79
CA GLY J 672 -41.00 -42.46 13.10
C GLY J 672 -40.69 -43.80 13.72
N TRP J 673 -39.58 -44.42 13.33
CA TRP J 673 -39.17 -45.70 13.93
C TRP J 673 -38.78 -45.57 15.39
N GLU J 674 -38.46 -44.37 15.86
CA GLU J 674 -37.99 -44.20 17.24
C GLU J 674 -39.06 -44.58 18.26
N ASN J 675 -40.34 -44.32 17.95
CA ASN J 675 -41.40 -44.60 18.90
C ASN J 675 -41.53 -46.07 19.25
N HIS J 676 -41.08 -46.97 18.36
CA HIS J 676 -41.05 -48.39 18.68
C HIS J 676 -40.13 -48.63 19.88
N VAL J 677 -40.54 -49.55 20.75
CA VAL J 677 -39.72 -49.88 21.91
C VAL J 677 -38.39 -50.49 21.46
N GLU J 678 -38.45 -51.43 20.51
CA GLU J 678 -37.23 -51.93 19.89
C GLU J 678 -36.47 -50.79 19.23
N GLY J 679 -37.19 -49.93 18.50
CA GLY J 679 -36.58 -48.74 17.95
C GLY J 679 -36.02 -47.82 19.01
N GLN J 680 -36.69 -47.75 20.17
CA GLN J 680 -36.20 -46.88 21.24
C GLN J 680 -34.85 -47.38 21.77
N LYS J 681 -34.75 -48.66 22.10
CA LYS J 681 -33.48 -49.16 22.61
C LYS J 681 -32.40 -49.14 21.54
N LEU J 682 -32.74 -49.45 20.29
CA LEU J 682 -31.76 -49.35 19.21
C LEU J 682 -31.28 -47.92 19.04
N LYS J 683 -32.19 -46.94 19.12
CA LYS J 683 -31.79 -45.54 19.01
C LYS J 683 -30.87 -45.14 20.14
N GLN J 684 -31.17 -45.58 21.37
CA GLN J 684 -30.31 -45.23 22.50
C GLN J 684 -28.91 -45.81 22.31
N ASP J 685 -28.83 -47.08 21.93
CA ASP J 685 -27.52 -47.70 21.73
C ASP J 685 -26.77 -47.03 20.57
N GLY J 686 -27.47 -46.76 19.47
CA GLY J 686 -26.83 -46.12 18.34
C GLY J 686 -26.35 -44.72 18.64
N ASP J 687 -27.12 -43.97 19.43
CA ASP J 687 -26.71 -42.62 19.77
C ASP J 687 -25.53 -42.63 20.74
N SER J 688 -25.50 -43.60 21.66
CA SER J 688 -24.31 -43.77 22.49
C SER J 688 -23.08 -44.04 21.63
N PHE J 689 -23.21 -44.95 20.67
CA PHE J 689 -22.10 -45.23 19.76
C PHE J 689 -21.75 -44.01 18.91
N ARG J 690 -22.74 -43.17 18.62
CA ARG J 690 -22.51 -42.03 17.73
C ARG J 690 -21.77 -40.92 18.44
N MET J 691 -22.27 -40.47 19.59
CA MET J 691 -21.56 -39.42 20.32
C MET J 691 -20.32 -39.98 21.02
N LYS J 692 -20.13 -41.31 21.03
CA LYS J 692 -18.81 -41.84 21.32
C LYS J 692 -17.83 -41.57 20.18
N LEU J 693 -18.33 -41.44 18.95
CA LEU J 693 -17.50 -41.25 17.77
C LEU J 693 -17.24 -39.79 17.44
N ASN J 694 -17.61 -38.87 18.33
CA ASN J 694 -17.32 -37.46 18.09
C ASN J 694 -15.81 -37.24 17.98
N THR J 695 -15.41 -36.49 16.95
CA THR J 695 -14.01 -36.32 16.61
C THR J 695 -13.47 -34.93 16.91
N GLN J 696 -14.33 -33.98 17.32
CA GLN J 696 -13.86 -32.61 17.54
C GLN J 696 -12.93 -32.51 18.74
N GLU J 697 -13.15 -33.34 19.77
CA GLU J 697 -12.26 -33.30 20.93
C GLU J 697 -10.85 -33.73 20.57
N ILE J 698 -10.70 -34.71 19.68
CA ILE J 698 -9.36 -35.14 19.27
C ILE J 698 -8.66 -34.01 18.51
N PHE J 699 -9.39 -33.32 17.64
CA PHE J 699 -8.82 -32.19 16.92
C PHE J 699 -8.43 -31.06 17.87
N ASP J 700 -9.26 -30.79 18.87
CA ASP J 700 -8.92 -29.76 19.85
C ASP J 700 -7.68 -30.14 20.64
N ASP J 701 -7.57 -31.42 21.03
CA ASP J 701 -6.37 -31.86 21.75
C ASP J 701 -5.13 -31.78 20.87
N TRP J 702 -5.27 -32.12 19.58
CA TRP J 702 -4.15 -31.97 18.65
C TRP J 702 -3.72 -30.51 18.54
N ALA J 703 -4.68 -29.60 18.41
CA ALA J 703 -4.34 -28.18 18.32
C ALA J 703 -3.68 -27.69 19.59
N ARG J 704 -4.18 -28.12 20.75
CA ARG J 704 -3.56 -27.74 22.01
C ARG J 704 -2.13 -28.27 22.10
N LYS J 705 -1.90 -29.52 21.69
CA LYS J 705 -0.55 -30.08 21.74
C LYS J 705 0.38 -29.33 20.80
N VAL J 706 -0.09 -29.00 19.60
CA VAL J 706 0.76 -28.28 18.64
C VAL J 706 1.09 -26.90 19.16
N GLN J 707 0.09 -26.19 19.71
CA GLN J 707 0.35 -24.87 20.26
C GLN J 707 1.28 -24.91 21.46
N GLN J 708 1.16 -25.95 22.29
CA GLN J 708 2.09 -26.12 23.40
C GLN J 708 3.51 -26.35 22.89
N ARG J 709 3.66 -27.19 21.86
CA ARG J 709 4.98 -27.44 21.30
C ARG J 709 5.56 -26.18 20.67
N ASN J 710 4.75 -25.48 19.88
CA ASN J 710 5.16 -24.20 19.27
C ASN J 710 6.39 -24.38 18.38
N LEU J 711 6.34 -25.40 17.54
CA LEU J 711 7.50 -25.78 16.75
C LEU J 711 7.85 -24.72 15.71
N GLY J 712 9.13 -24.65 15.36
CA GLY J 712 9.62 -23.73 14.36
C GLY J 712 10.97 -24.18 13.87
N VAL J 713 11.51 -23.42 12.91
CA VAL J 713 12.80 -23.69 12.29
C VAL J 713 13.62 -22.41 12.30
N SER J 714 14.87 -22.51 12.75
CA SER J 714 15.76 -21.36 12.84
C SER J 714 17.14 -21.84 13.24
N GLY J 715 18.09 -20.90 13.25
CA GLY J 715 19.42 -21.20 13.74
C GLY J 715 20.23 -22.04 12.77
N ARG J 716 21.28 -22.65 13.30
CA ARG J 716 22.19 -23.45 12.49
C ARG J 716 21.50 -24.73 12.03
N ILE J 717 21.92 -25.21 10.86
CA ILE J 717 21.27 -26.36 10.23
C ILE J 717 21.70 -27.68 10.86
N PHE J 718 22.87 -27.75 11.48
CA PHE J 718 23.42 -28.97 12.04
C PHE J 718 23.47 -28.86 13.57
N THR J 719 23.28 -30.00 14.24
CA THR J 719 23.35 -30.08 15.69
C THR J 719 24.12 -31.34 16.06
N ILE J 720 24.79 -31.29 17.22
CA ILE J 720 25.58 -32.39 17.73
C ILE J 720 24.87 -32.92 18.98
N GLU J 721 24.49 -34.20 18.95
CA GLU J 721 23.65 -34.79 19.98
C GLU J 721 24.30 -36.04 20.55
N SER J 722 23.97 -36.35 21.80
CA SER J 722 24.49 -37.51 22.51
C SER J 722 23.52 -38.68 22.41
N THR J 723 24.07 -39.88 22.26
CA THR J 723 23.28 -41.09 22.18
C THR J 723 24.05 -42.22 22.85
N ARG J 724 23.47 -42.80 23.89
CA ARG J 724 24.09 -43.92 24.61
C ARG J 724 23.80 -45.21 23.87
N VAL J 725 24.86 -45.98 23.60
CA VAL J 725 24.78 -47.22 22.84
C VAL J 725 25.35 -48.33 23.70
N ARG J 726 24.63 -49.46 23.75
CA ARG J 726 25.06 -50.58 24.57
C ARG J 726 26.38 -51.15 24.04
N GLY J 727 27.26 -51.51 24.98
CA GLY J 727 28.55 -52.09 24.67
C GLY J 727 29.71 -51.11 24.67
N ARG J 728 29.42 -49.81 24.57
CA ARG J 728 30.44 -48.77 24.59
C ARG J 728 30.23 -47.89 25.81
N THR J 729 31.29 -47.70 26.59
CA THR J 729 31.21 -46.87 27.78
C THR J 729 31.02 -45.40 27.46
N GLY J 730 31.54 -44.93 26.34
CA GLY J 730 31.41 -43.53 25.97
C GLY J 730 30.10 -43.23 25.27
N ASN J 731 29.62 -42.00 25.46
CA ASN J 731 28.39 -41.54 24.83
C ASN J 731 28.70 -41.15 23.40
N VAL J 732 27.93 -41.67 22.45
CA VAL J 732 28.23 -41.49 21.04
C VAL J 732 27.69 -40.13 20.58
N LEU J 733 28.57 -39.29 20.08
CA LEU J 733 28.18 -38.03 19.47
C LEU J 733 27.75 -38.26 18.02
N LYS J 734 26.65 -37.64 17.62
CA LYS J 734 26.11 -37.80 16.28
C LYS J 734 25.68 -36.45 15.73
N LEU J 735 25.80 -36.32 14.41
CA LEU J 735 25.43 -35.11 13.69
C LEU J 735 24.01 -35.26 13.16
N LYS J 736 23.07 -34.51 13.73
CA LYS J 736 21.69 -34.49 13.27
C LYS J 736 21.41 -33.18 12.55
N VAL J 737 20.41 -33.20 11.68
CA VAL J 737 19.97 -31.99 11.00
C VAL J 737 19.02 -31.25 11.94
N ASN J 738 19.00 -29.92 11.83
CA ASN J 738 18.14 -29.08 12.66
C ASN J 738 16.74 -28.99 12.06
N PHE J 739 16.12 -30.16 11.91
CA PHE J 739 14.77 -30.27 11.35
C PHE J 739 14.17 -31.55 11.93
N LEU J 740 13.36 -31.40 12.97
CA LEU J 740 12.83 -32.56 13.65
C LEU J 740 11.70 -33.18 12.82
N PRO J 741 11.53 -34.51 12.82
CA PRO J 741 10.43 -35.10 12.05
C PRO J 741 9.05 -34.69 12.54
N GLU J 742 8.93 -34.27 13.80
CA GLU J 742 7.63 -33.83 14.31
C GLU J 742 7.11 -32.63 13.54
N ILE J 743 8.00 -31.79 13.01
CA ILE J 743 7.55 -30.68 12.17
C ILE J 743 6.94 -31.21 10.87
N ILE J 744 7.56 -32.25 10.29
CA ILE J 744 7.00 -32.86 9.08
C ILE J 744 5.63 -33.45 9.38
N THR J 745 5.50 -34.14 10.51
CA THR J 745 4.19 -34.68 10.88
C THR J 745 3.17 -33.56 11.12
N LEU J 746 3.60 -32.45 11.70
CA LEU J 746 2.71 -31.31 11.89
C LEU J 746 2.20 -30.79 10.56
N SER J 747 3.10 -30.64 9.58
CA SER J 747 2.69 -30.18 8.26
C SER J 747 1.74 -31.18 7.61
N LYS J 748 2.03 -32.47 7.73
CA LYS J 748 1.17 -33.50 7.16
C LYS J 748 -0.22 -33.44 7.78
N GLU J 749 -0.30 -33.28 9.10
CA GLU J 749 -1.59 -33.20 9.77
C GLU J 749 -2.35 -31.94 9.36
N VAL J 750 -1.64 -30.82 9.22
CA VAL J 750 -2.29 -29.57 8.84
C VAL J 750 -2.88 -29.69 7.44
N ARG J 751 -2.10 -30.22 6.49
CA ARG J 751 -2.59 -30.33 5.12
C ARG J 751 -3.62 -31.44 4.95
N ASN J 752 -3.62 -32.46 5.82
CA ASN J 752 -4.61 -33.52 5.72
C ASN J 752 -5.93 -33.15 6.38
N LEU J 753 -5.88 -32.35 7.44
CA LEU J 753 -7.09 -32.00 8.18
C LEU J 753 -7.90 -30.88 7.54
N LYS J 754 -7.32 -30.14 6.59
CA LYS J 754 -7.98 -28.94 6.09
C LYS J 754 -9.27 -29.28 5.34
N TRP J 755 -9.25 -30.35 4.54
CA TRP J 755 -10.38 -30.66 3.67
C TRP J 755 -11.53 -31.37 4.37
N LEU J 756 -11.35 -31.77 5.64
CA LEU J 756 -12.44 -32.37 6.41
C LEU J 756 -13.31 -31.32 7.11
N GLY J 757 -13.17 -30.05 6.76
CA GLY J 757 -13.89 -28.99 7.46
C GLY J 757 -13.33 -28.62 8.81
N PHE J 758 -12.15 -29.14 9.15
CA PHE J 758 -11.54 -28.90 10.46
C PHE J 758 -10.75 -27.61 10.37
N ARG J 759 -11.30 -26.52 10.90
CA ARG J 759 -10.69 -25.20 10.80
C ARG J 759 -9.48 -25.16 11.72
N VAL J 760 -8.29 -25.26 11.13
CA VAL J 760 -7.05 -25.18 11.91
C VAL J 760 -6.76 -23.73 12.25
N PRO J 761 -6.14 -23.42 13.39
CA PRO J 761 -5.75 -22.02 13.64
C PRO J 761 -4.75 -21.52 12.59
N LEU J 762 -4.84 -20.23 12.29
CA LEU J 762 -4.04 -19.67 11.21
C LEU J 762 -2.55 -19.68 11.53
N ALA J 763 -2.18 -19.52 12.80
CA ALA J 763 -0.76 -19.54 13.15
C ALA J 763 -0.13 -20.90 12.87
N ILE J 764 -0.87 -21.98 13.14
CA ILE J 764 -0.33 -23.32 12.87
C ILE J 764 -0.16 -23.53 11.37
N VAL J 765 -1.12 -23.05 10.57
CA VAL J 765 -0.99 -23.15 9.12
C VAL J 765 0.19 -22.35 8.63
N ASN J 766 0.41 -21.16 9.20
CA ASN J 766 1.55 -20.35 8.80
C ASN J 766 2.86 -21.05 9.14
N LYS J 767 2.96 -21.64 10.32
CA LYS J 767 4.17 -22.37 10.68
C LYS J 767 4.38 -23.60 9.81
N ALA J 768 3.29 -24.29 9.44
CA ALA J 768 3.41 -25.39 8.51
C ALA J 768 3.93 -24.93 7.16
N HIS J 769 3.46 -23.78 6.68
CA HIS J 769 3.96 -23.22 5.43
C HIS J 769 5.43 -22.85 5.54
N GLN J 770 5.84 -22.27 6.68
CA GLN J 770 7.25 -21.94 6.87
C GLN J 770 8.11 -23.19 6.85
N ALA J 771 7.65 -24.27 7.49
CA ALA J 771 8.40 -25.52 7.45
C ALA J 771 8.46 -26.09 6.04
N ASN J 772 7.33 -26.05 5.32
CA ASN J 772 7.29 -26.59 3.97
C ASN J 772 8.16 -25.79 3.00
N GLN J 773 8.41 -24.51 3.29
CA GLN J 773 9.32 -23.74 2.46
C GLN J 773 10.71 -24.36 2.43
N LEU J 774 11.23 -24.73 3.60
CA LEU J 774 12.57 -25.28 3.72
C LEU J 774 12.61 -26.80 3.67
N TYR J 775 11.46 -27.46 3.61
CA TYR J 775 11.43 -28.93 3.54
C TYR J 775 12.26 -29.51 2.39
N PRO J 776 12.27 -28.95 1.16
CA PRO J 776 13.11 -29.55 0.12
C PRO J 776 14.59 -29.61 0.45
N PHE J 777 15.14 -28.60 1.13
CA PHE J 777 16.52 -28.68 1.58
C PHE J 777 16.66 -29.59 2.79
N ALA J 778 15.67 -29.59 3.69
CA ALA J 778 15.76 -30.38 4.91
C ALA J 778 15.80 -31.88 4.60
N ILE J 779 14.97 -32.35 3.67
CA ILE J 779 14.95 -33.77 3.34
C ILE J 779 16.28 -34.19 2.72
N SER J 780 16.84 -33.35 1.85
CA SER J 780 18.13 -33.67 1.24
C SER J 780 19.23 -33.70 2.30
N LEU J 781 19.21 -32.76 3.24
CA LEU J 781 20.19 -32.77 4.31
C LEU J 781 20.06 -34.04 5.16
N ILE J 782 18.82 -34.43 5.48
CA ILE J 782 18.59 -35.61 6.30
C ILE J 782 19.15 -36.85 5.60
N GLU J 783 18.82 -37.02 4.31
CA GLU J 783 19.27 -38.21 3.62
C GLU J 783 20.77 -38.20 3.38
N SER J 784 21.36 -37.02 3.13
CA SER J 784 22.81 -36.94 2.99
C SER J 784 23.51 -37.32 4.29
N VAL J 785 23.00 -36.85 5.43
CA VAL J 785 23.60 -37.18 6.71
C VAL J 785 23.46 -38.67 6.99
N ARG J 786 22.29 -39.25 6.70
CA ARG J 786 22.12 -40.68 6.92
C ARG J 786 23.05 -41.50 6.03
N THR J 787 23.22 -41.06 4.77
CA THR J 787 24.15 -41.74 3.88
C THR J 787 25.59 -41.63 4.38
N TYR J 788 25.96 -40.47 4.91
CA TYR J 788 27.30 -40.31 5.48
C TYR J 788 27.49 -41.24 6.66
N GLU J 789 26.48 -41.36 7.53
CA GLU J 789 26.57 -42.25 8.68
C GLU J 789 26.72 -43.70 8.24
N ARG J 790 25.94 -44.12 7.24
CA ARG J 790 26.06 -45.50 6.77
C ARG J 790 27.39 -45.73 6.07
N THR J 791 27.92 -44.72 5.38
CA THR J 791 29.26 -44.85 4.79
C THR J 791 30.30 -45.02 5.87
N CYS J 792 30.19 -44.26 6.96
CA CYS J 792 31.12 -44.41 8.08
C CYS J 792 31.01 -45.79 8.70
N GLU J 793 29.79 -46.30 8.85
CA GLU J 793 29.61 -47.64 9.39
C GLU J 793 30.23 -48.70 8.47
N LYS J 794 30.04 -48.55 7.16
CA LYS J 794 30.65 -49.48 6.22
C LYS J 794 32.18 -49.43 6.29
N VAL J 795 32.75 -48.23 6.44
CA VAL J 795 34.19 -48.12 6.60
C VAL J 795 34.64 -48.80 7.89
N GLU J 796 33.88 -48.60 8.97
CA GLU J 796 34.24 -49.21 10.24
C GLU J 796 34.11 -50.72 10.22
N GLU J 797 33.26 -51.27 9.36
CA GLU J 797 33.11 -52.73 9.30
C GLU J 797 34.42 -53.40 8.90
N ARG J 798 35.12 -52.84 7.91
CA ARG J 798 36.39 -53.38 7.43
C ARG J 798 37.50 -52.37 7.76
N ASN J 799 38.42 -52.77 8.64
CA ASN J 799 39.51 -51.90 9.06
C ASN J 799 40.68 -51.88 8.08
N THR J 800 40.67 -52.73 7.05
CA THR J 800 41.76 -52.82 6.09
C THR J 800 41.67 -51.78 4.99
N ILE J 801 40.63 -50.94 4.98
CA ILE J 801 40.40 -49.95 3.93
C ILE J 801 40.29 -48.53 4.48
N SER J 802 40.62 -48.33 5.76
CA SER J 802 40.49 -47.00 6.34
C SER J 802 41.42 -45.99 5.69
N LEU J 803 42.67 -46.38 5.43
CA LEU J 803 43.64 -45.47 4.83
C LEU J 803 43.31 -45.12 3.39
N LEU J 804 42.47 -45.90 2.72
CA LEU J 804 42.13 -45.65 1.33
C LEU J 804 40.99 -44.65 1.14
N VAL J 805 40.36 -44.18 2.23
CA VAL J 805 39.30 -43.19 2.16
C VAL J 805 39.65 -41.99 3.02
N ALA J 806 40.95 -41.70 3.15
CA ALA J 806 41.37 -40.56 3.95
C ALA J 806 40.93 -39.25 3.33
N GLY J 807 41.22 -39.06 2.03
CA GLY J 807 40.86 -37.81 1.39
C GLY J 807 39.36 -37.60 1.28
N LEU J 808 38.62 -38.66 0.92
CA LEU J 808 37.18 -38.53 0.78
C LEU J 808 36.53 -38.18 2.11
N LYS J 809 36.89 -38.90 3.17
CA LYS J 809 36.33 -38.59 4.49
C LYS J 809 36.75 -37.20 4.95
N LYS J 810 37.99 -36.81 4.67
CA LYS J 810 38.46 -35.48 5.07
C LYS J 810 37.66 -34.38 4.37
N GLU J 811 37.42 -34.52 3.07
CA GLU J 811 36.67 -33.48 2.37
C GLU J 811 35.20 -33.48 2.77
N VAL J 812 34.62 -34.65 3.03
CA VAL J 812 33.25 -34.70 3.52
C VAL J 812 33.14 -34.03 4.88
N GLN J 813 34.11 -34.29 5.77
CA GLN J 813 34.12 -33.62 7.06
C GLN J 813 34.31 -32.13 6.92
N ALA J 814 35.12 -31.70 5.95
CA ALA J 814 35.30 -30.27 5.71
C ALA J 814 33.98 -29.63 5.28
N LEU J 815 33.26 -30.29 4.37
CA LEU J 815 31.95 -29.77 3.96
C LEU J 815 30.97 -29.74 5.13
N ILE J 816 31.01 -30.77 5.99
CA ILE J 816 30.12 -30.80 7.15
C ILE J 816 30.44 -29.64 8.08
N ALA J 817 31.74 -29.38 8.32
CA ALA J 817 32.13 -28.25 9.14
C ALA J 817 31.69 -26.93 8.52
N GLU J 818 31.83 -26.80 7.20
CA GLU J 818 31.39 -25.58 6.52
C GLU J 818 29.89 -25.39 6.68
N GLY J 819 29.12 -26.48 6.63
CA GLY J 819 27.68 -26.39 6.83
C GLY J 819 27.25 -26.16 8.26
N ILE J 820 28.08 -26.56 9.23
CA ILE J 820 27.74 -26.32 10.63
C ILE J 820 27.66 -24.82 10.90
N ALA J 821 28.61 -24.05 10.37
CA ALA J 821 28.56 -22.60 10.50
C ALA J 821 27.39 -21.99 9.72
N LEU J 822 26.80 -22.71 8.78
CA LEU J 822 25.70 -22.19 7.98
C LEU J 822 24.39 -22.28 8.74
N VAL J 823 23.45 -21.40 8.37
CA VAL J 823 22.14 -21.33 8.98
C VAL J 823 21.08 -21.43 7.89
N TRP J 824 19.84 -21.70 8.31
CA TRP J 824 18.74 -21.77 7.35
C TRP J 824 18.51 -20.44 6.66
N GLU J 825 18.60 -19.33 7.39
CA GLU J 825 18.32 -18.01 6.84
C GLU J 825 19.34 -17.59 5.79
N SER J 826 20.53 -18.19 5.77
CA SER J 826 21.54 -17.82 4.79
C SER J 826 21.12 -18.26 3.39
N TYR J 827 21.64 -17.53 2.40
CA TYR J 827 21.35 -17.83 1.00
C TYR J 827 22.32 -18.83 0.39
N LYS J 828 23.28 -19.35 1.16
CA LYS J 828 24.20 -20.36 0.66
C LYS J 828 23.64 -21.77 0.77
N LEU J 829 22.47 -21.94 1.39
CA LEU J 829 21.93 -23.28 1.62
C LEU J 829 21.57 -23.98 0.32
N ASP J 830 21.04 -23.23 -0.65
CA ASP J 830 20.55 -23.87 -1.88
C ASP J 830 21.64 -24.59 -2.67
N PRO J 831 22.79 -23.99 -2.99
CA PRO J 831 23.82 -24.75 -3.71
C PRO J 831 24.52 -25.76 -2.82
N TYR J 832 24.90 -25.32 -1.61
CA TYR J 832 25.74 -26.12 -0.72
C TYR J 832 25.17 -27.51 -0.50
N VAL J 833 23.89 -27.60 -0.15
CA VAL J 833 23.25 -28.87 0.11
C VAL J 833 23.42 -29.80 -1.09
N GLN J 834 23.12 -29.29 -2.29
CA GLN J 834 23.30 -30.09 -3.50
C GLN J 834 24.74 -30.57 -3.60
N ARG J 835 25.70 -29.65 -3.44
CA ARG J 835 27.11 -30.02 -3.43
C ARG J 835 27.35 -31.11 -2.39
N LEU J 836 26.88 -30.88 -1.16
CA LEU J 836 27.05 -31.87 -0.10
C LEU J 836 26.50 -33.21 -0.52
N ALA J 837 25.27 -33.20 -1.05
CA ALA J 837 24.64 -34.44 -1.48
C ALA J 837 25.52 -35.15 -2.49
N GLU J 838 25.97 -34.42 -3.51
CA GLU J 838 26.81 -35.01 -4.54
C GLU J 838 28.06 -35.62 -3.92
N THR J 839 28.72 -34.85 -3.04
CA THR J 839 29.93 -35.35 -2.41
C THR J 839 29.64 -36.64 -1.66
N VAL J 840 28.57 -36.63 -0.87
CA VAL J 840 28.23 -37.80 -0.07
C VAL J 840 27.99 -38.99 -0.98
N PHE J 841 27.24 -38.77 -2.07
CA PHE J 841 26.96 -39.87 -2.98
C PHE J 841 28.25 -40.43 -3.54
N ASN J 842 29.15 -39.54 -3.97
CA ASN J 842 30.43 -39.99 -4.50
C ASN J 842 31.17 -40.80 -3.46
N PHE J 843 31.20 -40.31 -2.22
CA PHE J 843 31.85 -41.02 -1.13
C PHE J 843 31.27 -42.42 -1.02
N GLN J 844 29.95 -42.51 -0.95
CA GLN J 844 29.30 -43.81 -0.85
C GLN J 844 29.71 -44.70 -2.01
N GLU J 845 29.61 -44.16 -3.24
CA GLU J 845 29.95 -44.95 -4.41
C GLU J 845 31.39 -45.42 -4.32
N LYS J 846 32.30 -44.52 -3.94
CA LYS J 846 33.70 -44.91 -3.82
C LYS J 846 33.84 -46.03 -2.82
N VAL J 847 33.24 -45.87 -1.63
CA VAL J 847 33.36 -46.89 -0.60
C VAL J 847 32.77 -48.19 -1.10
N ASP J 848 31.65 -48.12 -1.82
CA ASP J 848 31.04 -49.34 -2.35
C ASP J 848 32.03 -50.05 -3.25
N ASP J 849 32.62 -49.33 -4.20
CA ASP J 849 33.64 -49.93 -5.05
C ASP J 849 34.80 -50.42 -4.20
N LEU J 850 35.23 -49.57 -3.25
CA LEU J 850 36.39 -49.91 -2.43
C LEU J 850 36.14 -51.16 -1.61
N LEU J 851 34.86 -51.48 -1.35
CA LEU J 851 34.60 -52.74 -0.69
C LEU J 851 34.78 -53.90 -1.66
N ILE J 852 34.05 -53.87 -2.78
CA ILE J 852 33.87 -55.08 -3.60
C ILE J 852 35.22 -55.56 -4.12
N ILE J 853 35.92 -54.68 -4.84
CA ILE J 853 37.22 -55.06 -5.40
C ILE J 853 38.18 -55.49 -4.30
N GLU J 854 38.15 -54.82 -3.14
CA GLU J 854 39.06 -55.22 -2.07
C GLU J 854 38.77 -56.64 -1.62
N GLU J 855 37.48 -57.00 -1.49
CA GLU J 855 37.14 -58.37 -1.17
C GLU J 855 37.71 -59.32 -2.21
N LYS J 856 37.58 -58.95 -3.50
CA LYS J 856 38.13 -59.78 -4.56
C LYS J 856 39.64 -59.95 -4.37
N ILE J 857 40.34 -58.86 -4.04
CA ILE J 857 41.77 -58.95 -3.78
C ILE J 857 42.02 -59.95 -2.67
N ASP J 858 41.28 -59.82 -1.57
CA ASP J 858 41.42 -60.76 -0.47
C ASP J 858 41.15 -62.18 -0.93
N LEU J 859 40.09 -62.37 -1.73
CA LEU J 859 39.80 -63.69 -2.25
C LEU J 859 40.97 -64.21 -3.07
N GLU J 860 41.52 -63.36 -3.95
CA GLU J 860 42.66 -63.76 -4.74
C GLU J 860 43.83 -64.11 -3.85
N VAL J 861 44.04 -63.34 -2.77
CA VAL J 861 45.10 -63.67 -1.84
C VAL J 861 44.88 -65.05 -1.25
N ARG J 862 43.66 -65.32 -0.80
CA ARG J 862 43.39 -66.64 -0.23
C ARG J 862 43.38 -67.71 -1.30
N SER J 863 43.26 -67.34 -2.58
CA SER J 863 43.39 -68.32 -3.65
C SER J 863 44.84 -68.62 -4.00
N LEU J 864 45.78 -67.77 -3.58
CA LEU J 864 47.18 -67.99 -3.94
C LEU J 864 47.85 -69.01 -3.02
N GLU J 865 47.38 -69.13 -1.77
CA GLU J 865 47.91 -70.16 -0.88
C GLU J 865 47.66 -71.56 -1.43
N THR J 866 46.48 -71.79 -1.98
CA THR J 866 46.09 -73.07 -2.57
C THR J 866 46.27 -73.08 -4.09
N CYS J 867 47.01 -72.12 -4.64
CA CYS J 867 47.21 -72.07 -6.08
C CYS J 867 48.17 -73.16 -6.54
N MET J 868 47.87 -73.73 -7.71
CA MET J 868 48.67 -74.82 -8.24
C MET J 868 50.07 -74.33 -8.62
N TYR J 869 51.04 -75.24 -8.51
CA TYR J 869 52.44 -74.89 -8.73
C TYR J 869 52.74 -74.96 -10.24
N ASP J 870 52.26 -73.94 -10.95
CA ASP J 870 52.52 -73.79 -12.37
C ASP J 870 52.56 -72.31 -12.70
N HIS J 871 53.47 -71.94 -13.60
CA HIS J 871 53.73 -70.52 -13.85
C HIS J 871 52.53 -69.82 -14.47
N LYS J 872 51.74 -70.52 -15.28
CA LYS J 872 50.61 -69.86 -15.93
C LYS J 872 49.56 -69.43 -14.91
N THR J 873 49.23 -70.29 -13.95
CA THR J 873 48.23 -69.94 -12.94
C THR J 873 48.71 -68.80 -12.06
N PHE J 874 49.96 -68.87 -11.62
CA PHE J 874 50.52 -67.78 -10.81
C PHE J 874 50.52 -66.48 -11.60
N SER J 875 50.92 -66.53 -12.87
CA SER J 875 51.00 -65.32 -13.68
C SER J 875 49.63 -64.70 -13.88
N GLU J 876 48.61 -65.50 -14.16
CA GLU J 876 47.29 -64.92 -14.36
C GLU J 876 46.69 -64.43 -13.05
N ILE J 877 46.97 -65.09 -11.92
CA ILE J 877 46.44 -64.59 -10.65
C ILE J 877 47.10 -63.28 -10.26
N LEU J 878 48.42 -63.18 -10.38
CA LEU J 878 49.08 -61.92 -10.07
C LEU J 878 48.70 -60.83 -11.06
N ASN J 879 48.42 -61.20 -12.32
CA ASN J 879 47.91 -60.23 -13.28
C ASN J 879 46.54 -59.71 -12.85
N ARG J 880 45.67 -60.60 -12.36
CA ARG J 880 44.36 -60.15 -11.89
C ARG J 880 44.49 -59.18 -10.72
N VAL J 881 45.30 -59.50 -9.71
CA VAL J 881 45.39 -58.58 -8.58
C VAL J 881 46.10 -57.28 -8.99
N GLN J 882 47.04 -57.37 -9.95
CA GLN J 882 47.65 -56.15 -10.46
C GLN J 882 46.63 -55.26 -11.16
N LYS J 883 45.75 -55.86 -11.95
CA LYS J 883 44.69 -55.09 -12.59
C LYS J 883 43.76 -54.47 -11.54
N ALA J 884 43.50 -55.21 -10.46
CA ALA J 884 42.69 -54.65 -9.38
C ALA J 884 43.38 -53.43 -8.76
N VAL J 885 44.69 -53.52 -8.55
CA VAL J 885 45.42 -52.39 -7.97
C VAL J 885 45.41 -51.21 -8.92
N ASP J 886 45.55 -51.47 -10.22
CA ASP J 886 45.45 -50.39 -11.20
C ASP J 886 44.08 -49.73 -11.16
N ASP J 887 43.02 -50.52 -11.03
CA ASP J 887 41.68 -49.96 -10.90
C ASP J 887 41.56 -49.12 -9.63
N LEU J 888 42.15 -49.57 -8.51
CA LEU J 888 42.21 -48.74 -7.31
C LEU J 888 42.87 -47.41 -7.62
N ASN J 889 43.98 -47.44 -8.38
CA ASN J 889 44.68 -46.20 -8.68
C ASN J 889 43.83 -45.29 -9.56
N LEU J 890 43.08 -45.85 -10.51
CA LEU J 890 42.31 -45.04 -11.44
C LEU J 890 41.30 -44.16 -10.73
N HIS J 891 40.60 -44.71 -9.73
CA HIS J 891 39.56 -43.99 -9.03
C HIS J 891 40.09 -43.07 -7.93
N SER J 892 41.41 -42.88 -7.85
CA SER J 892 42.02 -41.86 -6.98
C SER J 892 41.69 -42.11 -5.51
N TYR J 893 42.17 -43.24 -5.01
CA TYR J 893 42.13 -43.55 -3.58
C TYR J 893 43.45 -43.16 -2.95
N SER J 894 43.38 -42.42 -1.85
CA SER J 894 44.59 -41.94 -1.20
C SER J 894 45.34 -43.09 -0.55
N ASN J 895 46.65 -42.88 -0.35
CA ASN J 895 47.52 -43.84 0.34
C ASN J 895 47.55 -45.20 -0.36
N LEU J 896 47.41 -45.20 -1.68
CA LEU J 896 47.55 -46.46 -2.42
C LEU J 896 48.93 -47.09 -2.26
N PRO J 897 50.04 -46.35 -2.31
CA PRO J 897 51.35 -47.02 -2.11
C PRO J 897 51.48 -47.74 -0.77
N ILE J 898 50.91 -47.20 0.30
CA ILE J 898 51.00 -47.87 1.60
C ILE J 898 50.26 -49.20 1.57
N TRP J 899 49.00 -49.18 1.10
CA TRP J 899 48.20 -50.40 1.06
C TRP J 899 48.81 -51.43 0.13
N VAL J 900 49.30 -50.98 -1.04
CA VAL J 900 49.84 -51.93 -2.01
C VAL J 900 51.19 -52.48 -1.56
N ASN J 901 52.04 -51.71 -0.88
CA ASN J 901 53.26 -52.33 -0.37
C ASN J 901 52.96 -53.27 0.80
N LYS J 902 51.93 -52.98 1.58
CA LYS J 902 51.50 -53.96 2.58
C LYS J 902 51.04 -55.26 1.91
N LEU J 903 50.28 -55.14 0.81
CA LEU J 903 49.90 -56.32 0.06
C LEU J 903 51.12 -57.03 -0.53
N ASP J 904 52.14 -56.26 -0.91
CA ASP J 904 53.38 -56.87 -1.43
C ASP J 904 54.08 -57.69 -0.35
N MET J 905 54.19 -57.15 0.86
CA MET J 905 54.76 -57.95 1.95
C MET J 905 53.92 -59.18 2.23
N GLU J 906 52.59 -59.05 2.21
CA GLU J 906 51.73 -60.18 2.52
C GLU J 906 51.88 -61.29 1.46
N ILE J 907 51.86 -60.93 0.19
CA ILE J 907 51.99 -61.93 -0.87
C ILE J 907 53.41 -62.49 -0.91
N GLU J 908 54.42 -61.68 -0.58
CA GLU J 908 55.78 -62.24 -0.45
C GLU J 908 55.85 -63.25 0.68
N ARG J 909 55.18 -62.97 1.80
CA ARG J 909 55.11 -63.94 2.88
C ARG J 909 54.46 -65.23 2.41
N ILE J 910 53.36 -65.12 1.67
CA ILE J 910 52.67 -66.32 1.17
C ILE J 910 53.59 -67.10 0.25
N LEU J 911 54.29 -66.42 -0.65
CA LEU J 911 55.22 -67.11 -1.53
C LEU J 911 56.37 -67.73 -0.76
N GLY J 912 56.74 -67.13 0.37
CA GLY J 912 57.72 -67.76 1.25
C GLY J 912 57.20 -69.04 1.86
N VAL J 913 55.91 -69.06 2.21
CA VAL J 913 55.31 -70.33 2.66
C VAL J 913 55.26 -71.32 1.51
N ARG J 914 54.92 -70.84 0.31
CA ARG J 914 54.90 -71.69 -0.88
C ARG J 914 56.32 -72.04 -1.31
N MET J 991 62.67 -70.86 -9.03
CA MET J 991 62.77 -70.01 -10.21
C MET J 991 61.38 -69.60 -10.69
N VAL J 992 60.43 -70.53 -10.57
CA VAL J 992 59.05 -70.21 -10.96
C VAL J 992 58.49 -69.10 -10.10
N VAL J 993 58.70 -69.18 -8.79
CA VAL J 993 58.24 -68.12 -7.90
C VAL J 993 59.07 -66.86 -8.10
N LEU J 994 60.39 -67.01 -8.25
CA LEU J 994 61.26 -65.86 -8.39
C LEU J 994 61.06 -65.12 -9.71
N SER J 995 60.52 -65.80 -10.73
CA SER J 995 60.24 -65.17 -12.01
C SER J 995 58.90 -64.46 -12.04
N LEU J 996 58.09 -64.57 -10.99
CA LEU J 996 56.78 -63.91 -10.96
C LEU J 996 56.98 -62.40 -10.79
N PRO J 997 56.42 -61.55 -11.67
CA PRO J 997 56.61 -60.10 -11.46
C PRO J 997 55.87 -59.61 -10.24
N ARG J 998 56.38 -58.52 -9.67
CA ARG J 998 55.82 -57.94 -8.47
C ARG J 998 54.55 -57.15 -8.79
N ILE J 999 53.81 -56.80 -7.73
CA ILE J 999 52.61 -55.98 -7.87
C ILE J 999 53.03 -54.52 -7.82
N GLN J 1000 53.00 -53.85 -8.96
CA GLN J 1000 53.38 -52.44 -9.04
C GLN J 1000 52.37 -51.59 -8.29
N SER J 1001 52.87 -50.54 -7.64
CA SER J 1001 52.01 -49.68 -6.84
C SER J 1001 51.14 -48.80 -7.73
N GLN J 1002 51.78 -47.94 -8.53
CA GLN J 1002 51.10 -47.00 -9.42
C GLN J 1002 51.63 -47.25 -10.82
N ARG J 1003 50.91 -48.07 -11.59
CA ARG J 1003 51.32 -48.41 -12.93
C ARG J 1003 50.97 -47.33 -13.95
N TYR J 1004 50.29 -46.25 -13.54
CA TYR J 1004 49.84 -45.20 -14.45
C TYR J 1004 50.76 -43.98 -14.45
N GLN J 1005 51.55 -43.77 -13.41
CA GLN J 1005 52.46 -42.62 -13.39
C GLN J 1005 53.57 -42.90 -14.40
N VAL J 1006 53.36 -42.44 -15.63
CA VAL J 1006 54.26 -42.70 -16.75
C VAL J 1006 54.88 -41.38 -17.18
N GLY J 1007 56.17 -41.42 -17.51
CA GLY J 1007 56.92 -40.25 -17.88
C GLY J 1007 57.78 -39.70 -16.75
N VAL J 1008 57.38 -39.92 -15.50
CA VAL J 1008 58.27 -39.63 -14.39
C VAL J 1008 59.44 -40.60 -14.46
N HIS J 1009 60.66 -40.06 -14.48
CA HIS J 1009 61.85 -40.84 -14.83
C HIS J 1009 62.40 -41.46 -13.57
N TYR J 1010 61.90 -42.66 -13.24
CA TYR J 1010 62.41 -43.46 -12.14
C TYR J 1010 62.50 -44.91 -12.58
N GLU J 1011 63.46 -45.62 -12.01
CA GLU J 1011 63.76 -47.00 -12.38
C GLU J 1011 63.54 -47.91 -11.17
N LEU J 1012 63.20 -49.17 -11.46
CA LEU J 1012 63.00 -50.21 -10.47
C LEU J 1012 63.93 -51.36 -10.76
N THR J 1013 64.61 -51.86 -9.73
CA THR J 1013 65.57 -52.93 -9.89
C THR J 1013 64.86 -54.26 -10.10
N GLU J 1014 65.63 -55.31 -10.35
CA GLU J 1014 65.05 -56.64 -10.53
C GLU J 1014 64.38 -57.14 -9.25
N GLU J 1015 64.95 -56.80 -8.09
CA GLU J 1015 64.35 -57.20 -6.82
C GLU J 1015 62.96 -56.60 -6.64
N GLU J 1016 62.79 -55.34 -7.02
CA GLU J 1016 61.49 -54.69 -6.96
C GLU J 1016 60.56 -55.10 -8.11
N LYS J 1017 61.11 -55.68 -9.18
CA LYS J 1017 60.29 -56.08 -10.33
C LYS J 1017 59.71 -57.48 -10.18
N PHE J 1018 60.40 -58.38 -9.46
CA PHE J 1018 59.98 -59.76 -9.29
C PHE J 1018 60.08 -60.13 -7.81
N TYR J 1019 59.66 -61.34 -7.49
CA TYR J 1019 59.79 -61.89 -6.14
C TYR J 1019 61.10 -62.67 -6.01
N ARG J 1020 62.20 -62.02 -6.38
CA ARG J 1020 63.52 -62.61 -6.17
C ARG J 1020 63.86 -62.69 -4.69
N ASN J 1021 63.26 -61.85 -3.86
CA ASN J 1021 63.50 -61.85 -2.43
C ASN J 1021 62.74 -62.95 -1.69
N ALA J 1022 61.87 -63.70 -2.40
CA ALA J 1022 61.13 -64.78 -1.75
C ALA J 1022 62.05 -65.84 -1.16
N LEU J 1023 63.25 -66.01 -1.71
CA LEU J 1023 64.22 -66.95 -1.15
C LEU J 1023 64.63 -66.55 0.26
N THR J 1024 64.51 -65.27 0.61
CA THR J 1024 64.89 -64.77 1.93
C THR J 1024 63.75 -64.79 2.94
N ARG J 1025 62.58 -65.32 2.57
CA ARG J 1025 61.39 -65.28 3.42
C ARG J 1025 60.91 -66.68 3.80
N MET J 1026 61.81 -67.65 3.87
CA MET J 1026 61.41 -69.01 4.23
C MET J 1026 61.13 -69.09 5.73
N PRO J 1027 60.06 -69.77 6.17
CA PRO J 1027 59.88 -69.94 7.62
C PRO J 1027 60.73 -71.06 8.20
N ASP J 1028 60.96 -72.12 7.44
CA ASP J 1028 61.71 -73.27 7.93
C ASP J 1028 63.22 -73.04 7.82
N LYS K 264 -14.21 -70.65 -8.25
CA LYS K 264 -13.51 -70.75 -6.98
C LYS K 264 -12.02 -70.43 -7.15
N LEU K 265 -11.39 -70.04 -6.05
CA LEU K 265 -9.97 -69.69 -6.03
C LEU K 265 -9.19 -70.79 -5.33
N SER K 266 -8.10 -71.24 -5.98
CA SER K 266 -7.26 -72.29 -5.44
C SER K 266 -5.86 -71.74 -5.13
N LEU K 267 -5.41 -71.93 -3.90
CA LEU K 267 -4.08 -71.48 -3.53
C LEU K 267 -3.03 -72.18 -4.37
N ASN K 268 -2.19 -71.41 -5.05
CA ASN K 268 -1.19 -71.95 -5.97
C ASN K 268 0.22 -71.90 -5.41
N ARG K 269 0.61 -70.79 -4.79
CA ARG K 269 1.98 -70.61 -4.34
C ARG K 269 2.03 -69.60 -3.21
N GLN K 270 3.11 -69.68 -2.43
CA GLN K 270 3.36 -68.79 -1.31
C GLN K 270 4.82 -68.38 -1.31
N PHE K 271 5.07 -67.08 -1.25
CA PHE K 271 6.42 -66.52 -1.24
C PHE K 271 6.64 -65.72 0.03
N PHE K 272 7.74 -65.99 0.72
CA PHE K 272 8.08 -65.29 1.96
C PHE K 272 9.53 -65.57 2.29
N ASP K 273 10.31 -64.51 2.49
CA ASP K 273 11.73 -64.61 2.83
C ASP K 273 11.92 -64.24 4.30
N GLU K 274 12.62 -65.12 5.04
CA GLU K 274 12.83 -64.89 6.46
C GLU K 274 13.76 -63.70 6.71
N ARG K 275 14.72 -63.46 5.82
CA ARG K 275 15.77 -62.48 6.06
C ARG K 275 15.37 -61.08 5.62
N TRP K 276 14.74 -60.95 4.46
CA TRP K 276 14.44 -59.65 3.85
C TRP K 276 12.99 -59.23 4.04
N SER K 277 12.03 -60.13 3.80
CA SER K 277 10.62 -59.79 3.75
C SER K 277 9.92 -59.87 5.09
N LYS K 278 10.63 -60.16 6.17
CA LYS K 278 10.00 -60.34 7.47
C LYS K 278 9.72 -58.99 8.12
N HIS K 279 8.54 -58.89 8.75
CA HIS K 279 8.15 -57.69 9.52
C HIS K 279 8.10 -56.44 8.64
N ARG K 280 7.75 -56.60 7.37
CA ARG K 280 7.62 -55.49 6.44
C ARG K 280 6.32 -55.64 5.66
N VAL K 281 5.67 -54.52 5.37
CA VAL K 281 4.42 -54.54 4.61
C VAL K 281 4.76 -54.72 3.15
N VAL K 282 3.75 -55.00 2.33
CA VAL K 282 3.88 -55.07 0.88
C VAL K 282 3.19 -53.84 0.30
N SER K 283 3.96 -53.03 -0.44
CA SER K 283 3.49 -51.73 -0.90
C SER K 283 3.01 -51.74 -2.34
N CYS K 284 3.71 -52.44 -3.22
CA CYS K 284 3.31 -52.56 -4.62
C CYS K 284 3.72 -53.92 -5.17
N LEU K 285 2.92 -54.41 -6.12
CA LEU K 285 3.19 -55.64 -6.85
C LEU K 285 3.20 -55.32 -8.33
N ASP K 286 3.99 -56.08 -9.10
CA ASP K 286 3.96 -55.91 -10.55
C ASP K 286 4.42 -57.19 -11.23
N TRP K 287 3.71 -57.55 -12.30
CA TRP K 287 4.10 -58.63 -13.20
C TRP K 287 4.70 -58.04 -14.47
N SER K 288 5.71 -58.71 -15.00
CA SER K 288 6.42 -58.21 -16.17
C SER K 288 5.76 -58.69 -17.46
N SER K 289 5.63 -57.76 -18.41
CA SER K 289 5.04 -58.11 -19.71
C SER K 289 5.90 -59.12 -20.45
N GLN K 290 7.22 -58.91 -20.47
CA GLN K 290 8.12 -59.83 -21.17
C GLN K 290 8.35 -61.11 -20.39
N TYR K 291 8.21 -61.06 -19.06
CA TYR K 291 8.39 -62.22 -18.18
C TYR K 291 7.14 -62.37 -17.33
N PRO K 292 6.06 -62.97 -17.86
CA PRO K 292 4.82 -63.07 -17.07
C PRO K 292 4.95 -63.94 -15.83
N GLU K 293 6.02 -64.70 -15.67
CA GLU K 293 6.26 -65.53 -14.51
C GLU K 293 7.21 -64.88 -13.49
N LEU K 294 7.50 -63.60 -13.64
CA LEU K 294 8.33 -62.84 -12.71
C LEU K 294 7.47 -61.77 -12.03
N LEU K 295 7.46 -61.79 -10.69
CA LEU K 295 6.66 -60.87 -9.90
C LEU K 295 7.57 -60.08 -8.98
N VAL K 296 7.46 -58.76 -9.01
CA VAL K 296 8.28 -57.87 -8.19
C VAL K 296 7.39 -57.27 -7.10
N ALA K 297 7.90 -57.30 -5.86
CA ALA K 297 7.19 -56.84 -4.69
C ALA K 297 8.07 -55.88 -3.89
N SER K 298 7.46 -54.82 -3.39
CA SER K 298 8.13 -53.79 -2.61
C SER K 298 7.92 -54.04 -1.12
N TYR K 299 8.85 -53.53 -0.31
CA TYR K 299 8.74 -53.59 1.14
C TYR K 299 9.36 -52.33 1.73
N ASN K 300 8.65 -51.72 2.68
CA ASN K 300 9.11 -50.48 3.30
C ASN K 300 10.00 -50.81 4.50
N ASN K 301 10.39 -49.78 5.24
CA ASN K 301 11.30 -49.95 6.36
C ASN K 301 10.67 -50.77 7.48
N ASN K 302 11.52 -51.52 8.18
CA ASN K 302 11.11 -52.33 9.33
C ASN K 302 11.57 -51.67 10.61
N GLU K 303 10.62 -51.38 11.50
CA GLU K 303 10.97 -50.80 12.79
C GLU K 303 11.79 -51.77 13.64
N ASP K 304 11.56 -53.07 13.51
CA ASP K 304 12.32 -54.07 14.28
C ASP K 304 13.74 -54.27 13.75
N ALA K 305 14.08 -53.72 12.58
CA ALA K 305 15.39 -53.90 11.96
C ALA K 305 15.94 -52.53 11.58
N PRO K 306 16.30 -51.70 12.56
CA PRO K 306 16.90 -50.40 12.22
C PRO K 306 18.23 -50.53 11.50
N HIS K 307 18.98 -51.61 11.75
CA HIS K 307 20.28 -51.79 11.12
C HIS K 307 20.18 -52.27 9.67
N GLU K 308 19.07 -52.85 9.27
CA GLU K 308 18.90 -53.32 7.91
C GLU K 308 18.53 -52.16 6.98
N PRO K 309 18.63 -52.37 5.66
CA PRO K 309 18.17 -51.32 4.74
C PRO K 309 16.68 -51.07 4.88
N ASP K 310 16.27 -49.83 4.59
CA ASP K 310 14.87 -49.45 4.73
C ASP K 310 14.03 -50.02 3.60
N GLY K 311 14.30 -49.61 2.36
CA GLY K 311 13.50 -50.05 1.24
C GLY K 311 14.04 -51.32 0.64
N VAL K 312 13.17 -52.27 0.29
CA VAL K 312 13.56 -53.53 -0.32
C VAL K 312 12.65 -53.81 -1.50
N ALA K 313 13.18 -54.51 -2.50
CA ALA K 313 12.43 -54.92 -3.68
C ALA K 313 12.88 -56.32 -4.06
N LEU K 314 11.96 -57.28 -3.96
CA LEU K 314 12.27 -58.69 -4.19
C LEU K 314 11.52 -59.18 -5.42
N VAL K 315 12.23 -59.88 -6.30
CA VAL K 315 11.68 -60.40 -7.54
C VAL K 315 11.64 -61.92 -7.41
N TRP K 316 10.42 -62.47 -7.40
CA TRP K 316 10.12 -63.88 -7.29
C TRP K 316 9.74 -64.45 -8.65
N ASN K 317 9.78 -65.77 -8.74
CA ASN K 317 9.56 -66.50 -9.97
C ASN K 317 8.60 -67.65 -9.75
N MET K 318 7.79 -67.94 -10.78
CA MET K 318 6.80 -69.01 -10.73
C MET K 318 7.20 -70.25 -11.49
N LYS K 319 7.98 -70.13 -12.56
CA LYS K 319 8.32 -71.30 -13.38
C LYS K 319 9.13 -72.33 -12.60
N TYR K 320 10.00 -71.89 -11.70
CA TYR K 320 10.64 -72.76 -10.73
C TYR K 320 9.86 -72.75 -9.42
N LYS K 321 9.89 -73.89 -8.72
CA LYS K 321 9.22 -74.04 -7.43
C LYS K 321 10.12 -73.67 -6.26
N LYS K 322 11.32 -73.15 -6.51
CA LYS K 322 12.22 -72.76 -5.44
C LYS K 322 11.62 -71.57 -4.68
N THR K 323 11.73 -71.61 -3.35
CA THR K 323 11.15 -70.58 -2.50
C THR K 323 12.01 -69.35 -2.36
N THR K 324 13.25 -69.38 -2.84
CA THR K 324 14.13 -68.23 -2.66
C THR K 324 13.67 -67.08 -3.56
N PRO K 325 13.93 -65.83 -3.18
CA PRO K 325 13.69 -64.72 -4.12
C PRO K 325 14.75 -64.73 -5.21
N GLU K 326 14.31 -64.69 -6.47
CA GLU K 326 15.28 -64.77 -7.57
C GLU K 326 16.21 -63.56 -7.57
N TYR K 327 15.68 -62.36 -7.33
CA TYR K 327 16.52 -61.17 -7.24
C TYR K 327 16.17 -60.36 -6.00
N VAL K 328 17.19 -59.75 -5.41
CA VAL K 328 17.08 -58.92 -4.22
C VAL K 328 17.66 -57.56 -4.54
N PHE K 329 16.95 -56.50 -4.15
CA PHE K 329 17.46 -55.14 -4.22
C PHE K 329 17.07 -54.42 -2.95
N HIS K 330 17.87 -53.42 -2.57
CA HIS K 330 17.57 -52.63 -1.39
C HIS K 330 18.09 -51.22 -1.62
N CYS K 331 17.57 -50.29 -0.82
CA CYS K 331 18.01 -48.91 -0.89
C CYS K 331 17.67 -48.20 0.41
N GLN K 332 18.31 -47.04 0.59
CA GLN K 332 18.33 -46.37 1.88
C GLN K 332 16.95 -45.84 2.29
N SER K 333 16.12 -45.46 1.33
CA SER K 333 14.79 -44.94 1.59
C SER K 333 13.75 -46.02 1.43
N ALA K 334 12.70 -45.96 2.25
CA ALA K 334 11.66 -46.96 2.21
C ALA K 334 10.96 -46.95 0.86
N VAL K 335 10.86 -48.12 0.23
CA VAL K 335 10.32 -48.24 -1.11
C VAL K 335 8.82 -48.50 -1.02
N MET K 336 8.02 -47.59 -1.57
CA MET K 336 6.57 -47.77 -1.63
C MET K 336 6.09 -48.20 -3.00
N SER K 337 6.91 -48.10 -4.04
CA SER K 337 6.48 -48.49 -5.38
C SER K 337 7.62 -49.20 -6.08
N ALA K 338 7.27 -50.19 -6.90
CA ALA K 338 8.25 -50.86 -7.75
C ALA K 338 7.52 -51.43 -8.96
N THR K 339 8.24 -51.45 -10.07
CA THR K 339 7.69 -51.98 -11.32
C THR K 339 8.85 -52.32 -12.25
N PHE K 340 8.53 -53.07 -13.29
CA PHE K 340 9.48 -53.38 -14.35
C PHE K 340 9.32 -52.40 -15.50
N ALA K 341 10.45 -52.00 -16.07
CA ALA K 341 10.41 -51.22 -17.30
C ALA K 341 9.89 -52.10 -18.43
N LYS K 342 8.91 -51.57 -19.18
CA LYS K 342 8.23 -52.38 -20.19
C LYS K 342 9.19 -52.80 -21.30
N PHE K 343 10.04 -51.88 -21.76
CA PHE K 343 10.91 -52.09 -22.90
C PHE K 343 12.38 -52.21 -22.51
N HIS K 344 12.69 -52.30 -21.22
CA HIS K 344 14.04 -52.52 -20.71
C HIS K 344 13.96 -53.69 -19.73
N PRO K 345 13.99 -54.95 -20.20
CA PRO K 345 13.67 -56.07 -19.29
C PRO K 345 14.64 -56.25 -18.14
N ASN K 346 15.85 -55.70 -18.21
CA ASN K 346 16.84 -55.89 -17.17
C ASN K 346 16.76 -54.83 -16.06
N LEU K 347 15.80 -53.92 -16.13
CA LEU K 347 15.71 -52.78 -15.22
C LEU K 347 14.46 -52.87 -14.38
N VAL K 348 14.56 -52.40 -13.14
CA VAL K 348 13.46 -52.35 -12.18
C VAL K 348 13.45 -50.96 -11.56
N VAL K 349 12.34 -50.25 -11.71
CA VAL K 349 12.21 -48.86 -11.28
C VAL K 349 11.39 -48.81 -10.01
N GLY K 350 11.88 -48.10 -9.00
CA GLY K 350 11.21 -48.03 -7.71
C GLY K 350 11.10 -46.60 -7.21
N GLY K 351 9.99 -46.34 -6.51
CA GLY K 351 9.73 -45.05 -5.89
C GLY K 351 9.77 -45.18 -4.38
N THR K 352 10.55 -44.30 -3.75
CA THR K 352 10.95 -44.40 -2.36
C THR K 352 10.37 -43.27 -1.52
N TYR K 353 10.73 -43.27 -0.23
CA TYR K 353 10.11 -42.36 0.73
C TYR K 353 10.47 -40.91 0.46
N SER K 354 11.72 -40.66 0.09
CA SER K 354 12.20 -39.29 -0.15
C SER K 354 11.95 -38.82 -1.57
N GLY K 355 11.35 -39.64 -2.43
CA GLY K 355 11.09 -39.27 -3.81
C GLY K 355 12.18 -39.64 -4.79
N GLN K 356 13.30 -40.20 -4.33
CA GLN K 356 14.33 -40.68 -5.23
C GLN K 356 13.76 -41.82 -6.06
N ILE K 357 13.72 -41.63 -7.37
CA ILE K 357 13.23 -42.66 -8.28
C ILE K 357 14.40 -43.59 -8.60
N VAL K 358 14.59 -44.59 -7.75
CA VAL K 358 15.74 -45.48 -7.87
C VAL K 358 15.53 -46.44 -9.04
N LEU K 359 16.64 -46.96 -9.56
CA LEU K 359 16.62 -47.94 -10.64
C LEU K 359 17.64 -49.02 -10.33
N TRP K 360 17.28 -50.26 -10.62
CA TRP K 360 18.10 -51.43 -10.32
C TRP K 360 18.30 -52.23 -11.60
N ASP K 361 19.55 -52.58 -11.89
CA ASP K 361 19.89 -53.45 -13.00
C ASP K 361 20.21 -54.83 -12.44
N ASN K 362 19.46 -55.84 -12.88
CA ASN K 362 19.66 -57.20 -12.39
C ASN K 362 20.99 -57.78 -12.84
N ARG K 363 21.55 -57.31 -13.96
CA ARG K 363 22.85 -57.79 -14.40
C ARG K 363 23.95 -57.40 -13.43
N SER K 364 23.93 -56.17 -12.92
CA SER K 364 24.95 -55.71 -12.00
C SER K 364 24.90 -56.47 -10.69
N ASN K 365 26.08 -56.79 -10.15
CA ASN K 365 26.16 -57.48 -8.88
C ASN K 365 25.72 -56.62 -7.71
N LYS K 366 25.78 -55.29 -7.84
CA LYS K 366 25.43 -54.40 -6.75
C LYS K 366 23.93 -54.41 -6.49
N ARG K 367 23.56 -54.55 -5.21
CA ARG K 367 22.17 -54.41 -4.82
C ARG K 367 21.73 -52.95 -4.76
N THR K 368 22.64 -52.04 -4.45
CA THR K 368 22.31 -50.63 -4.33
C THR K 368 21.84 -50.10 -5.69
N PRO K 369 20.98 -49.07 -5.73
CA PRO K 369 20.56 -48.53 -7.04
C PRO K 369 21.72 -48.02 -7.87
N VAL K 370 21.68 -48.32 -9.17
CA VAL K 370 22.67 -47.77 -10.09
C VAL K 370 22.48 -46.27 -10.25
N GLN K 371 21.25 -45.79 -10.19
CA GLN K 371 20.94 -44.36 -10.33
C GLN K 371 19.82 -43.99 -9.39
N ARG K 372 19.75 -42.70 -9.08
CA ARG K 372 18.72 -42.17 -8.20
C ARG K 372 18.57 -40.68 -8.47
N THR K 373 17.33 -40.24 -8.64
CA THR K 373 17.08 -38.85 -8.98
C THR K 373 17.46 -37.94 -7.81
N PRO K 374 17.85 -36.70 -8.07
CA PRO K 374 18.24 -35.81 -6.97
C PRO K 374 17.03 -35.41 -6.12
N LEU K 375 17.33 -35.00 -4.90
CA LEU K 375 16.31 -34.46 -3.99
C LEU K 375 16.22 -32.94 -4.12
N SER K 376 16.06 -32.47 -5.35
CA SER K 376 15.98 -31.06 -5.67
C SER K 376 14.53 -30.67 -5.98
N ALA K 377 14.29 -29.36 -6.05
CA ALA K 377 12.95 -28.89 -6.38
C ALA K 377 12.53 -29.32 -7.78
N ALA K 378 13.48 -29.39 -8.72
CA ALA K 378 13.17 -29.86 -10.07
C ALA K 378 12.74 -31.32 -10.08
N ALA K 379 13.08 -32.09 -9.06
CA ALA K 379 12.69 -33.48 -8.91
C ALA K 379 11.79 -33.62 -7.68
N HIS K 380 11.45 -34.86 -7.33
CA HIS K 380 10.56 -35.11 -6.21
C HIS K 380 11.28 -34.97 -4.89
N THR K 381 10.73 -34.14 -4.00
CA THR K 381 11.17 -34.05 -2.61
C THR K 381 10.07 -34.53 -1.66
N HIS K 382 9.21 -35.42 -2.14
CA HIS K 382 8.10 -35.97 -1.39
C HIS K 382 8.00 -37.46 -1.68
N PRO K 383 7.24 -38.21 -0.88
CA PRO K 383 7.05 -39.63 -1.18
C PRO K 383 6.44 -39.83 -2.57
N VAL K 384 6.81 -40.94 -3.20
CA VAL K 384 6.36 -41.27 -4.56
C VAL K 384 5.71 -42.65 -4.51
N TYR K 385 4.39 -42.69 -4.69
CA TYR K 385 3.62 -43.93 -4.73
C TYR K 385 3.23 -44.36 -6.14
N CYS K 386 3.61 -43.60 -7.17
CA CYS K 386 3.19 -43.89 -8.54
C CYS K 386 4.41 -43.73 -9.44
N VAL K 387 4.84 -44.83 -10.05
CA VAL K 387 5.88 -44.84 -11.08
C VAL K 387 5.48 -45.89 -12.13
N ASN K 388 5.41 -45.47 -13.39
CA ASN K 388 5.05 -46.39 -14.46
C ASN K 388 5.64 -45.94 -15.78
N VAL K 389 6.02 -46.90 -16.61
CA VAL K 389 6.57 -46.65 -17.95
C VAL K 389 5.42 -46.69 -18.95
N VAL K 390 5.33 -45.68 -19.81
CA VAL K 390 4.26 -45.55 -20.77
C VAL K 390 4.84 -45.20 -22.13
N GLY K 391 4.26 -45.80 -23.17
CA GLY K 391 4.66 -45.54 -24.55
C GLY K 391 4.88 -46.80 -25.34
N THR K 392 5.57 -46.68 -26.47
CA THR K 392 5.98 -47.80 -27.31
C THR K 392 7.50 -47.95 -27.23
N GLN K 393 8.00 -49.03 -27.83
CA GLN K 393 9.42 -49.37 -27.71
C GLN K 393 10.33 -48.28 -28.29
N ASN K 394 9.89 -47.59 -29.34
CA ASN K 394 10.66 -46.51 -29.92
C ASN K 394 10.51 -45.19 -29.16
N ALA K 395 9.52 -45.07 -28.28
CA ALA K 395 9.32 -43.84 -27.52
C ALA K 395 8.56 -44.21 -26.24
N HIS K 396 9.28 -44.27 -25.13
CA HIS K 396 8.72 -44.57 -23.83
C HIS K 396 9.25 -43.58 -22.81
N ASN K 397 8.43 -43.30 -21.79
CA ASN K 397 8.77 -42.36 -20.73
C ASN K 397 8.30 -42.90 -19.39
N LEU K 398 9.05 -42.56 -18.35
CA LEU K 398 8.75 -42.98 -16.98
C LEU K 398 8.00 -41.85 -16.30
N ILE K 399 6.70 -42.04 -16.10
CA ILE K 399 5.87 -41.06 -15.40
C ILE K 399 5.90 -41.39 -13.92
N SER K 400 6.20 -40.38 -13.11
CA SER K 400 6.26 -40.53 -11.65
C SER K 400 5.53 -39.38 -11.00
N ILE K 401 4.71 -39.69 -10.00
CA ILE K 401 3.90 -38.69 -9.29
C ILE K 401 4.21 -38.80 -7.80
N SER K 402 4.40 -37.64 -7.16
CA SER K 402 4.62 -37.55 -5.73
C SER K 402 3.33 -37.16 -5.02
N THR K 403 3.35 -37.20 -3.69
CA THR K 403 2.19 -36.83 -2.88
C THR K 403 2.03 -35.32 -2.72
N ASP K 404 2.96 -34.52 -3.26
CA ASP K 404 2.76 -33.08 -3.36
C ASP K 404 2.09 -32.68 -4.67
N GLY K 405 1.70 -33.64 -5.50
CA GLY K 405 1.09 -33.37 -6.78
C GLY K 405 2.05 -33.18 -7.92
N LYS K 406 3.36 -33.12 -7.65
CA LYS K 406 4.33 -32.95 -8.71
C LYS K 406 4.42 -34.22 -9.54
N ILE K 407 4.28 -34.08 -10.86
CA ILE K 407 4.36 -35.17 -11.81
C ILE K 407 5.50 -34.88 -12.77
N CYS K 408 6.37 -35.88 -12.95
CA CYS K 408 7.58 -35.75 -13.75
C CYS K 408 7.68 -36.92 -14.71
N SER K 409 7.93 -36.62 -15.98
CA SER K 409 8.22 -37.62 -17.00
C SER K 409 9.73 -37.64 -17.22
N TRP K 410 10.34 -38.79 -16.93
CA TRP K 410 11.77 -39.01 -17.04
C TRP K 410 12.08 -39.93 -18.20
N SER K 411 13.35 -39.93 -18.59
CA SER K 411 13.90 -40.92 -19.51
C SER K 411 14.66 -41.97 -18.72
N LEU K 412 14.37 -43.24 -19.01
CA LEU K 412 14.99 -44.32 -18.26
C LEU K 412 16.50 -44.35 -18.42
N ASP K 413 17.03 -43.85 -19.54
CA ASP K 413 18.46 -43.79 -19.77
C ASP K 413 19.13 -42.58 -19.14
N MET K 414 18.36 -41.68 -18.51
CA MET K 414 18.95 -40.50 -17.90
C MET K 414 17.99 -40.02 -16.81
N LEU K 415 18.37 -40.20 -15.55
CA LEU K 415 17.54 -39.83 -14.40
C LEU K 415 18.15 -38.68 -13.61
N SER K 416 19.06 -37.91 -14.21
CA SER K 416 19.65 -36.77 -13.51
C SER K 416 18.68 -35.59 -13.41
N HIS K 417 17.83 -35.40 -14.43
CA HIS K 417 16.83 -34.34 -14.43
C HIS K 417 15.67 -34.79 -15.30
N PRO K 418 14.44 -34.40 -14.96
CA PRO K 418 13.30 -34.93 -15.73
C PRO K 418 13.22 -34.35 -17.12
N GLN K 419 12.66 -35.13 -18.06
CA GLN K 419 12.43 -34.58 -19.42
C GLN K 419 11.33 -33.53 -19.31
N ASP K 420 10.17 -33.89 -18.76
CA ASP K 420 9.04 -32.95 -18.58
C ASP K 420 8.59 -33.00 -17.12
N SER K 421 8.13 -31.88 -16.55
CA SER K 421 7.80 -31.88 -15.10
C SER K 421 6.96 -30.67 -14.69
N MET K 422 5.83 -30.88 -14.00
CA MET K 422 5.09 -29.75 -13.45
C MET K 422 4.19 -30.23 -12.31
N GLU K 423 3.63 -29.26 -11.60
CA GLU K 423 2.79 -29.50 -10.44
C GLU K 423 1.33 -29.52 -10.86
N LEU K 424 0.60 -30.49 -10.32
CA LEU K 424 -0.81 -30.68 -10.68
C LEU K 424 -1.69 -29.87 -9.75
N VAL K 425 -2.57 -29.05 -10.34
CA VAL K 425 -3.61 -28.34 -9.62
C VAL K 425 -4.89 -28.44 -10.43
N HIS K 426 -6.02 -28.32 -9.73
CA HIS K 426 -7.34 -28.37 -10.35
C HIS K 426 -8.07 -27.04 -10.23
N LYS K 427 -8.24 -26.51 -9.01
CA LYS K 427 -8.97 -25.28 -8.79
C LYS K 427 -8.37 -24.55 -7.61
N GLN K 428 -8.29 -23.22 -7.73
CA GLN K 428 -7.77 -22.35 -6.67
C GLN K 428 -6.30 -22.66 -6.36
N SER K 429 -5.58 -23.26 -7.30
CA SER K 429 -4.17 -23.59 -7.13
C SER K 429 -3.95 -24.46 -5.88
N LYS K 430 -4.85 -25.41 -5.67
CA LYS K 430 -4.78 -26.30 -4.52
C LYS K 430 -4.04 -27.58 -4.88
N ALA K 431 -3.06 -27.94 -4.05
CA ALA K 431 -2.22 -29.09 -4.33
C ALA K 431 -3.04 -30.38 -4.27
N VAL K 432 -2.87 -31.22 -5.28
CA VAL K 432 -3.55 -32.50 -5.37
C VAL K 432 -2.58 -33.58 -4.94
N ALA K 433 -2.80 -34.13 -3.75
CA ALA K 433 -1.89 -35.12 -3.16
C ALA K 433 -2.25 -36.49 -3.71
N VAL K 434 -1.72 -36.82 -4.88
CA VAL K 434 -2.06 -38.06 -5.56
C VAL K 434 -1.57 -39.24 -4.73
N THR K 435 -2.38 -40.30 -4.69
CA THR K 435 -2.02 -41.56 -4.03
C THR K 435 -1.89 -42.72 -4.99
N SER K 436 -2.54 -42.67 -6.14
CA SER K 436 -2.36 -43.71 -7.17
C SER K 436 -2.76 -43.13 -8.51
N MET K 437 -2.56 -43.91 -9.57
CA MET K 437 -2.84 -43.45 -10.92
C MET K 437 -3.08 -44.65 -11.83
N SER K 438 -3.57 -44.35 -13.03
CA SER K 438 -3.76 -45.36 -14.07
C SER K 438 -3.77 -44.68 -15.42
N PHE K 439 -3.57 -45.49 -16.47
CA PHE K 439 -3.55 -45.07 -17.85
C PHE K 439 -4.50 -45.93 -18.67
N PRO K 440 -5.11 -45.41 -19.74
CA PRO K 440 -5.86 -46.28 -20.64
C PRO K 440 -4.92 -47.18 -21.44
N VAL K 441 -5.51 -48.20 -22.05
CA VAL K 441 -4.75 -49.15 -22.85
C VAL K 441 -4.48 -48.53 -24.21
N GLY K 442 -3.21 -48.30 -24.52
CA GLY K 442 -2.80 -47.67 -25.76
C GLY K 442 -2.72 -46.17 -25.72
N ASP K 443 -3.33 -45.52 -24.73
CA ASP K 443 -3.28 -44.08 -24.58
C ASP K 443 -2.02 -43.68 -23.82
N VAL K 444 -1.43 -42.56 -24.20
CA VAL K 444 -0.20 -42.06 -23.59
C VAL K 444 -0.31 -40.61 -23.13
N ASN K 445 -1.30 -39.86 -23.63
CA ASN K 445 -1.43 -38.44 -23.32
C ASN K 445 -2.40 -38.16 -22.19
N ASN K 446 -3.40 -39.01 -22.00
CA ASN K 446 -4.39 -38.86 -20.94
C ASN K 446 -4.20 -39.95 -19.88
N PHE K 447 -4.56 -39.61 -18.65
CA PHE K 447 -4.41 -40.53 -17.53
C PHE K 447 -5.38 -40.11 -16.43
N VAL K 448 -5.40 -40.89 -15.35
CA VAL K 448 -6.31 -40.64 -14.24
C VAL K 448 -5.53 -40.82 -12.94
N VAL K 449 -5.85 -40.02 -11.94
CA VAL K 449 -5.18 -40.03 -10.64
C VAL K 449 -6.22 -40.08 -9.54
N GLY K 450 -5.88 -40.80 -8.47
CA GLY K 450 -6.68 -40.86 -7.26
C GLY K 450 -5.90 -40.34 -6.07
N SER K 451 -6.42 -39.28 -5.44
CA SER K 451 -5.74 -38.58 -4.36
C SER K 451 -6.36 -38.91 -3.01
N GLU K 452 -5.66 -38.49 -1.96
CA GLU K 452 -6.16 -38.64 -0.59
C GLU K 452 -7.30 -37.68 -0.26
N GLU K 453 -7.57 -36.70 -1.13
CA GLU K 453 -8.77 -35.89 -0.98
C GLU K 453 -10.04 -36.73 -1.09
N GLY K 454 -9.98 -37.83 -1.83
CA GLY K 454 -11.14 -38.61 -2.17
C GLY K 454 -11.70 -38.33 -3.56
N SER K 455 -11.07 -37.44 -4.32
CA SER K 455 -11.56 -37.02 -5.62
C SER K 455 -10.63 -37.55 -6.71
N VAL K 456 -11.17 -38.38 -7.59
CA VAL K 456 -10.42 -38.81 -8.76
C VAL K 456 -10.39 -37.66 -9.76
N TYR K 457 -9.27 -37.53 -10.47
CA TYR K 457 -9.09 -36.50 -11.49
C TYR K 457 -8.59 -37.14 -12.78
N THR K 458 -9.32 -36.88 -13.86
CA THR K 458 -8.85 -37.24 -15.20
C THR K 458 -8.02 -36.08 -15.73
N ALA K 459 -6.78 -36.36 -16.12
CA ALA K 459 -5.80 -35.33 -16.44
C ALA K 459 -5.13 -35.65 -17.76
N CYS K 460 -4.52 -34.62 -18.34
CA CYS K 460 -3.75 -34.72 -19.57
C CYS K 460 -2.28 -34.49 -19.25
N ARG K 461 -1.41 -35.29 -19.90
CA ARG K 461 0.01 -35.20 -19.62
C ARG K 461 0.64 -33.96 -20.25
N HIS K 462 0.56 -33.85 -21.57
CA HIS K 462 1.18 -32.78 -22.32
C HIS K 462 0.19 -32.21 -23.32
N GLY K 463 0.32 -30.90 -23.56
CA GLY K 463 -0.53 -30.17 -24.46
C GLY K 463 -0.92 -28.85 -23.85
N SER K 464 -1.82 -28.14 -24.54
CA SER K 464 -2.31 -26.88 -24.01
C SER K 464 -3.11 -27.10 -22.73
N LYS K 465 -3.93 -28.16 -22.70
CA LYS K 465 -4.76 -28.49 -21.55
C LYS K 465 -4.07 -29.46 -20.60
N ALA K 466 -2.74 -29.48 -20.57
CA ALA K 466 -2.01 -30.38 -19.69
C ALA K 466 -2.30 -30.03 -18.24
N GLY K 467 -2.67 -31.03 -17.46
CA GLY K 467 -3.06 -30.88 -16.07
C GLY K 467 -4.36 -31.57 -15.80
N ILE K 468 -4.99 -31.21 -14.69
CA ILE K 468 -6.25 -31.83 -14.30
C ILE K 468 -7.38 -31.22 -15.11
N SER K 469 -8.15 -32.07 -15.78
CA SER K 469 -9.26 -31.62 -16.61
C SER K 469 -10.57 -31.59 -15.84
N GLU K 470 -10.94 -32.71 -15.21
CA GLU K 470 -12.23 -32.86 -14.55
C GLU K 470 -12.02 -33.18 -13.06
N MET K 471 -13.11 -33.05 -12.31
CA MET K 471 -13.14 -33.32 -10.88
C MET K 471 -14.27 -34.29 -10.60
N PHE K 472 -14.04 -35.23 -9.70
CA PHE K 472 -15.04 -36.21 -9.26
C PHE K 472 -15.21 -36.08 -7.76
N GLU K 473 -16.45 -35.89 -7.31
CA GLU K 473 -16.70 -35.71 -5.88
C GLU K 473 -16.65 -37.04 -5.15
N GLY K 474 -17.59 -37.93 -5.44
CA GLY K 474 -17.52 -39.33 -5.07
C GLY K 474 -17.17 -39.68 -3.63
N HIS K 475 -15.98 -40.27 -3.45
CA HIS K 475 -15.59 -40.85 -2.17
C HIS K 475 -15.52 -39.80 -1.08
N GLN K 476 -15.79 -40.24 0.15
CA GLN K 476 -15.74 -39.39 1.33
C GLN K 476 -14.48 -39.60 2.15
N GLY K 477 -13.46 -40.26 1.59
CA GLY K 477 -12.22 -40.50 2.30
C GLY K 477 -11.04 -40.66 1.35
N PRO K 478 -9.84 -40.86 1.91
CA PRO K 478 -8.66 -41.02 1.06
C PRO K 478 -8.76 -42.23 0.14
N ILE K 479 -8.26 -42.07 -1.08
CA ILE K 479 -8.25 -43.15 -2.06
C ILE K 479 -7.01 -44.01 -1.84
N THR K 480 -7.21 -45.32 -1.77
CA THR K 480 -6.10 -46.25 -1.64
C THR K 480 -5.63 -46.75 -3.00
N GLY K 481 -6.55 -46.85 -3.96
CA GLY K 481 -6.17 -47.35 -5.27
C GLY K 481 -7.15 -46.93 -6.35
N ILE K 482 -6.66 -46.95 -7.59
CA ILE K 482 -7.47 -46.67 -8.76
C ILE K 482 -6.89 -47.47 -9.92
N HIS K 483 -7.75 -47.97 -10.80
CA HIS K 483 -7.32 -48.80 -11.91
C HIS K 483 -8.25 -48.63 -13.09
N CYS K 484 -7.68 -48.49 -14.29
CA CYS K 484 -8.47 -48.36 -15.50
C CYS K 484 -8.77 -49.74 -16.10
N HIS K 485 -9.67 -49.75 -17.08
CA HIS K 485 -10.06 -51.00 -17.72
C HIS K 485 -8.94 -51.50 -18.62
N ALA K 486 -8.48 -52.73 -18.36
CA ALA K 486 -7.36 -53.32 -19.09
C ALA K 486 -7.80 -54.23 -20.22
N ALA K 487 -8.96 -54.87 -20.12
CA ALA K 487 -9.41 -55.79 -21.15
C ALA K 487 -9.88 -55.01 -22.37
N VAL K 488 -9.35 -55.39 -23.54
CA VAL K 488 -9.67 -54.74 -24.81
C VAL K 488 -10.11 -55.81 -25.80
N GLY K 489 -11.22 -55.54 -26.49
CA GLY K 489 -11.80 -56.53 -27.37
C GLY K 489 -12.93 -55.99 -28.23
N ALA K 490 -14.02 -56.76 -28.33
CA ALA K 490 -15.12 -56.38 -29.23
C ALA K 490 -15.74 -55.05 -28.82
N VAL K 491 -16.02 -54.87 -27.53
CA VAL K 491 -16.64 -53.65 -27.01
C VAL K 491 -15.60 -52.92 -26.19
N ASP K 492 -15.36 -51.66 -26.54
CA ASP K 492 -14.33 -50.86 -25.88
C ASP K 492 -14.87 -50.30 -24.56
N PHE K 493 -14.24 -50.71 -23.46
CA PHE K 493 -14.60 -50.25 -22.12
C PHE K 493 -13.47 -49.45 -21.46
N SER K 494 -12.58 -48.87 -22.27
CA SER K 494 -11.43 -48.15 -21.74
C SER K 494 -11.82 -46.94 -20.90
N HIS K 495 -12.93 -46.28 -21.22
CA HIS K 495 -13.37 -45.13 -20.44
C HIS K 495 -13.77 -45.47 -19.01
N LEU K 496 -14.03 -46.74 -18.71
CA LEU K 496 -14.41 -47.16 -17.37
C LEU K 496 -13.18 -47.40 -16.50
N PHE K 497 -13.31 -47.05 -15.21
CA PHE K 497 -12.27 -47.34 -14.24
C PHE K 497 -12.93 -47.61 -12.89
N VAL K 498 -12.11 -48.04 -11.94
CA VAL K 498 -12.56 -48.41 -10.60
C VAL K 498 -11.64 -47.75 -9.58
N THR K 499 -12.17 -47.55 -8.37
CA THR K 499 -11.47 -46.84 -7.32
C THR K 499 -11.84 -47.43 -5.97
N SER K 500 -10.87 -47.45 -5.05
CA SER K 500 -11.05 -47.96 -3.70
C SER K 500 -10.41 -47.01 -2.71
N SER K 501 -11.11 -46.78 -1.59
CA SER K 501 -10.73 -45.75 -0.62
C SER K 501 -10.87 -46.31 0.79
N PHE K 502 -10.55 -45.46 1.77
CA PHE K 502 -10.70 -45.80 3.18
C PHE K 502 -12.14 -45.80 3.66
N ASP K 503 -13.10 -45.36 2.84
CA ASP K 503 -14.49 -45.29 3.24
C ASP K 503 -15.25 -46.60 3.03
N TRP K 504 -14.53 -47.72 2.98
CA TRP K 504 -15.11 -49.06 2.92
C TRP K 504 -15.87 -49.32 1.62
N THR K 505 -15.63 -48.50 0.58
CA THR K 505 -16.38 -48.56 -0.66
C THR K 505 -15.46 -48.74 -1.84
N VAL K 506 -15.82 -49.69 -2.70
CA VAL K 506 -15.30 -49.78 -4.07
C VAL K 506 -16.28 -48.98 -4.93
N LYS K 507 -15.80 -48.44 -6.05
CA LYS K 507 -16.61 -47.57 -6.88
C LYS K 507 -16.22 -47.73 -8.34
N LEU K 508 -17.17 -48.16 -9.16
CA LEU K 508 -16.98 -48.25 -10.61
C LEU K 508 -17.53 -46.99 -11.26
N TRP K 509 -16.65 -46.24 -11.93
CA TRP K 509 -16.95 -44.97 -12.57
C TRP K 509 -16.55 -45.03 -14.04
N THR K 510 -16.91 -43.99 -14.77
CA THR K 510 -16.44 -43.79 -16.14
C THR K 510 -16.10 -42.33 -16.33
N THR K 511 -15.25 -42.06 -17.33
CA THR K 511 -14.83 -40.69 -17.60
C THR K 511 -16.00 -39.81 -18.02
N LYS K 512 -16.98 -40.37 -18.75
CA LYS K 512 -18.07 -39.57 -19.28
C LYS K 512 -18.93 -39.00 -18.15
N ASN K 513 -19.31 -39.83 -17.19
CA ASN K 513 -20.22 -39.44 -16.12
C ASN K 513 -19.42 -38.93 -14.93
N ASN K 514 -19.60 -37.65 -14.61
CA ASN K 514 -18.94 -37.08 -13.44
C ASN K 514 -19.38 -37.77 -12.16
N LYS K 515 -20.66 -38.06 -12.03
CA LYS K 515 -21.19 -38.71 -10.84
C LYS K 515 -20.82 -40.19 -10.84
N PRO K 516 -20.87 -40.86 -9.69
CA PRO K 516 -20.62 -42.31 -9.67
C PRO K 516 -21.62 -43.08 -10.54
N LEU K 517 -21.12 -44.14 -11.16
CA LEU K 517 -22.00 -45.09 -11.85
C LEU K 517 -22.47 -46.17 -10.88
N TYR K 518 -21.56 -46.79 -10.13
CA TYR K 518 -21.97 -47.79 -9.15
C TYR K 518 -20.99 -47.83 -7.99
N SER K 519 -21.49 -48.21 -6.82
CA SER K 519 -20.70 -48.32 -5.60
C SER K 519 -20.98 -49.66 -4.94
N PHE K 520 -19.92 -50.30 -4.44
CA PHE K 520 -19.99 -51.56 -3.71
C PHE K 520 -19.56 -51.29 -2.27
N GLU K 521 -20.41 -51.67 -1.32
CA GLU K 521 -20.16 -51.48 0.11
C GLU K 521 -20.35 -52.76 0.90
N ASP K 522 -20.23 -53.92 0.25
CA ASP K 522 -20.37 -55.19 0.95
C ASP K 522 -19.26 -55.42 1.96
N ASN K 523 -18.11 -54.78 1.80
CA ASN K 523 -17.01 -54.93 2.74
C ASN K 523 -17.29 -54.18 4.03
N ALA K 524 -16.82 -54.75 5.14
CA ALA K 524 -16.98 -54.19 6.47
C ALA K 524 -15.65 -53.70 7.04
N ASP K 525 -14.79 -53.11 6.21
CA ASP K 525 -13.49 -52.64 6.65
C ASP K 525 -12.90 -51.76 5.55
N TYR K 526 -11.68 -51.29 5.77
CA TYR K 526 -10.95 -50.54 4.77
C TYR K 526 -10.64 -51.41 3.56
N VAL K 527 -11.32 -51.19 2.44
CA VAL K 527 -10.93 -51.83 1.19
C VAL K 527 -9.67 -51.15 0.69
N TYR K 528 -8.61 -51.93 0.46
CA TYR K 528 -7.28 -51.37 0.28
C TYR K 528 -6.83 -51.30 -1.17
N ASP K 529 -7.22 -52.22 -2.05
CA ASP K 529 -7.05 -51.90 -3.47
C ASP K 529 -7.99 -52.73 -4.32
N VAL K 530 -8.15 -52.28 -5.56
CA VAL K 530 -9.11 -52.83 -6.51
C VAL K 530 -8.46 -52.83 -7.89
N MET K 531 -8.47 -53.99 -8.55
CA MET K 531 -7.83 -54.18 -9.85
C MET K 531 -8.78 -54.86 -10.83
N TRP K 532 -8.81 -54.35 -12.05
CA TRP K 532 -9.53 -54.98 -13.14
C TRP K 532 -8.82 -56.27 -13.56
N SER K 533 -9.55 -57.10 -14.31
CA SER K 533 -8.95 -58.26 -14.96
C SER K 533 -8.51 -57.89 -16.37
N PRO K 534 -7.40 -58.43 -16.90
CA PRO K 534 -6.97 -58.04 -18.25
C PRO K 534 -7.65 -58.81 -19.37
N THR K 535 -8.37 -59.90 -19.06
CA THR K 535 -9.05 -60.71 -20.06
C THR K 535 -10.56 -60.56 -19.99
N HIS K 536 -11.15 -60.80 -18.83
CA HIS K 536 -12.60 -60.73 -18.68
C HIS K 536 -13.03 -59.27 -18.55
N PRO K 537 -13.97 -58.78 -19.38
CA PRO K 537 -14.26 -57.34 -19.36
C PRO K 537 -15.00 -56.91 -18.10
N ALA K 538 -15.83 -57.79 -17.56
CA ALA K 538 -16.64 -57.49 -16.38
C ALA K 538 -15.96 -57.85 -15.07
N LEU K 539 -15.23 -58.96 -15.03
CA LEU K 539 -14.68 -59.43 -13.77
C LEU K 539 -13.60 -58.49 -13.27
N PHE K 540 -13.65 -58.21 -11.97
CA PHE K 540 -12.58 -57.48 -11.30
C PHE K 540 -12.48 -58.01 -9.88
N ALA K 541 -11.45 -57.54 -9.16
CA ALA K 541 -11.17 -58.06 -7.83
C ALA K 541 -10.73 -56.91 -6.93
N CYS K 542 -10.81 -57.18 -5.63
CA CYS K 542 -10.36 -56.21 -4.63
C CYS K 542 -9.86 -56.99 -3.42
N VAL K 543 -9.04 -56.33 -2.61
CA VAL K 543 -8.63 -56.89 -1.33
C VAL K 543 -8.73 -55.79 -0.27
N ASP K 544 -9.14 -56.21 0.92
CA ASP K 544 -9.47 -55.31 2.03
C ASP K 544 -8.61 -55.64 3.25
N GLY K 545 -8.88 -54.92 4.35
CA GLY K 545 -8.03 -54.97 5.53
C GLY K 545 -8.31 -56.10 6.50
N MET K 546 -9.45 -56.78 6.40
CA MET K 546 -9.76 -57.91 7.26
C MET K 546 -9.43 -59.25 6.59
N GLY K 547 -8.49 -59.26 5.65
CA GLY K 547 -7.99 -60.48 5.07
C GLY K 547 -8.71 -60.99 3.85
N ARG K 548 -9.76 -60.32 3.37
CA ARG K 548 -10.58 -60.86 2.30
C ARG K 548 -10.12 -60.35 0.94
N LEU K 549 -9.88 -61.29 0.04
CA LEU K 549 -9.78 -61.05 -1.40
C LEU K 549 -11.10 -61.47 -2.04
N ASP K 550 -11.77 -60.52 -2.69
CA ASP K 550 -13.10 -60.72 -3.25
C ASP K 550 -13.06 -60.48 -4.74
N LEU K 551 -13.56 -61.45 -5.51
CA LEU K 551 -13.73 -61.35 -6.95
C LEU K 551 -15.20 -61.07 -7.25
N TRP K 552 -15.45 -59.98 -7.97
CA TRP K 552 -16.78 -59.56 -8.38
C TRP K 552 -16.89 -59.73 -9.89
N ASN K 553 -17.92 -60.45 -10.32
CA ASN K 553 -18.25 -60.61 -11.74
C ASN K 553 -19.55 -59.86 -11.99
N LEU K 554 -19.45 -58.68 -12.60
CA LEU K 554 -20.62 -57.86 -12.83
C LEU K 554 -21.60 -58.49 -13.80
N ASN K 555 -21.11 -59.31 -14.74
CA ASN K 555 -22.02 -60.02 -15.64
C ASN K 555 -22.90 -61.00 -14.87
N ASN K 556 -22.32 -61.69 -13.88
CA ASN K 556 -23.08 -62.67 -13.12
C ASN K 556 -23.87 -62.00 -12.00
N ASP K 557 -23.23 -61.10 -11.25
CA ASP K 557 -23.88 -60.50 -10.09
C ASP K 557 -23.16 -59.20 -9.75
N THR K 558 -23.89 -58.08 -9.84
CA THR K 558 -23.43 -56.81 -9.30
C THR K 558 -23.91 -56.58 -7.87
N GLU K 559 -24.22 -57.67 -7.15
CA GLU K 559 -24.84 -57.64 -5.84
C GLU K 559 -23.98 -58.27 -4.75
N VAL K 560 -23.33 -59.38 -5.06
CA VAL K 560 -22.53 -60.15 -4.09
C VAL K 560 -21.19 -60.44 -4.76
N PRO K 561 -20.09 -60.61 -4.02
CA PRO K 561 -18.86 -61.09 -4.67
C PRO K 561 -19.08 -62.44 -5.33
N THR K 562 -18.57 -62.58 -6.55
CA THR K 562 -18.67 -63.84 -7.26
C THR K 562 -17.89 -64.93 -6.55
N ALA K 563 -16.72 -64.58 -6.02
CA ALA K 563 -15.92 -65.49 -5.20
C ALA K 563 -15.24 -64.69 -4.10
N SER K 564 -14.85 -65.38 -3.03
CA SER K 564 -14.18 -64.73 -1.92
C SER K 564 -13.29 -65.74 -1.22
N ILE K 565 -12.09 -65.31 -0.84
CA ILE K 565 -11.17 -66.13 -0.09
C ILE K 565 -10.48 -65.27 0.95
N SER K 566 -9.94 -65.92 1.98
CA SER K 566 -9.30 -65.25 3.10
C SER K 566 -7.99 -65.96 3.43
N VAL K 567 -6.93 -65.18 3.62
CA VAL K 567 -5.63 -65.75 3.94
C VAL K 567 -5.64 -66.29 5.37
N GLU K 568 -4.76 -67.26 5.62
CA GLU K 568 -4.65 -67.86 6.94
C GLU K 568 -4.23 -66.82 7.96
N GLY K 569 -4.92 -66.76 9.09
CA GLY K 569 -4.67 -65.79 10.13
C GLY K 569 -5.34 -64.45 9.91
N ASN K 570 -5.85 -64.19 8.70
CA ASN K 570 -6.45 -62.92 8.29
C ASN K 570 -5.64 -61.69 8.72
N PRO K 571 -4.43 -61.48 8.16
CA PRO K 571 -3.81 -60.15 8.28
C PRO K 571 -4.32 -59.20 7.21
N ALA K 572 -3.92 -57.93 7.28
CA ALA K 572 -4.45 -56.91 6.39
C ALA K 572 -3.78 -57.01 5.02
N LEU K 573 -4.58 -57.35 4.01
CA LEU K 573 -4.08 -57.41 2.64
C LEU K 573 -3.94 -56.00 2.09
N ASN K 574 -2.71 -55.61 1.74
CA ASN K 574 -2.39 -54.23 1.41
C ASN K 574 -2.38 -53.93 -0.08
N ARG K 575 -2.07 -54.92 -0.93
CA ARG K 575 -2.01 -54.69 -2.37
C ARG K 575 -2.32 -55.98 -3.09
N VAL K 576 -2.91 -55.86 -4.29
CA VAL K 576 -3.24 -57.01 -5.12
C VAL K 576 -2.80 -56.71 -6.55
N ARG K 577 -2.67 -57.77 -7.35
CA ARG K 577 -2.25 -57.62 -8.74
C ARG K 577 -2.70 -58.83 -9.55
N TRP K 578 -3.18 -58.56 -10.76
CA TRP K 578 -3.57 -59.61 -11.70
C TRP K 578 -2.38 -59.98 -12.59
N THR K 579 -2.32 -61.25 -12.97
CA THR K 579 -1.39 -61.65 -14.01
C THR K 579 -1.95 -61.28 -15.38
N HIS K 580 -1.08 -61.28 -16.39
CA HIS K 580 -1.50 -60.83 -17.71
C HIS K 580 -2.47 -61.82 -18.36
N SER K 581 -2.32 -63.10 -18.07
CA SER K 581 -3.30 -64.08 -18.54
C SER K 581 -4.62 -64.01 -17.78
N GLY K 582 -4.63 -63.39 -16.59
CA GLY K 582 -5.82 -63.31 -15.78
C GLY K 582 -6.12 -64.55 -14.97
N ARG K 583 -5.31 -65.61 -15.09
CA ARG K 583 -5.59 -66.87 -14.42
C ARG K 583 -5.06 -66.94 -13.00
N GLU K 584 -4.25 -65.97 -12.57
CA GLU K 584 -3.68 -65.95 -11.23
C GLU K 584 -3.77 -64.53 -10.68
N ILE K 585 -3.85 -64.43 -9.36
CA ILE K 585 -3.90 -63.15 -8.66
C ILE K 585 -2.96 -63.24 -7.46
N ALA K 586 -2.08 -62.24 -7.33
CA ALA K 586 -1.12 -62.15 -6.24
C ALA K 586 -1.60 -61.07 -5.28
N VAL K 587 -1.30 -61.26 -4.00
CA VAL K 587 -1.73 -60.33 -2.96
C VAL K 587 -0.65 -60.26 -1.88
N GLY K 588 -0.41 -59.05 -1.38
CA GLY K 588 0.58 -58.83 -0.35
C GLY K 588 -0.01 -58.04 0.80
N ASP K 589 0.48 -58.35 2.00
CA ASP K 589 -0.12 -57.92 3.27
C ASP K 589 0.95 -57.23 4.14
N SER K 590 0.61 -56.99 5.40
CA SER K 590 1.42 -56.15 6.27
C SER K 590 2.65 -56.84 6.85
N GLU K 591 2.79 -58.16 6.72
CA GLU K 591 3.98 -58.86 7.21
C GLU K 591 4.83 -59.43 6.07
N GLY K 592 4.72 -58.86 4.87
CA GLY K 592 5.53 -59.32 3.76
C GLY K 592 5.20 -60.71 3.26
N GLN K 593 3.96 -61.15 3.45
CA GLN K 593 3.52 -62.49 3.04
C GLN K 593 2.78 -62.36 1.72
N ILE K 594 3.40 -62.85 0.66
CA ILE K 594 2.81 -62.83 -0.69
C ILE K 594 2.07 -64.14 -0.91
N VAL K 595 0.82 -64.05 -1.35
CA VAL K 595 -0.05 -65.20 -1.59
C VAL K 595 -0.56 -65.13 -3.02
N ILE K 596 -0.52 -66.27 -3.71
CA ILE K 596 -0.96 -66.36 -5.11
C ILE K 596 -2.10 -67.37 -5.18
N TYR K 597 -3.22 -66.94 -5.76
CA TYR K 597 -4.37 -67.79 -5.98
C TYR K 597 -4.65 -67.92 -7.48
N ASP K 598 -4.72 -69.16 -7.94
CA ASP K 598 -5.18 -69.46 -9.29
C ASP K 598 -6.70 -69.32 -9.33
N VAL K 599 -7.18 -68.74 -10.42
CA VAL K 599 -8.60 -68.52 -10.65
C VAL K 599 -9.12 -69.60 -11.59
N GLY K 600 -10.35 -70.04 -11.36
CA GLY K 600 -10.92 -71.09 -12.17
C GLY K 600 -11.18 -70.65 -13.60
N GLU K 601 -11.33 -71.64 -14.48
CA GLU K 601 -11.61 -71.37 -15.88
C GLU K 601 -13.01 -70.77 -16.07
N GLN K 602 -14.00 -71.27 -15.33
CA GLN K 602 -15.39 -70.89 -15.57
C GLN K 602 -15.72 -69.47 -15.15
N ILE K 603 -14.83 -68.79 -14.41
CA ILE K 603 -15.03 -67.41 -13.99
C ILE K 603 -14.13 -66.46 -14.78
N ALA K 604 -12.84 -66.79 -14.87
CA ALA K 604 -11.88 -65.88 -15.49
C ALA K 604 -12.04 -65.82 -17.00
N VAL K 605 -12.23 -66.98 -17.64
CA VAL K 605 -12.24 -67.05 -19.10
C VAL K 605 -13.50 -66.36 -19.62
N PRO K 606 -13.40 -65.32 -20.46
CA PRO K 606 -14.63 -64.69 -20.97
C PRO K 606 -15.15 -65.40 -22.21
N ARG K 607 -16.43 -65.79 -22.17
CA ARG K 607 -17.09 -66.34 -23.33
C ARG K 607 -17.25 -65.27 -24.41
N ASN K 608 -17.76 -65.67 -25.56
CA ASN K 608 -17.94 -64.73 -26.66
C ASN K 608 -19.01 -63.68 -26.38
N ASP K 609 -19.91 -63.93 -25.42
CA ASP K 609 -21.01 -63.03 -25.10
C ASP K 609 -20.82 -62.27 -23.80
N GLU K 610 -19.68 -62.41 -23.14
CA GLU K 610 -19.48 -61.69 -21.87
C GLU K 610 -19.34 -60.19 -22.08
N TRP K 611 -18.76 -59.78 -23.21
CA TRP K 611 -18.63 -58.35 -23.49
C TRP K 611 -19.99 -57.69 -23.66
N ALA K 612 -20.88 -58.33 -24.43
CA ALA K 612 -22.24 -57.82 -24.55
C ALA K 612 -22.97 -57.90 -23.21
N ARG K 613 -22.68 -58.90 -22.40
CA ARG K 613 -23.29 -58.98 -21.07
C ARG K 613 -22.89 -57.78 -20.22
N PHE K 614 -21.61 -57.39 -20.27
CA PHE K 614 -21.19 -56.22 -19.52
C PHE K 614 -21.77 -54.94 -20.11
N GLY K 615 -21.91 -54.88 -21.44
CA GLY K 615 -22.58 -53.73 -22.03
C GLY K 615 -24.00 -53.58 -21.54
N ARG K 616 -24.75 -54.69 -21.49
CA ARG K 616 -26.11 -54.66 -20.95
C ARG K 616 -26.12 -54.32 -19.47
N THR K 617 -25.15 -54.83 -18.70
CA THR K 617 -25.09 -54.52 -17.28
C THR K 617 -24.85 -53.03 -17.06
N LEU K 618 -23.95 -52.43 -17.84
CA LEU K 618 -23.71 -50.99 -17.73
C LEU K 618 -24.92 -50.19 -18.16
N ALA K 619 -25.60 -50.62 -19.23
CA ALA K 619 -26.79 -49.91 -19.67
C ALA K 619 -27.90 -49.96 -18.62
N GLU K 620 -28.08 -51.11 -17.97
CA GLU K 620 -29.15 -51.25 -16.98
C GLU K 620 -28.92 -50.35 -15.78
N ILE K 621 -27.68 -50.25 -15.31
CA ILE K 621 -27.36 -49.47 -14.13
C ILE K 621 -27.59 -47.99 -14.41
N VAL L 349 60.88 -40.18 -2.10
CA VAL L 349 60.45 -39.92 -0.73
C VAL L 349 58.99 -40.34 -0.57
N HIS L 350 58.77 -41.37 0.23
CA HIS L 350 57.43 -41.91 0.40
C HIS L 350 56.53 -40.88 1.09
N ASP L 351 55.32 -40.73 0.56
CA ASP L 351 54.42 -39.67 1.02
C ASP L 351 53.96 -39.92 2.45
N LYS L 352 53.69 -38.81 3.16
CA LYS L 352 53.16 -38.90 4.51
C LYS L 352 51.77 -39.52 4.49
N GLU L 353 51.47 -40.33 5.49
CA GLU L 353 50.17 -40.98 5.60
C GLU L 353 49.12 -40.00 6.10
N LEU L 354 48.35 -39.43 5.19
CA LEU L 354 47.23 -38.60 5.57
C LEU L 354 46.06 -39.46 6.02
N ALA L 355 45.30 -38.97 6.99
CA ALA L 355 44.17 -39.72 7.54
C ALA L 355 43.19 -38.74 8.18
N ALA L 356 41.91 -38.98 7.93
CA ALA L 356 40.87 -38.20 8.58
C ALA L 356 40.72 -38.61 10.04
N GLU L 357 40.23 -37.70 10.85
CA GLU L 357 40.06 -37.96 12.27
C GLU L 357 38.82 -38.82 12.50
N ASP L 358 38.70 -39.33 13.73
CA ASP L 358 37.55 -40.14 14.09
C ASP L 358 36.28 -39.30 14.07
N GLU L 359 35.15 -39.96 13.82
CA GLU L 359 33.87 -39.25 13.83
C GLU L 359 33.55 -38.72 15.23
N GLN L 360 33.84 -39.49 16.27
CA GLN L 360 33.57 -39.04 17.62
C GLN L 360 34.42 -37.83 17.98
N VAL L 361 35.74 -37.92 17.77
CA VAL L 361 36.61 -36.81 18.11
C VAL L 361 36.32 -35.63 17.19
N PHE L 362 35.98 -35.89 15.93
CA PHE L 362 35.63 -34.79 15.02
C PHE L 362 34.39 -34.05 15.49
N LEU L 363 33.36 -34.77 15.94
CA LEU L 363 32.15 -34.11 16.40
C LEU L 363 32.38 -33.37 17.71
N MET L 364 33.19 -33.95 18.61
CA MET L 364 33.58 -33.24 19.82
C MET L 364 34.34 -31.96 19.48
N LYS L 365 35.23 -32.04 18.49
CA LYS L 365 35.97 -30.87 18.03
C LYS L 365 35.03 -29.81 17.46
N GLN L 366 34.06 -30.23 16.66
CA GLN L 366 33.10 -29.28 16.10
C GLN L 366 32.27 -28.62 17.19
N GLN L 367 31.87 -29.39 18.20
CA GLN L 367 31.15 -28.80 19.33
C GLN L 367 32.03 -27.79 20.06
N SER L 368 33.32 -28.12 20.23
CA SER L 368 34.22 -27.18 20.90
C SER L 368 34.37 -25.88 20.11
N LEU L 369 34.54 -25.98 18.79
CA LEU L 369 34.61 -24.76 17.98
C LEU L 369 33.30 -24.00 17.97
N LEU L 370 32.16 -24.69 18.00
CA LEU L 370 30.88 -23.99 18.10
C LEU L 370 30.78 -23.23 19.43
N ALA L 371 31.25 -23.84 20.52
CA ALA L 371 31.25 -23.15 21.80
C ALA L 371 32.20 -21.95 21.78
N LYS L 372 33.40 -22.12 21.21
CA LYS L 372 34.35 -21.02 21.14
C LYS L 372 33.93 -19.94 20.15
N GLN L 373 33.03 -20.24 19.23
CA GLN L 373 32.55 -19.24 18.28
C GLN L 373 31.54 -18.33 18.99
N PRO L 374 31.78 -17.03 19.12
CA PRO L 374 30.79 -16.17 19.77
C PRO L 374 29.50 -16.07 18.95
N ALA L 375 28.39 -15.90 19.66
CA ALA L 375 27.07 -15.87 19.02
C ALA L 375 26.96 -14.59 18.19
N THR L 376 27.18 -14.72 16.88
CA THR L 376 27.15 -13.57 16.00
C THR L 376 25.71 -13.17 15.67
N PRO L 377 25.46 -11.90 15.31
CA PRO L 377 24.13 -11.54 14.83
C PRO L 377 23.84 -12.17 13.47
N THR L 378 22.55 -12.31 13.19
CA THR L 378 22.09 -12.84 11.90
C THR L 378 21.07 -11.90 11.27
N GLU L 426 61.16 -6.02 -7.98
CA GLU L 426 60.70 -4.84 -7.20
C GLU L 426 61.91 -4.11 -6.61
N GLY L 427 62.52 -4.69 -5.57
CA GLY L 427 63.73 -4.09 -4.97
C GLY L 427 64.87 -4.04 -5.97
N VAL L 428 65.04 -5.10 -6.77
CA VAL L 428 66.11 -5.14 -7.80
C VAL L 428 65.87 -4.04 -8.85
N LEU L 429 64.61 -3.85 -9.26
CA LEU L 429 64.30 -2.76 -10.23
C LEU L 429 64.66 -1.43 -9.58
N ALA L 430 64.30 -1.27 -8.30
CA ALA L 430 64.56 -0.02 -7.56
C ALA L 430 66.08 0.21 -7.47
N SER L 431 66.86 -0.87 -7.33
CA SER L 431 68.32 -0.69 -7.14
C SER L 431 68.93 0.04 -8.32
N PHE L 432 68.49 -0.27 -9.54
CA PHE L 432 69.00 0.48 -10.73
C PHE L 432 68.62 1.95 -10.60
N PHE L 433 67.37 2.23 -10.19
CA PHE L 433 66.89 3.62 -10.09
C PHE L 433 67.71 4.38 -9.03
N ASN L 434 68.00 3.73 -7.91
CA ASN L 434 68.76 4.39 -6.82
C ASN L 434 70.15 4.79 -7.32
N SER L 435 70.80 3.90 -8.10
CA SER L 435 72.17 4.18 -8.55
C SER L 435 72.21 5.42 -9.44
N LEU L 436 71.27 5.53 -10.38
CA LEU L 436 71.32 6.67 -11.34
C LEU L 436 71.13 7.98 -10.58
N LEU L 437 70.25 8.00 -9.58
CA LEU L 437 70.00 9.24 -8.81
C LEU L 437 71.28 9.68 -8.12
N SER L 438 72.02 8.73 -7.55
CA SER L 438 73.30 9.06 -6.85
C SER L 438 74.32 9.63 -7.85
N LYS L 439 74.37 9.08 -9.07
CA LYS L 439 75.28 9.62 -10.12
C LYS L 439 74.65 10.88 -10.74
N HIS M 210 -36.52 35.68 -27.09
CA HIS M 210 -37.87 36.04 -27.50
C HIS M 210 -37.78 37.28 -28.42
N PRO M 211 -38.59 37.36 -29.48
CA PRO M 211 -38.44 38.50 -30.40
C PRO M 211 -38.66 39.85 -29.76
N MET M 212 -39.60 39.96 -28.81
CA MET M 212 -39.86 41.23 -28.17
C MET M 212 -38.65 41.68 -27.35
N ILE M 213 -38.03 40.76 -26.62
CA ILE M 213 -36.83 41.10 -25.86
C ILE M 213 -35.70 41.50 -26.81
N THR M 214 -35.62 40.85 -27.97
CA THR M 214 -34.62 41.23 -28.96
C THR M 214 -34.85 42.66 -29.44
N ASN M 215 -36.11 43.01 -29.73
CA ASN M 215 -36.43 44.37 -30.16
C ASN M 215 -36.09 45.38 -29.07
N VAL M 216 -36.42 45.07 -27.82
CA VAL M 216 -36.14 46.01 -26.73
C VAL M 216 -34.64 46.17 -26.54
N ALA M 217 -33.89 45.07 -26.62
CA ALA M 217 -32.43 45.17 -26.51
C ALA M 217 -31.85 45.99 -27.65
N LYS M 218 -32.37 45.81 -28.86
CA LYS M 218 -31.88 46.58 -30.00
C LYS M 218 -32.15 48.06 -29.81
N GLN M 219 -33.37 48.43 -29.43
CA GLN M 219 -33.71 49.84 -29.28
C GLN M 219 -33.00 50.47 -28.09
N CYS M 220 -32.72 49.71 -27.03
CA CYS M 220 -31.94 50.24 -25.92
C CYS M 220 -30.46 50.38 -26.25
N TYR M 221 -29.94 49.51 -27.11
CA TYR M 221 -28.57 49.70 -27.60
C TYR M 221 -28.48 50.86 -28.57
N GLU M 222 -29.58 51.20 -29.25
CA GLU M 222 -29.59 52.42 -30.05
C GLU M 222 -29.32 53.64 -29.19
N ARG M 223 -29.84 53.65 -27.96
CA ARG M 223 -29.62 54.74 -27.01
C ARG M 223 -28.29 54.62 -26.27
N GLY M 224 -27.51 53.57 -26.50
CA GLY M 224 -26.30 53.38 -25.73
C GLY M 224 -26.57 53.10 -24.27
N GLU M 225 -27.57 52.27 -23.97
CA GLU M 225 -27.97 51.93 -22.62
C GLU M 225 -28.18 50.43 -22.53
N LYS M 226 -27.85 49.87 -21.37
CA LYS M 226 -28.05 48.44 -21.19
C LYS M 226 -29.54 48.13 -20.96
N PRO M 227 -30.00 46.94 -21.32
CA PRO M 227 -31.40 46.58 -21.01
C PRO M 227 -31.62 46.47 -19.51
N LYS M 228 -32.85 46.76 -19.10
CA LYS M 228 -33.21 46.73 -17.69
C LYS M 228 -34.67 46.33 -17.57
N VAL M 229 -35.05 45.91 -16.36
CA VAL M 229 -36.40 45.41 -16.14
C VAL M 229 -37.43 46.52 -16.33
N THR M 230 -37.17 47.70 -15.77
CA THR M 230 -38.12 48.80 -15.85
C THR M 230 -38.28 49.36 -17.26
N ASP M 231 -37.34 49.08 -18.16
CA ASP M 231 -37.48 49.57 -19.53
C ASP M 231 -38.69 48.97 -20.24
N PHE M 232 -39.09 47.76 -19.86
CA PHE M 232 -40.30 47.15 -20.41
C PHE M 232 -41.55 47.82 -19.89
N GLY M 233 -41.55 48.23 -18.63
CA GLY M 233 -42.70 48.93 -18.07
C GLY M 233 -43.93 48.06 -18.03
N ASP M 234 -45.02 48.56 -18.64
CA ASP M 234 -46.30 47.88 -18.57
C ASP M 234 -46.25 46.48 -19.16
N LYS M 235 -45.29 46.21 -20.05
CA LYS M 235 -45.15 44.88 -20.62
C LYS M 235 -44.79 43.82 -19.60
N VAL M 236 -44.16 44.19 -18.47
CA VAL M 236 -43.75 43.18 -17.51
C VAL M 236 -44.95 42.48 -16.86
N GLU M 237 -46.09 43.17 -16.73
CA GLU M 237 -47.28 42.62 -16.08
C GLU M 237 -48.21 41.91 -17.06
N ASP M 238 -47.90 41.89 -18.34
CA ASP M 238 -48.80 41.29 -19.32
C ASP M 238 -48.79 39.77 -19.17
N PRO M 239 -49.92 39.11 -18.89
CA PRO M 239 -49.88 37.64 -18.80
C PRO M 239 -49.46 36.96 -20.08
N THR M 240 -49.82 37.49 -21.24
CA THR M 240 -49.43 36.86 -22.50
C THR M 240 -47.92 36.92 -22.70
N PHE M 241 -47.32 38.08 -22.42
CA PHE M 241 -45.88 38.22 -22.58
C PHE M 241 -45.13 37.28 -21.64
N LEU M 242 -45.54 37.22 -20.38
CA LEU M 242 -44.89 36.31 -19.43
C LEU M 242 -45.10 34.86 -19.82
N ASN M 243 -46.29 34.50 -20.32
CA ASN M 243 -46.50 33.13 -20.76
C ASN M 243 -45.61 32.78 -21.94
N GLN M 244 -45.44 33.70 -22.88
CA GLN M 244 -44.55 33.44 -24.01
C GLN M 244 -43.10 33.29 -23.55
N LEU M 245 -42.67 34.15 -22.63
CA LEU M 245 -41.31 34.02 -22.10
C LEU M 245 -41.14 32.70 -21.36
N GLN M 246 -42.14 32.28 -20.60
CA GLN M 246 -42.05 31.00 -19.89
C GLN M 246 -41.96 29.83 -20.86
N SER M 247 -42.74 29.87 -21.93
CA SER M 247 -42.65 28.81 -22.94
C SER M 247 -41.28 28.79 -23.60
N GLY M 248 -40.74 29.97 -23.92
CA GLY M 248 -39.40 30.03 -24.48
C GLY M 248 -38.35 29.50 -23.53
N VAL M 249 -38.49 29.81 -22.24
CA VAL M 249 -37.53 29.31 -21.27
C VAL M 249 -37.63 27.79 -21.15
N ASN M 250 -38.86 27.25 -21.18
CA ASN M 250 -39.01 25.80 -21.12
C ASN M 250 -38.36 25.15 -22.32
N ARG M 251 -38.49 25.77 -23.50
CA ARG M 251 -37.77 25.29 -24.67
C ARG M 251 -36.27 25.34 -24.45
N TRP M 252 -35.78 26.39 -23.77
CA TRP M 252 -34.36 26.48 -23.46
C TRP M 252 -33.89 25.33 -22.57
N ILE M 253 -34.67 25.01 -21.53
CA ILE M 253 -34.26 23.89 -20.67
C ILE M 253 -34.28 22.58 -21.44
N ARG M 254 -35.27 22.39 -22.31
CA ARG M 254 -35.29 21.15 -23.10
C ARG M 254 -34.06 21.08 -24.01
N GLU M 255 -33.71 22.19 -24.65
CA GLU M 255 -32.52 22.21 -25.51
C GLU M 255 -31.26 21.92 -24.70
N ILE M 256 -31.12 22.54 -23.53
CA ILE M 256 -29.90 22.35 -22.74
C ILE M 256 -29.83 20.92 -22.22
N GLN M 257 -30.98 20.35 -21.83
CA GLN M 257 -30.99 18.97 -21.35
C GLN M 257 -30.70 17.99 -22.47
N LYS M 258 -30.99 18.36 -23.73
CA LYS M 258 -30.56 17.51 -24.83
C LYS M 258 -29.04 17.37 -24.89
N VAL M 259 -28.31 18.39 -24.43
CA VAL M 259 -26.86 18.41 -24.51
C VAL M 259 -26.21 17.87 -23.23
N THR M 260 -26.71 18.29 -22.07
CA THR M 260 -26.07 17.93 -20.80
C THR M 260 -26.23 16.47 -20.43
N LYS M 261 -27.26 15.80 -20.95
CA LYS M 261 -27.50 14.39 -20.66
C LYS M 261 -26.70 13.46 -21.56
N LEU M 262 -25.74 13.99 -22.33
CA LEU M 262 -24.92 13.15 -23.20
C LEU M 262 -23.97 12.32 -22.34
N ASP M 263 -24.19 11.00 -22.34
CA ASP M 263 -23.30 10.05 -21.70
C ASP M 263 -23.02 8.93 -22.69
N ARG M 264 -21.76 8.53 -22.75
CA ARG M 264 -21.27 7.60 -23.78
C ARG M 264 -20.83 6.30 -23.14
N ASP M 265 -21.19 5.19 -23.78
CA ASP M 265 -20.71 3.88 -23.37
C ASP M 265 -19.20 3.82 -23.64
N PRO M 266 -18.34 3.58 -22.64
CA PRO M 266 -16.90 3.57 -22.93
C PRO M 266 -16.39 2.28 -23.53
N ALA M 267 -17.14 1.18 -23.41
CA ALA M 267 -16.70 -0.08 -24.02
C ALA M 267 -16.72 0.03 -25.54
N SER M 268 -17.84 0.50 -26.10
CA SER M 268 -17.95 0.65 -27.55
C SER M 268 -17.10 1.81 -28.03
N GLY M 269 -16.50 1.65 -29.20
CA GLY M 269 -15.68 2.68 -29.80
C GLY M 269 -14.25 2.67 -29.29
N THR M 270 -13.42 3.48 -29.94
CA THR M 270 -12.01 3.56 -29.61
C THR M 270 -11.79 4.52 -28.44
N ALA M 271 -10.53 4.66 -28.03
CA ALA M 271 -10.18 5.62 -26.99
C ALA M 271 -10.20 7.04 -27.52
N LEU M 272 -9.75 7.24 -28.76
CA LEU M 272 -9.82 8.55 -29.38
C LEU M 272 -11.26 9.04 -29.46
N GLN M 273 -12.21 8.14 -29.69
CA GLN M 273 -13.62 8.53 -29.71
C GLN M 273 -14.04 9.09 -28.35
N GLU M 274 -13.65 8.42 -27.27
CA GLU M 274 -14.01 8.91 -25.93
C GLU M 274 -13.35 10.25 -25.64
N ILE M 275 -12.06 10.38 -25.95
CA ILE M 275 -11.35 11.62 -25.63
C ILE M 275 -11.92 12.77 -26.44
N SER M 276 -12.15 12.56 -27.73
CA SER M 276 -12.74 13.61 -28.56
C SER M 276 -14.16 13.94 -28.12
N PHE M 277 -14.94 12.93 -27.72
CA PHE M 277 -16.30 13.21 -27.24
C PHE M 277 -16.27 14.07 -25.99
N TRP M 278 -15.37 13.77 -25.05
CA TRP M 278 -15.32 14.55 -23.83
C TRP M 278 -14.85 15.97 -24.10
N LEU M 279 -13.84 16.14 -24.96
CA LEU M 279 -13.39 17.49 -25.29
C LEU M 279 -14.48 18.27 -26.01
N ASN M 280 -15.20 17.61 -26.92
CA ASN M 280 -16.29 18.28 -27.64
C ASN M 280 -17.40 18.68 -26.69
N LEU M 281 -17.75 17.80 -25.75
CA LEU M 281 -18.77 18.14 -24.76
C LEU M 281 -18.32 19.30 -23.90
N GLU M 282 -17.04 19.34 -23.52
CA GLU M 282 -16.52 20.47 -22.76
C GLU M 282 -16.68 21.78 -23.54
N ARG M 283 -16.31 21.77 -24.81
CA ARG M 283 -16.43 22.99 -25.62
C ARG M 283 -17.89 23.40 -25.78
N ALA M 284 -18.78 22.43 -26.03
CA ALA M 284 -20.19 22.75 -26.20
C ALA M 284 -20.78 23.30 -24.90
N LEU M 285 -20.39 22.73 -23.76
CA LEU M 285 -20.89 23.23 -22.48
C LEU M 285 -20.37 24.62 -22.19
N TYR M 286 -19.12 24.93 -22.57
CA TYR M 286 -18.63 26.28 -22.43
C TYR M 286 -19.41 27.25 -23.31
N ARG M 287 -19.75 26.82 -24.52
CA ARG M 287 -20.56 27.67 -25.40
C ARG M 287 -21.94 27.93 -24.79
N ILE M 288 -22.57 26.89 -24.24
CA ILE M 288 -23.86 27.06 -23.61
C ILE M 288 -23.77 27.98 -22.41
N GLN M 289 -22.71 27.84 -21.61
CA GLN M 289 -22.51 28.71 -20.46
C GLN M 289 -22.31 30.16 -20.88
N GLU M 290 -21.55 30.39 -21.95
CA GLU M 290 -21.36 31.75 -22.45
C GLU M 290 -22.68 32.33 -22.94
N LYS M 291 -23.51 31.52 -23.59
CA LYS M 291 -24.84 31.99 -23.99
C LYS M 291 -25.72 32.30 -22.78
N ARG M 292 -25.61 31.50 -21.72
CA ARG M 292 -26.44 31.70 -20.54
C ARG M 292 -26.14 33.02 -19.85
N GLU M 293 -24.90 33.47 -19.90
CA GLU M 293 -24.50 34.73 -19.25
C GLU M 293 -24.79 35.95 -20.11
N SER M 294 -25.29 35.77 -21.33
CA SER M 294 -25.52 36.91 -22.20
C SER M 294 -26.63 37.80 -21.63
N PRO M 295 -26.67 39.09 -22.00
CA PRO M 295 -27.70 39.97 -21.42
C PRO M 295 -29.12 39.55 -21.73
N GLU M 296 -29.38 38.92 -22.88
CA GLU M 296 -30.75 38.55 -23.23
C GLU M 296 -31.31 37.52 -22.25
N VAL M 297 -30.54 36.48 -21.95
CA VAL M 297 -31.02 35.43 -21.05
C VAL M 297 -31.23 35.98 -19.65
N LEU M 298 -30.28 36.79 -19.16
CA LEU M 298 -30.42 37.36 -17.83
C LEU M 298 -31.62 38.29 -17.75
N LEU M 299 -31.84 39.10 -18.79
CA LEU M 299 -33.00 39.98 -18.80
C LEU M 299 -34.30 39.19 -18.83
N THR M 300 -34.35 38.10 -19.60
CA THR M 300 -35.54 37.26 -19.64
C THR M 300 -35.81 36.67 -18.26
N LEU M 301 -34.78 36.16 -17.59
CA LEU M 301 -34.98 35.59 -16.26
C LEU M 301 -35.39 36.66 -15.26
N ASP M 302 -34.82 37.86 -15.35
CA ASP M 302 -35.21 38.93 -14.45
C ASP M 302 -36.66 39.33 -14.67
N ILE M 303 -37.10 39.40 -15.93
CA ILE M 303 -38.49 39.75 -16.21
C ILE M 303 -39.42 38.67 -15.66
N LEU M 304 -39.07 37.40 -15.85
CA LEU M 304 -39.91 36.33 -15.31
C LEU M 304 -39.94 36.34 -13.79
N LYS M 305 -38.82 36.69 -13.15
CA LYS M 305 -38.81 36.83 -11.70
C LYS M 305 -39.70 37.97 -11.25
N HIS M 306 -39.65 39.11 -11.94
CA HIS M 306 -40.46 40.26 -11.57
C HIS M 306 -41.94 39.99 -11.73
N GLY M 307 -42.32 39.06 -12.60
CA GLY M 307 -43.68 38.59 -12.72
C GLY M 307 -44.03 37.44 -11.81
N LYS M 308 -43.11 37.04 -10.93
CA LYS M 308 -43.32 35.93 -10.00
C LYS M 308 -43.57 34.61 -10.72
N ARG M 309 -43.01 34.45 -11.92
CA ARG M 309 -43.08 33.20 -12.66
C ARG M 309 -41.86 32.34 -12.31
N PHE M 310 -41.79 31.98 -11.04
CA PHE M 310 -40.62 31.28 -10.51
C PHE M 310 -40.50 29.85 -10.99
N HIS M 311 -41.54 29.29 -11.62
CA HIS M 311 -41.43 27.96 -12.20
C HIS M 311 -40.29 27.90 -13.21
N ALA M 312 -40.33 28.80 -14.20
CA ALA M 312 -39.35 28.79 -15.27
C ALA M 312 -37.96 29.11 -14.75
N THR M 313 -37.86 30.09 -13.86
CA THR M 313 -36.54 30.50 -13.37
C THR M 313 -35.90 29.42 -12.53
N VAL M 314 -36.67 28.81 -11.62
CA VAL M 314 -36.12 27.74 -10.79
C VAL M 314 -35.74 26.55 -11.65
N SER M 315 -36.60 26.18 -12.61
CA SER M 315 -36.27 25.06 -13.49
C SER M 315 -35.03 25.34 -14.32
N PHE M 316 -34.89 26.56 -14.84
CA PHE M 316 -33.71 26.92 -15.59
C PHE M 316 -32.44 26.88 -14.74
N ASP M 317 -32.53 27.33 -13.48
CA ASP M 317 -31.37 27.29 -12.61
C ASP M 317 -30.98 25.86 -12.26
N THR M 318 -31.95 24.99 -12.01
CA THR M 318 -31.70 23.68 -11.43
C THR M 318 -31.80 22.53 -12.43
N ASP M 319 -32.84 22.50 -13.26
CA ASP M 319 -33.11 21.33 -14.10
C ASP M 319 -32.24 21.26 -15.34
N THR M 320 -31.49 22.30 -15.67
CA THR M 320 -30.63 22.23 -16.85
C THR M 320 -29.54 21.18 -16.67
N GLY M 321 -28.99 21.07 -15.46
CA GLY M 321 -27.81 20.23 -15.26
C GLY M 321 -26.54 20.81 -15.83
N LEU M 322 -26.56 22.10 -16.20
CA LEU M 322 -25.39 22.72 -16.81
C LEU M 322 -24.24 22.82 -15.82
N LYS M 323 -24.54 23.14 -14.56
CA LYS M 323 -23.48 23.27 -13.57
C LYS M 323 -22.78 21.94 -13.32
N GLN M 324 -23.55 20.87 -13.16
CA GLN M 324 -22.94 19.56 -12.94
C GLN M 324 -22.15 19.11 -14.15
N ALA M 325 -22.69 19.33 -15.36
CA ALA M 325 -21.97 18.95 -16.57
C ALA M 325 -20.67 19.72 -16.70
N LEU M 326 -20.70 21.02 -16.42
CA LEU M 326 -19.49 21.83 -16.46
C LEU M 326 -18.47 21.33 -15.45
N GLU M 327 -18.92 21.02 -14.23
CA GLU M 327 -18.02 20.50 -13.21
C GLU M 327 -17.39 19.19 -13.67
N THR M 328 -18.19 18.30 -14.24
CA THR M 328 -17.67 17.00 -14.67
C THR M 328 -16.66 17.15 -15.79
N VAL M 329 -16.98 17.94 -16.83
CA VAL M 329 -16.04 18.05 -17.95
C VAL M 329 -14.78 18.80 -17.55
N ASN M 330 -14.90 19.83 -16.69
CA ASN M 330 -13.71 20.52 -16.22
C ASN M 330 -12.86 19.61 -15.36
N ASP M 331 -13.48 18.74 -14.56
CA ASP M 331 -12.73 17.78 -13.78
C ASP M 331 -12.02 16.77 -14.68
N TYR M 332 -12.67 16.36 -15.77
CA TYR M 332 -12.08 15.39 -16.68
C TYR M 332 -11.04 16.01 -17.60
N ASN M 333 -11.03 17.33 -17.76
CA ASN M 333 -10.18 17.96 -18.77
C ASN M 333 -8.69 17.64 -18.66
N PRO M 334 -8.06 17.61 -17.47
CA PRO M 334 -6.62 17.32 -17.44
C PRO M 334 -6.26 15.98 -18.05
N LEU M 335 -7.09 14.96 -17.87
CA LEU M 335 -6.81 13.68 -18.51
C LEU M 335 -7.01 13.76 -20.02
N MET M 336 -8.08 14.43 -20.46
CA MET M 336 -8.37 14.50 -21.89
C MET M 336 -7.48 15.51 -22.60
N LYS M 337 -6.96 16.48 -21.86
CA LYS M 337 -6.14 17.52 -22.48
C LYS M 337 -4.81 16.94 -22.95
N ASP M 338 -4.54 17.09 -24.24
CA ASP M 338 -3.27 16.71 -24.86
C ASP M 338 -2.95 15.24 -24.62
N PHE M 339 -3.91 14.39 -24.97
CA PHE M 339 -3.65 12.96 -24.90
C PHE M 339 -2.66 12.56 -26.00
N PRO M 340 -1.64 11.73 -25.70
CA PRO M 340 -0.65 11.40 -26.74
C PRO M 340 -1.05 10.24 -27.63
N LEU M 341 -2.34 9.88 -27.65
CA LEU M 341 -2.81 8.74 -28.42
C LEU M 341 -2.45 8.83 -29.89
N ASN M 342 -2.39 10.05 -30.44
CA ASN M 342 -2.00 10.21 -31.84
C ASN M 342 -0.62 9.61 -32.12
N ASP M 343 0.31 9.75 -31.18
CA ASP M 343 1.63 9.17 -31.37
C ASP M 343 1.55 7.66 -31.52
N LEU M 344 0.63 7.02 -30.80
CA LEU M 344 0.41 5.59 -31.01
C LEU M 344 -0.26 5.32 -32.35
N LEU M 345 -1.17 6.20 -32.77
CA LEU M 345 -1.89 5.97 -34.01
C LEU M 345 -1.04 6.29 -35.23
N SER M 346 -0.09 7.19 -35.12
CA SER M 346 0.80 7.55 -36.22
C SER M 346 2.09 6.75 -36.24
N ALA M 347 2.31 5.87 -35.27
CA ALA M 347 3.54 5.09 -35.21
C ALA M 347 3.53 4.00 -36.26
N THR M 348 4.63 3.91 -37.01
CA THR M 348 4.81 2.89 -38.04
C THR M 348 5.97 1.95 -37.75
N GLU M 349 6.66 2.09 -36.62
CA GLU M 349 7.75 1.21 -36.22
C GLU M 349 7.53 0.78 -34.78
N LEU M 350 8.02 -0.41 -34.45
CA LEU M 350 7.71 -1.01 -33.16
C LEU M 350 8.30 -0.22 -32.00
N ASP M 351 9.51 0.32 -32.15
CA ASP M 351 10.06 1.15 -31.09
C ASP M 351 9.23 2.41 -30.88
N LYS M 352 8.72 3.00 -31.97
CA LYS M 352 7.83 4.14 -31.84
C LYS M 352 6.55 3.77 -31.12
N ILE M 353 6.01 2.57 -31.40
CA ILE M 353 4.82 2.10 -30.70
C ILE M 353 5.11 1.96 -29.21
N ARG M 354 6.28 1.39 -28.87
CA ARG M 354 6.65 1.23 -27.47
C ARG M 354 6.74 2.58 -26.77
N GLN M 355 7.41 3.55 -27.40
CA GLN M 355 7.51 4.88 -26.79
C GLN M 355 6.15 5.56 -26.67
N ALA M 356 5.28 5.39 -27.67
CA ALA M 356 3.94 5.94 -27.58
C ALA M 356 3.16 5.31 -26.44
N LEU M 357 3.35 4.01 -26.20
CA LEU M 357 2.70 3.36 -25.08
C LEU M 357 3.22 3.90 -23.76
N VAL M 358 4.53 4.14 -23.67
CA VAL M 358 5.10 4.77 -22.47
C VAL M 358 4.45 6.12 -22.23
N ALA M 359 4.35 6.94 -23.28
CA ALA M 359 3.74 8.25 -23.14
C ALA M 359 2.27 8.16 -22.75
N ILE M 360 1.55 7.20 -23.33
CA ILE M 360 0.12 7.07 -23.04
C ILE M 360 -0.09 6.68 -21.59
N PHE M 361 0.71 5.75 -21.06
CA PHE M 361 0.52 5.37 -19.67
C PHE M 361 0.99 6.46 -18.72
N THR M 362 2.06 7.18 -19.07
CA THR M 362 2.47 8.31 -18.25
C THR M 362 1.39 9.39 -18.21
N HIS M 363 0.67 9.57 -19.33
CA HIS M 363 -0.44 10.52 -19.32
C HIS M 363 -1.62 9.98 -18.52
N LEU M 364 -1.88 8.67 -18.61
CA LEU M 364 -2.96 8.06 -17.83
C LEU M 364 -2.68 8.13 -16.34
N ARG M 365 -1.41 8.30 -15.94
CA ARG M 365 -1.11 8.51 -14.53
C ARG M 365 -1.68 9.81 -13.99
N LYS M 366 -2.14 10.73 -14.85
CA LYS M 366 -2.77 11.97 -14.39
C LYS M 366 -4.18 11.77 -13.85
N ILE M 367 -4.71 10.55 -13.87
CA ILE M 367 -6.08 10.32 -13.41
C ILE M 367 -6.24 10.64 -11.93
N ARG M 368 -5.15 10.58 -11.16
CA ARG M 368 -5.24 10.87 -9.73
C ARG M 368 -5.74 12.28 -9.47
N ASN M 369 -5.31 13.24 -10.30
CA ASN M 369 -5.74 14.62 -10.10
C ASN M 369 -7.23 14.79 -10.37
N THR M 370 -7.80 13.96 -11.24
CA THR M 370 -9.20 14.07 -11.58
C THR M 370 -10.06 13.19 -10.67
N LYS M 371 -11.36 13.19 -10.95
CA LYS M 371 -12.34 12.31 -10.31
C LYS M 371 -12.95 11.35 -11.32
N TYR M 372 -12.15 10.90 -12.28
CA TYR M 372 -12.63 10.04 -13.34
C TYR M 372 -13.08 8.70 -12.75
N PRO M 373 -14.15 8.08 -13.27
CA PRO M 373 -14.49 6.74 -12.79
C PRO M 373 -13.41 5.74 -13.15
N ILE M 374 -13.06 4.90 -12.16
CA ILE M 374 -11.98 3.93 -12.37
C ILE M 374 -12.43 2.85 -13.35
N GLN M 375 -13.70 2.44 -13.28
CA GLN M 375 -14.21 1.49 -14.26
C GLN M 375 -14.16 2.07 -15.66
N ARG M 376 -14.51 3.35 -15.80
CA ARG M 376 -14.36 4.02 -17.08
C ARG M 376 -12.89 4.08 -17.50
N ALA M 377 -11.98 4.23 -16.55
CA ALA M 377 -10.55 4.19 -16.87
C ALA M 377 -10.14 2.84 -17.40
N LEU M 378 -10.64 1.76 -16.78
CA LEU M 378 -10.33 0.42 -17.28
C LEU M 378 -10.91 0.18 -18.66
N ARG M 379 -12.10 0.72 -18.93
CA ARG M 379 -12.65 0.63 -20.29
C ARG M 379 -11.82 1.44 -21.28
N LEU M 380 -11.29 2.58 -20.84
CA LEU M 380 -10.38 3.33 -21.70
C LEU M 380 -9.11 2.54 -21.98
N VAL M 381 -8.62 1.81 -20.98
CA VAL M 381 -7.45 0.96 -21.18
C VAL M 381 -7.77 -0.17 -22.15
N GLU M 382 -8.98 -0.73 -22.06
CA GLU M 382 -9.44 -1.71 -23.04
C GLU M 382 -9.39 -1.12 -24.45
N ALA M 383 -9.90 0.11 -24.61
CA ALA M 383 -9.90 0.74 -25.92
C ALA M 383 -8.48 1.00 -26.41
N ILE M 384 -7.59 1.43 -25.52
CA ILE M 384 -6.20 1.66 -25.91
C ILE M 384 -5.56 0.34 -26.33
N SER M 385 -5.91 -0.75 -25.66
CA SER M 385 -5.44 -2.07 -26.08
C SER M 385 -5.96 -2.42 -27.46
N ARG M 386 -7.21 -2.09 -27.75
CA ARG M 386 -7.76 -2.34 -29.08
C ARG M 386 -6.97 -1.56 -30.15
N ASP M 387 -6.68 -0.29 -29.87
CA ASP M 387 -5.88 0.49 -30.82
C ASP M 387 -4.47 -0.07 -30.96
N LEU M 388 -3.86 -0.52 -29.86
CA LEU M 388 -2.54 -1.13 -29.95
C LEU M 388 -2.57 -2.39 -30.80
N SER M 389 -3.59 -3.22 -30.62
CA SER M 389 -3.73 -4.43 -31.43
C SER M 389 -3.89 -4.09 -32.90
N SER M 390 -4.72 -3.09 -33.22
CA SER M 390 -4.91 -2.71 -34.61
C SER M 390 -3.61 -2.18 -35.22
N GLN M 391 -2.87 -1.35 -34.48
CA GLN M 391 -1.62 -0.81 -35.00
C GLN M 391 -0.59 -1.91 -35.20
N LEU M 392 -0.48 -2.83 -34.25
CA LEU M 392 0.45 -3.95 -34.41
C LEU M 392 0.07 -4.82 -35.60
N LEU M 393 -1.22 -5.08 -35.78
CA LEU M 393 -1.65 -5.86 -36.93
C LEU M 393 -1.29 -5.16 -38.23
N LYS M 394 -1.49 -3.83 -38.29
CA LYS M 394 -1.12 -3.08 -39.48
C LYS M 394 0.37 -3.19 -39.77
N VAL M 395 1.20 -2.97 -38.75
CA VAL M 395 2.65 -2.98 -38.95
C VAL M 395 3.12 -4.37 -39.37
N LEU M 396 2.63 -5.41 -38.70
CA LEU M 396 3.01 -6.77 -39.08
C LEU M 396 2.49 -7.15 -40.46
N GLY M 397 1.35 -6.60 -40.87
CA GLY M 397 0.90 -6.79 -42.24
C GLY M 397 1.85 -6.16 -43.24
N THR M 398 2.38 -4.97 -42.91
CA THR M 398 3.40 -4.39 -43.77
C THR M 398 4.72 -5.15 -43.71
N ARG M 399 4.97 -5.91 -42.64
CA ARG M 399 6.23 -6.62 -42.50
C ARG M 399 6.31 -7.87 -43.38
N LYS M 400 5.19 -8.59 -43.56
CA LYS M 400 5.17 -9.85 -44.29
C LYS M 400 6.13 -10.86 -43.64
N LEU M 401 5.75 -11.26 -42.42
CA LEU M 401 6.65 -12.03 -41.56
C LEU M 401 7.03 -13.37 -42.18
N MET M 402 6.06 -14.12 -42.71
CA MET M 402 6.35 -15.47 -43.19
C MET M 402 7.27 -15.44 -44.41
N HIS M 403 7.27 -14.36 -45.17
CA HIS M 403 8.08 -14.30 -46.39
C HIS M 403 9.56 -14.07 -46.08
N VAL M 404 9.87 -13.27 -45.07
CA VAL M 404 11.25 -12.88 -44.82
C VAL M 404 12.00 -14.01 -44.13
N ALA M 405 13.33 -13.88 -44.11
CA ALA M 405 14.20 -14.90 -43.51
C ALA M 405 13.92 -15.01 -42.01
N TYR M 406 14.52 -16.03 -41.40
CA TYR M 406 14.18 -16.34 -40.01
C TYR M 406 14.78 -15.36 -39.03
N GLU M 407 16.01 -14.89 -39.26
CA GLU M 407 16.62 -13.97 -38.30
C GLU M 407 15.87 -12.63 -38.26
N GLU M 408 15.44 -12.14 -39.42
CA GLU M 408 14.62 -10.92 -39.43
C GLU M 408 13.29 -11.17 -38.72
N PHE M 409 12.71 -12.34 -38.90
CA PHE M 409 11.49 -12.70 -38.18
C PHE M 409 11.73 -12.67 -36.68
N GLU M 410 12.87 -13.21 -36.23
CA GLU M 410 13.19 -13.20 -34.81
C GLU M 410 13.37 -11.79 -34.28
N LYS M 411 14.01 -10.92 -35.07
CA LYS M 411 14.15 -9.53 -34.65
C LYS M 411 12.79 -8.86 -34.48
N VAL M 412 11.89 -9.07 -35.44
CA VAL M 412 10.55 -8.50 -35.34
C VAL M 412 9.81 -9.09 -34.14
N MET M 413 9.98 -10.38 -33.90
CA MET M 413 9.29 -11.02 -32.79
C MET M 413 9.78 -10.51 -31.45
N VAL M 414 11.08 -10.35 -31.28
CA VAL M 414 11.58 -9.84 -30.01
C VAL M 414 11.15 -8.39 -29.82
N ALA M 415 11.10 -7.60 -30.90
CA ALA M 415 10.58 -6.24 -30.77
C ALA M 415 9.12 -6.24 -30.34
N CYS M 416 8.29 -7.09 -30.95
CA CYS M 416 6.88 -7.14 -30.59
C CYS M 416 6.69 -7.60 -29.15
N PHE M 417 7.48 -8.57 -28.71
CA PHE M 417 7.34 -9.05 -27.34
C PHE M 417 7.91 -8.05 -26.34
N GLU M 418 8.87 -7.23 -26.76
CA GLU M 418 9.27 -6.10 -25.93
C GLU M 418 8.13 -5.10 -25.79
N VAL M 419 7.37 -4.89 -26.87
CA VAL M 419 6.20 -4.02 -26.79
C VAL M 419 5.18 -4.59 -25.80
N PHE M 420 4.94 -5.90 -25.87
CA PHE M 420 3.99 -6.52 -24.96
C PHE M 420 4.49 -6.46 -23.50
N GLN M 421 5.79 -6.65 -23.29
CA GLN M 421 6.33 -6.53 -21.94
C GLN M 421 6.20 -5.10 -21.43
N THR M 422 6.40 -4.11 -22.31
CA THR M 422 6.17 -2.72 -21.95
C THR M 422 4.73 -2.51 -21.52
N TRP M 423 3.79 -3.09 -22.28
CA TRP M 423 2.38 -3.00 -21.90
C TRP M 423 2.17 -3.56 -20.50
N ASP M 424 2.70 -4.76 -20.24
CA ASP M 424 2.45 -5.40 -18.95
C ASP M 424 3.04 -4.59 -17.81
N ASP M 425 4.28 -4.12 -17.96
CA ASP M 425 4.92 -3.38 -16.87
C ASP M 425 4.18 -2.06 -16.63
N GLU M 426 3.85 -1.34 -17.71
CA GLU M 426 3.17 -0.07 -17.53
C GLU M 426 1.77 -0.26 -16.98
N TYR M 427 1.07 -1.32 -17.38
CA TYR M 427 -0.25 -1.59 -16.83
C TYR M 427 -0.17 -1.92 -15.36
N GLU M 428 0.87 -2.66 -14.95
CA GLU M 428 1.05 -2.92 -13.52
C GLU M 428 1.29 -1.63 -12.74
N LYS M 429 2.14 -0.76 -13.28
CA LYS M 429 2.40 0.52 -12.62
C LYS M 429 1.13 1.37 -12.53
N LEU M 430 0.32 1.39 -13.58
CA LEU M 430 -0.95 2.11 -13.52
C LEU M 430 -1.91 1.45 -12.54
N GLN M 431 -1.94 0.13 -12.48
CA GLN M 431 -2.85 -0.58 -11.59
C GLN M 431 -2.54 -0.28 -10.14
N VAL M 432 -1.26 -0.13 -9.81
CA VAL M 432 -0.90 0.27 -8.45
C VAL M 432 -1.53 1.62 -8.12
N LEU M 433 -1.42 2.59 -9.03
CA LEU M 433 -1.99 3.91 -8.80
C LEU M 433 -3.51 3.84 -8.68
N LEU M 434 -4.16 3.05 -9.54
CA LEU M 434 -5.61 2.96 -9.51
C LEU M 434 -6.08 2.30 -8.23
N ARG M 435 -5.37 1.28 -7.75
CA ARG M 435 -5.72 0.67 -6.48
C ARG M 435 -5.54 1.66 -5.34
N ASP M 436 -4.48 2.48 -5.40
CA ASP M 436 -4.29 3.51 -4.38
C ASP M 436 -5.45 4.50 -4.39
N ILE M 437 -5.88 4.92 -5.58
CA ILE M 437 -6.98 5.88 -5.67
C ILE M 437 -8.26 5.27 -5.13
N VAL M 438 -8.55 4.02 -5.49
CA VAL M 438 -9.76 3.35 -5.02
C VAL M 438 -9.73 3.21 -3.50
N LYS M 439 -8.57 2.87 -2.94
CA LYS M 439 -8.44 2.79 -1.49
C LYS M 439 -8.66 4.17 -0.86
N ARG M 440 -8.18 5.22 -1.49
CA ARG M 440 -8.37 6.57 -0.97
C ARG M 440 -9.79 7.04 -1.20
N LYS M 441 -10.21 7.12 -2.47
CA LYS M 441 -11.54 7.58 -2.84
C LYS M 441 -12.51 6.39 -2.83
N ARG M 442 -12.62 5.76 -1.66
CA ARG M 442 -13.52 4.63 -1.51
C ARG M 442 -14.97 5.05 -1.71
N GLU M 443 -15.35 6.23 -1.21
CA GLU M 443 -16.74 6.68 -1.32
C GLU M 443 -17.17 6.87 -2.77
N GLU M 444 -16.28 7.39 -3.63
CA GLU M 444 -16.65 7.66 -5.01
C GLU M 444 -16.71 6.41 -5.87
N ASN M 445 -15.81 5.46 -5.63
CA ASN M 445 -15.78 4.19 -6.34
C ASN M 445 -16.46 3.14 -5.47
N LEU M 446 -17.67 2.74 -5.86
CA LEU M 446 -18.50 1.93 -4.99
C LEU M 446 -18.06 0.46 -4.97
N LYS M 447 -17.63 -0.06 -6.11
CA LYS M 447 -17.27 -1.47 -6.25
C LYS M 447 -15.77 -1.62 -6.45
N MET M 448 -15.31 -2.87 -6.40
CA MET M 448 -13.91 -3.23 -6.55
C MET M 448 -13.71 -4.24 -7.68
N VAL M 449 -14.39 -4.03 -8.80
CA VAL M 449 -14.21 -4.90 -9.97
C VAL M 449 -12.95 -4.45 -10.69
N TRP M 450 -12.03 -5.41 -10.90
CA TRP M 450 -10.71 -5.12 -11.45
C TRP M 450 -10.37 -5.98 -12.67
N ARG M 451 -11.35 -6.68 -13.23
CA ARG M 451 -11.08 -7.57 -14.34
C ARG M 451 -10.69 -6.77 -15.58
N ILE M 452 -9.67 -7.24 -16.29
CA ILE M 452 -9.17 -6.60 -17.50
C ILE M 452 -8.94 -7.69 -18.54
N ASN M 453 -9.41 -7.43 -19.77
CA ASN M 453 -9.30 -8.40 -20.87
C ASN M 453 -8.81 -7.65 -22.10
N PRO M 454 -7.51 -7.33 -22.16
CA PRO M 454 -6.99 -6.54 -23.28
C PRO M 454 -7.19 -7.24 -24.62
N ALA M 455 -7.53 -6.43 -25.62
CA ALA M 455 -7.84 -6.98 -26.94
C ALA M 455 -6.60 -7.57 -27.61
N HIS M 456 -5.42 -7.08 -27.29
CA HIS M 456 -4.20 -7.53 -27.93
C HIS M 456 -3.65 -8.83 -27.35
N ARG M 457 -4.26 -9.36 -26.29
CA ARG M 457 -3.75 -10.61 -25.71
C ARG M 457 -3.97 -11.78 -26.66
N LYS M 458 -5.06 -11.77 -27.43
CA LYS M 458 -5.25 -12.81 -28.44
C LYS M 458 -4.15 -12.76 -29.48
N LEU M 459 -3.79 -11.55 -29.93
CA LEU M 459 -2.68 -11.42 -30.86
C LEU M 459 -1.36 -11.82 -30.23
N GLN M 460 -1.19 -11.55 -28.93
CA GLN M 460 0.03 -11.99 -28.24
C GLN M 460 0.13 -13.50 -28.23
N ALA M 461 -0.97 -14.19 -27.92
CA ALA M 461 -0.97 -15.66 -27.94
C ALA M 461 -0.72 -16.18 -29.35
N ARG M 462 -1.34 -15.56 -30.36
CA ARG M 462 -1.12 -15.99 -31.74
C ARG M 462 0.34 -15.81 -32.14
N LEU M 463 0.94 -14.67 -31.78
CA LEU M 463 2.33 -14.42 -32.11
C LEU M 463 3.26 -15.38 -31.38
N ASP M 464 2.96 -15.70 -30.12
CA ASP M 464 3.76 -16.68 -29.40
C ASP M 464 3.69 -18.04 -30.07
N GLN M 465 2.49 -18.45 -30.48
CA GLN M 465 2.34 -19.73 -31.17
C GLN M 465 3.10 -19.73 -32.48
N MET M 466 3.00 -18.64 -33.24
CA MET M 466 3.70 -18.57 -34.52
C MET M 466 5.22 -18.59 -34.33
N ARG M 467 5.72 -17.88 -33.32
CA ARG M 467 7.14 -17.89 -33.03
C ARG M 467 7.62 -19.29 -32.64
N LYS M 468 6.86 -19.96 -31.76
CA LYS M 468 7.23 -21.30 -31.35
C LYS M 468 7.21 -22.28 -32.52
N PHE M 469 6.24 -22.12 -33.43
CA PHE M 469 6.22 -22.96 -34.63
C PHE M 469 7.42 -22.68 -35.51
N ARG M 470 7.71 -21.41 -35.76
CA ARG M 470 8.74 -21.05 -36.73
C ARG M 470 10.13 -21.42 -36.24
N ARG M 471 10.41 -21.27 -34.94
CA ARG M 471 11.74 -21.64 -34.47
C ARG M 471 11.97 -23.15 -34.61
N GLN M 472 10.95 -23.95 -34.28
CA GLN M 472 11.07 -25.39 -34.44
C GLN M 472 11.25 -25.76 -35.91
N HIS M 473 10.48 -25.13 -36.79
CA HIS M 473 10.59 -25.45 -38.20
C HIS M 473 11.94 -25.06 -38.77
N GLU M 474 12.48 -23.91 -38.34
CA GLU M 474 13.80 -23.51 -38.82
C GLU M 474 14.86 -24.47 -38.30
N GLN M 475 14.76 -24.90 -37.05
CA GLN M 475 15.68 -25.90 -36.53
C GLN M 475 15.66 -27.17 -37.38
N LEU M 476 14.46 -27.71 -37.62
CA LEU M 476 14.35 -28.93 -38.42
C LEU M 476 14.86 -28.72 -39.84
N ARG M 477 14.51 -27.60 -40.46
CA ARG M 477 14.92 -27.34 -41.83
C ARG M 477 16.43 -27.19 -41.96
N ALA M 478 17.06 -26.46 -41.03
CA ALA M 478 18.50 -26.32 -41.06
C ALA M 478 19.19 -27.66 -40.86
N VAL M 479 18.68 -28.47 -39.93
CA VAL M 479 19.27 -29.79 -39.69
C VAL M 479 19.16 -30.64 -40.95
N ILE M 480 18.00 -30.62 -41.61
CA ILE M 480 17.83 -31.41 -42.83
C ILE M 480 18.76 -30.90 -43.93
N VAL M 481 18.87 -29.57 -44.07
CA VAL M 481 19.72 -29.01 -45.12
C VAL M 481 21.17 -29.38 -44.90
N ARG M 482 21.59 -29.49 -43.63
CA ARG M 482 22.96 -29.89 -43.35
C ARG M 482 23.17 -31.38 -43.58
N VAL M 483 22.42 -32.22 -42.88
CA VAL M 483 22.76 -33.64 -42.81
C VAL M 483 22.14 -34.49 -43.92
N LEU M 484 21.03 -34.04 -44.53
CA LEU M 484 20.42 -34.71 -45.67
C LEU M 484 20.77 -34.02 -46.98
N ARG M 485 21.91 -33.34 -47.04
CA ARG M 485 22.33 -32.64 -48.25
C ARG M 485 22.60 -33.62 -49.39
N ASP M 513 20.72 -39.54 -53.73
CA ASP M 513 19.44 -40.13 -53.38
C ASP M 513 18.30 -39.17 -53.65
N ALA M 514 17.30 -39.63 -54.40
CA ALA M 514 16.10 -38.83 -54.63
C ALA M 514 15.22 -38.73 -53.39
N ALA M 515 15.39 -39.62 -52.41
CA ALA M 515 14.59 -39.55 -51.19
C ALA M 515 14.94 -38.31 -50.37
N ASP M 516 16.21 -37.89 -50.39
CA ASP M 516 16.58 -36.69 -49.66
C ASP M 516 15.88 -35.47 -50.23
N ALA M 517 15.90 -35.31 -51.55
CA ALA M 517 15.17 -34.22 -52.18
C ALA M 517 13.68 -34.34 -51.94
N ASN M 518 13.15 -35.56 -51.95
CA ASN M 518 11.73 -35.78 -51.67
C ASN M 518 11.36 -35.25 -50.29
N ALA M 519 12.14 -35.61 -49.26
CA ALA M 519 11.87 -35.13 -47.92
C ALA M 519 12.03 -33.62 -47.84
N ILE M 520 13.01 -33.07 -48.56
CA ILE M 520 13.24 -31.62 -48.54
C ILE M 520 12.01 -30.89 -49.09
N GLU M 521 11.50 -31.33 -50.25
CA GLU M 521 10.36 -30.63 -50.79
C GLU M 521 9.11 -30.91 -49.97
N GLU M 522 9.05 -32.05 -49.27
CA GLU M 522 7.93 -32.28 -48.36
C GLU M 522 7.93 -31.25 -47.24
N VAL M 523 9.09 -31.01 -46.63
CA VAL M 523 9.17 -30.02 -45.55
C VAL M 523 8.87 -28.63 -46.09
N ASN M 524 9.41 -28.29 -47.27
CA ASN M 524 9.14 -26.99 -47.86
C ASN M 524 7.66 -26.83 -48.20
N LEU M 525 7.01 -27.90 -48.66
CA LEU M 525 5.57 -27.85 -48.92
C LEU M 525 4.79 -27.69 -47.64
N ALA M 526 5.25 -28.29 -46.54
CA ALA M 526 4.59 -28.06 -45.26
C ALA M 526 4.66 -26.59 -44.87
N TYR M 527 5.84 -25.98 -45.04
CA TYR M 527 5.97 -24.55 -44.73
C TYR M 527 5.08 -23.72 -45.64
N GLU M 528 5.04 -24.05 -46.93
CA GLU M 528 4.20 -23.32 -47.86
C GLU M 528 2.73 -23.42 -47.49
N ASN M 529 2.26 -24.63 -47.18
CA ASN M 529 0.86 -24.82 -46.83
C ASN M 529 0.48 -24.08 -45.55
N VAL M 530 1.39 -24.05 -44.57
CA VAL M 530 1.13 -23.24 -43.39
C VAL M 530 1.12 -21.76 -43.76
N LYS M 531 1.93 -21.38 -44.76
CA LYS M 531 2.06 -19.98 -45.11
C LYS M 531 0.80 -19.44 -45.79
N GLU M 532 0.02 -20.30 -46.46
CA GLU M 532 -1.20 -19.83 -47.11
C GLU M 532 -2.23 -19.33 -46.10
N VAL M 533 -2.27 -19.92 -44.91
CA VAL M 533 -3.21 -19.51 -43.88
C VAL M 533 -2.77 -18.18 -43.29
N ASP M 534 -3.68 -17.23 -43.23
CA ASP M 534 -3.36 -15.90 -42.70
C ASP M 534 -3.12 -16.01 -41.20
N GLY M 535 -1.84 -15.94 -40.81
CA GLY M 535 -1.49 -16.11 -39.40
C GLY M 535 -1.87 -14.95 -38.52
N LEU M 536 -2.01 -13.75 -39.07
CA LEU M 536 -2.36 -12.58 -38.28
C LEU M 536 -3.84 -12.52 -37.92
N ASP M 537 -4.69 -13.26 -38.64
CA ASP M 537 -6.13 -13.25 -38.37
C ASP M 537 -6.39 -13.97 -37.06
N VAL M 538 -6.82 -13.22 -36.04
CA VAL M 538 -7.09 -13.78 -34.72
C VAL M 538 -8.58 -14.13 -34.58
N SER M 539 -9.35 -14.02 -35.65
CA SER M 539 -10.76 -14.36 -35.60
C SER M 539 -10.93 -15.87 -35.51
N LYS M 540 -12.17 -16.29 -35.22
CA LYS M 540 -12.44 -17.72 -35.03
C LYS M 540 -12.19 -18.52 -36.31
N GLU M 541 -12.56 -17.99 -37.47
CA GLU M 541 -12.21 -18.65 -38.72
C GLU M 541 -10.69 -18.70 -38.88
N GLY M 542 -10.00 -17.60 -38.55
CA GLY M 542 -8.55 -17.61 -38.62
C GLY M 542 -7.93 -18.58 -37.63
N THR M 543 -8.48 -18.65 -36.41
CA THR M 543 -7.96 -19.58 -35.42
C THR M 543 -8.17 -21.03 -35.87
N GLU M 544 -9.33 -21.34 -36.42
CA GLU M 544 -9.59 -22.69 -36.92
C GLU M 544 -8.65 -23.03 -38.07
N ALA M 545 -8.44 -22.09 -38.99
CA ALA M 545 -7.51 -22.33 -40.09
C ALA M 545 -6.10 -22.56 -39.58
N TRP M 546 -5.68 -21.78 -38.58
CA TRP M 546 -4.36 -21.96 -37.99
C TRP M 546 -4.23 -23.34 -37.35
N GLU M 547 -5.25 -23.76 -36.60
CA GLU M 547 -5.19 -25.07 -35.96
C GLU M 547 -5.14 -26.19 -36.99
N ALA M 548 -5.94 -26.08 -38.06
CA ALA M 548 -5.90 -27.08 -39.11
C ALA M 548 -4.53 -27.12 -39.79
N ALA M 549 -3.94 -25.94 -40.04
CA ALA M 549 -2.61 -25.90 -40.64
C ALA M 549 -1.57 -26.54 -39.74
N MET M 550 -1.65 -26.28 -38.42
CA MET M 550 -0.72 -26.91 -37.49
C MET M 550 -0.87 -28.42 -37.50
N LYS M 551 -2.11 -28.92 -37.51
CA LYS M 551 -2.31 -30.37 -37.53
C LYS M 551 -1.77 -30.98 -38.82
N ARG M 552 -2.03 -30.34 -39.96
CA ARG M 552 -1.52 -30.84 -41.23
C ARG M 552 0.01 -30.86 -41.24
N TYR M 553 0.62 -29.78 -40.74
CA TYR M 553 2.07 -29.71 -40.66
C TYR M 553 2.61 -30.80 -39.76
N ASP M 554 1.95 -31.06 -38.63
CA ASP M 554 2.41 -32.08 -37.71
C ASP M 554 2.37 -33.46 -38.33
N GLU M 555 1.27 -33.81 -39.02
CA GLU M 555 1.20 -35.13 -39.62
C GLU M 555 2.21 -35.27 -40.77
N ARG M 556 2.40 -34.23 -41.58
CA ARG M 556 3.38 -34.34 -42.65
C ARG M 556 4.80 -34.48 -42.09
N ILE M 557 5.12 -33.74 -41.03
CA ILE M 557 6.44 -33.87 -40.41
C ILE M 557 6.60 -35.25 -39.79
N ASP M 558 5.53 -35.83 -39.23
CA ASP M 558 5.64 -37.18 -38.71
C ASP M 558 5.88 -38.19 -39.82
N ARG M 559 5.28 -37.97 -40.99
CA ARG M 559 5.58 -38.82 -42.13
C ARG M 559 7.05 -38.73 -42.52
N VAL M 560 7.58 -37.49 -42.56
CA VAL M 560 9.00 -37.31 -42.88
C VAL M 560 9.87 -37.98 -41.82
N GLU M 561 9.45 -37.92 -40.56
CA GLU M 561 10.19 -38.57 -39.48
C GLU M 561 10.20 -40.08 -39.67
N THR M 562 9.07 -40.66 -40.08
CA THR M 562 9.03 -42.10 -40.36
C THR M 562 9.97 -42.45 -41.50
N ARG M 563 10.01 -41.62 -42.53
CA ARG M 563 10.95 -41.86 -43.63
C ARG M 563 12.40 -41.79 -43.15
N ILE M 564 12.70 -40.83 -42.28
CA ILE M 564 14.05 -40.70 -41.74
C ILE M 564 14.41 -41.93 -40.92
N THR M 565 13.47 -42.45 -40.14
CA THR M 565 13.74 -43.66 -39.37
C THR M 565 13.94 -44.88 -40.29
N ALA M 566 13.21 -44.93 -41.40
CA ALA M 566 13.45 -45.97 -42.39
C ALA M 566 14.87 -45.86 -42.96
N ARG M 567 15.34 -44.63 -43.20
CA ARG M 567 16.72 -44.45 -43.65
C ARG M 567 17.71 -44.88 -42.58
N LEU M 568 17.39 -44.61 -41.30
CA LEU M 568 18.27 -45.03 -40.21
C LEU M 568 18.24 -46.54 -39.98
N ARG M 569 17.23 -47.23 -40.52
CA ARG M 569 17.31 -48.69 -40.63
C ARG M 569 18.11 -49.13 -41.85
N ASP M 570 18.01 -48.38 -42.94
CA ASP M 570 18.88 -48.63 -44.10
C ASP M 570 20.36 -48.43 -43.76
N GLN M 571 20.64 -47.65 -42.71
CA GLN M 571 22.01 -47.54 -42.21
C GLN M 571 22.61 -48.92 -41.92
N LEU M 572 21.90 -49.73 -41.14
CA LEU M 572 22.36 -51.10 -40.90
C LEU M 572 22.12 -51.99 -42.10
N GLY M 573 21.12 -51.67 -42.92
CA GLY M 573 20.94 -52.37 -44.17
C GLY M 573 22.12 -52.25 -45.12
N THR M 574 22.94 -51.21 -44.96
CA THR M 574 24.13 -50.97 -45.78
C THR M 574 25.43 -51.10 -45.01
N ALA M 575 25.52 -50.55 -43.80
CA ALA M 575 26.77 -50.55 -43.06
C ALA M 575 27.17 -51.96 -42.65
N LYS M 576 28.48 -52.20 -42.62
CA LYS M 576 29.06 -53.51 -42.31
C LYS M 576 29.91 -53.49 -41.05
N ASN M 577 30.90 -52.61 -40.97
CA ASN M 577 31.81 -52.53 -39.83
C ASN M 577 31.45 -51.34 -38.94
N ALA M 578 31.99 -51.34 -37.72
CA ALA M 578 31.63 -50.33 -36.73
C ALA M 578 32.09 -48.94 -37.12
N ASN M 579 33.21 -48.83 -37.85
CA ASN M 579 33.71 -47.51 -38.21
C ASN M 579 32.74 -46.77 -39.12
N GLU M 580 32.14 -47.49 -40.08
CA GLU M 580 31.21 -46.84 -41.00
C GLU M 580 29.99 -46.29 -40.28
N MET M 581 29.43 -47.06 -39.34
CA MET M 581 28.26 -46.56 -38.62
C MET M 581 28.64 -45.50 -37.59
N PHE M 582 29.87 -45.54 -37.07
CA PHE M 582 30.38 -44.42 -36.30
C PHE M 582 30.38 -43.14 -37.13
N ARG M 583 30.91 -43.23 -38.36
CA ARG M 583 30.90 -42.07 -39.25
C ARG M 583 29.48 -41.65 -39.61
N ILE M 584 28.55 -42.61 -39.71
CA ILE M 584 27.18 -42.27 -40.04
C ILE M 584 26.55 -41.47 -38.91
N PHE M 585 26.75 -41.89 -37.66
CA PHE M 585 26.28 -41.09 -36.54
C PHE M 585 26.97 -39.73 -36.50
N SER M 586 28.26 -39.68 -36.87
CA SER M 586 28.95 -38.40 -36.91
C SER M 586 28.31 -37.45 -37.92
N ARG M 587 28.00 -37.95 -39.12
CA ARG M 587 27.39 -37.11 -40.14
C ARG M 587 25.96 -36.73 -39.77
N PHE M 588 25.21 -37.67 -39.21
CA PHE M 588 23.79 -37.47 -38.88
C PHE M 588 23.60 -36.96 -37.45
N ASN M 589 24.64 -36.38 -36.85
CA ASN M 589 24.66 -36.14 -35.41
C ASN M 589 23.55 -35.20 -34.97
N ALA M 590 23.33 -34.11 -35.69
CA ALA M 590 22.29 -33.17 -35.32
C ALA M 590 20.90 -33.79 -35.41
N LEU M 591 20.68 -34.71 -36.35
CA LEU M 591 19.37 -35.29 -36.57
C LEU M 591 18.86 -36.07 -35.36
N PHE M 592 19.75 -36.56 -34.50
CA PHE M 592 19.34 -37.26 -33.29
C PHE M 592 18.93 -36.33 -32.17
N VAL M 593 19.05 -35.01 -32.35
CA VAL M 593 18.53 -34.08 -31.36
C VAL M 593 17.01 -34.19 -31.27
N ARG M 594 16.36 -34.62 -32.34
CA ARG M 594 14.92 -34.79 -32.31
C ARG M 594 14.56 -35.92 -31.34
N PRO M 595 13.45 -35.82 -30.60
CA PRO M 595 13.17 -36.85 -29.60
C PRO M 595 12.79 -38.19 -30.20
N HIS M 596 11.94 -38.20 -31.23
CA HIS M 596 11.54 -39.45 -31.85
C HIS M 596 12.73 -40.14 -32.51
N ILE M 597 13.59 -39.37 -33.17
CA ILE M 597 14.78 -39.94 -33.80
C ILE M 597 15.71 -40.52 -32.72
N ARG M 598 15.88 -39.80 -31.61
CA ARG M 598 16.72 -40.31 -30.54
C ARG M 598 16.17 -41.59 -29.95
N GLY M 599 14.85 -41.66 -29.76
CA GLY M 599 14.25 -42.89 -29.26
C GLY M 599 14.26 -44.04 -30.25
N ALA M 600 14.34 -43.75 -31.55
CA ALA M 600 14.40 -44.81 -32.54
C ALA M 600 15.65 -45.66 -32.37
N ILE M 601 16.79 -45.03 -32.12
CA ILE M 601 18.08 -45.72 -32.04
C ILE M 601 18.34 -46.00 -30.56
N ARG M 602 18.22 -47.27 -30.17
CA ARG M 602 18.44 -47.71 -28.80
C ARG M 602 19.39 -48.89 -28.69
N GLU M 603 19.32 -49.86 -29.61
CA GLU M 603 20.11 -51.07 -29.45
C GLU M 603 21.51 -50.94 -30.04
N TYR M 604 21.72 -49.97 -30.94
CA TYR M 604 23.04 -49.77 -31.54
C TYR M 604 23.93 -48.92 -30.65
N GLN M 605 23.33 -48.03 -29.85
CA GLN M 605 24.10 -47.20 -28.94
C GLN M 605 24.85 -48.04 -27.93
N THR M 606 24.22 -49.10 -27.41
CA THR M 606 24.90 -49.99 -26.48
C THR M 606 26.09 -50.67 -27.14
N GLN M 607 25.92 -51.12 -28.40
CA GLN M 607 27.02 -51.77 -29.10
C GLN M 607 28.20 -50.83 -29.27
N LEU M 608 27.95 -49.62 -29.75
CA LEU M 608 29.07 -48.70 -29.95
C LEU M 608 29.65 -48.21 -28.63
N ILE M 609 28.84 -48.09 -27.58
CA ILE M 609 29.39 -47.71 -26.29
C ILE M 609 30.29 -48.81 -25.75
N GLN M 610 29.90 -50.07 -25.94
CA GLN M 610 30.78 -51.16 -25.53
C GLN M 610 32.05 -51.20 -26.36
N ARG M 611 31.97 -50.88 -27.66
CA ARG M 611 33.19 -50.85 -28.46
C ARG M 611 34.10 -49.71 -28.01
N VAL M 612 33.54 -48.55 -27.67
CA VAL M 612 34.36 -47.46 -27.17
C VAL M 612 34.96 -47.83 -25.81
N LYS M 613 34.22 -48.58 -24.99
CA LYS M 613 34.78 -49.06 -23.73
C LYS M 613 35.93 -50.03 -23.98
N ASP M 614 35.79 -50.88 -24.99
CA ASP M 614 36.90 -51.75 -25.37
C ASP M 614 38.11 -50.93 -25.81
N ASP M 615 37.88 -49.87 -26.58
CA ASP M 615 38.99 -49.07 -27.09
C ASP M 615 39.67 -48.28 -25.97
N ILE M 616 38.90 -47.69 -25.06
CA ILE M 616 39.51 -46.98 -23.95
C ILE M 616 40.18 -47.97 -22.99
N GLU M 617 39.68 -49.20 -22.89
CA GLU M 617 40.40 -50.24 -22.17
C GLU M 617 41.74 -50.53 -22.83
N SER M 618 41.78 -50.57 -24.16
CA SER M 618 43.03 -50.75 -24.87
C SER M 618 43.99 -49.59 -24.60
N LEU M 619 43.47 -48.37 -24.58
CA LEU M 619 44.29 -47.22 -24.22
C LEU M 619 44.84 -47.36 -22.81
N HIS M 620 44.00 -47.81 -21.87
CA HIS M 620 44.46 -48.02 -20.50
C HIS M 620 45.57 -49.06 -20.46
N ASP M 621 45.39 -50.17 -21.17
CA ASP M 621 46.42 -51.22 -21.20
C ASP M 621 47.72 -50.70 -21.81
N LYS M 622 47.62 -49.87 -22.85
CA LYS M 622 48.83 -49.30 -23.49
C LYS M 622 49.53 -48.39 -22.48
N PHE M 623 48.76 -47.58 -21.76
CA PHE M 623 49.34 -46.65 -20.79
C PHE M 623 49.89 -47.37 -19.56
N LYS M 624 49.42 -48.58 -19.27
CA LYS M 624 50.01 -49.35 -18.18
C LYS M 624 51.47 -49.65 -18.47
N VAL M 625 51.79 -50.04 -19.71
CA VAL M 625 53.18 -50.24 -20.10
C VAL M 625 53.90 -48.91 -20.03
N GLN M 626 54.97 -48.86 -19.24
CA GLN M 626 55.70 -47.62 -19.03
C GLN M 626 56.33 -47.16 -20.35
N TYR M 627 56.55 -45.84 -20.45
CA TYR M 627 57.06 -45.27 -21.69
C TYR M 627 58.44 -45.79 -22.06
N PRO M 628 59.43 -45.84 -21.16
CA PRO M 628 60.71 -46.45 -21.54
C PRO M 628 60.59 -47.90 -21.95
N GLN M 629 59.69 -48.65 -21.33
CA GLN M 629 59.47 -50.05 -21.69
C GLN M 629 58.78 -50.21 -23.04
N SER M 630 58.16 -49.16 -23.56
CA SER M 630 57.41 -49.24 -24.81
C SER M 630 58.32 -48.96 -26.00
N GLN M 631 57.89 -49.44 -27.17
CA GLN M 631 58.62 -49.18 -28.41
C GLN M 631 58.60 -47.72 -28.80
N ALA M 632 57.70 -46.92 -28.22
CA ALA M 632 57.65 -45.49 -28.53
C ALA M 632 58.96 -44.80 -28.18
N CYS M 633 59.53 -45.11 -27.02
CA CYS M 633 60.79 -44.50 -26.63
C CYS M 633 61.92 -44.87 -27.58
N LYS M 634 62.01 -46.15 -27.96
CA LYS M 634 63.07 -46.58 -28.86
C LYS M 634 62.93 -45.91 -30.23
N MET M 635 61.73 -45.92 -30.80
CA MET M 635 61.55 -45.31 -32.11
C MET M 635 61.64 -43.79 -32.06
N SER M 636 61.40 -43.18 -30.90
CA SER M 636 61.61 -41.74 -30.77
C SER M 636 63.10 -41.40 -30.72
N HIS M 637 63.88 -42.21 -30.01
CA HIS M 637 65.33 -42.02 -30.04
C HIS M 637 65.90 -42.28 -31.43
N VAL M 638 65.37 -43.28 -32.13
CA VAL M 638 65.87 -43.59 -33.47
C VAL M 638 65.60 -42.43 -34.42
N ARG M 639 64.47 -41.73 -34.22
CA ARG M 639 64.10 -40.60 -35.07
C ARG M 639 64.51 -39.26 -34.47
N ASP M 640 65.56 -39.25 -33.65
CA ASP M 640 66.21 -38.03 -33.19
C ASP M 640 65.37 -37.21 -32.21
N LEU M 641 64.23 -37.75 -31.76
CA LEU M 641 63.41 -37.05 -30.78
C LEU M 641 63.98 -37.32 -29.38
N PRO M 642 64.27 -36.30 -28.56
CA PRO M 642 64.89 -36.57 -27.26
C PRO M 642 63.93 -37.30 -26.33
N PRO M 643 64.45 -38.04 -25.35
CA PRO M 643 63.58 -38.92 -24.56
C PRO M 643 62.53 -38.20 -23.74
N VAL M 644 62.86 -37.05 -23.15
CA VAL M 644 61.88 -36.31 -22.36
C VAL M 644 60.76 -35.79 -23.25
N SER M 645 61.14 -35.17 -24.38
CA SER M 645 60.14 -34.73 -25.33
C SER M 645 59.40 -35.91 -25.95
N GLY M 646 60.06 -37.06 -26.08
CA GLY M 646 59.37 -38.25 -26.56
C GLY M 646 58.28 -38.71 -25.60
N SER M 647 58.59 -38.70 -24.29
CA SER M 647 57.57 -39.04 -23.30
C SER M 647 56.44 -38.02 -23.31
N ILE M 648 56.78 -36.74 -23.45
CA ILE M 648 55.76 -35.69 -23.50
C ILE M 648 54.84 -35.92 -24.70
N ILE M 649 55.43 -36.24 -25.86
CA ILE M 649 54.65 -36.51 -27.06
C ILE M 649 53.77 -37.73 -26.87
N TRP M 650 54.30 -38.78 -26.24
CA TRP M 650 53.51 -39.98 -25.99
C TRP M 650 52.29 -39.67 -25.14
N ALA M 651 52.49 -38.95 -24.03
CA ALA M 651 51.38 -38.58 -23.17
C ALA M 651 50.38 -37.71 -23.91
N LYS M 652 50.86 -36.78 -24.73
CA LYS M 652 49.96 -35.91 -25.48
C LYS M 652 49.15 -36.69 -26.50
N GLN M 653 49.75 -37.68 -27.17
CA GLN M 653 49.00 -38.48 -28.12
C GLN M 653 47.94 -39.31 -27.42
N ILE M 654 48.27 -39.88 -26.25
CA ILE M 654 47.27 -40.63 -25.51
C ILE M 654 46.13 -39.71 -25.09
N ASP M 655 46.47 -38.49 -24.66
CA ASP M 655 45.44 -37.51 -24.31
C ASP M 655 44.55 -37.19 -25.51
N ARG M 656 45.17 -37.02 -26.69
CA ARG M 656 44.40 -36.72 -27.89
C ARG M 656 43.45 -37.85 -28.24
N GLN M 657 43.91 -39.10 -28.13
CA GLN M 657 43.04 -40.23 -28.42
C GLN M 657 41.91 -40.33 -27.40
N LEU M 658 42.20 -40.03 -26.13
CA LEU M 658 41.15 -40.01 -25.12
C LEU M 658 40.09 -38.97 -25.46
N THR M 659 40.52 -37.77 -25.86
CA THR M 659 39.56 -36.74 -26.23
C THR M 659 38.76 -37.14 -27.47
N ALA M 660 39.40 -37.79 -28.44
CA ALA M 660 38.70 -38.24 -29.63
C ALA M 660 37.63 -39.28 -29.27
N TYR M 661 37.96 -40.21 -28.38
CA TYR M 661 36.96 -41.21 -27.99
C TYR M 661 35.85 -40.58 -27.16
N MET M 662 36.16 -39.58 -26.34
CA MET M 662 35.12 -38.86 -25.62
C MET M 662 34.16 -38.18 -26.60
N LYS M 663 34.71 -37.56 -27.64
CA LYS M 663 33.87 -36.95 -28.67
C LYS M 663 33.06 -38.00 -29.41
N ARG M 664 33.62 -39.18 -29.64
CA ARG M 664 32.86 -40.27 -30.24
C ARG M 664 31.68 -40.67 -29.37
N VAL M 665 31.89 -40.74 -28.05
CA VAL M 665 30.80 -41.06 -27.15
C VAL M 665 29.73 -39.97 -27.19
N GLU M 666 30.16 -38.72 -27.21
CA GLU M 666 29.20 -37.62 -27.32
C GLU M 666 28.38 -37.72 -28.58
N ASP M 667 29.02 -38.04 -29.70
CA ASP M 667 28.31 -38.19 -30.97
C ASP M 667 27.32 -39.35 -30.92
N VAL M 668 27.74 -40.48 -30.34
CA VAL M 668 26.88 -41.66 -30.33
C VAL M 668 25.66 -41.43 -29.44
N LEU M 669 25.88 -40.94 -28.23
CA LEU M 669 24.78 -40.72 -27.29
C LEU M 669 24.08 -39.38 -27.48
N GLY M 670 24.65 -38.47 -28.26
CA GLY M 670 24.10 -37.14 -28.38
C GLY M 670 24.46 -36.28 -27.18
N LYS M 671 23.91 -35.06 -27.18
CA LYS M 671 24.21 -34.12 -26.11
C LYS M 671 23.62 -34.60 -24.80
N GLY M 672 24.22 -34.13 -23.70
CA GLY M 672 23.83 -34.61 -22.39
C GLY M 672 24.34 -36.00 -22.08
N TRP M 673 25.47 -36.39 -22.65
CA TRP M 673 26.03 -37.72 -22.45
C TRP M 673 26.68 -37.90 -21.08
N GLU M 674 27.04 -36.81 -20.40
CA GLU M 674 27.65 -36.94 -19.08
C GLU M 674 26.69 -37.52 -18.05
N ASN M 675 25.39 -37.33 -18.23
CA ASN M 675 24.37 -37.83 -17.32
C ASN M 675 23.72 -39.13 -17.81
N HIS M 676 24.14 -39.64 -18.97
CA HIS M 676 23.58 -40.89 -19.47
C HIS M 676 23.95 -42.05 -18.54
N VAL M 677 23.16 -43.12 -18.62
CA VAL M 677 23.40 -44.27 -17.76
C VAL M 677 24.76 -44.90 -18.03
N GLU M 678 25.20 -44.93 -19.30
CA GLU M 678 26.49 -45.49 -19.66
C GLU M 678 27.58 -44.44 -19.73
N GLY M 679 27.24 -43.18 -20.03
CA GLY M 679 28.23 -42.13 -20.15
C GLY M 679 28.77 -41.58 -18.85
N GLN M 680 28.13 -41.88 -17.72
CA GLN M 680 28.65 -41.39 -16.44
C GLN M 680 29.98 -42.04 -16.12
N LYS M 681 30.06 -43.36 -16.23
CA LYS M 681 31.32 -44.06 -15.98
C LYS M 681 32.39 -43.64 -16.98
N LEU M 682 32.00 -43.46 -18.25
CA LEU M 682 32.96 -43.03 -19.25
C LEU M 682 33.50 -41.65 -18.93
N LYS M 683 32.64 -40.72 -18.53
CA LYS M 683 33.10 -39.38 -18.16
C LYS M 683 34.02 -39.44 -16.95
N GLN M 684 33.67 -40.23 -15.94
CA GLN M 684 34.50 -40.33 -14.75
C GLN M 684 35.88 -40.91 -15.09
N ASP M 685 35.90 -41.98 -15.87
CA ASP M 685 37.17 -42.59 -16.27
C ASP M 685 37.99 -41.62 -17.11
N GLY M 686 37.35 -40.91 -18.03
CA GLY M 686 38.08 -39.94 -18.83
C GLY M 686 38.67 -38.82 -18.00
N ASP M 687 37.91 -38.32 -17.02
CA ASP M 687 38.43 -37.26 -16.16
C ASP M 687 39.62 -37.75 -15.35
N SER M 688 39.51 -38.93 -14.73
CA SER M 688 40.61 -39.44 -13.93
C SER M 688 41.84 -39.73 -14.80
N PHE M 689 41.64 -40.33 -15.97
CA PHE M 689 42.75 -40.66 -16.86
C PHE M 689 43.41 -39.41 -17.42
N ARG M 690 42.64 -38.36 -17.71
CA ARG M 690 43.22 -37.11 -18.13
C ARG M 690 43.99 -36.43 -17.02
N MET M 691 43.51 -36.53 -15.78
CA MET M 691 44.27 -36.02 -14.65
C MET M 691 45.60 -36.76 -14.54
N LYS M 692 45.57 -38.09 -14.70
CA LYS M 692 46.81 -38.86 -14.65
C LYS M 692 47.75 -38.56 -15.81
N LEU M 693 47.23 -38.06 -16.93
CA LEU M 693 48.03 -37.79 -18.11
C LEU M 693 48.73 -36.43 -18.05
N ASN M 694 48.55 -35.67 -16.98
CA ASN M 694 49.16 -34.35 -16.87
C ASN M 694 50.68 -34.47 -16.94
N THR M 695 51.29 -33.62 -17.76
CA THR M 695 52.69 -33.75 -18.15
C THR M 695 53.57 -32.65 -17.52
N GLN M 696 52.94 -31.65 -16.88
CA GLN M 696 53.68 -30.50 -16.36
C GLN M 696 54.78 -30.90 -15.39
N GLU M 697 54.60 -32.01 -14.66
CA GLU M 697 55.65 -32.47 -13.76
C GLU M 697 56.91 -32.85 -14.51
N ILE M 698 56.77 -33.47 -15.68
CA ILE M 698 57.94 -33.88 -16.45
C ILE M 698 58.71 -32.64 -16.91
N PHE M 699 58.01 -31.63 -17.42
CA PHE M 699 58.68 -30.41 -17.85
C PHE M 699 59.35 -29.71 -16.68
N ASP M 700 58.66 -29.65 -15.53
CA ASP M 700 59.25 -29.02 -14.36
C ASP M 700 60.52 -29.73 -13.93
N ASP M 701 60.49 -31.06 -13.88
CA ASP M 701 61.67 -31.83 -13.49
C ASP M 701 62.81 -31.63 -14.48
N TRP M 702 62.52 -31.67 -15.78
CA TRP M 702 63.57 -31.53 -16.77
C TRP M 702 64.19 -30.13 -16.72
N ALA M 703 63.35 -29.10 -16.58
CA ALA M 703 63.87 -27.74 -16.47
C ALA M 703 64.70 -27.57 -15.21
N ARG M 704 64.26 -28.15 -14.09
CA ARG M 704 65.03 -28.06 -12.86
C ARG M 704 66.38 -28.74 -13.02
N LYS M 705 66.42 -29.91 -13.64
CA LYS M 705 67.69 -30.61 -13.84
C LYS M 705 68.62 -29.80 -14.73
N VAL M 706 68.09 -29.24 -15.83
CA VAL M 706 68.94 -28.49 -16.74
C VAL M 706 69.47 -27.23 -16.06
N GLN M 707 68.61 -26.53 -15.32
CA GLN M 707 69.06 -25.34 -14.61
C GLN M 707 70.09 -25.68 -13.55
N GLN M 708 69.90 -26.77 -12.81
CA GLN M 708 70.86 -27.19 -11.80
C GLN M 708 72.20 -27.58 -12.41
N ARG M 709 72.18 -28.18 -13.60
CA ARG M 709 73.44 -28.47 -14.28
C ARG M 709 74.21 -27.19 -14.59
N ASN M 710 73.49 -26.15 -15.04
CA ASN M 710 74.09 -24.85 -15.33
C ASN M 710 75.17 -24.99 -16.40
N LEU M 711 74.79 -25.60 -17.51
CA LEU M 711 75.72 -25.82 -18.61
C LEU M 711 76.17 -24.48 -19.21
N GLY M 712 77.44 -24.41 -19.59
CA GLY M 712 78.02 -23.20 -20.12
C GLY M 712 79.04 -23.44 -21.21
N VAL M 713 78.84 -22.79 -22.36
CA VAL M 713 79.75 -22.94 -23.50
C VAL M 713 80.81 -21.84 -23.54
N SER M 714 80.61 -20.74 -22.83
CA SER M 714 81.56 -19.63 -22.89
C SER M 714 82.92 -20.02 -22.33
N GLY M 715 83.97 -19.53 -22.96
CA GLY M 715 85.32 -19.83 -22.58
C GLY M 715 86.21 -19.88 -23.80
N ARG M 716 87.45 -20.34 -23.58
CA ARG M 716 88.37 -20.52 -24.69
C ARG M 716 87.91 -21.67 -25.58
N ILE M 717 88.11 -21.50 -26.89
CA ILE M 717 87.70 -22.55 -27.82
C ILE M 717 88.53 -23.81 -27.61
N PHE M 718 89.80 -23.66 -27.26
CA PHE M 718 90.75 -24.76 -27.11
C PHE M 718 91.15 -24.92 -25.66
N THR M 719 91.71 -26.08 -25.35
CA THR M 719 92.28 -26.36 -24.04
C THR M 719 93.36 -27.41 -24.20
N ILE M 720 94.42 -27.31 -23.40
CA ILE M 720 95.56 -28.21 -23.47
C ILE M 720 96.02 -28.59 -22.08
N LYS M 734 97.26 -33.60 -25.28
CA LYS M 734 96.35 -33.77 -26.40
C LYS M 734 95.44 -32.55 -26.56
N LEU M 735 95.17 -32.19 -27.81
CA LEU M 735 94.31 -31.04 -28.09
C LEU M 735 92.85 -31.46 -28.02
N LYS M 736 92.00 -30.53 -27.58
CA LYS M 736 90.58 -30.81 -27.42
C LYS M 736 89.79 -29.52 -27.59
N VAL M 737 88.51 -29.68 -27.91
CA VAL M 737 87.56 -28.59 -28.04
C VAL M 737 86.44 -28.81 -27.04
N ASN M 738 86.13 -27.78 -26.24
CA ASN M 738 85.17 -27.89 -25.16
C ASN M 738 83.75 -27.75 -25.72
N PHE M 739 83.22 -28.87 -26.20
CA PHE M 739 81.86 -28.91 -26.74
C PHE M 739 81.36 -30.34 -26.63
N LEU M 740 80.42 -30.59 -25.71
CA LEU M 740 79.90 -31.93 -25.47
C LEU M 740 78.66 -32.20 -26.32
N PRO M 741 78.31 -33.47 -26.56
CA PRO M 741 77.08 -33.75 -27.32
C PRO M 741 75.81 -33.27 -26.64
N GLU M 742 75.77 -33.25 -25.31
CA GLU M 742 74.52 -32.95 -24.59
C GLU M 742 74.01 -31.55 -24.91
N ILE M 743 74.90 -30.63 -25.27
CA ILE M 743 74.49 -29.26 -25.57
C ILE M 743 73.55 -29.22 -26.77
N ILE M 744 73.69 -30.19 -27.68
CA ILE M 744 72.78 -30.28 -28.82
C ILE M 744 71.44 -30.88 -28.39
N THR M 745 71.49 -31.88 -27.51
CA THR M 745 70.27 -32.52 -27.04
C THR M 745 69.39 -31.53 -26.29
N LEU M 746 70.00 -30.65 -25.50
CA LEU M 746 69.22 -29.61 -24.82
C LEU M 746 68.56 -28.68 -25.83
N SER M 747 69.28 -28.32 -26.89
CA SER M 747 68.69 -27.46 -27.92
C SER M 747 67.50 -28.14 -28.58
N LYS M 748 67.62 -29.44 -28.88
CA LYS M 748 66.50 -30.15 -29.49
C LYS M 748 65.32 -30.28 -28.52
N GLU M 749 65.61 -30.50 -27.23
CA GLU M 749 64.57 -30.50 -26.22
C GLU M 749 63.82 -29.19 -26.18
N VAL M 750 64.53 -28.06 -26.21
CA VAL M 750 63.88 -26.76 -26.27
C VAL M 750 63.07 -26.61 -27.56
N ARG M 751 63.62 -27.09 -28.68
CA ARG M 751 62.94 -26.97 -29.97
C ARG M 751 61.59 -27.67 -29.95
N ASN M 752 61.54 -28.89 -29.41
CA ASN M 752 60.28 -29.62 -29.38
C ASN M 752 59.33 -29.05 -28.32
N LEU M 753 59.86 -28.69 -27.14
CA LEU M 753 59.01 -28.21 -26.07
C LEU M 753 58.38 -26.86 -26.41
N LYS M 754 59.06 -26.04 -27.20
CA LYS M 754 58.46 -24.79 -27.62
C LYS M 754 57.23 -25.03 -28.49
N TRP M 755 57.32 -25.96 -29.44
CA TRP M 755 56.14 -26.34 -30.21
C TRP M 755 55.05 -26.94 -29.32
N LEU M 756 55.45 -27.70 -28.32
CA LEU M 756 54.48 -28.27 -27.38
C LEU M 756 53.87 -27.22 -26.43
N GLY M 757 54.37 -25.98 -26.46
CA GLY M 757 53.73 -24.89 -25.76
C GLY M 757 54.20 -24.62 -24.35
N PHE M 758 55.09 -25.45 -23.81
CA PHE M 758 55.61 -25.20 -22.48
C PHE M 758 56.53 -23.98 -22.52
N ARG M 759 56.31 -23.05 -21.57
CA ARG M 759 57.07 -21.81 -21.55
C ARG M 759 58.48 -22.11 -21.03
N VAL M 760 59.41 -22.31 -21.94
CA VAL M 760 60.80 -22.58 -21.55
C VAL M 760 61.39 -21.32 -20.92
N PRO M 761 62.22 -21.41 -19.88
CA PRO M 761 62.80 -20.19 -19.29
C PRO M 761 63.74 -19.48 -20.25
N LEU M 762 63.93 -18.19 -19.98
CA LEU M 762 64.75 -17.35 -20.83
C LEU M 762 66.21 -17.81 -20.88
N ALA M 763 66.79 -18.17 -19.73
CA ALA M 763 68.17 -18.61 -19.70
C ALA M 763 68.36 -19.89 -20.52
N ILE M 764 67.41 -20.81 -20.43
CA ILE M 764 67.49 -22.03 -21.22
C ILE M 764 67.38 -21.69 -22.71
N VAL M 765 66.56 -20.70 -23.05
CA VAL M 765 66.43 -20.28 -24.44
C VAL M 765 67.75 -19.73 -24.95
N ASN M 766 68.43 -18.90 -24.15
CA ASN M 766 69.72 -18.36 -24.56
C ASN M 766 70.76 -19.47 -24.70
N LYS M 767 70.77 -20.43 -23.79
CA LYS M 767 71.71 -21.54 -23.88
C LYS M 767 71.46 -22.35 -25.15
N ALA M 768 70.20 -22.63 -25.47
CA ALA M 768 69.88 -23.35 -26.70
C ALA M 768 70.25 -22.54 -27.93
N HIS M 769 70.06 -21.21 -27.89
CA HIS M 769 70.44 -20.34 -28.98
C HIS M 769 71.94 -20.46 -29.25
N GLN M 770 72.75 -20.31 -28.20
CA GLN M 770 74.20 -20.42 -28.35
C GLN M 770 74.60 -21.80 -28.85
N ALA M 771 73.94 -22.85 -28.34
CA ALA M 771 74.21 -24.20 -28.80
C ALA M 771 73.96 -24.33 -30.29
N ASN M 772 72.80 -23.84 -30.76
CA ASN M 772 72.46 -23.95 -32.17
C ASN M 772 73.44 -23.18 -33.04
N GLN M 773 73.85 -21.99 -32.61
CA GLN M 773 74.79 -21.23 -33.42
C GLN M 773 76.17 -21.87 -33.45
N LEU M 774 76.66 -22.36 -32.31
CA LEU M 774 78.05 -22.81 -32.21
C LEU M 774 78.23 -24.29 -32.53
N TYR M 775 77.16 -25.04 -32.77
CA TYR M 775 77.31 -26.45 -33.08
C TYR M 775 78.10 -26.72 -34.36
N PRO M 776 77.81 -26.11 -35.51
CA PRO M 776 78.57 -26.45 -36.71
C PRO M 776 80.03 -26.00 -36.65
N PHE M 777 80.29 -24.85 -36.02
CA PHE M 777 81.67 -24.41 -35.85
C PHE M 777 82.43 -25.40 -34.96
N ALA M 778 81.80 -25.86 -33.88
CA ALA M 778 82.43 -26.84 -33.02
C ALA M 778 82.67 -28.16 -33.74
N ILE M 779 81.74 -28.59 -34.58
CA ILE M 779 81.93 -29.82 -35.34
C ILE M 779 83.10 -29.67 -36.30
N SER M 780 83.18 -28.54 -37.01
CA SER M 780 84.30 -28.31 -37.91
C SER M 780 85.62 -28.30 -37.14
N LEU M 781 85.65 -27.64 -35.99
CA LEU M 781 86.87 -27.55 -35.20
C LEU M 781 87.31 -28.91 -34.68
N ILE M 782 86.39 -29.69 -34.11
CA ILE M 782 86.77 -30.98 -33.57
C ILE M 782 87.16 -31.95 -34.70
N GLU M 783 86.47 -31.89 -35.84
CA GLU M 783 86.86 -32.72 -36.97
C GLU M 783 88.26 -32.34 -37.46
N SER M 784 88.56 -31.04 -37.53
CA SER M 784 89.89 -30.62 -37.95
C SER M 784 90.96 -31.08 -36.96
N VAL M 785 90.67 -30.99 -35.67
CA VAL M 785 91.64 -31.43 -34.66
C VAL M 785 91.87 -32.94 -34.79
N ARG M 786 90.80 -33.71 -34.97
CA ARG M 786 90.93 -35.16 -35.13
C ARG M 786 91.73 -35.49 -36.38
N THR M 787 91.46 -34.80 -37.49
CA THR M 787 92.19 -35.03 -38.73
C THR M 787 93.67 -34.72 -38.56
N TYR M 788 93.97 -33.60 -37.91
CA TYR M 788 95.36 -33.24 -37.65
C TYR M 788 96.04 -34.27 -36.75
N GLU M 789 95.31 -34.79 -35.76
CA GLU M 789 95.89 -35.80 -34.87
C GLU M 789 96.25 -37.06 -35.64
N ARG M 790 95.32 -37.58 -36.46
CA ARG M 790 95.61 -38.80 -37.19
C ARG M 790 96.72 -38.58 -38.22
N THR M 791 96.73 -37.44 -38.89
CA THR M 791 97.79 -37.16 -39.86
C THR M 791 99.14 -37.01 -39.17
N CYS M 792 99.17 -36.37 -38.00
CA CYS M 792 100.41 -36.27 -37.24
C CYS M 792 100.91 -37.63 -36.80
N GLU M 793 99.99 -38.50 -36.37
CA GLU M 793 100.40 -39.85 -35.98
C GLU M 793 100.97 -40.61 -37.17
N LYS M 794 100.33 -40.48 -38.35
CA LYS M 794 100.86 -41.13 -39.54
C LYS M 794 102.24 -40.59 -39.90
N VAL M 795 102.44 -39.28 -39.81
CA VAL M 795 103.74 -38.70 -40.13
C VAL M 795 104.80 -39.17 -39.15
N GLU M 796 104.47 -39.20 -37.85
CA GLU M 796 105.42 -39.65 -36.84
C GLU M 796 105.73 -41.13 -36.97
N GLU M 797 104.79 -41.94 -37.47
CA GLU M 797 105.04 -43.36 -37.69
C GLU M 797 105.94 -43.61 -38.90
N ARG M 798 106.10 -42.63 -39.79
CA ARG M 798 106.99 -42.71 -40.94
C ARG M 798 107.85 -41.45 -40.92
N ASN M 799 108.97 -41.51 -40.20
CA ASN M 799 109.82 -40.34 -39.98
C ASN M 799 110.57 -39.91 -41.24
N THR M 800 110.65 -40.75 -42.26
CA THR M 800 111.44 -40.42 -43.44
C THR M 800 110.82 -39.30 -44.28
N ILE M 801 109.52 -39.06 -44.14
CA ILE M 801 108.80 -38.11 -44.97
C ILE M 801 108.52 -36.79 -44.24
N SER M 802 109.22 -36.54 -43.13
CA SER M 802 108.93 -35.37 -42.31
C SER M 802 109.27 -34.06 -43.01
N LEU M 803 110.29 -34.05 -43.87
CA LEU M 803 110.78 -32.78 -44.42
C LEU M 803 109.81 -32.19 -45.42
N LEU M 804 109.24 -33.00 -46.31
CA LEU M 804 108.35 -32.48 -47.34
C LEU M 804 107.04 -31.94 -46.79
N VAL M 805 106.67 -32.32 -45.56
CA VAL M 805 105.41 -31.92 -44.94
C VAL M 805 105.63 -30.91 -43.83
N ALA M 806 106.80 -30.27 -43.78
CA ALA M 806 107.08 -29.32 -42.70
C ALA M 806 106.25 -28.06 -42.85
N GLY M 807 106.05 -27.60 -44.08
CA GLY M 807 105.31 -26.36 -44.29
C GLY M 807 103.87 -26.45 -43.82
N LEU M 808 103.17 -27.52 -44.18
CA LEU M 808 101.80 -27.69 -43.73
C LEU M 808 101.74 -27.86 -42.22
N LYS M 809 102.70 -28.59 -41.64
CA LYS M 809 102.73 -28.80 -40.20
C LYS M 809 102.87 -27.47 -39.45
N LYS M 810 103.86 -26.67 -39.83
CA LYS M 810 104.05 -25.40 -39.13
C LYS M 810 102.90 -24.44 -39.43
N GLU M 811 102.29 -24.52 -40.62
CA GLU M 811 101.14 -23.67 -40.92
C GLU M 811 99.96 -24.00 -40.00
N VAL M 812 99.62 -25.28 -39.87
CA VAL M 812 98.49 -25.64 -39.02
C VAL M 812 98.82 -25.35 -37.56
N GLN M 813 100.08 -25.54 -37.15
CA GLN M 813 100.44 -25.21 -35.77
C GLN M 813 100.34 -23.71 -35.52
N ALA M 814 100.72 -22.88 -36.49
CA ALA M 814 100.57 -21.44 -36.34
C ALA M 814 99.11 -21.05 -36.26
N LEU M 815 98.25 -21.66 -37.07
CA LEU M 815 96.82 -21.38 -36.99
C LEU M 815 96.26 -21.80 -35.63
N ILE M 816 96.69 -22.96 -35.13
CA ILE M 816 96.24 -23.42 -33.82
C ILE M 816 96.68 -22.44 -32.74
N ALA M 817 97.93 -21.97 -32.82
CA ALA M 817 98.42 -20.97 -31.87
C ALA M 817 97.62 -19.68 -31.95
N GLU M 818 97.22 -19.28 -33.17
CA GLU M 818 96.34 -18.13 -33.31
C GLU M 818 94.99 -18.38 -32.62
N GLY M 819 94.52 -19.62 -32.65
CA GLY M 819 93.23 -19.93 -32.04
C GLY M 819 93.23 -20.00 -30.52
N ILE M 820 94.40 -20.01 -29.88
CA ILE M 820 94.44 -20.14 -28.42
C ILE M 820 93.82 -18.92 -27.75
N ALA M 821 94.11 -17.74 -28.28
CA ALA M 821 93.60 -16.50 -27.68
C ALA M 821 92.12 -16.29 -27.90
N LEU M 822 91.51 -16.97 -28.87
CA LEU M 822 90.12 -16.72 -29.22
C LEU M 822 89.17 -17.43 -28.26
N VAL M 823 87.97 -16.86 -28.11
CA VAL M 823 86.91 -17.43 -27.29
C VAL M 823 85.73 -17.76 -28.19
N TRP M 824 84.71 -18.41 -27.64
CA TRP M 824 83.53 -18.77 -28.42
C TRP M 824 82.71 -17.55 -28.83
N GLU M 825 82.85 -16.43 -28.13
CA GLU M 825 82.17 -15.19 -28.50
C GLU M 825 82.95 -14.38 -29.54
N SER M 826 84.12 -14.84 -29.98
CA SER M 826 84.91 -14.08 -30.93
C SER M 826 84.30 -14.14 -32.32
N TYR M 827 84.38 -13.03 -33.05
CA TYR M 827 83.87 -12.96 -34.41
C TYR M 827 84.81 -13.60 -35.43
N LYS M 828 86.04 -13.92 -35.05
CA LYS M 828 87.02 -14.53 -35.95
C LYS M 828 86.71 -16.00 -36.26
N LEU M 829 85.72 -16.60 -35.61
CA LEU M 829 85.45 -18.01 -35.79
C LEU M 829 84.79 -18.33 -37.13
N ASP M 830 84.08 -17.38 -37.72
CA ASP M 830 83.35 -17.63 -38.96
C ASP M 830 84.28 -18.09 -40.09
N PRO M 831 85.39 -17.38 -40.37
CA PRO M 831 86.34 -17.91 -41.36
C PRO M 831 87.27 -18.97 -40.79
N TYR M 832 87.66 -18.81 -39.52
CA TYR M 832 88.73 -19.62 -38.95
C TYR M 832 88.37 -21.11 -39.01
N VAL M 833 87.20 -21.47 -38.50
CA VAL M 833 86.78 -22.88 -38.49
C VAL M 833 86.70 -23.43 -39.90
N GLN M 834 86.46 -22.59 -40.91
CA GLN M 834 86.63 -23.02 -42.28
C GLN M 834 88.10 -23.09 -42.64
N ARG M 835 88.80 -21.95 -42.49
CA ARG M 835 90.13 -21.80 -43.08
C ARG M 835 91.11 -22.83 -42.53
N LEU M 836 91.19 -22.94 -41.20
CA LEU M 836 92.01 -23.97 -40.57
C LEU M 836 91.67 -25.35 -41.12
N ALA M 837 90.37 -25.67 -41.17
CA ALA M 837 89.95 -26.97 -41.67
C ALA M 837 90.46 -27.18 -43.10
N GLU M 838 90.38 -26.14 -43.93
CA GLU M 838 90.89 -26.26 -45.29
C GLU M 838 92.37 -26.61 -45.28
N THR M 839 93.17 -25.91 -44.48
CA THR M 839 94.58 -26.26 -44.39
C THR M 839 94.74 -27.67 -43.85
N VAL M 840 93.93 -28.03 -42.84
CA VAL M 840 93.97 -29.39 -42.31
C VAL M 840 93.61 -30.37 -43.42
N PHE M 841 92.60 -30.03 -44.22
CA PHE M 841 92.25 -30.87 -45.36
C PHE M 841 93.44 -30.97 -46.29
N ASN M 842 94.09 -29.83 -46.58
CA ASN M 842 95.32 -29.86 -47.36
C ASN M 842 96.38 -30.74 -46.70
N PHE M 843 96.49 -30.63 -45.37
CA PHE M 843 97.50 -31.39 -44.64
C PHE M 843 97.29 -32.90 -44.78
N GLN M 844 96.07 -33.34 -45.14
CA GLN M 844 95.88 -34.76 -45.42
C GLN M 844 96.45 -35.14 -46.78
N GLU M 845 96.10 -34.38 -47.82
CA GLU M 845 96.48 -34.80 -49.18
C GLU M 845 97.99 -34.78 -49.38
N LYS M 846 98.67 -33.77 -48.84
CA LYS M 846 100.13 -33.73 -48.95
C LYS M 846 100.76 -34.93 -48.24
N VAL M 847 100.08 -35.49 -47.24
CA VAL M 847 100.56 -36.71 -46.60
C VAL M 847 100.07 -37.94 -47.37
N ASP M 848 98.92 -37.82 -48.05
CA ASP M 848 98.38 -38.97 -48.76
C ASP M 848 99.15 -39.24 -50.06
N ASP M 849 99.56 -38.20 -50.76
CA ASP M 849 100.30 -38.35 -52.01
C ASP M 849 101.79 -38.57 -51.79
N LEU M 850 102.25 -38.64 -50.54
CA LEU M 850 103.65 -38.84 -50.20
C LEU M 850 103.92 -40.13 -49.43
N LEU M 851 102.90 -40.73 -48.84
CA LEU M 851 103.06 -42.00 -48.14
C LEU M 851 103.25 -43.14 -49.14
N HIS N 210 2.44 35.33 -30.06
CA HIS N 210 1.18 35.26 -29.32
C HIS N 210 0.10 36.04 -30.09
N PRO N 211 -1.14 35.52 -30.15
CA PRO N 211 -2.17 36.26 -30.91
C PRO N 211 -2.42 37.67 -30.41
N MET N 212 -2.38 37.90 -29.09
CA MET N 212 -2.63 39.24 -28.58
C MET N 212 -1.51 40.19 -28.99
N ILE N 213 -0.26 39.73 -28.94
CA ILE N 213 0.86 40.56 -29.40
C ILE N 213 0.74 40.83 -30.89
N THR N 214 0.31 39.83 -31.66
CA THR N 214 0.11 40.04 -33.09
C THR N 214 -0.97 41.09 -33.34
N ASN N 215 -2.07 41.04 -32.59
CA ASN N 215 -3.13 42.02 -32.76
C ASN N 215 -2.66 43.41 -32.40
N VAL N 216 -1.91 43.55 -31.30
CA VAL N 216 -1.45 44.87 -30.90
C VAL N 216 -0.42 45.40 -31.90
N ALA N 217 0.44 44.52 -32.43
CA ALA N 217 1.38 44.94 -33.46
C ALA N 217 0.65 45.40 -34.72
N LYS N 218 -0.40 44.69 -35.11
CA LYS N 218 -1.21 45.12 -36.25
C LYS N 218 -1.83 46.48 -35.98
N GLN N 219 -2.38 46.68 -34.77
CA GLN N 219 -3.02 47.95 -34.44
C GLN N 219 -2.02 49.10 -34.48
N CYS N 220 -0.82 48.89 -33.93
CA CYS N 220 0.15 49.98 -33.89
C CYS N 220 0.80 50.22 -35.25
N TYR N 221 0.90 49.19 -36.09
CA TYR N 221 1.39 49.39 -37.46
C TYR N 221 0.37 50.11 -38.32
N GLU N 222 -0.93 49.84 -38.10
CA GLU N 222 -1.95 50.58 -38.84
C GLU N 222 -1.91 52.07 -38.51
N ARG N 223 -1.51 52.42 -37.29
CA ARG N 223 -1.33 53.82 -36.91
C ARG N 223 0.03 54.38 -37.33
N GLY N 224 0.87 53.58 -37.98
CA GLY N 224 2.16 54.08 -38.41
C GLY N 224 3.16 54.30 -37.31
N GLU N 225 3.03 53.59 -36.19
CA GLU N 225 3.88 53.74 -35.03
C GLU N 225 4.46 52.40 -34.63
N LYS N 226 5.64 52.44 -34.02
CA LYS N 226 6.26 51.22 -33.52
C LYS N 226 5.52 50.72 -32.28
N PRO N 227 5.57 49.42 -31.99
CA PRO N 227 4.88 48.90 -30.81
C PRO N 227 5.62 49.27 -29.53
N LYS N 228 4.91 49.13 -28.42
CA LYS N 228 5.47 49.46 -27.11
C LYS N 228 4.79 48.62 -26.06
N VAL N 229 5.44 48.54 -24.89
CA VAL N 229 4.85 47.81 -23.77
C VAL N 229 3.58 48.50 -23.29
N THR N 230 3.58 49.84 -23.27
CA THR N 230 2.44 50.59 -22.78
C THR N 230 1.19 50.41 -23.64
N ASP N 231 1.35 49.99 -24.90
CA ASP N 231 0.18 49.77 -25.75
C ASP N 231 -0.72 48.69 -25.21
N PHE N 232 -0.18 47.71 -24.48
CA PHE N 232 -0.99 46.69 -23.85
C PHE N 232 -1.70 47.18 -22.59
N GLY N 233 -1.11 48.12 -21.87
CA GLY N 233 -1.74 48.63 -20.68
C GLY N 233 -1.83 47.58 -19.60
N ASP N 234 -3.00 47.49 -18.96
CA ASP N 234 -3.21 46.61 -17.81
C ASP N 234 -2.95 45.15 -18.13
N LYS N 235 -3.01 44.74 -19.40
CA LYS N 235 -2.69 43.37 -19.77
C LYS N 235 -1.28 42.97 -19.39
N VAL N 236 -0.35 43.93 -19.26
CA VAL N 236 0.99 43.59 -18.82
C VAL N 236 0.99 43.07 -17.38
N GLU N 237 0.03 43.49 -16.57
CA GLU N 237 -0.07 43.04 -15.19
C GLU N 237 -0.85 41.74 -15.02
N ASP N 238 -1.52 41.26 -16.07
CA ASP N 238 -2.29 40.04 -15.96
C ASP N 238 -1.34 38.85 -15.80
N PRO N 239 -1.40 38.09 -14.70
CA PRO N 239 -0.49 36.93 -14.59
C PRO N 239 -0.69 35.89 -15.67
N THR N 240 -1.94 35.66 -16.12
CA THR N 240 -2.17 34.63 -17.13
C THR N 240 -1.53 35.00 -18.46
N PHE N 241 -1.62 36.27 -18.85
CA PHE N 241 -1.01 36.71 -20.10
C PHE N 241 0.50 36.55 -20.05
N LEU N 242 1.13 36.96 -18.95
CA LEU N 242 2.57 36.81 -18.82
C LEU N 242 2.97 35.34 -18.80
N ASN N 243 2.16 34.49 -18.16
CA ASN N 243 2.46 33.07 -18.16
C ASN N 243 2.40 32.49 -19.56
N GLN N 244 1.41 32.92 -20.36
CA GLN N 244 1.33 32.46 -21.74
C GLN N 244 2.55 32.91 -22.55
N LEU N 245 2.95 34.18 -22.37
CA LEU N 245 4.14 34.68 -23.06
C LEU N 245 5.39 33.89 -22.66
N GLN N 246 5.52 33.58 -21.38
CA GLN N 246 6.68 32.85 -20.91
C GLN N 246 6.68 31.40 -21.40
N SER N 247 5.52 30.77 -21.47
CA SER N 247 5.44 29.44 -22.07
C SER N 247 5.83 29.48 -23.54
N GLY N 248 5.39 30.51 -24.26
CA GLY N 248 5.81 30.67 -25.64
C GLY N 248 7.32 30.84 -25.75
N VAL N 249 7.91 31.62 -24.84
CA VAL N 249 9.36 31.82 -24.88
C VAL N 249 10.09 30.52 -24.57
N ASN N 250 9.54 29.71 -23.66
CA ASN N 250 10.13 28.39 -23.41
C ASN N 250 10.07 27.51 -24.65
N ARG N 251 8.94 27.56 -25.37
CA ARG N 251 8.84 26.81 -26.62
C ARG N 251 9.88 27.31 -27.63
N TRP N 252 10.08 28.62 -27.70
CA TRP N 252 11.11 29.17 -28.59
C TRP N 252 12.48 28.67 -28.20
N ILE N 253 12.77 28.61 -26.89
CA ILE N 253 14.05 28.11 -26.43
C ILE N 253 14.23 26.65 -26.85
N ARG N 254 13.17 25.86 -26.74
CA ARG N 254 13.24 24.46 -27.15
C ARG N 254 13.55 24.35 -28.64
N GLU N 255 12.84 25.12 -29.47
CA GLU N 255 13.07 25.05 -30.91
C GLU N 255 14.46 25.54 -31.28
N ILE N 256 14.96 26.59 -30.62
CA ILE N 256 16.30 27.08 -30.92
C ILE N 256 17.35 26.05 -30.49
N GLN N 257 17.12 25.39 -29.35
CA GLN N 257 18.05 24.36 -28.90
C GLN N 257 18.03 23.14 -29.80
N LYS N 258 16.90 22.86 -30.47
CA LYS N 258 16.88 21.78 -31.44
C LYS N 258 17.88 22.02 -32.57
N VAL N 259 18.17 23.27 -32.89
CA VAL N 259 19.09 23.61 -33.98
C VAL N 259 20.51 23.82 -33.45
N THR N 260 20.67 24.55 -32.36
CA THR N 260 22.01 24.85 -31.86
C THR N 260 22.72 23.63 -31.28
N LYS N 261 21.99 22.55 -30.98
CA LYS N 261 22.58 21.31 -30.48
C LYS N 261 22.88 20.31 -31.59
N LEU N 262 22.66 20.68 -32.85
CA LEU N 262 22.87 19.74 -33.93
C LEU N 262 24.36 19.45 -34.14
N ASP N 263 24.67 18.20 -34.45
CA ASP N 263 26.01 17.80 -34.83
C ASP N 263 25.90 16.59 -35.75
N ARG N 264 26.96 16.35 -36.52
CA ARG N 264 27.00 15.27 -37.49
C ARG N 264 28.29 14.48 -37.32
N ASP N 265 28.17 13.17 -37.39
CA ASP N 265 29.33 12.29 -37.21
C ASP N 265 30.30 12.51 -38.36
N PRO N 266 31.57 12.87 -38.13
CA PRO N 266 32.46 13.15 -39.26
C PRO N 266 32.88 11.91 -40.03
N ALA N 267 32.86 10.73 -39.40
CA ALA N 267 33.24 9.52 -40.11
C ALA N 267 32.23 9.18 -41.20
N SER N 268 30.94 9.27 -40.89
CA SER N 268 29.91 8.98 -41.87
C SER N 268 29.81 10.10 -42.89
N GLY N 269 29.59 9.73 -44.15
CA GLY N 269 29.43 10.70 -45.21
C GLY N 269 30.76 11.27 -45.69
N THR N 270 30.72 11.84 -46.88
CA THR N 270 31.92 12.41 -47.49
C THR N 270 32.19 13.81 -46.94
N ALA N 271 33.35 14.36 -47.29
CA ALA N 271 33.73 15.68 -46.79
C ALA N 271 32.80 16.77 -47.30
N LEU N 272 32.32 16.64 -48.55
CA LEU N 272 31.37 17.62 -49.07
C LEU N 272 30.11 17.66 -48.22
N GLN N 273 29.68 16.51 -47.71
CA GLN N 273 28.52 16.48 -46.83
C GLN N 273 28.78 17.27 -45.56
N GLU N 274 29.99 17.12 -44.99
CA GLU N 274 30.33 17.87 -43.78
C GLU N 274 30.36 19.37 -44.03
N ILE N 275 30.96 19.78 -45.15
CA ILE N 275 31.06 21.20 -45.44
C ILE N 275 29.67 21.78 -45.70
N SER N 276 28.83 21.05 -46.44
CA SER N 276 27.47 21.52 -46.67
C SER N 276 26.71 21.62 -45.36
N PHE N 277 26.89 20.64 -44.47
CA PHE N 277 26.23 20.70 -43.17
C PHE N 277 26.65 21.93 -42.38
N TRP N 278 27.95 22.23 -42.36
CA TRP N 278 28.41 23.37 -41.56
C TRP N 278 27.97 24.69 -42.18
N LEU N 279 28.02 24.81 -43.50
CA LEU N 279 27.56 26.03 -44.14
C LEU N 279 26.06 26.23 -43.92
N ASN N 280 25.27 25.15 -44.00
CA ASN N 280 23.84 25.27 -43.74
C ASN N 280 23.57 25.57 -42.28
N LEU N 281 24.42 25.06 -41.37
CA LEU N 281 24.29 25.41 -39.96
C LEU N 281 24.50 26.90 -39.76
N GLU N 282 25.53 27.47 -40.39
CA GLU N 282 25.73 28.91 -40.33
C GLU N 282 24.56 29.68 -40.94
N ARG N 283 24.05 29.22 -42.07
CA ARG N 283 22.92 29.84 -42.75
C ARG N 283 21.66 29.85 -41.88
N ALA N 284 21.39 28.77 -41.16
CA ALA N 284 20.25 28.70 -40.26
C ALA N 284 20.47 29.46 -38.95
N LEU N 285 21.70 29.45 -38.43
CA LEU N 285 21.98 30.21 -37.21
C LEU N 285 21.83 31.70 -37.44
N TYR N 286 22.31 32.20 -38.58
CA TYR N 286 22.11 33.62 -38.88
C TYR N 286 20.63 33.94 -39.08
N ARG N 287 19.88 33.03 -39.69
CA ARG N 287 18.44 33.24 -39.83
C ARG N 287 17.75 33.32 -38.47
N ILE N 288 18.12 32.42 -37.56
CA ILE N 288 17.55 32.45 -36.22
C ILE N 288 17.96 33.72 -35.49
N GLN N 289 19.20 34.17 -35.69
CA GLN N 289 19.66 35.41 -35.08
C GLN N 289 18.87 36.60 -35.59
N GLU N 290 18.56 36.61 -36.89
CA GLU N 290 17.71 37.65 -37.44
C GLU N 290 16.31 37.58 -36.84
N LYS N 291 15.74 36.38 -36.72
CA LYS N 291 14.40 36.23 -36.17
C LYS N 291 14.33 36.63 -34.70
N ARG N 292 15.42 36.45 -33.95
CA ARG N 292 15.45 36.84 -32.55
C ARG N 292 15.38 38.35 -32.39
N GLU N 293 15.94 39.10 -33.33
CA GLU N 293 15.95 40.56 -33.27
C GLU N 293 14.68 41.18 -33.83
N SER N 294 13.69 40.39 -34.23
CA SER N 294 12.50 40.94 -34.84
C SER N 294 11.70 41.76 -33.82
N PRO N 295 10.86 42.69 -34.27
CA PRO N 295 10.09 43.50 -33.32
C PRO N 295 9.18 42.68 -32.42
N GLU N 296 8.57 41.60 -32.94
CA GLU N 296 7.63 40.82 -32.14
C GLU N 296 8.32 40.11 -30.98
N VAL N 297 9.46 39.46 -31.27
CA VAL N 297 10.16 38.73 -30.22
C VAL N 297 10.72 39.68 -29.17
N LEU N 298 11.30 40.79 -29.62
CA LEU N 298 11.81 41.78 -28.67
C LEU N 298 10.69 42.38 -27.83
N LEU N 299 9.53 42.60 -28.44
CA LEU N 299 8.39 43.12 -27.67
C LEU N 299 7.92 42.11 -26.63
N THR N 300 7.88 40.83 -27.01
CA THR N 300 7.51 39.79 -26.04
C THR N 300 8.49 39.75 -24.88
N LEU N 301 9.79 39.81 -25.18
CA LEU N 301 10.79 39.82 -24.12
C LEU N 301 10.67 41.06 -23.25
N ASP N 302 10.40 42.22 -23.85
CA ASP N 302 10.25 43.43 -23.07
C ASP N 302 9.04 43.36 -22.15
N ILE N 303 7.94 42.80 -22.65
CA ILE N 303 6.74 42.65 -21.82
C ILE N 303 7.02 41.72 -20.66
N LEU N 304 7.70 40.59 -20.92
CA LEU N 304 8.02 39.67 -19.83
C LEU N 304 8.97 40.32 -18.82
N LYS N 305 9.93 41.10 -19.30
CA LYS N 305 10.82 41.82 -18.38
C LYS N 305 10.05 42.84 -17.56
N HIS N 306 8.99 43.43 -18.12
CA HIS N 306 8.19 44.40 -17.39
C HIS N 306 7.51 43.77 -16.18
N GLY N 307 7.04 42.54 -16.33
CA GLY N 307 6.38 41.84 -15.25
C GLY N 307 7.33 41.09 -14.31
N LYS N 308 8.62 41.40 -14.40
CA LYS N 308 9.64 40.82 -13.53
C LYS N 308 9.77 39.31 -13.72
N ARG N 309 9.48 38.83 -14.92
CA ARG N 309 9.70 37.41 -15.27
C ARG N 309 11.08 37.26 -15.89
N PHE N 310 12.09 37.62 -15.10
CA PHE N 310 13.46 37.64 -15.58
C PHE N 310 14.00 36.26 -15.94
N HIS N 311 13.39 35.19 -15.40
CA HIS N 311 13.84 33.84 -15.73
C HIS N 311 13.83 33.60 -17.23
N ALA N 312 12.72 33.94 -17.89
CA ALA N 312 12.60 33.72 -19.32
C ALA N 312 13.63 34.53 -20.09
N THR N 313 13.82 35.79 -19.74
CA THR N 313 14.73 36.64 -20.51
C THR N 313 16.17 36.18 -20.36
N VAL N 314 16.60 35.87 -19.12
CA VAL N 314 17.98 35.40 -18.93
C VAL N 314 18.19 34.05 -19.60
N SER N 315 17.21 33.15 -19.51
CA SER N 315 17.35 31.87 -20.20
C SER N 315 17.45 32.07 -21.70
N PHE N 316 16.60 32.93 -22.27
CA PHE N 316 16.64 33.18 -23.70
C PHE N 316 17.97 33.78 -24.12
N ASP N 317 18.56 34.61 -23.26
CA ASP N 317 19.89 35.15 -23.56
C ASP N 317 20.95 34.06 -23.54
N THR N 318 20.92 33.19 -22.52
CA THR N 318 21.98 32.21 -22.29
C THR N 318 21.57 30.77 -22.52
N ASP N 319 20.40 30.34 -22.03
CA ASP N 319 20.03 28.93 -22.08
C ASP N 319 19.87 28.41 -23.50
N THR N 320 19.58 29.28 -24.47
CA THR N 320 19.45 28.83 -25.86
C THR N 320 20.76 28.27 -26.38
N GLY N 321 21.89 28.82 -25.93
CA GLY N 321 23.17 28.45 -26.51
C GLY N 321 23.42 29.04 -27.89
N LEU N 322 22.57 29.95 -28.34
CA LEU N 322 22.72 30.53 -29.67
C LEU N 322 24.01 31.31 -29.79
N LYS N 323 24.41 32.02 -28.73
CA LYS N 323 25.64 32.80 -28.77
C LYS N 323 26.86 31.89 -28.90
N GLN N 324 26.91 30.82 -28.11
CA GLN N 324 28.03 29.88 -28.21
C GLN N 324 28.05 29.20 -29.57
N ALA N 325 26.88 28.79 -30.07
CA ALA N 325 26.83 28.14 -31.37
C ALA N 325 27.29 29.08 -32.48
N LEU N 326 26.87 30.34 -32.42
CA LEU N 326 27.32 31.31 -33.41
C LEU N 326 28.82 31.57 -33.32
N GLU N 327 29.34 31.66 -32.10
CA GLU N 327 30.78 31.88 -31.94
C GLU N 327 31.57 30.70 -32.51
N THR N 328 31.10 29.47 -32.26
CA THR N 328 31.80 28.30 -32.78
C THR N 328 31.70 28.22 -34.30
N VAL N 329 30.50 28.46 -34.86
CA VAL N 329 30.34 28.32 -36.30
C VAL N 329 31.08 29.41 -37.05
N ASN N 330 31.21 30.59 -36.44
CA ASN N 330 32.05 31.63 -37.02
C ASN N 330 33.53 31.28 -36.87
N ASP N 331 33.89 30.64 -35.76
CA ASP N 331 35.27 30.16 -35.62
C ASP N 331 35.59 29.08 -36.65
N TYR N 332 34.58 28.27 -37.01
CA TYR N 332 34.73 27.27 -38.06
C TYR N 332 34.69 27.89 -39.45
N ASN N 333 34.32 29.18 -39.56
CA ASN N 333 34.09 29.78 -40.87
C ASN N 333 35.30 29.76 -41.80
N PRO N 334 36.53 30.07 -41.38
CA PRO N 334 37.64 30.10 -42.36
C PRO N 334 37.88 28.77 -43.05
N LEU N 335 37.67 27.66 -42.35
CA LEU N 335 37.91 26.35 -42.95
C LEU N 335 36.85 26.00 -43.99
N MET N 336 35.57 26.28 -43.69
CA MET N 336 34.49 25.91 -44.60
C MET N 336 34.28 26.95 -45.69
N LYS N 337 34.86 28.15 -45.53
CA LYS N 337 34.56 29.24 -46.44
C LYS N 337 35.11 28.96 -47.84
N ASP N 338 36.35 28.47 -47.92
CA ASP N 338 37.04 28.29 -49.19
C ASP N 338 37.59 26.88 -49.31
N PHE N 339 36.76 25.88 -48.97
CA PHE N 339 37.19 24.50 -48.99
C PHE N 339 37.17 24.02 -50.44
N PRO N 340 38.31 23.68 -51.08
CA PRO N 340 38.35 23.62 -52.54
C PRO N 340 37.97 22.29 -53.18
N LEU N 341 37.25 21.42 -52.49
CA LEU N 341 36.95 20.09 -53.04
C LEU N 341 36.16 20.12 -54.34
N ASN N 342 35.52 21.23 -54.67
CA ASN N 342 34.82 21.33 -55.95
C ASN N 342 35.78 21.10 -57.12
N ASP N 343 37.02 21.58 -57.01
CA ASP N 343 38.00 21.36 -58.06
C ASP N 343 38.36 19.88 -58.17
N LEU N 344 38.58 19.21 -57.04
CA LEU N 344 38.94 17.80 -57.08
C LEU N 344 37.81 16.95 -57.61
N LEU N 345 36.59 17.17 -57.13
CA LEU N 345 35.44 16.40 -57.61
C LEU N 345 35.18 16.64 -59.09
N SER N 346 35.54 17.82 -59.61
CA SER N 346 35.41 18.13 -61.02
C SER N 346 36.65 17.78 -61.83
N ALA N 347 37.73 17.36 -61.18
CA ALA N 347 38.97 17.04 -61.88
C ALA N 347 38.87 15.69 -62.57
N THR N 348 39.35 15.64 -63.81
CA THR N 348 39.35 14.42 -64.62
C THR N 348 40.72 14.00 -65.11
N GLU N 349 41.79 14.72 -64.73
CA GLU N 349 43.15 14.39 -65.12
C GLU N 349 44.03 14.30 -63.89
N LEU N 350 45.08 13.48 -63.99
CA LEU N 350 45.96 13.24 -62.85
C LEU N 350 46.67 14.52 -62.44
N ASP N 351 47.11 15.33 -63.40
CA ASP N 351 47.71 16.61 -63.06
C ASP N 351 46.73 17.51 -62.32
N LYS N 352 45.48 17.56 -62.78
CA LYS N 352 44.47 18.38 -62.11
C LYS N 352 44.17 17.82 -60.72
N ILE N 353 44.18 16.50 -60.57
CA ILE N 353 43.95 15.91 -59.24
C ILE N 353 45.09 16.27 -58.30
N ARG N 354 46.34 16.22 -58.77
CA ARG N 354 47.45 16.61 -57.92
C ARG N 354 47.35 18.09 -57.54
N GLN N 355 46.99 18.94 -58.51
CA GLN N 355 46.85 20.37 -58.22
C GLN N 355 45.74 20.61 -57.20
N ALA N 356 44.61 19.92 -57.35
CA ALA N 356 43.52 20.05 -56.40
C ALA N 356 43.91 19.55 -55.01
N LEU N 357 44.66 18.46 -54.93
CA LEU N 357 45.12 17.96 -53.65
C LEU N 357 46.05 18.97 -52.97
N VAL N 358 46.97 19.55 -53.73
CA VAL N 358 47.89 20.54 -53.18
C VAL N 358 47.10 21.76 -52.71
N ALA N 359 46.09 22.18 -53.47
CA ALA N 359 45.24 23.28 -53.02
C ALA N 359 44.46 22.92 -51.76
N ILE N 360 43.97 21.68 -51.67
CA ILE N 360 43.23 21.25 -50.48
C ILE N 360 44.11 21.36 -49.25
N PHE N 361 45.36 20.89 -49.36
CA PHE N 361 46.24 20.94 -48.20
C PHE N 361 46.74 22.36 -47.92
N THR N 362 46.91 23.18 -48.96
CA THR N 362 47.22 24.58 -48.75
C THR N 362 46.09 25.29 -48.00
N HIS N 363 44.84 24.87 -48.24
CA HIS N 363 43.73 25.44 -47.49
C HIS N 363 43.65 24.87 -46.07
N LEU N 364 43.94 23.57 -45.90
CA LEU N 364 44.04 22.99 -44.57
C LEU N 364 45.17 23.59 -43.75
N ARG N 365 46.15 24.23 -44.39
CA ARG N 365 47.14 25.02 -43.67
C ARG N 365 46.49 26.11 -42.83
N LYS N 366 45.29 26.57 -43.20
CA LYS N 366 44.57 27.60 -42.47
C LYS N 366 43.77 27.03 -41.27
N ILE N 367 44.07 25.79 -40.84
CA ILE N 367 43.45 25.25 -39.64
C ILE N 367 44.11 25.73 -38.36
N ARG N 368 45.28 26.37 -38.45
CA ARG N 368 45.93 26.85 -37.24
C ARG N 368 45.12 27.94 -36.55
N ASN N 369 44.51 28.85 -37.33
CA ASN N 369 43.72 29.95 -36.79
C ASN N 369 42.23 29.65 -36.78
N THR N 370 41.84 28.38 -36.89
CA THR N 370 40.44 27.95 -36.81
C THR N 370 40.34 26.89 -35.73
N LYS N 371 39.42 27.10 -34.79
CA LYS N 371 39.15 26.08 -33.79
C LYS N 371 38.45 24.90 -34.44
N TYR N 372 39.01 23.71 -34.25
CA TYR N 372 38.44 22.49 -34.80
C TYR N 372 38.98 21.33 -33.98
N PRO N 373 38.18 20.32 -33.64
CA PRO N 373 38.76 19.16 -32.95
C PRO N 373 39.79 18.47 -33.81
N ILE N 374 40.85 17.99 -33.18
CA ILE N 374 41.90 17.30 -33.91
C ILE N 374 41.37 15.99 -34.48
N GLN N 375 40.58 15.27 -33.69
CA GLN N 375 39.99 14.03 -34.17
C GLN N 375 39.03 14.29 -35.33
N ARG N 376 38.22 15.34 -35.22
CA ARG N 376 37.28 15.66 -36.30
C ARG N 376 38.02 16.06 -37.57
N ALA N 377 39.09 16.85 -37.44
CA ALA N 377 39.89 17.18 -38.62
C ALA N 377 40.53 15.94 -39.23
N LEU N 378 40.96 15.01 -38.40
CA LEU N 378 41.53 13.77 -38.89
C LEU N 378 40.50 12.94 -39.65
N ARG N 379 39.27 12.86 -39.13
CA ARG N 379 38.21 12.18 -39.87
C ARG N 379 37.89 12.92 -41.17
N LEU N 380 37.99 14.24 -41.18
CA LEU N 380 37.79 14.99 -42.41
C LEU N 380 38.87 14.65 -43.43
N VAL N 381 40.11 14.49 -42.97
CA VAL N 381 41.18 14.08 -43.88
C VAL N 381 40.92 12.66 -44.40
N GLU N 382 40.36 11.79 -43.56
CA GLU N 382 39.96 10.47 -44.03
C GLU N 382 38.90 10.58 -45.12
N ALA N 383 37.94 11.49 -44.94
CA ALA N 383 36.92 11.71 -45.97
C ALA N 383 37.56 12.22 -47.26
N ILE N 384 38.53 13.12 -47.15
CA ILE N 384 39.24 13.62 -48.33
C ILE N 384 39.94 12.46 -49.02
N SER N 385 40.54 11.55 -48.25
CA SER N 385 41.17 10.37 -48.83
C SER N 385 40.15 9.49 -49.54
N ARG N 386 38.96 9.33 -48.96
CA ARG N 386 37.93 8.55 -49.61
C ARG N 386 37.53 9.16 -50.95
N ASP N 387 37.35 10.48 -50.97
CA ASP N 387 37.02 11.16 -52.22
C ASP N 387 38.15 11.05 -53.24
N LEU N 388 39.40 11.15 -52.78
CA LEU N 388 40.53 10.97 -53.69
C LEU N 388 40.55 9.57 -54.28
N SER N 389 40.28 8.56 -53.46
CA SER N 389 40.23 7.19 -53.95
C SER N 389 39.14 7.03 -55.00
N SER N 390 37.95 7.58 -54.73
CA SER N 390 36.86 7.48 -55.70
C SER N 390 37.21 8.19 -57.00
N GLN N 391 37.82 9.38 -56.91
CA GLN N 391 38.16 10.13 -58.11
C GLN N 391 39.22 9.41 -58.92
N LEU N 392 40.26 8.87 -58.26
CA LEU N 392 41.29 8.13 -58.97
C LEU N 392 40.71 6.88 -59.62
N LEU N 393 39.83 6.18 -58.91
CA LEU N 393 39.21 5.00 -59.48
C LEU N 393 38.39 5.34 -60.72
N LYS N 394 37.60 6.42 -60.66
CA LYS N 394 36.80 6.82 -61.80
C LYS N 394 37.68 7.24 -62.98
N VAL N 395 38.74 8.01 -62.69
CA VAL N 395 39.60 8.50 -63.78
C VAL N 395 40.33 7.34 -64.44
N LEU N 396 40.91 6.44 -63.65
CA LEU N 396 41.67 5.34 -64.21
C LEU N 396 40.77 4.29 -64.86
N GLY N 397 39.50 4.21 -64.44
CA GLY N 397 38.58 3.32 -65.13
C GLY N 397 38.35 3.73 -66.58
N THR N 398 38.27 5.04 -66.83
CA THR N 398 38.03 5.54 -68.18
C THR N 398 39.25 5.45 -69.08
N ARG N 399 40.44 5.21 -68.54
CA ARG N 399 41.65 5.19 -69.36
C ARG N 399 41.70 4.00 -70.29
N LYS N 400 40.98 2.92 -69.99
CA LYS N 400 40.96 1.71 -70.82
C LYS N 400 42.37 1.16 -71.01
N LEU N 401 42.95 0.73 -69.88
CA LEU N 401 44.33 0.28 -69.86
C LEU N 401 44.58 -0.91 -70.79
N MET N 402 43.55 -1.68 -71.13
CA MET N 402 43.74 -2.84 -71.98
C MET N 402 44.02 -2.44 -73.44
N HIS N 403 43.45 -1.32 -73.87
CA HIS N 403 43.52 -0.90 -75.27
C HIS N 403 44.71 0.01 -75.56
N VAL N 404 45.74 0.01 -74.71
CA VAL N 404 46.89 0.89 -74.87
C VAL N 404 48.16 0.16 -74.42
N ALA N 405 49.30 0.75 -74.75
CA ALA N 405 50.59 0.08 -74.67
C ALA N 405 51.16 0.19 -73.26
N TYR N 406 52.44 -0.15 -73.08
CA TYR N 406 53.08 -0.21 -71.78
C TYR N 406 53.79 1.07 -71.37
N GLU N 407 54.34 1.82 -72.33
CA GLU N 407 55.01 3.08 -71.97
C GLU N 407 54.01 4.07 -71.37
N GLU N 408 52.83 4.20 -71.98
CA GLU N 408 51.79 5.02 -71.39
C GLU N 408 51.34 4.49 -70.04
N PHE N 409 51.35 3.16 -69.86
CA PHE N 409 51.05 2.61 -68.54
C PHE N 409 52.07 3.08 -67.52
N GLU N 410 53.36 3.06 -67.89
CA GLU N 410 54.38 3.55 -66.97
C GLU N 410 54.18 5.02 -66.67
N LYS N 411 53.80 5.81 -67.69
CA LYS N 411 53.52 7.22 -67.46
C LYS N 411 52.35 7.41 -66.49
N VAL N 412 51.29 6.63 -66.68
CA VAL N 412 50.10 6.76 -65.84
C VAL N 412 50.44 6.39 -64.39
N MET N 413 51.18 5.30 -64.20
CA MET N 413 51.55 4.93 -62.83
C MET N 413 52.55 5.90 -62.23
N VAL N 414 53.42 6.51 -63.04
CA VAL N 414 54.32 7.53 -62.53
C VAL N 414 53.51 8.72 -62.02
N ALA N 415 52.50 9.14 -62.79
CA ALA N 415 51.63 10.23 -62.33
C ALA N 415 50.87 9.83 -61.07
N CYS N 416 50.35 8.60 -61.02
CA CYS N 416 49.58 8.16 -59.87
C CYS N 416 50.44 8.13 -58.60
N PHE N 417 51.66 7.61 -58.71
CA PHE N 417 52.54 7.55 -57.54
C PHE N 417 53.14 8.90 -57.21
N GLU N 418 53.25 9.81 -58.18
CA GLU N 418 53.54 11.20 -57.86
C GLU N 418 52.43 11.80 -57.03
N VAL N 419 51.17 11.50 -57.38
CA VAL N 419 50.04 11.96 -56.59
C VAL N 419 50.10 11.38 -55.19
N PHE N 420 50.43 10.09 -55.08
CA PHE N 420 50.51 9.46 -53.76
C PHE N 420 51.64 10.06 -52.94
N GLN N 421 52.78 10.36 -53.55
CA GLN N 421 53.86 11.00 -52.82
C GLN N 421 53.49 12.43 -52.41
N THR N 422 52.75 13.14 -53.24
CA THR N 422 52.25 14.45 -52.85
C THR N 422 51.31 14.34 -51.66
N TRP N 423 50.44 13.33 -51.67
CA TRP N 423 49.60 13.08 -50.50
C TRP N 423 50.47 12.83 -49.28
N ASP N 424 51.51 12.02 -49.43
CA ASP N 424 52.33 11.64 -48.28
C ASP N 424 53.05 12.84 -47.69
N ASP N 425 53.69 13.66 -48.52
CA ASP N 425 54.46 14.76 -47.96
C ASP N 425 53.58 15.92 -47.48
N GLU N 426 52.46 16.19 -48.17
CA GLU N 426 51.54 17.18 -47.62
C GLU N 426 50.89 16.70 -46.33
N TYR N 427 50.59 15.41 -46.24
CA TYR N 427 50.16 14.82 -44.98
C TYR N 427 51.22 15.03 -43.91
N GLU N 428 52.49 14.84 -44.25
CA GLU N 428 53.55 15.01 -43.25
C GLU N 428 53.62 16.45 -42.76
N LYS N 429 53.48 17.41 -43.68
CA LYS N 429 53.42 18.81 -43.28
C LYS N 429 52.26 19.08 -42.34
N LEU N 430 51.06 18.60 -42.72
CA LEU N 430 49.89 18.79 -41.86
C LEU N 430 50.06 18.06 -40.53
N GLN N 431 50.78 16.94 -40.53
CA GLN N 431 50.97 16.17 -39.31
C GLN N 431 51.87 16.92 -38.33
N VAL N 432 53.00 17.44 -38.81
CA VAL N 432 53.85 18.22 -37.92
C VAL N 432 53.11 19.48 -37.45
N LEU N 433 52.30 20.08 -38.31
CA LEU N 433 51.49 21.21 -37.89
C LEU N 433 50.51 20.82 -36.80
N LEU N 434 49.89 19.65 -36.93
CA LEU N 434 48.93 19.20 -35.92
C LEU N 434 49.63 18.89 -34.59
N ARG N 435 50.85 18.34 -34.66
CA ARG N 435 51.61 18.15 -33.42
C ARG N 435 51.92 19.48 -32.76
N ASP N 436 52.30 20.49 -33.55
CA ASP N 436 52.54 21.81 -32.97
C ASP N 436 51.25 22.39 -32.37
N ILE N 437 50.11 22.18 -33.04
CA ILE N 437 48.85 22.73 -32.54
C ILE N 437 48.45 22.05 -31.23
N VAL N 438 48.49 20.71 -31.21
CA VAL N 438 48.07 19.98 -30.02
C VAL N 438 49.07 20.14 -28.88
N LYS N 439 50.32 20.50 -29.18
CA LYS N 439 51.25 20.84 -28.10
C LYS N 439 50.78 22.06 -27.33
N ARG N 440 50.11 23.00 -28.01
CA ARG N 440 49.44 24.11 -27.35
C ARG N 440 48.05 23.66 -26.89
N LYS N 441 47.37 24.53 -26.16
CA LYS N 441 45.98 24.31 -25.70
C LYS N 441 45.98 23.02 -24.85
N ARG N 442 44.89 22.28 -24.79
CA ARG N 442 44.91 20.94 -24.22
C ARG N 442 45.92 20.04 -24.95
N GLU N 443 46.66 19.28 -24.15
CA GLU N 443 47.54 18.23 -24.67
C GLU N 443 46.78 16.96 -25.03
N GLU N 444 45.49 16.90 -24.73
CA GLU N 444 44.60 15.79 -25.09
C GLU N 444 45.06 14.48 -24.45
N ASN N 445 45.36 14.56 -23.16
CA ASN N 445 45.94 13.41 -22.45
C ASN N 445 44.98 12.23 -22.39
N LEU N 446 43.67 12.47 -22.50
CA LEU N 446 42.72 11.37 -22.51
C LEU N 446 42.89 10.50 -23.75
N LYS N 447 43.09 11.11 -24.92
CA LYS N 447 43.12 10.41 -26.19
C LYS N 447 44.40 10.76 -26.95
N MET N 448 45.20 9.73 -27.27
CA MET N 448 46.38 9.86 -28.11
C MET N 448 46.30 8.99 -29.36
N VAL N 449 45.15 8.42 -29.67
CA VAL N 449 45.00 7.64 -30.90
C VAL N 449 44.63 8.62 -32.00
N TRP N 450 45.53 8.77 -32.98
CA TRP N 450 45.31 9.70 -34.08
C TRP N 450 45.77 9.17 -35.44
N ARG N 451 46.25 7.93 -35.52
CA ARG N 451 46.76 7.41 -36.79
C ARG N 451 45.61 7.27 -37.79
N ILE N 452 45.88 7.67 -39.02
CA ILE N 452 44.88 7.70 -40.08
C ILE N 452 44.88 6.37 -40.80
N ASN N 453 43.70 5.97 -41.28
CA ASN N 453 43.50 4.80 -42.13
C ASN N 453 42.98 5.27 -43.48
N PRO N 454 43.83 5.75 -44.38
CA PRO N 454 43.32 6.25 -45.67
C PRO N 454 42.72 5.11 -46.50
N ALA N 455 41.57 5.40 -47.10
CA ALA N 455 40.94 4.41 -47.97
C ALA N 455 41.68 4.28 -49.29
N HIS N 456 42.36 5.35 -49.72
CA HIS N 456 43.06 5.31 -51.00
C HIS N 456 44.33 4.48 -50.94
N ARG N 457 44.91 4.27 -49.76
CA ARG N 457 46.12 3.45 -49.67
C ARG N 457 45.87 2.02 -50.11
N LYS N 458 44.63 1.54 -49.92
CA LYS N 458 44.28 0.21 -50.42
C LYS N 458 44.33 0.17 -51.95
N LEU N 459 44.03 1.29 -52.61
CA LEU N 459 44.17 1.38 -54.06
C LEU N 459 45.64 1.54 -54.45
N GLN N 460 46.41 2.26 -53.63
CA GLN N 460 47.82 2.45 -53.92
C GLN N 460 48.56 1.12 -53.89
N ALA N 461 48.23 0.28 -52.90
CA ALA N 461 48.86 -1.04 -52.83
C ALA N 461 48.50 -1.89 -54.04
N ARG N 462 47.24 -1.85 -54.48
CA ARG N 462 46.83 -2.59 -55.66
C ARG N 462 47.58 -2.11 -56.90
N LEU N 463 47.74 -0.80 -57.04
CA LEU N 463 48.46 -0.26 -58.19
C LEU N 463 49.93 -0.65 -58.13
N ASP N 464 50.52 -0.67 -56.93
CA ASP N 464 51.90 -1.12 -56.79
C ASP N 464 52.05 -2.58 -57.18
N GLN N 465 51.10 -3.42 -56.78
CA GLN N 465 51.14 -4.83 -57.17
C GLN N 465 51.02 -4.97 -58.68
N MET N 466 50.14 -4.18 -59.30
CA MET N 466 50.02 -4.22 -60.76
C MET N 466 51.32 -3.78 -61.42
N ARG N 467 51.97 -2.75 -60.87
CA ARG N 467 53.25 -2.29 -61.42
C ARG N 467 54.30 -3.38 -61.33
N LYS N 468 54.40 -4.06 -60.19
CA LYS N 468 55.38 -5.13 -60.04
C LYS N 468 55.08 -6.27 -61.00
N PHE N 469 53.81 -6.64 -61.12
CA PHE N 469 53.44 -7.73 -62.04
C PHE N 469 53.80 -7.39 -63.47
N ARG N 470 53.49 -6.17 -63.91
CA ARG N 470 53.77 -5.82 -65.31
C ARG N 470 55.25 -5.56 -65.54
N ARG N 471 56.00 -5.13 -64.51
CA ARG N 471 57.44 -5.03 -64.67
C ARG N 471 58.06 -6.41 -64.90
N GLN N 472 57.64 -7.39 -64.11
CA GLN N 472 58.10 -8.76 -64.34
C GLN N 472 57.63 -9.28 -65.70
N HIS N 473 56.40 -8.96 -66.08
CA HIS N 473 55.87 -9.41 -67.37
C HIS N 473 56.67 -8.81 -68.52
N GLU N 474 57.03 -7.53 -68.43
CA GLU N 474 57.85 -6.91 -69.47
C GLU N 474 59.26 -7.51 -69.49
N GLN N 475 59.84 -7.73 -68.30
CA GLN N 475 61.14 -8.40 -68.24
C GLN N 475 61.11 -9.78 -68.89
N LEU N 476 59.97 -10.44 -68.87
CA LEU N 476 59.79 -11.67 -69.63
C LEU N 476 59.61 -11.39 -71.13
N ARG N 477 58.65 -10.54 -71.47
CA ARG N 477 58.20 -10.37 -72.86
C ARG N 477 59.29 -9.79 -73.74
N ALA N 478 59.97 -8.73 -73.30
CA ALA N 478 60.86 -7.98 -74.16
C ALA N 478 62.09 -8.74 -74.59
N VAL N 479 62.42 -9.87 -73.95
CA VAL N 479 63.66 -10.58 -74.22
C VAL N 479 63.44 -12.08 -74.43
N ILE N 480 62.26 -12.62 -74.08
CA ILE N 480 62.01 -14.02 -74.37
C ILE N 480 61.83 -14.24 -75.87
N VAL N 481 61.29 -13.27 -76.60
CA VAL N 481 61.22 -13.39 -78.05
C VAL N 481 62.63 -13.44 -78.63
N ARG N 482 63.54 -12.62 -78.10
CA ARG N 482 64.94 -12.69 -78.50
C ARG N 482 65.54 -14.04 -78.14
N VAL N 483 65.16 -14.62 -77.00
CA VAL N 483 65.65 -15.93 -76.60
C VAL N 483 65.24 -16.97 -77.63
N LEU N 484 63.96 -17.00 -77.97
CA LEU N 484 63.41 -17.98 -78.90
C LEU N 484 63.72 -17.65 -80.35
N ARG N 485 64.25 -16.47 -80.64
CA ARG N 485 64.54 -16.10 -82.01
C ARG N 485 65.66 -16.98 -82.54
N PRO N 486 65.47 -17.73 -83.64
CA PRO N 486 66.61 -18.47 -84.20
C PRO N 486 67.67 -17.51 -84.74
N GLN N 487 68.92 -17.96 -84.69
CA GLN N 487 70.04 -17.14 -85.14
C GLN N 487 70.09 -17.14 -86.67
N VAL N 488 69.85 -15.97 -87.27
CA VAL N 488 69.86 -15.83 -88.71
C VAL N 488 71.26 -15.47 -89.19
N PHE N 512 60.84 -22.07 -88.50
CA PHE N 512 59.97 -21.71 -87.38
C PHE N 512 59.42 -22.96 -86.70
N ASP N 513 59.81 -23.16 -85.45
CA ASP N 513 59.36 -24.31 -84.67
C ASP N 513 58.02 -24.00 -84.01
N ALA N 514 57.35 -25.04 -83.51
CA ALA N 514 56.07 -24.89 -82.84
C ALA N 514 56.18 -24.62 -81.34
N ALA N 515 57.29 -25.00 -80.71
CA ALA N 515 57.46 -24.73 -79.29
C ALA N 515 57.53 -23.23 -79.01
N ASP N 516 58.20 -22.47 -79.88
CA ASP N 516 58.25 -21.03 -79.73
C ASP N 516 56.84 -20.43 -79.80
N ALA N 517 56.06 -20.84 -80.79
CA ALA N 517 54.70 -20.31 -80.93
C ALA N 517 53.85 -20.68 -79.73
N ASN N 518 53.96 -21.94 -79.27
CA ASN N 518 53.18 -22.36 -78.10
C ASN N 518 53.56 -21.58 -76.85
N ALA N 519 54.86 -21.35 -76.63
CA ALA N 519 55.29 -20.63 -75.44
C ALA N 519 54.83 -19.17 -75.49
N ILE N 520 55.00 -18.51 -76.63
CA ILE N 520 54.56 -17.11 -76.75
C ILE N 520 53.05 -17.02 -76.60
N GLU N 521 52.32 -17.99 -77.18
CA GLU N 521 50.87 -17.99 -77.05
C GLU N 521 50.44 -18.20 -75.60
N GLU N 522 51.15 -19.08 -74.87
CA GLU N 522 50.83 -19.27 -73.46
C GLU N 522 51.09 -18.01 -72.66
N VAL N 523 52.19 -17.31 -72.94
CA VAL N 523 52.49 -16.08 -72.22
C VAL N 523 51.41 -15.03 -72.49
N ASN N 524 51.01 -14.89 -73.75
CA ASN N 524 49.96 -13.92 -74.08
C ASN N 524 48.62 -14.34 -73.49
N LEU N 525 48.34 -15.64 -73.43
CA LEU N 525 47.11 -16.11 -72.80
C LEU N 525 47.10 -15.80 -71.32
N ALA N 526 48.23 -15.97 -70.64
CA ALA N 526 48.32 -15.61 -69.23
C ALA N 526 48.10 -14.11 -69.05
N TYR N 527 48.67 -13.30 -69.94
CA TYR N 527 48.45 -11.86 -69.87
C TYR N 527 46.98 -11.52 -70.04
N GLU N 528 46.31 -12.16 -71.00
CA GLU N 528 44.89 -11.91 -71.21
C GLU N 528 44.06 -12.37 -70.01
N ASN N 529 44.41 -13.51 -69.42
CA ASN N 529 43.70 -13.98 -68.23
C ASN N 529 43.84 -13.00 -67.08
N VAL N 530 45.03 -12.44 -66.88
CA VAL N 530 45.19 -11.41 -65.86
C VAL N 530 44.37 -10.18 -66.22
N LYS N 531 44.36 -9.79 -67.49
CA LYS N 531 43.70 -8.56 -67.90
C LYS N 531 42.18 -8.64 -67.81
N GLU N 532 41.61 -9.83 -67.98
CA GLU N 532 40.15 -9.94 -67.92
C GLU N 532 39.61 -9.57 -66.55
N VAL N 533 40.40 -9.79 -65.50
CA VAL N 533 40.00 -9.41 -64.15
C VAL N 533 40.26 -7.92 -63.97
N ASP N 534 39.25 -7.20 -63.47
CA ASP N 534 39.37 -5.76 -63.23
C ASP N 534 40.32 -5.54 -62.07
N GLY N 535 41.56 -5.13 -62.38
CA GLY N 535 42.55 -4.94 -61.35
C GLY N 535 42.30 -3.76 -60.43
N LEU N 536 41.62 -2.74 -60.93
CA LEU N 536 41.34 -1.54 -60.12
C LEU N 536 40.23 -1.77 -59.09
N ASP N 537 39.52 -2.90 -59.15
CA ASP N 537 38.43 -3.15 -58.22
C ASP N 537 39.01 -3.44 -56.85
N VAL N 538 38.94 -2.45 -55.95
CA VAL N 538 39.57 -2.58 -54.64
C VAL N 538 38.70 -3.38 -53.67
N SER N 539 37.43 -3.60 -53.99
CA SER N 539 36.54 -4.31 -53.08
C SER N 539 36.97 -5.77 -52.92
N LYS N 540 36.24 -6.50 -52.07
CA LYS N 540 36.69 -7.84 -51.69
C LYS N 540 36.66 -8.80 -52.87
N GLU N 541 35.55 -8.83 -53.61
CA GLU N 541 35.40 -9.82 -54.67
C GLU N 541 36.39 -9.58 -55.80
N GLY N 542 36.58 -8.31 -56.17
CA GLY N 542 37.61 -7.99 -57.14
C GLY N 542 39.00 -8.38 -56.66
N THR N 543 39.28 -8.19 -55.38
CA THR N 543 40.58 -8.58 -54.85
C THR N 543 40.79 -10.10 -54.93
N GLU N 544 39.77 -10.88 -54.57
CA GLU N 544 39.91 -12.33 -54.66
C GLU N 544 40.07 -12.78 -56.11
N ALA N 545 39.32 -12.17 -57.03
CA ALA N 545 39.50 -12.48 -58.44
C ALA N 545 40.91 -12.14 -58.91
N TRP N 546 41.44 -11.01 -58.44
CA TRP N 546 42.80 -10.62 -58.81
C TRP N 546 43.82 -11.62 -58.27
N GLU N 547 43.62 -12.09 -57.03
CA GLU N 547 44.51 -13.10 -56.49
C GLU N 547 44.44 -14.39 -57.30
N ALA N 548 43.24 -14.80 -57.69
CA ALA N 548 43.10 -16.01 -58.49
C ALA N 548 43.81 -15.87 -59.84
N ALA N 549 43.64 -14.71 -60.48
CA ALA N 549 44.29 -14.47 -61.76
C ALA N 549 45.82 -14.46 -61.60
N MET N 550 46.31 -13.83 -60.52
CA MET N 550 47.74 -13.82 -60.29
C MET N 550 48.28 -15.22 -60.04
N LYS N 551 47.54 -16.03 -59.29
CA LYS N 551 47.97 -17.41 -59.05
C LYS N 551 48.01 -18.21 -60.35
N ARG N 552 47.00 -18.03 -61.21
CA ARG N 552 46.99 -18.74 -62.49
C ARG N 552 48.14 -18.28 -63.38
N TYR N 553 48.44 -16.98 -63.38
CA TYR N 553 49.58 -16.48 -64.14
C TYR N 553 50.88 -17.08 -63.62
N ASP N 554 51.04 -17.13 -62.30
CA ASP N 554 52.22 -17.75 -61.72
C ASP N 554 52.33 -19.21 -62.11
N GLU N 555 51.21 -19.92 -62.10
CA GLU N 555 51.22 -21.34 -62.49
C GLU N 555 51.66 -21.51 -63.94
N ARG N 556 51.10 -20.72 -64.86
CA ARG N 556 51.46 -20.85 -66.26
C ARG N 556 52.92 -20.50 -66.50
N ILE N 557 53.39 -19.42 -65.88
CA ILE N 557 54.79 -19.04 -66.06
C ILE N 557 55.71 -20.07 -65.44
N ASP N 558 55.31 -20.66 -64.32
CA ASP N 558 56.12 -21.72 -63.71
C ASP N 558 56.20 -22.94 -64.62
N ARG N 559 55.09 -23.31 -65.27
CA ARG N 559 55.12 -24.44 -66.19
C ARG N 559 56.05 -24.15 -67.37
N VAL N 560 55.96 -22.95 -67.94
CA VAL N 560 56.83 -22.60 -69.07
C VAL N 560 58.29 -22.61 -68.63
N GLU N 561 58.56 -22.05 -67.44
CA GLU N 561 59.93 -22.01 -66.95
C GLU N 561 60.47 -23.40 -66.65
N THR N 562 59.62 -24.31 -66.18
CA THR N 562 60.06 -25.69 -65.97
C THR N 562 60.40 -26.37 -67.30
N ARG N 563 59.62 -26.10 -68.35
CA ARG N 563 59.97 -26.64 -69.66
C ARG N 563 61.31 -26.07 -70.13
N ILE N 564 61.53 -24.78 -69.91
CA ILE N 564 62.83 -24.19 -70.27
C ILE N 564 63.94 -24.79 -69.41
N THR N 565 63.64 -25.18 -68.17
CA THR N 565 64.65 -25.83 -67.34
C THR N 565 64.98 -27.23 -67.86
N ALA N 566 63.97 -27.92 -68.40
CA ALA N 566 64.26 -29.18 -69.10
C ALA N 566 65.18 -28.93 -70.28
N ARG N 567 64.95 -27.85 -71.01
CA ARG N 567 65.90 -27.46 -72.07
C ARG N 567 67.29 -27.19 -71.50
N LEU N 568 67.36 -26.55 -70.33
CA LEU N 568 68.66 -26.28 -69.71
C LEU N 568 69.39 -27.56 -69.36
N ARG N 569 68.68 -28.55 -68.84
CA ARG N 569 69.29 -29.85 -68.61
C ARG N 569 69.77 -30.46 -69.93
N ASP N 570 68.98 -30.33 -70.98
CA ASP N 570 69.41 -30.81 -72.29
C ASP N 570 70.65 -30.09 -72.80
N GLN N 571 70.90 -28.86 -72.35
CA GLN N 571 72.13 -28.16 -72.74
C GLN N 571 73.36 -28.95 -72.29
N LEU N 572 73.41 -29.30 -71.00
CA LEU N 572 74.51 -30.13 -70.51
C LEU N 572 74.45 -31.53 -71.11
N GLY N 573 73.25 -32.00 -71.45
CA GLY N 573 73.15 -33.24 -72.21
C GLY N 573 73.82 -33.18 -73.57
N THR N 574 73.90 -31.98 -74.16
CA THR N 574 74.46 -31.81 -75.50
C THR N 574 75.91 -31.34 -75.48
N ALA N 575 76.18 -30.21 -74.81
CA ALA N 575 77.52 -29.65 -74.81
C ALA N 575 78.47 -30.50 -73.99
N LYS N 576 79.74 -30.50 -74.40
CA LYS N 576 80.78 -31.29 -73.74
C LYS N 576 81.95 -30.42 -73.28
N ASN N 577 82.31 -29.43 -74.09
CA ASN N 577 83.40 -28.51 -73.79
C ASN N 577 82.80 -27.17 -73.34
N ALA N 578 83.68 -26.21 -73.06
CA ALA N 578 83.24 -24.91 -72.59
C ALA N 578 82.67 -24.05 -73.70
N ASN N 579 83.19 -24.19 -74.93
CA ASN N 579 82.76 -23.30 -76.01
C ASN N 579 81.29 -23.53 -76.37
N GLU N 580 80.85 -24.79 -76.44
CA GLU N 580 79.43 -25.04 -76.72
C GLU N 580 78.55 -24.58 -75.56
N MET N 581 79.03 -24.72 -74.33
CA MET N 581 78.31 -24.17 -73.18
C MET N 581 78.11 -22.67 -73.33
N PHE N 582 79.17 -21.95 -73.71
CA PHE N 582 79.04 -20.50 -73.87
C PHE N 582 78.17 -20.14 -75.06
N ARG N 583 78.23 -20.94 -76.14
CA ARG N 583 77.36 -20.70 -77.28
C ARG N 583 75.89 -20.82 -76.88
N ILE N 584 75.52 -21.94 -76.24
CA ILE N 584 74.12 -22.12 -75.87
C ILE N 584 73.72 -21.19 -74.73
N PHE N 585 74.67 -20.66 -73.97
CA PHE N 585 74.36 -19.57 -73.05
C PHE N 585 74.02 -18.30 -73.79
N SER N 586 74.80 -17.97 -74.83
CA SER N 586 74.54 -16.77 -75.61
C SER N 586 73.18 -16.82 -76.31
N ARG N 587 72.73 -18.01 -76.70
CA ARG N 587 71.42 -18.15 -77.33
C ARG N 587 70.28 -17.79 -76.37
N PHE N 588 70.52 -17.80 -75.07
CA PHE N 588 69.49 -17.62 -74.05
C PHE N 588 69.91 -16.48 -73.12
N ASN N 589 69.39 -15.28 -73.38
CA ASN N 589 69.75 -14.07 -72.62
C ASN N 589 68.77 -13.76 -71.50
N ALA N 590 67.46 -13.87 -71.75
CA ALA N 590 66.44 -13.61 -70.73
C ALA N 590 66.58 -14.52 -69.52
N LEU N 591 67.22 -15.67 -69.66
CA LEU N 591 67.30 -16.62 -68.56
C LEU N 591 68.26 -16.17 -67.47
N PHE N 592 69.09 -15.16 -67.72
CA PHE N 592 70.04 -14.72 -66.71
C PHE N 592 69.41 -13.87 -65.62
N VAL N 593 68.28 -13.22 -65.88
CA VAL N 593 67.75 -12.20 -64.97
C VAL N 593 66.65 -12.75 -64.09
N ARG N 594 65.81 -13.63 -64.62
CA ARG N 594 64.69 -14.15 -63.83
C ARG N 594 65.23 -15.00 -62.68
N PRO N 595 64.74 -14.83 -61.45
CA PRO N 595 65.38 -15.48 -60.31
C PRO N 595 64.87 -16.89 -60.04
N HIS N 596 64.74 -17.68 -61.08
CA HIS N 596 64.45 -19.11 -61.01
C HIS N 596 65.44 -19.92 -61.84
N ILE N 597 65.86 -19.39 -62.99
CA ILE N 597 66.81 -20.10 -63.84
C ILE N 597 68.21 -20.07 -63.24
N ARG N 598 68.53 -19.05 -62.43
CA ARG N 598 69.89 -18.88 -61.94
C ARG N 598 70.38 -20.07 -61.12
N GLY N 599 69.49 -20.81 -60.47
CA GLY N 599 69.92 -22.02 -59.79
C GLY N 599 70.59 -23.00 -60.75
N ALA N 600 69.97 -23.21 -61.92
CA ALA N 600 70.61 -24.00 -62.96
C ALA N 600 71.94 -23.38 -63.36
N ILE N 601 72.01 -22.05 -63.45
CA ILE N 601 73.27 -21.40 -63.76
C ILE N 601 74.28 -21.69 -62.64
N ARG N 602 73.81 -21.73 -61.39
CA ARG N 602 74.71 -22.05 -60.29
C ARG N 602 75.23 -23.47 -60.41
N GLU N 603 74.49 -24.37 -61.07
CA GLU N 603 75.00 -25.71 -61.31
C GLU N 603 76.14 -25.68 -62.32
N TYR N 604 76.07 -24.75 -63.29
CA TYR N 604 77.05 -24.72 -64.37
C TYR N 604 78.21 -23.80 -64.08
N GLN N 605 78.04 -22.80 -63.21
CA GLN N 605 79.09 -21.84 -62.92
C GLN N 605 80.34 -22.52 -62.41
N THR N 606 80.19 -23.42 -61.43
CA THR N 606 81.31 -24.18 -60.90
C THR N 606 82.04 -24.95 -61.99
N GLN N 607 81.32 -25.39 -63.03
CA GLN N 607 81.96 -26.05 -64.16
C GLN N 607 82.66 -25.08 -65.10
N LEU N 608 82.11 -23.88 -65.28
CA LEU N 608 82.58 -22.96 -66.30
C LEU N 608 83.47 -21.84 -65.73
N ILE N 609 82.92 -21.01 -64.84
CA ILE N 609 83.63 -19.81 -64.41
C ILE N 609 84.96 -20.17 -63.76
N GLN N 610 84.93 -21.11 -62.81
CA GLN N 610 86.17 -21.59 -62.19
C GLN N 610 87.13 -22.11 -63.25
N ARG N 611 86.62 -22.90 -64.20
CA ARG N 611 87.47 -23.38 -65.29
C ARG N 611 88.06 -22.20 -66.06
N VAL N 612 87.23 -21.20 -66.37
CA VAL N 612 87.73 -20.03 -67.06
C VAL N 612 88.78 -19.33 -66.21
N LYS N 613 88.56 -19.26 -64.89
CA LYS N 613 89.57 -18.70 -64.01
C LYS N 613 90.85 -19.52 -64.10
N ASP N 614 90.72 -20.85 -64.09
CA ASP N 614 91.88 -21.70 -64.26
C ASP N 614 92.58 -21.46 -65.59
N ASP N 615 91.81 -21.05 -66.62
CA ASP N 615 92.43 -20.73 -67.89
C ASP N 615 93.17 -19.39 -67.82
N ILE N 616 92.64 -18.44 -67.06
CA ILE N 616 93.28 -17.12 -66.98
C ILE N 616 94.54 -17.21 -66.13
N GLU N 617 94.46 -17.89 -65.00
CA GLU N 617 95.61 -18.04 -64.10
C GLU N 617 96.45 -19.24 -64.51
N LEU N 658 93.13 -11.71 -73.75
CA LEU N 658 92.49 -11.22 -72.54
C LEU N 658 91.04 -10.88 -72.80
N THR N 659 90.79 -9.94 -73.73
CA THR N 659 89.44 -9.48 -74.00
C THR N 659 88.54 -10.64 -74.42
N ALA N 660 89.09 -11.61 -75.14
CA ALA N 660 88.33 -12.81 -75.46
C ALA N 660 87.94 -13.55 -74.19
N TYR N 661 88.88 -13.69 -73.24
CA TYR N 661 88.56 -14.41 -72.02
C TYR N 661 87.60 -13.63 -71.13
N MET N 662 87.67 -12.29 -71.14
CA MET N 662 86.66 -11.52 -70.45
C MET N 662 85.29 -11.67 -71.11
N LYS N 663 85.26 -11.85 -72.44
CA LYS N 663 83.99 -12.19 -73.08
C LYS N 663 83.50 -13.56 -72.64
N ARG N 664 84.42 -14.52 -72.49
CA ARG N 664 84.04 -15.84 -71.97
C ARG N 664 83.43 -15.74 -70.59
N VAL N 665 84.03 -14.91 -69.72
CA VAL N 665 83.49 -14.71 -68.38
C VAL N 665 82.13 -14.01 -68.46
N GLU N 666 82.00 -13.02 -69.35
CA GLU N 666 80.76 -12.27 -69.47
C GLU N 666 79.61 -13.15 -69.93
N ASP N 667 79.86 -14.07 -70.86
CA ASP N 667 78.80 -14.89 -71.43
C ASP N 667 78.11 -15.77 -70.40
N VAL N 668 78.76 -16.07 -69.28
CA VAL N 668 78.16 -16.86 -68.21
C VAL N 668 77.41 -16.01 -67.20
N LEU N 669 77.80 -14.74 -67.03
CA LEU N 669 77.17 -13.84 -66.05
C LEU N 669 76.17 -12.88 -66.68
N GLY N 670 75.95 -12.94 -67.99
CA GLY N 670 74.97 -12.09 -68.63
C GLY N 670 75.51 -10.69 -68.89
N LYS N 671 74.61 -9.84 -69.42
CA LYS N 671 74.97 -8.46 -69.72
C LYS N 671 75.33 -7.71 -68.45
N GLY N 672 76.30 -6.80 -68.55
CA GLY N 672 76.75 -6.05 -67.39
C GLY N 672 77.33 -6.96 -66.34
N TRP N 673 78.23 -7.86 -66.76
CA TRP N 673 78.75 -8.90 -65.88
C TRP N 673 79.53 -8.35 -64.69
N GLU N 674 79.96 -7.09 -64.73
CA GLU N 674 80.72 -6.51 -63.63
C GLU N 674 79.86 -6.25 -62.39
N ASN N 675 78.53 -6.31 -62.50
CA ASN N 675 77.66 -6.03 -61.36
C ASN N 675 77.60 -7.17 -60.37
N HIS N 676 77.72 -8.41 -60.83
CA HIS N 676 77.57 -9.56 -59.95
C HIS N 676 78.69 -9.60 -58.91
N VAL N 677 78.40 -10.25 -57.79
CA VAL N 677 79.39 -10.38 -56.72
C VAL N 677 80.59 -11.18 -57.21
N GLU N 678 80.36 -12.20 -58.03
CA GLU N 678 81.47 -12.95 -58.61
C GLU N 678 82.15 -12.20 -59.73
N GLY N 679 81.43 -11.33 -60.44
CA GLY N 679 82.03 -10.53 -61.49
C GLY N 679 82.87 -9.36 -61.02
N GLN N 680 82.74 -8.98 -59.75
CA GLN N 680 83.56 -7.90 -59.22
C GLN N 680 85.04 -8.25 -59.26
N LYS N 681 85.40 -9.48 -58.92
CA LYS N 681 86.78 -9.94 -59.01
C LYS N 681 87.12 -10.29 -60.45
N LYS O 264 45.72 -61.11 -50.97
CA LYS O 264 46.30 -62.00 -49.97
C LYS O 264 47.77 -61.70 -49.77
N LEU O 265 48.17 -61.58 -48.50
CA LEU O 265 49.53 -61.23 -48.11
C LEU O 265 50.27 -62.50 -47.70
N SER O 266 51.34 -62.83 -48.43
CA SER O 266 52.13 -64.03 -48.17
C SER O 266 53.60 -63.65 -48.05
N LEU O 267 54.23 -64.10 -46.98
CA LEU O 267 55.65 -63.79 -46.74
C LEU O 267 56.49 -64.50 -47.79
N ASN O 268 56.98 -63.73 -48.77
CA ASN O 268 57.75 -64.32 -49.86
C ASN O 268 59.18 -64.63 -49.46
N ARG O 269 59.76 -63.82 -48.58
CA ARG O 269 61.17 -63.97 -48.22
C ARG O 269 61.41 -63.40 -46.82
N GLN O 270 62.57 -63.73 -46.26
CA GLN O 270 62.92 -63.38 -44.89
C GLN O 270 64.42 -63.08 -44.87
N PHE O 271 64.76 -61.80 -44.82
CA PHE O 271 66.15 -61.36 -44.88
C PHE O 271 66.63 -60.94 -43.49
N PHE O 272 67.80 -61.42 -43.09
CA PHE O 272 68.39 -61.08 -41.81
C PHE O 272 69.81 -61.63 -41.78
N ASP O 273 70.70 -60.88 -41.13
CA ASP O 273 72.09 -61.28 -40.92
C ASP O 273 72.40 -61.21 -39.44
N GLU O 274 73.01 -62.27 -38.91
CA GLU O 274 73.33 -62.36 -37.49
C GLU O 274 74.47 -61.44 -37.08
N ARG O 275 75.36 -61.08 -38.00
CA ARG O 275 76.51 -60.26 -37.67
C ARG O 275 76.22 -58.77 -37.83
N TRP O 276 75.71 -58.38 -39.00
CA TRP O 276 75.55 -56.96 -39.30
C TRP O 276 74.24 -56.41 -38.77
N SER O 277 73.12 -56.99 -39.19
CA SER O 277 71.80 -56.42 -38.91
C SER O 277 71.29 -56.74 -37.52
N LYS O 278 71.94 -57.64 -36.77
CA LYS O 278 71.44 -58.01 -35.45
C LYS O 278 71.55 -56.83 -34.49
N HIS O 279 70.53 -56.67 -33.65
CA HIS O 279 70.46 -55.58 -32.68
C HIS O 279 70.52 -54.22 -33.37
N ARG O 280 69.88 -54.13 -34.53
CA ARG O 280 69.78 -52.89 -35.29
C ARG O 280 68.37 -52.72 -35.82
N VAL O 281 67.94 -51.48 -35.93
CA VAL O 281 66.69 -51.13 -36.58
C VAL O 281 66.99 -50.75 -38.02
N VAL O 282 66.01 -50.95 -38.91
CA VAL O 282 66.16 -50.63 -40.32
C VAL O 282 65.74 -49.18 -40.50
N SER O 283 66.71 -48.30 -40.69
CA SER O 283 66.42 -46.86 -40.76
C SER O 283 65.77 -46.46 -42.07
N CYS O 284 66.11 -47.14 -43.17
CA CYS O 284 65.51 -46.80 -44.46
C CYS O 284 65.72 -47.94 -45.43
N LEU O 285 64.88 -47.95 -46.47
CA LEU O 285 64.94 -48.93 -47.55
C LEU O 285 64.90 -48.19 -48.88
N ASP O 286 65.34 -48.90 -49.92
CA ASP O 286 65.20 -48.39 -51.28
C ASP O 286 65.43 -49.53 -52.25
N TRP O 287 64.77 -49.44 -53.40
CA TRP O 287 64.92 -50.37 -54.50
C TRP O 287 65.65 -49.70 -55.65
N SER O 288 66.49 -50.46 -56.34
CA SER O 288 67.13 -49.97 -57.56
C SER O 288 66.11 -49.96 -58.68
N SER O 289 66.01 -48.83 -59.38
CA SER O 289 65.06 -48.74 -60.49
C SER O 289 65.52 -49.55 -61.68
N GLN O 290 66.82 -49.52 -61.98
CA GLN O 290 67.31 -50.25 -63.15
C GLN O 290 67.32 -51.75 -62.91
N TYR O 291 67.80 -52.18 -61.74
CA TYR O 291 67.81 -53.59 -61.35
C TYR O 291 66.74 -53.82 -60.29
N PRO O 292 65.49 -54.15 -60.66
CA PRO O 292 64.45 -54.28 -59.62
C PRO O 292 64.69 -55.39 -58.62
N GLU O 293 65.54 -56.37 -58.92
CA GLU O 293 65.83 -57.45 -57.98
C GLU O 293 66.58 -56.98 -56.75
N LEU O 294 67.31 -55.86 -56.84
CA LEU O 294 68.17 -55.42 -55.75
C LEU O 294 67.37 -54.62 -54.73
N LEU O 295 67.86 -54.62 -53.49
CA LEU O 295 67.24 -53.90 -52.40
C LEU O 295 68.33 -53.43 -51.45
N VAL O 296 68.51 -52.12 -51.32
CA VAL O 296 69.45 -51.55 -50.37
C VAL O 296 68.68 -51.13 -49.12
N ALA O 297 69.25 -51.43 -47.95
CA ALA O 297 68.64 -51.09 -46.68
C ALA O 297 69.72 -50.59 -45.74
N SER O 298 69.32 -49.71 -44.82
CA SER O 298 70.24 -49.04 -43.90
C SER O 298 69.96 -49.48 -42.47
N TYR O 299 71.02 -49.50 -41.67
CA TYR O 299 70.96 -49.92 -40.27
C TYR O 299 71.83 -48.99 -39.43
N ASN O 300 71.29 -48.57 -38.29
CA ASN O 300 71.97 -47.62 -37.41
C ASN O 300 72.94 -48.36 -36.50
N ASN O 301 73.50 -47.63 -35.53
CA ASN O 301 74.58 -48.16 -34.70
C ASN O 301 74.11 -49.32 -33.84
N ASN O 302 74.99 -50.32 -33.71
CA ASN O 302 74.73 -51.44 -32.81
C ASN O 302 74.89 -50.99 -31.36
N GLU O 303 73.90 -51.34 -30.53
CA GLU O 303 73.93 -50.92 -29.13
C GLU O 303 74.93 -51.71 -28.31
N ASP O 304 74.99 -53.03 -28.51
CA ASP O 304 75.80 -53.87 -27.65
C ASP O 304 77.29 -53.72 -27.89
N ALA O 305 77.70 -53.70 -29.17
CA ALA O 305 79.12 -53.76 -29.54
C ALA O 305 79.56 -52.44 -30.16
N PRO O 306 80.14 -51.52 -29.40
CA PRO O 306 80.74 -50.33 -30.02
C PRO O 306 81.87 -50.64 -30.99
N HIS O 307 82.54 -51.80 -30.85
CA HIS O 307 83.59 -52.16 -31.78
C HIS O 307 83.08 -52.34 -33.19
N GLU O 308 81.80 -52.69 -33.35
CA GLU O 308 81.22 -52.83 -34.67
C GLU O 308 81.07 -51.45 -35.32
N PRO O 309 81.19 -51.36 -36.65
CA PRO O 309 80.88 -50.07 -37.31
C PRO O 309 79.44 -49.66 -37.06
N ASP O 310 79.23 -48.35 -36.94
CA ASP O 310 77.92 -47.84 -36.56
C ASP O 310 76.93 -47.96 -37.69
N GLY O 311 77.15 -47.24 -38.79
CA GLY O 311 76.23 -47.26 -39.91
C GLY O 311 76.55 -48.43 -40.82
N VAL O 312 75.50 -49.15 -41.24
CA VAL O 312 75.64 -50.30 -42.13
C VAL O 312 74.64 -50.15 -43.26
N ALA O 313 75.03 -50.59 -44.45
CA ALA O 313 74.16 -50.56 -45.62
C ALA O 313 74.31 -51.89 -46.36
N LEU O 314 73.22 -52.65 -46.42
CA LEU O 314 73.23 -54.00 -46.96
C LEU O 314 72.37 -54.07 -48.21
N VAL O 315 72.88 -54.76 -49.22
CA VAL O 315 72.18 -54.95 -50.49
C VAL O 315 71.81 -56.42 -50.61
N TRP O 316 70.51 -56.70 -50.62
CA TRP O 316 69.95 -58.02 -50.79
C TRP O 316 69.40 -58.17 -52.21
N ASN O 317 69.18 -59.43 -52.61
CA ASN O 317 68.79 -59.77 -53.97
C ASN O 317 67.56 -60.67 -53.93
N MET O 318 66.73 -60.53 -54.98
CA MET O 318 65.56 -61.37 -55.17
C MET O 318 65.73 -62.42 -56.27
N LYS O 319 66.75 -62.31 -57.11
CA LYS O 319 66.96 -63.31 -58.14
C LYS O 319 67.44 -64.64 -57.56
N TYR O 320 68.41 -64.58 -56.64
CA TYR O 320 69.02 -65.74 -56.03
C TYR O 320 68.51 -65.92 -54.61
N LYS O 321 68.65 -67.15 -54.10
CA LYS O 321 68.22 -67.51 -52.76
C LYS O 321 69.33 -67.31 -51.72
N LYS O 322 70.35 -66.51 -52.03
CA LYS O 322 71.46 -66.29 -51.11
C LYS O 322 70.96 -65.60 -49.84
N THR O 323 71.09 -66.29 -48.71
CA THR O 323 70.62 -65.72 -47.44
C THR O 323 71.43 -64.48 -47.07
N THR O 324 72.74 -64.52 -47.28
CA THR O 324 73.58 -63.39 -46.91
C THR O 324 73.35 -62.21 -47.85
N PRO O 325 73.69 -60.99 -47.44
CA PRO O 325 73.49 -59.84 -48.32
C PRO O 325 74.33 -59.93 -49.57
N GLU O 326 73.80 -59.41 -50.68
CA GLU O 326 74.56 -59.40 -51.92
C GLU O 326 75.79 -58.50 -51.79
N TYR O 327 75.64 -57.35 -51.13
CA TYR O 327 76.77 -56.47 -50.85
C TYR O 327 76.64 -55.90 -49.45
N VAL O 328 77.76 -55.49 -48.88
CA VAL O 328 77.82 -54.93 -47.53
C VAL O 328 78.70 -53.68 -47.57
N PHE O 329 78.25 -52.64 -46.88
CA PHE O 329 79.02 -51.42 -46.67
C PHE O 329 78.82 -50.96 -45.24
N HIS O 330 79.77 -50.17 -44.74
CA HIS O 330 79.62 -49.59 -43.41
C HIS O 330 80.43 -48.31 -43.31
N CYS O 331 80.07 -47.51 -42.31
CA CYS O 331 80.74 -46.24 -42.08
C CYS O 331 80.60 -45.86 -40.61
N GLN O 332 81.46 -44.93 -40.18
CA GLN O 332 81.65 -44.64 -38.76
C GLN O 332 80.42 -44.08 -38.07
N SER O 333 79.51 -43.46 -38.83
CA SER O 333 78.31 -42.83 -38.28
C SER O 333 77.08 -43.61 -38.74
N ALA O 334 76.07 -43.64 -37.87
CA ALA O 334 74.86 -44.41 -38.13
C ALA O 334 74.17 -43.89 -39.40
N VAL O 335 73.95 -44.78 -40.36
CA VAL O 335 73.36 -44.40 -41.63
C VAL O 335 71.84 -44.33 -41.45
N MET O 336 71.32 -43.11 -41.34
CA MET O 336 69.90 -42.92 -41.14
C MET O 336 69.09 -42.94 -42.43
N SER O 337 69.75 -42.89 -43.59
CA SER O 337 69.04 -43.00 -44.86
C SER O 337 70.00 -43.58 -45.90
N ALA O 338 69.44 -44.33 -46.84
CA ALA O 338 70.23 -44.91 -47.93
C ALA O 338 69.37 -44.95 -49.19
N THR O 339 70.02 -44.88 -50.34
CA THR O 339 69.30 -44.87 -51.60
C THR O 339 70.21 -45.28 -52.74
N PHE O 340 69.57 -45.76 -53.81
CA PHE O 340 70.26 -46.04 -55.06
C PHE O 340 70.34 -44.78 -55.91
N ALA O 341 71.49 -44.56 -56.53
CA ALA O 341 71.58 -43.51 -57.54
C ALA O 341 70.84 -43.97 -58.79
N LYS O 342 69.72 -43.33 -59.09
CA LYS O 342 68.80 -43.82 -60.11
C LYS O 342 69.40 -43.84 -61.50
N PHE O 343 70.48 -43.09 -61.75
CA PHE O 343 71.16 -43.08 -63.03
C PHE O 343 72.64 -43.49 -62.92
N HIS O 344 73.08 -43.94 -61.74
CA HIS O 344 74.42 -44.49 -61.53
C HIS O 344 74.25 -45.83 -60.84
N PRO O 345 74.04 -46.92 -61.59
CA PRO O 345 73.73 -48.20 -60.94
C PRO O 345 74.83 -48.72 -60.04
N ASN O 346 76.08 -48.32 -60.26
CA ASN O 346 77.21 -48.81 -59.48
C ASN O 346 77.39 -48.06 -58.17
N LEU O 347 76.57 -47.04 -57.88
CA LEU O 347 76.74 -46.17 -56.73
C LEU O 347 75.56 -46.30 -55.79
N VAL O 348 75.83 -46.12 -54.49
CA VAL O 348 74.81 -46.09 -53.45
C VAL O 348 75.14 -44.93 -52.53
N VAL O 349 74.14 -44.12 -52.18
CA VAL O 349 74.31 -42.93 -51.36
C VAL O 349 73.69 -43.18 -50.01
N GLY O 350 74.22 -42.54 -48.97
CA GLY O 350 73.68 -42.67 -47.64
C GLY O 350 73.91 -41.48 -46.73
N GLY O 351 72.82 -40.99 -46.13
CA GLY O 351 72.90 -39.94 -45.13
C GLY O 351 72.99 -40.52 -43.72
N THR O 352 73.82 -39.88 -42.90
CA THR O 352 74.24 -40.42 -41.62
C THR O 352 73.75 -39.54 -40.48
N TYR O 353 73.88 -40.07 -39.25
CA TYR O 353 73.47 -39.33 -38.06
C TYR O 353 74.37 -38.11 -37.84
N SER O 354 75.65 -38.20 -38.18
CA SER O 354 76.53 -37.06 -38.06
C SER O 354 76.26 -36.00 -39.12
N GLY O 355 75.42 -36.29 -40.11
CA GLY O 355 75.19 -35.40 -41.23
C GLY O 355 76.13 -35.59 -42.39
N GLN O 356 77.16 -36.42 -42.24
CA GLN O 356 78.12 -36.67 -43.32
C GLN O 356 77.48 -37.62 -44.32
N ILE O 357 77.21 -37.12 -45.53
CA ILE O 357 76.76 -37.98 -46.61
C ILE O 357 77.93 -38.84 -47.05
N VAL O 358 77.66 -40.11 -47.37
CA VAL O 358 78.67 -41.07 -47.78
C VAL O 358 78.23 -41.73 -49.07
N LEU O 359 79.21 -42.17 -49.86
CA LEU O 359 78.99 -42.83 -51.14
C LEU O 359 79.74 -44.16 -51.15
N TRP O 360 79.14 -45.16 -51.75
CA TRP O 360 79.72 -46.49 -51.87
C TRP O 360 79.62 -46.96 -53.31
N ASP O 361 80.72 -47.52 -53.82
CA ASP O 361 80.79 -48.05 -55.18
C ASP O 361 80.94 -49.56 -55.11
N ASN O 362 80.01 -50.28 -55.73
CA ASN O 362 80.10 -51.73 -55.77
C ASN O 362 81.28 -52.21 -56.61
N ARG O 363 81.66 -51.46 -57.65
CA ARG O 363 82.85 -51.80 -58.41
C ARG O 363 84.09 -51.74 -57.53
N SER O 364 84.20 -50.72 -56.70
CA SER O 364 85.29 -50.64 -55.73
C SER O 364 85.06 -51.65 -54.61
N ASN O 365 86.13 -52.30 -54.16
CA ASN O 365 86.06 -53.31 -53.13
C ASN O 365 86.20 -52.75 -51.73
N LYS O 366 86.26 -51.44 -51.56
CA LYS O 366 86.44 -50.83 -50.25
C LYS O 366 85.11 -50.73 -49.51
N ARG O 367 85.08 -51.22 -48.27
CA ARG O 367 83.92 -51.02 -47.41
C ARG O 367 83.85 -49.60 -46.86
N THR O 368 84.99 -48.91 -46.79
CA THR O 368 84.99 -47.50 -46.43
C THR O 368 84.29 -46.71 -47.55
N PRO O 369 83.59 -45.62 -47.23
CA PRO O 369 83.01 -44.81 -48.31
C PRO O 369 84.08 -44.23 -49.23
N VAL O 370 83.76 -44.20 -50.53
CA VAL O 370 84.72 -43.70 -51.51
C VAL O 370 84.68 -42.18 -51.58
N GLN O 371 83.54 -41.56 -51.26
CA GLN O 371 83.40 -40.11 -51.25
C GLN O 371 82.49 -39.72 -50.10
N ARG O 372 82.95 -38.77 -49.29
CA ARG O 372 82.22 -38.30 -48.12
C ARG O 372 82.21 -36.78 -48.11
N THR O 373 81.05 -36.21 -47.81
CA THR O 373 80.94 -34.76 -47.74
C THR O 373 81.62 -34.24 -46.48
N PRO O 374 81.98 -32.95 -46.43
CA PRO O 374 82.54 -32.40 -45.20
C PRO O 374 81.45 -32.13 -44.18
N LEU O 375 81.89 -31.88 -42.95
CA LEU O 375 81.02 -31.52 -41.83
C LEU O 375 81.16 -30.04 -41.49
N SER O 376 81.36 -29.21 -42.50
CA SER O 376 81.48 -27.78 -42.30
C SER O 376 80.11 -27.16 -42.06
N ALA O 377 80.09 -25.88 -41.68
CA ALA O 377 78.83 -25.20 -41.45
C ALA O 377 77.99 -25.12 -42.71
N ALA O 378 78.63 -24.81 -43.86
CA ALA O 378 77.90 -24.77 -45.11
C ALA O 378 77.40 -26.15 -45.52
N ALA O 379 78.10 -27.21 -45.11
CA ALA O 379 77.69 -28.57 -45.36
C ALA O 379 76.77 -29.05 -44.24
N HIS O 380 76.26 -30.28 -44.39
CA HIS O 380 75.39 -30.87 -43.38
C HIS O 380 76.16 -31.13 -42.10
N THR O 381 75.56 -30.77 -40.96
CA THR O 381 76.09 -31.11 -39.64
C THR O 381 75.08 -31.84 -38.76
N HIS O 382 73.82 -31.45 -38.80
CA HIS O 382 72.79 -32.18 -38.08
C HIS O 382 72.47 -33.50 -38.81
N PRO O 383 71.78 -34.43 -38.14
CA PRO O 383 71.47 -35.70 -38.79
C PRO O 383 70.67 -35.52 -40.07
N VAL O 384 71.00 -36.32 -41.08
CA VAL O 384 70.38 -36.28 -42.38
C VAL O 384 69.49 -37.50 -42.52
N TYR O 385 68.19 -37.30 -42.32
CA TYR O 385 67.19 -38.35 -42.49
C TYR O 385 66.61 -38.40 -43.89
N CYS O 386 67.08 -37.55 -44.80
CA CYS O 386 66.37 -37.29 -46.06
C CYS O 386 67.39 -37.08 -47.16
N VAL O 387 67.51 -38.07 -48.05
CA VAL O 387 68.44 -38.05 -49.18
C VAL O 387 67.71 -38.56 -50.40
N ASN O 388 67.92 -37.92 -51.54
CA ASN O 388 67.26 -38.33 -52.78
C ASN O 388 68.10 -37.90 -53.96
N VAL O 389 67.84 -38.52 -55.11
CA VAL O 389 68.46 -38.16 -56.38
C VAL O 389 67.34 -37.70 -57.30
N VAL O 390 67.46 -36.48 -57.81
CA VAL O 390 66.40 -35.84 -58.59
C VAL O 390 67.01 -35.20 -59.81
N GLY O 391 66.38 -35.42 -60.96
CA GLY O 391 66.85 -34.86 -62.22
C GLY O 391 66.66 -35.86 -63.34
N THR O 392 67.60 -35.83 -64.28
CA THR O 392 67.57 -36.66 -65.46
C THR O 392 68.92 -37.35 -65.64
N GLN O 393 68.97 -38.27 -66.61
CA GLN O 393 70.23 -38.94 -66.93
C GLN O 393 71.25 -37.94 -67.46
N ASN O 394 70.81 -36.96 -68.23
CA ASN O 394 71.73 -35.96 -68.77
C ASN O 394 72.34 -35.12 -67.66
N ALA O 395 71.60 -34.90 -66.57
CA ALA O 395 72.11 -34.17 -65.42
C ALA O 395 71.16 -34.39 -64.26
N HIS O 396 71.71 -34.57 -63.06
CA HIS O 396 70.92 -34.83 -61.87
C HIS O 396 71.65 -34.30 -60.65
N ASN O 397 70.90 -34.14 -59.55
CA ASN O 397 71.41 -33.59 -58.31
C ASN O 397 71.00 -34.49 -57.15
N LEU O 398 71.89 -34.58 -56.16
CA LEU O 398 71.62 -35.29 -54.91
C LEU O 398 71.14 -34.26 -53.89
N ILE O 399 69.85 -34.30 -53.58
CA ILE O 399 69.23 -33.36 -52.65
C ILE O 399 69.20 -34.01 -51.28
N SER O 400 69.70 -33.30 -50.26
CA SER O 400 69.76 -33.82 -48.90
C SER O 400 69.29 -32.74 -47.94
N ILE O 401 68.37 -33.13 -47.04
CA ILE O 401 67.80 -32.22 -46.06
C ILE O 401 68.05 -32.78 -44.67
N SER O 402 68.55 -31.91 -43.79
CA SER O 402 68.86 -32.35 -42.41
C SER O 402 67.73 -31.96 -41.47
N THR O 403 67.89 -32.28 -40.19
CA THR O 403 66.88 -32.04 -39.17
C THR O 403 66.92 -30.62 -38.60
N ASP O 404 67.85 -29.77 -39.07
CA ASP O 404 67.87 -28.36 -38.72
C ASP O 404 67.29 -27.47 -39.81
N GLY O 405 66.67 -28.06 -40.83
CA GLY O 405 66.09 -27.29 -41.92
C GLY O 405 67.05 -26.96 -43.05
N LYS O 406 68.29 -27.42 -42.99
CA LYS O 406 69.26 -27.13 -44.04
C LYS O 406 69.08 -28.10 -45.21
N ILE O 407 68.94 -27.55 -46.41
CA ILE O 407 68.86 -28.32 -47.64
C ILE O 407 70.11 -28.01 -48.45
N CYS O 408 70.71 -29.06 -49.02
CA CYS O 408 71.89 -28.93 -49.87
C CYS O 408 71.77 -29.84 -51.06
N SER O 409 72.10 -29.31 -52.23
CA SER O 409 72.19 -30.07 -53.47
C SER O 409 73.65 -30.30 -53.81
N TRP O 410 74.02 -31.56 -53.98
CA TRP O 410 75.38 -31.99 -54.30
C TRP O 410 75.37 -32.67 -55.67
N SER O 411 76.57 -32.91 -56.18
CA SER O 411 76.79 -33.70 -57.39
C SER O 411 77.57 -34.95 -57.02
N LEU O 412 77.22 -36.06 -57.67
CA LEU O 412 77.89 -37.32 -57.39
C LEU O 412 79.37 -37.27 -57.74
N ASP O 413 79.71 -36.58 -58.83
CA ASP O 413 81.11 -36.48 -59.24
C ASP O 413 81.96 -35.65 -58.29
N MET O 414 81.34 -34.86 -57.41
CA MET O 414 82.10 -34.00 -56.50
C MET O 414 81.24 -33.77 -55.26
N LEU O 415 81.61 -34.44 -54.16
CA LEU O 415 80.93 -34.29 -52.88
C LEU O 415 81.72 -33.43 -51.89
N SER O 416 82.88 -32.91 -52.30
CA SER O 416 83.66 -32.07 -51.41
C SER O 416 82.96 -30.75 -51.11
N HIS O 417 82.33 -30.14 -52.11
CA HIS O 417 81.71 -28.83 -52.03
C HIS O 417 80.22 -28.93 -52.32
N PRO O 418 79.35 -28.25 -51.55
CA PRO O 418 77.92 -28.28 -51.91
C PRO O 418 77.65 -27.42 -53.14
N GLN O 419 77.02 -28.04 -54.14
CA GLN O 419 76.67 -27.30 -55.35
C GLN O 419 75.70 -26.16 -55.04
N ASP O 420 74.73 -26.42 -54.18
CA ASP O 420 73.82 -25.38 -53.71
C ASP O 420 73.44 -25.68 -52.28
N SER O 421 73.08 -24.64 -51.52
CA SER O 421 72.67 -24.85 -50.15
C SER O 421 71.83 -23.66 -49.68
N MET O 422 70.87 -23.95 -48.80
CA MET O 422 70.12 -22.91 -48.11
C MET O 422 69.42 -23.55 -46.92
N GLU O 423 68.58 -22.76 -46.26
CA GLU O 423 67.85 -23.19 -45.06
C GLU O 423 66.36 -23.04 -45.30
N LEU O 424 65.61 -24.04 -44.84
CA LEU O 424 64.15 -23.99 -44.90
C LEU O 424 63.66 -23.23 -43.68
N VAL O 425 63.21 -21.99 -43.89
CA VAL O 425 62.75 -21.11 -42.82
C VAL O 425 61.37 -20.61 -43.17
N HIS O 426 60.45 -20.71 -42.21
CA HIS O 426 59.09 -20.24 -42.36
C HIS O 426 58.62 -19.70 -41.02
N LYS O 427 57.64 -18.79 -41.07
CA LYS O 427 57.11 -18.12 -39.88
C LYS O 427 58.24 -17.39 -39.15
N GLN O 428 58.76 -16.37 -39.86
CA GLN O 428 59.89 -15.52 -39.45
C GLN O 428 61.01 -16.36 -38.82
N SER O 429 61.53 -15.98 -37.65
CA SER O 429 62.66 -16.67 -37.05
C SER O 429 62.17 -18.01 -36.49
N LYS O 430 62.13 -19.01 -37.36
CA LYS O 430 61.75 -20.36 -36.95
C LYS O 430 62.20 -21.33 -38.05
N ALA O 431 63.03 -22.29 -37.67
CA ALA O 431 63.48 -23.33 -38.58
C ALA O 431 62.45 -24.45 -38.64
N VAL O 432 62.66 -25.37 -39.57
CA VAL O 432 61.79 -26.53 -39.76
C VAL O 432 62.66 -27.78 -39.61
N ALA O 433 62.22 -28.69 -38.74
CA ALA O 433 62.97 -29.92 -38.46
C ALA O 433 62.44 -31.02 -39.37
N VAL O 434 62.94 -31.04 -40.61
CA VAL O 434 62.43 -31.96 -41.62
C VAL O 434 62.73 -33.39 -41.22
N THR O 435 61.70 -34.22 -41.19
CA THR O 435 61.79 -35.64 -40.84
C THR O 435 61.65 -36.53 -42.07
N SER O 436 60.79 -36.16 -43.01
CA SER O 436 60.57 -36.91 -44.24
C SER O 436 60.45 -35.93 -45.40
N MET O 437 60.68 -36.44 -46.61
CA MET O 437 60.60 -35.66 -47.83
C MET O 437 59.92 -36.48 -48.92
N SER O 438 59.49 -35.79 -49.97
CA SER O 438 58.98 -36.45 -51.16
C SER O 438 58.93 -35.45 -52.31
N PHE O 439 59.08 -35.98 -53.53
CA PHE O 439 58.95 -35.22 -54.76
C PHE O 439 57.76 -35.73 -55.58
N PRO O 440 56.93 -34.86 -56.14
CA PRO O 440 55.90 -35.34 -57.06
C PRO O 440 56.50 -35.90 -58.34
N VAL O 441 55.76 -36.82 -58.96
CA VAL O 441 56.18 -37.39 -60.23
C VAL O 441 56.15 -36.30 -61.30
N GLY O 442 57.23 -36.22 -62.08
CA GLY O 442 57.35 -35.20 -63.10
C GLY O 442 57.68 -33.82 -62.60
N ASP O 443 57.95 -33.67 -61.30
CA ASP O 443 58.29 -32.39 -60.69
C ASP O 443 59.74 -32.44 -60.21
N VAL O 444 60.50 -31.40 -60.55
CA VAL O 444 61.91 -31.33 -60.22
C VAL O 444 62.18 -30.17 -59.26
N ASN O 445 61.31 -29.15 -59.30
CA ASN O 445 61.50 -27.94 -58.52
C ASN O 445 60.73 -27.93 -57.20
N ASN O 446 59.51 -28.48 -57.19
CA ASN O 446 58.66 -28.49 -56.01
C ASN O 446 58.81 -29.81 -55.27
N PHE O 447 58.70 -29.74 -53.94
CA PHE O 447 58.73 -30.94 -53.11
C PHE O 447 57.97 -30.66 -51.83
N VAL O 448 57.82 -31.70 -51.01
CA VAL O 448 57.11 -31.62 -49.73
C VAL O 448 57.99 -32.23 -48.65
N VAL O 449 57.94 -31.63 -47.46
CA VAL O 449 58.73 -32.07 -46.31
C VAL O 449 57.85 -32.10 -45.08
N GLY O 450 58.24 -32.92 -44.10
CA GLY O 450 57.49 -33.12 -42.89
C GLY O 450 58.26 -32.74 -41.64
N SER O 451 57.80 -31.70 -40.94
CA SER O 451 58.51 -31.22 -39.77
C SER O 451 58.23 -32.10 -38.56
N GLU O 452 59.08 -31.97 -37.54
CA GLU O 452 58.81 -32.62 -36.26
C GLU O 452 57.62 -32.02 -35.54
N GLU O 453 57.16 -30.83 -35.94
CA GLU O 453 56.01 -30.18 -35.33
C GLU O 453 54.69 -30.57 -35.97
N GLY O 454 54.71 -31.48 -36.95
CA GLY O 454 53.50 -31.95 -37.60
C GLY O 454 53.06 -31.14 -38.79
N SER O 455 53.57 -29.91 -38.95
CA SER O 455 53.19 -29.09 -40.09
C SER O 455 53.96 -29.55 -41.33
N VAL O 456 53.22 -29.92 -42.37
CA VAL O 456 53.82 -30.39 -43.62
C VAL O 456 54.00 -29.19 -44.53
N TYR O 457 55.24 -28.96 -44.98
CA TYR O 457 55.60 -27.78 -45.75
C TYR O 457 55.87 -28.16 -47.18
N THR O 458 55.16 -27.53 -48.12
CA THR O 458 55.48 -27.63 -49.53
C THR O 458 56.46 -26.52 -49.86
N ALA O 459 57.62 -26.90 -50.43
CA ALA O 459 58.72 -25.99 -50.69
C ALA O 459 59.15 -26.08 -52.14
N CYS O 460 59.92 -25.07 -52.55
CA CYS O 460 60.37 -24.90 -53.93
C CYS O 460 61.88 -24.80 -53.95
N ARG O 461 62.52 -25.56 -54.85
CA ARG O 461 63.98 -25.60 -54.91
C ARG O 461 64.54 -24.26 -55.34
N HIS O 462 64.22 -23.82 -56.56
CA HIS O 462 64.73 -22.60 -57.14
C HIS O 462 63.58 -21.70 -57.56
N GLY O 463 63.67 -20.43 -57.23
CA GLY O 463 62.65 -19.48 -57.60
C GLY O 463 62.78 -18.21 -56.78
N SER O 464 61.89 -17.27 -57.10
CA SER O 464 61.84 -16.02 -56.34
C SER O 464 61.51 -16.31 -54.88
N LYS O 465 60.58 -17.23 -54.64
CA LYS O 465 60.18 -17.66 -53.30
C LYS O 465 60.80 -19.00 -52.94
N ALA O 466 62.05 -19.22 -53.32
CA ALA O 466 62.73 -20.47 -53.00
C ALA O 466 62.81 -20.66 -51.49
N GLY O 467 62.44 -21.84 -51.03
CA GLY O 467 62.30 -22.17 -49.63
C GLY O 467 60.91 -22.72 -49.37
N ILE O 468 60.42 -22.53 -48.15
CA ILE O 468 59.08 -22.99 -47.81
C ILE O 468 58.07 -22.09 -48.50
N SER O 469 57.13 -22.71 -49.21
CA SER O 469 56.11 -22.01 -49.99
C SER O 469 54.74 -22.06 -49.33
N GLU O 470 54.29 -23.25 -48.92
CA GLU O 470 52.97 -23.41 -48.30
C GLU O 470 53.07 -24.27 -47.05
N MET O 471 52.21 -23.94 -46.09
CA MET O 471 52.07 -24.68 -44.84
C MET O 471 50.80 -25.52 -44.91
N PHE O 472 50.85 -26.72 -44.32
CA PHE O 472 49.72 -27.64 -44.29
C PHE O 472 49.60 -28.16 -42.86
N GLU O 473 48.49 -27.82 -42.21
CA GLU O 473 48.27 -28.13 -40.81
C GLU O 473 47.22 -29.22 -40.65
N GLY O 474 47.24 -29.87 -39.49
CA GLY O 474 46.30 -30.92 -39.17
C GLY O 474 46.90 -32.06 -38.39
N HIS O 475 48.20 -32.28 -38.52
CA HIS O 475 48.90 -33.31 -37.74
C HIS O 475 49.38 -32.71 -36.43
N GLN O 476 48.96 -33.32 -35.32
CA GLN O 476 49.33 -32.89 -33.97
C GLN O 476 50.50 -33.67 -33.40
N GLY O 477 51.20 -34.46 -34.21
CA GLY O 477 52.41 -35.13 -33.80
C GLY O 477 53.47 -35.03 -34.88
N PRO O 478 54.71 -35.43 -34.57
CA PRO O 478 55.76 -35.38 -35.60
C PRO O 478 55.42 -36.26 -36.79
N ILE O 479 55.79 -35.77 -37.98
CA ILE O 479 55.62 -36.56 -39.19
C ILE O 479 56.69 -37.64 -39.24
N THR O 480 56.33 -38.81 -39.77
CA THR O 480 57.23 -39.94 -39.90
C THR O 480 57.52 -40.31 -41.33
N GLY O 481 56.59 -40.08 -42.26
CA GLY O 481 56.83 -40.43 -43.64
C GLY O 481 55.86 -39.82 -44.61
N ILE O 482 56.38 -39.21 -45.68
CA ILE O 482 55.58 -38.55 -46.70
C ILE O 482 55.86 -39.21 -48.04
N HIS O 483 54.83 -39.39 -48.85
CA HIS O 483 55.01 -39.88 -50.21
C HIS O 483 53.95 -39.29 -51.13
N CYS O 484 54.37 -38.86 -52.31
CA CYS O 484 53.48 -38.33 -53.33
C CYS O 484 52.95 -39.45 -54.21
N HIS O 485 51.94 -39.13 -55.00
CA HIS O 485 51.25 -40.12 -55.83
C HIS O 485 52.18 -40.53 -56.97
N ALA O 486 52.81 -41.69 -56.82
CA ALA O 486 53.76 -42.18 -57.82
C ALA O 486 53.09 -42.86 -59.00
N ALA O 487 51.81 -43.22 -58.90
CA ALA O 487 51.12 -43.88 -59.99
C ALA O 487 50.73 -42.86 -61.06
N VAL O 488 51.08 -43.15 -62.31
CA VAL O 488 50.84 -42.27 -63.45
C VAL O 488 49.82 -42.95 -64.37
N GLY O 489 48.79 -42.22 -64.74
CA GLY O 489 47.74 -42.73 -65.62
C GLY O 489 47.16 -41.60 -66.44
N ALA O 490 45.97 -41.85 -67.01
CA ALA O 490 45.32 -40.83 -67.82
C ALA O 490 44.94 -39.61 -67.00
N VAL O 491 44.40 -39.83 -65.80
CA VAL O 491 43.99 -38.74 -64.92
C VAL O 491 45.16 -38.35 -64.03
N ASP O 492 45.48 -37.06 -64.01
CA ASP O 492 46.66 -36.56 -63.31
C ASP O 492 46.35 -36.42 -61.82
N PHE O 493 46.85 -37.36 -61.02
CA PHE O 493 46.72 -37.33 -59.57
C PHE O 493 48.05 -37.02 -58.88
N SER O 494 48.98 -36.39 -59.60
CA SER O 494 50.29 -36.09 -59.03
C SER O 494 50.24 -35.09 -57.88
N HIS O 495 49.13 -34.36 -57.72
CA HIS O 495 49.00 -33.36 -56.67
C HIS O 495 48.61 -33.96 -55.33
N LEU O 496 48.32 -35.25 -55.25
CA LEU O 496 47.97 -35.90 -53.99
C LEU O 496 49.21 -36.45 -53.32
N PHE O 497 49.26 -36.33 -51.99
CA PHE O 497 50.33 -36.96 -51.23
C PHE O 497 49.82 -37.36 -49.86
N VAL O 498 50.41 -38.42 -49.32
CA VAL O 498 50.01 -39.01 -48.05
C VAL O 498 51.12 -38.80 -47.04
N THR O 499 50.73 -38.61 -45.78
CA THR O 499 51.66 -38.42 -44.66
C THR O 499 51.24 -39.31 -43.50
N SER O 500 52.23 -39.94 -42.88
CA SER O 500 52.06 -40.74 -41.68
C SER O 500 52.87 -40.11 -40.57
N SER O 501 52.27 -39.99 -39.38
CA SER O 501 52.84 -39.23 -38.28
C SER O 501 52.62 -39.99 -36.98
N PHE O 502 52.88 -39.31 -35.86
CA PHE O 502 52.68 -39.85 -34.53
C PHE O 502 51.24 -39.69 -34.05
N ASP O 503 50.34 -39.18 -34.88
CA ASP O 503 48.93 -39.05 -34.50
C ASP O 503 48.18 -40.37 -34.56
N TRP O 504 48.85 -41.47 -34.93
CA TRP O 504 48.21 -42.76 -35.18
C TRP O 504 47.33 -42.70 -36.42
N THR O 505 47.66 -41.78 -37.33
CA THR O 505 46.82 -41.46 -38.47
C THR O 505 47.65 -41.45 -39.75
N VAL O 506 46.97 -41.69 -40.86
CA VAL O 506 47.50 -41.45 -42.20
C VAL O 506 46.58 -40.43 -42.85
N LYS O 507 47.15 -39.30 -43.27
CA LYS O 507 46.37 -38.19 -43.82
C LYS O 507 46.71 -38.01 -45.29
N LEU O 508 45.67 -37.93 -46.11
CA LEU O 508 45.77 -37.66 -47.54
C LEU O 508 45.51 -36.19 -47.77
N TRP O 509 46.41 -35.54 -48.51
CA TRP O 509 46.41 -34.11 -48.74
C TRP O 509 46.51 -33.82 -50.23
N THR O 510 45.98 -32.65 -50.61
CA THR O 510 46.21 -32.04 -51.90
C THR O 510 47.19 -30.89 -51.75
N THR O 511 48.13 -30.77 -52.69
CA THR O 511 49.10 -29.69 -52.64
C THR O 511 48.43 -28.33 -52.76
N LYS O 512 47.35 -28.24 -53.53
CA LYS O 512 46.61 -26.99 -53.66
C LYS O 512 45.77 -26.67 -52.43
N ASN O 513 45.36 -27.68 -51.66
CA ASN O 513 44.46 -27.50 -50.53
C ASN O 513 45.26 -27.47 -49.24
N ASN O 514 45.03 -26.45 -48.42
CA ASN O 514 45.81 -26.23 -47.21
C ASN O 514 45.37 -27.10 -46.03
N LYS O 515 44.29 -27.87 -46.18
CA LYS O 515 43.78 -28.77 -45.15
C LYS O 515 43.69 -30.19 -45.73
N PRO O 516 43.83 -31.23 -44.90
CA PRO O 516 43.95 -32.58 -45.44
C PRO O 516 42.66 -33.05 -46.09
N LEU O 517 42.81 -33.75 -47.22
CA LEU O 517 41.64 -34.30 -47.90
C LEU O 517 40.93 -35.30 -47.01
N TYR O 518 41.68 -36.20 -46.37
CA TYR O 518 41.05 -37.23 -45.56
C TYR O 518 42.02 -37.75 -44.51
N SER O 519 41.47 -38.40 -43.48
CA SER O 519 42.23 -38.97 -42.39
C SER O 519 41.79 -40.41 -42.15
N PHE O 520 42.77 -41.29 -41.95
CA PHE O 520 42.54 -42.69 -41.63
C PHE O 520 43.14 -42.95 -40.26
N GLU O 521 42.29 -43.36 -39.30
CA GLU O 521 42.65 -43.40 -37.89
C GLU O 521 42.63 -44.82 -37.32
N ASP O 522 42.54 -45.85 -38.18
CA ASP O 522 42.38 -47.22 -37.70
C ASP O 522 43.56 -47.69 -36.87
N ASN O 523 44.76 -47.15 -37.08
CA ASN O 523 45.93 -47.64 -36.38
C ASN O 523 45.84 -47.34 -34.90
N ALA O 524 46.23 -48.32 -34.08
CA ALA O 524 46.19 -48.21 -32.63
C ALA O 524 47.48 -47.71 -32.01
N ASP O 525 48.50 -47.40 -32.81
CA ASP O 525 49.78 -46.91 -32.33
C ASP O 525 50.30 -45.90 -33.33
N TYR O 526 51.57 -45.50 -33.18
CA TYR O 526 52.20 -44.63 -34.15
C TYR O 526 52.24 -45.30 -35.51
N VAL O 527 52.19 -44.49 -36.56
CA VAL O 527 52.41 -44.94 -37.94
C VAL O 527 53.75 -44.37 -38.37
N TYR O 528 54.72 -45.24 -38.60
CA TYR O 528 56.09 -44.82 -38.88
C TYR O 528 56.41 -44.70 -40.35
N ASP O 529 55.61 -45.28 -41.23
CA ASP O 529 55.88 -45.16 -42.65
C ASP O 529 54.62 -45.49 -43.45
N VAL O 530 54.48 -44.79 -44.58
CA VAL O 530 53.39 -44.99 -45.53
C VAL O 530 53.94 -44.67 -46.92
N MET O 531 53.42 -45.37 -47.92
CA MET O 531 53.82 -45.05 -49.28
C MET O 531 52.75 -45.54 -50.26
N TRP O 532 52.59 -44.81 -51.36
CA TRP O 532 51.64 -45.16 -52.40
C TRP O 532 52.10 -46.39 -53.17
N SER O 533 51.14 -47.16 -53.66
CA SER O 533 51.46 -48.22 -54.60
C SER O 533 51.94 -47.59 -55.91
N PRO O 534 53.09 -48.03 -56.46
CA PRO O 534 53.62 -47.33 -57.64
C PRO O 534 52.83 -47.55 -58.90
N THR O 535 51.99 -48.58 -58.96
CA THR O 535 51.17 -48.89 -60.12
C THR O 535 49.69 -48.66 -59.88
N HIS O 536 49.18 -49.11 -58.74
CA HIS O 536 47.77 -48.91 -58.40
C HIS O 536 47.56 -47.47 -57.92
N PRO O 537 46.58 -46.74 -58.45
CA PRO O 537 46.46 -45.32 -58.07
C PRO O 537 45.93 -45.12 -56.66
N ALA O 538 44.88 -45.84 -56.27
CA ALA O 538 44.17 -45.59 -55.03
C ALA O 538 44.65 -46.45 -53.87
N LEU O 539 45.68 -47.27 -54.07
CA LEU O 539 46.18 -48.20 -53.06
C LEU O 539 47.47 -47.67 -52.47
N PHE O 540 47.52 -47.59 -51.14
CA PHE O 540 48.77 -47.29 -50.44
C PHE O 540 48.91 -48.25 -49.27
N ALA O 541 50.12 -48.31 -48.72
CA ALA O 541 50.44 -49.24 -47.64
C ALA O 541 51.16 -48.48 -46.53
N CYS O 542 50.74 -48.72 -45.29
CA CYS O 542 51.34 -48.14 -44.11
C CYS O 542 51.72 -49.25 -43.15
N VAL O 543 52.66 -48.94 -42.26
CA VAL O 543 53.12 -49.88 -41.25
C VAL O 543 53.17 -49.16 -39.90
N ASP O 544 52.61 -49.80 -38.88
CA ASP O 544 52.43 -49.14 -37.58
C ASP O 544 53.37 -49.74 -36.54
N GLY O 545 53.23 -49.29 -35.29
CA GLY O 545 54.08 -49.74 -34.21
C GLY O 545 53.70 -51.07 -33.59
N MET O 546 52.51 -51.59 -33.89
CA MET O 546 52.07 -52.89 -33.40
C MET O 546 52.52 -54.03 -34.29
N GLY O 547 53.49 -53.80 -35.17
CA GLY O 547 53.92 -54.83 -36.09
C GLY O 547 52.92 -55.15 -37.17
N ARG O 548 52.03 -54.21 -37.49
CA ARG O 548 50.94 -54.45 -38.44
C ARG O 548 51.17 -53.64 -39.71
N LEU O 549 51.01 -54.33 -40.84
CA LEU O 549 51.10 -53.74 -42.17
C LEU O 549 49.70 -53.71 -42.76
N ASP O 550 49.27 -52.52 -43.19
CA ASP O 550 47.90 -52.28 -43.64
C ASP O 550 47.92 -51.66 -45.03
N LEU O 551 47.26 -52.32 -45.97
CA LEU O 551 47.06 -51.79 -47.32
C LEU O 551 45.65 -51.23 -47.43
N TRP O 552 45.55 -49.93 -47.63
CA TRP O 552 44.29 -49.23 -47.84
C TRP O 552 44.08 -49.05 -49.34
N ASN O 553 42.97 -49.57 -49.85
CA ASN O 553 42.52 -49.33 -51.22
C ASN O 553 41.29 -48.45 -51.13
N LEU O 554 41.43 -47.20 -51.57
CA LEU O 554 40.33 -46.24 -51.47
C LEU O 554 39.22 -46.50 -52.49
N ASN O 555 39.44 -47.37 -53.46
CA ASN O 555 38.40 -47.77 -54.41
C ASN O 555 37.56 -48.94 -53.90
N ASN O 556 37.87 -49.49 -52.73
CA ASN O 556 37.10 -50.55 -52.09
C ASN O 556 36.55 -50.13 -50.75
N ASP O 557 37.38 -49.54 -49.89
CA ASP O 557 36.97 -49.12 -48.55
C ASP O 557 37.77 -47.90 -48.16
N THR O 558 37.27 -47.19 -47.15
CA THR O 558 37.89 -45.96 -46.67
C THR O 558 38.02 -45.88 -45.16
N GLU O 559 37.42 -46.81 -44.41
CA GLU O 559 37.51 -46.85 -42.95
C GLU O 559 38.21 -48.08 -42.41
N VAL O 560 38.40 -49.13 -43.20
CA VAL O 560 39.09 -50.34 -42.79
C VAL O 560 40.20 -50.60 -43.82
N PRO O 561 41.36 -51.16 -43.43
CA PRO O 561 42.34 -51.53 -44.45
C PRO O 561 41.80 -52.59 -45.40
N THR O 562 42.14 -52.45 -46.68
CA THR O 562 41.74 -53.47 -47.65
C THR O 562 42.43 -54.80 -47.36
N ALA O 563 43.68 -54.75 -46.93
CA ALA O 563 44.41 -55.94 -46.48
C ALA O 563 45.19 -55.60 -45.23
N SER O 564 45.41 -56.60 -44.38
CA SER O 564 46.16 -56.42 -43.14
C SER O 564 46.95 -57.68 -42.83
N ILE O 565 48.11 -57.50 -42.22
CA ILE O 565 48.92 -58.64 -41.78
C ILE O 565 49.73 -58.20 -40.56
N SER O 566 50.04 -59.17 -39.70
CA SER O 566 50.82 -58.95 -38.49
C SER O 566 52.15 -59.69 -38.63
N VAL O 567 53.24 -59.02 -38.27
CA VAL O 567 54.56 -59.62 -38.36
C VAL O 567 54.83 -60.43 -37.11
N GLU O 568 55.47 -61.59 -37.29
CA GLU O 568 55.74 -62.48 -36.17
C GLU O 568 56.66 -61.80 -35.16
N GLY O 569 56.32 -61.94 -33.87
CA GLY O 569 57.01 -61.27 -32.81
C GLY O 569 56.51 -59.87 -32.53
N ASN O 570 55.66 -59.31 -33.41
CA ASN O 570 55.13 -57.96 -33.30
C ASN O 570 56.23 -56.92 -33.04
N PRO O 571 57.21 -56.79 -33.92
CA PRO O 571 58.21 -55.75 -33.76
C PRO O 571 57.67 -54.39 -34.19
N ALA O 572 58.32 -53.34 -33.72
CA ALA O 572 57.94 -51.98 -34.09
C ALA O 572 58.36 -51.75 -35.54
N LEU O 573 57.42 -51.95 -36.46
CA LEU O 573 57.72 -51.79 -37.88
C LEU O 573 58.09 -50.35 -38.18
N ASN O 574 59.20 -50.15 -38.90
CA ASN O 574 59.76 -48.83 -39.15
C ASN O 574 59.52 -48.34 -40.57
N ARG O 575 59.84 -49.14 -41.59
CA ARG O 575 59.86 -48.68 -42.96
C ARG O 575 59.15 -49.66 -43.88
N VAL O 576 58.62 -49.14 -44.99
CA VAL O 576 57.96 -49.94 -46.01
C VAL O 576 58.33 -49.36 -47.38
N ARG O 577 58.49 -50.24 -48.37
CA ARG O 577 58.72 -49.84 -49.74
C ARG O 577 58.07 -50.85 -50.67
N TRP O 578 57.67 -50.39 -51.84
CA TRP O 578 57.12 -51.23 -52.89
C TRP O 578 58.17 -51.47 -53.95
N THR O 579 57.98 -52.54 -54.72
CA THR O 579 58.77 -52.75 -55.92
C THR O 579 58.21 -51.93 -57.07
N HIS O 580 59.08 -51.58 -58.00
CA HIS O 580 58.67 -50.81 -59.16
C HIS O 580 57.68 -51.56 -60.02
N SER O 581 57.70 -52.89 -59.99
CA SER O 581 56.61 -53.66 -60.59
C SER O 581 55.31 -53.48 -59.80
N GLY O 582 55.42 -53.26 -58.50
CA GLY O 582 54.27 -52.99 -57.66
C GLY O 582 53.71 -54.18 -56.90
N ARG O 583 54.38 -55.33 -56.93
CA ARG O 583 53.89 -56.54 -56.29
C ARG O 583 54.58 -56.82 -54.96
N GLU O 584 55.90 -56.91 -54.95
CA GLU O 584 56.62 -57.26 -53.75
C GLU O 584 56.83 -56.03 -52.87
N ILE O 585 56.48 -56.17 -51.59
CA ILE O 585 56.54 -55.08 -50.62
C ILE O 585 57.55 -55.48 -49.55
N ALA O 586 58.62 -54.70 -49.41
CA ALA O 586 59.68 -54.96 -48.44
C ALA O 586 59.54 -53.98 -47.29
N VAL O 587 59.42 -54.50 -46.06
CA VAL O 587 59.26 -53.68 -44.87
C VAL O 587 60.30 -54.08 -43.84
N GLY O 588 60.93 -53.07 -43.24
CA GLY O 588 61.97 -53.27 -42.25
C GLY O 588 61.50 -52.84 -40.88
N ASP O 589 61.86 -53.63 -39.86
CA ASP O 589 61.35 -53.50 -38.51
C ASP O 589 62.45 -53.06 -37.55
N SER O 590 62.13 -53.08 -36.25
CA SER O 590 63.03 -52.60 -35.21
C SER O 590 64.00 -53.66 -34.72
N GLU O 591 63.99 -54.86 -35.29
CA GLU O 591 64.95 -55.92 -34.96
C GLU O 591 65.85 -56.24 -36.15
N GLY O 592 65.99 -55.32 -37.10
CA GLY O 592 66.77 -55.60 -38.30
C GLY O 592 66.23 -56.71 -39.16
N GLN O 593 64.96 -57.07 -38.98
CA GLN O 593 64.35 -58.24 -39.60
C GLN O 593 63.52 -57.76 -40.79
N ILE O 594 64.18 -57.54 -41.92
CA ILE O 594 63.46 -57.20 -43.15
C ILE O 594 62.58 -58.36 -43.54
N VAL O 595 61.30 -58.08 -43.79
CA VAL O 595 60.33 -59.07 -44.23
C VAL O 595 59.70 -58.56 -45.51
N ILE O 596 59.57 -59.45 -46.49
CA ILE O 596 59.06 -59.12 -47.82
C ILE O 596 57.78 -59.91 -48.03
N TYR O 597 56.72 -59.22 -48.42
CA TYR O 597 55.42 -59.81 -48.66
C TYR O 597 55.04 -59.71 -50.14
N ASP O 598 54.22 -60.65 -50.58
CA ASP O 598 53.61 -60.65 -51.89
C ASP O 598 52.11 -60.47 -51.70
N VAL O 599 51.52 -59.59 -52.50
CA VAL O 599 50.10 -59.26 -52.38
C VAL O 599 49.34 -60.03 -53.46
N GLY O 600 48.06 -60.28 -53.19
CA GLY O 600 47.21 -60.88 -54.20
C GLY O 600 47.05 -59.98 -55.41
N GLU O 601 46.90 -60.61 -56.57
CA GLU O 601 46.77 -59.86 -57.82
C GLU O 601 45.52 -59.01 -57.88
N GLN O 602 44.48 -59.36 -57.12
CA GLN O 602 43.27 -58.55 -57.08
C GLN O 602 43.48 -57.21 -56.38
N ILE O 603 44.48 -57.10 -55.51
CA ILE O 603 44.80 -55.87 -54.80
C ILE O 603 45.86 -55.06 -55.55
N ALA O 604 46.97 -55.70 -55.93
CA ALA O 604 48.09 -54.97 -56.50
C ALA O 604 47.74 -54.41 -57.88
N VAL O 605 47.18 -55.22 -58.76
CA VAL O 605 46.91 -54.80 -60.13
C VAL O 605 45.62 -53.98 -60.14
N PRO O 606 45.58 -52.83 -60.82
CA PRO O 606 44.33 -52.06 -60.88
C PRO O 606 43.48 -52.42 -62.10
N ARG O 607 42.17 -52.36 -61.89
CA ARG O 607 41.24 -52.48 -62.99
C ARG O 607 41.32 -51.24 -63.88
N ASN O 608 40.83 -51.37 -65.11
CA ASN O 608 40.90 -50.26 -66.06
C ASN O 608 40.08 -49.05 -65.63
N ASP O 609 39.09 -49.25 -64.77
CA ASP O 609 38.27 -48.16 -64.25
C ASP O 609 38.69 -47.71 -62.85
N GLU O 610 39.85 -48.18 -62.36
CA GLU O 610 40.29 -47.77 -61.02
C GLU O 610 40.62 -46.29 -60.98
N TRP O 611 41.07 -45.70 -62.09
CA TRP O 611 41.35 -44.26 -62.08
C TRP O 611 40.06 -43.45 -62.08
N ALA O 612 39.09 -43.83 -62.91
CA ALA O 612 37.79 -43.17 -62.88
C ALA O 612 37.11 -43.37 -61.53
N ARG O 613 37.17 -44.59 -60.99
CA ARG O 613 36.60 -44.83 -59.67
C ARG O 613 37.31 -44.03 -58.60
N PHE O 614 38.63 -43.87 -58.70
CA PHE O 614 39.37 -43.06 -57.74
C PHE O 614 38.95 -41.60 -57.83
N GLY O 615 38.77 -41.09 -59.06
CA GLY O 615 38.26 -39.73 -59.21
C GLY O 615 36.88 -39.57 -58.60
N ARG O 616 36.01 -40.55 -58.82
CA ARG O 616 34.67 -40.49 -58.26
C ARG O 616 34.70 -40.53 -56.73
N THR O 617 35.57 -41.36 -56.16
CA THR O 617 35.66 -41.43 -54.70
C THR O 617 36.27 -40.16 -54.12
N LEU O 618 37.21 -39.53 -54.83
CA LEU O 618 37.70 -38.24 -54.41
C LEU O 618 36.59 -37.20 -54.44
N ALA O 619 35.76 -37.22 -55.48
CA ALA O 619 34.61 -36.33 -55.55
C ALA O 619 33.60 -36.61 -54.44
N GLU O 620 33.51 -37.86 -53.98
CA GLU O 620 32.61 -38.17 -52.88
C GLU O 620 33.04 -37.45 -51.60
N ILE O 621 34.32 -37.17 -51.44
CA ILE O 621 34.81 -36.45 -50.27
C ILE O 621 34.55 -34.96 -50.45
N GLU P 426 50.38 9.19 -17.96
CA GLU P 426 51.81 8.83 -18.17
C GLU P 426 52.32 9.54 -19.42
N GLY P 427 51.58 10.53 -19.91
CA GLY P 427 51.96 11.24 -21.16
C GLY P 427 53.29 11.95 -21.03
N VAL P 428 53.52 12.59 -19.89
CA VAL P 428 54.83 13.26 -19.66
C VAL P 428 55.93 12.19 -19.64
N LEU P 429 55.67 11.05 -18.98
CA LEU P 429 56.65 9.94 -18.95
C LEU P 429 56.86 9.42 -20.38
N ALA P 430 55.77 9.28 -21.14
CA ALA P 430 55.87 8.70 -22.51
C ALA P 430 56.73 9.61 -23.38
N SER P 431 56.55 10.93 -23.27
CA SER P 431 57.29 11.89 -24.13
C SER P 431 58.80 11.80 -23.84
N PHE P 432 59.17 11.67 -22.56
CA PHE P 432 60.60 11.53 -22.21
C PHE P 432 61.16 10.25 -22.83
N PHE P 433 60.40 9.16 -22.72
CA PHE P 433 60.82 7.88 -23.37
C PHE P 433 60.85 8.10 -24.88
N ASN P 434 59.89 8.85 -25.43
CA ASN P 434 59.79 9.05 -26.89
C ASN P 434 61.05 9.75 -27.39
N SER P 435 61.54 10.74 -26.64
CA SER P 435 62.82 11.41 -27.05
C SER P 435 63.95 10.38 -27.06
N LEU P 436 64.02 9.54 -26.02
CA LEU P 436 65.10 8.51 -25.93
C LEU P 436 64.95 7.50 -27.07
N LEU P 437 63.71 7.08 -27.36
CA LEU P 437 63.47 6.05 -28.41
C LEU P 437 63.93 6.59 -29.77
N SER P 438 63.61 7.85 -30.07
CA SER P 438 64.00 8.46 -31.37
C SER P 438 65.52 8.60 -31.50
N LYS P 439 66.20 8.97 -30.42
CA LYS P 439 67.67 9.20 -30.48
C LYS P 439 68.42 7.85 -30.46
N PRO Q 100 88.75 9.50 -26.16
CA PRO Q 100 88.71 8.06 -26.01
C PRO Q 100 87.90 7.61 -24.79
N GLU Q 101 88.24 8.12 -23.60
CA GLU Q 101 87.48 7.78 -22.41
C GLU Q 101 86.09 8.39 -22.43
N LEU Q 102 85.94 9.54 -23.10
CA LEU Q 102 84.62 10.17 -23.20
C LEU Q 102 83.63 9.25 -23.91
N LEU Q 103 83.98 8.76 -25.11
CA LEU Q 103 83.08 7.88 -25.83
C LEU Q 103 82.81 6.60 -25.06
N SER Q 104 83.80 6.11 -24.31
CA SER Q 104 83.60 4.93 -23.47
C SER Q 104 82.50 5.20 -22.44
N VAL Q 105 82.58 6.34 -21.75
CA VAL Q 105 81.55 6.61 -20.76
C VAL Q 105 80.20 6.90 -21.40
N ILE Q 106 80.15 7.45 -22.62
CA ILE Q 106 78.85 7.49 -23.31
C ILE Q 106 78.32 6.08 -23.50
N ARG Q 107 79.19 5.14 -23.84
CA ARG Q 107 78.72 3.76 -24.03
C ARG Q 107 78.16 3.17 -22.74
N GLN Q 108 78.89 3.33 -21.62
CA GLN Q 108 78.40 2.76 -20.36
C GLN Q 108 77.11 3.46 -19.91
N LYS Q 109 77.07 4.79 -20.01
CA LYS Q 109 75.86 5.51 -19.60
C LYS Q 109 74.69 5.18 -20.52
N GLU Q 110 74.95 4.92 -21.80
CA GLU Q 110 73.88 4.50 -22.69
C GLU Q 110 73.36 3.12 -22.31
N LYS Q 111 74.27 2.21 -21.93
CA LYS Q 111 73.82 0.90 -21.47
C LYS Q 111 72.94 1.02 -20.23
N ASP Q 112 73.39 1.81 -19.25
CA ASP Q 112 72.59 2.02 -18.04
C ASP Q 112 71.27 2.71 -18.37
N LEU Q 113 71.29 3.70 -19.27
CA LEU Q 113 70.10 4.44 -19.62
C LEU Q 113 69.07 3.55 -20.33
N VAL Q 114 69.51 2.72 -21.28
CA VAL Q 114 68.56 1.86 -21.97
C VAL Q 114 68.03 0.80 -21.01
N LEU Q 115 68.87 0.30 -20.09
CA LEU Q 115 68.36 -0.64 -19.11
C LEU Q 115 67.30 -0.01 -18.22
N ALA Q 116 67.55 1.21 -17.74
CA ALA Q 116 66.57 1.90 -16.91
C ALA Q 116 65.30 2.21 -17.68
N ALA Q 117 65.44 2.61 -18.96
CA ALA Q 117 64.27 2.90 -19.77
C ALA Q 117 63.44 1.65 -20.03
N ARG Q 118 64.10 0.52 -20.28
CA ARG Q 118 63.37 -0.73 -20.44
C ARG Q 118 62.66 -1.14 -19.16
N LEU Q 119 63.31 -0.94 -18.01
CA LEU Q 119 62.64 -1.22 -16.74
C LEU Q 119 61.43 -0.32 -16.54
N GLY Q 120 61.57 0.97 -16.88
CA GLY Q 120 60.44 1.88 -16.77
C GLY Q 120 59.31 1.51 -17.71
N LYS Q 121 59.65 1.06 -18.92
CA LYS Q 121 58.62 0.64 -19.86
C LYS Q 121 57.92 -0.62 -19.39
N ALA Q 122 58.67 -1.55 -18.77
CA ALA Q 122 58.05 -2.73 -18.17
C ALA Q 122 57.12 -2.35 -17.04
N LEU Q 123 57.54 -1.39 -16.20
CA LEU Q 123 56.66 -0.89 -15.14
C LEU Q 123 55.41 -0.24 -15.72
N LEU Q 124 55.56 0.50 -16.82
CA LEU Q 124 54.41 1.10 -17.48
C LEU Q 124 53.48 0.03 -18.02
N GLU Q 125 54.04 -1.06 -18.57
CA GLU Q 125 53.20 -2.16 -19.05
C GLU Q 125 52.46 -2.82 -17.90
N ARG Q 126 53.13 -3.02 -16.76
CA ARG Q 126 52.45 -3.59 -15.61
C ARG Q 126 51.34 -2.67 -15.10
N ASN Q 127 51.59 -1.36 -15.10
CA ASN Q 127 50.56 -0.40 -14.72
C ASN Q 127 49.38 -0.46 -15.68
N GLN Q 128 49.67 -0.58 -16.98
CA GLN Q 128 48.61 -0.68 -17.97
C GLN Q 128 47.78 -1.95 -17.75
N ASP Q 129 48.45 -3.08 -17.48
CA ASP Q 129 47.73 -4.31 -17.21
C ASP Q 129 46.87 -4.20 -15.96
N MET Q 130 47.40 -3.55 -14.92
CA MET Q 130 46.60 -3.31 -13.71
C MET Q 130 45.37 -2.46 -14.04
N SER Q 131 45.55 -1.43 -14.86
CA SER Q 131 44.42 -0.60 -15.26
C SER Q 131 43.39 -1.42 -16.03
N ARG Q 132 43.84 -2.25 -16.97
CA ARG Q 132 42.90 -3.03 -17.77
C ARG Q 132 42.11 -4.01 -16.90
N GLN Q 133 42.80 -4.76 -16.05
CA GLN Q 133 42.10 -5.76 -15.24
C GLN Q 133 41.19 -5.07 -14.23
N TYR Q 134 41.61 -3.90 -13.71
CA TYR Q 134 40.73 -3.12 -12.85
C TYR Q 134 39.47 -2.71 -13.59
N GLU Q 135 39.61 -2.26 -14.84
CA GLU Q 135 38.44 -1.89 -15.63
C GLU Q 135 37.50 -3.07 -15.81
N GLN Q 136 38.01 -4.22 -16.24
CA GLN Q 136 37.13 -5.35 -16.51
C GLN Q 136 36.45 -5.85 -15.23
N MET Q 137 37.23 -6.02 -14.16
CA MET Q 137 36.70 -6.46 -12.88
C MET Q 137 35.63 -5.50 -12.37
N HIS Q 138 35.95 -4.20 -12.33
CA HIS Q 138 34.98 -3.22 -11.83
C HIS Q 138 33.74 -3.22 -12.69
N LYS Q 139 33.89 -3.34 -14.01
CA LYS Q 139 32.74 -3.36 -14.91
C LYS Q 139 31.80 -4.51 -14.57
N GLU Q 140 32.34 -5.73 -14.52
CA GLU Q 140 31.45 -6.88 -14.32
C GLU Q 140 30.87 -6.88 -12.90
N LEU Q 141 31.68 -6.51 -11.91
CA LEU Q 141 31.19 -6.55 -10.53
C LEU Q 141 30.15 -5.47 -10.28
N THR Q 142 30.36 -4.26 -10.80
CA THR Q 142 29.33 -3.24 -10.69
C THR Q 142 28.10 -3.61 -11.50
N ASP Q 143 28.28 -4.32 -12.62
CA ASP Q 143 27.12 -4.79 -13.38
C ASP Q 143 26.27 -5.73 -12.56
N LYS Q 144 26.89 -6.73 -11.93
CA LYS Q 144 26.09 -7.67 -11.14
C LYS Q 144 25.57 -7.01 -9.87
N LEU Q 145 26.29 -6.03 -9.32
CA LEU Q 145 25.78 -5.30 -8.18
C LEU Q 145 24.51 -4.52 -8.53
N GLU Q 146 24.52 -3.82 -9.67
CA GLU Q 146 23.33 -3.11 -10.12
C GLU Q 146 22.21 -4.08 -10.47
N HIS Q 147 22.56 -5.26 -11.01
CA HIS Q 147 21.54 -6.27 -11.29
C HIS Q 147 20.88 -6.73 -9.99
N LEU Q 148 21.68 -6.94 -8.94
CA LEU Q 148 21.09 -7.31 -7.65
C LEU Q 148 20.23 -6.19 -7.10
N GLU Q 149 20.68 -4.94 -7.23
CA GLU Q 149 19.90 -3.82 -6.71
C GLU Q 149 18.56 -3.68 -7.42
N GLN Q 150 18.57 -3.76 -8.75
CA GLN Q 150 17.31 -3.63 -9.49
C GLN Q 150 16.43 -4.87 -9.31
N GLU Q 151 17.04 -6.04 -9.10
CA GLU Q 151 16.24 -7.22 -8.72
C GLU Q 151 15.55 -7.00 -7.38
N LYS Q 152 16.28 -6.42 -6.42
CA LYS Q 152 15.69 -6.13 -5.12
C LYS Q 152 14.55 -5.13 -5.24
N HIS Q 153 14.73 -4.09 -6.05
CA HIS Q 153 13.66 -3.12 -6.24
C HIS Q 153 12.46 -3.73 -6.95
N GLU Q 154 12.70 -4.60 -7.93
CA GLU Q 154 11.60 -5.30 -8.59
C GLU Q 154 10.85 -6.18 -7.59
N LEU Q 155 11.58 -6.89 -6.73
CA LEU Q 155 10.94 -7.73 -5.73
C LEU Q 155 10.13 -6.88 -4.77
N ARG Q 156 10.65 -5.72 -4.36
CA ARG Q 156 9.91 -4.83 -3.49
C ARG Q 156 8.63 -4.34 -4.14
N ARG Q 157 8.71 -3.96 -5.42
CA ARG Q 157 7.53 -3.49 -6.13
C ARG Q 157 6.48 -4.59 -6.24
N ARG Q 158 6.90 -5.80 -6.61
CA ARG Q 158 5.95 -6.91 -6.71
C ARG Q 158 5.35 -7.23 -5.35
N PHE Q 159 6.16 -7.19 -4.30
CA PHE Q 159 5.68 -7.44 -2.95
C PHE Q 159 4.61 -6.42 -2.56
N GLU Q 160 4.86 -5.14 -2.81
CA GLU Q 160 3.88 -4.11 -2.49
C GLU Q 160 2.60 -4.27 -3.30
N ASN Q 161 2.73 -4.58 -4.60
CA ASN Q 161 1.56 -4.70 -5.45
C ASN Q 161 0.69 -5.88 -5.02
N ARG Q 162 1.30 -7.04 -4.75
CA ARG Q 162 0.53 -8.18 -4.31
C ARG Q 162 -0.04 -7.97 -2.91
N GLU Q 163 0.69 -7.27 -2.04
CA GLU Q 163 0.14 -6.94 -0.73
C GLU Q 163 -1.09 -6.06 -0.86
N GLY Q 164 -1.06 -5.09 -1.78
CA GLY Q 164 -2.23 -4.27 -2.01
C GLY Q 164 -3.40 -5.07 -2.55
N GLU Q 165 -3.12 -5.99 -3.48
CA GLU Q 165 -4.17 -6.85 -4.02
C GLU Q 165 -4.83 -7.67 -2.91
N TRP Q 166 -4.01 -8.29 -2.06
CA TRP Q 166 -4.56 -9.10 -0.99
C TRP Q 166 -5.27 -8.25 0.05
N GLU Q 167 -4.79 -7.03 0.30
CA GLU Q 167 -5.49 -6.12 1.20
C GLU Q 167 -6.88 -5.80 0.67
N GLY Q 168 -6.98 -5.50 -0.63
CA GLY Q 168 -8.29 -5.24 -1.22
C GLY Q 168 -9.21 -6.44 -1.13
N ARG Q 169 -8.68 -7.64 -1.44
CA ARG Q 169 -9.49 -8.85 -1.36
C ARG Q 169 -10.00 -9.09 0.05
N VAL Q 170 -9.12 -8.96 1.04
CA VAL Q 170 -9.51 -9.21 2.42
C VAL Q 170 -10.51 -8.17 2.90
N SER Q 171 -10.34 -6.91 2.50
CA SER Q 171 -11.28 -5.89 2.91
C SER Q 171 -12.68 -6.15 2.34
N GLU Q 172 -12.75 -6.49 1.05
CA GLU Q 172 -14.06 -6.77 0.48
C GLU Q 172 -14.68 -8.02 1.09
N LEU Q 173 -13.87 -9.04 1.39
CA LEU Q 173 -14.41 -10.22 2.05
C LEU Q 173 -14.90 -9.90 3.45
N GLU Q 174 -14.19 -9.05 4.19
CA GLU Q 174 -14.63 -8.65 5.52
C GLU Q 174 -15.97 -7.90 5.45
N THR Q 175 -16.09 -6.97 4.50
CA THR Q 175 -17.36 -6.27 4.33
C THR Q 175 -18.48 -7.23 3.95
N ASP Q 176 -18.19 -8.20 3.08
CA ASP Q 176 -19.21 -9.16 2.68
C ASP Q 176 -19.69 -9.99 3.85
N VAL Q 177 -18.76 -10.51 4.67
CA VAL Q 177 -19.19 -11.34 5.79
C VAL Q 177 -19.92 -10.49 6.82
N LYS Q 178 -19.52 -9.23 7.03
CA LYS Q 178 -20.24 -8.38 7.97
C LYS Q 178 -21.67 -8.12 7.49
N GLN Q 179 -21.83 -7.81 6.20
CA GLN Q 179 -23.16 -7.58 5.66
C GLN Q 179 -24.01 -8.84 5.76
N LEU Q 180 -23.44 -9.99 5.42
CA LEU Q 180 -24.21 -11.22 5.48
C LEU Q 180 -24.56 -11.59 6.93
N GLN Q 181 -23.65 -11.28 7.86
CA GLN Q 181 -23.94 -11.54 9.30
C GLN Q 181 -25.13 -10.68 9.75
N ASP Q 182 -25.11 -9.38 9.44
CA ASP Q 182 -26.20 -8.48 9.94
C ASP Q 182 -27.52 -8.80 9.23
N GLU Q 183 -27.48 -9.17 7.95
CA GLU Q 183 -28.71 -9.54 7.26
C GLU Q 183 -29.25 -10.88 7.76
N LEU Q 184 -28.35 -11.81 8.09
CA LEU Q 184 -28.78 -13.08 8.67
C LEU Q 184 -29.43 -12.87 10.03
N GLU Q 185 -28.85 -11.99 10.85
CA GLU Q 185 -29.47 -11.68 12.13
C GLU Q 185 -30.84 -11.04 11.94
N ARG Q 186 -30.95 -10.14 10.96
CA ARG Q 186 -32.23 -9.49 10.67
C ARG Q 186 -33.28 -10.52 10.29
N GLN Q 187 -32.95 -11.44 9.39
CA GLN Q 187 -33.89 -12.47 8.99
C GLN Q 187 -34.21 -13.43 10.13
N GLN Q 188 -33.23 -13.73 10.98
CA GLN Q 188 -33.48 -14.60 12.13
C GLN Q 188 -34.49 -13.97 13.08
N LEU Q 189 -34.26 -12.71 13.47
CA LEU Q 189 -35.20 -12.06 14.37
C LEU Q 189 -36.55 -11.77 13.70
N HIS Q 190 -36.57 -11.64 12.38
CA HIS Q 190 -37.84 -11.48 11.69
C HIS Q 190 -38.62 -12.79 11.63
N LEU Q 191 -37.92 -13.93 11.58
CA LEU Q 191 -38.59 -15.22 11.45
C LEU Q 191 -39.53 -15.49 12.64
N ARG Q 192 -39.10 -15.14 13.84
CA ARG Q 192 -39.90 -15.34 15.04
C ARG Q 192 -40.77 -14.12 15.32
PB ADP R . 27.97 9.84 36.46
O1B ADP R . 27.98 11.26 35.97
O2B ADP R . 26.91 9.53 37.49
O3B ADP R . 29.33 9.28 36.78
PA ADP R . 27.19 7.43 35.27
O1A ADP R . 26.26 7.19 36.42
O2A ADP R . 28.49 6.68 35.15
O3A ADP R . 27.49 9.01 35.18
O5' ADP R . 26.36 7.26 33.91
C5' ADP R . 24.96 7.55 33.93
C4' ADP R . 24.54 7.94 32.53
O4' ADP R . 24.77 6.84 31.65
C3' ADP R . 23.06 8.27 32.47
O3' ADP R . 22.88 9.62 32.04
C2' ADP R . 22.46 7.33 31.45
O2' ADP R . 21.71 8.07 30.48
C1' ADP R . 23.64 6.63 30.81
N9 ADP R . 23.41 5.18 30.61
C8 ADP R . 23.22 4.26 31.59
N7 ADP R . 23.03 3.03 31.04
C5 ADP R . 23.09 3.16 29.70
C6 ADP R . 22.98 2.26 28.54
N6 ADP R . 22.76 0.93 28.68
N1 ADP R . 23.12 2.81 27.31
C2 ADP R . 23.35 4.12 27.13
N3 ADP R . 23.46 4.98 28.15
C4 ADP R . 23.35 4.57 29.43
MG MG S . 31.25 9.13 37.22
PB ADP T . 1.68 31.73 9.34
O1B ADP T . 1.07 32.10 8.01
O2B ADP T . 3.17 31.93 9.41
O3B ADP T . 1.17 30.42 9.90
PA ADP T . 0.78 34.33 9.91
O1A ADP T . -0.17 34.31 8.75
O2A ADP T . 2.07 35.10 9.86
O3A ADP T . 1.08 32.82 10.36
O5' ADP T . -0.06 34.78 11.19
C5' ADP T . -1.45 34.52 11.21
C4' ADP T . -1.91 34.61 12.65
O4' ADP T . -1.60 35.90 13.15
C3' ADP T . -3.39 34.38 12.80
O3' ADP T . -3.63 33.20 13.58
C2' ADP T . -3.92 35.61 13.51
O2' ADP T . -4.64 35.22 14.68
C1' ADP T . -2.70 36.44 13.88
N9 ADP T . -2.86 37.88 13.53
C8 ADP T . -2.99 38.39 12.29
N7 ADP T . -3.12 39.74 12.36
C5 ADP T . -3.05 40.11 13.64
C6 ADP T . -3.10 41.37 14.41
N6 ADP T . -3.25 42.56 13.78
N1 ADP T . -3.00 41.30 15.75
C2 ADP T . -2.85 40.13 16.39
N3 ADP T . -2.79 38.95 15.77
C4 ADP T . -2.88 38.87 14.42
MG MG U . 4.64 32.00 8.01
PB ADP V . -26.45 18.41 40.18
O1B ADP V . -27.85 18.82 40.48
O2B ADP V . -25.59 18.20 41.40
O3B ADP V . -25.79 19.21 39.08
PA ADP V . -27.25 15.75 40.37
O1A ADP V . -28.26 16.34 41.32
O2A ADP V . -26.17 14.83 40.86
O3A ADP V . -26.59 16.94 39.55
O5' ADP V . -28.06 15.03 39.19
C5' ADP V . -29.47 15.21 39.08
C4' ADP V . -29.88 14.81 37.67
O4' ADP V . -29.61 13.42 37.46
C3' ADP V . -31.35 15.04 37.42
O3' ADP V . -31.52 16.05 36.43
C2' ADP V . -31.89 13.72 36.92
O2' ADP V . -32.54 13.89 35.66
C1' ADP V . -30.69 12.80 36.77
N9 ADP V . -30.94 11.45 37.35
C8 ADP V . -31.12 11.16 38.66
N7 ADP V . -31.32 9.84 38.82
C5 ADP V . -31.26 9.25 37.62
C6 ADP V . -31.38 7.88 37.08
N6 ADP V . -31.62 6.84 37.91
N1 ADP V . -31.26 7.72 35.75
C2 ADP V . -31.03 8.74 34.92
N3 ADP V . -30.90 10.01 35.34
C4 ADP V . -31.00 10.33 36.64
MG MG W . -23.53 18.27 41.86
PB ADP X . -53.20 25.70 6.84
O1B ADP X . -54.62 25.21 6.86
O2B ADP X . -52.48 25.55 5.53
O3B ADP X . -52.40 25.27 8.04
PA ADP X . -54.11 28.18 5.94
O1A ADP X . -55.19 27.32 5.32
O2A ADP X . -53.11 28.91 5.09
O3A ADP X . -53.35 27.29 7.03
O5' ADP X . -54.83 29.23 6.91
C5' ADP X . -56.23 29.14 7.14
C4' ADP X . -56.55 29.94 8.39
O4' ADP X . -56.21 31.31 8.19
C3' ADP X . -58.03 29.89 8.74
O3' ADP X . -58.21 29.22 9.99
C2' ADP X . -58.48 31.32 8.83
O2' ADP X . -59.10 31.56 10.10
C1' ADP X . -57.23 32.17 8.68
N9 ADP X . -57.43 33.31 7.76
C8 ADP X . -57.61 33.22 6.43
N7 ADP X . -57.75 34.46 5.89
C5 ADP X . -57.67 35.36 6.89
C6 ADP X . -57.73 36.82 7.01
N6 ADP X . -57.94 37.61 5.93
N1 ADP X . -57.60 37.36 8.24
C2 ADP X . -57.39 36.60 9.33
N3 ADP X . -57.32 35.26 9.28
C4 ADP X . -57.45 34.59 8.11
MG MG Y . -50.46 25.86 6.00
PB ADP Z . -80.15 27.92 40.38
O1B ADP Z . -81.59 28.36 40.28
O2B ADP Z . -79.41 28.42 41.60
O3B ADP Z . -79.38 28.04 39.09
PA ADP Z . -81.03 25.76 41.92
O1A ADP Z . -81.94 26.84 42.44
O2A ADP Z . -80.02 25.08 42.82
O3A ADP Z . -80.27 26.34 40.63
O5' ADP Z . -81.92 24.63 41.22
C5' ADP Z . -83.34 24.66 41.29
C4' ADP Z . -83.88 23.72 40.22
O4' ADP Z . -83.52 22.37 40.53
C3' ADP Z . -85.38 23.77 40.09
O3' ADP Z . -85.77 24.60 39.00
C2' ADP Z . -85.81 22.33 39.87
O2' ADP Z . -86.21 22.13 38.52
C1' ADP Z . -84.59 21.49 40.19
N9 ADP Z . -84.85 20.58 41.34
C8 ADP Z . -85.06 20.97 42.60
N7 ADP Z . -85.28 19.89 43.40
C5 ADP Z . -85.22 18.80 42.63
C6 ADP Z . -85.37 17.33 42.84
N6 ADP Z . -85.62 16.83 44.06
N1 ADP Z . -85.23 16.54 41.75
C2 ADP Z . -84.98 17.02 40.53
N3 ADP Z . -84.83 18.34 40.28
C4 ADP Z . -84.94 19.25 41.26
MG MG AA . -77.41 28.06 41.94
PB ADP BA . -107.67 19.83 8.27
O1B ADP BA . -107.04 19.34 7.00
O2B ADP BA . -109.10 19.41 8.47
O3B ADP BA . -106.79 19.67 9.49
PA ADP BA . -108.52 22.00 6.77
O1A ADP BA . -109.46 20.92 6.30
O2A ADP BA . -107.52 22.62 5.83
O3A ADP BA . -107.76 21.42 8.05
O5' ADP BA . -109.39 23.17 7.44
C5' ADP BA . -110.79 23.30 7.19
C4' ADP BA . -111.31 24.48 8.01
O4' ADP BA . -110.84 25.70 7.47
C3' ADP BA . -112.83 24.55 8.04
O3' ADP BA . -113.33 24.08 9.29
C2' ADP BA . -113.18 26.01 7.83
O2' ADP BA . -113.71 26.56 9.03
C1' ADP BA . -111.86 26.71 7.49
N9 ADP BA . -111.95 27.35 6.16
C8 ADP BA . -111.85 26.72 4.98
N7 ADP BA . -111.96 27.60 3.95
C5 ADP BA . -112.15 28.82 4.47
C6 ADP BA . -112.36 30.18 3.95
N6 ADP BA . -112.38 30.42 2.61
N1 ADP BA . -112.51 31.18 4.84
C2 ADP BA . -112.50 30.96 6.17
N3 ADP BA . -112.32 29.74 6.71
C4 ADP BA . -112.15 28.66 5.93
MG MG CA . -105.03 19.14 7.19
#